data_9P9K
#
_entry.id   9P9K
#
loop_
_entity.id
_entity.type
_entity.pdbx_description
1 polymer '28S rRNA'
2 polymer '5S rRNA'
3 polymer '5.8S rRNA'
4 polymer '60S ribosomal protein L8'
5 polymer 'Large ribosomal subunit protein uL3'
6 polymer '60S ribosomal protein L4'
7 polymer 'Large ribosomal subunit protein uL18'
8 polymer 'Large ribosomal subunit protein eL6'
9 polymer '60S ribosomal protein L7'
10 polymer '60S ribosomal protein L7a'
11 polymer '60S ribosomal protein L9'
12 polymer 'Ribosomal protein uL16-like'
13 polymer '60S ribosomal protein L11'
14 polymer 'Large ribosomal subunit protein eL13'
15 polymer '60S ribosomal protein L14'
16 polymer '60S ribosomal protein L15'
17 polymer '60S ribosomal protein L13a'
18 polymer '60S ribosomal protein L17'
19 polymer '60S ribosomal protein L18'
20 polymer '60S ribosomal protein L19'
21 polymer '60S ribosomal protein L18a'
22 polymer '60S ribosomal protein L21'
23 polymer 'Heparin-binding protein HBp15'
24 polymer '60S ribosomal protein L23'
25 polymer '60S ribosomal protein L23a'
26 polymer '60S ribosomal protein L26'
27 polymer '60S ribosomal protein L27'
28 polymer '60S ribosomal protein L27a'
29 polymer 'Large ribosomal subunit protein eL29'
30 polymer '60S ribosomal protein L30'
31 polymer '60S ribosomal protein L31'
32 polymer '60S ribosomal protein L32'
33 polymer '60S ribosomal protein L35a'
34 polymer '60S ribosomal protein L34'
35 polymer '60S ribosomal protein L35'
36 polymer '60S ribosomal protein L36'
37 polymer '60S ribosomal protein L37'
38 polymer '60S ribosomal protein L38'
39 polymer '60S ribosomal protein L39'
40 polymer 'Large ribosomal subunit protein eL40'
41 polymer '60S ribosomal protein L36a'
42 polymer '60S ribosomal protein L37a'
43 polymer '60S ribosomal protein L28'
44 polymer 'Proliferation-associated protein 2G4'
45 polymer 'Eukaryotic translation initiation factor 6'
46 non-polymer 'MAGNESIUM ION'
47 non-polymer SPERMINE
48 non-polymer SPERMIDINE
49 non-polymer 'ZINC ION'
50 water water
#
loop_
_entity_poly.entity_id
_entity_poly.type
_entity_poly.pdbx_seq_one_letter_code
_entity_poly.pdbx_strand_id
1 'polyribonucleotide'
;CGCGACCUCAGAUCAGACGUGGCGACCCGCUGAAUUUAAGCAUAUUAGUCAGCGGAGGAGAAGAAACUAACCAGGAUUCC
CUCAGUAACGGCGAGUGAACAGGGAAGAGCCCAGCGCCGAAUCCCCGCCCCGCGGCGGGGCGCGGGACAUGUGGCGUACG
GAAGACCCGCUCCCCGGCGCCGCUCGUGGGGGGCCCAAGUCCUUCUGAUCGAGGCCCAGCCCGUGGACGGUGUGAGGCCG
GUAGCGGCCCCCGGCGCGCCGGGCCCGGGUCUUCCCGGAGUCGGGUUGCUUGGGAAUGCAGCCCAAAGCGGGUGGUAAAC
UCCAUCUAAGGCUAAAUACCGGCACGAGACCGAUAGUCAACAAGUACCGUAAGGGAAAGUUGAAAAGAACUUUGAAG
(A2M)G(A2M)GAGUUCAAGAGGGCGUGAAACCGUUAAGAGGUAAACGGGUGGGGUCCGCGCAGUCCGCCCGGAGGAUUC
AACCCGGCGGCGGGUCCGGCCGUGUCGGCGGCCCGGCGGAUCUUUCCCGCGCGGGGGACCGUCCCCCGACCGGCGACCGG
CCGCCGCCGGGCGCAUUUCCACCGCGGCGGUGCGCCGCGACCGGCUCCGGGACGGCUGGGAAGGCCCGGCGGGGAAGGUG
GCUCGGGGGCCCCCGAGUGUUACAGCCCCCCCGGCAGCAGCACUCGCCGAAUCCCGGGGCCGAGGGAGCGAGACCCGUCG
CCGCGCUCUCCCCCCUCGGGGGGGCCGGGCCACCCCUCCCACGGCGCGACCGCUCGGGGCGGACUGUCCCCAGUGCGCCC
CGGGCGGGUCGCGCCGUCGGGCCCGGGGGAGGUUCUCUCGGGGCCACGCGCGCGUCCCCCGAAGAGGGGGACGGCGGAGC
GAGCGCACGGGGUCGGCGGCGACGUCGGCUACCCACCCGACCC(OMG)UCUUG(1MA)(A2M)AC(A2M)CGGACCAAGG
AGU(OMC)UAACACGUGCGCGAGUCGGGGGCUCGCACGAAAGCCGCCGUGGCGCAAUGAAGGUGAAGGCCGGCGCGCUCG
CCGGCCGAGGUGGGAUCCCGAGGCCUCUCCAGUCCGCCGAGGGCGCACCACCGGCCCGUCUCGCCCGCCGCGCCGGGGAG
GUGGAGCACGAGCGCACGUGUUAGGACCC(OMG)A(A2M)AGAUGGUGA(A2M)C(PSU)AUGCCUGGGCAGGGCGAAGC
CAGAGGAAACUCUGGUGGAGGUCCG(PSU)AGCGGUCCUGACGUGCAAAUCGGUCGUCCGACCUGGGUAUAG(OMG)GGC
GAAAGACUAAUCGAACCAUCUAGUAGCUGGUUCCCUCCGAAGUUUCCC(PSU)CAGGA(PSU)AGCUGGCGCUCUCGCAG
ACCCGACGCACCCCCGCCACGCAGUUUUAUCCGGUAAAGCGAA(PSU)GAUUAGAGGUCUUGGGGCCGAAACGAUCUCAA
CCUA(PSU)(PSU)CUCAAACUU(PSU)AAAUGGGUAAGAAGCCCGGCUCGCUGGCGUGGAGCCGGGCGUGGAAUGCGAG
UGCCUAGUGGGCCAC(PSU)U(PSU)UGGUAAGC(A2M)GAACUGGCGCUGCGGGAUGAACCGAACGCCGGGUUAAGGCG
CCCGAUGCCGACGCUCAUCAGACCCCAGAAAAGGUGUUGGUUGAUAUAGACAGCAGGACGGUGGCCAUGGAAGUCGGAAU
CCGCUAAGGAGUGUGUAACAACUCACCUGCCGAAUCAACUAGCCCUGAAAAUGGAUGGCGCUGGAGCGUCGGGCCCAUAC
CCGGCCGUCGCCGGCAGUCGAGAGUGGACGGGAGCGGCGGCCGGAGCCCCGCGGACGCUACGCCGCGACGAGUAGGAGGG
CCGCUGCGGUGAGCCUUGAAGCCUAGGGCGCGGGCCCGGGUGGAGCCGCCGCAGGUGCAGAU(OMC)UUGGUGGUAGU
(A2M)(OMG)(OMC)AAAUAUUCAAACGAGAACUUUGAAGGCCGAAGUGG(A2M)GAAGGGUUCCAUGUGAACAG(OMC)
A(OMG)UUGAACAUGGGUCAGUCGGUCCUGAGAGAUGGGCGAGCGCCGUUCCGAAGGGACGGGCGAUGGCCUCCGUUGCC
CUCGGCCGAUCGAAAGGGAGUCGGGUUCAGAUCCCCGAAUCCGGAGUGGCGGAGAUGGGCGCCGCGAGGCGUCCAGUGCG
GUAACGCGACCGAUCCCGGAGAAGCCGGCGGGAGCCCCGGGGAGAGUUCUCUU(PSU)UCUUUGUGAAGGGCAGGGCGCC
CUGGAAUGGGUUCGCCCCGAGAGAGGGGCCCGUGCCUUGGAAAGCGUCGCGGUUCCGGCGGCGUCCGGUGAGCUCUCGCU
GGCCCUUGAAAAUCCGGGGGAGAGGGUGUAAAUCUCGCGCCGGGCCGUACCC(A2M)UAUCCGCAGCAGGUCU(OMC)CA
AGGUGAAC(A2M)GCCUCUGG(OMC)AUGUUGGAACAA(OMU)G(PSU)AGGUAAGGGAAGUCGGCAAGC(OMC)GGAUC
CGUAACUUC(OMG)GGAUAAGGAUUGGCUCUAAGGGCUGGGUCGGUCGCGGCCGGCGCCUAGCAGCCGACUUAGAACUGG
UGCGGACCAGG(OMG)GAAUCCGAC(PSU)G(PSU)UUAAUUAAAACAAAGCAUCGCGAAGGCCCGCGGCGGGUGUUGAC
GCGAUGUGAUU(PSU)CUGCC(OMC)AGUGCUCUGAAUGUCA(A2M)AGUGAAGAAAUUCAAUGAAGCGCGG(OMG)UAA
ACGGCGGGAGUAACUAUGACUCUCUUAAGGUAGC(5MC)AA(A2M)UGCCUC(OMG)UCAUCUAAUUAGUGA(OMC)GCG
CAUGAA(UY1)GGA(PSU)GA(A2M)CGAG(A2M)UUCCCACUGU(OMC)CC(PSU)ACCUAC(PSU)A(PSU)CCAGCG
AAACCAC(A2M)G(OMC)CAAGGGAACGGGCU(PSU)GG(OMC)GGAAUCAGCGG(OMG)GAAAGAAGACCCUGUUGAGC
(PSU)UGAC(OMU)CUAGUCUGGCACGGUGAAGAGACAUGAGAACUCUGAUCGUUUUUUCACUGACCCGGUGAGGCGGGG
GGGCGAGCCCCGAGGGGCUCUCGCUUCUGGCGCCAAGCGCCCGGCCGCGCGCCGGCCGGGCGCGACCCGCUCCGGGGACA
GUGCCAGGUGGGGAGUUUGACUG(OMG)GGCGGUACACCUGUCAAACGGUA(6MZ)CGCAGG(OMU)(OMG)UCCUAAGG
CGAGCUCAGGGAGGACAGAAACCUCCCGUGGAGCAGAAGGGCAAAAGCUCGCUUGA(PSU)CU(PSU)GA(PSU)UUUCA
G(OMU)ACGAA(PSU)ACAGACCGUGAAAGCGGGGCCUCACGAUCCUUCUGACCUU(PSU)UGGGUUU(PSU)AAGCAGG
A(OMG)GUGUCAGAAAAGUUACCACAG(OMG)GAUAACUGGC(PSU)UGUGGCGGCCAAGCGUUCAUAGCGACG(PSU)C
GCUUUUUGA(PSU)CCUU(5MC)GAUGUCGG(OMC)(PSU)CUUCCUAUCAUUG(PSU)GAAGCAGAAUUCACCAAGCGU
(PSU)(OMG)GAU(OMU)(OMG)(PSU)UCACCCACUAAUAGGGAACG(PSU)G(A2M)GCUGGG(UR3)U(PSU)AGA
(OMC)CGUCGUGAGACAGGU(PSU)AGUUUUACCCUACUGAUG(A2M)UGUG(PSU)UG(PSU)UGCCAUGGUA(A2M)U
CCUGCUCAGUACGAGAGGAACCGCAG(OMG)U(OMU)CA(OMG)ACAU(PSU)UGGUGUA(PSU)(OMG)UGCUUGGCUG
AGGAGCCAAUGGGGCGAAGCUACCA(PSU)CUGUGGGAUUAUGAC(PSU)GAACGCCUCUAAGUCAGAAUCCCGCCCAGG
CGGAACGAUACGGCAGCGCCGCGGAGCCUCGGUUGGCCUCGGAUAGCCGGUCCCCCGCCGGGGUCCGGUGCGGAGUGCCC
UUCGUCCUGGGAAACGGGGCGCGGCCGGAGAGGCGGCCGCCCCCUCGCCCGUCACGCACCGCACGUUCGUGGGGAACCUG
GCGCUAAACCA(PSU)(PSU)CGUAGACGACCUGCUUCUGGGUCGGGG(PSU)UUCGUACG(PSU)AGCAGAGCAGCUCC
CUCGCUGCGAUCUAUUGAAAGUCAGCCCUCGACACAAGGGUUUGU
;
L5
2 'polyribonucleotide'
;GUCUACGGCCAUACCACCCUGAACGCGCCCGAUCUCGUCUGAUCUCGGAAGCUAAGCAGGGUCGGGCCUGGUUAGUACUU
GGAUGGGAGACCGCCUGGGAAUACCGGGUGCUGUAGGCUU
;
L7
3 'polyribonucleotide'
;CGACUCUUAGCGGUGGAUCACUCGGCUCGUGCGUCGAUGAAGAACGCAGCUAGC(PSU)GCGAGAAUUAAUG(PSU)GAA
UU(OMG)CAGGACACAUUGAUCAUCGACACUUCGAACGCACUUGCGGCCCCGGGUUCCUCCCGGGGCUACGCCUGUCUGA
GCGUCGCU
;
L8
4 'polypeptide(L)'
;GRVIRGQRKGAGSVFRAHVKHRKGAARLRAVDFAERHGYIKGIVKDIIHDPGRGAPLAKVVFRDPYRFKKRTELFIAAEG
IHTGQFVYCGKKAQLNIGNVLPVGTMPEGTIVCCLEEKPGDRGKLARASGNYATVISHNPETKKTRVKLPSGSKKVISSA
NRAVVGVVAGGGRIDKPILKAGRAYHKYKAKRNCWPRVRGVAMNPVEHPFGGGNHQHIGKPSTIRRDAPAGRKVGLIAAR
RTGRLRGT
;
LA
5 'polypeptide(L)'
;SHRKFSAPRHGSLGFLPRKRSSRHRGKVKSFPKDDPSKPVHLTAFLGYKAGMTHIVREVDRPGSKVNKKEVVEAVTIVET
PPMVVVGIVGYVETPRGLRTFKTVFAEHISDECKRRFYKNWHKSKKKAFTKYCKKWQDEDGKKQLEKDFSSMKKYCQVIR
VIAHTQMRLLPLRQKKAHLMEIQVNGGTVAEKLDWARERLEQQVPVNQVFGQDEMIDVIGVTKGKGYKGVTSRWHTKKLP
RKTHRGLRKVACIGAWHPARVAFSVARAGQKGYHHRTEINKKIYKIGQGYLIKDGKLIKNNASTDYDLSDKSINPLGGFV
HYGEVTNDFVMLKGCVVGTKKRVLTLRKSLLVQTKRRALEKIDLKFIDTTSKFGHGRFQTMEEKKAFMGPLKKDRIAKEE
GA
;
LB
6 'polypeptide(L)'
;MACARPLISVYSEKGESSGKNVTLPAVFKAPIRPDIVNFVHTNLRKNNRQPYAVSELAGHQTSAESWGTGRAVARIPRVR
GGGTHRSGQGAFGNMCRGGRMFAPTKTWRRWHRRVNTTQKRYAICSALAASALPALVMSKGHRIEEVPELPLVVEDKVEG
YKKTKEAVLLLKKLKAWNDIKKVYASQRMRAGKGKMRNRRRIQRRGPCIIYNEDNGIIKAFRNIPGITLLNVSKLNILKL
APGGHVGRFCIWTESAFRKLDELYGTWRKAASLKSNYNLPMHKMINTDLSRILKSPEIQRALRAPRKKIHRRVLKKNPLK
NLRIMLKLNPYAKTMRRNTILRQARNHKLRVDKAAAAAAALQAKSDEK
;
LC
7 'polypeptide(L)'
;GFVKVVKNKAYFKRYQVKFRRRREGKTDYYARKRLVIQDKNKYNTPKYRMIVRVTNRDIICQIAYARIEGDMIVCAAYAH
ELPKYGVKVGLTNYAAAYCTGLLLARRLLNRFGMDKIYEGQVEVTGDEYNVESIDGQPGAFTCYLDAGLARTTTGNKVFG
ALKGAVDGGLSIPHSTKRFPGYDSESKEFNAEVHRKHIMGQNVADYMRYLMEEDEDAYKKQFSQYIKNSVTPDMMEEMYK
KAHAAIRENPVYEKKPKKEVKKKRWNRPKMSLAQKKDRVAQKKASFLRAQERA
;
LD
8 'polypeptide(L)'
;KGKPHCSRNPVLVRGIGRYSRSAMYSRKAMYKRKYSAAKSKVEKKKKEKVLATVTKPVGGDKNGGTRVVKLRKMPRYYPT
EDVPRKLLSHGKKPFSQHVRKLRASITPGTILIILTGRHRGKRVVFLKQLASGLLLVTGPLVLNRVPLRRTHQKFVIATS
TKIDISNVKIPKHLTDAYFKKKKLRKPRHQEGEIFDTEKEKYEITEQRKIDQKAVDSQILPKIKAIPQLQGYLRSVFALT
NGIYPHKLVF
;
LE
9 'polypeptide(L)'
;NFAELKIKRLRKKFAQKMLRKARRKLIYEKAKHYHKEYRQMYRTEIRMARMARKAGNFYVPAEPKLAFVIRIRGINGVSP
KVRKVLQLLRLRQIFNGTFVKLNKASINMLRIVEPYIAWGYPNLKSVNELIYKRGYGKINKKRIALTDNALIARSLGKYG
IICMEDLIHEIYTVGKRFKEANNFLWPFKLSSPRGGMKKKTTHFVEGGDAGNREDQINRLIRRMN
;
LF
10 'polypeptide(L)'
;KVVNPLFEKRPKNFGIGQDIQPKRDLTRFVKWPRYIRLQRQRAILYKRLKVPPAINQFTQALDRQTATQLLKLAHKYRPE
TKQEKKQRLLARAEKKAAGKGDVPTKRPPVLRAGVNTVTTLVENKKAQLVVIAHDVDPIELVVFLPALCRKMGVPYCIIK
GKARLGRLVHRKTCTTVAFTQVNSEDKGALAKLVEAIRTNYNDRYDEIRRHWGGNVLGPKSVARIAKLEKAKAKELATKL
G
;
LG
11 'polypeptide(L)'
;MKTILSNQTVDIPENVDITLKGRTVIVKGPRGTLRRDFNHINVELSLLGKKKKRLRVDKWWGNRKELATVRTICSHVQNM
IKGVTLGFRYKMRSVYAHFPINVVIQENGSLVEIRNFLGEKYIRRVRMRPGVACSVSQAQKDELILEGNDIELVSNSAAL
IQQATTVKNKDIRKFLDGIYVSEKGTVQQA
;
LH
12 'polypeptide(L)'
;GRRPARCYRYCKNKPYPKSRFCRGVPDAKIRIFDLGRKKAKVDEFPLGGHMVSDEYEQLSSEALEAARICANKYMVKSCG
RDGFHMRVRLHPFHVIRINKMLSCAGADRLQTGMRGAFGKPQGTVARVHIGQVIMSIRTKLQNEEHVIEALRRAKFKFPG
RQKIHISKKWGFTKFNADEFEDMVAKKCLIPDGCGVKYVPSHGPLDKWRVLHS
;
LI
13 'polypeptide(L)'
;QDQGEKENPMRELRIRKLCLNICVGESGDRLTRAAKVLEQLTGQTPVFSKARYTVRSFGIRRNEKIAVHCTVRGAKAEEI
LEKGLKVREYELRKNNFSDTGNFGFGIQEHIDLGIKYDPSIGIYGLDFYVVLGRPGFSIADKKRRTGCIGAKHRISKEEA
MRWFQQKYDGIILPGK
;
LJ
14 'polypeptide(L)'
;APSRNGMVLKPHFHKDWQRRVATWFNQPARKIRRRKARQAKARRIAPRPASGPIRPIVRCPTVRYHTKVRAGRGFSLEEL
RVAGIHKKVARTIGISVDPRRRNKSTESLQANVQRLKEYRSKLILFPRKPSAPKKGDSSAEELKLATQLTGPVMPVRNVY
KKEKARVITEEEKNFKAFASLRMARANARLFGIRAKRAKEAAEQDVEKKK
;
LL
15 'polypeptide(L)'
;VFRRFVEVGRVAYVSFGPHAGKLVAIVDVIDQNRALVDGPCTQVRRQAMPFKCMQLTDFILKFPHSAHQKYVRQAWQKAD
INTKWAATRWAKKIEARERKAKMTDFDRFKVMKAKKMRNRIIKNEVKKLQKAALLKASP
;
LM
16 'polypeptide(L)'
;GAYKYIQELWRKKQSDVMRFLLRVRCWQYRQLSALHRAPRPTRPDKARRLGYKAKQGYVIYRIRVRRGGRKRPVPKGATY
GKPVHHGVNQLKFARSLQSVAEERAGRHCGALRVLNSYWVGEDSTYKFFEVILIDPFHKAIRRNPDTQWITKPVHKHREM
RGLTSAGRKSRGLGKGHKFHHTIGGSRRAAWRRRNTLQLHRYR
;
LN
17 'polypeptide(L)'
;EVQVLVLDGRGHLLGRLAAIVAKQVLLGRKVVVVRCEGINISGNFYRNKLKYLAFLRKRMNTNPSRGPYHFRAPSRIFWR
TVRGMLPHKTKRGQAALDRLKVFDGIPPPYDKKKRMVVPAALKVVRLKPTRKFAYLGRLAHEVGWKYQAVTATLEEKRKE
KAKIHYRKKKQLMRLRKQAEKNVEKKIDKYTEVLKTHGLLV
;
LO
18 'polypeptide(L)'
;VRYSLDPENPTKSCKSRGSNLRVHFKNTRETAQAIKGMHIRKATKYLKDVTLQKQCVPFRRYNGGVGRCAQAKQWGWTQG
RWPKKSAEFLLHMLKNAESNAELKGLDVDSLVIEHIQVNKAPKMRRRTYRAHGRINPYMSSPCHIEMILTEKE
;
LP
19 'polypeptide(L)'
;GVDIRHNKDRKVRRKEPKSQDIYLRLLVKLYRFLARRTNSTFNQVVLKRLFMSRTNRPPLSLSRMIRKMKLPGRENKTAV
VVGTITDDVRVQEVPKLKVCALRVTSRARSRILRAGGKILTFDQLALDSPKGCGTVLLSGPRKGREVYRHFGKAPGTPHS
HTKPYVRSKGRKFERARGRRASRGYKN
;
LQ
20 'polypeptide(L)'
;SMLRLQKRLASSVLRCGKKKVWLDPNETNEIANANSRQQIRKLIKDGLIIRKPVTVHSRARCRKNTLARRKGRHMGIGKR
KGTANARMPEKVTWMRRMRILRRLLRRYRESKKIDRHMYHSLYLKVKGNVFKNKRILMEHIHKLKADKARKKLLADQAEA
RRSKTKEARKRREERLQAKKEEIIKTL
;
LR
21 'polypeptide(L)'
;KASGTLREYKVVGRCLPTPKCHTPPLYRMRIFAPNHVVAKSRFWYFVSQLKKMKKSSGEIVYCGQVFEKSPLRVKNFGIW
LRYDSRSGTHNMYREYRDLTTAGAVTQCYRDMGARHRARAHSIQIMKVEEIAASKCRRPAVKQFHDSKIKFPLPHRVLRR
QHKPRFTTKRPNTFF
;
LS
22 'polypeptide(L)'
;TNTKGKRRGTRYMFSRPFRKHGVVPLATYMRIYKKGDIVDIKGMGTVQKGMPHKCYHGKTGRVYNVTQHAVGIVVNKQVK
GKILAKRINVRIEHIKHSKSRDSFLKRVKENDQKKKEAKEKGTWVQLKRQPAPPREAHFVRTNGKEPELLEPIPYEFMA
;
LT
23 'polypeptide(L)'
;QVLKFTLDCTHPVEDGIMDAANFEQFLQERIKVNGKAGNLGGGVVTIERSKSKITVTSEVPFSKRYLKYLTKKYLKKNNL
RDWLRVVANSKESYELRYFQI
;
LU
24 'polypeptide(L)'
;SGAKFRISLGLPVGAVINCADNTGAKNLYIISVKGIKGRLNRLPAAGVGDMVMATVKKGKPELRKKVHPAVVIRQRKSYR
RKDGVFLYFEDNAGVIVNNKGEMKGSAITGPVAKECADLWPRIASNAGSIA
;
LV
25 'polypeptide(L)'
;KKKIRTSPTFRRPKTLRLRRQPKYPRKSAPRRNKLDHYAIIKFPLTTESAMKKIEDNNTLVFIVDVKANKHQIKQAVKKL
YDIDVAKVNTLIRPDGEKKAYVRLAPDYDALDVANKIGII
;
LX
26 'polypeptide(L)'
;MKFNPFVTSDRSKNRKRHFNAPSHIRRKIMSSPLSKELRQKYNVRSMPIRKDDEVQVVRGHYKGQQIGKVVQVYRKKYVI
YIERVQREKANGTTVHVGIHPSKVVITRLKLDKDRKKILERKAKSRQVGKEKGK
;
LY
27 'polypeptide(L)'
;GKFMKPGKVVLVLAGRYSGRKAVIVKNIDDGTSDRPYSHALVAGIDRYPRKVTAAMGKKKIAKRSKIKSFVKVYNYNHLM
PTRYSVDIPLDKTVVNKDVFRDPALKRKARREAKVKFEERYKTGKNKWFFQKLRF
;
LZ
28 'polypeptide(L)'
;PSRLRKTRKLRGHVSHGHGRIGKHRKHPGGRGNAGGLHHHRINFDKYHPGYFGKVGMKHYHLKRNQSFCPTVNLDKLWTL
VSEQTRVNAAKNKTGAAPIIDVVRSGYYKVLGKGKLPKQPVIVKAKFFSRRAEEKIKSVGGACVLVA
;
La
29 'polypeptide(L)'
;AKSKNHTTHNQSRKWHRNGIKKPRSQRYESLKGVDPKFLRNMRFAKKHNKKGLKKMQANNAKAMSARAEAIKALVKPKEV
KPKIPKGVSRKLDRLAYIAHPKLGKRARARIAKGLRLCRPK
;
Lb
30 'polypeptide(L)'
;KSLESINSRLQLVMKSGKYVLGYKQTLKMIRQGKAKLVILANNCPALRKSEIEYYAMLAKTGVHHYSGNNIELGTACGKY
YRVCTLAIIDPGDSDIIR
;
Lc
31 'polypeptide(L)'
;NEVVTREYTINIHKRIHGVGFKKRAPRALKEIRKFAMKEMGTPDVRIDTRLNKAVWAKGIRNVPYRIRVRLSRKRNEDED
SPNKLYTLVTYVPVTTFKNLQTVNVDE
;
Ld
32 'polypeptide(L)'
;AALRPLVKPKIVKKRTKKFIRHQSDRYVKIKRNWRKPRGIDNRVRRRFKGQILMPNIGYGSNKKTKHMLPSGFRKFLVHN
VKELEVLLMCNKSYCAEIAHNVSSKNRKAIVERAAQLAIRVTNPNARL
;
Le
33 'polypeptide(L)'
;SGRLWSKAIFAGYKRGLRNQREHTALLKIEGVYARDETEFYLGKRCAYVYKAKNNTVTPGGKPNKTRVIWGKVTRAHGNS
GMVRAKFRSNLPAKAIGHRIRVMLYPSRI
;
Lf
34 'polypeptide(L)'
;VQRLTYRRRLSYNTASNKTRLSRTPGNRIVYLYTKKVGKAPKSACGVCPGRLRGVRAVRPKVLMRLSKTKKHVSRAYGGS
MCAKCVRDRIKRAFLIEEQKIVVKVLKAQAQSQK
;
Lg
35 'polypeptide(L)'
;AKIKARDLRGKKKEELLKQLDDLKVELSQLRVAKVTGGAASKLSKIRVVRKSIARVLTVINQTQKENLRKFYKGKKYKPL
DLRPKKTRAMRRRLNKHEENLKTKKQQRKERLYPLRKYAVKA
;
Lh
36 'polypeptide(L)'
;ALRYPMAVGLNKGHKVTKNVSKPRHSRRRGRLTKHTKFVRDMIREVCGFAPYERRAMELLKVSKDKRALKFIKKRVGTHI
RAKRKREELSNVLAAMRKAAAK
;
Li
37 'polypeptide(L)'
;TKGTSSFGKRRNKTHTLCRRCGSKAYHLQKSTCGKCGYPAKRKRKYNWSAKAKRRNTTGTGRMRHLKIVYRRFRHGFREG
TTPKPK
;
Lj
38 'polypeptide(L)' PRKIEEIKDFLLTARRKDAKSVKIKKNKDNVKFKVRCSRYLYTLVITDKEKAEKLKQSLPPGLAVKELK Lk
39 'polypeptide(L)' SSHKTFRIKRFLAKKQKQNRPIPQWIRMKTGNKIRYNSKRRHWRRTKLGL Ll
40 'polypeptide(L)' IIEPSLRQLAQKYNCDKMICRKCYARLHPRAVNCRKKKCGHTNNLRPKKKVK Lm
41 'polypeptide(L)'
;VNVPKTRRTFCKKCGKHQPHKVTQYKKGKDSLYAQGKRRYDRKQSGYGGQTKPIFRKKAKTTKKIVLRLECVEPNCRSKR
MLAIKRCKHFELGGDKKRKGQVIQF
;
Lo
42 'polypeptide(L)'
;AKRTKKVGIVGKYGTRYGASLRKMVKKIEISQHAKYTCSFCGKTKMKRRAVGIWHCGSCMKTVAGGAWTYNTTSAVTVKS
AIRRLKELKDQ
;
Lp
43 'polypeptide(L)'
;SAHLQWMVVRNCSSFLIKRNKQTYSTEPNNLKARNSFRYNGLIHRKTVGVEPAADGKGVVVVIKRRSGQRKPATSYVRTT
INKNARATLSSIRHMIRKNKYRPDLRMAAIRRASAILRSQKPVMV
;
Lr
44 'polypeptide(L)'
;QQEQTIAEDLVVTKYKMGGDIANRVLRSLVEASSSGVSVLSLCEKGDAMIMEETGKIFKKEKEMKKGIAFPTSISVNNCV
CHFSPLKSDQDYILKEGDLVKIDLGVHVDGFIANVAHTFVVDVAQGTQVTGRKADVIKAAHLCAEAALRLVKPGNQNTQV
TEAWNKVAHSFNCTPIEGMLSHQLKQHVIDGEKTIIQNPTDQQKKDHEKAEFEVHEVYAVDVLVSSGEGKAKDAGQRTTI
YKRDPSKQYGLKMKTSRAFFSEVERRFDAMPFTLRAFEDEKKARMGVVECAKHELLQPFNVLYEKEGEFVAQFKFTVLLM
PNGPMRITSGPFEPDLYKSEMEVQDAELKALLQSSA
;
CA
45 'polypeptide(L)'
;MAVRASFENNCEIGCFAKLTNTYCLVAIGGSENFYSVFEGELSDTIPVVHASIAGCRIIGRMCVGNRHGLLVPNNTTDQE
LQHIRNSLPDTVQIRRVEERLSALGNVTTCNDYVALVHPDLDRETEEILADVLKVEVFRQTVADQVLVGSYCVFSNQGGL
VHPKTSIEDQDELSSLLQVPLVAGTVNRGSEVIAAGMVVNDWCAFCGLDTTSTELSVVESVFKLN
;
P
#
loop_
_chem_comp.id
_chem_comp.type
_chem_comp.name
_chem_comp.formula
1MA RNA linking 6-HYDRO-1-METHYLADENOSINE-5'-MONOPHOSPHATE 'C11 H16 N5 O7 P'
5MC RNA linking 5-METHYLCYTIDINE-5'-MONOPHOSPHATE 'C10 H16 N3 O8 P'
6MZ RNA linking N6-METHYLADENOSINE-5'-MONOPHOSPHATE 'C11 H16 N5 O7 P'
A RNA linking ADENOSINE-5'-MONOPHOSPHATE 'C10 H14 N5 O7 P'
A2M RNA linking '2'-O-methyladenosine 5'-(dihydrogen phosphate)' 'C11 H16 N5 O7 P'
C RNA linking CYTIDINE-5'-MONOPHOSPHATE 'C9 H14 N3 O8 P'
G RNA linking GUANOSINE-5'-MONOPHOSPHATE 'C10 H14 N5 O8 P'
MG non-polymer 'MAGNESIUM ION' 'Mg 2'
OMC RNA linking O2'-METHYLYCYTIDINE-5'-MONOPHOSPHATE 'C10 H16 N3 O8 P'
OMG RNA linking O2'-METHYLGUANOSINE-5'-MONOPHOSPHATE 'C11 H16 N5 O8 P'
OMU RNA linking 'O2'-METHYLURIDINE 5'-MONOPHOSPHATE' 'C10 H15 N2 O9 P'
PSU RNA linking PSEUDOURIDINE-5'-MONOPHOSPHATE 'C9 H13 N2 O9 P'
SPD non-polymer SPERMIDINE 'C7 H19 N3'
SPM non-polymer SPERMINE 'C10 H26 N4'
U RNA linking URIDINE-5'-MONOPHOSPHATE 'C9 H13 N2 O9 P'
UR3 RNA linking 3-METHYLURIDINE-5'-MONOPHOSHATE 'C10 H15 N2 O9 P'
UY1 RNA linking 2'-O-methylpseudouridine-5'-monophosphate 'C10 H15 N2 O9 P'
ZN non-polymer 'ZINC ION' 'Zn 2'
#
# COMPACT_ATOMS: atom_id res chain seq x y z
P A2M A 398 -50.02 9.40 -1.44
OP1 A2M A 398 -49.20 8.59 -0.48
O5' A2M A 398 -49.89 11.20 -1.22
C5' A2M A 398 -48.68 11.74 -1.35
C4' A2M A 398 -48.81 13.17 -1.83
O4' A2M A 398 -49.81 13.24 -2.82
C3' A2M A 398 -49.25 14.07 -0.72
O3' A2M A 398 -48.18 14.19 0.16
C2' A2M A 398 -49.80 15.26 -1.50
O2' A2M A 398 -48.82 16.02 -2.14
C1' A2M A 398 -50.54 14.42 -2.53
CM' A2M A 398 -49.40 16.98 -2.97
N9 A2M A 398 -51.90 14.05 -2.21
C8 A2M A 398 -52.46 12.86 -1.77
N7 A2M A 398 -53.80 12.93 -1.61
C5 A2M A 398 -54.09 14.23 -1.97
C6 A2M A 398 -55.25 14.97 -2.05
N6 A2M A 398 -56.47 14.43 -1.70
N1 A2M A 398 -55.27 16.26 -2.44
C2 A2M A 398 -54.08 16.79 -2.78
N3 A2M A 398 -52.86 16.22 -2.76
C4 A2M A 398 -52.93 14.94 -2.35
OP2 A2M A 398 -51.50 9.42 -1.30
P A2M A 400 -51.42 19.35 5.33
OP1 A2M A 400 -50.29 19.80 6.20
O5' A2M A 400 -52.87 20.39 5.37
C5' A2M A 400 -52.76 21.58 4.75
C4' A2M A 400 -54.12 22.23 4.78
O4' A2M A 400 -54.91 21.65 3.80
C3' A2M A 400 -54.77 22.00 6.11
O3' A2M A 400 -54.22 22.91 6.97
C2' A2M A 400 -56.24 22.10 5.75
O2' A2M A 400 -56.69 23.41 5.58
C1' A2M A 400 -56.16 21.40 4.40
CM' A2M A 400 -57.95 23.42 4.99
N9 A2M A 400 -56.38 19.98 4.35
C8 A2M A 400 -55.52 18.89 4.26
N7 A2M A 400 -56.17 17.72 4.22
C5 A2M A 400 -57.50 18.08 4.28
C6 A2M A 400 -58.69 17.39 4.26
N6 A2M A 400 -58.71 16.01 4.20
N1 A2M A 400 -59.89 17.99 4.32
C2 A2M A 400 -59.85 19.34 4.40
N3 A2M A 400 -58.82 20.17 4.41
C4 A2M A 400 -57.66 19.48 4.35
OP2 A2M A 400 -52.20 18.13 5.71
P OMG A 913 1.18 14.61 13.45
OP1 OMG A 913 1.04 14.39 14.93
OP2 OMG A 913 2.41 15.25 12.84
O5' OMG A 913 0.96 13.21 12.73
C5' OMG A 913 0.09 12.25 13.29
C4' OMG A 913 -0.03 11.03 12.41
O4' OMG A 913 -0.53 11.39 11.11
C3' OMG A 913 1.24 10.29 12.10
O3' OMG A 913 1.74 9.51 13.16
C2' OMG A 913 0.83 9.48 10.89
O2' OMG A 913 -0.03 8.42 11.29
CM2 OMG A 913 -0.31 7.49 10.28
C1' OMG A 913 0.00 10.51 10.15
N9 OMG A 913 0.80 11.28 9.19
C8 OMG A 913 1.24 12.57 9.33
N7 OMG A 913 1.93 12.96 8.30
C5 OMG A 913 1.94 11.90 7.45
C6 OMG A 913 2.53 11.74 6.18
O6 OMG A 913 3.18 12.55 5.54
N1 OMG A 913 2.29 10.47 5.68
C2 OMG A 913 1.59 9.49 6.30
N2 OMG A 913 1.47 8.33 5.64
N3 OMG A 913 1.04 9.64 7.46
C4 OMG A 913 1.25 10.85 7.99
P 1MA A 919 12.30 16.08 9.34
OP1 1MA A 919 11.71 16.86 10.49
OP2 1MA A 919 12.36 14.58 9.41
O5' 1MA A 919 11.50 16.46 8.02
C5' 1MA A 919 11.30 17.82 7.66
C4' 1MA A 919 10.00 18.00 6.91
O4' 1MA A 919 10.05 17.25 5.67
C3' 1MA A 919 8.75 17.55 7.64
O3' 1MA A 919 7.70 18.48 7.40
C2' 1MA A 919 8.40 16.23 6.97
O2' 1MA A 919 7.04 15.88 7.02
C1' 1MA A 919 8.87 16.49 5.54
N9 1MA A 919 9.21 15.28 4.81
C8 1MA A 919 9.19 13.99 5.25
N7 1MA A 919 9.55 13.16 4.33
C5 1MA A 919 9.84 13.92 3.25
C6 1MA A 919 10.29 13.53 1.96
N6 1MA A 919 10.50 12.32 1.61
N1 1MA A 919 10.46 14.64 1.13
CM1 1MA A 919 10.91 14.41 -0.21
C2 1MA A 919 10.22 15.91 1.53
N3 1MA A 919 9.80 16.27 2.69
C4 1MA A 919 9.63 15.23 3.52
P A2M A 920 7.48 19.72 8.41
OP1 A2M A 920 8.75 20.41 8.74
O5' A2M A 920 6.23 20.73 7.62
C5' A2M A 920 5.02 20.20 7.50
C4' A2M A 920 4.39 20.67 6.20
O4' A2M A 920 4.86 21.95 5.94
C3' A2M A 920 4.79 19.78 5.05
O3' A2M A 920 3.96 18.69 5.13
C2' A2M A 920 4.69 20.72 3.87
O2' A2M A 920 3.38 20.94 3.43
C1' A2M A 920 5.19 21.99 4.57
CM' A2M A 920 3.28 20.85 2.04
N9 A2M A 920 6.57 22.38 4.44
C8 A2M A 920 7.54 22.64 5.40
N7 A2M A 920 8.70 23.02 4.89
C5 A2M A 920 8.47 23.01 3.53
C6 A2M A 920 9.23 23.31 2.42
N6 A2M A 920 10.55 23.70 2.55
N1 A2M A 920 8.76 23.22 1.17
C2 A2M A 920 7.47 22.85 1.05
N3 A2M A 920 6.58 22.53 2.00
C4 A2M A 920 7.14 22.63 3.23
OP2 A2M A 920 6.55 19.32 9.52
P A2M A 923 8.97 15.15 -3.55
OP1 A2M A 923 9.05 15.96 -2.30
O5' A2M A 923 7.57 14.20 -2.91
C5' A2M A 923 7.10 13.22 -3.68
C4' A2M A 923 7.28 11.90 -2.95
O4' A2M A 923 8.14 12.13 -1.87
C3' A2M A 923 5.98 11.33 -2.40
O3' A2M A 923 5.38 10.70 -3.45
C2' A2M A 923 6.49 10.50 -1.25
O2' A2M A 923 7.02 9.27 -1.66
C1' A2M A 923 7.63 11.42 -0.80
CM' A2M A 923 7.37 8.49 -0.56
N9 A2M A 923 7.34 12.36 0.25
C8 A2M A 923 7.34 13.75 0.27
N7 A2M A 923 7.01 14.24 1.46
C5 A2M A 923 6.80 13.13 2.23
C6 A2M A 923 6.43 12.92 3.54
N6 A2M A 923 6.20 13.99 4.38
N1 A2M A 923 6.28 11.70 4.07
C2 A2M A 923 6.51 10.67 3.23
N3 A2M A 923 6.86 10.69 1.95
C4 A2M A 923 7.00 11.94 1.50
OP2 A2M A 923 10.16 14.38 -4.01
N1 OMC A 937 -3.90 -16.38 25.48
C2 OMC A 937 -3.12 -17.20 24.66
N3 OMC A 937 -1.91 -16.76 24.28
C4 OMC A 937 -1.47 -15.59 24.65
C5 OMC A 937 -2.22 -14.71 25.47
C6 OMC A 937 -3.42 -15.19 25.84
O2 OMC A 937 -3.53 -18.29 24.32
N4 OMC A 937 -0.26 -15.23 24.22
C1' OMC A 937 -5.25 -16.79 25.93
C2' OMC A 937 -5.22 -17.78 27.08
O2' OMC A 937 -6.35 -18.61 26.99
CM2 OMC A 937 -6.42 -19.41 25.83
C3' OMC A 937 -5.35 -16.83 28.27
C4' OMC A 937 -6.35 -15.82 27.75
O4' OMC A 937 -5.96 -15.65 26.36
O3' OMC A 937 -5.73 -17.46 29.47
C5' OMC A 937 -6.36 -14.48 28.43
O5' OMC A 937 -5.06 -13.92 28.47
P OMC A 937 -4.85 -12.34 28.49
OP1 OMC A 937 -5.65 -11.78 29.66
OP2 OMC A 937 -3.36 -12.08 28.41
P OMG A 1119 -4.43 -11.46 6.02
OP1 OMG A 1119 -5.39 -12.40 5.33
OP2 OMG A 1119 -3.60 -11.95 7.19
O5' OMG A 1119 -3.41 -10.92 4.93
C5' OMG A 1119 -3.88 -10.21 3.79
C4' OMG A 1119 -2.74 -9.64 2.99
O4' OMG A 1119 -2.02 -8.65 3.76
C3' OMG A 1119 -1.68 -10.62 2.58
O3' OMG A 1119 -2.06 -11.44 1.50
C2' OMG A 1119 -0.50 -9.71 2.28
O2' OMG A 1119 -0.63 -9.10 1.00
CM2 OMG A 1119 0.61 -8.77 0.43
C1' OMG A 1119 -0.68 -8.64 3.36
N9 OMG A 1119 0.17 -8.95 4.52
C8 OMG A 1119 -0.16 -9.65 5.65
N7 OMG A 1119 0.85 -9.78 6.44
C5 OMG A 1119 1.89 -9.17 5.81
C6 OMG A 1119 3.24 -9.01 6.20
O6 OMG A 1119 3.79 -9.38 7.21
N1 OMG A 1119 3.95 -8.31 5.22
C2 OMG A 1119 3.45 -7.84 4.05
N2 OMG A 1119 4.29 -7.20 3.25
N3 OMG A 1119 2.21 -8.00 3.71
C4 OMG A 1119 1.48 -8.66 4.61
P A2M A 1121 -0.49 -15.07 -4.14
OP1 A2M A 1121 -1.88 -14.88 -4.66
O5' A2M A 1121 0.75 -15.27 -5.38
C5' A2M A 1121 1.28 -14.16 -5.87
C4' A2M A 1121 2.68 -14.43 -6.31
O4' A2M A 1121 3.55 -14.19 -5.27
C3' A2M A 1121 2.84 -15.87 -6.67
O3' A2M A 1121 2.16 -16.07 -7.85
C2' A2M A 1121 4.36 -16.05 -6.62
O2' A2M A 1121 4.99 -15.79 -7.83
C1' A2M A 1121 4.70 -14.92 -5.62
CM' A2M A 1121 5.79 -16.85 -8.21
N9 A2M A 1121 5.41 -15.34 -4.44
C8 A2M A 1121 6.73 -15.21 -4.06
N7 A2M A 1121 7.00 -15.75 -2.88
C5 A2M A 1121 5.78 -16.29 -2.49
C6 A2M A 1121 5.36 -16.98 -1.38
N6 A2M A 1121 6.23 -17.30 -0.35
N1 A2M A 1121 4.09 -17.39 -1.23
C2 A2M A 1121 3.26 -17.07 -2.24
N3 A2M A 1121 3.49 -16.41 -3.37
C4 A2M A 1121 4.78 -16.04 -3.44
OP2 A2M A 1121 -0.12 -16.33 -3.43
P A2M A 1131 -18.37 -28.60 -25.70
OP1 A2M A 1131 -19.21 -29.51 -24.87
O5' A2M A 1131 -18.73 -27.15 -24.66
C5' A2M A 1131 -20.00 -26.97 -24.27
C4' A2M A 1131 -20.67 -25.87 -25.08
O4' A2M A 1131 -21.93 -25.66 -24.56
C3' A2M A 1131 -19.94 -24.55 -25.02
O3' A2M A 1131 -20.33 -23.88 -26.16
C2' A2M A 1131 -20.43 -23.96 -23.71
O2' A2M A 1131 -20.40 -22.57 -23.69
C1' A2M A 1131 -21.87 -24.44 -23.85
CM' A2M A 1131 -19.11 -22.10 -23.55
N9 A2M A 1131 -22.63 -24.64 -22.64
C8 A2M A 1131 -22.43 -25.48 -21.56
N7 A2M A 1131 -23.38 -25.39 -20.64
C5 A2M A 1131 -24.24 -24.45 -21.16
C6 A2M A 1131 -25.41 -23.89 -20.73
N6 A2M A 1131 -25.98 -24.25 -19.53
N1 A2M A 1131 -26.09 -22.97 -21.44
C2 A2M A 1131 -25.52 -22.63 -22.61
N3 A2M A 1131 -24.39 -23.06 -23.19
C4 A2M A 1131 -23.80 -23.97 -22.41
OP2 A2M A 1131 -18.68 -28.45 -27.15
N1 PSU A 1133 -14.47 -25.02 -27.80
C2 PSU A 1133 -13.90 -26.01 -27.04
N3 PSU A 1133 -12.60 -25.90 -26.62
C4 PSU A 1133 -11.87 -24.79 -26.93
C5 PSU A 1133 -12.44 -23.79 -27.70
C6 PSU A 1133 -13.75 -23.93 -28.12
O2 PSU A 1133 -14.56 -27.01 -26.77
O4 PSU A 1133 -10.72 -24.72 -26.53
C1' PSU A 1133 -11.71 -22.54 -28.08
C2' PSU A 1133 -10.58 -22.84 -29.08
O2' PSU A 1133 -9.55 -21.89 -28.88
C3' PSU A 1133 -11.30 -22.59 -30.39
C4' PSU A 1133 -12.18 -21.41 -30.07
O3' PSU A 1133 -10.44 -22.31 -31.47
O4' PSU A 1133 -12.62 -21.67 -28.71
C5' PSU A 1133 -13.37 -21.26 -30.98
O5' PSU A 1133 -14.45 -20.62 -30.34
P PSU A 1133 -15.93 -21.14 -30.55
OP1 PSU A 1133 -16.44 -20.48 -31.77
OP2 PSU A 1133 -16.04 -22.61 -30.45
N1 PSU A 1179 -18.14 -14.30 -53.86
C2 PSU A 1179 -18.95 -15.41 -53.87
N3 PSU A 1179 -20.30 -15.28 -54.03
C4 PSU A 1179 -20.85 -14.03 -54.15
C5 PSU A 1179 -20.04 -12.91 -54.13
C6 PSU A 1179 -18.67 -13.07 -54.00
O2 PSU A 1179 -18.45 -16.52 -53.76
O4 PSU A 1179 -22.06 -13.93 -54.29
C1' PSU A 1179 -20.60 -11.53 -54.30
C2' PSU A 1179 -21.47 -11.10 -53.12
O2' PSU A 1179 -22.48 -10.23 -53.60
C3' PSU A 1179 -20.46 -10.34 -52.27
C4' PSU A 1179 -19.60 -9.67 -53.30
O3' PSU A 1179 -21.05 -9.40 -51.38
O4' PSU A 1179 -19.54 -10.62 -54.39
C5' PSU A 1179 -18.21 -9.31 -52.85
O5' PSU A 1179 -17.48 -8.69 -53.89
P PSU A 1179 -15.94 -8.36 -53.70
OP1 PSU A 1179 -15.85 -7.13 -52.89
OP2 PSU A 1179 -15.25 -9.57 -53.27
P OMG A 1222 -1.76 -31.48 -12.37
OP1 OMG A 1222 -2.39 -32.76 -11.83
OP2 OMG A 1222 -1.55 -30.30 -11.45
O5' OMG A 1222 -0.35 -31.85 -13.00
C5' OMG A 1222 -0.12 -33.11 -13.62
C4' OMG A 1222 0.67 -32.98 -14.90
O4' OMG A 1222 0.79 -31.58 -15.25
C3' OMG A 1222 2.08 -33.53 -14.85
O3' OMG A 1222 2.44 -33.97 -16.15
C2' OMG A 1222 2.90 -32.29 -14.49
O2' OMG A 1222 4.25 -32.34 -14.92
CM2 OMG A 1222 5.04 -33.26 -14.20
C1' OMG A 1222 2.15 -31.18 -15.21
N9 OMG A 1222 2.20 -29.89 -14.53
C8 OMG A 1222 1.14 -29.27 -13.91
N7 OMG A 1222 1.46 -28.14 -13.40
C5 OMG A 1222 2.77 -27.99 -13.67
C6 OMG A 1222 3.65 -26.93 -13.34
O6 OMG A 1222 3.41 -25.91 -12.73
N1 OMG A 1222 4.94 -27.18 -13.82
C2 OMG A 1222 5.32 -28.28 -14.51
N2 OMG A 1222 6.61 -28.31 -14.88
N3 OMG A 1222 4.51 -29.25 -14.81
C4 OMG A 1222 3.27 -29.06 -14.37
N1 PSU A 1274 29.03 -13.02 7.82
C2 PSU A 1274 30.00 -12.08 8.06
N3 PSU A 1274 29.66 -10.78 8.36
C4 PSU A 1274 28.33 -10.44 8.43
C5 PSU A 1274 27.35 -11.39 8.19
C6 PSU A 1274 27.73 -12.68 7.90
O2 PSU A 1274 31.19 -12.39 7.99
O4 PSU A 1274 28.01 -9.29 8.70
C1' PSU A 1274 25.92 -11.02 8.28
C2' PSU A 1274 25.16 -11.38 7.01
O2' PSU A 1274 25.33 -10.40 6.01
C3' PSU A 1274 23.74 -11.49 7.54
C4' PSU A 1274 23.93 -12.07 8.93
O3' PSU A 1274 23.18 -10.20 7.65
O4' PSU A 1274 25.32 -11.80 9.28
C5' PSU A 1274 23.66 -13.54 9.05
O5' PSU A 1274 23.68 -14.17 7.78
P PSU A 1274 22.66 -15.33 7.43
OP1 PSU A 1274 22.72 -16.45 8.38
OP2 PSU A 1274 21.38 -14.64 7.19
N1 PSU A 1280 23.78 -7.87 21.21
C2 PSU A 1280 24.38 -6.76 20.67
N3 PSU A 1280 25.74 -6.61 20.69
C4 PSU A 1280 26.51 -7.58 21.28
C5 PSU A 1280 25.91 -8.70 21.82
C6 PSU A 1280 24.54 -8.83 21.79
O2 PSU A 1280 23.68 -5.90 20.16
O4 PSU A 1280 27.72 -7.44 21.29
C1' PSU A 1280 26.75 -9.77 22.46
C2' PSU A 1280 27.16 -9.31 23.87
O2' PSU A 1280 28.43 -9.87 24.16
C3' PSU A 1280 26.08 -9.97 24.71
C4' PSU A 1280 25.89 -11.30 24.00
O3' PSU A 1280 26.42 -10.10 26.07
O4' PSU A 1280 26.01 -10.96 22.60
C5' PSU A 1280 24.58 -12.00 24.25
O5' PSU A 1280 23.49 -11.15 23.98
P PSU A 1280 22.00 -11.71 23.99
OP1 PSU A 1280 21.80 -12.46 25.23
OP2 PSU A 1280 21.09 -10.60 23.65
N1 PSU A 1341 70.87 9.62 5.58
C2 PSU A 1341 69.71 10.30 5.33
N3 PSU A 1341 68.54 9.62 5.09
C4 PSU A 1341 68.53 8.25 5.10
C5 PSU A 1341 69.71 7.57 5.34
C6 PSU A 1341 70.87 8.27 5.60
O2 PSU A 1341 69.71 11.52 5.31
O4 PSU A 1341 67.49 7.65 4.89
C1' PSU A 1341 69.73 6.06 5.39
C2' PSU A 1341 69.79 5.43 4.00
O2' PSU A 1341 69.01 4.25 4.02
C3' PSU A 1341 71.28 5.11 3.87
C4' PSU A 1341 71.68 4.77 5.29
O3' PSU A 1341 71.56 4.06 2.97
O4' PSU A 1341 70.86 5.65 6.11
C5' PSU A 1341 73.13 4.97 5.61
O5' PSU A 1341 73.56 6.27 5.21
P PSU A 1341 75.09 6.66 5.24
OP1 PSU A 1341 75.85 5.53 4.68
OP2 PSU A 1341 75.23 7.99 4.62
N1 PSU A 1378 81.34 20.31 0.34
C2 PSU A 1378 80.70 20.51 -0.86
N3 PSU A 1378 80.63 21.76 -1.40
C4 PSU A 1378 81.21 22.83 -0.76
C5 PSU A 1378 81.85 22.63 0.46
C6 PSU A 1378 81.90 21.35 0.99
O2 PSU A 1378 80.18 19.56 -1.45
O4 PSU A 1378 81.13 23.94 -1.29
C1' PSU A 1378 82.50 23.74 1.23
C2' PSU A 1378 81.47 24.79 1.63
O2' PSU A 1378 82.14 26.02 1.81
C3' PSU A 1378 81.00 24.24 2.96
C4' PSU A 1378 82.31 23.75 3.56
O3' PSU A 1378 80.33 25.18 3.76
O4' PSU A 1378 83.03 23.20 2.42
C5' PSU A 1378 82.19 22.70 4.63
O5' PSU A 1378 83.36 22.62 5.42
P PSU A 1378 83.77 21.28 6.17
OP1 PSU A 1378 83.74 21.52 7.63
OP2 PSU A 1378 83.00 20.17 5.60
N1 PSU A 1379 77.87 21.68 0.25
C2 PSU A 1379 77.22 20.85 -0.61
N3 PSU A 1379 76.60 21.35 -1.73
C4 PSU A 1379 76.64 22.69 -1.98
C5 PSU A 1379 77.31 23.54 -1.12
C6 PSU A 1379 77.92 23.01 0.00
O2 PSU A 1379 77.18 19.64 -0.38
O4 PSU A 1379 76.09 23.11 -3.00
C1' PSU A 1379 77.36 25.01 -1.38
C2' PSU A 1379 76.00 25.63 -1.05
O2' PSU A 1379 75.82 26.76 -1.89
C3' PSU A 1379 76.22 26.07 0.38
C4' PSU A 1379 77.65 26.56 0.36
O3' PSU A 1379 75.30 27.04 0.84
O4' PSU A 1379 78.31 25.63 -0.54
C5' PSU A 1379 78.36 26.59 1.68
O5' PSU A 1379 78.26 25.33 2.33
P PSU A 1379 78.73 25.15 3.84
OP1 PSU A 1379 78.31 26.29 4.67
OP2 PSU A 1379 78.31 23.79 4.22
N1 PSU A 1389 66.00 14.23 16.85
C2 PSU A 1389 65.04 15.02 16.27
N3 PSU A 1389 65.04 16.37 16.47
C4 PSU A 1389 66.00 16.94 17.27
C5 PSU A 1389 66.96 16.14 17.87
C6 PSU A 1389 66.95 14.78 17.64
O2 PSU A 1389 64.18 14.51 15.56
O4 PSU A 1389 65.99 18.15 17.43
C1' PSU A 1389 68.04 16.74 18.72
C2' PSU A 1389 67.47 17.20 20.07
O2' PSU A 1389 68.19 18.36 20.47
C3' PSU A 1389 67.81 16.02 20.96
C4' PSU A 1389 69.16 15.59 20.43
O3' PSU A 1389 67.83 16.37 22.34
O4' PSU A 1389 69.04 15.78 19.00
C5' PSU A 1389 69.54 14.16 20.72
O5' PSU A 1389 68.71 13.25 20.02
P PSU A 1389 68.92 11.68 20.14
OP1 PSU A 1389 69.45 11.42 21.49
OP2 PSU A 1389 67.69 11.03 19.69
N1 PSU A 1457 37.42 20.98 12.48
C2 PSU A 1457 37.45 19.61 12.64
N3 PSU A 1457 38.40 19.05 13.45
C4 PSU A 1457 39.33 19.85 14.07
C5 PSU A 1457 39.30 21.21 13.89
C6 PSU A 1457 38.32 21.76 13.09
O2 PSU A 1457 36.62 18.92 12.09
O4 PSU A 1457 40.18 19.31 14.78
C1' PSU A 1457 40.30 22.11 14.57
C2' PSU A 1457 41.68 21.96 13.94
O2' PSU A 1457 42.65 22.21 14.94
C3' PSU A 1457 41.66 23.08 12.92
C4' PSU A 1457 40.92 24.17 13.66
O3' PSU A 1457 42.94 23.46 12.48
O4' PSU A 1457 39.91 23.47 14.42
C5' PSU A 1457 40.25 25.22 12.80
O5' PSU A 1457 39.40 24.64 11.83
P PSU A 1457 38.39 25.52 10.99
OP1 PSU A 1457 39.14 26.66 10.45
OP2 PSU A 1457 37.65 24.64 10.07
N1 PSU A 1459 41.94 17.82 8.14
C2 PSU A 1459 40.74 17.52 7.54
N3 PSU A 1459 40.37 16.21 7.31
C4 PSU A 1459 41.22 15.21 7.71
C5 PSU A 1459 42.43 15.51 8.32
C6 PSU A 1459 42.77 16.84 8.53
O2 PSU A 1459 39.99 18.42 7.18
O4 PSU A 1459 40.89 14.05 7.51
C1' PSU A 1459 43.37 14.43 8.74
C2' PSU A 1459 44.05 13.86 7.50
O2' PSU A 1459 44.34 12.49 7.75
C3' PSU A 1459 45.33 14.68 7.47
C4' PSU A 1459 45.68 14.80 8.93
O3' PSU A 1459 46.35 14.10 6.69
O4' PSU A 1459 44.39 14.95 9.58
C5' PSU A 1459 46.59 15.94 9.30
O5' PSU A 1459 46.01 17.18 8.93
P PSU A 1459 46.69 18.56 9.36
OP1 PSU A 1459 48.13 18.46 9.07
OP2 PSU A 1459 45.87 19.61 8.75
P A2M A 1468 28.87 11.54 0.71
OP1 A2M A 1468 27.56 10.88 0.97
O5' A2M A 1468 30.29 10.46 0.85
C5' A2M A 1468 30.27 9.35 0.11
C4' A2M A 1468 31.64 8.72 0.07
O4' A2M A 1468 32.52 9.57 -0.57
C3' A2M A 1468 32.22 8.51 1.45
O3' A2M A 1468 31.49 7.52 2.08
C2' A2M A 1468 33.66 8.26 1.09
O2' A2M A 1468 33.87 7.07 0.40
C1' A2M A 1468 33.74 9.43 0.13
CM' A2M A 1468 35.13 6.54 0.69
N9 A2M A 1468 34.06 10.68 0.74
C8 A2M A 1468 33.32 11.83 1.01
N7 A2M A 1468 34.03 12.77 1.61
C5 A2M A 1468 35.28 12.19 1.73
C6 A2M A 1468 36.48 12.61 2.25
N6 A2M A 1468 36.64 13.85 2.83
N1 A2M A 1468 37.57 11.83 2.26
C2 A2M A 1468 37.43 10.61 1.71
N3 A2M A 1468 36.37 10.05 1.16
C4 A2M A 1468 35.31 10.90 1.20
OP2 A2M A 1468 29.44 12.50 1.70
N1 OMC A 1812 -9.41 0.48 7.73
C2 OMC A 1812 -10.39 0.17 8.70
N3 OMC A 1812 -10.96 1.20 9.35
C4 OMC A 1812 -10.63 2.44 9.13
C5 OMC A 1812 -9.66 2.79 8.17
C6 OMC A 1812 -9.09 1.78 7.52
O2 OMC A 1812 -10.72 -0.97 8.94
N4 OMC A 1812 -11.25 3.38 9.83
C1' OMC A 1812 -8.67 -0.51 6.91
C2' OMC A 1812 -9.59 -1.44 6.11
O2' OMC A 1812 -8.94 -2.68 5.90
CM2 OMC A 1812 -8.19 -3.19 6.98
C3' OMC A 1812 -9.70 -0.69 4.79
C4' OMC A 1812 -8.32 -0.07 4.63
O4' OMC A 1812 -7.89 0.21 5.99
O3' OMC A 1812 -10.02 -1.54 3.70
C5' OMC A 1812 -8.28 1.19 3.82
O5' OMC A 1812 -8.67 0.94 2.48
P OMC A 1812 -9.08 2.12 1.51
OP1 OMC A 1812 -9.53 1.51 0.19
OP2 OMC A 1812 -10.02 3.04 2.27
P A2M A 1824 -22.48 19.73 -20.15
OP1 A2M A 1824 -22.02 20.67 -21.20
O5' A2M A 1824 -21.70 18.12 -20.22
C5' A2M A 1824 -20.39 18.09 -20.44
C4' A2M A 1824 -19.87 16.68 -20.23
O4' A2M A 1824 -20.25 16.29 -18.96
C3' A2M A 1824 -20.47 15.70 -21.21
O3' A2M A 1824 -19.78 15.87 -22.41
C2' A2M A 1824 -20.32 14.40 -20.45
O2' A2M A 1824 -19.02 13.89 -20.43
C1' A2M A 1824 -20.66 14.94 -19.07
CM' A2M A 1824 -18.85 12.87 -21.36
N9 A2M A 1824 -22.01 14.84 -18.59
C8 A2M A 1824 -22.95 15.80 -18.26
N7 A2M A 1824 -24.10 15.28 -17.82
C5 A2M A 1824 -23.86 13.93 -17.86
C6 A2M A 1824 -24.63 12.83 -17.56
N6 A2M A 1824 -25.91 12.96 -17.07
N1 A2M A 1824 -24.17 11.57 -17.70
C2 A2M A 1824 -22.92 11.46 -18.18
N3 A2M A 1824 -22.05 12.41 -18.52
C4 A2M A 1824 -22.58 13.63 -18.34
OP2 A2M A 1824 -23.86 19.17 -20.20
P OMG A 1825 -20.58 16.19 -23.75
OP1 OMG A 1825 -19.68 15.82 -24.92
OP2 OMG A 1825 -21.15 17.59 -23.68
O5' OMG A 1825 -21.80 15.16 -23.74
C5' OMG A 1825 -21.61 13.79 -24.05
C4' OMG A 1825 -22.57 12.92 -23.29
O4' OMG A 1825 -22.85 13.52 -22.01
C3' OMG A 1825 -23.94 12.73 -23.91
O3' OMG A 1825 -23.94 11.73 -24.91
C2' OMG A 1825 -24.80 12.36 -22.71
O2' OMG A 1825 -24.65 10.98 -22.40
CM2 OMG A 1825 -25.36 10.57 -21.25
C1' OMG A 1825 -24.15 13.17 -21.59
N9 OMG A 1825 -24.89 14.41 -21.29
C8 OMG A 1825 -24.47 15.70 -21.49
N7 OMG A 1825 -25.34 16.57 -21.11
C5 OMG A 1825 -26.38 15.83 -20.63
C6 OMG A 1825 -27.62 16.24 -20.07
O6 OMG A 1825 -28.03 17.36 -19.88
N1 OMG A 1825 -28.38 15.14 -19.71
C2 OMG A 1825 -28.02 13.85 -19.84
N2 OMG A 1825 -28.90 12.92 -19.43
N3 OMG A 1825 -26.89 13.47 -20.35
C4 OMG A 1825 -26.11 14.49 -20.72
N1 OMC A 1826 -29.39 12.59 -23.54
C2 OMC A 1826 -30.41 13.29 -22.89
N3 OMC A 1826 -30.25 14.61 -22.69
C4 OMC A 1826 -29.18 15.24 -23.07
C5 OMC A 1826 -28.11 14.58 -23.73
C6 OMC A 1826 -28.27 13.25 -23.93
O2 OMC A 1826 -31.41 12.68 -22.54
N4 OMC A 1826 -29.09 16.54 -22.85
C1' OMC A 1826 -29.50 11.14 -23.78
C2' OMC A 1826 -30.20 10.82 -25.10
O2' OMC A 1826 -30.89 9.60 -24.96
CM2 OMC A 1826 -32.23 9.75 -24.58
C3' OMC A 1826 -29.01 10.64 -26.03
C4' OMC A 1826 -27.98 9.96 -25.13
O4' OMC A 1826 -28.20 10.58 -23.84
O3' OMC A 1826 -29.30 9.90 -27.20
C5' OMC A 1826 -26.55 10.13 -25.53
O5' OMC A 1826 -26.26 11.48 -25.83
P OMC A 1826 -24.80 11.93 -26.25
OP1 OMC A 1826 -24.28 10.97 -27.28
OP2 OMC A 1826 -24.86 13.42 -26.56
P A2M A 1862 -45.85 -15.53 -40.36
OP1 A2M A 1862 -47.20 -16.01 -39.94
O5' A2M A 1862 -45.29 -17.19 -40.72
C5' A2M A 1862 -44.61 -17.81 -39.76
C4' A2M A 1862 -43.97 -19.03 -40.38
O4' A2M A 1862 -43.05 -18.63 -41.35
C3' A2M A 1862 -43.23 -19.83 -39.36
O3' A2M A 1862 -44.20 -20.47 -38.58
C2' A2M A 1862 -42.28 -20.62 -40.24
O2' A2M A 1862 -42.87 -21.65 -40.96
C1' A2M A 1862 -41.94 -19.47 -41.20
CM' A2M A 1862 -42.13 -22.82 -40.82
N9 A2M A 1862 -40.82 -18.68 -40.80
C8 A2M A 1862 -40.70 -17.37 -40.33
N7 A2M A 1862 -39.44 -17.04 -40.05
C5 A2M A 1862 -38.73 -18.20 -40.33
C6 A2M A 1862 -37.41 -18.56 -40.26
N6 A2M A 1862 -36.44 -17.68 -39.82
N1 A2M A 1862 -36.97 -19.79 -40.60
C2 A2M A 1862 -37.92 -20.65 -41.03
N3 A2M A 1862 -39.23 -20.47 -41.16
C4 A2M A 1862 -39.58 -19.22 -40.80
OP2 A2M A 1862 -45.00 -14.76 -39.40
N1 OMC A 1883 -38.23 11.20 -23.59
C2 OMC A 1883 -39.30 11.38 -24.50
N3 OMC A 1883 -39.52 10.41 -25.42
C4 OMC A 1883 -38.76 9.35 -25.49
C5 OMC A 1883 -37.66 9.15 -24.59
C6 OMC A 1883 -37.46 10.11 -23.68
O2 OMC A 1883 -40.01 12.35 -24.44
N4 OMC A 1883 -39.02 8.44 -26.42
C1' OMC A 1883 -37.90 12.21 -22.55
C2' OMC A 1883 -38.94 12.25 -21.43
O2' OMC A 1883 -39.08 13.60 -21.01
CM2 OMC A 1883 -39.72 14.43 -21.94
C3' OMC A 1883 -38.24 11.45 -20.34
C4' OMC A 1883 -36.79 11.84 -20.54
O4' OMC A 1883 -36.66 11.88 -21.98
O3' OMC A 1883 -38.70 11.75 -19.04
C5' OMC A 1883 -35.74 10.93 -19.96
O5' OMC A 1883 -36.19 9.59 -19.89
P OMC A 1883 -35.87 8.69 -18.62
OP1 OMC A 1883 -35.68 9.60 -17.43
OP2 OMC A 1883 -36.92 7.59 -18.56
P OMG A 1885 -45.93 10.53 -18.68
OP1 OMG A 1885 -46.87 11.35 -17.79
OP2 OMG A 1885 -44.95 9.56 -18.04
O5' OMG A 1885 -46.83 9.72 -19.71
C5' OMG A 1885 -47.73 10.38 -20.60
C4' OMG A 1885 -48.16 9.48 -21.71
O4' OMG A 1885 -47.02 9.21 -22.57
C3' OMG A 1885 -48.64 8.09 -21.29
O3' OMG A 1885 -50.03 8.09 -20.99
C2' OMG A 1885 -48.28 7.21 -22.47
O2' OMG A 1885 -49.25 7.34 -23.49
CM2 OMG A 1885 -48.94 6.59 -24.65
C1' OMG A 1885 -46.99 7.86 -22.94
N9 OMG A 1885 -45.79 7.24 -22.35
C8 OMG A 1885 -45.17 7.55 -21.16
N7 OMG A 1885 -44.12 6.82 -20.95
C5 OMG A 1885 -44.03 6.01 -22.05
C6 OMG A 1885 -43.09 5.02 -22.39
O6 OMG A 1885 -42.13 4.65 -21.74
N1 OMG A 1885 -43.40 4.43 -23.61
C2 OMG A 1885 -44.45 4.76 -24.40
N2 OMG A 1885 -44.59 4.10 -25.56
N3 OMG A 1885 -45.32 5.68 -24.10
C4 OMG A 1885 -45.06 6.26 -22.92
N1 PSU A 2093 -58.48 0.92 -71.54
C2 PSU A 2093 -58.78 1.27 -70.24
N3 PSU A 2093 -57.89 2.01 -69.50
C4 PSU A 2093 -56.69 2.41 -70.06
C5 PSU A 2093 -56.39 2.03 -71.37
C6 PSU A 2093 -57.32 1.30 -72.10
O2 PSU A 2093 -59.85 0.93 -69.75
O4 PSU A 2093 -55.91 3.05 -69.38
C1' PSU A 2093 -55.12 2.44 -72.05
C2' PSU A 2093 -53.84 1.88 -71.40
O2' PSU A 2093 -52.84 2.88 -71.48
C3' PSU A 2093 -53.51 0.72 -72.32
C4' PSU A 2093 -53.97 1.20 -73.68
O3' PSU A 2093 -52.13 0.38 -72.31
O4' PSU A 2093 -55.15 1.99 -73.38
C5' PSU A 2093 -54.31 0.14 -74.68
O5' PSU A 2093 -54.91 -0.99 -74.05
P PSU A 2093 -56.02 -1.84 -74.80
OP1 PSU A 2093 -55.55 -2.13 -76.17
OP2 PSU A 2093 -56.38 -2.94 -73.88
P A2M A 2248 -35.49 -14.18 -36.91
OP1 A2M A 2248 -36.97 -14.10 -37.10
O5' A2M A 2248 -35.38 -12.50 -36.32
C5' A2M A 2248 -34.20 -12.15 -35.79
C4' A2M A 2248 -34.41 -11.07 -34.76
O4' A2M A 2248 -34.78 -11.64 -33.53
C3' A2M A 2248 -33.13 -10.27 -34.57
O3' A2M A 2248 -33.20 -9.21 -35.44
C2' A2M A 2248 -33.02 -10.05 -33.04
O2' A2M A 2248 -33.50 -8.81 -32.49
C1' A2M A 2248 -33.85 -11.25 -32.56
CM' A2M A 2248 -34.88 -8.59 -32.63
N9 A2M A 2248 -33.06 -12.40 -32.25
C8 A2M A 2248 -31.75 -12.76 -32.57
N7 A2M A 2248 -31.41 -13.94 -32.08
C5 A2M A 2248 -32.53 -14.37 -31.43
C6 A2M A 2248 -32.83 -15.50 -30.70
N6 A2M A 2248 -31.91 -16.50 -30.53
N1 A2M A 2248 -34.04 -15.68 -30.12
C2 A2M A 2248 -34.93 -14.68 -30.30
N3 A2M A 2248 -34.80 -13.53 -30.96
C4 A2M A 2248 -33.57 -13.43 -31.51
OP2 A2M A 2248 -34.63 -14.50 -38.08
N1 OMC A 2265 -35.98 -21.40 -45.01
C2 OMC A 2265 -36.94 -20.40 -44.85
N3 OMC A 2265 -36.59 -19.29 -44.18
C4 OMC A 2265 -35.40 -19.13 -43.66
C5 OMC A 2265 -34.40 -20.13 -43.78
C6 OMC A 2265 -34.76 -21.23 -44.45
O2 OMC A 2265 -38.05 -20.50 -45.33
N4 OMC A 2265 -35.13 -18.01 -43.00
C1' OMC A 2265 -36.22 -22.69 -45.70
C2' OMC A 2265 -36.51 -22.52 -47.19
O2' OMC A 2265 -37.47 -23.50 -47.57
CM2 OMC A 2265 -38.78 -23.15 -47.20
C3' OMC A 2265 -35.16 -22.83 -47.81
C4' OMC A 2265 -34.59 -23.88 -46.87
O4' OMC A 2265 -35.08 -23.48 -45.57
O3' OMC A 2265 -35.25 -23.30 -49.14
C5' OMC A 2265 -33.10 -23.95 -46.84
O5' OMC A 2265 -32.54 -22.65 -46.77
P OMC A 2265 -30.99 -22.45 -46.52
OP1 OMC A 2265 -30.25 -23.09 -47.67
OP2 OMC A 2265 -30.73 -21.00 -46.18
P A2M A 2276 -27.86 -9.19 -56.60
OP1 A2M A 2276 -27.98 -8.23 -55.45
O5' A2M A 2276 -26.07 -9.04 -56.65
C5' A2M A 2276 -25.46 -8.75 -55.50
C4' A2M A 2276 -24.31 -7.80 -55.78
O4' A2M A 2276 -23.96 -7.92 -57.13
C3' A2M A 2276 -24.71 -6.36 -55.54
O3' A2M A 2276 -24.62 -6.17 -54.18
C2' A2M A 2276 -23.77 -5.61 -56.46
O2' A2M A 2276 -22.48 -5.51 -55.93
C1' A2M A 2276 -23.75 -6.62 -57.61
CM' A2M A 2276 -21.86 -4.35 -56.38
N9 A2M A 2276 -24.63 -6.42 -58.74
C8 A2M A 2276 -25.60 -7.22 -59.33
N7 A2M A 2276 -26.20 -6.64 -60.38
C5 A2M A 2276 -25.56 -5.42 -60.47
C6 A2M A 2276 -25.69 -4.35 -61.33
N6 A2M A 2276 -26.60 -4.35 -62.37
N1 A2M A 2276 -24.95 -3.23 -61.21
C2 A2M A 2276 -24.05 -3.23 -60.19
N3 A2M A 2276 -23.80 -4.17 -59.28
C4 A2M A 2276 -24.59 -5.25 -59.47
OP2 A2M A 2276 -28.57 -8.88 -57.87
N1 OMC A 2285 -42.61 0.51 -41.39
C2 OMC A 2285 -42.25 1.61 -42.18
N3 OMC A 2285 -43.13 2.05 -43.10
C4 OMC A 2285 -44.28 1.47 -43.27
C5 OMC A 2285 -44.68 0.34 -42.51
C6 OMC A 2285 -43.80 -0.09 -41.60
O2 OMC A 2285 -41.17 2.15 -42.01
N4 OMC A 2285 -45.09 1.95 -44.20
C1' OMC A 2285 -41.69 -0.06 -40.38
C2' OMC A 2285 -41.62 0.72 -39.08
O2' OMC A 2285 -40.27 0.70 -38.63
CM2 OMC A 2285 -39.33 1.29 -39.50
C3' OMC A 2285 -42.49 -0.12 -38.16
C4' OMC A 2285 -42.24 -1.53 -38.65
O4' OMC A 2285 -42.13 -1.37 -40.08
O3' OMC A 2285 -42.19 0.03 -36.79
C5' OMC A 2285 -43.32 -2.54 -38.33
O5' OMC A 2285 -44.53 -2.21 -38.99
P OMC A 2285 -45.70 -3.28 -39.11
OP1 OMC A 2285 -46.10 -3.71 -37.73
OP2 OMC A 2285 -46.73 -2.71 -40.07
N1 OMU A 2298 -14.19 22.56 -32.68
C2 OMU A 2298 -15.09 21.42 -32.31
N3 OMU A 2298 -16.47 21.33 -32.88
C4 OMU A 2298 -16.93 22.36 -33.79
C5 OMU A 2298 -16.03 23.49 -34.16
C6 OMU A 2298 -14.66 23.57 -33.59
O2 OMU A 2298 -14.71 20.57 -31.54
O4 OMU A 2298 -17.97 22.30 -34.23
C1' OMU A 2298 -12.82 22.62 -32.12
C2' OMU A 2298 -11.93 21.56 -32.75
O2' OMU A 2298 -10.93 21.19 -31.81
CM2 OMU A 2298 -11.19 19.98 -31.16
C3' OMU A 2298 -11.32 22.35 -33.89
C4' OMU A 2298 -11.07 23.69 -33.23
O3' OMU A 2298 -10.17 21.76 -34.45
O4' OMU A 2298 -12.25 23.88 -32.42
C5' OMU A 2298 -10.88 24.86 -34.15
O5' OMU A 2298 -11.88 24.92 -35.14
P OMU A 2298 -12.08 26.23 -36.03
OP1 OMU A 2298 -10.74 26.62 -36.58
OP2 OMU A 2298 -13.24 26.01 -36.94
N1 PSU A 2300 -15.62 16.72 -37.72
C2 PSU A 2300 -16.70 17.02 -38.51
N3 PSU A 2300 -17.69 16.10 -38.70
C4 PSU A 2300 -17.59 14.86 -38.11
C5 PSU A 2300 -16.49 14.56 -37.33
C6 PSU A 2300 -15.51 15.51 -37.14
O2 PSU A 2300 -16.78 18.13 -39.02
O4 PSU A 2300 -18.47 14.04 -38.29
C1' PSU A 2300 -16.35 13.23 -36.65
C2' PSU A 2300 -16.07 12.06 -37.58
O2' PSU A 2300 -16.71 10.91 -37.05
C3' PSU A 2300 -14.56 11.93 -37.46
C4' PSU A 2300 -14.31 12.27 -36.01
O3' PSU A 2300 -14.09 10.65 -37.81
O4' PSU A 2300 -15.29 13.30 -35.72
C5' PSU A 2300 -12.93 12.79 -35.70
O5' PSU A 2300 -12.50 13.73 -36.67
P PSU A 2300 -11.36 14.78 -36.36
OP1 PSU A 2300 -10.12 14.03 -36.09
OP2 PSU A 2300 -11.35 15.83 -37.38
N1 OMC A 2322 -7.95 4.14 -62.28
C2 OMC A 2322 -8.20 2.98 -61.52
N3 OMC A 2322 -8.83 3.10 -60.35
C4 OMC A 2322 -9.22 4.27 -59.89
C5 OMC A 2322 -8.98 5.47 -60.60
C6 OMC A 2322 -8.34 5.34 -61.78
O2 OMC A 2322 -7.85 1.89 -61.93
N4 OMC A 2322 -9.84 4.32 -58.71
C1' OMC A 2322 -7.22 4.16 -63.56
C2' OMC A 2322 -7.99 3.52 -64.72
O2' OMC A 2322 -7.05 2.78 -65.50
CM2 OMC A 2322 -6.53 1.65 -64.85
C3' OMC A 2322 -8.45 4.73 -65.50
C4' OMC A 2322 -7.36 5.75 -65.25
O4' OMC A 2322 -6.95 5.49 -63.89
O3' OMC A 2322 -8.64 4.47 -66.88
C5' OMC A 2322 -7.77 7.20 -65.37
O5' OMC A 2322 -8.77 7.52 -64.42
P OMC A 2322 -9.20 9.03 -64.16
OP1 OMC A 2322 -9.50 9.67 -65.51
OP2 OMC A 2322 -10.26 9.04 -63.08
P OMG A 2337 3.72 -24.86 -73.55
OP1 OMG A 2337 4.13 -26.32 -73.65
OP2 OMG A 2337 3.14 -24.15 -74.77
O5' OMG A 2337 2.67 -24.72 -72.37
C5' OMG A 2337 2.01 -23.50 -72.10
C4' OMG A 2337 1.51 -23.47 -70.68
O4' OMG A 2337 2.58 -23.86 -69.80
C3' OMG A 2337 1.08 -22.12 -70.14
O3' OMG A 2337 -0.24 -21.77 -70.51
C2' OMG A 2337 1.25 -22.28 -68.63
O2' OMG A 2337 0.09 -22.84 -68.05
CM2 OMG A 2337 -0.65 -21.94 -67.27
C1' OMG A 2337 2.38 -23.31 -68.53
N9 OMG A 2337 3.66 -22.73 -68.07
C8 OMG A 2337 4.32 -23.08 -66.92
N7 OMG A 2337 5.42 -22.43 -66.77
C5 OMG A 2337 5.52 -21.62 -67.87
C6 OMG A 2337 6.52 -20.69 -68.23
O6 OMG A 2337 7.53 -20.40 -67.65
N1 OMG A 2337 6.21 -20.08 -69.45
C2 OMG A 2337 5.10 -20.32 -70.20
N2 OMG A 2337 4.98 -19.64 -71.34
N3 OMG A 2337 4.19 -21.18 -69.85
C4 OMG A 2337 4.43 -21.80 -68.69
P OMG A 2415 -2.20 -1.35 -61.32
OP1 OMG A 2415 -2.68 -2.69 -61.86
OP2 OMG A 2415 -1.56 -1.28 -59.97
O5' OMG A 2415 -1.16 -0.76 -62.39
C5' OMG A 2415 -1.29 -1.05 -63.76
C4' OMG A 2415 -0.29 -0.27 -64.59
O4' OMG A 2415 -0.19 1.08 -64.11
C3' OMG A 2415 1.14 -0.76 -64.56
O3' OMG A 2415 1.37 -1.91 -65.35
C2' OMG A 2415 1.91 0.46 -65.01
O2' OMG A 2415 1.77 0.65 -66.40
CM2 OMG A 2415 2.44 1.78 -66.89
C1' OMG A 2415 1.13 1.55 -64.29
N9 OMG A 2415 1.71 1.84 -62.97
C8 OMG A 2415 1.17 1.53 -61.75
N7 OMG A 2415 1.94 1.92 -60.77
C5 OMG A 2415 3.01 2.51 -61.38
C6 OMG A 2415 4.16 3.12 -60.82
O6 OMG A 2415 4.46 3.25 -59.64
N1 OMG A 2415 5.00 3.60 -61.82
C2 OMG A 2415 4.79 3.51 -63.16
N2 OMG A 2415 5.73 4.02 -63.95
N3 OMG A 2415 3.73 2.95 -63.66
C4 OMG A 2415 2.89 2.47 -62.75
N1 PSU A 2425 0.80 -22.97 -50.51
C2 PSU A 2425 0.40 -24.08 -49.80
N3 PSU A 2425 -0.82 -24.64 -50.01
C4 PSU A 2425 -1.66 -24.08 -50.94
C5 PSU A 2425 -1.26 -22.96 -51.66
C6 PSU A 2425 -0.02 -22.41 -51.42
O2 PSU A 2425 1.14 -24.58 -48.97
O4 PSU A 2425 -2.75 -24.61 -51.10
C1' PSU A 2425 -2.20 -22.35 -52.64
C2' PSU A 2425 -3.27 -21.67 -51.76
O2' PSU A 2425 -4.52 -21.77 -52.40
C3' PSU A 2425 -2.78 -20.24 -51.75
C4' PSU A 2425 -2.25 -20.07 -53.15
O3' PSU A 2425 -3.78 -19.31 -51.40
O4' PSU A 2425 -1.62 -21.34 -53.44
C5' PSU A 2425 -1.29 -18.93 -53.37
O5' PSU A 2425 -0.29 -18.90 -52.37
P PSU A 2425 0.93 -17.90 -52.50
OP1 PSU A 2425 0.40 -16.57 -52.80
OP2 PSU A 2425 1.79 -18.10 -51.33
N1 PSU A 2427 -1.13 -19.03 -44.08
C2 PSU A 2427 0.04 -18.48 -43.61
N3 PSU A 2427 0.61 -18.95 -42.45
C4 PSU A 2427 0.01 -19.98 -41.77
C5 PSU A 2427 -1.16 -20.52 -42.26
C6 PSU A 2427 -1.71 -20.05 -43.42
O2 PSU A 2427 0.57 -17.56 -44.21
O4 PSU A 2427 0.54 -20.39 -40.75
C1' PSU A 2427 -1.81 -21.68 -41.54
C2' PSU A 2427 -2.49 -21.30 -40.23
O2' PSU A 2427 -2.33 -22.38 -39.33
C3' PSU A 2427 -3.94 -21.17 -40.66
C4' PSU A 2427 -4.07 -22.25 -41.72
O3' PSU A 2427 -4.86 -21.34 -39.60
O4' PSU A 2427 -2.79 -22.22 -42.39
C5' PSU A 2427 -5.16 -22.02 -42.73
O5' PSU A 2427 -4.98 -20.77 -43.37
P PSU A 2427 -5.79 -20.41 -44.68
OP1 PSU A 2427 -7.19 -20.45 -44.23
OP2 PSU A 2427 -5.22 -19.18 -45.25
N1 PSU A 2483 19.52 -28.18 -58.30
C2 PSU A 2483 19.75 -27.62 -57.06
N3 PSU A 2483 20.85 -26.83 -56.85
C4 PSU A 2483 21.74 -26.63 -57.88
C5 PSU A 2483 21.51 -27.20 -59.12
C6 PSU A 2483 20.38 -27.97 -59.31
O2 PSU A 2483 18.96 -27.81 -56.15
O4 PSU A 2483 22.73 -25.93 -57.69
C1' PSU A 2483 22.45 -26.96 -60.26
C2' PSU A 2483 23.68 -27.86 -60.29
O2' PSU A 2483 24.78 -27.10 -60.75
C3' PSU A 2483 23.27 -28.89 -61.33
C4' PSU A 2483 22.46 -28.07 -62.31
O3' PSU A 2483 24.36 -29.55 -61.95
O4' PSU A 2483 21.76 -27.13 -61.48
C5' PSU A 2483 21.49 -28.87 -63.14
O5' PSU A 2483 20.90 -29.90 -62.36
P PSU A 2483 19.56 -30.61 -62.83
OP1 PSU A 2483 19.84 -31.49 -63.98
OP2 PSU A 2483 18.93 -31.17 -61.62
N1 OMC A 2489 34.35 -39.48 -37.66
C2 OMC A 2489 33.93 -39.73 -38.99
N3 OMC A 2489 32.64 -39.52 -39.31
C4 OMC A 2489 31.77 -39.10 -38.45
C5 OMC A 2489 32.13 -38.83 -37.11
C6 OMC A 2489 33.41 -39.03 -36.78
O2 OMC A 2489 34.68 -40.13 -39.88
N4 OMC A 2489 30.52 -38.92 -38.84
C1' OMC A 2489 35.66 -39.60 -37.01
C2' OMC A 2489 36.71 -40.46 -37.73
O2' OMC A 2489 36.51 -41.83 -37.48
CM2 OMC A 2489 36.62 -42.61 -38.63
C3' OMC A 2489 38.00 -39.89 -37.16
C4' OMC A 2489 37.68 -38.41 -37.02
O4' OMC A 2489 36.23 -38.31 -36.92
O3' OMC A 2489 38.24 -40.44 -35.86
C5' OMC A 2489 38.14 -37.57 -38.19
O5' OMC A 2489 38.93 -38.34 -39.08
P OMC A 2489 39.01 -37.96 -40.62
OP1 OMC A 2489 40.17 -38.71 -41.24
OP2 OMC A 2489 37.62 -38.12 -41.21
P A2M A 2506 28.66 -57.03 -2.85
OP1 A2M A 2506 28.38 -56.76 -1.41
O5' A2M A 2506 27.10 -57.94 -3.07
C5' A2M A 2506 26.04 -57.48 -2.39
C4' A2M A 2506 24.77 -58.07 -2.97
O4' A2M A 2506 24.71 -57.78 -4.33
C3' A2M A 2506 24.72 -59.57 -2.82
O3' A2M A 2506 24.43 -59.84 -1.49
C2' A2M A 2506 23.72 -59.93 -3.90
O2' A2M A 2506 22.41 -59.55 -3.58
C1' A2M A 2506 24.27 -58.97 -4.96
CM' A2M A 2506 21.51 -60.01 -4.54
N9 A2M A 2506 25.34 -59.45 -5.80
C8 A2M A 2506 26.69 -59.17 -5.86
N7 A2M A 2506 27.35 -59.84 -6.80
C5 A2M A 2506 26.35 -60.60 -7.38
C6 A2M A 2506 26.33 -61.51 -8.41
N6 A2M A 2506 27.48 -61.85 -9.10
N1 A2M A 2506 25.21 -62.14 -8.79
C2 A2M A 2506 24.10 -61.81 -8.11
N3 A2M A 2506 23.93 -60.96 -7.10
C4 A2M A 2506 25.10 -60.38 -6.78
OP2 A2M A 2506 29.89 -57.78 -3.25
P OMG A 2532 37.60 -47.23 -39.06
OP1 OMG A 2532 38.46 -47.14 -40.32
OP2 OMG A 2532 37.93 -46.35 -37.87
O5' OMG A 2532 36.09 -46.99 -39.47
C5' OMG A 2532 35.42 -47.92 -40.28
C4' OMG A 2532 33.93 -47.90 -40.07
O4' OMG A 2532 33.62 -48.29 -38.71
C3' OMG A 2532 33.27 -46.54 -40.20
O3' OMG A 2532 33.08 -46.15 -41.54
C2' OMG A 2532 31.97 -46.74 -39.44
O2' OMG A 2532 31.06 -47.49 -40.23
CM2 OMG A 2532 29.76 -47.56 -39.66
C1' OMG A 2532 32.45 -47.63 -38.29
N9 OMG A 2532 32.74 -46.88 -37.07
C8 OMG A 2532 33.97 -46.67 -36.50
N7 OMG A 2532 33.88 -45.95 -35.42
C5 OMG A 2532 32.56 -45.69 -35.27
C6 OMG A 2532 31.87 -44.96 -34.27
O6 OMG A 2532 32.31 -44.39 -33.30
N1 OMG A 2532 30.50 -44.95 -34.52
C2 OMG A 2532 29.88 -45.55 -35.57
N2 OMG A 2532 28.55 -45.41 -35.63
N3 OMG A 2532 30.51 -46.22 -36.49
C4 OMG A 2532 31.82 -46.25 -36.28
P 5MC A 2570 27.19 -11.64 -55.21
OP1 5MC A 2570 26.12 -10.85 -55.95
OP2 5MC A 2570 28.52 -11.91 -55.88
O5' 5MC A 2570 27.49 -10.91 -53.84
C5' 5MC A 2570 26.45 -10.55 -52.96
C4' 5MC A 2570 26.98 -10.21 -51.59
O4' 5MC A 2570 27.96 -11.19 -51.20
C3' 5MC A 2570 27.72 -8.89 -51.47
O3' 5MC A 2570 26.84 -7.79 -51.34
C2' 5MC A 2570 28.60 -9.11 -50.24
O2' 5MC A 2570 27.87 -8.83 -49.06
C1' 5MC A 2570 28.86 -10.62 -50.28
N1 5MC A 2570 30.24 -10.94 -50.72
C2 5MC A 2570 31.35 -10.70 -49.92
O2 5MC A 2570 31.23 -10.20 -48.81
N3 5MC A 2570 32.56 -11.04 -50.40
C4 5MC A 2570 32.69 -11.58 -51.58
N4 5MC A 2570 33.92 -11.90 -51.99
C5 5MC A 2570 31.58 -11.86 -52.44
C6 5MC A 2570 30.39 -11.52 -51.94
CM5 5MC A 2570 31.75 -12.48 -53.78
P A2M A 2573 20.79 -5.45 -47.04
OP1 A2M A 2573 19.44 -4.99 -47.50
O5' A2M A 2573 20.12 -6.07 -45.49
C5' A2M A 2573 19.07 -6.89 -45.58
C4' A2M A 2573 18.88 -7.53 -44.23
O4' A2M A 2573 17.71 -8.31 -44.26
C3' A2M A 2573 20.07 -8.44 -43.89
O3' A2M A 2573 20.79 -7.85 -42.83
C2' A2M A 2573 19.46 -9.81 -43.70
O2' A2M A 2573 19.95 -10.52 -42.60
C1' A2M A 2573 18.01 -9.37 -43.44
CM' A2M A 2573 20.38 -11.78 -42.99
N9 A2M A 2573 17.06 -10.42 -43.56
C8 A2M A 2573 16.94 -11.48 -44.45
N7 A2M A 2573 15.92 -12.28 -44.18
C5 A2M A 2573 15.37 -11.72 -43.04
C6 A2M A 2573 14.32 -12.05 -42.24
N6 A2M A 2573 13.55 -13.16 -42.50
N1 A2M A 2573 13.97 -11.34 -41.15
C2 A2M A 2573 14.74 -10.27 -40.91
N3 A2M A 2573 15.80 -9.81 -41.57
C4 A2M A 2573 16.07 -10.58 -42.64
OP2 A2M A 2573 21.88 -4.44 -46.87
P OMG A 2580 30.04 3.83 -46.36
OP1 OMG A 2580 30.31 4.03 -47.85
OP2 OMG A 2580 28.99 2.83 -45.93
O5' OMG A 2580 31.40 3.42 -45.65
C5' OMG A 2580 32.58 4.20 -45.83
C4' OMG A 2580 33.74 3.32 -46.21
O4' OMG A 2580 33.38 1.94 -46.09
C3' OMG A 2580 34.20 3.45 -47.65
O3' OMG A 2580 35.02 4.58 -47.85
C2' OMG A 2580 34.91 2.13 -47.89
O2' OMG A 2580 36.24 2.17 -47.37
CM2 OMG A 2580 37.07 1.18 -47.92
C1' OMG A 2580 34.10 1.17 -47.02
N9 OMG A 2580 33.14 0.35 -47.79
C8 OMG A 2580 31.82 0.20 -47.46
N7 OMG A 2580 31.19 -0.57 -48.27
C5 OMG A 2580 32.13 -0.96 -49.18
C6 OMG A 2580 32.00 -1.81 -50.30
O6 OMG A 2580 31.01 -2.40 -50.71
N1 OMG A 2580 33.22 -1.94 -50.97
C2 OMG A 2580 34.39 -1.35 -50.60
N2 OMG A 2580 35.45 -1.60 -51.36
N3 OMG A 2580 34.49 -0.57 -49.57
C4 OMG A 2580 33.36 -0.41 -48.90
N1 OMC A 2596 34.23 -4.94 -54.92
C2 OMC A 2596 34.27 -4.36 -53.63
N3 OMC A 2596 33.14 -4.28 -52.91
C4 OMC A 2596 32.01 -4.72 -53.40
C5 OMC A 2596 31.90 -5.30 -54.70
C6 OMC A 2596 33.04 -5.37 -55.40
O2 OMC A 2596 35.31 -3.96 -53.16
N4 OMC A 2596 30.92 -4.61 -52.64
C1' OMC A 2596 35.39 -5.05 -55.81
C2' OMC A 2596 36.40 -6.13 -55.40
O2' OMC A 2596 37.70 -5.58 -55.49
CM2 OMC A 2596 38.09 -4.82 -54.37
C3' OMC A 2596 36.20 -7.19 -56.48
C4' OMC A 2596 35.76 -6.39 -57.68
O4' OMC A 2596 34.94 -5.36 -57.10
O3' OMC A 2596 37.37 -7.95 -56.75
C5' OMC A 2596 34.97 -7.16 -58.70
O5' OMC A 2596 33.82 -7.75 -58.13
P OMC A 2596 32.69 -8.41 -59.03
OP1 OMC A 2596 33.33 -9.50 -59.88
OP2 OMC A 2596 31.51 -8.75 -58.14
C1' UY1 A 2606 23.24 -25.97 -39.35
C2 UY1 A 2606 27.26 -23.96 -39.78
C2' UY1 A 2606 22.08 -25.04 -39.74
C3' UY1 A 2606 21.56 -25.68 -41.03
C4 UY1 A 2606 25.35 -24.78 -38.30
C4' UY1 A 2606 21.91 -27.14 -40.84
C5 UY1 A 2606 24.64 -25.27 -39.51
C5' UY1 A 2606 22.03 -27.94 -42.11
C6 UY1 A 2606 25.25 -25.10 -40.86
CM2 UY1 A 2606 21.57 -24.53 -37.54
N1 UY1 A 2606 26.53 -24.46 -41.01
N3 UY1 A 2606 26.65 -24.12 -38.43
O2 UY1 A 2606 28.30 -23.45 -39.90
O2' UY1 A 2606 21.11 -25.08 -38.72
O3' UY1 A 2606 20.17 -25.48 -41.24
O4 UY1 A 2606 24.87 -24.91 -37.25
O4' UY1 A 2606 23.18 -27.10 -40.17
O5' UY1 A 2606 22.23 -29.31 -41.82
OP1 UY1 A 2606 21.58 -31.70 -41.63
OP2 UY1 A 2606 19.90 -29.81 -41.12
P UY1 A 2606 21.03 -30.34 -41.93
N1 PSU A 2610 18.34 -19.89 -55.75
C2 PSU A 2610 17.35 -20.81 -55.99
N3 PSU A 2610 17.23 -21.40 -57.23
C4 PSU A 2610 18.09 -21.05 -58.24
C5 PSU A 2610 19.07 -20.10 -57.99
C6 PSU A 2610 19.19 -19.55 -56.73
O2 PSU A 2610 16.58 -21.13 -55.09
O4 PSU A 2610 17.96 -21.57 -59.33
C1' PSU A 2610 20.09 -19.70 -59.02
C2' PSU A 2610 19.59 -19.06 -60.32
O2' PSU A 2610 20.34 -19.61 -61.39
C3' PSU A 2610 19.94 -17.59 -60.12
C4' PSU A 2610 21.17 -17.64 -59.24
O3' PSU A 2610 20.18 -16.91 -61.33
O4' PSU A 2610 20.99 -18.81 -58.41
C5' PSU A 2610 21.38 -16.44 -58.37
O5' PSU A 2610 22.65 -16.47 -57.74
P PSU A 2610 22.83 -15.92 -56.25
OP1 PSU A 2610 23.28 -14.52 -56.36
OP2 PSU A 2610 21.63 -16.26 -55.49
P A2M A 2613 7.41 -13.75 -63.88
OP1 A2M A 2613 6.95 -12.69 -64.81
O5' A2M A 2613 6.10 -14.68 -63.08
C5' A2M A 2613 5.25 -15.31 -63.88
C4' A2M A 2613 4.35 -16.18 -63.04
O4' A2M A 2613 5.09 -17.28 -62.59
C3' A2M A 2613 3.84 -15.46 -61.82
O3' A2M A 2613 2.82 -14.61 -62.23
C2' A2M A 2613 3.51 -16.62 -60.90
O2' A2M A 2613 2.38 -17.34 -61.28
C1' A2M A 2613 4.76 -17.42 -61.23
CM' A2M A 2613 2.00 -18.22 -60.28
N9 A2M A 2613 5.93 -17.13 -60.45
C8 A2M A 2613 7.06 -16.38 -60.71
N7 A2M A 2613 7.92 -16.36 -59.69
C5 A2M A 2613 7.29 -17.15 -58.74
C6 A2M A 2613 7.61 -17.53 -57.46
N6 A2M A 2613 8.80 -17.14 -56.87
N1 A2M A 2613 6.80 -18.31 -56.71
C2 A2M A 2613 5.65 -18.69 -57.31
N3 A2M A 2613 5.19 -18.40 -58.52
C4 A2M A 2613 6.05 -17.62 -59.19
OP2 A2M A 2613 8.03 -13.35 -62.57
P A2M A 2618 5.68 -4.42 -45.81
OP1 A2M A 2618 5.01 -3.41 -44.97
O5' A2M A 2618 7.46 -4.29 -45.91
C5' A2M A 2618 8.13 -4.44 -44.77
C4' A2M A 2618 9.62 -4.43 -45.03
O4' A2M A 2618 10.02 -5.67 -45.56
C3' A2M A 2618 10.05 -3.38 -46.03
O3' A2M A 2618 9.94 -2.15 -45.41
C2' A2M A 2618 11.41 -3.91 -46.42
O2' A2M A 2618 12.31 -3.89 -45.35
C1' A2M A 2618 10.90 -5.35 -46.61
CM' A2M A 2618 13.57 -3.44 -45.76
N9 A2M A 2618 10.24 -5.61 -47.85
C8 A2M A 2618 8.91 -5.85 -48.17
N7 A2M A 2618 8.71 -6.06 -49.47
C5 A2M A 2618 9.97 -5.93 -50.01
C6 A2M A 2618 10.48 -6.01 -51.28
N6 A2M A 2618 9.68 -6.28 -52.36
N1 A2M A 2618 11.78 -5.85 -51.55
C2 A2M A 2618 12.57 -5.59 -50.49
N3 A2M A 2618 12.26 -5.47 -49.21
C4 A2M A 2618 10.94 -5.65 -49.03
OP2 A2M A 2618 5.51 -4.35 -47.30
N1 OMC A 2629 1.56 20.62 -50.11
C2 OMC A 2629 1.65 21.13 -51.41
N3 OMC A 2629 0.57 21.07 -52.20
C4 OMC A 2629 -0.55 20.53 -51.79
C5 OMC A 2629 -0.68 19.98 -50.49
C6 OMC A 2629 0.40 20.05 -49.71
O2 OMC A 2629 2.69 21.64 -51.79
N4 OMC A 2629 -1.58 20.49 -52.63
C1' OMC A 2629 2.70 20.60 -49.17
C2' OMC A 2629 3.02 21.97 -48.58
O2' OMC A 2629 4.43 22.03 -48.36
CM2 OMC A 2629 5.19 22.04 -49.54
C3' OMC A 2629 2.28 21.90 -47.26
C4' OMC A 2629 2.47 20.45 -46.86
O4' OMC A 2629 2.41 19.73 -48.10
O3' OMC A 2629 2.76 22.80 -46.29
C5' OMC A 2629 1.45 19.90 -45.90
O5' OMC A 2629 0.19 19.76 -46.54
P OMC A 2629 -1.05 19.08 -45.80
OP1 OMC A 2629 -0.97 19.50 -44.35
OP2 OMC A 2629 -2.29 19.39 -46.62
N1 PSU A 2632 -4.99 24.22 -46.47
C2 PSU A 2632 -5.85 23.86 -47.48
N3 PSU A 2632 -6.39 24.81 -48.30
C4 PSU A 2632 -6.10 26.14 -48.10
C5 PSU A 2632 -5.24 26.50 -47.08
C6 PSU A 2632 -4.70 25.52 -46.27
O2 PSU A 2632 -6.11 22.67 -47.65
O4 PSU A 2632 -6.61 26.96 -48.84
C1' PSU A 2632 -4.89 27.95 -46.84
C2' PSU A 2632 -6.11 28.67 -46.26
O2' PSU A 2632 -6.00 30.04 -46.60
C3' PSU A 2632 -5.87 28.47 -44.78
C4' PSU A 2632 -4.37 28.63 -44.66
O3' PSU A 2632 -6.60 29.36 -43.95
O4' PSU A 2632 -3.87 28.02 -45.88
C5' PSU A 2632 -3.72 27.96 -43.48
O5' PSU A 2632 -2.32 28.19 -43.45
P PSU A 2632 -1.29 27.01 -43.73
OP1 PSU A 2632 -0.03 27.61 -43.30
OP2 PSU A 2632 -1.77 25.77 -43.14
N1 PSU A 2639 -22.81 20.18 -34.98
C2 PSU A 2639 -21.60 20.81 -34.92
N3 PSU A 2639 -20.59 20.30 -34.15
C4 PSU A 2639 -20.79 19.15 -33.44
C5 PSU A 2639 -22.01 18.50 -33.51
C6 PSU A 2639 -23.02 19.04 -34.30
O2 PSU A 2639 -21.43 21.84 -35.56
O4 PSU A 2639 -19.87 18.70 -32.76
C1' PSU A 2639 -22.27 17.22 -32.76
C2' PSU A 2639 -22.26 17.34 -31.25
O2' PSU A 2639 -21.62 16.19 -30.72
C3' PSU A 2639 -23.74 17.34 -30.91
C4' PSU A 2639 -24.31 16.41 -31.97
O3' PSU A 2639 -24.01 16.89 -29.60
O4' PSU A 2639 -23.52 16.69 -33.14
C5' PSU A 2639 -25.77 16.58 -32.28
O5' PSU A 2639 -26.29 15.45 -32.94
P PSU A 2639 -27.51 15.59 -33.94
OP1 PSU A 2639 -28.71 14.94 -33.37
OP2 PSU A 2639 -27.57 16.98 -34.39
N1 PSU A 2641 -25.24 22.22 -29.33
C2 PSU A 2641 -26.47 22.59 -29.83
N3 PSU A 2641 -26.85 23.91 -29.82
C4 PSU A 2641 -26.00 24.86 -29.31
C5 PSU A 2641 -24.76 24.48 -28.81
C6 PSU A 2641 -24.41 23.15 -28.84
O2 PSU A 2641 -27.22 21.75 -30.28
O4 PSU A 2641 -26.39 26.02 -29.31
C1' PSU A 2641 -23.78 25.47 -28.25
C2' PSU A 2641 -24.30 26.27 -27.05
O2' PSU A 2641 -23.75 27.57 -27.13
C3' PSU A 2641 -23.68 25.52 -25.89
C4' PSU A 2641 -22.33 25.09 -26.45
O3' PSU A 2641 -23.54 26.31 -24.73
O4' PSU A 2641 -22.62 24.78 -27.83
C5' PSU A 2641 -21.74 23.88 -25.78
O5' PSU A 2641 -22.70 22.84 -25.71
P PSU A 2641 -22.32 21.43 -25.09
OP1 PSU A 2641 -21.73 21.65 -23.76
OP2 PSU A 2641 -23.55 20.65 -25.26
P A2M A 2655 -11.45 23.22 1.60
OP1 A2M A 2655 -12.83 23.40 2.14
O5' A2M A 2655 -10.73 24.68 0.83
C5' A2M A 2655 -10.27 24.56 -0.42
C4' A2M A 2655 -8.94 25.26 -0.52
O4' A2M A 2655 -7.95 24.31 -0.30
C3' A2M A 2655 -8.73 25.91 -1.85
O3' A2M A 2655 -9.29 27.17 -1.76
C2' A2M A 2655 -7.23 25.83 -2.00
O2' A2M A 2655 -6.60 26.84 -1.29
C1' A2M A 2655 -6.99 24.50 -1.29
CM' A2M A 2655 -5.23 26.70 -1.33
N9 A2M A 2655 -6.93 23.30 -2.08
C8 A2M A 2655 -7.77 22.19 -2.18
N7 A2M A 2655 -7.33 21.27 -3.04
C5 A2M A 2655 -6.15 21.81 -3.51
C6 A2M A 2655 -5.19 21.40 -4.41
N6 A2M A 2655 -5.30 20.19 -5.07
N1 A2M A 2655 -4.11 22.13 -4.71
C2 A2M A 2655 -4.01 23.31 -4.06
N3 A2M A 2655 -4.83 23.87 -3.17
C4 A2M A 2655 -5.89 23.07 -2.93
OP2 A2M A 2655 -11.26 22.37 0.38
N1 OMC A 2657 -1.91 34.98 -7.29
C2 OMC A 2657 -0.95 35.98 -7.05
N3 OMC A 2657 -0.51 36.15 -5.79
C4 OMC A 2657 -0.95 35.41 -4.81
C5 OMC A 2657 -1.92 34.39 -5.00
C6 OMC A 2657 -2.35 34.24 -6.25
O2 OMC A 2657 -0.54 36.67 -7.97
N4 OMC A 2657 -0.46 35.62 -3.60
C1' OMC A 2657 -2.47 34.72 -8.63
C2' OMC A 2657 -1.48 33.97 -9.53
O2' OMC A 2657 -1.76 34.30 -10.87
CM2 OMC A 2657 -0.65 34.81 -11.55
C3' OMC A 2657 -1.90 32.53 -9.25
C4' OMC A 2657 -3.40 32.64 -9.17
O4' OMC A 2657 -3.62 33.91 -8.50
O3' OMC A 2657 -1.45 31.60 -10.22
C5' OMC A 2657 -4.09 31.55 -8.41
O5' OMC A 2657 -3.57 31.46 -7.09
P OMC A 2657 -4.52 31.31 -5.83
OP1 OMC A 2657 -3.70 31.55 -4.58
OP2 OMC A 2657 -5.77 32.12 -6.09
N1 PSU A 2672 7.70 37.24 1.28
C2 PSU A 2672 7.61 36.96 -0.05
N3 PSU A 2672 8.56 37.43 -0.92
C4 PSU A 2672 9.59 38.20 -0.44
C5 PSU A 2672 9.67 38.50 0.91
C6 PSU A 2672 8.70 38.00 1.76
O2 PSU A 2672 6.70 36.26 -0.48
O4 PSU A 2672 10.44 38.63 -1.21
C1' PSU A 2672 10.79 39.34 1.41
C2' PSU A 2672 10.44 40.81 1.22
O2' PSU A 2672 11.63 41.53 0.97
C3' PSU A 2672 9.90 41.15 2.60
C4' PSU A 2672 10.82 40.36 3.51
O3' PSU A 2672 9.89 42.53 2.87
O4' PSU A 2672 11.03 39.13 2.78
C5' PSU A 2672 10.26 40.04 4.87
O5' PSU A 2672 8.97 39.47 4.78
P PSU A 2672 8.27 38.82 6.04
OP1 PSU A 2672 8.41 39.77 7.16
OP2 PSU A 2672 6.94 38.35 5.64
N1 OMC A 2675 -0.84 43.49 -4.04
C2 OMC A 2675 -1.50 42.81 -2.99
N3 OMC A 2675 -1.91 43.52 -1.94
C4 OMC A 2675 -1.71 44.80 -1.85
C5 OMC A 2675 -1.06 45.54 -2.89
C6 OMC A 2675 -0.66 44.82 -3.94
O2 OMC A 2675 -1.68 41.61 -3.07
N4 OMC A 2675 -2.14 45.43 -0.76
C1' OMC A 2675 -0.37 42.78 -5.25
C2' OMC A 2675 -1.52 42.35 -6.15
O2' OMC A 2675 -1.12 41.18 -6.85
CM2 OMC A 2675 -1.70 40.00 -6.36
C3' OMC A 2675 -1.62 43.54 -7.08
C4' OMC A 2675 -0.17 43.90 -7.30
O4' OMC A 2675 0.43 43.65 -6.00
O3' OMC A 2675 -2.32 43.27 -8.29
C5' OMC A 2675 0.09 45.32 -7.72
O5' OMC A 2675 1.40 45.49 -8.21
P OMC A 2675 2.41 46.47 -7.48
OP1 OMC A 2675 2.50 47.77 -8.25
OP2 OMC A 2675 2.05 46.50 -6.01
P OMG A 2687 3.17 21.94 -18.55
OP1 OMG A 2687 4.31 20.98 -18.79
OP2 OMG A 2687 1.75 21.38 -18.48
O5' OMG A 2687 3.44 22.73 -17.22
C5' OMG A 2687 3.32 22.11 -15.97
C4' OMG A 2687 2.78 23.04 -14.92
O4' OMG A 2687 1.79 23.92 -15.48
C3' OMG A 2687 2.05 22.35 -13.79
O3' OMG A 2687 2.92 21.78 -12.85
C2' OMG A 2687 1.18 23.45 -13.26
O2' OMG A 2687 1.95 24.36 -12.49
CM2 OMG A 2687 1.22 25.00 -11.48
C1' OMG A 2687 0.77 24.15 -14.54
N9 OMG A 2687 -0.49 23.61 -15.09
C8 OMG A 2687 -0.66 22.99 -16.30
N7 OMG A 2687 -1.89 22.64 -16.51
C5 OMG A 2687 -2.56 23.03 -15.39
C6 OMG A 2687 -3.93 22.90 -15.05
O6 OMG A 2687 -4.84 22.41 -15.69
N1 OMG A 2687 -4.17 23.45 -13.79
C2 OMG A 2687 -3.26 24.02 -12.99
N2 OMG A 2687 -3.69 24.49 -11.81
N3 OMG A 2687 -2.00 24.14 -13.30
C4 OMG A 2687 -1.71 23.64 -14.50
N1 PSU A 2708 16.25 -26.44 -16.43
C2 PSU A 2708 17.23 -26.27 -15.49
N3 PSU A 2708 18.50 -25.95 -15.86
C4 PSU A 2708 18.81 -25.80 -17.18
C5 PSU A 2708 17.83 -25.98 -18.14
C6 PSU A 2708 16.54 -26.29 -17.73
O2 PSU A 2708 16.96 -26.40 -14.30
O4 PSU A 2708 19.95 -25.51 -17.50
C1' PSU A 2708 18.11 -25.80 -19.60
C2' PSU A 2708 18.96 -26.92 -20.19
O2' PSU A 2708 19.85 -26.35 -21.14
C3' PSU A 2708 17.90 -27.77 -20.89
C4' PSU A 2708 16.91 -26.72 -21.37
O3' PSU A 2708 18.42 -28.54 -21.95
O4' PSU A 2708 16.91 -25.73 -20.32
C5' PSU A 2708 15.50 -27.21 -21.60
O5' PSU A 2708 14.89 -27.61 -20.40
P PSU A 2708 13.36 -28.05 -20.35
OP1 PSU A 2708 13.13 -29.11 -21.35
OP2 PSU A 2708 13.27 -28.30 -18.91
N1 OMU A 2713 20.15 -35.08 -5.88
C2 OMU A 2713 18.78 -34.88 -6.47
N3 OMU A 2713 18.63 -34.60 -7.93
C4 OMU A 2713 19.80 -34.51 -8.76
C5 OMU A 2713 21.15 -34.72 -8.16
C6 OMU A 2713 21.30 -34.99 -6.71
O2 OMU A 2713 17.80 -34.96 -5.77
O4 OMU A 2713 19.70 -34.29 -9.86
C1' OMU A 2713 20.28 -35.35 -4.44
C2' OMU A 2713 20.18 -36.85 -4.12
O2' OMU A 2713 19.54 -36.98 -2.86
CM2 OMU A 2713 18.20 -36.60 -2.87
C3' OMU A 2713 21.65 -37.23 -4.00
C4' OMU A 2713 22.25 -35.99 -3.35
O3' OMU A 2713 21.88 -38.41 -3.26
O4' OMU A 2713 21.55 -34.91 -4.00
C5' OMU A 2713 23.73 -35.82 -3.51
O5' OMU A 2713 24.12 -36.02 -4.86
P OMU A 2713 25.59 -35.68 -5.34
OP1 OMU A 2713 26.55 -36.40 -4.45
OP2 OMU A 2713 25.63 -35.90 -6.83
P OMG A 2883 28.51 2.78 -7.53
OP1 OMG A 2883 29.49 2.26 -8.55
OP2 OMG A 2883 27.44 3.78 -7.95
O5' OMG A 2883 27.78 1.54 -6.86
C5' OMG A 2883 26.75 1.72 -5.91
C4' OMG A 2883 25.47 1.06 -6.34
O4' OMG A 2883 24.91 1.77 -7.47
C3' OMG A 2883 25.60 -0.38 -6.85
O3' OMG A 2883 25.67 -1.32 -5.80
C2' OMG A 2883 24.36 -0.53 -7.72
O2' OMG A 2883 23.22 -0.80 -6.91
CM2 OMG A 2883 22.00 -0.79 -7.61
C1' OMG A 2883 24.22 0.88 -8.31
N9 OMG A 2883 24.76 0.98 -9.66
C8 OMG A 2883 25.77 1.82 -10.05
N7 OMG A 2883 26.04 1.72 -11.32
C5 OMG A 2883 25.18 0.78 -11.79
C6 OMG A 2883 25.01 0.26 -13.09
O6 OMG A 2883 25.61 0.54 -14.11
N1 OMG A 2883 23.99 -0.70 -13.12
C2 OMG A 2883 23.25 -1.08 -12.05
N2 OMG A 2883 22.32 -2.02 -12.29
N3 OMG A 2883 23.40 -0.61 -10.86
C4 OMG A 2883 24.37 0.31 -10.77
C2 6MZ A 2907 41.30 6.95 2.63
C4 6MZ A 2907 40.31 4.97 3.37
C5 6MZ A 2907 41.34 4.76 4.18
O1P 6MZ A 2907 39.58 0.19 6.07
O2P 6MZ A 2907 37.48 -1.14 5.91
N9 6MZ A 2907 39.46 3.96 3.52
N3 6MZ A 2907 40.29 6.06 2.59
N1 6MZ A 2907 42.35 6.72 3.45
C6 6MZ A 2907 42.38 5.66 4.21
N6 6MZ A 2907 43.56 5.48 5.07
C9 6MZ A 2907 44.63 6.46 5.00
N7 6MZ A 2907 41.13 3.61 4.81
C8 6MZ A 2907 39.96 3.13 4.41
O5' 6MZ A 2907 37.49 1.38 5.08
C5' 6MZ A 2907 36.63 1.01 3.98
C4' 6MZ A 2907 36.82 1.97 3.00
O4' 6MZ A 2907 37.29 3.29 3.65
C1' 6MZ A 2907 38.18 3.79 2.84
C2' 6MZ A 2907 38.35 2.72 1.63
O2' 6MZ A 2907 37.45 3.07 0.58
C3' 6MZ A 2907 38.01 1.57 2.14
O3' 6MZ A 2907 37.57 0.63 1.06
P 6MZ A 2907 38.10 0.24 6.14
N1 OMU A 2914 50.53 -14.65 3.49
C2 OMU A 2914 49.12 -14.71 4.02
N3 OMU A 2914 48.02 -14.03 3.29
C4 OMU A 2914 48.32 -13.30 2.08
C5 OMU A 2914 49.73 -13.26 1.57
C6 OMU A 2914 50.82 -13.93 2.29
O2 OMU A 2914 48.87 -15.32 5.04
O4 OMU A 2914 47.50 -12.78 1.52
C1' OMU A 2914 51.62 -15.34 4.21
C2' OMU A 2914 51.64 -16.84 3.94
O2' OMU A 2914 52.03 -17.51 5.13
CM2 OMU A 2914 51.10 -17.42 6.16
C3' OMU A 2914 52.75 -16.94 2.90
C4' OMU A 2914 53.72 -15.88 3.35
O3' OMU A 2914 53.34 -18.22 2.81
O4' OMU A 2914 52.85 -14.80 3.78
C5' OMU A 2914 54.70 -15.40 2.33
O5' OMU A 2914 54.05 -14.91 1.16
P OMU A 2914 54.88 -14.30 -0.04
OP1 OMU A 2914 55.90 -15.30 -0.48
OP2 OMU A 2914 53.90 -13.75 -1.04
P OMG A 2915 52.93 -19.23 1.64
OP1 OMG A 2915 54.15 -20.02 1.22
OP2 OMG A 2915 52.15 -18.43 0.60
O5' OMG A 2915 51.92 -20.22 2.34
C5' OMG A 2915 52.16 -20.71 3.66
C4' OMG A 2915 51.03 -21.59 4.15
O4' OMG A 2915 49.88 -20.76 4.44
C3' OMG A 2915 50.54 -22.65 3.17
O3' OMG A 2915 49.97 -23.72 3.89
C2' OMG A 2915 49.42 -21.92 2.46
O2' OMG A 2915 48.50 -22.74 1.79
CM2 OMG A 2915 48.80 -22.87 0.43
C1' OMG A 2915 48.80 -21.16 3.62
N9 OMG A 2915 48.03 -19.97 3.25
C8 OMG A 2915 48.30 -19.03 2.29
N7 OMG A 2915 47.38 -18.12 2.23
C5 OMG A 2915 46.47 -18.47 3.19
C6 OMG A 2915 45.26 -17.86 3.59
O6 OMG A 2915 44.73 -16.85 3.17
N1 OMG A 2915 44.67 -18.59 4.62
C2 OMG A 2915 45.14 -19.73 5.18
N2 OMG A 2915 44.43 -20.28 6.17
N3 OMG A 2915 46.26 -20.28 4.81
C4 OMG A 2915 46.87 -19.63 3.83
N1 PSU A 2980 59.91 -31.39 26.81
C2 PSU A 2980 60.29 -31.69 28.10
N3 PSU A 2980 60.47 -33.00 28.48
C4 PSU A 2980 60.28 -34.00 27.55
C5 PSU A 2980 59.91 -33.69 26.27
C6 PSU A 2980 59.73 -32.36 25.91
O2 PSU A 2980 60.45 -30.80 28.91
O4 PSU A 2980 60.44 -35.16 27.88
C1' PSU A 2980 59.70 -34.78 25.26
C2' PSU A 2980 58.33 -35.42 25.41
O2' PSU A 2980 58.44 -36.80 25.09
C3' PSU A 2980 57.53 -34.69 24.35
C4' PSU A 2980 58.54 -34.51 23.25
O3' PSU A 2980 56.38 -35.38 23.94
O4' PSU A 2980 59.78 -34.26 23.94
C5' PSU A 2980 58.29 -33.39 22.29
O5' PSU A 2980 58.40 -32.14 22.93
P PSU A 2980 57.79 -30.82 22.27
OP1 PSU A 2980 56.43 -31.17 21.80
OP2 PSU A 2980 57.96 -29.71 23.22
N1 PSU A 2983 51.04 -28.15 33.63
C2 PSU A 2983 51.63 -27.09 34.25
N3 PSU A 2983 51.28 -26.74 35.53
C4 PSU A 2983 50.30 -27.47 36.19
C5 PSU A 2983 49.71 -28.55 35.55
C6 PSU A 2983 50.10 -28.87 34.26
O2 PSU A 2983 52.48 -26.44 33.66
O4 PSU A 2983 49.98 -27.16 37.33
C1' PSU A 2983 48.66 -29.36 36.26
C2' PSU A 2983 47.28 -28.70 36.16
O2' PSU A 2983 46.58 -28.98 37.37
C3' PSU A 2983 46.66 -29.46 35.01
C4' PSU A 2983 47.19 -30.87 35.25
O3' PSU A 2983 45.26 -29.41 34.96
O4' PSU A 2983 48.55 -30.65 35.69
C5' PSU A 2983 47.18 -31.76 34.05
O5' PSU A 2983 47.35 -31.02 32.86
P PSU A 2983 47.83 -31.75 31.53
OP1 PSU A 2983 46.61 -32.33 30.94
OP2 PSU A 2983 48.67 -30.81 30.77
N1 PSU A 2986 47.12 -18.06 31.39
C2 PSU A 2986 47.74 -18.19 30.17
N3 PSU A 2986 48.70 -17.29 29.79
C4 PSU A 2986 49.03 -16.25 30.62
C5 PSU A 2986 48.39 -16.12 31.84
C6 PSU A 2986 47.43 -17.04 32.21
O2 PSU A 2986 47.45 -19.12 29.42
O4 PSU A 2986 49.89 -15.46 30.26
C1' PSU A 2986 48.71 -15.01 32.80
C2' PSU A 2986 48.35 -13.63 32.25
O2' PSU A 2986 49.30 -12.71 32.74
C3' PSU A 2986 47.00 -13.40 32.90
C4' PSU A 2986 47.21 -14.01 34.28
O3' PSU A 2986 46.61 -12.05 32.96
O4' PSU A 2986 48.02 -15.19 34.02
C5' PSU A 2986 45.96 -14.40 35.02
O5' PSU A 2986 45.20 -15.36 34.30
P PSU A 2986 44.22 -16.34 35.07
OP1 PSU A 2986 43.14 -15.55 35.68
OP2 PSU A 2986 43.90 -17.40 34.10
N1 OMU A 2993 34.85 -15.21 23.94
C2 OMU A 2993 34.85 -15.75 22.55
N3 OMU A 2993 35.44 -14.96 21.43
C4 OMU A 2993 36.00 -13.66 21.70
C5 OMU A 2993 36.00 -13.13 23.09
C6 OMU A 2993 35.42 -13.92 24.19
O2 OMU A 2993 34.37 -16.85 22.31
O4 OMU A 2993 36.45 -13.05 20.86
C1' OMU A 2993 34.27 -15.98 25.06
C2' OMU A 2993 35.13 -17.19 25.42
O2' OMU A 2993 34.29 -18.16 26.00
CM2 OMU A 2993 33.39 -18.74 25.11
C3' OMU A 2993 36.05 -16.59 26.46
C4' OMU A 2993 35.10 -15.70 27.23
O3' OMU A 2993 36.70 -17.55 27.27
O4' OMU A 2993 34.24 -15.15 26.20
C5' OMU A 2993 35.71 -14.59 28.03
O5' OMU A 2993 34.71 -13.87 28.72
P OMU A 2993 35.06 -12.93 29.95
OP1 OMU A 2993 33.80 -12.27 30.40
OP2 OMU A 2993 35.92 -13.66 30.95
N1 PSU A 2999 53.84 -18.29 27.76
C2 PSU A 2999 53.04 -18.61 28.83
N3 PSU A 2999 52.87 -17.73 29.87
C4 PSU A 2999 53.51 -16.51 29.83
C5 PSU A 2999 54.33 -16.20 28.76
C6 PSU A 2999 54.47 -17.11 27.72
O2 PSU A 2999 52.47 -19.70 28.86
O4 PSU A 2999 53.37 -15.72 30.76
C1' PSU A 2999 55.04 -14.88 28.69
C2' PSU A 2999 56.28 -14.87 29.57
O2' PSU A 2999 56.48 -13.55 30.04
C3' PSU A 2999 57.36 -15.27 28.57
C4' PSU A 2999 56.91 -14.55 27.32
O3' PSU A 2999 58.67 -14.92 28.97
O4' PSU A 2999 55.47 -14.64 27.35
C5' PSU A 2999 57.42 -15.13 26.02
O5' PSU A 2999 57.17 -16.52 25.96
P PSU A 2999 57.44 -17.34 24.63
OP1 PSU A 2999 58.88 -17.23 24.32
OP2 PSU A 2999 56.84 -18.66 24.81
N1 PSU A 3040 31.37 -54.74 29.46
C2 PSU A 3040 32.18 -55.13 28.43
N3 PSU A 3040 31.73 -55.12 27.14
C4 PSU A 3040 30.45 -54.71 26.87
C5 PSU A 3040 29.64 -54.31 27.91
C6 PSU A 3040 30.11 -54.33 29.21
O2 PSU A 3040 33.33 -55.50 28.67
O4 PSU A 3040 30.06 -54.70 25.72
C1' PSU A 3040 28.24 -53.87 27.60
C2' PSU A 3040 27.32 -55.07 27.41
O2' PSU A 3040 26.42 -54.77 26.37
C3' PSU A 3040 26.61 -55.13 28.75
C4' PSU A 3040 26.50 -53.68 29.15
O3' PSU A 3040 25.35 -55.76 28.68
O4' PSU A 3040 27.72 -53.08 28.66
C5' PSU A 3040 26.37 -53.41 30.63
O5' PSU A 3040 27.44 -53.98 31.35
P PSU A 3040 27.63 -53.69 32.90
OP1 PSU A 3040 26.34 -53.94 33.58
OP2 PSU A 3040 28.86 -54.37 33.33
N1 PSU A 3048 34.46 -56.98 23.12
C2 PSU A 3048 33.50 -56.42 23.92
N3 PSU A 3048 32.28 -56.10 23.41
C4 PSU A 3048 32.00 -56.34 22.09
C5 PSU A 3048 32.97 -56.90 21.28
C6 PSU A 3048 34.19 -57.23 21.83
O2 PSU A 3048 33.73 -56.20 25.11
O4 PSU A 3048 30.90 -56.03 21.65
C1' PSU A 3048 32.70 -57.19 19.83
C2' PSU A 3048 32.59 -55.91 19.02
O2' PSU A 3048 31.71 -56.16 17.94
C3' PSU A 3048 34.01 -55.77 18.51
C4' PSU A 3048 34.37 -57.20 18.20
O3' PSU A 3048 34.13 -54.91 17.40
O4' PSU A 3048 33.75 -57.94 19.28
C5' PSU A 3048 35.84 -57.51 18.14
O5' PSU A 3048 36.48 -57.19 19.36
P PSU A 3048 37.87 -57.85 19.74
OP1 PSU A 3048 38.84 -57.45 18.71
OP2 PSU A 3048 38.12 -57.57 21.17
P OMG A 3057 45.45 -33.14 10.49
OP1 OMG A 3057 46.28 -32.39 9.48
OP2 OMG A 3057 44.67 -32.38 11.55
O5' OMG A 3057 44.43 -34.07 9.68
C5' OMG A 3057 44.88 -34.94 8.66
C4' OMG A 3057 43.73 -35.72 8.08
O4' OMG A 3057 43.23 -36.65 9.08
C3' OMG A 3057 42.52 -34.89 7.69
O3' OMG A 3057 42.63 -34.34 6.41
C2' OMG A 3057 41.37 -35.89 7.82
O2' OMG A 3057 41.28 -36.69 6.66
CM2 OMG A 3057 40.09 -36.45 5.94
C1' OMG A 3057 41.83 -36.76 8.98
N9 OMG A 3057 41.25 -36.31 10.26
C8 OMG A 3057 41.84 -35.53 11.21
N7 OMG A 3057 41.05 -35.30 12.20
C5 OMG A 3057 39.88 -35.92 11.88
C6 OMG A 3057 38.66 -36.02 12.59
O6 OMG A 3057 38.36 -35.53 13.66
N1 OMG A 3057 37.72 -36.77 11.87
C2 OMG A 3057 37.93 -37.36 10.67
N2 OMG A 3057 36.91 -38.04 10.15
N3 OMG A 3057 39.06 -37.27 10.02
C4 OMG A 3057 39.99 -36.56 10.67
P OMG A 3079 9.13 0.52 0.36
OP1 OMG A 3079 8.86 1.41 1.55
OP2 OMG A 3079 8.35 0.74 -0.93
O5' OMG A 3079 10.67 0.64 -0.01
C5' OMG A 3079 11.68 0.37 0.96
C4' OMG A 3079 13.03 0.39 0.31
O4' OMG A 3079 13.06 -0.63 -0.72
C3' OMG A 3079 13.36 1.67 -0.43
O3' OMG A 3079 13.89 2.68 0.42
C2' OMG A 3079 14.34 1.21 -1.50
O2' OMG A 3079 15.65 1.09 -0.96
CM2 OMG A 3079 16.65 1.23 -1.95
C1' OMG A 3079 13.83 -0.20 -1.81
N9 OMG A 3079 12.98 -0.23 -3.02
C8 OMG A 3079 11.61 -0.19 -3.08
N7 OMG A 3079 11.17 -0.23 -4.29
C5 OMG A 3079 12.29 -0.29 -5.08
C6 OMG A 3079 12.43 -0.36 -6.48
O6 OMG A 3079 11.58 -0.38 -7.33
N1 OMG A 3079 13.78 -0.42 -6.83
C2 OMG A 3079 14.82 -0.43 -5.98
N2 OMG A 3079 16.04 -0.48 -6.54
N3 OMG A 3079 14.69 -0.36 -4.70
C4 OMG A 3079 13.42 -0.29 -4.29
N1 PSU A 3090 28.25 20.49 -10.23
C2 PSU A 3090 28.35 19.61 -11.27
N3 PSU A 3090 29.52 18.91 -11.48
C4 PSU A 3090 30.57 19.11 -10.64
C5 PSU A 3090 30.47 20.02 -9.60
C6 PSU A 3090 29.29 20.70 -9.40
O2 PSU A 3090 27.40 19.43 -12.01
O4 PSU A 3090 31.61 18.49 -10.83
C1' PSU A 3090 31.60 20.23 -8.63
C2' PSU A 3090 32.83 21.00 -9.11
O2' PSU A 3090 33.98 20.29 -8.65
C3' PSU A 3090 32.69 22.31 -8.36
C4' PSU A 3090 32.00 21.92 -7.07
O3' PSU A 3090 33.94 22.93 -8.10
O4' PSU A 3090 31.11 20.86 -7.47
C5' PSU A 3090 31.19 23.02 -6.44
O5' PSU A 3090 30.17 23.49 -7.30
P PSU A 3090 29.13 24.58 -6.84
OP1 PSU A 3090 29.87 25.69 -6.22
OP2 PSU A 3090 28.24 24.81 -7.99
N1 PSU A 3118 49.02 29.01 -17.94
C2 PSU A 3118 48.09 29.70 -18.67
N3 PSU A 3118 47.73 30.98 -18.33
C4 PSU A 3118 48.32 31.57 -17.24
C5 PSU A 3118 49.26 30.88 -16.49
C6 PSU A 3118 49.60 29.59 -16.88
O2 PSU A 3118 47.56 29.17 -19.65
O4 PSU A 3118 47.99 32.71 -16.94
C1' PSU A 3118 49.91 31.52 -15.30
C2' PSU A 3118 48.91 31.52 -14.14
O2' PSU A 3118 49.18 32.66 -13.35
C3' PSU A 3118 49.32 30.26 -13.41
C4' PSU A 3118 50.83 30.29 -13.53
O3' PSU A 3118 48.86 30.20 -12.08
O4' PSU A 3118 51.04 30.79 -14.87
C5' PSU A 3118 51.55 28.99 -13.34
O5' PSU A 3118 51.03 27.99 -14.20
P PSU A 3118 51.95 26.82 -14.73
OP1 PSU A 3118 52.41 25.98 -13.61
OP2 PSU A 3118 51.25 26.19 -15.86
N1 PSU A 3129 27.72 11.28 -10.35
C2 PSU A 3129 26.51 11.91 -10.53
N3 PSU A 3129 25.93 12.61 -9.52
C4 PSU A 3129 26.55 12.70 -8.30
C5 PSU A 3129 27.76 12.04 -8.11
C6 PSU A 3129 28.34 11.34 -9.15
O2 PSU A 3129 25.95 11.84 -11.62
O4 PSU A 3129 26.03 13.33 -7.39
C1' PSU A 3129 28.49 12.13 -6.81
C2' PSU A 3129 27.89 11.37 -5.63
O2' PSU A 3129 28.00 12.19 -4.49
C3' PSU A 3129 28.82 10.16 -5.51
C4' PSU A 3129 30.16 10.71 -5.99
O3' PSU A 3129 28.90 9.67 -4.18
O4' PSU A 3129 29.81 11.68 -6.99
C5' PSU A 3129 31.09 9.69 -6.58
O5' PSU A 3129 30.52 9.09 -7.73
P PSU A 3129 31.42 8.28 -8.77
OP1 PSU A 3129 32.12 7.24 -8.02
OP2 PSU A 3129 30.60 7.93 -9.94
P 5MC A 3134 8.83 7.52 -4.58
OP1 5MC A 3134 7.35 7.37 -4.32
OP2 5MC A 3134 9.80 7.64 -3.43
O5' 5MC A 3134 9.29 6.28 -5.45
C5' 5MC A 3134 8.64 5.96 -6.67
C4' 5MC A 3134 9.04 4.59 -7.15
O4' 5MC A 3134 10.43 4.57 -7.51
C3' 5MC A 3134 8.89 3.44 -6.14
O3' 5MC A 3134 7.67 2.74 -6.30
C2' 5MC A 3134 10.13 2.55 -6.36
O2' 5MC A 3134 9.75 1.26 -6.79
C1' 5MC A 3134 10.84 3.25 -7.52
N1 5MC A 3134 12.32 3.17 -7.41
C2 5MC A 3134 13.06 3.15 -8.59
O2 5MC A 3134 12.48 3.21 -9.65
N3 5MC A 3134 14.39 3.07 -8.51
C4 5MC A 3134 14.99 3.01 -7.35
N4 5MC A 3134 16.32 2.94 -7.34
C5 5MC A 3134 14.29 3.02 -6.11
C6 5MC A 3134 12.95 3.11 -6.22
CM5 5MC A 3134 15.03 2.95 -4.83
N1 OMC A 3143 6.89 19.16 -34.70
C2 OMC A 3143 5.96 19.28 -33.67
N3 OMC A 3143 6.42 19.35 -32.41
C4 OMC A 3143 7.69 19.30 -32.13
C5 OMC A 3143 8.67 19.18 -33.16
C6 OMC A 3143 8.20 19.11 -34.41
O2 OMC A 3143 4.77 19.34 -33.89
N4 OMC A 3143 8.06 19.37 -30.87
C1' OMC A 3143 6.49 19.08 -36.12
C2' OMC A 3143 5.90 20.39 -36.64
O2' OMC A 3143 4.87 20.09 -37.55
CM2 OMC A 3143 3.64 19.94 -36.89
C3' OMC A 3143 7.10 21.00 -37.35
C4' OMC A 3143 7.80 19.79 -37.92
O4' OMC A 3143 7.63 18.78 -36.89
O3' OMC A 3143 6.73 21.94 -38.36
C5' OMC A 3143 9.27 19.96 -38.18
O5' OMC A 3143 9.94 20.40 -37.00
P OMC A 3143 11.52 20.46 -36.93
OP1 OMC A 3143 11.99 21.32 -38.08
OP2 OMC A 3143 11.90 20.81 -35.50
N1 PSU A 3144 7.53 22.59 -33.40
C2 PSU A 3144 7.62 22.60 -32.03
N3 PSU A 3144 6.52 22.89 -31.27
C4 PSU A 3144 5.34 23.15 -31.89
C5 PSU A 3144 5.25 23.16 -33.26
C6 PSU A 3144 6.37 22.85 -34.02
O2 PSU A 3144 8.70 22.36 -31.48
O4 PSU A 3144 4.35 23.42 -31.20
C1' PSU A 3144 3.94 23.42 -33.96
C2' PSU A 3144 3.49 24.87 -34.08
O2' PSU A 3144 2.09 24.91 -33.92
C3' PSU A 3144 3.87 25.20 -35.51
C4' PSU A 3144 3.67 23.88 -36.24
O3' PSU A 3144 3.09 26.24 -36.08
O4' PSU A 3144 4.03 22.88 -35.26
C5' PSU A 3144 4.51 23.70 -37.47
O5' PSU A 3144 5.87 23.99 -37.19
P PSU A 3144 7.04 23.49 -38.15
OP1 PSU A 3144 6.73 24.20 -39.41
OP2 PSU A 3144 8.32 23.67 -37.47
N1 PSU A 3158 30.49 51.60 -36.84
C2 PSU A 3158 31.07 50.49 -36.29
N3 PSU A 3158 31.57 50.52 -35.01
C4 PSU A 3158 31.49 51.68 -34.28
C5 PSU A 3158 30.91 52.80 -34.85
C6 PSU A 3158 30.40 52.74 -36.13
O2 PSU A 3158 31.16 49.45 -36.94
O4 PSU A 3158 31.94 51.69 -33.15
C1' PSU A 3158 30.79 54.08 -34.08
C2' PSU A 3158 32.16 54.74 -33.89
O2' PSU A 3158 32.13 55.46 -32.67
C3' PSU A 3158 32.21 55.69 -35.07
C4' PSU A 3158 30.77 56.15 -35.18
O3' PSU A 3158 33.10 56.77 -34.90
O4' PSU A 3158 29.99 54.99 -34.82
C5' PSU A 3158 30.34 56.65 -36.53
O5' PSU A 3158 29.14 57.42 -36.45
P PSU A 3158 28.09 57.43 -37.63
OP1 PSU A 3158 28.01 58.77 -38.25
OP2 PSU A 3158 28.35 56.25 -38.47
N1 PSU A 3180 18.94 29.07 -44.29
C2 PSU A 3180 19.50 28.75 -45.50
N3 PSU A 3180 18.80 29.01 -46.66
C4 PSU A 3180 17.57 29.60 -46.59
C5 PSU A 3180 17.01 29.93 -45.36
C6 PSU A 3180 17.73 29.64 -44.21
O2 PSU A 3180 20.60 28.22 -45.56
O4 PSU A 3180 16.96 29.84 -47.62
C1' PSU A 3180 15.66 30.55 -45.27
C2' PSU A 3180 14.61 29.48 -45.54
O2' PSU A 3180 13.49 30.09 -46.16
C3' PSU A 3180 14.26 29.05 -44.12
C4' PSU A 3180 14.30 30.36 -43.37
O3' PSU A 3180 13.02 28.39 -44.03
O4' PSU A 3180 15.42 31.06 -43.97
C5' PSU A 3180 14.50 30.27 -41.87
O5' PSU A 3180 15.66 29.52 -41.54
P PSU A 3180 16.71 30.07 -40.48
OP1 PSU A 3180 15.98 30.36 -39.24
OP2 PSU A 3180 17.86 29.14 -40.43
P OMG A 3181 12.90 26.81 -44.28
OP1 OMG A 3181 11.51 26.35 -43.94
OP2 OMG A 3181 14.10 26.13 -43.63
O5' OMG A 3181 13.06 26.66 -45.84
C5' OMG A 3181 12.06 27.15 -46.73
C4' OMG A 3181 12.31 26.68 -48.13
O4' OMG A 3181 13.53 27.27 -48.64
C3' OMG A 3181 12.53 25.18 -48.29
O3' OMG A 3181 11.32 24.47 -48.36
C2' OMG A 3181 13.37 25.10 -49.55
O2' OMG A 3181 12.57 25.28 -50.70
CM2 OMG A 3181 12.62 24.21 -51.60
C1' OMG A 3181 14.25 26.34 -49.39
N9 OMG A 3181 15.51 26.04 -48.68
C8 OMG A 3181 15.78 26.30 -47.36
N7 OMG A 3181 16.97 25.93 -47.03
C5 OMG A 3181 17.51 25.40 -48.16
C6 OMG A 3181 18.78 24.84 -48.40
O6 OMG A 3181 19.72 24.69 -47.63
N1 OMG A 3181 18.90 24.43 -49.72
C2 OMG A 3181 17.96 24.54 -50.68
N2 OMG A 3181 18.27 24.08 -51.90
N3 OMG A 3181 16.78 25.06 -50.46
C4 OMG A 3181 16.61 25.47 -49.20
N1 OMU A 3185 19.28 11.14 -42.82
C2 OMU A 3185 19.67 12.36 -42.04
N3 OMU A 3185 18.94 13.65 -42.26
C4 OMU A 3185 17.87 13.71 -43.24
C5 OMU A 3185 17.50 12.49 -44.02
C6 OMU A 3185 18.22 11.22 -43.79
O2 OMU A 3185 20.55 12.30 -41.22
O4 OMU A 3185 17.32 14.68 -43.41
C1' OMU A 3185 20.01 9.88 -42.58
C2' OMU A 3185 19.28 9.00 -41.55
O2' OMU A 3185 20.25 8.35 -40.75
CM2 OMU A 3185 19.85 8.22 -39.43
C3' OMU A 3185 18.55 8.01 -42.46
C4' OMU A 3185 19.52 7.84 -43.61
O3' OMU A 3185 18.24 6.79 -41.82
O4' OMU A 3185 20.09 9.16 -43.78
C5' OMU A 3185 18.89 7.40 -44.91
O5' OMU A 3185 17.72 8.14 -45.18
P OMU A 3185 17.19 8.33 -46.66
OP1 OMU A 3185 16.66 7.02 -47.13
OP2 OMU A 3185 16.31 9.56 -46.67
P OMG A 3186 16.70 6.39 -41.57
OP1 OMG A 3186 16.69 5.14 -40.72
OP2 OMG A 3186 15.98 6.41 -42.90
O5' OMG A 3186 16.14 7.59 -40.68
C5' OMG A 3186 14.74 7.82 -40.59
C4' OMG A 3186 14.37 8.41 -39.24
O4' OMG A 3186 14.59 7.43 -38.21
C3' OMG A 3186 15.20 9.61 -38.80
O3' OMG A 3186 14.77 10.83 -39.37
C2' OMG A 3186 15.05 9.57 -37.29
O2' OMG A 3186 13.80 10.14 -36.90
CM2 OMG A 3186 13.90 11.04 -35.82
C1' OMG A 3186 15.00 8.07 -37.02
N9 OMG A 3186 16.31 7.53 -36.63
C8 OMG A 3186 17.16 6.79 -37.40
N7 OMG A 3186 18.24 6.46 -36.77
C5 OMG A 3186 18.09 6.99 -35.52
C6 OMG A 3186 18.95 6.94 -34.40
O6 OMG A 3186 20.03 6.41 -34.29
N1 OMG A 3186 18.39 7.63 -33.31
C2 OMG A 3186 17.19 8.26 -33.31
N2 OMG A 3186 16.83 8.87 -32.17
N3 OMG A 3186 16.41 8.30 -34.35
C4 OMG A 3186 16.89 7.65 -35.41
N1 PSU A 3187 22.10 10.21 -37.09
C2 PSU A 3187 22.66 9.70 -35.94
N3 PSU A 3187 21.94 9.61 -34.78
C4 PSU A 3187 20.62 10.03 -34.77
C5 PSU A 3187 20.06 10.55 -35.91
C6 PSU A 3187 20.81 10.63 -37.07
O2 PSU A 3187 23.83 9.33 -35.97
O4 PSU A 3187 19.97 9.96 -33.73
C1' PSU A 3187 18.63 11.00 -35.91
C2' PSU A 3187 18.48 12.46 -35.49
O2' PSU A 3187 17.27 12.58 -34.76
C3' PSU A 3187 18.35 13.16 -36.85
C4' PSU A 3187 17.59 12.14 -37.67
O3' PSU A 3187 17.67 14.40 -36.77
O4' PSU A 3187 18.10 10.87 -37.21
C5' PSU A 3187 17.74 12.25 -39.15
O5' PSU A 3187 16.51 12.61 -39.77
P PSU A 3187 15.62 11.54 -40.53
OP1 PSU A 3187 14.71 12.29 -41.41
OP2 PSU A 3187 16.51 10.53 -41.12
N1 PSU A 3208 10.24 20.55 -26.95
C2 PSU A 3208 10.13 20.98 -28.25
N3 PSU A 3208 8.99 21.60 -28.68
C4 PSU A 3208 7.95 21.79 -27.80
C5 PSU A 3208 8.07 21.35 -26.50
C6 PSU A 3208 9.23 20.74 -26.09
O2 PSU A 3208 11.05 20.81 -29.03
O4 PSU A 3208 6.92 22.34 -28.17
C1' PSU A 3208 6.93 21.57 -25.55
C2' PSU A 3208 5.88 20.47 -25.68
O2' PSU A 3208 4.60 21.07 -25.55
C3' PSU A 3208 6.18 19.60 -24.48
C4' PSU A 3208 6.65 20.60 -23.44
O3' PSU A 3208 5.03 18.88 -24.04
O4' PSU A 3208 7.38 21.59 -24.22
C5' PSU A 3208 7.55 20.06 -22.36
O5' PSU A 3208 8.74 19.50 -22.91
P PSU A 3208 10.01 19.24 -22.01
OP1 PSU A 3208 9.49 18.54 -20.83
OP2 PSU A 3208 11.07 18.61 -22.83
P A2M A 3210 0.62 15.53 -22.76
OP1 A2M A 3210 1.23 16.78 -22.21
O5' A2M A 3210 -1.17 15.48 -22.81
C5' A2M A 3210 -1.73 14.53 -23.56
C4' A2M A 3210 -3.20 14.36 -23.22
O4' A2M A 3210 -3.34 13.88 -21.90
C3' A2M A 3210 -4.00 15.63 -23.26
O3' A2M A 3210 -4.05 16.06 -24.56
C2' A2M A 3210 -5.26 15.15 -22.58
O2' A2M A 3210 -5.96 14.22 -23.34
C1' A2M A 3210 -4.54 14.45 -21.44
CM' A2M A 3210 -7.13 13.85 -22.70
N9 A2M A 3210 -4.24 15.29 -20.32
C8 A2M A 3210 -3.14 16.06 -19.99
N7 A2M A 3210 -3.26 16.71 -18.84
C5 A2M A 3210 -4.52 16.33 -18.40
C6 A2M A 3210 -5.27 16.63 -17.29
N6 A2M A 3210 -4.80 17.47 -16.31
N1 A2M A 3210 -6.49 16.12 -17.09
C2 A2M A 3210 -6.95 15.29 -18.06
N3 A2M A 3210 -6.36 14.90 -19.18
C4 A2M A 3210 -5.14 15.44 -19.31
OP2 A2M A 3210 0.71 14.26 -21.97
P UR3 A 3217 15.88 0.66 -32.91
OP1 UR3 A 3217 16.94 -0.25 -33.39
OP2 UR3 A 3217 14.43 0.30 -33.14
O5' UR3 A 3217 16.09 0.88 -31.36
C5' UR3 A 3217 17.32 1.37 -30.86
C4' UR3 A 3217 17.16 1.92 -29.47
O4' UR3 A 3217 16.25 3.05 -29.50
C1' UR3 A 3217 15.54 3.11 -28.28
N1 UR3 A 3217 14.09 3.03 -28.59
C6 UR3 A 3217 13.65 2.59 -29.87
C2 UR3 A 3217 13.10 3.41 -27.56
O2 UR3 A 3217 13.46 3.76 -26.51
N3 UR3 A 3217 11.65 3.33 -27.86
C3U UR3 A 3217 10.65 3.72 -26.82
C4 UR3 A 3217 11.20 2.89 -29.14
O4 UR3 A 3217 10.03 2.84 -29.39
C5 UR3 A 3217 12.20 2.52 -30.19
C2' UR3 A 3217 16.00 1.95 -27.40
O2' UR3 A 3217 17.04 2.42 -26.56
C3' UR3 A 3217 16.55 0.99 -28.45
O3' UR3 A 3217 17.48 0.06 -27.93
N1 PSU A 3219 6.54 -4.26 -26.64
C2 PSU A 3219 5.28 -4.82 -26.62
N3 PSU A 3219 5.00 -5.83 -25.73
C4 PSU A 3219 5.97 -6.26 -24.87
C5 PSU A 3219 7.23 -5.70 -24.89
C6 PSU A 3219 7.49 -4.68 -25.80
O2 PSU A 3219 4.43 -4.42 -27.40
O4 PSU A 3219 5.70 -7.16 -24.08
C1' PSU A 3219 8.31 -6.15 -23.95
C2' PSU A 3219 8.83 -7.52 -24.39
O2' PSU A 3219 9.32 -8.18 -23.24
C3' PSU A 3219 9.98 -7.11 -25.30
C4' PSU A 3219 10.57 -5.94 -24.55
O3' PSU A 3219 10.92 -8.15 -25.52
O4' PSU A 3219 9.40 -5.26 -24.01
C5' PSU A 3219 11.36 -4.97 -25.38
O5' PSU A 3219 10.63 -4.61 -26.54
P PSU A 3219 11.26 -3.61 -27.60
OP1 PSU A 3219 12.45 -4.28 -28.15
OP2 PSU A 3219 10.17 -3.18 -28.48
N1 OMC A 3223 15.80 -13.40 -38.20
C2 OMC A 3223 16.60 -12.25 -38.09
N3 OMC A 3223 16.77 -11.72 -36.86
C4 OMC A 3223 16.21 -12.24 -35.80
C5 OMC A 3223 15.40 -13.39 -35.87
C6 OMC A 3223 15.23 -13.92 -37.09
O2 OMC A 3223 17.12 -11.77 -39.07
N4 OMC A 3223 16.42 -11.66 -34.63
C1' OMC A 3223 15.55 -14.06 -39.50
C2' OMC A 3223 16.73 -14.93 -39.94
O2' OMC A 3223 16.77 -14.96 -41.35
CM2 OMC A 3223 17.61 -13.99 -41.92
C3' OMC A 3223 16.31 -16.29 -39.41
C4' OMC A 3223 14.82 -16.28 -39.69
O4' OMC A 3223 14.43 -14.92 -39.37
O3' OMC A 3223 16.99 -17.37 -40.01
C5' OMC A 3223 14.00 -17.25 -38.91
O5' OMC A 3223 14.29 -17.19 -37.52
P OMC A 3223 13.33 -17.86 -36.46
OP1 OMC A 3223 13.33 -19.34 -36.72
OP2 OMC A 3223 13.72 -17.33 -35.09
N1 PSU A 3239 13.18 -5.58 -37.11
C2 PSU A 3239 12.66 -6.37 -36.11
N3 PSU A 3239 11.74 -7.34 -36.39
C4 PSU A 3239 11.34 -7.53 -37.69
C5 PSU A 3239 11.88 -6.75 -38.69
C6 PSU A 3239 12.79 -5.77 -38.39
O2 PSU A 3239 13.02 -6.18 -34.95
O4 PSU A 3239 10.52 -8.41 -37.95
C1' PSU A 3239 11.43 -6.96 -40.11
C2' PSU A 3239 10.10 -6.23 -40.33
O2' PSU A 3239 9.35 -6.95 -41.30
C3' PSU A 3239 10.60 -4.92 -40.91
C4' PSU A 3239 11.73 -5.37 -41.80
O3' PSU A 3239 9.60 -4.19 -41.61
O4' PSU A 3239 12.36 -6.42 -41.03
C5' PSU A 3239 12.75 -4.33 -42.17
O5' PSU A 3239 13.24 -3.64 -41.04
P PSU A 3239 14.51 -2.71 -41.15
OP1 PSU A 3239 14.33 -1.77 -42.26
OP2 PSU A 3239 14.81 -2.21 -39.79
P A2M A 3258 -24.29 44.86 -13.16
OP1 A2M A 3258 -25.67 45.42 -13.07
O5' A2M A 3258 -23.41 44.71 -11.59
C5' A2M A 3258 -23.69 43.63 -10.86
C4' A2M A 3258 -22.54 43.34 -9.92
O4' A2M A 3258 -21.50 42.76 -10.64
C3' A2M A 3258 -22.00 44.61 -9.31
O3' A2M A 3258 -22.90 44.96 -8.32
C2' A2M A 3258 -20.58 44.22 -8.96
O2' A2M A 3258 -20.49 43.40 -7.83
C1' A2M A 3258 -20.32 43.38 -10.20
CM' A2M A 3258 -19.22 43.53 -7.25
N9 A2M A 3258 -19.73 44.04 -11.33
C8 A2M A 3258 -20.24 44.51 -12.52
N7 A2M A 3258 -19.33 45.06 -13.32
C5 A2M A 3258 -18.16 44.94 -12.58
C6 A2M A 3258 -16.85 45.30 -12.81
N6 A2M A 3258 -16.47 45.93 -13.97
N1 A2M A 3258 -15.86 45.06 -11.91
C2 A2M A 3258 -16.25 44.45 -10.77
N3 A2M A 3258 -17.46 44.03 -10.39
C4 A2M A 3258 -18.38 44.30 -11.34
OP2 A2M A 3258 -23.20 45.68 -13.78
N1 PSU A 3263 -29.76 59.28 -10.80
C2 PSU A 3263 -30.20 60.10 -11.81
N3 PSU A 3263 -31.27 59.73 -12.57
C4 PSU A 3263 -31.92 58.55 -12.31
C5 PSU A 3263 -31.46 57.73 -11.29
C6 PSU A 3263 -30.39 58.12 -10.54
O2 PSU A 3263 -29.60 61.15 -12.03
O4 PSU A 3263 -32.88 58.22 -13.00
C1' PSU A 3263 -32.16 56.44 -10.97
C2' PSU A 3263 -31.91 55.31 -11.96
O2' PSU A 3263 -33.08 54.49 -11.99
C3' PSU A 3263 -30.77 54.57 -11.28
C4' PSU A 3263 -31.11 54.70 -9.81
O3' PSU A 3263 -30.66 53.22 -11.70
O4' PSU A 3263 -31.70 56.02 -9.70
C5' PSU A 3263 -29.94 54.59 -8.86
O5' PSU A 3263 -28.92 55.51 -9.21
P PSU A 3263 -27.57 55.56 -8.39
OP1 PSU A 3263 -27.12 54.17 -8.27
OP2 PSU A 3263 -26.68 56.57 -9.01
N1 PSU A 3266 -24.36 59.34 -20.87
C2 PSU A 3266 -23.64 60.38 -20.32
N3 PSU A 3266 -23.56 61.59 -20.98
C4 PSU A 3266 -24.19 61.74 -22.19
C5 PSU A 3266 -24.91 60.69 -22.74
C6 PSU A 3266 -24.97 59.48 -22.05
O2 PSU A 3266 -23.08 60.24 -19.24
O4 PSU A 3266 -24.12 62.81 -22.78
C1' PSU A 3266 -25.62 60.85 -24.04
C2' PSU A 3266 -24.66 60.81 -25.23
O2' PSU A 3266 -25.16 61.68 -26.23
C3' PSU A 3266 -24.77 59.36 -25.67
C4' PSU A 3266 -26.24 59.08 -25.45
O3' PSU A 3266 -24.35 59.12 -26.99
O4' PSU A 3266 -26.55 59.81 -24.23
C5' PSU A 3266 -26.60 57.63 -25.26
O5' PSU A 3266 -25.80 57.02 -24.28
P PSU A 3266 -26.20 55.62 -23.65
OP1 PSU A 3266 -26.16 54.65 -24.76
OP2 PSU A 3266 -25.37 55.38 -22.46
P A2M A 3277 6.55 51.74 -35.08
OP1 A2M A 3277 6.91 52.14 -33.69
O5' A2M A 3277 7.95 51.57 -36.25
C5' A2M A 3277 7.69 50.98 -37.42
C4' A2M A 3277 7.95 49.49 -37.30
O4' A2M A 3277 6.83 48.79 -37.75
C3' A2M A 3277 9.13 49.03 -38.13
O3' A2M A 3277 10.27 49.41 -37.46
C2' A2M A 3277 8.82 47.56 -38.27
O2' A2M A 3277 9.01 46.85 -37.07
C1' A2M A 3277 7.32 47.74 -38.53
CM' A2M A 3277 8.97 45.47 -37.29
N9 A2M A 3277 6.93 47.96 -39.89
C8 A2M A 3277 6.35 49.06 -40.54
N7 A2M A 3277 6.15 48.85 -41.84
C5 A2M A 3277 6.63 47.57 -42.04
C6 A2M A 3277 6.74 46.75 -43.13
N6 A2M A 3277 6.32 47.14 -44.38
N1 A2M A 3277 7.26 45.52 -43.06
C2 A2M A 3277 7.68 45.12 -41.83
N3 A2M A 3277 7.66 45.78 -40.68
C4 A2M A 3277 7.12 47.00 -40.84
OP2 A2M A 3277 5.84 52.72 -35.97
P OMG A 3305 6.15 47.02 -55.97
OP1 OMG A 3305 4.81 46.60 -56.54
OP2 OMG A 3305 6.23 47.51 -54.53
O5' OMG A 3305 7.15 45.80 -56.13
C5' OMG A 3305 7.09 44.69 -55.27
C4' OMG A 3305 8.44 44.13 -54.99
O4' OMG A 3305 9.39 45.21 -54.83
C3' OMG A 3305 8.57 43.34 -53.72
O3' OMG A 3305 8.10 42.01 -53.85
C2' OMG A 3305 10.04 43.45 -53.38
O2' OMG A 3305 10.80 42.56 -54.18
CM2 OMG A 3305 12.00 42.17 -53.56
C1' OMG A 3305 10.34 44.87 -53.85
N9 OMG A 3305 10.24 45.85 -52.75
C8 OMG A 3305 9.43 46.96 -52.73
N7 OMG A 3305 9.56 47.63 -51.64
C5 OMG A 3305 10.49 46.95 -50.90
C6 OMG A 3305 11.03 47.22 -49.62
O6 OMG A 3305 10.77 48.15 -48.87
N1 OMG A 3305 11.95 46.26 -49.25
C2 OMG A 3305 12.32 45.19 -49.99
N2 OMG A 3305 13.23 44.37 -49.46
N3 OMG A 3305 11.83 44.95 -51.17
C4 OMG A 3305 10.93 45.84 -51.58
N1 OMU A 3307 8.77 40.79 -44.84
C2 OMU A 3307 8.54 42.02 -44.00
N3 OMU A 3307 7.82 43.18 -44.58
C4 OMU A 3307 7.31 43.14 -45.93
C5 OMU A 3307 7.54 41.93 -46.76
C6 OMU A 3307 8.26 40.78 -46.18
O2 OMU A 3307 8.95 42.06 -42.86
O4 OMU A 3307 6.77 44.04 -46.37
C1' OMU A 3307 9.49 39.65 -44.26
C2' OMU A 3307 8.59 38.80 -43.38
O2' OMU A 3307 9.42 38.11 -42.45
CM2 OMU A 3307 10.03 38.94 -41.51
C3' OMU A 3307 8.04 37.83 -44.40
C4' OMU A 3307 9.26 37.54 -45.25
O3' OMU A 3307 7.41 36.70 -43.85
O4' OMU A 3307 9.94 38.82 -45.31
C5' OMU A 3307 8.99 37.05 -46.64
O5' OMU A 3307 7.98 37.81 -47.26
P OMU A 3307 7.71 37.72 -48.82
OP1 OMU A 3307 7.38 36.30 -49.14
OP2 OMU A 3307 6.76 38.82 -49.18
P OMG A 3310 -2.34 41.35 -37.29
OP1 OMG A 3310 -2.75 40.86 -35.93
OP2 OMG A 3310 -2.17 40.39 -38.45
O5' OMG A 3310 -3.29 42.53 -37.72
C5' OMG A 3310 -3.31 43.75 -37.01
C4' OMG A 3310 -4.00 44.84 -37.77
O4' OMG A 3310 -3.12 45.34 -38.82
C3' OMG A 3310 -5.24 44.45 -38.53
O3' OMG A 3310 -6.38 44.28 -37.71
C2' OMG A 3310 -5.36 45.56 -39.55
O2' OMG A 3310 -5.81 46.76 -38.94
CM2 OMG A 3310 -6.43 47.64 -39.85
C1' OMG A 3310 -3.90 45.75 -39.92
N9 OMG A 3310 -3.54 44.91 -41.08
C8 OMG A 3310 -3.02 43.64 -41.07
N7 OMG A 3310 -2.82 43.20 -42.28
C5 OMG A 3310 -3.22 44.20 -43.10
C6 OMG A 3310 -3.26 44.28 -44.51
O6 OMG A 3310 -2.90 43.45 -45.33
N1 OMG A 3310 -3.76 45.51 -44.93
C2 OMG A 3310 -4.18 46.51 -44.12
N2 OMG A 3310 -4.64 47.61 -44.72
N3 OMG A 3310 -4.17 46.43 -42.83
C4 OMG A 3310 -3.68 45.28 -42.37
N1 PSU A 3315 -12.59 42.82 -56.35
C2 PSU A 3315 -11.49 42.18 -55.85
N3 PSU A 3315 -10.40 41.94 -56.64
C4 PSU A 3315 -10.40 42.36 -57.94
C5 PSU A 3315 -11.52 43.00 -58.46
C6 PSU A 3315 -12.60 43.23 -57.63
O2 PSU A 3315 -11.48 41.81 -54.67
O4 PSU A 3315 -9.41 42.13 -58.62
C1' PSU A 3315 -11.58 43.50 -59.87
C2' PSU A 3315 -11.57 42.36 -60.89
O2' PSU A 3315 -10.82 42.78 -62.02
C3' PSU A 3315 -13.04 42.24 -61.24
C4' PSU A 3315 -13.53 43.68 -61.14
O3' PSU A 3315 -13.27 41.71 -62.53
O4' PSU A 3315 -12.76 44.23 -60.05
C5' PSU A 3315 -14.99 43.85 -60.84
O5' PSU A 3315 -15.35 43.23 -59.61
P PSU A 3315 -16.78 43.48 -58.95
OP1 PSU A 3315 -17.76 43.31 -60.03
OP2 PSU A 3315 -16.88 42.67 -57.73
N1 PSU A 3323 -33.38 20.32 -53.96
C2 PSU A 3323 -32.74 19.16 -54.33
N3 PSU A 3323 -31.39 19.16 -54.61
C4 PSU A 3323 -30.70 20.34 -54.49
C5 PSU A 3323 -31.33 21.49 -54.11
C6 PSU A 3323 -32.69 21.47 -53.84
O2 PSU A 3323 -33.37 18.11 -54.43
O4 PSU A 3323 -29.49 20.35 -54.74
C1' PSU A 3323 -30.52 22.75 -54.02
C2' PSU A 3323 -31.16 23.85 -54.88
O2' PSU A 3323 -30.14 24.48 -55.63
C3' PSU A 3323 -31.72 24.79 -53.82
C4' PSU A 3323 -30.76 24.63 -52.67
O3' PSU A 3323 -31.81 26.13 -54.25
O4' PSU A 3323 -30.39 23.23 -52.71
C5' PSU A 3323 -31.30 24.96 -51.30
O5' PSU A 3323 -31.90 26.26 -51.30
P PSU A 3323 -31.48 27.35 -50.21
OP1 PSU A 3323 -32.74 27.70 -49.54
OP2 PSU A 3323 -30.33 26.84 -49.44
P OMG A 3324 -33.18 26.71 -54.86
OP1 OMG A 3324 -33.97 27.33 -53.73
OP2 OMG A 3324 -33.81 25.64 -55.75
O5' OMG A 3324 -32.69 27.89 -55.80
C5' OMG A 3324 -33.57 28.51 -56.71
C4' OMG A 3324 -32.83 29.16 -57.85
O4' OMG A 3324 -31.42 29.17 -57.58
C3' OMG A 3324 -32.92 28.46 -59.19
O3' OMG A 3324 -34.16 28.69 -59.83
C2' OMG A 3324 -31.72 29.04 -59.93
O2' OMG A 3324 -32.05 30.33 -60.43
CM2 OMG A 3324 -30.94 31.00 -61.00
C1' OMG A 3324 -30.71 29.21 -58.80
N9 OMG A 3324 -29.69 28.16 -58.78
C8 OMG A 3324 -29.53 27.18 -57.83
N7 OMG A 3324 -28.52 26.41 -58.07
C5 OMG A 3324 -27.98 26.89 -59.22
C6 OMG A 3324 -26.86 26.44 -59.96
O6 OMG A 3324 -26.11 25.51 -59.73
N1 OMG A 3324 -26.66 27.22 -61.09
C2 OMG A 3324 -27.41 28.29 -61.46
N2 OMG A 3324 -27.05 28.90 -62.58
N3 OMG A 3324 -28.44 28.70 -60.78
C4 OMG A 3324 -28.68 27.98 -59.68
N1 PSU A 3360 -4.79 42.14 -52.30
C2 PSU A 3360 -5.09 42.27 -50.96
N3 PSU A 3360 -5.86 43.31 -50.53
C4 PSU A 3360 -6.35 44.21 -51.44
C5 PSU A 3360 -6.06 44.08 -52.78
C6 PSU A 3360 -5.27 43.02 -53.19
O2 PSU A 3360 -4.64 41.47 -50.15
O4 PSU A 3360 -7.04 45.13 -51.03
C1' PSU A 3360 -6.58 45.04 -53.80
C2' PSU A 3360 -5.92 46.40 -53.69
O2' PSU A 3360 -6.86 47.38 -54.09
C3' PSU A 3360 -4.80 46.27 -54.71
C4' PSU A 3360 -5.47 45.46 -55.81
O3' PSU A 3360 -4.31 47.51 -55.18
O4' PSU A 3360 -6.33 44.54 -55.09
C5' PSU A 3360 -4.55 44.69 -56.71
O5' PSU A 3360 -3.75 43.78 -55.97
P PSU A 3360 -2.95 42.61 -56.70
OP1 PSU A 3360 -2.10 43.21 -57.75
OP2 PSU A 3360 -2.36 41.81 -55.62
N1 PSU A 3376 37.37 72.33 -23.92
C2 PSU A 3376 37.14 71.60 -22.77
N3 PSU A 3376 36.54 72.18 -21.70
C4 PSU A 3376 36.16 73.50 -21.74
C5 PSU A 3376 36.40 74.23 -22.89
C6 PSU A 3376 37.02 73.62 -23.96
O2 PSU A 3376 37.48 70.44 -22.73
O4 PSU A 3376 35.62 74.01 -20.78
C1' PSU A 3376 35.98 75.67 -22.96
C2' PSU A 3376 36.98 76.56 -22.24
O2' PSU A 3376 36.27 77.69 -21.75
C3' PSU A 3376 37.88 76.97 -23.39
C4' PSU A 3376 36.90 77.15 -24.52
O3' PSU A 3376 38.66 78.12 -23.12
O4' PSU A 3376 35.93 76.09 -24.31
C5' PSU A 3376 37.47 77.03 -25.91
O5' PSU A 3376 38.14 75.79 -26.08
P PSU A 3376 38.43 75.21 -27.54
OP1 PSU A 3376 39.03 76.29 -28.32
OP2 PSU A 3376 39.13 73.93 -27.38
N1 PSU A 3578 -38.34 42.52 -28.26
C2 PSU A 3578 -37.82 43.71 -28.71
N3 PSU A 3578 -38.51 44.45 -29.64
C4 PSU A 3578 -39.70 43.99 -30.14
C5 PSU A 3578 -40.20 42.78 -29.70
C6 PSU A 3578 -39.50 42.05 -28.75
O2 PSU A 3578 -36.77 44.12 -28.26
O4 PSU A 3578 -40.29 44.65 -30.98
C1' PSU A 3578 -41.50 42.25 -30.21
C2' PSU A 3578 -41.34 41.74 -31.64
O2' PSU A 3578 -42.57 41.98 -32.33
C3' PSU A 3578 -41.13 40.25 -31.43
C4' PSU A 3578 -42.03 39.97 -30.25
O3' PSU A 3578 -41.43 39.48 -32.57
O4' PSU A 3578 -41.91 41.15 -29.42
C5' PSU A 3578 -41.70 38.73 -29.45
O5' PSU A 3578 -40.34 38.72 -29.06
P PSU A 3578 -39.81 37.66 -28.00
OP1 PSU A 3578 -40.13 36.30 -28.48
OP2 PSU A 3578 -38.42 37.99 -27.65
N1 PSU A 3579 -36.71 41.84 -31.47
C2 PSU A 3579 -35.64 42.64 -31.16
N3 PSU A 3579 -35.41 43.79 -31.88
C4 PSU A 3579 -36.24 44.12 -32.92
C5 PSU A 3579 -37.31 43.30 -33.24
C6 PSU A 3579 -37.54 42.16 -32.48
O2 PSU A 3579 -34.90 42.35 -30.23
O4 PSU A 3579 -36.03 45.14 -33.56
C1' PSU A 3579 -38.25 43.64 -34.35
C2' PSU A 3579 -37.68 43.35 -35.73
O2' PSU A 3579 -38.14 44.36 -36.62
C3' PSU A 3579 -38.34 42.02 -36.07
C4' PSU A 3579 -39.71 42.17 -35.43
O3' PSU A 3579 -38.42 41.76 -37.46
O4' PSU A 3579 -39.45 42.91 -34.21
C5' PSU A 3579 -40.42 40.89 -35.10
O5' PSU A 3579 -39.63 40.08 -34.23
P PSU A 3579 -40.26 38.85 -33.46
OP1 PSU A 3579 -40.84 37.91 -34.44
OP2 PSU A 3579 -39.15 38.42 -32.57
N1 PSU A 3607 -33.63 42.79 -62.62
C2 PSU A 3607 -33.72 41.66 -61.85
N3 PSU A 3607 -32.78 41.40 -60.88
C4 PSU A 3607 -31.73 42.28 -60.70
C5 PSU A 3607 -31.64 43.41 -61.48
C6 PSU A 3607 -32.61 43.66 -62.44
O2 PSU A 3607 -34.64 40.87 -62.01
O4 PSU A 3607 -30.90 42.04 -59.84
C1' PSU A 3607 -30.52 44.40 -61.28
C2' PSU A 3607 -29.19 43.90 -61.83
O2' PSU A 3607 -28.16 44.39 -60.98
C3' PSU A 3607 -29.15 44.59 -63.19
C4' PSU A 3607 -29.79 45.93 -62.89
O3' PSU A 3607 -27.85 44.71 -63.71
O4' PSU A 3607 -30.82 45.61 -61.93
C5' PSU A 3607 -30.40 46.63 -64.07
O5' PSU A 3607 -31.34 45.80 -64.74
P PSU A 3607 -32.41 46.41 -65.73
OP1 PSU A 3607 -31.74 47.08 -66.85
OP2 PSU A 3607 -33.40 45.35 -65.99
N1 PSU A 3616 -45.82 23.51 -80.53
C2 PSU A 3616 -44.81 24.31 -81.03
N3 PSU A 3616 -45.11 25.46 -81.71
C4 PSU A 3616 -46.43 25.83 -81.88
C5 PSU A 3616 -47.44 25.03 -81.37
C6 PSU A 3616 -47.11 23.87 -80.69
O2 PSU A 3616 -43.65 23.97 -80.88
O4 PSU A 3616 -46.70 26.86 -82.48
C1' PSU A 3616 -48.87 25.43 -81.55
C2' PSU A 3616 -49.36 25.02 -82.95
O2' PSU A 3616 -50.32 25.97 -83.36
C3' PSU A 3616 -50.01 23.69 -82.65
C4' PSU A 3616 -50.65 23.91 -81.29
O3' PSU A 3616 -50.95 23.27 -83.62
O4' PSU A 3616 -49.70 24.77 -80.61
C5' PSU A 3616 -50.90 22.68 -80.48
O5' PSU A 3616 -49.72 21.91 -80.32
P PSU A 3616 -49.64 20.74 -79.25
OP1 PSU A 3616 -50.79 19.84 -79.45
OP2 PSU A 3616 -48.27 20.17 -79.27
N1 PSU C 55 -44.70 -25.36 4.21
C2 PSU C 55 -46.00 -25.75 3.96
N3 PSU C 55 -46.87 -25.95 4.99
C4 PSU C 55 -46.47 -25.76 6.28
C5 PSU C 55 -45.16 -25.38 6.55
C6 PSU C 55 -44.29 -25.18 5.49
O2 PSU C 55 -46.37 -25.92 2.80
O4 PSU C 55 -47.27 -25.94 7.18
C1' PSU C 55 -44.69 -25.16 7.95
C2' PSU C 55 -44.57 -26.48 8.70
O2' PSU C 55 -44.83 -26.23 10.07
C3' PSU C 55 -43.10 -26.79 8.49
C4' PSU C 55 -42.45 -25.42 8.59
O3' PSU C 55 -42.58 -27.72 9.42
O4' PSU C 55 -43.41 -24.55 7.95
C5' PSU C 55 -41.11 -25.27 7.95
O5' PSU C 55 -41.16 -25.52 6.55
P PSU C 55 -39.93 -25.18 5.60
OP1 PSU C 55 -38.68 -25.65 6.22
OP2 PSU C 55 -40.26 -25.63 4.24
N1 PSU C 69 -60.52 -35.89 25.46
C2 PSU C 69 -60.95 -35.32 24.30
N3 PSU C 69 -60.67 -34.01 24.02
C4 PSU C 69 -59.95 -33.27 24.92
C5 PSU C 69 -59.53 -33.84 26.11
C6 PSU C 69 -59.81 -35.17 26.35
O2 PSU C 69 -61.59 -35.99 23.50
O4 PSU C 69 -59.71 -32.09 24.68
C1' PSU C 69 -58.70 -33.08 27.10
C2' PSU C 69 -59.37 -31.98 27.92
O2' PSU C 69 -58.50 -30.86 27.92
C3' PSU C 69 -59.43 -32.60 29.31
C4' PSU C 69 -58.22 -33.51 29.34
O3' PSU C 69 -59.39 -31.64 30.35
O4' PSU C 69 -58.09 -33.98 27.99
C5' PSU C 69 -58.33 -34.68 30.28
O5' PSU C 69 -59.38 -35.54 29.89
P PSU C 69 -59.49 -37.02 30.45
OP1 PSU C 69 -59.53 -36.93 31.92
OP2 PSU C 69 -60.58 -37.69 29.73
P OMG C 75 -56.63 -14.49 12.61
OP1 OMG C 75 -55.38 -14.24 11.80
OP2 OMG C 75 -56.57 -14.41 14.12
O5' OMG C 75 -57.77 -13.48 12.11
C5' OMG C 75 -57.46 -12.18 11.67
C4' OMG C 75 -57.96 -11.93 10.28
O4' OMG C 75 -57.13 -12.61 9.32
C3' OMG C 75 -59.35 -12.44 9.96
O3' OMG C 75 -60.38 -11.62 10.47
C2' OMG C 75 -59.33 -12.52 8.44
O2' OMG C 75 -59.47 -11.23 7.88
CM2 OMG C 75 -59.26 -11.17 6.49
C1' OMG C 75 -57.89 -12.98 8.20
N9 OMG C 75 -57.80 -14.43 7.99
C8 OMG C 75 -57.26 -15.37 8.85
N7 OMG C 75 -57.32 -16.56 8.35
C5 OMG C 75 -57.92 -16.42 7.13
C6 OMG C 75 -58.25 -17.38 6.14
O6 OMG C 75 -58.08 -18.58 6.14
N1 OMG C 75 -58.86 -16.76 5.04
C2 OMG C 75 -59.11 -15.44 4.91
N2 OMG C 75 -59.69 -15.04 3.78
N3 OMG C 75 -58.80 -14.57 5.83
C4 OMG C 75 -58.22 -15.10 6.89
N GLY D 1 8.90 -29.67 -20.04
CA GLY D 1 8.04 -30.09 -18.95
C GLY D 1 6.66 -30.49 -19.42
N ARG D 2 6.50 -30.67 -20.72
CA ARG D 2 5.23 -31.03 -21.32
C ARG D 2 5.39 -32.31 -22.12
N VAL D 3 4.38 -33.18 -22.06
CA VAL D 3 4.41 -34.42 -22.82
C VAL D 3 4.45 -34.11 -24.31
N ILE D 4 5.46 -34.64 -24.98
CA ILE D 4 5.74 -34.29 -26.37
C ILE D 4 4.82 -35.05 -27.30
N ARG D 5 4.70 -34.58 -28.53
CA ARG D 5 3.98 -35.34 -29.54
C ARG D 5 4.77 -36.59 -29.88
N GLY D 6 4.04 -37.70 -30.08
CA GLY D 6 4.70 -38.97 -30.25
C GLY D 6 4.57 -39.75 -28.97
N GLN D 7 4.77 -39.06 -27.84
CA GLN D 7 4.37 -39.60 -26.55
C GLN D 7 2.86 -39.61 -26.43
N ARG D 8 2.20 -38.59 -26.98
CA ARG D 8 0.75 -38.51 -26.94
C ARG D 8 0.07 -39.48 -27.88
N LYS D 9 0.82 -40.07 -28.82
CA LYS D 9 0.22 -40.97 -29.81
C LYS D 9 -0.15 -42.30 -29.22
N GLY D 10 0.46 -42.71 -28.10
CA GLY D 10 0.10 -43.97 -27.49
C GLY D 10 -1.18 -43.94 -26.71
N ALA D 11 -1.63 -42.76 -26.28
CA ALA D 11 -2.89 -42.66 -25.57
C ALA D 11 -4.08 -42.94 -26.49
N GLY D 12 -3.88 -42.83 -27.80
CA GLY D 12 -4.85 -43.25 -28.76
C GLY D 12 -5.80 -42.17 -29.23
N SER D 13 -6.32 -41.35 -28.32
CA SER D 13 -7.54 -40.57 -28.49
C SER D 13 -7.74 -39.94 -29.86
N VAL D 14 -6.80 -39.09 -30.27
CA VAL D 14 -6.89 -38.42 -31.56
C VAL D 14 -6.08 -39.16 -32.62
N PHE D 15 -5.20 -40.07 -32.22
CA PHE D 15 -4.30 -40.75 -33.12
C PHE D 15 -4.73 -42.18 -33.41
N ARG D 16 -5.97 -42.54 -33.12
CA ARG D 16 -6.48 -43.84 -33.56
C ARG D 16 -6.68 -43.85 -35.06
N ALA D 17 -6.68 -45.05 -35.63
CA ALA D 17 -6.83 -45.20 -37.07
C ALA D 17 -8.25 -44.87 -37.49
N HIS D 18 -8.38 -44.31 -38.70
CA HIS D 18 -9.68 -43.98 -39.28
C HIS D 18 -10.19 -45.22 -39.99
N VAL D 19 -11.00 -46.01 -39.30
CA VAL D 19 -11.43 -47.31 -39.79
C VAL D 19 -12.93 -47.32 -40.08
N LYS D 20 -13.54 -46.16 -40.28
CA LYS D 20 -14.98 -46.11 -40.47
C LYS D 20 -15.41 -46.77 -41.77
N HIS D 21 -14.68 -46.51 -42.84
CA HIS D 21 -15.07 -47.00 -44.15
C HIS D 21 -14.20 -48.13 -44.65
N ARG D 22 -13.35 -48.69 -43.79
CA ARG D 22 -12.55 -49.84 -44.18
C ARG D 22 -13.43 -51.06 -44.33
N LYS D 23 -13.09 -51.89 -45.30
CA LYS D 23 -13.96 -52.96 -45.77
C LYS D 23 -13.84 -54.25 -44.97
N GLY D 24 -12.98 -54.29 -43.97
CA GLY D 24 -12.72 -55.50 -43.21
C GLY D 24 -11.25 -55.84 -43.19
N ALA D 25 -10.92 -56.75 -42.28
CA ALA D 25 -9.55 -57.23 -42.19
C ALA D 25 -9.26 -58.18 -43.34
N ALA D 26 -8.24 -57.85 -44.13
CA ALA D 26 -7.87 -58.66 -45.27
C ALA D 26 -7.05 -59.85 -44.79
N ARG D 27 -7.54 -61.06 -45.04
CA ARG D 27 -6.96 -62.25 -44.46
C ARG D 27 -7.15 -63.42 -45.41
N LEU D 28 -6.28 -64.41 -45.28
CA LEU D 28 -6.53 -65.70 -45.90
C LEU D 28 -7.63 -66.42 -45.12
N ARG D 29 -8.18 -67.47 -45.73
CA ARG D 29 -9.17 -68.25 -45.00
C ARG D 29 -8.47 -69.14 -43.98
N ALA D 30 -9.16 -69.36 -42.86
CA ALA D 30 -8.58 -70.17 -41.79
C ALA D 30 -8.33 -71.58 -42.26
N VAL D 31 -7.21 -72.15 -41.84
CA VAL D 31 -6.81 -73.47 -42.31
C VAL D 31 -7.76 -74.52 -41.74
N ASP D 32 -8.12 -75.49 -42.57
CA ASP D 32 -9.05 -76.52 -42.18
C ASP D 32 -8.65 -77.81 -42.88
N PHE D 33 -9.56 -78.78 -42.92
CA PHE D 33 -9.25 -80.06 -43.52
C PHE D 33 -8.95 -79.94 -45.00
N ALA D 34 -9.70 -79.09 -45.71
CA ALA D 34 -9.50 -78.95 -47.14
C ALA D 34 -8.17 -78.29 -47.46
N GLU D 35 -7.79 -77.26 -46.72
CA GLU D 35 -6.49 -76.61 -46.92
C GLU D 35 -5.37 -77.60 -46.64
N ARG D 36 -5.53 -78.40 -45.59
CA ARG D 36 -4.45 -79.24 -45.08
C ARG D 36 -4.20 -80.46 -45.93
N HIS D 37 -5.21 -80.95 -46.66
CA HIS D 37 -5.09 -82.21 -47.37
C HIS D 37 -5.36 -82.13 -48.86
N GLY D 38 -6.17 -81.19 -49.32
CA GLY D 38 -6.46 -81.08 -50.73
C GLY D 38 -6.49 -79.64 -51.19
N TYR D 39 -7.54 -79.26 -51.90
CA TYR D 39 -7.76 -77.87 -52.24
C TYR D 39 -9.26 -77.60 -52.21
N ILE D 40 -9.60 -76.33 -52.05
CA ILE D 40 -10.98 -75.86 -52.13
C ILE D 40 -11.03 -74.74 -53.15
N LYS D 41 -12.07 -74.73 -53.97
CA LYS D 41 -12.20 -73.76 -55.05
C LYS D 41 -13.08 -72.60 -54.61
N GLY D 42 -12.62 -71.39 -54.88
CA GLY D 42 -13.42 -70.21 -54.66
C GLY D 42 -13.45 -69.38 -55.93
N ILE D 43 -14.41 -68.45 -55.97
CA ILE D 43 -14.60 -67.59 -57.13
C ILE D 43 -14.43 -66.14 -56.69
N VAL D 44 -13.68 -65.37 -57.47
CA VAL D 44 -13.44 -63.96 -57.19
C VAL D 44 -14.70 -63.20 -57.60
N LYS D 45 -15.45 -62.71 -56.61
CA LYS D 45 -16.70 -62.04 -56.90
C LYS D 45 -16.52 -60.54 -57.11
N ASP D 46 -15.54 -59.94 -56.46
CA ASP D 46 -15.34 -58.50 -56.59
C ASP D 46 -13.90 -58.14 -56.25
N ILE D 47 -13.47 -57.01 -56.79
CA ILE D 47 -12.20 -56.39 -56.44
C ILE D 47 -12.50 -54.95 -56.06
N ILE D 48 -12.19 -54.59 -54.82
CA ILE D 48 -12.66 -53.33 -54.24
C ILE D 48 -11.48 -52.55 -53.69
N HIS D 49 -11.71 -51.26 -53.48
CA HIS D 49 -10.72 -50.35 -52.95
C HIS D 49 -10.95 -50.21 -51.46
N ASP D 50 -9.94 -50.54 -50.67
CA ASP D 50 -10.04 -50.40 -49.22
C ASP D 50 -9.43 -49.07 -48.80
N PRO D 51 -10.20 -48.17 -48.18
CA PRO D 51 -9.63 -46.89 -47.77
C PRO D 51 -8.47 -47.06 -46.80
N GLY D 52 -7.44 -46.26 -46.99
CA GLY D 52 -6.28 -46.29 -46.14
C GLY D 52 -5.15 -47.18 -46.61
N ARG D 53 -5.41 -48.07 -47.57
CA ARG D 53 -4.38 -48.93 -48.11
C ARG D 53 -4.37 -48.81 -49.63
N GLY D 54 -3.20 -49.03 -50.22
CA GLY D 54 -3.05 -48.89 -51.65
C GLY D 54 -3.33 -50.17 -52.40
N ALA D 55 -3.30 -51.30 -51.71
CA ALA D 55 -3.55 -52.58 -52.34
C ALA D 55 -5.05 -52.80 -52.48
N PRO D 56 -5.52 -53.19 -53.67
CA PRO D 56 -6.93 -53.58 -53.79
C PRO D 56 -7.20 -54.87 -53.03
N LEU D 57 -8.44 -55.00 -52.57
CA LEU D 57 -8.88 -56.22 -51.89
C LEU D 57 -9.76 -57.02 -52.82
N ALA D 58 -9.66 -58.35 -52.70
CA ALA D 58 -10.42 -59.26 -53.52
C ALA D 58 -11.46 -59.95 -52.65
N LYS D 59 -12.71 -59.94 -53.10
CA LYS D 59 -13.80 -60.61 -52.41
C LYS D 59 -14.01 -61.98 -53.06
N VAL D 60 -13.68 -63.03 -52.33
CA VAL D 60 -13.70 -64.39 -52.85
C VAL D 60 -14.70 -65.21 -52.05
N VAL D 61 -15.54 -65.96 -52.75
CA VAL D 61 -16.61 -66.73 -52.13
C VAL D 61 -16.27 -68.21 -52.24
N PHE D 62 -16.26 -68.88 -51.10
CA PHE D 62 -16.02 -70.32 -51.02
C PHE D 62 -17.29 -71.03 -50.60
N ARG D 63 -17.26 -72.35 -50.73
CA ARG D 63 -18.33 -73.21 -50.25
C ARG D 63 -17.95 -73.75 -48.88
N ASP D 64 -18.88 -73.73 -47.95
CA ASP D 64 -18.61 -74.30 -46.65
C ASP D 64 -18.61 -75.82 -46.77
N PRO D 65 -17.54 -76.50 -46.33
CA PRO D 65 -17.48 -77.95 -46.52
C PRO D 65 -18.37 -78.75 -45.58
N TYR D 66 -18.89 -78.16 -44.52
CA TYR D 66 -19.62 -78.91 -43.50
C TYR D 66 -21.09 -78.56 -43.43
N ARG D 67 -21.49 -77.38 -43.88
CA ARG D 67 -22.90 -77.00 -43.89
C ARG D 67 -23.20 -76.25 -45.16
N PHE D 68 -24.47 -76.24 -45.52
CA PHE D 68 -24.91 -75.61 -46.77
C PHE D 68 -24.88 -74.09 -46.63
N LYS D 69 -23.76 -73.47 -47.00
CA LYS D 69 -23.60 -72.04 -46.82
C LYS D 69 -22.45 -71.57 -47.69
N LYS D 70 -22.49 -70.28 -48.03
CA LYS D 70 -21.41 -69.64 -48.77
C LYS D 70 -20.55 -68.84 -47.79
N ARG D 71 -19.24 -68.98 -47.91
CA ARG D 71 -18.29 -68.25 -47.09
C ARG D 71 -17.61 -67.21 -47.95
N THR D 72 -17.61 -65.97 -47.50
CA THR D 72 -17.02 -64.86 -48.23
C THR D 72 -15.74 -64.41 -47.55
N GLU D 73 -14.65 -64.40 -48.31
CA GLU D 73 -13.34 -64.00 -47.81
C GLU D 73 -12.93 -62.68 -48.43
N LEU D 74 -11.91 -62.07 -47.84
CA LEU D 74 -11.46 -60.73 -48.20
C LEU D 74 -9.96 -60.75 -48.48
N PHE D 75 -9.57 -61.64 -49.39
CA PHE D 75 -8.17 -61.80 -49.74
C PHE D 75 -7.56 -60.49 -50.21
N ILE D 76 -6.26 -60.37 -50.02
CA ILE D 76 -5.50 -59.29 -50.64
C ILE D 76 -5.25 -59.66 -52.10
N ALA D 77 -5.60 -58.75 -53.00
CA ALA D 77 -5.59 -59.06 -54.42
C ALA D 77 -4.15 -59.12 -54.95
N ALA D 78 -3.77 -60.28 -55.48
CA ALA D 78 -2.56 -60.38 -56.27
C ALA D 78 -2.80 -59.79 -57.65
N GLU D 79 -1.77 -59.15 -58.20
CA GLU D 79 -1.95 -58.48 -59.48
C GLU D 79 -2.12 -59.49 -60.59
N GLY D 80 -3.16 -59.29 -61.41
CA GLY D 80 -3.49 -60.19 -62.49
C GLY D 80 -4.80 -60.93 -62.29
N ILE D 81 -5.28 -61.05 -61.05
CA ILE D 81 -6.55 -61.72 -60.83
C ILE D 81 -7.69 -60.81 -61.27
N HIS D 82 -8.80 -61.44 -61.64
CA HIS D 82 -9.96 -60.71 -62.15
C HIS D 82 -11.22 -61.35 -61.58
N THR D 83 -12.32 -60.62 -61.70
CA THR D 83 -13.59 -61.15 -61.22
C THR D 83 -14.05 -62.30 -62.10
N GLY D 84 -14.68 -63.29 -61.48
CA GLY D 84 -15.08 -64.47 -62.20
C GLY D 84 -13.99 -65.49 -62.40
N GLN D 85 -12.84 -65.27 -61.79
CA GLN D 85 -11.75 -66.23 -61.83
C GLN D 85 -11.84 -67.19 -60.66
N PHE D 86 -11.53 -68.45 -60.92
CA PHE D 86 -11.49 -69.46 -59.86
C PHE D 86 -10.11 -69.47 -59.22
N VAL D 87 -10.07 -69.33 -57.90
CA VAL D 87 -8.85 -69.45 -57.14
C VAL D 87 -8.96 -70.68 -56.26
N TYR D 88 -7.82 -71.33 -56.03
CA TYR D 88 -7.80 -72.62 -55.36
C TYR D 88 -6.87 -72.54 -54.17
N CYS D 89 -7.33 -72.99 -53.01
CA CYS D 89 -6.59 -72.85 -51.77
C CYS D 89 -6.42 -74.22 -51.15
N GLY D 90 -5.19 -74.57 -50.82
CA GLY D 90 -4.91 -75.82 -50.15
C GLY D 90 -3.56 -76.37 -50.54
N LYS D 91 -3.29 -77.57 -50.02
CA LYS D 91 -2.00 -78.20 -50.26
C LYS D 91 -1.84 -78.64 -51.71
N LYS D 92 -2.92 -79.16 -52.30
CA LYS D 92 -2.87 -79.70 -53.64
C LYS D 92 -3.15 -78.67 -54.72
N ALA D 93 -3.27 -77.40 -54.36
CA ALA D 93 -3.48 -76.36 -55.37
C ALA D 93 -2.25 -76.20 -56.24
N GLN D 94 -2.46 -75.67 -57.44
CA GLN D 94 -1.40 -75.51 -58.43
C GLN D 94 -0.80 -74.11 -58.37
N LEU D 95 0.37 -73.97 -58.96
CA LEU D 95 1.07 -72.68 -59.01
C LEU D 95 0.40 -71.77 -60.02
N ASN D 96 -0.54 -70.97 -59.55
CA ASN D 96 -1.15 -69.97 -60.41
C ASN D 96 -1.32 -68.70 -59.59
N ILE D 97 -1.34 -67.57 -60.29
CA ILE D 97 -1.48 -66.28 -59.61
C ILE D 97 -2.83 -66.24 -58.92
N GLY D 98 -2.80 -66.11 -57.59
CA GLY D 98 -4.00 -66.05 -56.79
C GLY D 98 -4.26 -67.28 -55.95
N ASN D 99 -3.65 -68.41 -56.27
CA ASN D 99 -3.83 -69.61 -55.47
C ASN D 99 -3.11 -69.46 -54.14
N VAL D 100 -3.63 -70.14 -53.12
CA VAL D 100 -3.03 -70.16 -51.79
C VAL D 100 -2.61 -71.59 -51.48
N LEU D 101 -1.31 -71.79 -51.35
CA LEU D 101 -0.77 -73.11 -51.07
C LEU D 101 0.45 -72.95 -50.19
N PRO D 102 0.81 -73.98 -49.42
CA PRO D 102 1.91 -73.84 -48.46
C PRO D 102 3.24 -73.63 -49.16
N VAL D 103 4.13 -72.91 -48.48
CA VAL D 103 5.42 -72.58 -49.08
C VAL D 103 6.28 -73.81 -49.25
N GLY D 104 6.16 -74.79 -48.36
CA GLY D 104 6.95 -76.00 -48.47
C GLY D 104 6.68 -76.81 -49.72
N THR D 105 5.51 -76.65 -50.32
CA THR D 105 5.17 -77.31 -51.56
C THR D 105 5.54 -76.49 -52.78
N MET D 106 6.13 -75.38 -52.60
CA MET D 106 6.43 -74.50 -53.71
C MET D 106 7.89 -74.63 -54.13
N PRO D 107 8.20 -74.36 -55.39
CA PRO D 107 9.58 -74.48 -55.87
C PRO D 107 10.55 -73.51 -55.22
N GLU D 108 11.81 -73.57 -55.64
CA GLU D 108 12.88 -72.89 -54.95
C GLU D 108 13.06 -71.44 -55.37
N GLY D 109 12.25 -70.93 -56.29
CA GLY D 109 12.41 -69.57 -56.73
C GLY D 109 11.10 -68.83 -56.88
N THR D 110 10.00 -69.48 -56.51
CA THR D 110 8.69 -68.87 -56.61
C THR D 110 8.59 -67.67 -55.67
N ILE D 111 7.78 -66.71 -56.06
CA ILE D 111 7.55 -65.56 -55.20
C ILE D 111 6.08 -65.52 -54.83
N VAL D 112 5.80 -64.94 -53.67
CA VAL D 112 4.51 -65.09 -53.01
C VAL D 112 4.02 -63.72 -52.58
N CYS D 113 2.73 -63.67 -52.22
CA CYS D 113 2.06 -62.41 -51.99
C CYS D 113 1.70 -62.18 -50.52
N CYS D 114 0.93 -63.05 -49.90
CA CYS D 114 0.43 -62.80 -48.55
C CYS D 114 0.90 -63.95 -47.65
N LEU D 115 2.11 -63.83 -47.15
CA LEU D 115 2.77 -64.91 -46.44
C LEU D 115 2.37 -64.91 -44.97
N GLU D 116 2.23 -66.11 -44.42
CA GLU D 116 1.97 -66.27 -42.99
C GLU D 116 3.26 -66.19 -42.21
N GLU D 117 3.25 -65.43 -41.11
CA GLU D 117 4.40 -65.38 -40.23
C GLU D 117 4.53 -66.67 -39.42
N LYS D 118 3.41 -67.23 -39.00
CA LYS D 118 3.35 -68.46 -38.22
C LYS D 118 2.46 -69.46 -38.93
N PRO D 119 2.68 -70.74 -38.73
CA PRO D 119 1.87 -71.73 -39.45
C PRO D 119 0.46 -71.83 -38.90
N GLY D 120 -0.43 -70.99 -39.40
CA GLY D 120 -1.82 -71.12 -39.03
C GLY D 120 -2.57 -69.80 -38.91
N ASP D 121 -1.86 -68.71 -38.64
CA ASP D 121 -2.50 -67.42 -38.71
C ASP D 121 -2.78 -67.07 -40.17
N ARG D 122 -3.43 -65.96 -40.41
CA ARG D 122 -3.67 -65.57 -41.78
C ARG D 122 -2.42 -64.86 -42.31
N GLY D 123 -2.51 -64.26 -43.50
CA GLY D 123 -1.34 -63.64 -44.08
C GLY D 123 -0.85 -62.47 -43.23
N LYS D 124 0.47 -62.35 -43.14
CA LYS D 124 1.09 -61.26 -42.37
C LYS D 124 2.20 -60.53 -43.10
N LEU D 125 2.84 -61.14 -44.08
CA LEU D 125 4.03 -60.56 -44.70
C LEU D 125 3.75 -60.24 -46.17
N ALA D 126 4.45 -59.21 -46.66
CA ALA D 126 4.37 -58.78 -48.06
C ALA D 126 2.96 -58.36 -48.45
N ARG D 127 2.26 -57.68 -47.55
CA ARG D 127 0.87 -57.31 -47.79
C ARG D 127 0.72 -55.96 -48.48
N ALA D 128 1.66 -55.04 -48.30
CA ALA D 128 1.52 -53.71 -48.88
C ALA D 128 1.71 -53.75 -50.39
N SER D 129 1.08 -52.81 -51.08
CA SER D 129 0.94 -52.86 -52.53
C SER D 129 2.28 -52.90 -53.24
N GLY D 130 2.37 -53.77 -54.24
CA GLY D 130 3.58 -53.97 -55.01
C GLY D 130 4.59 -54.91 -54.40
N ASN D 131 4.41 -55.31 -53.15
CA ASN D 131 5.42 -56.07 -52.43
C ASN D 131 5.22 -57.57 -52.61
N TYR D 132 6.29 -58.31 -52.37
CA TYR D 132 6.26 -59.76 -52.50
C TYR D 132 7.44 -60.32 -51.71
N ALA D 133 7.35 -61.61 -51.42
CA ALA D 133 8.45 -62.35 -50.83
C ALA D 133 8.83 -63.50 -51.76
N THR D 134 10.09 -63.91 -51.68
CA THR D 134 10.64 -64.97 -52.52
C THR D 134 10.98 -66.17 -51.65
N VAL D 135 10.64 -67.36 -52.14
CA VAL D 135 11.03 -68.60 -51.47
C VAL D 135 12.45 -68.92 -51.91
N ILE D 136 13.34 -69.12 -50.94
CA ILE D 136 14.75 -69.33 -51.23
C ILE D 136 15.11 -70.81 -51.22
N SER D 137 14.94 -71.46 -50.07
CA SER D 137 15.40 -72.83 -49.90
C SER D 137 14.47 -73.57 -48.96
N HIS D 138 14.55 -74.90 -49.02
CA HIS D 138 13.77 -75.78 -48.16
C HIS D 138 14.71 -76.73 -47.44
N ASN D 139 14.22 -77.31 -46.36
CA ASN D 139 14.75 -78.58 -45.92
C ASN D 139 13.60 -79.41 -45.38
N PRO D 140 13.31 -80.56 -46.01
CA PRO D 140 12.20 -81.39 -45.51
C PRO D 140 12.35 -81.82 -44.07
N GLU D 141 13.57 -82.09 -43.63
CA GLU D 141 13.83 -82.26 -42.20
C GLU D 141 13.70 -80.91 -41.51
N THR D 142 13.11 -80.93 -40.32
CA THR D 142 12.78 -79.76 -39.50
C THR D 142 11.68 -78.91 -40.12
N LYS D 143 11.25 -79.25 -41.34
CA LYS D 143 10.11 -78.63 -42.02
C LYS D 143 10.20 -77.11 -42.03
N LYS D 144 11.34 -76.59 -42.43
CA LYS D 144 11.60 -75.17 -42.46
C LYS D 144 11.82 -74.69 -43.89
N THR D 145 11.46 -73.44 -44.13
CA THR D 145 11.62 -72.83 -45.44
C THR D 145 12.18 -71.42 -45.23
N ARG D 146 13.17 -71.06 -46.04
CA ARG D 146 13.82 -69.76 -45.96
C ARG D 146 13.25 -68.84 -47.02
N VAL D 147 12.82 -67.64 -46.61
CA VAL D 147 12.20 -66.68 -47.52
C VAL D 147 12.93 -65.36 -47.44
N LYS D 148 12.81 -64.57 -48.50
CA LYS D 148 13.37 -63.23 -48.54
C LYS D 148 12.22 -62.22 -48.52
N LEU D 149 12.17 -61.44 -47.48
CA LEU D 149 11.13 -60.46 -47.23
C LEU D 149 11.34 -59.20 -48.05
N PRO D 150 10.31 -58.38 -48.20
CA PRO D 150 10.48 -57.11 -48.94
C PRO D 150 11.60 -56.22 -48.43
N SER D 151 11.91 -56.27 -47.13
CA SER D 151 13.02 -55.48 -46.61
C SER D 151 14.37 -56.03 -47.02
N GLY D 152 14.40 -57.22 -47.62
CA GLY D 152 15.64 -57.86 -47.97
C GLY D 152 16.19 -58.79 -46.92
N SER D 153 15.60 -58.82 -45.74
CA SER D 153 16.04 -59.73 -44.70
C SER D 153 15.61 -61.15 -45.04
N LYS D 154 16.33 -62.12 -44.48
CA LYS D 154 16.09 -63.52 -44.72
C LYS D 154 15.40 -64.10 -43.49
N LYS D 155 14.34 -64.85 -43.69
CA LYS D 155 13.56 -65.40 -42.58
C LYS D 155 13.33 -66.88 -42.78
N VAL D 156 13.40 -67.63 -41.69
CA VAL D 156 13.13 -69.05 -41.69
C VAL D 156 11.75 -69.29 -41.09
N ILE D 157 10.87 -69.94 -41.84
CA ILE D 157 9.50 -70.17 -41.42
C ILE D 157 9.18 -71.65 -41.63
N SER D 158 8.07 -72.08 -41.04
CA SER D 158 7.61 -73.45 -41.24
C SER D 158 7.21 -73.67 -42.68
N SER D 159 7.34 -74.90 -43.15
CA SER D 159 6.92 -75.25 -44.50
C SER D 159 5.41 -75.29 -44.65
N ALA D 160 4.66 -75.19 -43.55
CA ALA D 160 3.21 -75.21 -43.59
C ALA D 160 2.59 -73.82 -43.73
N ASN D 161 3.40 -72.77 -43.71
CA ASN D 161 2.87 -71.42 -43.89
C ASN D 161 2.32 -71.27 -45.30
N ARG D 162 1.10 -70.74 -45.40
CA ARG D 162 0.44 -70.54 -46.67
C ARG D 162 0.77 -69.14 -47.22
N ALA D 163 0.64 -69.00 -48.53
CA ALA D 163 0.85 -67.72 -49.17
C ALA D 163 0.18 -67.71 -50.53
N VAL D 164 -0.09 -66.52 -51.02
CA VAL D 164 -0.70 -66.32 -52.33
C VAL D 164 0.41 -66.21 -53.37
N VAL D 165 0.26 -66.88 -54.50
CA VAL D 165 1.26 -66.82 -55.55
C VAL D 165 1.10 -65.52 -56.32
N GLY D 166 2.19 -64.79 -56.50
CA GLY D 166 2.21 -63.58 -57.29
C GLY D 166 2.62 -62.38 -56.46
N VAL D 167 2.57 -61.22 -57.10
CA VAL D 167 2.81 -59.95 -56.42
C VAL D 167 1.47 -59.34 -56.10
N VAL D 168 1.41 -58.59 -55.01
CA VAL D 168 0.19 -57.88 -54.67
C VAL D 168 -0.04 -56.72 -55.63
N ALA D 169 -1.30 -56.52 -56.02
CA ALA D 169 -1.67 -55.44 -56.92
C ALA D 169 -1.51 -54.09 -56.22
N GLY D 170 -1.62 -53.03 -57.02
CA GLY D 170 -1.38 -51.70 -56.54
C GLY D 170 -0.09 -51.10 -57.03
N GLY D 171 0.76 -51.89 -57.68
CA GLY D 171 1.85 -51.41 -58.50
C GLY D 171 2.75 -50.36 -57.90
N GLY D 172 3.38 -49.55 -58.76
CA GLY D 172 4.29 -48.52 -58.30
C GLY D 172 3.58 -47.26 -57.84
N ARG D 173 2.88 -47.35 -56.71
CA ARG D 173 2.09 -46.23 -56.24
C ARG D 173 2.97 -45.08 -55.78
N ILE D 174 4.17 -45.39 -55.29
CA ILE D 174 5.06 -44.34 -54.77
C ILE D 174 5.83 -43.62 -55.86
N ASP D 175 5.63 -43.98 -57.12
CA ASP D 175 6.34 -43.31 -58.20
C ASP D 175 5.79 -41.92 -58.45
N LYS D 176 4.49 -41.77 -58.36
CA LYS D 176 3.86 -40.49 -58.67
C LYS D 176 4.14 -39.48 -57.56
N PRO D 177 4.72 -38.33 -57.88
CA PRO D 177 4.83 -37.27 -56.87
C PRO D 177 3.46 -36.80 -56.42
N ILE D 178 3.34 -36.53 -55.13
CA ILE D 178 2.06 -36.09 -54.58
C ILE D 178 1.73 -34.69 -55.06
N LEU D 179 2.74 -33.83 -55.18
CA LEU D 179 2.71 -32.51 -55.80
C LEU D 179 1.97 -31.46 -55.00
N LYS D 180 1.21 -31.85 -53.99
CA LYS D 180 0.29 -30.91 -53.36
C LYS D 180 0.14 -31.25 -51.90
N ALA D 181 0.08 -30.22 -51.06
CA ALA D 181 -0.27 -30.44 -49.67
C ALA D 181 -1.69 -30.94 -49.54
N GLY D 182 -2.56 -30.57 -50.49
CA GLY D 182 -3.93 -31.05 -50.45
C GLY D 182 -4.04 -32.55 -50.70
N ARG D 183 -3.26 -33.07 -51.64
CA ARG D 183 -3.31 -34.49 -51.92
C ARG D 183 -2.75 -35.31 -50.76
N ALA D 184 -1.75 -34.77 -50.07
CA ALA D 184 -1.23 -35.44 -48.88
C ALA D 184 -2.24 -35.36 -47.74
N TYR D 185 -3.01 -34.28 -47.67
CA TYR D 185 -4.05 -34.17 -46.67
C TYR D 185 -5.13 -35.23 -46.88
N HIS D 186 -5.53 -35.45 -48.13
CA HIS D 186 -6.56 -36.45 -48.41
C HIS D 186 -6.02 -37.85 -48.24
N LYS D 187 -4.72 -38.04 -48.42
CA LYS D 187 -4.13 -39.36 -48.25
C LYS D 187 -4.18 -39.80 -46.79
N TYR D 188 -3.82 -38.91 -45.88
CA TYR D 188 -3.74 -39.26 -44.47
C TYR D 188 -5.05 -39.05 -43.75
N LYS D 189 -6.01 -38.35 -44.36
CA LYS D 189 -7.33 -38.25 -43.76
C LYS D 189 -8.03 -39.61 -43.77
N ALA D 190 -7.64 -40.49 -44.69
CA ALA D 190 -8.15 -41.85 -44.73
C ALA D 190 -7.35 -42.82 -43.88
N LYS D 191 -6.25 -42.39 -43.26
CA LYS D 191 -5.41 -43.29 -42.50
C LYS D 191 -5.41 -43.00 -41.01
N ARG D 192 -4.98 -41.82 -40.58
CA ARG D 192 -4.85 -41.46 -39.18
C ARG D 192 -4.35 -40.02 -39.12
N ASN D 193 -4.39 -39.45 -37.92
CA ASN D 193 -3.98 -38.06 -37.70
C ASN D 193 -2.49 -38.01 -37.49
N CYS D 194 -1.73 -37.92 -38.58
CA CYS D 194 -0.29 -37.83 -38.47
C CYS D 194 0.37 -36.85 -39.44
N TRP D 195 -0.38 -36.25 -40.36
CA TRP D 195 0.30 -35.70 -41.53
C TRP D 195 1.02 -34.37 -41.33
N PRO D 196 0.35 -33.27 -40.95
CA PRO D 196 1.11 -32.02 -40.91
C PRO D 196 2.11 -32.08 -39.77
N ARG D 197 3.37 -32.26 -40.12
CA ARG D 197 4.41 -32.60 -39.16
C ARG D 197 5.26 -31.38 -38.85
N VAL D 198 5.18 -30.90 -37.63
CA VAL D 198 5.94 -29.75 -37.20
C VAL D 198 7.32 -30.23 -36.78
N ARG D 199 8.35 -29.57 -37.29
CA ARG D 199 9.72 -29.90 -36.92
C ARG D 199 9.94 -29.60 -35.43
N GLY D 200 10.71 -30.47 -34.77
CA GLY D 200 10.99 -30.26 -33.36
C GLY D 200 11.82 -29.03 -33.09
N VAL D 201 12.71 -28.67 -34.02
CA VAL D 201 13.50 -27.46 -33.87
C VAL D 201 12.64 -26.22 -33.94
N ALA D 202 11.46 -26.31 -34.52
CA ALA D 202 10.52 -25.20 -34.62
C ALA D 202 9.64 -25.05 -33.39
N MET D 203 9.82 -25.91 -32.39
CA MET D 203 9.02 -25.90 -31.19
C MET D 203 9.76 -25.18 -30.06
N ASN D 204 9.12 -25.08 -28.93
CA ASN D 204 9.70 -24.55 -27.71
C ASN D 204 10.32 -25.69 -26.90
N PRO D 205 11.25 -25.38 -25.99
CA PRO D 205 11.89 -26.46 -25.22
C PRO D 205 10.94 -27.28 -24.38
N VAL D 206 9.78 -26.73 -24.02
CA VAL D 206 8.89 -27.42 -23.10
C VAL D 206 8.26 -28.64 -23.75
N GLU D 207 8.00 -28.61 -25.06
CA GLU D 207 7.35 -29.74 -25.71
C GLU D 207 8.27 -30.51 -26.66
N HIS D 208 9.57 -30.22 -26.67
CA HIS D 208 10.44 -31.06 -27.48
C HIS D 208 11.88 -30.98 -26.99
N PRO D 209 12.65 -32.07 -27.07
CA PRO D 209 14.08 -31.98 -26.79
C PRO D 209 14.83 -31.04 -27.72
N PHE D 210 14.40 -30.91 -28.97
CA PHE D 210 15.11 -30.10 -29.93
C PHE D 210 14.64 -28.66 -29.96
N GLY D 211 13.60 -28.32 -29.21
CA GLY D 211 13.04 -26.99 -29.28
C GLY D 211 13.86 -25.95 -28.57
N GLY D 212 13.63 -24.70 -28.95
CA GLY D 212 14.29 -23.58 -28.31
C GLY D 212 15.53 -23.10 -29.03
N GLY D 213 16.08 -22.03 -28.51
CA GLY D 213 17.27 -21.40 -29.04
C GLY D 213 16.93 -20.23 -29.94
N ASN D 214 17.88 -19.30 -30.04
CA ASN D 214 17.67 -18.13 -30.89
C ASN D 214 17.89 -18.43 -32.36
N HIS D 215 18.51 -19.56 -32.69
CA HIS D 215 18.52 -20.10 -34.03
C HIS D 215 17.88 -21.48 -33.99
N GLN D 216 17.34 -21.91 -35.12
CA GLN D 216 16.73 -23.24 -35.20
C GLN D 216 17.84 -24.26 -35.42
N HIS D 217 18.49 -24.63 -34.32
CA HIS D 217 19.53 -25.65 -34.33
C HIS D 217 19.18 -26.70 -33.30
N ILE D 218 19.68 -27.92 -33.52
CA ILE D 218 19.36 -29.01 -32.62
C ILE D 218 20.07 -28.82 -31.28
N GLY D 219 21.35 -28.47 -31.33
CA GLY D 219 22.10 -28.17 -30.13
C GLY D 219 22.70 -29.38 -29.43
N LYS D 220 22.27 -30.58 -29.79
CA LYS D 220 22.76 -31.83 -29.23
C LYS D 220 22.80 -32.83 -30.37
N PRO D 221 23.57 -33.90 -30.24
CA PRO D 221 23.58 -34.92 -31.29
C PRO D 221 22.19 -35.50 -31.51
N SER D 222 21.78 -35.57 -32.78
CA SER D 222 20.44 -36.04 -33.08
C SER D 222 20.32 -37.55 -33.01
N THR D 223 21.44 -38.26 -33.06
CA THR D 223 21.41 -39.70 -32.81
C THR D 223 21.24 -39.94 -31.31
N ILE D 224 20.31 -40.82 -30.96
CA ILE D 224 19.94 -41.05 -29.58
C ILE D 224 20.00 -42.53 -29.30
N ARG D 225 20.36 -42.88 -28.07
CA ARG D 225 20.57 -44.27 -27.69
C ARG D 225 19.25 -45.03 -27.67
N ARG D 226 19.36 -46.36 -27.72
CA ARG D 226 18.18 -47.20 -27.78
C ARG D 226 17.35 -47.14 -26.51
N ASP D 227 18.02 -47.14 -25.36
CA ASP D 227 17.32 -47.19 -24.08
C ASP D 227 16.99 -45.82 -23.51
N ALA D 228 16.99 -44.79 -24.34
CA ALA D 228 16.59 -43.47 -23.88
C ALA D 228 15.13 -43.50 -23.46
N PRO D 229 14.75 -42.76 -22.42
CA PRO D 229 13.34 -42.75 -22.00
C PRO D 229 12.44 -42.11 -23.04
N ALA D 230 11.17 -42.53 -23.02
CA ALA D 230 10.18 -41.88 -23.88
C ALA D 230 10.05 -40.42 -23.49
N GLY D 231 9.92 -39.57 -24.50
CA GLY D 231 10.03 -38.15 -24.33
C GLY D 231 11.41 -37.61 -24.61
N ARG D 232 12.39 -38.49 -24.78
CA ARG D 232 13.75 -38.10 -25.12
C ARG D 232 14.22 -38.68 -26.45
N LYS D 233 13.89 -39.94 -26.75
CA LYS D 233 14.39 -40.54 -27.98
C LYS D 233 13.62 -39.97 -29.17
N VAL D 234 14.10 -38.83 -29.63
CA VAL D 234 13.63 -38.20 -30.85
C VAL D 234 14.84 -38.01 -31.75
N GLY D 235 14.60 -37.95 -33.04
CA GLY D 235 15.69 -37.89 -33.97
C GLY D 235 16.01 -39.26 -34.51
N LEU D 236 17.29 -39.56 -34.70
CA LEU D 236 17.73 -40.84 -35.24
C LEU D 236 17.95 -41.80 -34.09
N ILE D 237 17.11 -42.83 -34.01
CA ILE D 237 17.04 -43.70 -32.85
C ILE D 237 17.94 -44.90 -33.08
N ALA D 238 18.97 -45.03 -32.23
CA ALA D 238 19.89 -46.17 -32.26
C ALA D 238 20.52 -46.36 -33.63
N ALA D 239 20.89 -45.24 -34.25
CA ALA D 239 21.40 -45.27 -35.61
C ALA D 239 22.78 -45.88 -35.67
N ARG D 240 22.95 -46.88 -36.54
CA ARG D 240 24.25 -47.51 -36.69
C ARG D 240 25.21 -46.63 -37.47
N ARG D 241 24.70 -45.80 -38.36
CA ARG D 241 25.51 -44.83 -39.09
C ARG D 241 24.57 -43.74 -39.57
N THR D 242 25.13 -42.61 -39.98
CA THR D 242 24.37 -41.53 -40.58
C THR D 242 25.11 -41.06 -41.82
N GLY D 243 24.50 -40.14 -42.54
CA GLY D 243 25.18 -39.54 -43.68
C GLY D 243 24.44 -39.67 -44.97
N ARG D 244 25.12 -40.13 -46.02
CA ARG D 244 24.54 -40.17 -47.35
C ARG D 244 24.44 -41.57 -47.92
N LEU D 245 25.02 -42.58 -47.26
CA LEU D 245 24.99 -43.98 -47.72
C LEU D 245 25.62 -44.11 -49.10
N ARG D 246 26.90 -43.79 -49.15
CA ARG D 246 27.68 -43.84 -50.38
C ARG D 246 28.38 -45.19 -50.44
N GLY D 247 27.90 -46.07 -51.32
CA GLY D 247 28.51 -47.37 -51.48
C GLY D 247 27.51 -48.52 -51.44
N THR D 248 26.35 -48.28 -50.85
CA THR D 248 25.32 -49.30 -50.74
C THR D 248 23.95 -48.68 -50.48
N SER E 1 15.40 24.13 -24.77
CA SER E 1 16.32 24.37 -25.86
C SER E 1 15.70 25.31 -26.88
N HIS E 2 16.54 25.97 -27.67
CA HIS E 2 16.08 26.91 -28.65
C HIS E 2 15.28 26.21 -29.74
N ARG E 3 14.33 26.94 -30.33
CA ARG E 3 13.62 26.39 -31.47
C ARG E 3 14.58 26.24 -32.64
N LYS E 4 14.38 25.18 -33.42
CA LYS E 4 15.42 24.73 -34.33
C LYS E 4 15.64 25.71 -35.47
N PHE E 5 14.57 26.31 -35.98
CA PHE E 5 14.64 27.32 -37.02
C PHE E 5 13.89 28.56 -36.60
N SER E 6 14.43 29.71 -36.95
CA SER E 6 13.81 30.97 -36.61
C SER E 6 12.60 31.22 -37.49
N ALA E 7 11.56 31.83 -36.92
CA ALA E 7 10.39 32.22 -37.66
C ALA E 7 9.80 33.44 -37.00
N PRO E 8 9.30 34.41 -37.75
CA PRO E 8 8.68 35.58 -37.15
C PRO E 8 7.37 35.22 -36.44
N ARG E 9 7.00 36.05 -35.49
CA ARG E 9 5.82 35.81 -34.67
C ARG E 9 4.54 35.98 -35.48
N HIS E 10 3.52 35.19 -35.16
CA HIS E 10 2.23 35.30 -35.82
C HIS E 10 1.40 36.37 -35.14
N GLY E 11 1.01 37.40 -35.90
CA GLY E 11 0.16 38.45 -35.39
C GLY E 11 0.92 39.48 -34.59
N SER E 12 0.25 40.59 -34.32
CA SER E 12 0.84 41.71 -33.63
C SER E 12 0.32 41.78 -32.20
N LEU E 13 1.22 42.10 -31.28
CA LEU E 13 0.84 42.31 -29.89
C LEU E 13 0.40 43.73 -29.61
N GLY E 14 0.37 44.58 -30.64
CA GLY E 14 -0.09 45.94 -30.49
C GLY E 14 -1.59 46.10 -30.51
N PHE E 15 -2.32 45.04 -30.79
CA PHE E 15 -3.77 45.02 -30.81
C PHE E 15 -4.30 43.94 -29.89
N LEU E 16 -3.64 43.73 -28.75
CA LEU E 16 -3.88 42.52 -27.97
C LEU E 16 -5.29 42.33 -27.42
N PRO E 17 -5.97 43.31 -26.86
CA PRO E 17 -7.34 43.02 -26.42
C PRO E 17 -8.20 42.75 -27.65
N ARG E 18 -8.04 41.56 -28.21
CA ARG E 18 -8.69 41.18 -29.46
C ARG E 18 -10.14 40.84 -29.16
N LYS E 19 -10.86 41.88 -28.77
CA LYS E 19 -12.20 41.77 -28.21
C LYS E 19 -13.16 42.60 -29.06
N ARG E 20 -14.45 42.37 -28.84
CA ARG E 20 -15.45 43.20 -29.48
C ARG E 20 -15.29 44.63 -29.00
N SER E 21 -15.31 45.57 -29.93
CA SER E 21 -15.17 46.97 -29.57
C SER E 21 -16.32 47.40 -28.67
N SER E 22 -15.99 48.20 -27.66
CA SER E 22 -17.02 48.70 -26.75
C SER E 22 -17.88 49.77 -27.39
N ARG E 23 -17.52 50.25 -28.57
CA ARG E 23 -18.27 51.26 -29.28
C ARG E 23 -18.55 50.78 -30.70
N HIS E 24 -19.62 51.33 -31.28
CA HIS E 24 -19.98 51.05 -32.66
C HIS E 24 -19.57 52.15 -33.60
N ARG E 25 -19.41 53.38 -33.10
CA ARG E 25 -19.12 54.52 -33.96
C ARG E 25 -17.66 54.54 -34.40
N GLY E 26 -16.74 54.42 -33.45
CA GLY E 26 -15.34 54.58 -33.77
C GLY E 26 -14.88 55.96 -33.40
N LYS E 27 -14.16 56.10 -32.29
CA LYS E 27 -13.81 57.41 -31.77
C LYS E 27 -12.43 57.83 -32.26
N VAL E 28 -12.21 59.14 -32.27
CA VAL E 28 -11.03 59.70 -32.91
C VAL E 28 -9.76 59.37 -32.14
N LYS E 29 -9.76 59.62 -30.83
CA LYS E 29 -8.69 59.29 -29.89
C LYS E 29 -7.45 60.17 -30.05
N SER E 30 -7.37 60.95 -31.13
CA SER E 30 -6.28 61.90 -31.31
C SER E 30 -6.69 62.88 -32.40
N PHE E 31 -6.91 64.10 -32.02
CA PHE E 31 -7.18 65.13 -33.00
C PHE E 31 -5.89 65.79 -33.44
N PRO E 32 -5.85 66.35 -34.65
CA PRO E 32 -4.63 67.04 -35.10
C PRO E 32 -4.26 68.17 -34.15
N LYS E 33 -2.95 68.30 -33.94
CA LYS E 33 -2.45 69.32 -33.02
C LYS E 33 -2.84 70.71 -33.51
N ASP E 34 -3.33 71.53 -32.58
CA ASP E 34 -3.89 72.82 -32.92
C ASP E 34 -2.80 73.87 -32.97
N ASP E 35 -2.80 74.69 -34.01
CA ASP E 35 -1.91 75.84 -34.11
C ASP E 35 -2.73 77.07 -34.44
N PRO E 36 -2.62 78.14 -33.66
CA PRO E 36 -3.48 79.31 -33.88
C PRO E 36 -3.23 80.04 -35.18
N SER E 37 -2.10 79.81 -35.85
CA SER E 37 -1.80 80.53 -37.09
C SER E 37 -2.77 80.15 -38.20
N LYS E 38 -3.24 78.90 -38.20
CA LYS E 38 -4.17 78.45 -39.21
C LYS E 38 -5.53 79.12 -39.04
N PRO E 39 -6.34 79.15 -40.09
CA PRO E 39 -7.72 79.59 -39.94
C PRO E 39 -8.56 78.54 -39.22
N VAL E 40 -9.70 78.98 -38.69
CA VAL E 40 -10.56 78.11 -37.91
C VAL E 40 -11.19 77.07 -38.83
N HIS E 41 -11.10 75.80 -38.45
CA HIS E 41 -11.59 74.72 -39.29
C HIS E 41 -11.95 73.52 -38.44
N LEU E 42 -12.76 72.63 -39.01
CA LEU E 42 -13.11 71.39 -38.35
C LEU E 42 -12.15 70.29 -38.77
N THR E 43 -11.97 69.31 -37.91
CA THR E 43 -10.92 68.31 -38.08
C THR E 43 -11.46 66.92 -38.36
N ALA E 44 -12.78 66.72 -38.37
CA ALA E 44 -13.31 65.37 -38.55
C ALA E 44 -14.70 65.45 -39.15
N PHE E 45 -15.23 64.28 -39.49
CA PHE E 45 -16.53 64.17 -40.14
C PHE E 45 -17.03 62.73 -39.98
N LEU E 46 -18.33 62.54 -40.18
CA LEU E 46 -18.94 61.22 -40.12
C LEU E 46 -19.52 60.85 -41.48
N GLY E 47 -19.23 59.63 -41.93
CA GLY E 47 -19.76 59.12 -43.17
C GLY E 47 -20.21 57.68 -43.02
N TYR E 48 -20.78 57.16 -44.10
CA TYR E 48 -21.33 55.81 -44.10
C TYR E 48 -20.82 55.05 -45.30
N LYS E 49 -20.29 53.85 -45.06
CA LYS E 49 -19.68 53.05 -46.11
C LYS E 49 -20.75 52.55 -47.07
N ALA E 50 -20.83 53.18 -48.24
CA ALA E 50 -21.84 52.80 -49.23
C ALA E 50 -21.42 51.56 -50.01
N GLY E 51 -20.21 51.55 -50.52
CA GLY E 51 -19.75 50.42 -51.30
C GLY E 51 -18.45 50.75 -51.99
N MET E 52 -18.01 49.81 -52.83
CA MET E 52 -16.76 49.93 -53.54
C MET E 52 -17.00 49.90 -55.04
N THR E 53 -16.08 50.49 -55.78
CA THR E 53 -16.02 50.37 -57.23
C THR E 53 -14.57 50.62 -57.63
N HIS E 54 -14.34 50.79 -58.93
CA HIS E 54 -13.01 51.09 -59.42
C HIS E 54 -13.09 52.17 -60.48
N ILE E 55 -11.96 52.85 -60.67
CA ILE E 55 -11.86 54.00 -61.55
C ILE E 55 -10.69 53.80 -62.51
N VAL E 56 -10.65 54.64 -63.53
CA VAL E 56 -9.52 54.70 -64.44
C VAL E 56 -8.99 56.13 -64.42
N ARG E 57 -7.68 56.26 -64.21
CA ARG E 57 -7.05 57.58 -64.17
C ARG E 57 -5.65 57.48 -64.75
N GLU E 58 -5.09 58.62 -65.10
CA GLU E 58 -3.72 58.70 -65.58
C GLU E 58 -2.81 59.13 -64.44
N VAL E 59 -1.66 58.49 -64.34
CA VAL E 59 -0.73 58.69 -63.23
C VAL E 59 0.32 59.71 -63.66
N ASP E 60 0.69 60.59 -62.72
CA ASP E 60 1.66 61.64 -63.00
C ASP E 60 2.85 61.48 -62.06
N ARG E 61 3.38 60.25 -62.00
CA ARG E 61 4.51 59.90 -61.14
C ARG E 61 5.77 59.77 -61.97
N PRO E 62 6.62 60.79 -62.05
CA PRO E 62 7.83 60.69 -62.88
C PRO E 62 8.78 59.64 -62.35
N GLY E 63 9.51 59.02 -63.28
CA GLY E 63 10.44 57.97 -62.94
C GLY E 63 9.81 56.62 -62.68
N SER E 64 8.50 56.48 -62.85
CA SER E 64 7.79 55.25 -62.59
C SER E 64 7.47 54.54 -63.91
N LYS E 65 7.21 53.23 -63.81
CA LYS E 65 6.78 52.48 -64.97
C LYS E 65 5.42 52.94 -65.46
N VAL E 66 4.57 53.41 -64.55
CA VAL E 66 3.22 53.81 -64.88
C VAL E 66 3.10 55.32 -65.04
N ASN E 67 4.21 56.00 -65.32
CA ASN E 67 4.16 57.43 -65.56
C ASN E 67 3.43 57.70 -66.87
N LYS E 68 2.46 58.62 -66.81
CA LYS E 68 1.62 59.00 -67.95
C LYS E 68 0.83 57.82 -68.51
N LYS E 69 0.57 56.82 -67.69
CA LYS E 69 -0.14 55.62 -68.10
C LYS E 69 -1.46 55.52 -67.36
N GLU E 70 -2.36 54.71 -67.90
CA GLU E 70 -3.66 54.47 -67.31
C GLU E 70 -3.57 53.35 -66.29
N VAL E 71 -4.22 53.53 -65.14
CA VAL E 71 -4.31 52.50 -64.13
C VAL E 71 -5.77 52.34 -63.73
N VAL E 72 -6.08 51.17 -63.19
CA VAL E 72 -7.39 50.88 -62.62
C VAL E 72 -7.22 50.70 -61.13
N GLU E 73 -7.92 51.51 -60.35
CA GLU E 73 -7.74 51.53 -58.91
C GLU E 73 -9.09 51.41 -58.20
N ALA E 74 -9.15 50.50 -57.24
CA ALA E 74 -10.34 50.33 -56.44
C ALA E 74 -10.56 51.53 -55.53
N VAL E 75 -11.82 51.93 -55.38
CA VAL E 75 -12.17 53.05 -54.52
C VAL E 75 -13.34 52.64 -53.63
N THR E 76 -13.48 53.36 -52.53
CA THR E 76 -14.59 53.18 -51.60
C THR E 76 -15.43 54.43 -51.59
N ILE E 77 -16.75 54.27 -51.68
CA ILE E 77 -17.68 55.38 -51.64
C ILE E 77 -18.23 55.52 -50.23
N VAL E 78 -18.09 56.71 -49.66
CA VAL E 78 -18.56 57.00 -48.31
C VAL E 78 -19.57 58.13 -48.42
N GLU E 79 -20.84 57.81 -48.22
CA GLU E 79 -21.88 58.83 -48.28
C GLU E 79 -21.78 59.75 -47.07
N THR E 80 -21.73 61.04 -47.32
CA THR E 80 -21.48 62.05 -46.27
C THR E 80 -22.47 63.19 -46.40
N PRO E 81 -23.70 63.02 -45.90
CA PRO E 81 -24.61 64.16 -45.81
C PRO E 81 -24.11 65.16 -44.79
N PRO E 82 -24.50 66.43 -44.91
CA PRO E 82 -23.93 67.46 -44.03
C PRO E 82 -24.25 67.21 -42.56
N MET E 83 -23.27 67.48 -41.71
CA MET E 83 -23.43 67.39 -40.27
C MET E 83 -24.18 68.61 -39.76
N VAL E 84 -24.88 68.44 -38.64
CA VAL E 84 -25.62 69.51 -38.02
C VAL E 84 -25.02 69.76 -36.64
N VAL E 85 -24.63 71.01 -36.39
CA VAL E 85 -23.97 71.38 -35.14
C VAL E 85 -25.05 71.73 -34.12
N VAL E 86 -25.04 71.04 -32.97
CA VAL E 86 -26.04 71.24 -31.94
C VAL E 86 -25.45 71.63 -30.60
N GLY E 87 -24.13 71.65 -30.45
CA GLY E 87 -23.56 71.97 -29.17
C GLY E 87 -22.09 72.33 -29.26
N ILE E 88 -21.57 72.84 -28.14
CA ILE E 88 -20.17 73.20 -28.01
C ILE E 88 -19.68 72.70 -26.65
N VAL E 89 -18.53 72.04 -26.64
CA VAL E 89 -17.89 71.59 -25.40
C VAL E 89 -16.57 72.32 -25.27
N GLY E 90 -16.28 72.78 -24.06
CA GLY E 90 -14.98 73.36 -23.73
C GLY E 90 -14.22 72.43 -22.80
N TYR E 91 -12.91 72.32 -23.06
CA TYR E 91 -12.02 71.51 -22.25
C TYR E 91 -10.94 72.39 -21.65
N VAL E 92 -10.52 72.07 -20.43
CA VAL E 92 -9.46 72.79 -19.75
C VAL E 92 -8.32 71.81 -19.46
N GLU E 93 -7.09 72.28 -19.61
CA GLU E 93 -5.93 71.44 -19.37
C GLU E 93 -5.60 71.39 -17.89
N THR E 94 -5.48 70.18 -17.35
CA THR E 94 -5.22 69.94 -15.95
C THR E 94 -4.00 69.03 -15.84
N PRO E 95 -3.32 69.01 -14.69
CA PRO E 95 -2.24 68.04 -14.51
C PRO E 95 -2.71 66.60 -14.42
N ARG E 96 -4.02 66.38 -14.55
CA ARG E 96 -4.57 65.04 -14.66
C ARG E 96 -5.11 64.74 -16.05
N GLY E 97 -4.94 65.66 -17.00
CA GLY E 97 -5.40 65.51 -18.35
C GLY E 97 -6.46 66.53 -18.68
N LEU E 98 -6.99 66.45 -19.89
CA LEU E 98 -8.10 67.31 -20.27
C LEU E 98 -9.35 66.90 -19.52
N ARG E 99 -10.10 67.87 -19.02
CA ARG E 99 -11.39 67.59 -18.41
C ARG E 99 -12.44 68.51 -18.99
N THR E 100 -13.65 67.97 -19.10
CA THR E 100 -14.76 68.72 -19.67
C THR E 100 -15.13 69.87 -18.74
N PHE E 101 -15.07 71.09 -19.26
CA PHE E 101 -15.32 72.26 -18.44
C PHE E 101 -16.80 72.66 -18.47
N LYS E 102 -17.34 72.95 -19.64
CA LYS E 102 -18.72 73.36 -19.78
C LYS E 102 -19.22 72.94 -21.14
N THR E 103 -20.48 72.50 -21.19
CA THR E 103 -21.14 72.14 -22.44
C THR E 103 -22.36 73.02 -22.62
N VAL E 104 -22.51 73.59 -23.81
CA VAL E 104 -23.65 74.42 -24.14
C VAL E 104 -24.32 73.80 -25.36
N PHE E 105 -25.62 73.58 -25.29
CA PHE E 105 -26.37 72.99 -26.38
C PHE E 105 -27.26 74.04 -27.03
N ALA E 106 -27.45 73.90 -28.33
CA ALA E 106 -28.25 74.84 -29.08
C ALA E 106 -29.73 74.64 -28.79
N GLU E 107 -30.51 75.67 -29.10
CA GLU E 107 -31.95 75.51 -29.16
C GLU E 107 -32.31 74.68 -30.39
N HIS E 108 -33.53 74.15 -30.39
CA HIS E 108 -34.06 73.41 -31.55
C HIS E 108 -33.13 72.27 -31.96
N ILE E 109 -32.96 71.32 -31.05
CA ILE E 109 -32.23 70.11 -31.38
C ILE E 109 -33.11 69.23 -32.26
N SER E 110 -32.53 68.71 -33.34
CA SER E 110 -33.29 67.97 -34.33
C SER E 110 -33.90 66.71 -33.72
N ASP E 111 -34.99 66.27 -34.33
CA ASP E 111 -35.74 65.13 -33.82
C ASP E 111 -34.93 63.85 -33.93
N GLU E 112 -34.21 63.67 -35.04
CA GLU E 112 -33.35 62.49 -35.17
C GLU E 112 -32.17 62.55 -34.20
N CYS E 113 -31.68 63.75 -33.89
CA CYS E 113 -30.62 63.88 -32.90
C CYS E 113 -31.13 63.48 -31.52
N LYS E 114 -32.34 63.89 -31.16
CA LYS E 114 -32.89 63.57 -29.86
C LYS E 114 -33.14 62.08 -29.69
N ARG E 115 -33.23 61.33 -30.79
CA ARG E 115 -33.41 59.89 -30.68
C ARG E 115 -32.21 59.22 -30.06
N ARG E 116 -31.03 59.84 -30.18
CA ARG E 116 -29.80 59.26 -29.63
C ARG E 116 -29.87 59.18 -28.11
N PHE E 117 -30.66 60.02 -27.47
CA PHE E 117 -30.73 60.07 -26.02
C PHE E 117 -31.66 59.05 -25.41
N TYR E 118 -32.31 58.22 -26.23
CA TYR E 118 -33.34 57.30 -25.75
C TYR E 118 -33.03 55.89 -26.20
N LYS E 119 -33.13 54.94 -25.26
CA LYS E 119 -33.02 53.54 -25.63
C LYS E 119 -34.30 53.03 -26.28
N ASN E 120 -35.45 53.54 -25.85
CA ASN E 120 -36.74 53.18 -26.44
C ASN E 120 -37.45 54.47 -26.81
N TRP E 121 -37.22 54.91 -28.05
CA TRP E 121 -37.86 56.12 -28.55
C TRP E 121 -39.36 55.97 -28.66
N HIS E 122 -39.82 54.76 -28.97
CA HIS E 122 -41.24 54.54 -29.24
C HIS E 122 -42.09 54.80 -28.00
N LYS E 123 -41.62 54.36 -26.84
CA LYS E 123 -42.35 54.56 -25.60
C LYS E 123 -42.03 55.86 -24.89
N SER E 124 -41.02 56.59 -25.36
CA SER E 124 -40.58 57.79 -24.68
C SER E 124 -41.63 58.90 -24.79
N LYS E 125 -41.54 59.84 -23.85
CA LYS E 125 -42.36 61.04 -23.90
C LYS E 125 -41.68 62.17 -24.67
N LYS E 126 -40.48 61.92 -25.19
CA LYS E 126 -39.75 62.88 -26.01
C LYS E 126 -39.44 64.16 -25.23
N LYS E 127 -39.05 63.99 -23.98
CA LYS E 127 -38.89 65.12 -23.06
C LYS E 127 -37.47 65.68 -23.02
N ALA E 128 -36.52 65.06 -23.72
CA ALA E 128 -35.12 65.46 -23.60
C ALA E 128 -34.90 66.87 -24.12
N PHE E 129 -34.10 67.65 -23.38
CA PHE E 129 -33.74 69.02 -23.68
C PHE E 129 -34.94 69.95 -23.78
N THR E 130 -36.09 69.55 -23.25
CA THR E 130 -37.26 70.42 -23.31
C THR E 130 -37.17 71.55 -22.30
N LYS E 131 -36.67 71.27 -21.10
CA LYS E 131 -36.49 72.34 -20.13
C LYS E 131 -35.22 73.13 -20.39
N TYR E 132 -34.23 72.51 -21.03
CA TYR E 132 -32.99 73.22 -21.33
C TYR E 132 -33.22 74.28 -22.40
N CYS E 133 -34.02 73.97 -23.42
CA CYS E 133 -34.24 74.92 -24.51
C CYS E 133 -35.02 76.14 -24.05
N LYS E 134 -35.68 76.07 -22.90
CA LYS E 134 -36.41 77.22 -22.39
C LYS E 134 -35.49 78.32 -21.91
N LYS E 135 -34.24 78.00 -21.58
CA LYS E 135 -33.30 79.00 -21.09
C LYS E 135 -32.65 79.80 -22.19
N TRP E 136 -32.92 79.46 -23.45
CA TRP E 136 -32.47 80.28 -24.57
C TRP E 136 -33.40 81.45 -24.84
N GLN E 137 -34.51 81.55 -24.10
CA GLN E 137 -35.51 82.57 -24.33
C GLN E 137 -35.59 83.60 -23.21
N ASP E 138 -35.70 83.17 -21.96
CA ASP E 138 -35.79 84.13 -20.87
C ASP E 138 -34.45 84.83 -20.66
N GLU E 139 -34.53 86.03 -20.10
CA GLU E 139 -33.31 86.81 -19.87
C GLU E 139 -32.43 86.18 -18.81
N ASP E 140 -33.04 85.53 -17.80
CA ASP E 140 -32.25 84.88 -16.76
C ASP E 140 -31.42 83.75 -17.33
N GLY E 141 -32.03 82.91 -18.17
CA GLY E 141 -31.29 81.85 -18.81
C GLY E 141 -30.27 82.36 -19.81
N LYS E 142 -30.64 83.41 -20.56
CA LYS E 142 -29.73 83.96 -21.56
C LYS E 142 -28.49 84.56 -20.91
N LYS E 143 -28.64 85.21 -19.75
CA LYS E 143 -27.47 85.67 -19.02
C LYS E 143 -26.59 84.52 -18.60
N GLN E 144 -27.19 83.43 -18.13
CA GLN E 144 -26.40 82.27 -17.73
C GLN E 144 -25.66 81.66 -18.90
N LEU E 145 -26.28 81.65 -20.09
CA LEU E 145 -25.61 81.13 -21.27
C LEU E 145 -24.41 81.98 -21.65
N GLU E 146 -24.54 83.30 -21.52
CA GLU E 146 -23.43 84.18 -21.87
C GLU E 146 -22.26 84.00 -20.91
N LYS E 147 -22.56 83.77 -19.63
CA LYS E 147 -21.49 83.47 -18.68
C LYS E 147 -20.80 82.16 -19.02
N ASP E 148 -21.56 81.17 -19.49
CA ASP E 148 -20.97 79.91 -19.91
C ASP E 148 -20.05 80.10 -21.10
N PHE E 149 -20.43 80.97 -22.02
CA PHE E 149 -19.56 81.26 -23.16
C PHE E 149 -18.34 82.07 -22.75
N SER E 150 -18.53 83.04 -21.86
CA SER E 150 -17.39 83.82 -21.37
C SER E 150 -16.44 82.96 -20.57
N SER E 151 -16.97 82.05 -19.75
CA SER E 151 -16.12 81.16 -18.98
C SER E 151 -15.34 80.23 -19.89
N MET E 152 -15.97 79.74 -20.95
CA MET E 152 -15.26 78.93 -21.94
C MET E 152 -14.17 79.76 -22.61
N LYS E 153 -14.43 81.03 -22.85
CA LYS E 153 -13.47 81.88 -23.55
C LYS E 153 -12.22 82.13 -22.73
N LYS E 154 -12.36 82.25 -21.41
CA LYS E 154 -11.25 82.64 -20.57
C LYS E 154 -10.59 81.48 -19.84
N TYR E 155 -11.16 80.28 -19.89
CA TYR E 155 -10.61 79.17 -19.14
C TYR E 155 -10.28 77.95 -19.99
N CYS E 156 -11.00 77.74 -21.09
CA CYS E 156 -10.81 76.54 -21.88
C CYS E 156 -9.65 76.67 -22.85
N GLN E 157 -8.99 75.54 -23.11
CA GLN E 157 -7.87 75.49 -24.03
C GLN E 157 -8.25 74.95 -25.40
N VAL E 158 -8.98 73.85 -25.46
CA VAL E 158 -9.51 73.32 -26.70
C VAL E 158 -11.03 73.27 -26.59
N ILE E 159 -11.71 73.60 -27.68
CA ILE E 159 -13.15 73.47 -27.72
C ILE E 159 -13.52 72.49 -28.82
N ARG E 160 -14.67 71.85 -28.66
CA ARG E 160 -15.20 70.91 -29.63
C ARG E 160 -16.67 71.22 -29.84
N VAL E 161 -17.17 70.86 -31.02
CA VAL E 161 -18.58 71.03 -31.35
C VAL E 161 -19.23 69.65 -31.37
N ILE E 162 -20.44 69.56 -30.87
CA ILE E 162 -21.22 68.34 -31.01
C ILE E 162 -21.98 68.44 -32.33
N ALA E 163 -21.72 67.49 -33.23
CA ALA E 163 -22.40 67.45 -34.51
C ALA E 163 -23.03 66.08 -34.69
N HIS E 164 -24.16 66.04 -35.38
CA HIS E 164 -24.83 64.78 -35.65
C HIS E 164 -25.11 64.64 -37.13
N THR E 165 -25.25 63.40 -37.58
CA THR E 165 -25.60 63.10 -38.94
C THR E 165 -27.11 63.24 -39.16
N GLN E 166 -27.53 62.99 -40.38
CA GLN E 166 -28.93 63.16 -40.77
C GLN E 166 -29.43 61.83 -41.34
N MET E 167 -30.10 61.05 -40.50
CA MET E 167 -30.64 59.76 -40.91
C MET E 167 -31.73 59.87 -41.96
N ARG E 168 -32.49 60.95 -41.95
CA ARG E 168 -33.61 61.06 -42.88
C ARG E 168 -33.16 61.14 -44.33
N LEU E 169 -31.89 61.43 -44.57
CA LEU E 169 -31.34 61.53 -45.92
C LEU E 169 -30.63 60.26 -46.37
N LEU E 170 -30.62 59.22 -45.56
CA LEU E 170 -29.95 57.99 -45.91
C LEU E 170 -30.95 56.88 -46.16
N PRO E 171 -30.62 55.89 -46.98
CA PRO E 171 -31.59 54.83 -47.27
C PRO E 171 -31.63 53.75 -46.20
N LEU E 172 -31.04 54.03 -45.06
CA LEU E 172 -30.93 53.04 -44.01
C LEU E 172 -32.22 52.98 -43.19
N ARG E 173 -32.35 51.87 -42.44
CA ARG E 173 -33.46 51.72 -41.52
C ARG E 173 -33.28 52.55 -40.26
N GLN E 174 -32.05 52.79 -39.85
CA GLN E 174 -31.81 53.49 -38.61
C GLN E 174 -32.22 54.96 -38.74
N LYS E 175 -33.01 55.43 -37.78
CA LYS E 175 -33.41 56.83 -37.69
C LYS E 175 -32.68 57.57 -36.58
N LYS E 176 -31.90 56.87 -35.78
CA LYS E 176 -31.16 57.45 -34.68
C LYS E 176 -29.86 58.04 -35.20
N ALA E 177 -29.70 59.36 -35.06
CA ALA E 177 -28.53 60.03 -35.59
C ALA E 177 -27.31 59.72 -34.74
N HIS E 178 -26.13 59.88 -35.36
CA HIS E 178 -24.87 59.64 -34.68
C HIS E 178 -24.28 60.97 -34.22
N LEU E 179 -24.14 61.13 -32.91
CA LEU E 179 -23.53 62.32 -32.34
C LEU E 179 -22.02 62.16 -32.29
N MET E 180 -21.31 63.29 -32.30
CA MET E 180 -19.86 63.23 -32.32
C MET E 180 -19.30 64.60 -31.92
N GLU E 181 -18.26 64.58 -31.10
CA GLU E 181 -17.48 65.76 -30.79
C GLU E 181 -16.39 65.93 -31.84
N ILE E 182 -16.41 67.03 -32.57
CA ILE E 182 -15.39 67.34 -33.57
C ILE E 182 -14.61 68.55 -33.10
N GLN E 183 -13.30 68.37 -32.93
CA GLN E 183 -12.45 69.43 -32.42
C GLN E 183 -12.32 70.56 -33.42
N VAL E 184 -12.37 71.79 -32.91
CA VAL E 184 -12.19 72.99 -33.71
C VAL E 184 -10.74 73.44 -33.54
N ASN E 185 -10.03 73.54 -34.65
CA ASN E 185 -8.61 73.90 -34.63
C ASN E 185 -8.39 75.21 -35.37
N GLY E 186 -7.22 75.79 -35.14
CA GLY E 186 -6.78 76.90 -35.95
C GLY E 186 -7.22 78.29 -35.51
N GLY E 187 -6.87 78.69 -34.31
CA GLY E 187 -7.14 80.05 -33.89
C GLY E 187 -7.12 80.15 -32.38
N THR E 188 -7.35 81.38 -31.91
CA THR E 188 -7.49 81.57 -30.47
C THR E 188 -8.79 80.96 -29.99
N VAL E 189 -8.88 80.75 -28.68
CA VAL E 189 -10.08 80.15 -28.10
C VAL E 189 -11.28 81.07 -28.31
N ALA E 190 -11.06 82.38 -28.22
CA ALA E 190 -12.13 83.33 -28.50
C ALA E 190 -12.62 83.23 -29.93
N GLU E 191 -11.69 83.08 -30.88
CA GLU E 191 -12.08 83.02 -32.28
C GLU E 191 -12.84 81.74 -32.60
N LYS E 192 -12.39 80.61 -32.06
CA LYS E 192 -13.05 79.35 -32.38
C LYS E 192 -14.40 79.24 -31.66
N LEU E 193 -14.59 79.96 -30.56
CA LEU E 193 -15.90 80.00 -29.93
C LEU E 193 -16.87 80.86 -30.73
N ASP E 194 -16.42 82.00 -31.23
CA ASP E 194 -17.26 82.82 -32.08
C ASP E 194 -17.62 82.08 -33.36
N TRP E 195 -16.64 81.36 -33.94
CA TRP E 195 -16.88 80.58 -35.14
C TRP E 195 -17.88 79.47 -34.88
N ALA E 196 -17.72 78.77 -33.76
CA ALA E 196 -18.61 77.66 -33.45
C ALA E 196 -20.01 78.15 -33.08
N ARG E 197 -20.10 79.31 -32.43
CA ARG E 197 -21.40 79.81 -32.00
C ARG E 197 -22.24 80.25 -33.19
N GLU E 198 -21.61 80.68 -34.28
CA GLU E 198 -22.35 80.98 -35.49
C GLU E 198 -22.86 79.72 -36.18
N ARG E 199 -22.16 78.61 -36.01
CA ARG E 199 -22.52 77.36 -36.67
C ARG E 199 -23.56 76.58 -35.90
N LEU E 200 -23.99 77.08 -34.74
CA LEU E 200 -25.02 76.37 -33.98
C LEU E 200 -26.31 76.33 -34.79
N GLU E 201 -26.95 75.15 -34.78
CA GLU E 201 -28.16 74.83 -35.54
C GLU E 201 -27.93 74.80 -37.04
N GLN E 202 -26.69 74.88 -37.50
CA GLN E 202 -26.39 74.99 -38.92
C GLN E 202 -25.86 73.67 -39.46
N GLN E 203 -25.77 73.61 -40.79
CA GLN E 203 -25.30 72.41 -41.49
C GLN E 203 -23.91 72.66 -42.02
N VAL E 204 -23.02 71.70 -41.79
CA VAL E 204 -21.64 71.77 -42.25
C VAL E 204 -21.45 70.69 -43.31
N PRO E 205 -21.36 71.03 -44.59
CA PRO E 205 -21.11 70.03 -45.62
C PRO E 205 -19.68 69.52 -45.58
N VAL E 206 -19.48 68.35 -46.20
CA VAL E 206 -18.18 67.69 -46.12
C VAL E 206 -17.11 68.45 -46.90
N ASN E 207 -17.48 69.21 -47.93
CA ASN E 207 -16.47 69.94 -48.69
C ASN E 207 -15.89 71.11 -47.91
N GLN E 208 -16.53 71.52 -46.82
CA GLN E 208 -15.97 72.54 -45.94
C GLN E 208 -14.97 71.95 -44.95
N VAL E 209 -14.99 70.64 -44.75
CA VAL E 209 -14.06 69.99 -43.83
C VAL E 209 -12.87 69.40 -44.56
N PHE E 210 -13.11 68.66 -45.63
CA PHE E 210 -12.06 68.00 -46.39
C PHE E 210 -12.01 68.58 -47.79
N GLY E 211 -10.89 68.33 -48.48
CA GLY E 211 -10.68 68.82 -49.82
C GLY E 211 -10.30 67.70 -50.78
N GLN E 212 -10.24 68.07 -52.05
CA GLN E 212 -9.82 67.14 -53.08
C GLN E 212 -8.39 66.68 -52.83
N ASP E 213 -8.10 65.46 -53.29
CA ASP E 213 -6.78 64.83 -53.35
C ASP E 213 -5.89 65.16 -52.14
N GLU E 214 -6.49 65.05 -50.97
CA GLU E 214 -5.78 65.09 -49.70
C GLU E 214 -5.95 63.76 -49.00
N MET E 215 -5.00 63.44 -48.12
CA MET E 215 -4.97 62.13 -47.49
C MET E 215 -5.45 62.24 -46.05
N ILE E 216 -6.47 61.46 -45.72
CA ILE E 216 -7.11 61.54 -44.41
C ILE E 216 -6.99 60.20 -43.72
N ASP E 217 -7.43 60.13 -42.47
CA ASP E 217 -7.45 58.89 -41.71
C ASP E 217 -8.88 58.44 -41.52
N VAL E 218 -9.10 57.14 -41.65
CA VAL E 218 -10.43 56.55 -41.51
C VAL E 218 -10.45 55.75 -40.23
N ILE E 219 -11.43 56.03 -39.38
CA ILE E 219 -11.58 55.40 -38.08
C ILE E 219 -12.92 54.70 -38.05
N GLY E 220 -12.92 53.43 -37.66
CA GLY E 220 -14.16 52.68 -37.62
C GLY E 220 -13.95 51.31 -37.04
N VAL E 221 -15.03 50.53 -37.05
CA VAL E 221 -15.05 49.19 -36.49
C VAL E 221 -15.14 48.20 -37.64
N THR E 222 -14.31 47.16 -37.60
CA THR E 222 -14.21 46.21 -38.70
C THR E 222 -15.41 45.27 -38.70
N LYS E 223 -15.50 44.45 -39.75
CA LYS E 223 -16.57 43.48 -39.86
C LYS E 223 -16.42 42.39 -38.82
N GLY E 224 -17.51 42.04 -38.15
CA GLY E 224 -17.47 40.99 -37.15
C GLY E 224 -17.45 39.62 -37.79
N LYS E 225 -16.61 38.74 -37.25
CA LYS E 225 -16.50 37.39 -37.75
C LYS E 225 -16.91 36.35 -36.72
N GLY E 226 -17.36 36.76 -35.54
CA GLY E 226 -17.77 35.83 -34.53
C GLY E 226 -16.59 35.17 -33.85
N TYR E 227 -16.88 34.06 -33.19
CA TYR E 227 -15.88 33.32 -32.44
C TYR E 227 -15.03 32.54 -33.44
N LYS E 228 -13.71 32.70 -33.38
CA LYS E 228 -12.84 32.08 -34.37
C LYS E 228 -11.70 31.34 -33.67
N GLY E 229 -11.18 30.33 -34.36
CA GLY E 229 -10.05 29.59 -33.87
C GLY E 229 -8.73 30.21 -34.25
N VAL E 230 -7.65 29.58 -33.79
CA VAL E 230 -6.32 30.17 -33.92
C VAL E 230 -5.90 30.26 -35.39
N THR E 231 -6.36 29.35 -36.23
CA THR E 231 -5.93 29.33 -37.62
C THR E 231 -6.51 30.51 -38.38
N SER E 232 -7.73 30.90 -38.07
CA SER E 232 -8.33 32.05 -38.72
C SER E 232 -8.05 33.35 -37.99
N ARG E 233 -7.95 33.31 -36.66
CA ARG E 233 -7.75 34.51 -35.86
C ARG E 233 -6.31 35.00 -35.90
N TRP E 234 -5.35 34.09 -35.76
CA TRP E 234 -3.94 34.47 -35.73
C TRP E 234 -3.16 33.96 -36.91
N HIS E 235 -3.79 33.21 -37.81
CA HIS E 235 -3.18 32.73 -39.04
C HIS E 235 -1.95 31.88 -38.76
N THR E 236 -2.06 31.00 -37.77
CA THR E 236 -1.01 30.06 -37.46
C THR E 236 -1.02 28.90 -38.46
N LYS E 237 0.06 28.14 -38.47
CA LYS E 237 0.19 27.02 -39.38
C LYS E 237 -0.77 25.89 -39.00
N LYS E 238 -1.43 25.33 -40.00
CA LYS E 238 -2.27 24.16 -39.76
C LYS E 238 -1.41 22.94 -39.48
N LEU E 239 -1.84 22.15 -38.51
CA LEU E 239 -1.13 20.92 -38.16
C LEU E 239 -1.36 19.86 -39.23
N PRO E 240 -0.50 18.84 -39.28
CA PRO E 240 -0.64 17.80 -40.31
C PRO E 240 -1.95 17.04 -40.19
N ARG E 241 -2.26 16.33 -41.29
CA ARG E 241 -3.53 15.62 -41.38
C ARG E 241 -3.63 14.50 -40.34
N LYS E 242 -2.50 13.94 -39.94
CA LYS E 242 -2.45 12.81 -39.02
C LYS E 242 -2.69 13.20 -37.56
N THR E 243 -2.93 14.47 -37.27
CA THR E 243 -3.07 14.91 -35.88
C THR E 243 -4.36 14.36 -35.26
N HIS E 244 -4.25 13.86 -34.03
CA HIS E 244 -5.33 13.10 -33.43
C HIS E 244 -6.50 13.99 -33.01
N ARG E 245 -6.26 14.91 -32.08
CA ARG E 245 -7.37 15.64 -31.47
C ARG E 245 -7.70 16.93 -32.20
N GLY E 246 -7.19 17.13 -33.41
CA GLY E 246 -7.49 18.33 -34.14
C GLY E 246 -6.26 19.02 -34.69
N LEU E 247 -6.37 19.58 -35.89
CA LEU E 247 -5.23 20.19 -36.56
C LEU E 247 -5.33 21.70 -36.69
N ARG E 248 -6.49 22.29 -36.46
CA ARG E 248 -6.62 23.75 -36.49
C ARG E 248 -6.32 24.35 -35.13
N LYS E 249 -5.17 23.99 -34.58
CA LYS E 249 -4.79 24.38 -33.23
C LYS E 249 -3.33 24.80 -33.21
N VAL E 250 -2.93 25.38 -32.10
CA VAL E 250 -1.53 25.63 -31.80
C VAL E 250 -1.01 24.47 -30.97
N ALA E 251 0.06 23.84 -31.42
CA ALA E 251 0.50 22.59 -30.81
C ALA E 251 1.03 22.81 -29.39
N CYS E 252 1.93 23.77 -29.22
CA CYS E 252 2.47 24.09 -27.90
C CYS E 252 2.06 25.50 -27.51
N ILE E 253 1.39 25.62 -26.36
CA ILE E 253 0.95 26.91 -25.86
C ILE E 253 1.84 27.41 -24.73
N GLY E 254 3.04 26.87 -24.61
CA GLY E 254 4.00 27.35 -23.65
C GLY E 254 4.88 26.23 -23.15
N ALA E 255 6.02 26.62 -22.59
CA ALA E 255 6.94 25.66 -22.01
C ALA E 255 6.45 25.24 -20.64
N TRP E 256 7.18 24.29 -20.02
CA TRP E 256 6.85 23.90 -18.66
C TRP E 256 6.97 25.07 -17.71
N HIS E 257 8.02 25.86 -17.84
CA HIS E 257 8.12 27.09 -17.09
C HIS E 257 8.19 28.27 -18.04
N PRO E 258 7.53 29.40 -17.72
CA PRO E 258 6.95 29.86 -16.45
C PRO E 258 5.66 29.26 -15.91
N ALA E 259 5.26 28.02 -16.22
CA ALA E 259 4.15 27.33 -15.56
C ALA E 259 2.83 28.06 -15.71
N ARG E 260 2.70 28.88 -16.74
CA ARG E 260 1.49 29.60 -17.05
C ARG E 260 1.42 29.77 -18.55
N VAL E 261 0.24 30.12 -19.04
CA VAL E 261 0.06 30.44 -20.45
C VAL E 261 0.29 31.94 -20.59
N ALA E 262 1.25 32.31 -21.44
CA ALA E 262 1.57 33.71 -21.62
C ALA E 262 0.49 34.42 -22.43
N PHE E 263 0.42 35.74 -22.25
CA PHE E 263 -0.51 36.56 -23.02
C PHE E 263 -0.17 36.64 -24.50
N SER E 264 1.03 36.21 -24.88
CA SER E 264 1.50 36.32 -26.25
C SER E 264 1.27 35.06 -27.07
N VAL E 265 0.57 34.08 -26.53
CA VAL E 265 0.30 32.84 -27.22
C VAL E 265 -1.06 32.96 -27.92
N ALA E 266 -1.12 32.55 -29.18
CA ALA E 266 -2.34 32.67 -29.96
C ALA E 266 -3.41 31.74 -29.44
N ARG E 267 -4.59 32.29 -29.17
CA ARG E 267 -5.70 31.50 -28.63
C ARG E 267 -7.01 31.96 -29.27
N ALA E 268 -7.97 31.03 -29.29
CA ALA E 268 -9.23 31.26 -29.97
C ALA E 268 -10.10 32.28 -29.24
N GLY E 269 -11.02 32.88 -29.97
CA GLY E 269 -11.94 33.83 -29.38
C GLY E 269 -12.57 34.70 -30.45
N GLN E 270 -12.94 35.90 -30.05
CA GLN E 270 -13.57 36.84 -30.96
C GLN E 270 -12.61 37.24 -32.07
N LYS E 271 -13.13 37.30 -33.29
CA LYS E 271 -12.42 37.86 -34.42
C LYS E 271 -13.32 38.86 -35.11
N GLY E 272 -12.75 40.00 -35.50
CA GLY E 272 -13.52 41.04 -36.12
C GLY E 272 -14.23 41.90 -35.10
N TYR E 273 -14.92 42.92 -35.61
CA TYR E 273 -15.57 43.94 -34.81
C TYR E 273 -14.58 44.59 -33.84
N HIS E 274 -13.43 44.97 -34.38
CA HIS E 274 -12.38 45.64 -33.63
C HIS E 274 -12.30 47.10 -34.08
N HIS E 275 -11.96 47.98 -33.16
CA HIS E 275 -11.77 49.37 -33.51
C HIS E 275 -10.41 49.54 -34.18
N ARG E 276 -10.40 50.15 -35.36
CA ARG E 276 -9.16 50.32 -36.10
C ARG E 276 -9.07 51.73 -36.64
N THR E 277 -7.84 52.18 -36.86
CA THR E 277 -7.56 53.50 -37.43
C THR E 277 -6.56 53.32 -38.57
N GLU E 278 -7.00 53.57 -39.79
CA GLU E 278 -6.14 53.51 -40.97
C GLU E 278 -5.82 54.92 -41.43
N ILE E 279 -4.54 55.21 -41.62
CA ILE E 279 -4.11 56.53 -42.02
C ILE E 279 -3.77 56.51 -43.50
N ASN E 280 -3.61 57.70 -44.06
CA ASN E 280 -3.14 57.90 -45.44
C ASN E 280 -4.11 57.31 -46.46
N LYS E 281 -5.36 57.76 -46.41
CA LYS E 281 -6.36 57.40 -47.40
C LYS E 281 -6.67 58.63 -48.24
N LYS E 282 -6.30 58.59 -49.51
CA LYS E 282 -6.42 59.75 -50.38
C LYS E 282 -7.86 59.93 -50.84
N ILE E 283 -8.27 61.18 -50.96
CA ILE E 283 -9.62 61.52 -51.41
C ILE E 283 -9.56 61.70 -52.93
N TYR E 284 -10.08 60.72 -53.67
CA TYR E 284 -10.06 60.87 -55.12
C TYR E 284 -11.13 61.82 -55.61
N LYS E 285 -12.27 61.90 -54.94
CA LYS E 285 -13.37 62.74 -55.39
C LYS E 285 -14.26 63.05 -54.21
N ILE E 286 -14.82 64.25 -54.19
CA ILE E 286 -15.88 64.63 -53.28
C ILE E 286 -17.11 64.86 -54.14
N GLY E 287 -18.04 63.92 -54.12
CA GLY E 287 -19.21 64.01 -54.96
C GLY E 287 -20.15 65.11 -54.50
N GLN E 288 -20.97 65.58 -55.44
CA GLN E 288 -21.72 66.79 -55.23
C GLN E 288 -23.16 66.54 -54.80
N GLY E 289 -23.68 65.33 -54.98
CA GLY E 289 -25.01 65.02 -54.52
C GLY E 289 -26.10 65.46 -55.47
N TYR E 290 -27.32 65.00 -55.19
CA TYR E 290 -28.44 65.26 -56.09
C TYR E 290 -29.00 66.65 -55.88
N LEU E 291 -29.28 67.34 -56.97
CA LEU E 291 -29.89 68.66 -56.94
C LEU E 291 -31.16 68.67 -57.76
N ILE E 292 -31.98 69.69 -57.53
CA ILE E 292 -33.19 69.95 -58.31
C ILE E 292 -33.21 71.44 -58.57
N LYS E 293 -32.80 71.85 -59.77
CA LYS E 293 -33.01 73.23 -60.17
C LYS E 293 -34.23 73.36 -61.08
N ASP E 294 -34.29 72.58 -62.14
CA ASP E 294 -35.50 72.32 -62.89
C ASP E 294 -35.79 70.83 -62.96
N GLY E 295 -34.76 70.01 -63.18
CA GLY E 295 -34.86 68.58 -63.07
C GLY E 295 -33.76 68.05 -62.18
N LYS E 296 -33.86 66.77 -61.87
CA LYS E 296 -32.90 66.15 -60.97
C LYS E 296 -31.56 65.96 -61.67
N LEU E 297 -30.49 66.42 -61.02
CA LEU E 297 -29.15 66.34 -61.56
C LEU E 297 -28.39 65.20 -60.91
N ILE E 298 -27.88 64.29 -61.73
CA ILE E 298 -27.16 63.12 -61.24
C ILE E 298 -25.80 63.02 -61.91
N LYS E 299 -25.59 63.83 -62.95
CA LYS E 299 -24.34 63.77 -63.70
C LYS E 299 -23.15 64.13 -62.84
N ASN E 300 -23.33 64.99 -61.84
CA ASN E 300 -22.23 65.50 -61.02
C ASN E 300 -21.67 64.46 -60.07
N ASN E 301 -22.08 63.19 -60.19
CA ASN E 301 -21.62 62.14 -59.31
C ASN E 301 -20.64 61.18 -59.97
N ALA E 302 -20.85 60.84 -61.24
CA ALA E 302 -19.97 59.89 -61.91
C ALA E 302 -19.40 60.38 -63.23
N SER E 303 -19.93 61.45 -63.82
CA SER E 303 -19.34 61.98 -65.04
C SER E 303 -17.99 62.62 -64.73
N THR E 304 -17.02 62.40 -65.60
CA THR E 304 -15.70 62.97 -65.48
C THR E 304 -15.49 64.01 -66.57
N ASP E 305 -14.28 64.55 -66.65
CA ASP E 305 -13.93 65.46 -67.72
C ASP E 305 -13.75 64.75 -69.06
N TYR E 306 -13.65 63.42 -69.04
CA TYR E 306 -13.44 62.63 -70.24
C TYR E 306 -14.60 61.69 -70.55
N ASP E 307 -15.54 61.51 -69.62
CA ASP E 307 -16.67 60.63 -69.84
C ASP E 307 -17.87 61.39 -70.41
N LEU E 308 -18.32 62.42 -69.70
CA LEU E 308 -19.47 63.23 -70.09
C LEU E 308 -20.72 62.36 -70.28
N SER E 309 -20.90 61.42 -69.37
CA SER E 309 -22.08 60.55 -69.35
C SER E 309 -22.95 60.92 -68.16
N ASP E 310 -24.24 61.13 -68.42
CA ASP E 310 -25.18 61.55 -67.38
C ASP E 310 -25.51 60.34 -66.51
N LYS E 311 -24.60 60.04 -65.59
CA LYS E 311 -24.78 58.92 -64.67
C LYS E 311 -24.28 59.31 -63.30
N SER E 312 -24.89 58.71 -62.28
CA SER E 312 -24.53 58.95 -60.89
C SER E 312 -23.58 57.86 -60.42
N ILE E 313 -23.08 58.03 -59.19
CA ILE E 313 -22.15 57.08 -58.61
C ILE E 313 -22.81 55.74 -58.34
N ASN E 314 -24.14 55.69 -58.32
CA ASN E 314 -24.84 54.46 -58.00
C ASN E 314 -24.63 53.44 -59.11
N PRO E 315 -24.30 52.19 -58.77
CA PRO E 315 -24.17 51.16 -59.79
C PRO E 315 -25.53 50.82 -60.39
N LEU E 316 -25.49 50.05 -61.46
CA LEU E 316 -26.72 49.60 -62.08
C LEU E 316 -27.41 48.63 -61.13
N GLY E 317 -28.66 48.93 -60.76
CA GLY E 317 -29.35 48.14 -59.76
C GLY E 317 -29.05 48.51 -58.33
N GLY E 318 -28.31 49.59 -58.09
CA GLY E 318 -28.07 50.10 -56.75
C GLY E 318 -26.86 49.46 -56.09
N PHE E 319 -26.38 50.13 -55.05
CA PHE E 319 -25.32 49.58 -54.22
C PHE E 319 -25.85 48.35 -53.48
N VAL E 320 -25.10 47.26 -53.54
CA VAL E 320 -25.57 46.01 -52.95
C VAL E 320 -25.50 46.11 -51.44
N HIS E 321 -26.60 45.76 -50.78
CA HIS E 321 -26.75 45.76 -49.34
C HIS E 321 -26.63 47.16 -48.73
N TYR E 322 -26.71 48.21 -49.55
CA TYR E 322 -26.70 49.55 -48.97
C TYR E 322 -27.94 50.35 -49.30
N GLY E 323 -28.23 50.50 -50.58
CA GLY E 323 -29.28 51.39 -51.02
C GLY E 323 -28.77 52.30 -52.11
N GLU E 324 -29.41 53.45 -52.25
CA GLU E 324 -29.06 54.45 -53.25
C GLU E 324 -28.38 55.64 -52.59
N VAL E 325 -27.31 56.12 -53.21
CA VAL E 325 -26.56 57.25 -52.68
C VAL E 325 -27.04 58.52 -53.37
N THR E 326 -27.62 59.43 -52.60
CA THR E 326 -28.17 60.66 -53.13
C THR E 326 -27.55 61.92 -52.55
N ASN E 327 -26.76 61.80 -51.49
CA ASN E 327 -26.15 62.95 -50.85
C ASN E 327 -24.72 63.13 -51.34
N ASP E 328 -23.99 64.03 -50.71
CA ASP E 328 -22.56 64.16 -50.95
C ASP E 328 -21.85 62.87 -50.58
N PHE E 329 -20.78 62.56 -51.31
CA PHE E 329 -19.98 61.40 -50.98
C PHE E 329 -18.52 61.72 -51.15
N VAL E 330 -17.69 60.93 -50.47
CA VAL E 330 -16.24 61.02 -50.58
C VAL E 330 -15.76 59.73 -51.23
N MET E 331 -15.01 59.86 -52.32
CA MET E 331 -14.43 58.70 -52.99
C MET E 331 -13.01 58.50 -52.45
N LEU E 332 -12.86 57.58 -51.51
CA LEU E 332 -11.56 57.26 -50.96
C LEU E 332 -10.88 56.18 -51.80
N LYS E 333 -9.56 56.21 -51.81
CA LYS E 333 -8.77 55.24 -52.55
C LYS E 333 -8.57 53.99 -51.68
N GLY E 334 -8.91 52.83 -52.24
CA GLY E 334 -8.66 51.57 -51.58
C GLY E 334 -9.83 51.10 -50.73
N CYS E 335 -9.51 50.22 -49.79
CA CYS E 335 -10.49 49.61 -48.91
C CYS E 335 -10.55 50.35 -47.59
N VAL E 336 -11.66 50.16 -46.89
CA VAL E 336 -11.97 50.83 -45.64
C VAL E 336 -12.61 49.81 -44.71
N VAL E 337 -12.25 49.86 -43.42
CA VAL E 337 -12.79 48.92 -42.45
C VAL E 337 -14.31 49.02 -42.38
N GLY E 338 -14.95 47.93 -41.97
CA GLY E 338 -16.37 47.93 -41.71
C GLY E 338 -17.16 47.22 -42.78
N THR E 339 -18.43 46.95 -42.45
CA THR E 339 -19.37 46.39 -43.39
C THR E 339 -19.93 47.50 -44.27
N LYS E 340 -20.92 47.17 -45.09
CA LYS E 340 -21.68 48.20 -45.76
C LYS E 340 -22.51 48.95 -44.72
N LYS E 341 -22.88 50.18 -45.05
CA LYS E 341 -23.64 51.10 -44.19
C LYS E 341 -23.12 51.14 -42.76
N ARG E 342 -21.81 50.95 -42.60
CA ARG E 342 -21.15 51.09 -41.31
C ARG E 342 -20.65 52.52 -41.19
N VAL E 343 -20.97 53.15 -40.07
CA VAL E 343 -20.60 54.54 -39.83
C VAL E 343 -19.09 54.62 -39.71
N LEU E 344 -18.49 55.57 -40.41
CA LEU E 344 -17.05 55.75 -40.41
C LEU E 344 -16.71 57.17 -39.99
N THR E 345 -15.60 57.29 -39.27
CA THR E 345 -15.08 58.58 -38.88
C THR E 345 -13.92 58.94 -39.80
N LEU E 346 -14.02 60.09 -40.44
CA LEU E 346 -12.95 60.62 -41.27
C LEU E 346 -12.25 61.72 -40.49
N ARG E 347 -10.94 61.60 -40.36
CA ARG E 347 -10.15 62.53 -39.57
C ARG E 347 -9.04 63.12 -40.41
N LYS E 348 -8.74 64.39 -40.17
CA LYS E 348 -7.58 65.02 -40.78
C LYS E 348 -6.30 64.31 -40.37
N SER E 349 -5.34 64.28 -41.27
CA SER E 349 -4.09 63.57 -41.00
C SER E 349 -3.30 64.26 -39.90
N LEU E 350 -2.79 63.44 -38.96
CA LEU E 350 -1.92 63.95 -37.91
C LEU E 350 -0.52 64.24 -38.38
N LEU E 351 -0.15 63.79 -39.58
CA LEU E 351 1.19 63.95 -40.11
C LEU E 351 1.24 65.09 -41.10
N VAL E 352 2.45 65.43 -41.51
CA VAL E 352 2.69 66.43 -42.56
C VAL E 352 2.91 65.67 -43.85
N GLN E 353 2.07 65.94 -44.85
CA GLN E 353 2.09 65.20 -46.11
C GLN E 353 3.06 65.89 -47.06
N THR E 354 4.24 65.30 -47.24
CA THR E 354 5.26 65.85 -48.12
C THR E 354 5.75 64.90 -49.19
N LYS E 355 5.45 63.60 -49.08
CA LYS E 355 5.88 62.67 -50.10
C LYS E 355 5.09 62.87 -51.38
N ARG E 356 5.62 62.32 -52.47
CA ARG E 356 4.99 62.49 -53.77
C ARG E 356 3.76 61.63 -53.95
N ARG E 357 3.60 60.57 -53.14
CA ARG E 357 2.31 59.86 -53.08
C ARG E 357 1.21 60.79 -52.62
N ALA E 358 1.46 61.55 -51.56
CA ALA E 358 0.59 62.65 -51.19
C ALA E 358 0.81 63.80 -52.16
N LEU E 359 0.06 64.88 -51.97
CA LEU E 359 0.16 66.12 -52.74
C LEU E 359 0.19 65.88 -54.25
N GLU E 360 -0.39 64.77 -54.69
CA GLU E 360 -0.47 64.42 -56.10
C GLU E 360 -1.89 64.71 -56.61
N LYS E 361 -1.98 65.43 -57.71
CA LYS E 361 -3.27 65.78 -58.26
C LYS E 361 -3.94 64.56 -58.87
N ILE E 362 -5.19 64.32 -58.51
CA ILE E 362 -5.95 63.18 -58.99
C ILE E 362 -6.95 63.67 -60.03
N ASP E 363 -6.88 63.13 -61.23
CA ASP E 363 -7.76 63.51 -62.33
C ASP E 363 -8.38 62.23 -62.89
N LEU E 364 -9.65 62.01 -62.58
CA LEU E 364 -10.33 60.79 -63.01
C LEU E 364 -10.65 60.84 -64.49
N LYS E 365 -10.51 59.70 -65.16
CA LYS E 365 -10.96 59.55 -66.54
C LYS E 365 -12.22 58.73 -66.68
N PHE E 366 -12.47 57.81 -65.76
CA PHE E 366 -13.61 56.90 -65.87
C PHE E 366 -13.97 56.39 -64.49
N ILE E 367 -15.27 56.27 -64.24
CA ILE E 367 -15.79 55.71 -62.99
C ILE E 367 -16.71 54.55 -63.37
N ASP E 368 -16.41 53.37 -62.85
CA ASP E 368 -17.20 52.19 -63.18
C ASP E 368 -18.53 52.21 -62.45
N THR E 369 -19.62 51.99 -63.19
CA THR E 369 -20.95 51.92 -62.59
C THR E 369 -21.69 50.69 -63.07
N THR E 370 -20.97 49.62 -63.40
CA THR E 370 -21.63 48.37 -63.73
C THR E 370 -22.29 47.80 -62.48
N SER E 371 -23.22 46.88 -62.70
CA SER E 371 -23.89 46.26 -61.57
C SER E 371 -22.92 45.43 -60.76
N LYS E 372 -22.91 45.65 -59.45
CA LYS E 372 -22.11 44.87 -58.53
C LYS E 372 -22.86 43.68 -57.98
N PHE E 373 -24.14 43.54 -58.33
CA PHE E 373 -24.97 42.41 -57.93
C PHE E 373 -24.87 41.28 -58.94
N GLY E 374 -23.65 40.89 -59.28
CA GLY E 374 -23.37 39.93 -60.31
C GLY E 374 -22.28 40.45 -61.22
N HIS E 375 -22.06 39.75 -62.33
CA HIS E 375 -21.07 40.18 -63.31
C HIS E 375 -21.71 41.18 -64.25
N GLY E 376 -21.91 42.39 -63.74
CA GLY E 376 -22.51 43.43 -64.55
C GLY E 376 -21.63 43.79 -65.73
N ARG E 377 -22.25 44.11 -66.85
CA ARG E 377 -21.51 44.43 -68.06
C ARG E 377 -22.01 45.68 -68.76
N PHE E 378 -22.84 46.48 -68.11
CA PHE E 378 -23.39 47.70 -68.68
C PHE E 378 -23.23 48.84 -67.69
N GLN E 379 -22.77 49.99 -68.19
CA GLN E 379 -22.56 51.14 -67.32
C GLN E 379 -23.86 51.81 -66.92
N THR E 380 -24.79 51.97 -67.87
CA THR E 380 -26.02 52.70 -67.63
C THR E 380 -27.21 51.90 -68.16
N MET E 381 -28.41 52.32 -67.76
CA MET E 381 -29.63 51.74 -68.30
C MET E 381 -29.75 51.97 -69.79
N GLU E 382 -29.44 53.19 -70.24
CA GLU E 382 -29.61 53.55 -71.64
C GLU E 382 -28.66 52.77 -72.53
N GLU E 383 -27.44 52.53 -72.06
CA GLU E 383 -26.50 51.71 -72.82
C GLU E 383 -27.01 50.28 -72.95
N LYS E 384 -27.60 49.76 -71.88
CA LYS E 384 -28.12 48.39 -71.92
C LYS E 384 -29.30 48.27 -72.86
N LYS E 385 -30.22 49.25 -72.83
CA LYS E 385 -31.38 49.19 -73.72
C LYS E 385 -30.97 49.40 -75.17
N ALA E 386 -29.94 50.20 -75.42
CA ALA E 386 -29.47 50.39 -76.78
C ALA E 386 -28.83 49.12 -77.32
N PHE E 387 -28.10 48.40 -76.47
CA PHE E 387 -27.42 47.19 -76.92
C PHE E 387 -28.40 46.07 -77.21
N MET E 388 -29.33 45.81 -76.29
CA MET E 388 -30.20 44.65 -76.43
C MET E 388 -31.44 44.92 -77.27
N GLY E 389 -31.78 46.17 -77.51
CA GLY E 389 -32.98 46.48 -78.25
C GLY E 389 -34.22 46.19 -77.44
N PRO E 390 -35.38 46.27 -78.07
CA PRO E 390 -36.62 45.97 -77.35
C PRO E 390 -36.71 44.50 -76.97
N LEU E 391 -37.33 44.25 -75.83
CA LEU E 391 -37.51 42.92 -75.29
C LEU E 391 -39.00 42.57 -75.29
N LYS E 392 -39.30 41.34 -74.88
CA LYS E 392 -40.68 40.87 -74.92
C LYS E 392 -41.57 41.67 -73.97
N LYS E 393 -41.06 41.98 -72.77
CA LYS E 393 -41.86 42.75 -71.83
C LYS E 393 -42.07 44.18 -72.33
N ASP E 394 -41.12 44.72 -73.09
CA ASP E 394 -41.30 46.03 -73.69
C ASP E 394 -42.38 45.98 -74.77
N ARG E 395 -42.44 44.87 -75.52
CA ARG E 395 -43.45 44.75 -76.56
C ARG E 395 -44.85 44.66 -75.96
N ILE E 396 -45.03 43.81 -74.94
CA ILE E 396 -46.34 43.66 -74.32
C ILE E 396 -46.73 44.93 -73.56
N ALA E 397 -45.77 45.69 -73.05
CA ALA E 397 -46.09 46.98 -72.46
C ALA E 397 -46.47 48.00 -73.53
N LYS E 398 -45.70 48.06 -74.62
CA LYS E 398 -46.02 48.99 -75.70
C LYS E 398 -47.31 48.60 -76.40
N GLU E 399 -47.67 47.32 -76.38
CA GLU E 399 -48.98 46.91 -76.88
C GLU E 399 -50.09 47.50 -76.02
N GLU E 400 -49.90 47.51 -74.70
CA GLU E 400 -50.86 48.17 -73.82
C GLU E 400 -50.72 49.67 -73.85
N GLY E 401 -49.52 50.17 -74.15
CA GLY E 401 -49.27 51.61 -74.22
C GLY E 401 -49.68 52.27 -75.51
N ALA E 402 -50.20 51.49 -76.47
CA ALA E 402 -50.64 51.99 -77.78
C ALA E 402 -49.54 52.75 -78.51
N MET F 1 -6.88 -9.33 76.03
CA MET F 1 -8.01 -9.52 75.12
C MET F 1 -7.91 -10.85 74.38
N ALA F 2 -6.75 -11.10 73.77
CA ALA F 2 -6.56 -12.32 73.00
C ALA F 2 -6.63 -13.55 73.89
N CYS F 3 -6.07 -13.46 75.09
CA CYS F 3 -6.19 -14.55 76.06
C CYS F 3 -7.46 -14.45 76.90
N ALA F 4 -8.27 -13.42 76.69
CA ALA F 4 -9.50 -13.22 77.45
C ALA F 4 -10.68 -13.77 76.66
N ARG F 5 -11.42 -14.68 77.25
CA ARG F 5 -12.61 -15.25 76.62
C ARG F 5 -13.81 -15.06 77.53
N PRO F 6 -14.71 -14.13 77.25
CA PRO F 6 -15.87 -13.93 78.12
C PRO F 6 -16.90 -15.03 78.00
N LEU F 7 -18.01 -14.90 78.72
CA LEU F 7 -19.12 -15.83 78.62
C LEU F 7 -20.27 -15.15 77.89
N ILE F 8 -20.79 -15.82 76.87
CA ILE F 8 -21.90 -15.32 76.09
C ILE F 8 -23.15 -16.07 76.51
N SER F 9 -24.17 -15.33 76.92
CA SER F 9 -25.43 -15.94 77.28
C SER F 9 -26.12 -16.51 76.05
N VAL F 10 -26.73 -17.68 76.21
CA VAL F 10 -27.55 -18.27 75.16
C VAL F 10 -28.98 -17.78 75.33
N TYR F 11 -29.51 -17.15 74.29
CA TYR F 11 -30.83 -16.56 74.35
C TYR F 11 -31.88 -17.58 73.93
N SER F 12 -33.02 -17.54 74.61
CA SER F 12 -34.11 -18.46 74.30
C SER F 12 -34.78 -18.07 72.99
N GLU F 13 -35.80 -18.84 72.61
CA GLU F 13 -36.58 -18.48 71.44
C GLU F 13 -37.46 -17.27 71.67
N LYS F 14 -37.64 -16.86 72.93
CA LYS F 14 -38.42 -15.68 73.29
C LYS F 14 -37.59 -14.41 73.28
N GLY F 15 -36.29 -14.51 73.05
CA GLY F 15 -35.43 -13.36 72.89
C GLY F 15 -34.62 -12.98 74.12
N GLU F 16 -34.99 -13.47 75.29
CA GLU F 16 -34.27 -13.14 76.51
C GLU F 16 -33.32 -14.27 76.89
N SER F 17 -32.43 -13.96 77.82
CA SER F 17 -31.40 -14.90 78.24
C SER F 17 -32.02 -16.11 78.93
N SER F 18 -31.51 -17.28 78.59
CA SER F 18 -31.98 -18.54 79.14
C SER F 18 -31.23 -18.96 80.39
N GLY F 19 -30.25 -18.19 80.83
CA GLY F 19 -29.43 -18.55 81.97
C GLY F 19 -28.23 -19.40 81.63
N LYS F 20 -28.18 -19.96 80.43
CA LYS F 20 -27.03 -20.75 79.99
C LYS F 20 -25.98 -19.82 79.40
N ASN F 21 -24.71 -20.16 79.62
CA ASN F 21 -23.60 -19.37 79.13
C ASN F 21 -22.60 -20.28 78.44
N VAL F 22 -21.97 -19.76 77.39
CA VAL F 22 -20.91 -20.47 76.68
C VAL F 22 -19.68 -19.56 76.66
N THR F 23 -18.53 -20.11 77.02
CA THR F 23 -17.28 -19.37 76.89
C THR F 23 -17.02 -19.08 75.43
N LEU F 24 -16.54 -17.86 75.15
CA LEU F 24 -16.29 -17.47 73.77
C LEU F 24 -15.26 -18.39 73.14
N PRO F 25 -15.57 -19.03 72.03
CA PRO F 25 -14.59 -19.89 71.37
C PRO F 25 -13.38 -19.09 70.93
N ALA F 26 -12.21 -19.73 71.00
CA ALA F 26 -10.96 -19.05 70.73
C ALA F 26 -10.85 -18.54 69.31
N VAL F 27 -11.66 -19.09 68.39
CA VAL F 27 -11.61 -18.66 67.01
C VAL F 27 -12.08 -17.21 66.85
N PHE F 28 -12.85 -16.69 67.79
CA PHE F 28 -13.30 -15.31 67.70
C PHE F 28 -12.22 -14.32 68.11
N LYS F 29 -11.10 -14.81 68.65
CA LYS F 29 -9.95 -13.98 68.96
C LYS F 29 -8.83 -14.15 67.94
N ALA F 30 -9.11 -14.80 66.81
CA ALA F 30 -8.14 -14.99 65.76
C ALA F 30 -7.81 -13.66 65.10
N PRO F 31 -6.65 -13.56 64.44
CA PRO F 31 -6.32 -12.31 63.76
C PRO F 31 -7.31 -12.00 62.64
N ILE F 32 -7.81 -10.77 62.65
CA ILE F 32 -8.70 -10.30 61.61
C ILE F 32 -7.85 -9.76 60.47
N ARG F 33 -7.91 -10.43 59.33
CA ARG F 33 -6.97 -10.21 58.24
C ARG F 33 -7.72 -10.00 56.94
N PRO F 34 -8.24 -8.80 56.71
CA PRO F 34 -9.05 -8.56 55.51
C PRO F 34 -8.32 -8.78 54.21
N ASP F 35 -7.00 -8.57 54.17
CA ASP F 35 -6.26 -8.80 52.94
C ASP F 35 -6.25 -10.28 52.57
N ILE F 36 -6.14 -11.16 53.57
CA ILE F 36 -6.22 -12.59 53.31
C ILE F 36 -7.64 -13.00 52.96
N VAL F 37 -8.62 -12.41 53.63
CA VAL F 37 -10.02 -12.71 53.31
C VAL F 37 -10.34 -12.28 51.89
N ASN F 38 -9.87 -11.09 51.49
CA ASN F 38 -10.07 -10.63 50.12
C ASN F 38 -9.39 -11.56 49.13
N PHE F 39 -8.16 -11.98 49.42
CA PHE F 39 -7.44 -12.85 48.50
C PHE F 39 -8.13 -14.19 48.34
N VAL F 40 -8.57 -14.78 49.45
CA VAL F 40 -9.23 -16.08 49.39
C VAL F 40 -10.60 -15.96 48.72
N HIS F 41 -11.33 -14.89 49.02
CA HIS F 41 -12.61 -14.66 48.39
C HIS F 41 -12.47 -14.42 46.89
N THR F 42 -11.44 -13.68 46.49
CA THR F 42 -11.23 -13.40 45.07
C THR F 42 -11.00 -14.67 44.28
N ASN F 43 -10.19 -15.58 44.83
CA ASN F 43 -9.80 -16.76 44.09
C ASN F 43 -10.80 -17.89 44.18
N LEU F 44 -11.63 -17.93 45.22
CA LEU F 44 -12.65 -18.95 45.31
C LEU F 44 -13.93 -18.58 44.57
N ARG F 45 -14.20 -17.30 44.37
CA ARG F 45 -15.33 -16.91 43.54
C ARG F 45 -15.14 -17.25 42.07
N LYS F 46 -13.92 -17.55 41.65
CA LYS F 46 -13.69 -17.98 40.28
C LYS F 46 -14.01 -19.44 40.07
N ASN F 47 -14.14 -20.22 41.14
CA ASN F 47 -14.24 -21.67 41.00
C ASN F 47 -15.63 -22.14 40.63
N ASN F 48 -16.65 -21.35 40.89
CA ASN F 48 -18.01 -21.69 40.46
C ASN F 48 -18.31 -21.18 39.07
N ARG F 49 -17.36 -20.54 38.41
CA ARG F 49 -17.58 -19.97 37.10
C ARG F 49 -17.77 -21.06 36.06
N GLN F 50 -18.49 -20.72 35.01
CA GLN F 50 -18.83 -21.61 33.93
C GLN F 50 -18.23 -21.07 32.65
N PRO F 51 -17.55 -21.90 31.85
CA PRO F 51 -16.77 -21.38 30.74
C PRO F 51 -17.61 -20.76 29.65
N TYR F 52 -17.02 -19.77 28.98
CA TYR F 52 -17.60 -19.18 27.78
C TYR F 52 -16.52 -19.07 26.72
N ALA F 53 -16.93 -19.18 25.46
CA ALA F 53 -16.04 -19.02 24.32
C ALA F 53 -16.89 -18.74 23.11
N VAL F 54 -16.25 -18.19 22.08
CA VAL F 54 -16.91 -18.05 20.78
C VAL F 54 -16.72 -19.35 20.03
N SER F 55 -17.49 -19.54 18.97
CA SER F 55 -17.29 -20.69 18.11
C SER F 55 -15.93 -20.61 17.45
N GLU F 56 -15.24 -21.75 17.35
CA GLU F 56 -13.95 -21.77 16.69
C GLU F 56 -14.08 -21.64 15.18
N LEU F 57 -15.27 -21.83 14.64
CA LEU F 57 -15.52 -21.66 13.22
C LEU F 57 -15.97 -20.25 12.85
N ALA F 58 -16.18 -19.39 13.84
CA ALA F 58 -16.81 -18.10 13.59
C ALA F 58 -15.90 -17.22 12.75
N GLY F 59 -16.42 -16.74 11.63
CA GLY F 59 -15.69 -15.86 10.75
C GLY F 59 -14.72 -16.54 9.82
N HIS F 60 -14.62 -17.86 9.84
CA HIS F 60 -13.61 -18.59 9.09
C HIS F 60 -14.22 -19.70 8.25
N GLN F 61 -15.40 -19.45 7.70
CA GLN F 61 -16.09 -20.41 6.84
C GLN F 61 -16.58 -19.71 5.59
N THR F 62 -15.65 -19.01 4.96
CA THR F 62 -15.94 -18.06 3.90
C THR F 62 -15.22 -18.41 2.60
N SER F 63 -14.04 -19.03 2.71
CA SER F 63 -13.18 -19.35 1.56
C SER F 63 -12.71 -18.10 0.81
N ALA F 64 -12.69 -16.97 1.49
CA ALA F 64 -12.28 -15.72 0.88
C ALA F 64 -10.77 -15.69 0.67
N GLU F 65 -10.33 -14.87 -0.28
CA GLU F 65 -8.92 -14.69 -0.54
C GLU F 65 -8.65 -13.25 -0.94
N SER F 66 -7.40 -12.85 -0.84
CA SER F 66 -7.01 -11.49 -1.18
C SER F 66 -7.04 -11.27 -2.68
N TRP F 67 -7.40 -10.06 -3.08
CA TRP F 67 -7.48 -9.72 -4.50
C TRP F 67 -6.14 -9.42 -5.12
N GLY F 68 -5.10 -9.24 -4.32
CA GLY F 68 -3.82 -8.87 -4.86
C GLY F 68 -3.49 -7.43 -4.51
N THR F 69 -2.70 -6.76 -5.34
CA THR F 69 -2.28 -5.40 -5.02
C THR F 69 -2.56 -4.38 -6.11
N GLY F 70 -2.87 -4.80 -7.33
CA GLY F 70 -3.07 -3.82 -8.38
C GLY F 70 -4.51 -3.56 -8.74
N ARG F 71 -5.40 -3.52 -7.75
CA ARG F 71 -6.82 -3.33 -8.01
C ARG F 71 -7.42 -2.24 -7.16
N ALA F 72 -6.60 -1.33 -6.63
CA ALA F 72 -7.00 -0.12 -5.93
C ALA F 72 -7.84 -0.38 -4.69
N VAL F 73 -7.69 -1.56 -4.08
CA VAL F 73 -8.40 -1.90 -2.85
C VAL F 73 -7.41 -2.46 -1.85
N ALA F 74 -7.80 -2.40 -0.58
CA ALA F 74 -6.96 -2.93 0.48
C ALA F 74 -6.79 -4.43 0.32
N ARG F 75 -5.64 -4.93 0.77
CA ARG F 75 -5.22 -6.31 0.51
C ARG F 75 -5.87 -7.31 1.46
N ILE F 76 -6.94 -6.95 2.15
CA ILE F 76 -7.71 -7.86 2.99
C ILE F 76 -8.33 -8.94 2.11
N PRO F 77 -8.51 -10.17 2.59
CA PRO F 77 -9.24 -11.16 1.80
C PRO F 77 -10.68 -10.74 1.53
N ARG F 78 -11.16 -11.09 0.35
CA ARG F 78 -12.49 -10.71 -0.12
C ARG F 78 -13.28 -11.97 -0.46
N VAL F 79 -14.58 -11.94 -0.15
CA VAL F 79 -15.45 -13.06 -0.49
C VAL F 79 -15.53 -13.21 -2.00
N ARG F 80 -15.44 -14.44 -2.47
CA ARG F 80 -15.38 -14.73 -3.88
C ARG F 80 -16.78 -14.77 -4.49
N GLY F 81 -16.82 -14.91 -5.81
CA GLY F 81 -18.07 -15.03 -6.51
C GLY F 81 -18.73 -13.68 -6.77
N GLY F 82 -20.00 -13.77 -7.14
CA GLY F 82 -20.78 -12.59 -7.42
C GLY F 82 -22.24 -12.84 -7.17
N GLY F 83 -23.06 -11.86 -7.54
CA GLY F 83 -24.49 -11.99 -7.47
C GLY F 83 -25.11 -11.83 -6.11
N THR F 84 -24.33 -11.49 -5.09
CA THR F 84 -24.86 -11.25 -3.77
C THR F 84 -24.10 -10.08 -3.16
N HIS F 85 -24.67 -9.51 -2.09
CA HIS F 85 -24.02 -8.40 -1.41
C HIS F 85 -22.69 -8.80 -0.82
N ARG F 86 -22.58 -10.05 -0.37
CA ARG F 86 -21.38 -10.52 0.32
C ARG F 86 -20.16 -10.54 -0.59
N SER F 87 -20.36 -10.60 -1.91
CA SER F 87 -19.24 -10.77 -2.83
C SER F 87 -18.33 -9.56 -2.83
N GLY F 88 -17.03 -9.81 -2.72
CA GLY F 88 -16.05 -8.74 -2.71
C GLY F 88 -15.92 -8.02 -1.40
N GLN F 89 -16.55 -8.50 -0.34
CA GLN F 89 -16.46 -7.88 0.96
C GLN F 89 -15.33 -8.51 1.77
N GLY F 90 -14.75 -7.72 2.66
CA GLY F 90 -13.62 -8.20 3.43
C GLY F 90 -14.01 -9.32 4.38
N ALA F 91 -13.03 -10.19 4.67
CA ALA F 91 -13.29 -11.36 5.49
C ALA F 91 -12.08 -11.68 6.35
N PHE F 92 -12.32 -12.50 7.37
CA PHE F 92 -11.32 -13.14 8.23
C PHE F 92 -10.63 -12.20 9.20
N GLY F 93 -10.85 -10.90 9.09
CA GLY F 93 -10.12 -9.93 9.87
C GLY F 93 -10.90 -9.48 11.08
N ASN F 94 -10.18 -9.12 12.14
CA ASN F 94 -10.86 -8.56 13.29
C ASN F 94 -11.47 -7.20 12.99
N MET F 95 -10.98 -6.52 11.96
CA MET F 95 -11.51 -5.24 11.53
C MET F 95 -12.62 -5.37 10.51
N CYS F 96 -12.90 -6.57 10.03
CA CYS F 96 -13.91 -6.77 9.00
C CYS F 96 -15.24 -7.15 9.64
N ARG F 97 -16.31 -6.58 9.11
CA ARG F 97 -17.65 -6.96 9.54
C ARG F 97 -17.91 -8.40 9.12
N GLY F 98 -18.35 -9.22 10.07
CA GLY F 98 -18.54 -10.63 9.81
C GLY F 98 -17.29 -11.46 9.89
N GLY F 99 -16.16 -10.87 10.27
CA GLY F 99 -14.91 -11.58 10.37
C GLY F 99 -14.73 -12.24 11.71
N ARG F 100 -13.51 -12.70 11.95
CA ARG F 100 -13.16 -13.38 13.18
C ARG F 100 -12.61 -12.37 14.18
N MET F 101 -13.04 -12.50 15.43
CA MET F 101 -12.57 -11.59 16.46
C MET F 101 -11.10 -11.85 16.76
N PHE F 102 -10.41 -10.80 17.20
CA PHE F 102 -8.99 -10.95 17.53
C PHE F 102 -8.84 -11.83 18.75
N ALA F 103 -7.97 -12.83 18.64
CA ALA F 103 -7.70 -13.78 19.70
C ALA F 103 -9.00 -14.34 20.25
N PRO F 104 -9.69 -15.20 19.50
CA PRO F 104 -10.99 -15.70 19.95
C PRO F 104 -10.89 -16.35 21.32
N THR F 105 -11.88 -16.08 22.14
CA THR F 105 -11.89 -16.62 23.49
C THR F 105 -12.03 -18.14 23.43
N LYS F 106 -11.34 -18.83 24.33
CA LYS F 106 -11.27 -20.28 24.29
C LYS F 106 -11.67 -20.84 25.65
N THR F 107 -12.16 -22.07 25.63
CA THR F 107 -12.70 -22.65 26.85
C THR F 107 -11.61 -23.03 27.84
N TRP F 108 -10.36 -23.13 27.42
CA TRP F 108 -9.28 -23.45 28.34
C TRP F 108 -8.58 -22.18 28.82
N ARG F 109 -9.36 -21.31 29.46
CA ARG F 109 -8.91 -20.02 29.96
C ARG F 109 -8.26 -20.12 31.35
N ARG F 110 -8.30 -21.29 32.00
CA ARG F 110 -7.95 -21.42 33.41
C ARG F 110 -8.88 -20.57 34.27
N TRP F 111 -10.15 -20.99 34.30
CA TRP F 111 -11.16 -20.31 35.08
C TRP F 111 -10.96 -20.49 36.58
N HIS F 112 -10.46 -21.63 37.00
CA HIS F 112 -10.40 -21.98 38.41
C HIS F 112 -9.04 -21.65 39.00
N ARG F 113 -9.04 -21.39 40.31
CA ARG F 113 -7.84 -21.18 41.08
C ARG F 113 -7.86 -22.10 42.28
N ARG F 114 -6.70 -22.60 42.67
CA ARG F 114 -6.59 -23.41 43.87
C ARG F 114 -5.91 -22.58 44.96
N VAL F 115 -6.51 -22.58 46.14
CA VAL F 115 -6.00 -21.84 47.29
C VAL F 115 -5.50 -22.85 48.32
N ASN F 116 -4.42 -22.48 49.01
CA ASN F 116 -3.87 -23.36 50.03
C ASN F 116 -4.89 -23.60 51.12
N THR F 117 -4.92 -24.83 51.64
CA THR F 117 -5.89 -25.18 52.67
C THR F 117 -5.66 -24.35 53.94
N THR F 118 -4.40 -24.10 54.29
CA THR F 118 -4.12 -23.31 55.48
C THR F 118 -4.60 -21.89 55.31
N GLN F 119 -4.50 -21.34 54.11
CA GLN F 119 -4.97 -19.98 53.86
C GLN F 119 -6.49 -19.91 53.82
N LYS F 120 -7.16 -20.95 53.30
CA LYS F 120 -8.61 -20.98 53.31
C LYS F 120 -9.14 -21.10 54.73
N ARG F 121 -8.48 -21.90 55.56
CA ARG F 121 -8.85 -21.97 56.97
C ARG F 121 -8.53 -20.68 57.68
N TYR F 122 -7.50 -19.98 57.23
CA TYR F 122 -7.11 -18.73 57.88
C TYR F 122 -8.21 -17.69 57.71
N ALA F 123 -8.79 -17.60 56.51
CA ALA F 123 -9.77 -16.58 56.22
C ALA F 123 -11.08 -16.85 56.94
N ILE F 124 -11.41 -18.12 57.16
CA ILE F 124 -12.60 -18.47 57.93
C ILE F 124 -12.46 -17.96 59.35
N CYS F 125 -11.27 -18.12 59.92
CA CYS F 125 -11.02 -17.62 61.27
C CYS F 125 -11.11 -16.10 61.32
N SER F 126 -10.58 -15.42 60.32
CA SER F 126 -10.67 -13.96 60.26
C SER F 126 -12.12 -13.50 60.10
N ALA F 127 -12.89 -14.18 59.26
CA ALA F 127 -14.28 -13.82 59.06
C ALA F 127 -15.11 -14.07 60.31
N LEU F 128 -14.85 -15.18 61.00
CA LEU F 128 -15.54 -15.45 62.25
C LEU F 128 -15.17 -14.44 63.32
N ALA F 129 -13.89 -14.08 63.40
CA ALA F 129 -13.45 -13.15 64.43
C ALA F 129 -14.02 -11.75 64.19
N ALA F 130 -14.22 -11.38 62.93
CA ALA F 130 -14.77 -10.07 62.63
C ALA F 130 -16.26 -10.00 62.91
N SER F 131 -16.96 -11.13 62.77
CA SER F 131 -18.40 -11.15 62.98
C SER F 131 -18.79 -10.99 64.44
N ALA F 132 -17.83 -11.02 65.36
CA ALA F 132 -18.10 -10.81 66.77
C ALA F 132 -17.82 -9.38 67.22
N LEU F 133 -17.47 -8.49 66.29
CA LEU F 133 -17.16 -7.11 66.61
C LEU F 133 -18.24 -6.21 66.06
N PRO F 134 -19.01 -5.51 66.91
CA PRO F 134 -20.16 -4.75 66.41
C PRO F 134 -19.80 -3.66 65.43
N ALA F 135 -18.62 -3.04 65.54
CA ALA F 135 -18.26 -1.99 64.61
C ALA F 135 -18.10 -2.54 63.19
N LEU F 136 -17.58 -3.75 63.05
CA LEU F 136 -17.41 -4.32 61.72
C LEU F 136 -18.73 -4.82 61.17
N VAL F 137 -19.59 -5.39 62.01
CA VAL F 137 -20.88 -5.86 61.53
C VAL F 137 -21.78 -4.68 61.19
N MET F 138 -21.71 -3.61 61.98
CA MET F 138 -22.43 -2.39 61.63
C MET F 138 -21.92 -1.81 60.32
N SER F 139 -20.61 -1.87 60.10
CA SER F 139 -20.04 -1.31 58.88
C SER F 139 -20.37 -2.13 57.65
N LYS F 140 -20.86 -3.35 57.82
CA LYS F 140 -21.43 -4.09 56.70
C LYS F 140 -22.90 -3.73 56.48
N GLY F 141 -23.46 -2.87 57.32
CA GLY F 141 -24.80 -2.37 57.14
C GLY F 141 -25.88 -3.31 57.63
N HIS F 142 -25.63 -4.01 58.72
CA HIS F 142 -26.49 -5.11 59.14
C HIS F 142 -27.52 -4.73 60.19
N ARG F 143 -27.64 -3.47 60.54
CA ARG F 143 -28.72 -2.96 61.40
C ARG F 143 -28.81 -3.73 62.72
N ILE F 144 -27.66 -3.90 63.38
CA ILE F 144 -27.62 -4.48 64.71
C ILE F 144 -27.56 -3.31 65.69
N GLU F 145 -28.73 -2.80 66.05
CA GLU F 145 -28.79 -1.77 67.08
C GLU F 145 -29.56 -2.22 68.30
N GLU F 146 -30.37 -3.27 68.18
CA GLU F 146 -31.16 -3.79 69.28
C GLU F 146 -30.88 -5.26 69.52
N VAL F 147 -29.89 -5.80 68.86
CA VAL F 147 -29.44 -7.18 69.13
C VAL F 147 -28.83 -7.24 70.52
N PRO F 148 -29.29 -8.15 71.38
CA PRO F 148 -28.83 -8.15 72.78
C PRO F 148 -27.35 -8.41 72.94
N GLU F 149 -26.75 -9.23 72.08
CA GLU F 149 -25.34 -9.59 72.18
C GLU F 149 -24.88 -10.03 70.80
N LEU F 150 -23.78 -9.47 70.33
CA LEU F 150 -23.39 -9.70 68.94
C LEU F 150 -23.04 -11.16 68.66
N PRO F 151 -22.22 -11.86 69.46
CA PRO F 151 -22.14 -13.30 69.23
C PRO F 151 -23.46 -13.93 69.62
N LEU F 152 -24.44 -13.78 68.74
CA LEU F 152 -25.83 -14.10 69.06
C LEU F 152 -26.03 -15.60 68.98
N VAL F 153 -26.30 -16.21 70.13
CA VAL F 153 -26.42 -17.65 70.25
C VAL F 153 -27.81 -17.97 70.78
N VAL F 154 -28.53 -18.84 70.09
CA VAL F 154 -29.87 -19.23 70.50
C VAL F 154 -29.87 -20.70 70.86
N GLU F 155 -30.91 -21.10 71.57
CA GLU F 155 -31.02 -22.46 72.04
C GLU F 155 -31.25 -23.42 70.89
N ASP F 156 -31.00 -24.70 71.15
CA ASP F 156 -31.08 -25.73 70.12
C ASP F 156 -32.49 -25.99 69.62
N LYS F 157 -33.51 -25.47 70.30
CA LYS F 157 -34.89 -25.63 69.85
C LYS F 157 -35.09 -25.07 68.46
N VAL F 158 -34.29 -24.09 68.07
CA VAL F 158 -34.42 -23.44 66.77
C VAL F 158 -34.14 -24.42 65.63
N GLU F 159 -33.24 -25.37 65.85
CA GLU F 159 -32.89 -26.33 64.80
C GLU F 159 -34.08 -27.19 64.37
N GLY F 160 -35.07 -27.37 65.24
CA GLY F 160 -36.24 -28.15 64.94
C GLY F 160 -37.45 -27.37 64.48
N TYR F 161 -37.29 -26.11 64.12
CA TYR F 161 -38.40 -25.32 63.60
C TYR F 161 -38.89 -25.91 62.28
N LYS F 162 -40.16 -25.83 62.06
CA LYS F 162 -40.71 -26.39 60.83
C LYS F 162 -41.40 -25.35 59.95
N LYS F 163 -42.12 -24.42 60.56
CA LYS F 163 -42.90 -23.43 59.82
C LYS F 163 -42.10 -22.15 59.63
N THR F 164 -42.45 -21.40 58.60
CA THR F 164 -41.81 -20.12 58.36
C THR F 164 -42.29 -19.06 59.35
N LYS F 165 -43.52 -19.18 59.84
CA LYS F 165 -44.04 -18.20 60.79
C LYS F 165 -43.22 -18.19 62.07
N GLU F 166 -42.88 -19.37 62.59
CA GLU F 166 -42.08 -19.43 63.81
C GLU F 166 -40.62 -19.06 63.53
N ALA F 167 -40.17 -19.16 62.30
CA ALA F 167 -38.86 -18.62 61.94
C ALA F 167 -38.89 -17.10 61.92
N VAL F 168 -39.97 -16.51 61.39
CA VAL F 168 -40.10 -15.06 61.40
C VAL F 168 -40.21 -14.53 62.81
N LEU F 169 -40.96 -15.24 63.66
CA LEU F 169 -41.17 -14.81 65.04
C LEU F 169 -39.86 -14.78 65.82
N LEU F 170 -39.00 -15.77 65.59
CA LEU F 170 -37.72 -15.81 66.30
C LEU F 170 -36.86 -14.61 65.94
N LEU F 171 -36.81 -14.24 64.66
CA LEU F 171 -36.04 -13.07 64.25
C LEU F 171 -36.61 -11.79 64.85
N LYS F 172 -37.93 -11.72 64.98
CA LYS F 172 -38.56 -10.56 65.60
C LYS F 172 -38.19 -10.46 67.08
N LYS F 173 -38.24 -11.58 67.79
CA LYS F 173 -37.94 -11.56 69.21
C LYS F 173 -36.46 -11.35 69.47
N LEU F 174 -35.61 -11.74 68.53
CA LEU F 174 -34.17 -11.52 68.60
C LEU F 174 -33.77 -10.11 68.18
N LYS F 175 -34.74 -9.29 67.80
CA LYS F 175 -34.52 -7.93 67.31
C LYS F 175 -33.61 -7.94 66.08
N ALA F 176 -33.65 -9.02 65.31
CA ALA F 176 -32.92 -9.14 64.06
C ALA F 176 -33.83 -8.98 62.86
N TRP F 177 -35.11 -8.67 63.07
CA TRP F 177 -36.04 -8.50 61.98
C TRP F 177 -35.77 -7.24 61.17
N ASN F 178 -35.16 -6.22 61.77
CA ASN F 178 -34.87 -5.00 61.02
C ASN F 178 -33.87 -5.26 59.90
N ASP F 179 -32.98 -6.23 60.07
CA ASP F 179 -32.08 -6.60 58.99
C ASP F 179 -32.83 -7.23 57.83
N ILE F 180 -33.85 -8.02 58.13
CA ILE F 180 -34.69 -8.57 57.08
C ILE F 180 -35.46 -7.48 56.36
N LYS F 181 -35.99 -6.51 57.11
CA LYS F 181 -36.73 -5.42 56.50
C LYS F 181 -35.83 -4.56 55.63
N LYS F 182 -34.54 -4.50 55.95
CA LYS F 182 -33.61 -3.81 55.07
C LYS F 182 -33.38 -4.58 53.78
N VAL F 183 -33.42 -5.90 53.84
CA VAL F 183 -33.30 -6.71 52.62
C VAL F 183 -34.52 -6.51 51.73
N TYR F 184 -35.70 -6.44 52.34
CA TYR F 184 -36.92 -6.19 51.59
C TYR F 184 -36.87 -4.84 50.88
N ALA F 185 -36.39 -3.81 51.58
CA ALA F 185 -36.32 -2.48 51.00
C ALA F 185 -35.28 -2.39 49.89
N SER F 186 -34.38 -3.37 49.83
CA SER F 186 -33.32 -3.36 48.82
C SER F 186 -33.63 -4.21 47.60
N GLN F 187 -34.82 -4.78 47.52
CA GLN F 187 -35.16 -5.65 46.40
C GLN F 187 -35.52 -4.79 45.22
N ARG F 188 -34.54 -4.50 44.37
CA ARG F 188 -34.79 -3.71 43.18
C ARG F 188 -34.32 -4.47 41.95
N MET F 189 -34.32 -3.81 40.80
CA MET F 189 -34.02 -4.44 39.54
C MET F 189 -32.58 -4.14 39.16
N ARG F 190 -31.85 -5.17 38.76
CA ARG F 190 -30.45 -5.00 38.40
C ARG F 190 -30.31 -4.14 37.15
N ALA F 191 -29.17 -3.48 37.01
CA ALA F 191 -28.88 -2.64 35.87
C ALA F 191 -28.00 -3.37 34.87
N GLY F 192 -28.44 -3.45 33.63
CA GLY F 192 -27.60 -3.92 32.55
C GLY F 192 -28.01 -5.22 31.90
N LYS F 193 -27.07 -5.87 31.23
CA LYS F 193 -27.33 -7.10 30.49
C LYS F 193 -27.60 -8.29 31.40
N GLY F 194 -27.36 -8.18 32.70
CA GLY F 194 -27.66 -9.28 33.59
C GLY F 194 -29.14 -9.57 33.67
N LYS F 195 -29.98 -8.60 33.34
CA LYS F 195 -31.41 -8.85 33.27
C LYS F 195 -31.77 -9.85 32.17
N MET F 196 -31.06 -9.79 31.06
CA MET F 196 -31.28 -10.74 29.99
C MET F 196 -30.56 -12.06 30.21
N ARG F 197 -29.83 -12.20 31.30
CA ARG F 197 -29.03 -13.37 31.57
C ARG F 197 -29.40 -14.02 32.89
N ASN F 198 -30.68 -13.96 33.24
CA ASN F 198 -31.33 -14.62 34.37
C ASN F 198 -30.95 -14.04 35.72
N ARG F 199 -30.08 -13.03 35.76
CA ARG F 199 -29.77 -12.32 36.99
C ARG F 199 -30.61 -11.06 37.08
N ARG F 200 -31.92 -11.27 37.04
CA ARG F 200 -32.85 -10.18 36.85
C ARG F 200 -33.00 -9.33 38.11
N ARG F 201 -33.04 -9.96 39.28
CA ARG F 201 -33.32 -9.27 40.53
C ARG F 201 -32.12 -9.34 41.46
N ILE F 202 -31.88 -8.25 42.19
CA ILE F 202 -30.81 -8.17 43.16
C ILE F 202 -31.39 -7.72 44.49
N GLN F 203 -30.67 -8.03 45.57
CA GLN F 203 -31.11 -7.65 46.90
C GLN F 203 -29.91 -7.69 47.84
N ARG F 204 -30.14 -7.13 49.02
CA ARG F 204 -29.12 -7.06 50.06
C ARG F 204 -28.98 -8.41 50.76
N ARG F 205 -27.78 -8.70 51.25
CA ARG F 205 -27.54 -9.91 52.02
C ARG F 205 -28.09 -9.75 53.44
N GLY F 206 -28.65 -10.82 53.97
CA GLY F 206 -29.21 -10.80 55.30
C GLY F 206 -28.34 -11.53 56.30
N PRO F 207 -28.88 -11.77 57.50
CA PRO F 207 -28.12 -12.50 58.51
C PRO F 207 -27.91 -13.95 58.12
N CYS F 208 -26.82 -14.52 58.66
CA CYS F 208 -26.42 -15.89 58.40
C CYS F 208 -26.77 -16.73 59.63
N ILE F 209 -27.60 -17.74 59.43
CA ILE F 209 -27.98 -18.65 60.51
C ILE F 209 -27.06 -19.87 60.44
N ILE F 210 -26.31 -20.10 61.50
CA ILE F 210 -25.37 -21.22 61.54
C ILE F 210 -25.91 -22.26 62.50
N TYR F 211 -26.19 -23.44 61.96
CA TYR F 211 -26.76 -24.55 62.71
C TYR F 211 -25.74 -25.67 62.78
N ASN F 212 -25.97 -26.59 63.71
CA ASN F 212 -25.17 -27.81 63.80
C ASN F 212 -25.86 -28.98 63.13
N GLU F 213 -27.15 -29.15 63.36
CA GLU F 213 -27.91 -30.28 62.86
C GLU F 213 -29.24 -29.80 62.33
N ASP F 214 -29.55 -30.19 61.09
CA ASP F 214 -30.82 -29.82 60.46
C ASP F 214 -31.91 -30.76 60.96
N ASN F 215 -32.90 -30.20 61.63
CA ASN F 215 -34.11 -30.93 61.97
C ASN F 215 -35.34 -30.16 61.47
N GLY F 216 -35.20 -29.52 60.32
CA GLY F 216 -36.23 -28.68 59.76
C GLY F 216 -35.87 -27.21 59.72
N ILE F 217 -34.72 -26.81 60.28
CA ILE F 217 -34.39 -25.38 60.37
C ILE F 217 -34.23 -24.78 58.98
N ILE F 218 -33.67 -25.55 58.04
CA ILE F 218 -33.51 -25.02 56.70
C ILE F 218 -34.86 -24.73 56.05
N LYS F 219 -35.81 -25.67 56.19
CA LYS F 219 -37.10 -25.46 55.56
C LYS F 219 -37.89 -24.34 56.25
N ALA F 220 -37.74 -24.19 57.57
CA ALA F 220 -38.44 -23.13 58.29
C ALA F 220 -37.99 -21.76 57.80
N PHE F 221 -36.69 -21.60 57.62
CA PHE F 221 -36.11 -20.42 56.98
C PHE F 221 -36.13 -20.67 55.48
N ARG F 222 -35.28 -19.99 54.72
CA ARG F 222 -35.05 -20.27 53.30
C ARG F 222 -36.16 -19.68 52.43
N ASN F 223 -37.24 -19.22 53.04
CA ASN F 223 -38.17 -18.36 52.31
C ASN F 223 -38.08 -16.92 52.76
N ILE F 224 -37.30 -16.65 53.81
CA ILE F 224 -37.00 -15.29 54.23
C ILE F 224 -35.93 -14.77 53.30
N PRO F 225 -36.16 -13.68 52.58
CA PRO F 225 -35.11 -13.12 51.73
C PRO F 225 -33.93 -12.64 52.55
N GLY F 226 -32.72 -12.86 52.02
CA GLY F 226 -31.49 -12.47 52.66
C GLY F 226 -30.90 -13.52 53.58
N ILE F 227 -31.73 -14.37 54.19
CA ILE F 227 -31.24 -15.36 55.14
C ILE F 227 -30.43 -16.42 54.42
N THR F 228 -29.26 -16.72 54.95
CA THR F 228 -28.40 -17.79 54.46
C THR F 228 -28.14 -18.75 55.61
N LEU F 229 -28.40 -20.04 55.39
CA LEU F 229 -28.13 -21.04 56.40
C LEU F 229 -26.83 -21.74 56.09
N LEU F 230 -26.05 -22.02 57.14
CA LEU F 230 -24.71 -22.56 56.98
C LEU F 230 -24.47 -23.60 58.05
N ASN F 231 -23.96 -24.76 57.67
CA ASN F 231 -23.60 -25.79 58.63
C ASN F 231 -22.28 -25.44 59.28
N VAL F 232 -22.18 -25.69 60.58
CA VAL F 232 -20.97 -25.29 61.30
C VAL F 232 -19.76 -26.10 60.82
N SER F 233 -19.98 -27.33 60.39
CA SER F 233 -18.87 -28.18 59.94
C SER F 233 -18.45 -27.89 58.50
N LYS F 234 -19.19 -27.04 57.79
CA LYS F 234 -18.93 -26.76 56.39
C LYS F 234 -18.99 -25.25 56.13
N LEU F 235 -18.28 -24.47 56.94
CA LEU F 235 -18.33 -23.03 56.81
C LEU F 235 -17.74 -22.56 55.48
N ASN F 236 -18.39 -21.58 54.88
CA ASN F 236 -18.03 -21.08 53.56
C ASN F 236 -17.62 -19.62 53.66
N ILE F 237 -16.45 -19.29 53.08
CA ILE F 237 -16.01 -17.90 53.11
C ILE F 237 -16.82 -17.07 52.13
N LEU F 238 -17.42 -17.70 51.11
CA LEU F 238 -18.27 -16.97 50.20
C LEU F 238 -19.57 -16.53 50.85
N LYS F 239 -19.95 -17.16 51.96
CA LYS F 239 -21.15 -16.78 52.70
C LYS F 239 -20.84 -15.99 53.95
N LEU F 240 -19.66 -16.18 54.55
CA LEU F 240 -19.31 -15.45 55.76
C LEU F 240 -18.76 -14.07 55.44
N ALA F 241 -18.14 -13.89 54.28
CA ALA F 241 -17.64 -12.60 53.82
C ALA F 241 -18.19 -12.40 52.42
N PRO F 242 -19.46 -12.01 52.30
CA PRO F 242 -20.16 -12.07 51.01
C PRO F 242 -19.50 -11.29 49.88
N GLY F 243 -18.97 -10.11 50.13
CA GLY F 243 -18.37 -9.36 49.05
C GLY F 243 -16.86 -9.36 49.12
N GLY F 244 -16.31 -10.24 49.93
CA GLY F 244 -14.93 -10.17 50.31
C GLY F 244 -14.68 -9.26 51.49
N HIS F 245 -15.73 -8.69 52.08
CA HIS F 245 -15.61 -7.83 53.24
C HIS F 245 -16.11 -8.59 54.46
N VAL F 246 -15.33 -8.53 55.54
CA VAL F 246 -15.69 -9.24 56.76
C VAL F 246 -16.74 -8.47 57.53
N GLY F 247 -17.51 -9.18 58.35
CA GLY F 247 -18.46 -8.52 59.21
C GLY F 247 -19.91 -8.83 58.90
N ARG F 248 -20.20 -10.02 58.39
CA ARG F 248 -21.57 -10.42 58.18
C ARG F 248 -22.22 -10.77 59.51
N PHE F 249 -23.45 -10.33 59.70
CA PHE F 249 -24.21 -10.69 60.88
C PHE F 249 -24.53 -12.18 60.86
N CYS F 250 -24.14 -12.88 61.92
CA CYS F 250 -24.32 -14.32 62.02
C CYS F 250 -25.07 -14.65 63.31
N ILE F 251 -26.02 -15.56 63.20
CA ILE F 251 -26.76 -16.07 64.35
C ILE F 251 -26.36 -17.53 64.54
N TRP F 252 -26.02 -17.89 65.77
CA TRP F 252 -25.50 -19.20 66.08
C TRP F 252 -26.51 -20.00 66.88
N THR F 253 -26.58 -21.29 66.60
CA THR F 253 -27.24 -22.25 67.48
C THR F 253 -26.26 -22.61 68.59
N GLU F 254 -26.81 -23.01 69.74
CA GLU F 254 -25.94 -23.34 70.87
C GLU F 254 -25.03 -24.51 70.57
N SER F 255 -25.56 -25.54 69.93
CA SER F 255 -24.75 -26.72 69.64
C SER F 255 -23.71 -26.43 68.56
N ALA F 256 -24.00 -25.51 67.66
CA ALA F 256 -22.99 -25.11 66.68
C ALA F 256 -21.92 -24.24 67.33
N PHE F 257 -22.31 -23.41 68.29
CA PHE F 257 -21.36 -22.56 68.99
C PHE F 257 -20.37 -23.38 69.79
N ARG F 258 -20.83 -24.47 70.40
CA ARG F 258 -19.95 -25.29 71.20
C ARG F 258 -18.99 -26.11 70.35
N LYS F 259 -19.33 -26.33 69.09
CA LYS F 259 -18.48 -27.13 68.19
C LYS F 259 -17.32 -26.33 67.62
N LEU F 260 -17.29 -25.02 67.82
CA LEU F 260 -16.26 -24.20 67.18
C LEU F 260 -14.87 -24.50 67.74
N ASP F 261 -14.78 -24.83 69.02
CA ASP F 261 -13.48 -25.16 69.60
C ASP F 261 -12.95 -26.49 69.07
N GLU F 262 -13.83 -27.45 68.81
CA GLU F 262 -13.35 -28.69 68.21
C GLU F 262 -13.01 -28.51 66.74
N LEU F 263 -13.70 -27.61 66.05
CA LEU F 263 -13.49 -27.44 64.62
C LEU F 263 -12.20 -26.68 64.32
N TYR F 264 -11.85 -25.70 65.13
CA TYR F 264 -10.68 -24.87 64.85
C TYR F 264 -9.66 -24.85 65.96
N GLY F 265 -9.98 -25.37 67.13
CA GLY F 265 -9.02 -25.44 68.21
C GLY F 265 -8.95 -24.18 69.03
N THR F 266 -8.29 -24.30 70.17
CA THR F 266 -7.89 -23.17 70.98
C THR F 266 -6.48 -22.81 70.52
N TRP F 267 -5.80 -21.91 71.23
CA TRP F 267 -4.37 -21.81 71.02
C TRP F 267 -3.60 -22.81 71.85
N ARG F 268 -4.26 -23.41 72.84
CA ARG F 268 -3.67 -24.44 73.67
C ARG F 268 -3.98 -25.84 73.15
N LYS F 269 -5.06 -25.99 72.39
CA LYS F 269 -5.47 -27.26 71.79
C LYS F 269 -5.42 -27.15 70.28
N ALA F 270 -5.02 -28.24 69.63
CA ALA F 270 -5.23 -28.34 68.21
C ALA F 270 -6.67 -28.73 67.92
N ALA F 271 -7.12 -28.43 66.70
CA ALA F 271 -8.48 -28.78 66.32
C ALA F 271 -8.62 -30.29 66.26
N SER F 272 -9.60 -30.81 67.01
CA SER F 272 -9.82 -32.25 67.06
C SER F 272 -10.59 -32.78 65.86
N LEU F 273 -11.07 -31.91 64.99
CA LEU F 273 -11.85 -32.30 63.82
C LEU F 273 -11.16 -31.93 62.51
N LYS F 274 -9.92 -31.47 62.56
CA LYS F 274 -9.18 -31.13 61.36
C LYS F 274 -7.81 -31.81 61.32
N SER F 275 -7.40 -32.45 62.42
CA SER F 275 -6.33 -33.43 62.50
C SER F 275 -4.93 -32.86 62.29
N ASN F 276 -4.83 -31.62 61.78
CA ASN F 276 -3.53 -30.97 61.79
C ASN F 276 -3.64 -29.46 61.95
N TYR F 277 -4.77 -28.93 62.38
CA TYR F 277 -4.98 -27.49 62.33
C TYR F 277 -4.96 -26.89 63.73
N ASN F 278 -4.26 -25.76 63.85
CA ASN F 278 -4.29 -24.95 65.05
C ASN F 278 -4.56 -23.51 64.64
N LEU F 279 -5.04 -22.73 65.59
CA LEU F 279 -5.35 -21.33 65.32
C LEU F 279 -4.10 -20.56 64.94
N PRO F 280 -4.22 -19.63 64.01
CA PRO F 280 -3.06 -18.80 63.63
C PRO F 280 -2.66 -17.87 64.76
N MET F 281 -1.40 -17.45 64.70
CA MET F 281 -0.79 -16.66 65.76
C MET F 281 -0.79 -15.18 65.42
N HIS F 282 -0.83 -14.37 66.47
CA HIS F 282 -0.79 -12.92 66.35
C HIS F 282 0.65 -12.45 66.28
N LYS F 283 0.94 -11.59 65.31
CA LYS F 283 2.22 -10.91 65.27
C LYS F 283 2.20 -9.61 66.06
N MET F 284 1.05 -9.24 66.61
CA MET F 284 0.92 -8.09 67.50
C MET F 284 -0.11 -8.45 68.55
N ILE F 285 0.38 -8.72 69.77
CA ILE F 285 -0.52 -9.16 70.84
C ILE F 285 -1.45 -8.02 71.25
N ASN F 286 -0.90 -6.85 71.51
CA ASN F 286 -1.67 -5.70 71.95
C ASN F 286 -1.75 -4.71 70.80
N THR F 287 -2.92 -4.61 70.18
CA THR F 287 -3.14 -3.71 69.05
C THR F 287 -3.62 -2.34 69.48
N ASP F 288 -3.71 -2.10 70.79
CA ASP F 288 -4.14 -0.80 71.30
C ASP F 288 -2.96 0.16 71.24
N LEU F 289 -2.86 0.88 70.12
CA LEU F 289 -1.77 1.82 69.94
C LEU F 289 -1.82 2.94 70.96
N SER F 290 -3.02 3.42 71.29
CA SER F 290 -3.17 4.56 72.18
C SER F 290 -2.63 4.24 73.57
N ARG F 291 -2.91 3.04 74.08
CA ARG F 291 -2.42 2.69 75.41
C ARG F 291 -0.94 2.37 75.39
N ILE F 292 -0.44 1.82 74.29
CA ILE F 292 1.00 1.57 74.19
C ILE F 292 1.75 2.89 74.15
N LEU F 293 1.28 3.85 73.34
CA LEU F 293 1.97 5.11 73.20
C LEU F 293 1.89 5.95 74.46
N LYS F 294 0.79 5.86 75.19
CA LYS F 294 0.60 6.63 76.41
C LYS F 294 1.13 5.92 77.64
N SER F 295 1.74 4.75 77.47
CA SER F 295 2.27 4.02 78.60
C SER F 295 3.44 4.78 79.22
N PRO F 296 3.60 4.73 80.54
CA PRO F 296 4.68 5.51 81.17
C PRO F 296 6.07 5.12 80.70
N GLU F 297 6.31 3.84 80.41
CA GLU F 297 7.64 3.42 80.01
C GLU F 297 7.98 3.91 78.60
N ILE F 298 6.99 3.98 77.70
CA ILE F 298 7.23 4.60 76.41
C ILE F 298 7.49 6.09 76.57
N GLN F 299 6.69 6.76 77.39
CA GLN F 299 6.77 8.21 77.51
C GLN F 299 8.08 8.67 78.15
N ARG F 300 8.68 7.85 79.01
CA ARG F 300 9.94 8.25 79.62
C ARG F 300 11.08 8.26 78.62
N ALA F 301 10.99 7.46 77.56
CA ALA F 301 12.07 7.33 76.60
C ALA F 301 12.04 8.40 75.52
N LEU F 302 10.98 9.19 75.43
CA LEU F 302 10.81 10.12 74.33
C LEU F 302 11.48 11.45 74.61
N ARG F 303 11.86 12.12 73.53
CA ARG F 303 12.27 13.52 73.62
C ARG F 303 11.04 14.40 73.57
N ALA F 304 11.21 15.66 73.95
CA ALA F 304 10.09 16.57 73.98
C ALA F 304 9.61 16.88 72.57
N PRO F 305 8.30 17.06 72.37
CA PRO F 305 7.79 17.39 71.04
C PRO F 305 8.27 18.75 70.58
N ARG F 306 8.49 18.86 69.28
CA ARG F 306 8.88 20.13 68.66
C ARG F 306 7.65 20.66 67.93
N LYS F 307 6.84 21.42 68.65
CA LYS F 307 5.53 21.79 68.17
C LYS F 307 5.46 23.22 67.64
N LYS F 308 6.59 23.90 67.49
CA LYS F 308 6.61 25.24 66.93
C LYS F 308 6.87 25.18 65.43
N ILE F 309 6.06 25.90 64.67
CA ILE F 309 6.20 25.96 63.22
C ILE F 309 7.15 27.09 62.87
N HIS F 310 8.17 26.79 62.08
CA HIS F 310 9.17 27.76 61.64
C HIS F 310 8.93 28.05 60.17
N ARG F 311 8.07 29.02 59.89
CA ARG F 311 7.81 29.41 58.52
C ARG F 311 8.97 30.23 57.97
N ARG F 312 8.99 30.37 56.64
CA ARG F 312 10.12 31.03 56.00
C ARG F 312 10.17 32.50 56.39
N VAL F 313 11.38 33.01 56.51
CA VAL F 313 11.64 34.38 56.94
C VAL F 313 11.85 35.23 55.69
N LEU F 314 11.10 36.31 55.57
CA LEU F 314 11.29 37.21 54.44
C LEU F 314 12.60 37.95 54.61
N LYS F 315 13.51 37.76 53.67
CA LYS F 315 14.85 38.31 53.78
C LYS F 315 14.79 39.80 53.50
N LYS F 316 14.63 40.59 54.56
CA LYS F 316 14.78 42.03 54.47
C LYS F 316 16.24 42.37 54.28
N ASN F 317 16.51 43.27 53.36
CA ASN F 317 17.88 43.62 53.02
C ASN F 317 18.53 44.43 54.13
N PRO F 318 19.70 44.02 54.65
CA PRO F 318 20.54 44.99 55.33
C PRO F 318 20.98 46.04 54.33
N LEU F 319 21.72 47.07 54.75
CA LEU F 319 22.24 48.08 53.84
C LEU F 319 21.11 48.98 53.35
N LYS F 320 19.87 48.60 53.66
CA LYS F 320 18.68 49.36 53.33
C LYS F 320 17.77 49.45 54.54
N ASN F 321 17.78 48.43 55.38
CA ASN F 321 16.98 48.34 56.59
C ASN F 321 17.92 48.46 57.77
N LEU F 322 17.74 49.52 58.57
CA LEU F 322 18.69 49.81 59.63
C LEU F 322 18.61 48.76 60.74
N ARG F 323 17.39 48.41 61.17
CA ARG F 323 17.26 47.50 62.29
C ARG F 323 17.67 46.09 61.93
N ILE F 324 17.45 45.68 60.69
CA ILE F 324 17.91 44.36 60.24
C ILE F 324 19.43 44.30 60.29
N MET F 325 20.10 45.38 59.87
CA MET F 325 21.56 45.43 59.97
C MET F 325 22.02 45.41 61.42
N LEU F 326 21.31 46.11 62.30
CA LEU F 326 21.69 46.14 63.70
C LEU F 326 21.47 44.79 64.37
N LYS F 327 20.54 44.00 63.87
CA LYS F 327 20.36 42.65 64.37
C LYS F 327 21.54 41.77 64.01
N LEU F 328 22.13 41.98 62.84
CA LEU F 328 23.26 41.19 62.40
C LEU F 328 24.58 41.79 62.86
N ASN F 329 24.66 43.12 62.95
CA ASN F 329 25.91 43.80 63.25
C ASN F 329 25.62 44.99 64.14
N PRO F 330 25.62 44.79 65.47
CA PRO F 330 25.30 45.91 66.37
C PRO F 330 26.26 47.06 66.30
N TYR F 331 27.49 46.84 65.84
CA TYR F 331 28.45 47.93 65.73
C TYR F 331 28.14 48.85 64.55
N ALA F 332 27.23 48.46 63.67
CA ALA F 332 26.90 49.30 62.53
C ALA F 332 26.23 50.60 62.95
N LYS F 333 25.64 50.63 64.15
CA LYS F 333 24.96 51.84 64.58
C LYS F 333 25.96 52.92 64.97
N THR F 334 27.04 52.55 65.64
CA THR F 334 28.02 53.54 66.06
C THR F 334 28.87 54.01 64.90
N MET F 335 29.18 53.12 63.96
CA MET F 335 29.85 53.56 62.74
C MET F 335 28.98 54.54 61.97
N ARG F 336 27.70 54.23 61.83
CA ARG F 336 26.80 55.13 61.13
C ARG F 336 26.63 56.44 61.88
N ARG F 337 26.52 56.38 63.21
CA ARG F 337 26.39 57.61 63.99
C ARG F 337 27.65 58.45 63.91
N ASN F 338 28.82 57.81 63.97
CA ASN F 338 30.08 58.55 63.84
C ASN F 338 30.21 59.18 62.47
N THR F 339 29.80 58.47 61.43
CA THR F 339 29.87 59.02 60.08
C THR F 339 28.97 60.23 59.93
N ILE F 340 27.75 60.16 60.44
CA ILE F 340 26.83 61.29 60.32
C ILE F 340 27.34 62.49 61.11
N LEU F 341 27.87 62.25 62.30
CA LEU F 341 28.44 63.35 63.08
C LEU F 341 29.67 63.92 62.40
N ARG F 342 30.55 63.07 61.88
CA ARG F 342 31.76 63.53 61.22
C ARG F 342 31.43 64.35 59.98
N GLN F 343 30.48 63.89 59.18
CA GLN F 343 30.16 64.58 57.94
C GLN F 343 29.52 65.94 58.20
N ALA F 344 28.77 66.06 59.28
CA ALA F 344 28.21 67.36 59.65
C ALA F 344 29.30 68.31 60.13
N ARG F 345 30.27 67.80 60.87
CA ARG F 345 31.38 68.63 61.33
C ARG F 345 32.21 69.11 60.15
N ASN F 346 32.53 68.21 59.21
CA ASN F 346 33.31 68.58 58.05
C ASN F 346 32.55 69.57 57.17
N HIS F 347 31.25 69.36 57.02
CA HIS F 347 30.45 70.27 56.21
C HIS F 347 30.39 71.66 56.82
N LYS F 348 30.27 71.73 58.15
CA LYS F 348 30.27 73.03 58.81
C LYS F 348 31.60 73.74 58.66
N LEU F 349 32.70 73.00 58.74
CA LEU F 349 34.01 73.61 58.59
C LEU F 349 34.21 74.18 57.20
N ARG F 350 33.80 73.43 56.17
CA ARG F 350 33.97 73.90 54.81
C ARG F 350 33.06 75.08 54.52
N VAL F 351 31.88 75.13 55.15
CA VAL F 351 31.00 76.28 54.99
C VAL F 351 31.61 77.53 55.62
N ASP F 352 32.11 77.39 56.85
CA ASP F 352 32.66 78.56 57.54
C ASP F 352 33.98 79.00 56.90
N LYS F 353 34.78 78.05 56.43
CA LYS F 353 36.01 78.39 55.73
C LYS F 353 35.73 79.16 54.45
N ALA F 354 34.70 78.75 53.70
CA ALA F 354 34.36 79.42 52.46
C ALA F 354 33.80 80.81 52.71
N ALA F 355 32.99 80.96 53.77
CA ALA F 355 32.43 82.27 54.09
C ALA F 355 33.52 83.24 54.51
N ALA F 356 34.54 82.76 55.22
CA ALA F 356 35.66 83.62 55.58
C ALA F 356 36.43 84.07 54.35
N ALA F 357 36.60 83.18 53.36
CA ALA F 357 37.28 83.56 52.13
C ALA F 357 36.50 84.63 51.38
N ALA F 358 35.17 84.49 51.31
CA ALA F 358 34.35 85.52 50.70
C ALA F 358 34.38 86.80 51.51
N ALA F 359 34.37 86.69 52.85
CA ALA F 359 34.45 87.87 53.69
C ALA F 359 35.79 88.58 53.52
N ALA F 360 36.88 87.82 53.40
CA ALA F 360 38.17 88.42 53.12
C ALA F 360 38.21 89.03 51.73
N LEU F 361 37.55 88.38 50.77
CA LEU F 361 37.46 88.93 49.41
C LEU F 361 36.69 90.25 49.42
N GLN F 362 35.59 90.31 50.18
CA GLN F 362 34.85 91.56 50.29
C GLN F 362 35.66 92.63 51.02
N ALA F 363 36.37 92.24 52.08
CA ALA F 363 37.14 93.21 52.86
C ALA F 363 38.30 93.77 52.05
N LYS F 364 38.98 92.92 51.27
CA LYS F 364 40.10 93.39 50.46
C LYS F 364 39.66 94.17 49.24
N SER F 365 38.37 94.19 48.92
CA SER F 365 37.87 94.94 47.77
C SER F 365 37.14 96.22 48.18
N ASP F 366 36.51 96.24 49.35
CA ASP F 366 35.80 97.41 49.85
C ASP F 366 36.46 97.94 51.12
N GLU F 367 37.80 97.90 51.16
CA GLU F 367 38.53 98.32 52.35
C GLU F 367 38.49 99.83 52.55
N LYS F 368 38.28 100.60 51.49
CA LYS F 368 38.29 102.07 51.53
C LYS F 368 39.58 102.62 52.13
N GLY G 1 95.01 10.78 -2.17
CA GLY G 1 94.05 9.91 -1.51
C GLY G 1 92.75 9.82 -2.26
N PHE G 2 92.41 8.60 -2.71
CA PHE G 2 91.24 8.36 -3.53
C PHE G 2 90.29 7.36 -2.91
N VAL G 3 90.52 7.00 -1.65
CA VAL G 3 89.63 6.14 -0.90
C VAL G 3 88.86 6.99 0.09
N LYS G 4 87.58 6.68 0.28
CA LYS G 4 86.80 7.32 1.32
C LYS G 4 87.48 7.12 2.67
N VAL G 5 87.65 8.21 3.40
CA VAL G 5 88.14 8.10 4.77
C VAL G 5 87.03 7.48 5.60
N VAL G 6 87.22 6.23 6.02
CA VAL G 6 86.20 5.54 6.80
C VAL G 6 85.99 6.22 8.15
N LYS G 7 87.09 6.56 8.82
CA LYS G 7 87.02 7.20 10.13
C LYS G 7 86.95 8.71 9.98
N ASN G 8 85.89 9.17 9.33
CA ASN G 8 85.63 10.58 9.13
C ASN G 8 84.92 11.14 10.36
N LYS G 9 84.38 12.36 10.25
CA LYS G 9 83.66 12.94 11.37
C LYS G 9 82.41 12.16 11.70
N ALA G 10 81.68 11.71 10.67
CA ALA G 10 80.42 11.02 10.90
C ALA G 10 80.62 9.66 11.54
N TYR G 11 81.77 9.02 11.30
CA TYR G 11 82.06 7.75 11.92
C TYR G 11 82.14 7.87 13.43
N PHE G 12 82.81 8.93 13.91
CA PHE G 12 82.93 9.14 15.35
C PHE G 12 81.64 9.63 15.96
N LYS G 13 80.81 10.34 15.20
CA LYS G 13 79.57 10.86 15.74
C LYS G 13 78.60 9.73 16.10
N ARG G 14 78.61 8.65 15.32
CA ARG G 14 77.71 7.53 15.54
C ARG G 14 78.36 6.39 16.27
N TYR G 15 79.62 6.52 16.65
CA TYR G 15 80.34 5.42 17.27
C TYR G 15 79.87 5.22 18.70
N GLN G 16 79.54 3.99 19.05
CA GLN G 16 79.14 3.62 20.40
C GLN G 16 80.24 2.77 21.01
N VAL G 17 80.95 3.33 21.99
CA VAL G 17 82.02 2.59 22.63
C VAL G 17 81.44 1.43 23.43
N LYS G 18 82.23 0.37 23.55
CA LYS G 18 81.84 -0.75 24.38
C LYS G 18 82.14 -0.43 25.84
N PHE G 19 81.77 -1.35 26.73
CA PHE G 19 82.03 -1.14 28.15
C PHE G 19 83.53 -1.05 28.38
N ARG G 20 83.90 -0.29 29.41
CA ARG G 20 85.32 0.01 29.63
C ARG G 20 86.14 -1.26 29.82
N ARG G 21 85.61 -2.19 30.62
CA ARG G 21 86.34 -3.44 30.84
C ARG G 21 86.25 -4.38 29.64
N ARG G 22 85.28 -4.15 28.75
CA ARG G 22 85.30 -4.87 27.48
C ARG G 22 86.36 -4.30 26.54
N ARG G 23 86.48 -2.96 26.49
CA ARG G 23 87.50 -2.35 25.66
C ARG G 23 88.89 -2.68 26.17
N GLU G 24 89.03 -2.81 27.49
CA GLU G 24 90.30 -3.23 28.08
C GLU G 24 90.59 -4.70 27.86
N GLY G 25 89.62 -5.48 27.37
CA GLY G 25 89.80 -6.90 27.18
C GLY G 25 89.95 -7.67 28.47
N LYS G 26 89.15 -7.37 29.48
CA LYS G 26 89.25 -7.99 30.78
C LYS G 26 88.02 -8.75 31.22
N THR G 27 86.83 -8.27 30.89
CA THR G 27 85.57 -8.84 31.35
C THR G 27 84.77 -9.36 30.17
N ASP G 28 84.32 -10.60 30.27
CA ASP G 28 83.37 -11.17 29.32
C ASP G 28 81.99 -10.98 29.91
N TYR G 29 81.27 -9.97 29.40
CA TYR G 29 79.99 -9.62 30.00
C TYR G 29 78.90 -10.61 29.64
N TYR G 30 79.11 -11.44 28.61
CA TYR G 30 78.18 -12.52 28.34
C TYR G 30 78.25 -13.58 29.43
N ALA G 31 79.47 -13.94 29.85
CA ALA G 31 79.62 -14.92 30.91
C ALA G 31 79.33 -14.32 32.27
N ARG G 32 79.64 -13.03 32.46
CA ARG G 32 79.45 -12.41 33.77
C ARG G 32 77.99 -12.37 34.16
N LYS G 33 77.09 -12.09 33.21
CA LYS G 33 75.68 -12.01 33.53
C LYS G 33 75.14 -13.34 34.02
N ARG G 34 75.55 -14.43 33.39
CA ARG G 34 75.13 -15.76 33.82
C ARG G 34 75.77 -16.16 35.14
N LEU G 35 76.77 -15.43 35.60
CA LEU G 35 77.62 -15.87 36.70
C LEU G 35 77.41 -15.10 37.99
N VAL G 36 77.07 -13.82 37.91
CA VAL G 36 76.99 -12.98 39.10
C VAL G 36 75.56 -12.61 39.46
N ILE G 37 74.59 -12.88 38.59
CA ILE G 37 73.22 -12.43 38.80
C ILE G 37 72.47 -13.48 39.59
N GLN G 38 71.87 -13.06 40.70
CA GLN G 38 71.10 -13.93 41.56
C GLN G 38 69.64 -13.95 41.12
N ASP G 39 68.95 -15.05 41.44
CA ASP G 39 67.52 -15.13 41.20
C ASP G 39 66.79 -14.03 41.95
N LYS G 40 65.72 -13.53 41.34
CA LYS G 40 64.97 -12.44 41.97
C LYS G 40 64.16 -12.92 43.17
N ASN G 41 63.76 -14.19 43.20
CA ASN G 41 63.07 -14.70 44.37
C ASN G 41 64.02 -15.17 45.45
N LYS G 42 65.33 -14.98 45.26
CA LYS G 42 66.30 -15.16 46.32
C LYS G 42 66.74 -13.83 46.94
N TYR G 43 66.33 -12.71 46.34
CA TYR G 43 66.42 -11.36 46.91
C TYR G 43 67.89 -11.03 47.18
N ASN G 44 68.26 -10.62 48.38
CA ASN G 44 69.61 -10.17 48.68
C ASN G 44 70.52 -11.31 49.13
N THR G 45 70.18 -12.54 48.81
CA THR G 45 71.08 -13.64 49.08
C THR G 45 72.31 -13.47 48.21
N PRO G 46 73.51 -13.36 48.78
CA PRO G 46 74.70 -13.19 47.97
C PRO G 46 74.99 -14.41 47.12
N LYS G 47 75.47 -14.16 45.92
CA LYS G 47 75.90 -15.21 45.01
C LYS G 47 77.42 -15.14 44.89
N TYR G 48 78.10 -16.04 45.58
CA TYR G 48 79.54 -16.01 45.68
C TYR G 48 80.16 -16.71 44.49
N ARG G 49 81.28 -16.17 44.01
CA ARG G 49 82.06 -16.83 42.97
C ARG G 49 83.53 -16.77 43.33
N MET G 50 84.28 -17.75 42.86
CA MET G 50 85.72 -17.82 43.12
C MET G 50 86.43 -17.35 41.86
N ILE G 51 87.01 -16.17 41.94
CA ILE G 51 87.77 -15.61 40.82
C ILE G 51 89.18 -16.17 40.86
N VAL G 52 89.60 -16.77 39.75
CA VAL G 52 90.98 -17.21 39.59
C VAL G 52 91.56 -16.50 38.38
N ARG G 53 92.68 -15.83 38.57
CA ARG G 53 93.35 -15.10 37.50
C ARG G 53 94.83 -15.43 37.55
N VAL G 54 95.33 -16.07 36.51
CA VAL G 54 96.74 -16.43 36.42
C VAL G 54 97.46 -15.32 35.67
N THR G 55 98.52 -14.81 36.27
CA THR G 55 99.31 -13.71 35.74
C THR G 55 100.64 -14.28 35.24
N ASN G 56 101.40 -13.44 34.52
CA ASN G 56 102.72 -13.86 34.05
C ASN G 56 103.63 -14.27 35.20
N ARG G 57 103.44 -13.70 36.38
CA ARG G 57 104.30 -13.99 37.52
C ARG G 57 103.54 -14.25 38.81
N ASP G 58 102.21 -14.41 38.76
CA ASP G 58 101.45 -14.51 39.99
C ASP G 58 100.14 -15.24 39.71
N ILE G 59 99.49 -15.67 40.79
CA ILE G 59 98.15 -16.22 40.74
C ILE G 59 97.30 -15.47 41.76
N ILE G 60 96.13 -15.00 41.32
CA ILE G 60 95.22 -14.26 42.17
C ILE G 60 93.95 -15.08 42.33
N CYS G 61 93.59 -15.38 43.57
CA CYS G 61 92.36 -16.08 43.90
C CYS G 61 91.53 -15.20 44.80
N GLN G 62 90.31 -14.92 44.39
CA GLN G 62 89.42 -14.05 45.15
C GLN G 62 88.03 -14.67 45.21
N ILE G 63 87.32 -14.34 46.28
CA ILE G 63 85.91 -14.71 46.42
C ILE G 63 85.11 -13.43 46.55
N ALA G 64 84.11 -13.28 45.69
CA ALA G 64 83.38 -12.04 45.59
C ALA G 64 81.91 -12.31 45.34
N TYR G 65 81.08 -11.31 45.66
CA TYR G 65 79.68 -11.30 45.26
C TYR G 65 79.35 -9.93 44.72
N ALA G 66 78.44 -9.89 43.75
CA ALA G 66 78.16 -8.67 43.01
C ALA G 66 77.22 -7.75 43.78
N ARG G 67 77.51 -6.45 43.70
CA ARG G 67 76.60 -5.41 44.17
C ARG G 67 76.52 -4.33 43.12
N ILE G 68 75.51 -3.47 43.25
CA ILE G 68 75.28 -2.42 42.26
C ILE G 68 76.44 -1.44 42.22
N GLU G 69 76.97 -1.09 43.38
CA GLU G 69 78.12 -0.19 43.45
C GLU G 69 79.43 -0.86 43.04
N GLY G 70 79.43 -2.18 42.86
CA GLY G 70 80.63 -2.89 42.46
C GLY G 70 80.76 -4.22 43.16
N ASP G 71 81.66 -5.07 42.70
CA ASP G 71 81.86 -6.36 43.35
C ASP G 71 82.45 -6.17 44.74
N MET G 72 81.98 -6.99 45.67
CA MET G 72 82.44 -6.97 47.05
C MET G 72 83.30 -8.21 47.26
N ILE G 73 84.57 -8.01 47.59
CA ILE G 73 85.51 -9.11 47.76
C ILE G 73 85.68 -9.40 49.24
N VAL G 74 85.39 -10.64 49.64
CA VAL G 74 85.42 -11.01 51.04
C VAL G 74 86.71 -11.73 51.43
N CYS G 75 87.41 -12.34 50.48
CA CYS G 75 88.62 -13.08 50.79
C CYS G 75 89.47 -13.11 49.54
N ALA G 76 90.79 -13.01 49.74
CA ALA G 76 91.74 -13.07 48.64
C ALA G 76 92.99 -13.76 49.10
N ALA G 77 93.55 -14.60 48.23
CA ALA G 77 94.83 -15.23 48.46
C ALA G 77 95.66 -15.13 47.19
N TYR G 78 96.96 -14.89 47.37
CA TYR G 78 97.86 -14.67 46.26
C TYR G 78 98.96 -15.70 46.29
N ALA G 79 99.53 -15.96 45.12
CA ALA G 79 100.66 -16.88 45.06
C ALA G 79 101.96 -16.25 45.53
N HIS G 80 102.01 -14.92 45.64
CA HIS G 80 103.23 -14.27 46.08
C HIS G 80 103.42 -14.33 47.59
N GLU G 81 102.39 -14.68 48.34
CA GLU G 81 102.52 -14.86 49.79
C GLU G 81 102.80 -16.30 50.15
N LEU G 82 102.94 -17.17 49.18
CA LEU G 82 103.41 -18.54 49.38
C LEU G 82 104.81 -18.59 49.99
N PRO G 83 105.78 -17.72 49.58
CA PRO G 83 107.09 -17.74 50.25
C PRO G 83 107.07 -17.48 51.74
N LYS G 84 105.95 -17.01 52.29
CA LYS G 84 105.82 -16.86 53.73
C LYS G 84 106.04 -18.18 54.45
N TYR G 85 105.72 -19.30 53.79
CA TYR G 85 105.90 -20.62 54.38
C TYR G 85 106.01 -21.66 53.27
N GLY G 86 107.10 -22.42 53.28
CA GLY G 86 107.30 -23.46 52.31
C GLY G 86 107.77 -22.98 50.96
N VAL G 87 106.92 -23.12 49.95
CA VAL G 87 107.31 -22.87 48.57
C VAL G 87 107.61 -21.39 48.36
N LYS G 88 108.74 -21.12 47.71
CA LYS G 88 109.16 -19.75 47.45
C LYS G 88 109.53 -19.49 46.01
N VAL G 89 109.82 -20.53 45.22
CA VAL G 89 110.24 -20.38 43.84
C VAL G 89 109.34 -21.28 43.01
N GLY G 90 109.29 -21.00 41.71
CA GLY G 90 108.44 -21.77 40.84
C GLY G 90 106.98 -21.56 41.12
N LEU G 91 106.56 -20.31 41.33
CA LEU G 91 105.16 -19.99 41.52
C LEU G 91 104.48 -20.05 40.15
N THR G 92 103.23 -19.58 40.10
CA THR G 92 102.36 -19.56 38.91
C THR G 92 102.38 -20.88 38.12
N ASN G 93 102.68 -21.99 38.78
CA ASN G 93 102.55 -23.31 38.18
C ASN G 93 101.33 -24.01 38.77
N TYR G 94 101.10 -25.26 38.35
CA TYR G 94 99.91 -25.96 38.80
C TYR G 94 99.98 -26.26 40.30
N ALA G 95 101.16 -26.60 40.80
CA ALA G 95 101.30 -26.92 42.22
C ALA G 95 101.05 -25.70 43.08
N ALA G 96 101.55 -24.53 42.67
CA ALA G 96 101.28 -23.31 43.43
C ALA G 96 99.85 -22.85 43.26
N ALA G 97 99.21 -23.19 42.13
CA ALA G 97 97.79 -22.90 41.97
C ALA G 97 96.95 -23.67 42.97
N TYR G 98 97.35 -24.92 43.27
CA TYR G 98 96.67 -25.69 44.29
C TYR G 98 96.85 -25.05 45.66
N CYS G 99 98.06 -24.56 45.95
CA CYS G 99 98.33 -24.00 47.26
C CYS G 99 97.54 -22.71 47.50
N THR G 100 97.44 -21.86 46.48
CA THR G 100 96.73 -20.60 46.66
C THR G 100 95.23 -20.78 46.69
N GLY G 101 94.71 -21.78 45.97
CA GLY G 101 93.31 -22.12 46.13
C GLY G 101 93.02 -22.72 47.49
N LEU G 102 93.94 -23.55 47.99
CA LEU G 102 93.82 -24.07 49.35
C LEU G 102 93.93 -22.96 50.38
N LEU G 103 94.86 -22.02 50.18
CA LEU G 103 95.03 -20.94 51.13
C LEU G 103 93.81 -20.03 51.15
N LEU G 104 93.22 -19.77 49.98
CA LEU G 104 91.97 -19.03 49.93
C LEU G 104 90.87 -19.77 50.67
N ALA G 105 90.83 -21.08 50.53
CA ALA G 105 89.79 -21.89 51.17
C ALA G 105 89.92 -21.83 52.68
N ARG G 106 91.14 -22.03 53.20
CA ARG G 106 91.32 -22.06 54.64
C ARG G 106 91.15 -20.68 55.26
N ARG G 107 91.61 -19.64 54.56
CA ARG G 107 91.47 -18.28 55.07
C ARG G 107 90.01 -17.86 55.16
N LEU G 108 89.22 -18.19 54.13
CA LEU G 108 87.80 -17.86 54.15
C LEU G 108 87.07 -18.61 55.25
N LEU G 109 87.36 -19.91 55.40
CA LEU G 109 86.70 -20.71 56.42
C LEU G 109 87.06 -20.25 57.82
N ASN G 110 88.29 -19.77 58.00
CA ASN G 110 88.69 -19.25 59.30
C ASN G 110 87.96 -17.96 59.64
N ARG G 111 87.78 -17.08 58.65
CA ARG G 111 87.10 -15.82 58.90
C ARG G 111 85.65 -16.04 59.30
N PHE G 112 84.99 -17.00 58.67
CA PHE G 112 83.59 -17.30 59.00
C PHE G 112 83.46 -18.12 60.27
N GLY G 113 84.53 -18.71 60.76
CA GLY G 113 84.45 -19.52 61.96
C GLY G 113 84.15 -20.97 61.72
N MET G 114 84.51 -21.51 60.54
CA MET G 114 84.29 -22.92 60.23
C MET G 114 85.65 -23.53 59.92
N ASP G 115 86.37 -23.92 60.96
CA ASP G 115 87.66 -24.57 60.80
C ASP G 115 87.63 -26.02 61.26
N LYS G 116 87.11 -26.27 62.46
CA LYS G 116 87.05 -27.64 62.96
C LYS G 116 86.12 -28.48 62.11
N ILE G 117 84.99 -27.92 61.72
CA ILE G 117 84.10 -28.55 60.75
C ILE G 117 84.55 -28.10 59.36
N TYR G 118 84.23 -28.91 58.36
CA TYR G 118 84.69 -28.71 56.99
C TYR G 118 86.21 -28.61 56.95
N GLU G 119 86.86 -29.65 57.46
CA GLU G 119 88.31 -29.74 57.42
C GLU G 119 88.82 -29.96 56.01
N GLY G 120 87.95 -30.36 55.09
CA GLY G 120 88.36 -30.69 53.75
C GLY G 120 89.12 -32.00 53.71
N GLN G 121 89.73 -32.25 52.56
CA GLN G 121 90.54 -33.45 52.34
C GLN G 121 91.99 -33.11 52.70
N VAL G 122 92.37 -33.39 53.94
CA VAL G 122 93.72 -33.08 54.39
C VAL G 122 94.75 -33.94 53.66
N GLU G 123 94.49 -35.23 53.55
CA GLU G 123 95.39 -36.13 52.82
C GLU G 123 95.16 -35.94 51.33
N VAL G 124 96.14 -35.36 50.65
CA VAL G 124 95.95 -34.94 49.27
C VAL G 124 96.05 -36.14 48.34
N THR G 125 94.98 -36.40 47.61
CA THR G 125 95.00 -37.30 46.47
C THR G 125 94.19 -36.67 45.36
N GLY G 126 94.51 -37.04 44.12
CA GLY G 126 93.90 -36.38 42.99
C GLY G 126 92.47 -36.76 42.71
N ASP G 127 91.92 -37.73 43.43
CA ASP G 127 90.57 -38.19 43.15
C ASP G 127 89.56 -37.13 43.54
N GLU G 128 88.36 -37.26 42.97
CA GLU G 128 87.32 -36.27 43.21
C GLU G 128 86.89 -36.26 44.67
N TYR G 129 86.58 -35.07 45.16
CA TYR G 129 86.11 -34.89 46.52
C TYR G 129 85.11 -33.75 46.50
N ASN G 130 84.02 -33.91 47.23
CA ASN G 130 83.00 -32.88 47.31
C ASN G 130 82.55 -32.79 48.75
N VAL G 131 82.71 -31.62 49.36
CA VAL G 131 82.35 -31.45 50.76
C VAL G 131 80.83 -31.51 50.90
N GLU G 132 80.37 -32.17 51.96
CA GLU G 132 78.95 -32.26 52.26
C GLU G 132 78.64 -31.45 53.51
N SER G 133 77.53 -30.72 53.48
CA SER G 133 77.10 -29.98 54.65
C SER G 133 76.74 -30.95 55.76
N ILE G 134 77.18 -30.62 56.97
CA ILE G 134 76.91 -31.45 58.14
C ILE G 134 75.68 -30.92 58.84
N ASP G 135 74.70 -31.80 59.04
CA ASP G 135 73.46 -31.41 59.70
C ASP G 135 73.72 -31.02 61.16
N GLY G 136 72.95 -30.06 61.64
CA GLY G 136 73.19 -29.50 62.94
C GLY G 136 74.38 -28.56 63.00
N GLN G 137 74.97 -28.25 61.86
CA GLN G 137 76.14 -27.39 61.76
C GLN G 137 75.88 -26.40 60.64
N PRO G 138 76.56 -25.25 60.65
CA PRO G 138 76.37 -24.29 59.55
C PRO G 138 76.73 -24.92 58.21
N GLY G 139 75.99 -24.51 57.18
CA GLY G 139 76.17 -25.12 55.87
C GLY G 139 77.51 -24.80 55.26
N ALA G 140 77.96 -25.69 54.38
CA ALA G 140 79.22 -25.51 53.70
C ALA G 140 79.15 -24.31 52.77
N PHE G 141 80.26 -23.58 52.66
CA PHE G 141 80.30 -22.41 51.81
C PHE G 141 80.26 -22.84 50.34
N THR G 142 79.35 -22.24 49.58
CA THR G 142 79.13 -22.60 48.19
C THR G 142 79.49 -21.42 47.30
N CYS G 143 80.39 -21.67 46.34
CA CYS G 143 80.77 -20.66 45.37
C CYS G 143 80.99 -21.34 44.03
N TYR G 144 81.10 -20.54 42.98
CA TYR G 144 81.23 -21.02 41.62
C TYR G 144 82.51 -20.48 41.01
N LEU G 145 83.10 -21.24 40.09
CA LEU G 145 84.36 -20.84 39.50
C LEU G 145 84.13 -19.80 38.41
N ASP G 146 84.88 -18.70 38.50
CA ASP G 146 84.94 -17.67 37.47
C ASP G 146 86.30 -17.79 36.80
N ALA G 147 86.34 -18.49 35.67
CA ALA G 147 87.59 -18.69 34.96
C ALA G 147 87.98 -17.49 34.11
N GLY G 148 87.06 -16.57 33.87
CA GLY G 148 87.40 -15.41 33.08
C GLY G 148 87.55 -15.76 31.62
N LEU G 149 88.56 -15.18 30.97
CA LEU G 149 88.81 -15.41 29.55
C LEU G 149 89.75 -16.58 29.32
N ALA G 150 90.13 -17.29 30.37
CA ALA G 150 91.03 -18.43 30.24
C ALA G 150 90.34 -19.57 29.50
N ARG G 151 91.07 -20.19 28.57
CA ARG G 151 90.55 -21.33 27.84
C ARG G 151 90.54 -22.54 28.74
N THR G 152 89.35 -23.05 29.05
CA THR G 152 89.20 -24.11 30.03
C THR G 152 89.31 -25.47 29.35
N THR G 153 90.53 -25.80 28.97
CA THR G 153 90.86 -27.14 28.51
C THR G 153 91.42 -27.94 29.68
N THR G 154 91.69 -29.21 29.42
CA THR G 154 92.16 -30.10 30.48
C THR G 154 93.56 -29.71 30.91
N GLY G 155 93.73 -29.48 32.21
CA GLY G 155 95.01 -29.10 32.75
C GLY G 155 95.22 -27.62 32.98
N ASN G 156 94.19 -26.81 32.78
CA ASN G 156 94.29 -25.38 33.06
C ASN G 156 94.53 -25.15 34.55
N LYS G 157 95.35 -24.16 34.86
CA LYS G 157 95.70 -23.91 36.25
C LYS G 157 94.55 -23.36 37.07
N VAL G 158 93.50 -22.83 36.41
CA VAL G 158 92.34 -22.37 37.17
C VAL G 158 91.64 -23.53 37.84
N PHE G 159 91.70 -24.72 37.23
CA PHE G 159 91.13 -25.90 37.85
C PHE G 159 92.03 -26.43 38.95
N GLY G 160 93.33 -26.14 38.87
CA GLY G 160 94.20 -26.44 39.99
C GLY G 160 93.88 -25.59 41.20
N ALA G 161 93.52 -24.32 40.96
CA ALA G 161 93.06 -23.47 42.06
C ALA G 161 91.73 -23.97 42.61
N LEU G 162 90.85 -24.46 41.73
CA LEU G 162 89.60 -25.05 42.18
C LEU G 162 89.84 -26.27 43.03
N LYS G 163 90.80 -27.12 42.65
CA LYS G 163 91.06 -28.35 43.38
C LYS G 163 91.56 -28.05 44.79
N GLY G 164 92.40 -27.02 44.93
CA GLY G 164 92.83 -26.64 46.26
C GLY G 164 91.70 -26.14 47.12
N ALA G 165 90.74 -25.43 46.51
CA ALA G 165 89.65 -24.87 47.29
C ALA G 165 88.65 -25.95 47.70
N VAL G 166 88.35 -26.89 46.81
CA VAL G 166 87.43 -27.96 47.17
C VAL G 166 88.05 -28.90 48.20
N ASP G 167 89.38 -29.03 48.19
CA ASP G 167 90.05 -29.79 49.24
C ASP G 167 90.18 -28.97 50.51
N GLY G 168 89.95 -27.67 50.44
CA GLY G 168 89.98 -26.84 51.62
C GLY G 168 88.70 -26.81 52.41
N GLY G 169 87.58 -27.16 51.76
CA GLY G 169 86.31 -27.22 52.47
C GLY G 169 85.21 -26.41 51.83
N LEU G 170 85.39 -25.98 50.60
CA LEU G 170 84.39 -25.18 49.89
C LEU G 170 83.65 -26.04 48.88
N SER G 171 82.34 -25.87 48.83
CA SER G 171 81.47 -26.60 47.91
C SER G 171 81.42 -25.85 46.59
N ILE G 172 82.25 -26.27 45.65
CA ILE G 172 82.27 -25.72 44.31
C ILE G 172 81.83 -26.80 43.34
N PRO G 173 80.71 -26.64 42.63
CA PRO G 173 80.29 -27.65 41.66
C PRO G 173 81.29 -27.76 40.53
N HIS G 174 81.69 -28.99 40.22
CA HIS G 174 82.70 -29.21 39.20
C HIS G 174 82.66 -30.67 38.78
N SER G 175 83.51 -31.01 37.82
CA SER G 175 83.70 -32.38 37.39
C SER G 175 85.18 -32.58 37.10
N THR G 176 85.59 -33.84 37.05
CA THR G 176 87.00 -34.19 36.88
C THR G 176 87.45 -34.17 35.43
N LYS G 177 86.58 -33.74 34.51
CA LYS G 177 86.92 -33.76 33.09
C LYS G 177 88.06 -32.81 32.76
N ARG G 178 88.29 -31.79 33.55
CA ARG G 178 89.30 -30.79 33.26
C ARG G 178 90.55 -30.91 34.12
N PHE G 179 90.58 -31.83 35.05
CA PHE G 179 91.78 -32.06 35.83
C PHE G 179 92.85 -32.74 34.97
N PRO G 180 94.13 -32.56 35.28
CA PRO G 180 95.19 -33.11 34.43
C PRO G 180 95.16 -34.61 34.26
N GLY G 181 94.59 -35.36 35.21
CA GLY G 181 94.57 -36.79 35.08
C GLY G 181 93.57 -37.33 34.07
N TYR G 182 92.65 -36.50 33.61
CA TYR G 182 91.58 -36.98 32.74
C TYR G 182 92.13 -37.38 31.38
N ASP G 183 91.65 -38.52 30.87
CA ASP G 183 92.04 -39.00 29.56
C ASP G 183 90.94 -38.70 28.57
N SER G 184 91.27 -37.95 27.52
CA SER G 184 90.26 -37.56 26.53
C SER G 184 89.82 -38.72 25.66
N GLU G 185 90.66 -39.74 25.51
CA GLU G 185 90.35 -40.87 24.63
C GLU G 185 89.50 -41.91 25.34
N SER G 186 89.99 -42.43 26.46
CA SER G 186 89.28 -43.45 27.22
C SER G 186 88.16 -42.89 28.09
N LYS G 187 88.07 -41.56 28.19
CA LYS G 187 87.08 -40.88 29.05
C LYS G 187 87.19 -41.36 30.49
N GLU G 188 88.42 -41.55 30.95
CA GLU G 188 88.71 -42.02 32.30
C GLU G 188 89.60 -41.02 33.00
N PHE G 189 89.36 -40.82 34.30
CA PHE G 189 90.16 -39.94 35.13
C PHE G 189 91.15 -40.77 35.93
N ASN G 190 92.43 -40.49 35.76
CA ASN G 190 93.47 -41.30 36.39
C ASN G 190 93.55 -41.07 37.89
N ALA G 191 93.45 -39.81 38.33
CA ALA G 191 93.48 -39.37 39.72
C ALA G 191 94.81 -39.64 40.41
N GLU G 192 95.78 -40.23 39.73
CA GLU G 192 97.12 -40.38 40.27
C GLU G 192 98.13 -39.47 39.61
N VAL G 193 98.08 -39.35 38.28
CA VAL G 193 98.91 -38.35 37.61
C VAL G 193 98.41 -36.95 37.92
N HIS G 194 97.13 -36.81 38.31
CA HIS G 194 96.67 -35.53 38.80
C HIS G 194 97.32 -35.17 40.12
N ARG G 195 97.47 -36.14 41.01
CA ARG G 195 98.17 -35.86 42.26
C ARG G 195 99.64 -35.55 41.99
N LYS G 196 100.20 -36.11 40.93
CA LYS G 196 101.56 -35.76 40.54
C LYS G 196 101.66 -34.30 40.12
N HIS G 197 100.66 -33.81 39.39
CA HIS G 197 100.64 -32.40 39.02
C HIS G 197 100.42 -31.50 40.23
N ILE G 198 99.57 -31.94 41.16
CA ILE G 198 99.35 -31.17 42.38
C ILE G 198 100.64 -31.04 43.18
N MET G 199 101.43 -32.10 43.21
CA MET G 199 102.68 -32.10 43.94
C MET G 199 103.85 -31.58 43.10
N GLY G 200 103.60 -31.13 41.88
CA GLY G 200 104.65 -30.58 41.07
C GLY G 200 105.61 -31.60 40.52
N GLN G 201 105.20 -32.86 40.41
CA GLN G 201 106.10 -33.89 39.92
C GLN G 201 106.37 -33.78 38.43
N ASN G 202 105.47 -33.16 37.67
CA ASN G 202 105.74 -32.90 36.26
C ASN G 202 106.91 -31.94 36.11
N VAL G 203 106.97 -30.92 36.97
CA VAL G 203 108.11 -30.00 36.95
C VAL G 203 109.37 -30.70 37.46
N ALA G 204 109.24 -31.52 38.50
CA ALA G 204 110.39 -32.25 39.01
C ALA G 204 110.93 -33.23 37.98
N ASP G 205 110.05 -33.85 37.19
CA ASP G 205 110.50 -34.71 36.11
C ASP G 205 111.24 -33.90 35.06
N TYR G 206 110.80 -32.67 34.79
CA TYR G 206 111.48 -31.82 33.82
C TYR G 206 112.88 -31.46 34.29
N MET G 207 113.02 -31.16 35.59
CA MET G 207 114.32 -30.73 36.10
C MET G 207 115.37 -31.82 35.96
N ARG G 208 115.01 -33.05 36.30
CA ARG G 208 115.95 -34.16 36.17
C ARG G 208 116.12 -34.59 34.72
N TYR G 209 115.11 -34.36 33.87
CA TYR G 209 115.24 -34.65 32.45
C TYR G 209 116.21 -33.69 31.79
N LEU G 210 116.24 -32.44 32.25
CA LEU G 210 117.17 -31.46 31.70
C LEU G 210 118.58 -31.67 32.19
N MET G 211 118.74 -32.24 33.39
CA MET G 211 120.07 -32.51 33.92
C MET G 211 120.82 -33.51 33.06
N GLU G 212 120.14 -34.56 32.60
CA GLU G 212 120.80 -35.66 31.92
C GLU G 212 121.15 -35.36 30.48
N GLU G 213 120.60 -34.30 29.88
CA GLU G 213 120.82 -34.02 28.47
C GLU G 213 121.64 -32.75 28.26
N ASP G 214 121.20 -31.61 28.78
CA ASP G 214 121.85 -30.34 28.51
C ASP G 214 121.87 -29.55 29.81
N GLU G 215 123.02 -29.60 30.50
CA GLU G 215 123.12 -29.01 31.83
C GLU G 215 122.93 -27.50 31.79
N ASP G 216 123.51 -26.83 30.80
CA ASP G 216 123.36 -25.38 30.71
C ASP G 216 121.93 -24.98 30.36
N ALA G 217 121.24 -25.81 29.57
CA ALA G 217 119.81 -25.58 29.35
C ALA G 217 119.04 -25.76 30.64
N TYR G 218 119.44 -26.72 31.47
CA TYR G 218 118.84 -26.86 32.79
C TYR G 218 119.12 -25.63 33.64
N LYS G 219 120.34 -25.08 33.54
CA LYS G 219 120.69 -23.87 34.26
C LYS G 219 119.83 -22.69 33.79
N LYS G 220 119.64 -22.57 32.47
CA LYS G 220 118.89 -21.44 31.94
C LYS G 220 117.42 -21.51 32.34
N GLN G 221 116.83 -22.70 32.29
CA GLN G 221 115.41 -22.83 32.60
C GLN G 221 115.15 -22.64 34.09
N PHE G 222 115.74 -23.49 34.92
CA PHE G 222 115.53 -23.43 36.37
C PHE G 222 116.67 -22.68 37.05
N SER G 223 116.87 -21.43 36.66
CA SER G 223 117.95 -20.63 37.24
C SER G 223 117.65 -20.26 38.68
N GLN G 224 116.44 -19.77 38.94
CA GLN G 224 116.09 -19.40 40.31
C GLN G 224 115.81 -20.60 41.19
N TYR G 225 115.58 -21.78 40.59
CA TYR G 225 115.50 -23.01 41.38
C TYR G 225 116.85 -23.35 42.00
N ILE G 226 117.93 -23.08 41.28
CA ILE G 226 119.27 -23.33 41.82
C ILE G 226 119.51 -22.47 43.04
N LYS G 227 119.07 -21.22 42.99
CA LYS G 227 119.13 -20.36 44.17
C LYS G 227 118.26 -20.94 45.27
N ASN G 228 118.82 -21.02 46.48
CA ASN G 228 118.25 -21.65 47.67
C ASN G 228 118.09 -23.16 47.51
N SER G 229 118.59 -23.75 46.44
CA SER G 229 118.77 -25.20 46.31
C SER G 229 117.45 -25.96 46.43
N VAL G 230 116.57 -25.75 45.46
CA VAL G 230 115.37 -26.57 45.33
C VAL G 230 115.65 -27.62 44.27
N THR G 231 115.62 -28.88 44.68
CA THR G 231 115.96 -30.02 43.85
C THR G 231 114.73 -30.90 43.64
N PRO G 232 114.70 -31.70 42.57
CA PRO G 232 113.49 -32.50 42.29
C PRO G 232 113.08 -33.43 43.39
N ASP G 233 114.04 -34.02 44.12
CA ASP G 233 113.71 -35.02 45.13
C ASP G 233 112.95 -34.41 46.30
N MET G 234 113.23 -33.14 46.62
CA MET G 234 112.60 -32.49 47.77
C MET G 234 111.37 -31.67 47.40
N MET G 235 110.95 -31.68 46.15
CA MET G 235 109.85 -30.82 45.74
C MET G 235 108.52 -31.28 46.32
N GLU G 236 108.27 -32.58 46.32
CA GLU G 236 107.00 -33.08 46.85
C GLU G 236 106.88 -32.83 48.34
N GLU G 237 107.96 -33.07 49.10
CA GLU G 237 107.92 -32.81 50.53
C GLU G 237 107.83 -31.32 50.81
N MET G 238 108.38 -30.49 49.93
CA MET G 238 108.22 -29.05 50.07
C MET G 238 106.76 -28.63 49.96
N TYR G 239 106.03 -29.25 49.02
CA TYR G 239 104.63 -28.87 48.83
C TYR G 239 103.74 -29.43 49.91
N LYS G 240 104.09 -30.61 50.45
CA LYS G 240 103.30 -31.19 51.53
C LYS G 240 103.35 -30.33 52.78
N LYS G 241 104.55 -29.90 53.18
CA LYS G 241 104.63 -29.06 54.36
C LYS G 241 104.16 -27.64 54.07
N ALA G 242 104.08 -27.26 52.80
CA ALA G 242 103.41 -26.02 52.43
C ALA G 242 101.91 -26.12 52.68
N HIS G 243 101.32 -27.26 52.31
CA HIS G 243 99.90 -27.48 52.61
C HIS G 243 99.64 -27.49 54.09
N ALA G 244 100.50 -28.16 54.86
CA ALA G 244 100.31 -28.22 56.31
C ALA G 244 100.44 -26.85 56.95
N ALA G 245 101.37 -26.02 56.44
CA ALA G 245 101.50 -24.67 56.95
C ALA G 245 100.28 -23.83 56.63
N ILE G 246 99.66 -24.06 55.47
CA ILE G 246 98.43 -23.35 55.11
C ILE G 246 97.32 -23.70 56.10
N ARG G 247 97.17 -24.99 56.39
CA ARG G 247 96.13 -25.43 57.31
C ARG G 247 96.39 -24.93 58.71
N GLU G 248 97.65 -24.80 59.10
CA GLU G 248 97.97 -24.41 60.48
C GLU G 248 97.72 -22.92 60.69
N ASN G 249 98.03 -22.10 59.71
CA ASN G 249 97.85 -20.65 59.83
C ASN G 249 97.46 -20.05 58.49
N PRO G 250 96.18 -19.84 58.25
CA PRO G 250 95.73 -19.17 57.02
C PRO G 250 95.50 -17.66 57.17
N VAL G 251 95.66 -17.11 58.38
CA VAL G 251 95.30 -15.72 58.62
C VAL G 251 96.32 -14.80 57.96
N TYR G 252 95.82 -13.83 57.22
CA TYR G 252 96.66 -12.85 56.54
C TYR G 252 96.80 -11.61 57.40
N GLU G 253 98.02 -11.17 57.63
CA GLU G 253 98.30 -9.93 58.34
C GLU G 253 98.85 -8.90 57.36
N LYS G 254 98.35 -7.67 57.46
CA LYS G 254 98.73 -6.64 56.51
C LYS G 254 100.02 -5.96 56.95
N LYS G 255 100.74 -5.42 55.96
CA LYS G 255 102.01 -4.76 56.20
C LYS G 255 101.80 -3.25 56.31
N PRO G 256 102.18 -2.63 57.42
CA PRO G 256 101.95 -1.19 57.57
C PRO G 256 103.08 -0.36 56.99
N LYS G 257 102.71 0.71 56.29
CA LYS G 257 103.70 1.64 55.73
C LYS G 257 103.02 2.97 55.50
N LYS G 258 103.36 3.97 56.32
CA LYS G 258 102.77 5.29 56.20
C LYS G 258 103.78 6.44 56.19
N GLU G 259 105.07 6.15 56.41
CA GLU G 259 106.08 7.21 56.50
C GLU G 259 106.56 7.63 55.12
N VAL G 260 105.63 7.91 54.21
CA VAL G 260 105.94 8.21 52.82
C VAL G 260 105.60 9.67 52.55
N LYS G 261 106.59 10.44 52.10
CA LYS G 261 106.33 11.80 51.68
C LYS G 261 105.47 11.81 50.42
N LYS G 262 104.60 12.81 50.33
CA LYS G 262 103.68 12.89 49.20
C LYS G 262 104.44 13.47 48.00
N LYS G 263 105.00 12.57 47.19
CA LYS G 263 105.66 12.94 45.96
C LYS G 263 104.78 12.57 44.78
N ARG G 264 104.69 13.45 43.80
CA ARG G 264 103.88 13.26 42.62
C ARG G 264 104.80 12.90 41.45
N TRP G 265 104.52 11.76 40.82
CA TRP G 265 105.35 11.25 39.73
C TRP G 265 104.75 11.51 38.36
N ASN G 266 103.54 12.04 38.29
CA ASN G 266 102.85 12.28 37.02
C ASN G 266 102.68 13.77 36.81
N ARG G 267 102.84 14.20 35.57
CA ARG G 267 102.67 15.62 35.27
C ARG G 267 101.22 16.03 35.49
N PRO G 268 100.98 17.12 36.20
CA PRO G 268 99.60 17.58 36.37
C PRO G 268 99.05 18.16 35.07
N LYS G 269 97.73 18.19 34.99
CA LYS G 269 97.05 18.71 33.82
C LYS G 269 97.27 20.21 33.71
N MET G 270 97.55 20.69 32.50
CA MET G 270 97.75 22.11 32.27
C MET G 270 96.43 22.86 32.42
N SER G 271 96.53 24.10 32.88
CA SER G 271 95.36 24.95 33.06
C SER G 271 94.95 25.57 31.73
N LEU G 272 93.76 26.18 31.72
CA LEU G 272 93.29 26.86 30.52
C LEU G 272 94.17 28.05 30.17
N ALA G 273 94.61 28.78 31.19
CA ALA G 273 95.49 29.94 30.94
C ALA G 273 96.80 29.50 30.31
N GLN G 274 97.35 28.37 30.75
CA GLN G 274 98.61 27.89 30.21
C GLN G 274 98.46 27.47 28.76
N LYS G 275 97.34 26.80 28.42
CA LYS G 275 97.12 26.38 27.05
C LYS G 275 96.90 27.57 26.13
N LYS G 276 96.19 28.60 26.61
CA LYS G 276 95.99 29.79 25.80
C LYS G 276 97.30 30.55 25.59
N ASP G 277 98.14 30.61 26.63
CA ASP G 277 99.42 31.29 26.49
C ASP G 277 100.33 30.56 25.51
N ARG G 278 100.29 29.23 25.52
CA ARG G 278 101.12 28.44 24.62
C ARG G 278 100.76 28.70 23.16
N VAL G 279 99.47 28.82 22.88
CA VAL G 279 99.04 29.14 21.52
C VAL G 279 99.50 30.54 21.14
N ALA G 280 99.39 31.49 22.07
CA ALA G 280 99.82 32.85 21.78
C ALA G 280 101.32 32.91 21.51
N GLN G 281 102.12 32.18 22.30
CA GLN G 281 103.56 32.16 22.07
C GLN G 281 103.89 31.53 20.73
N LYS G 282 103.21 30.43 20.39
CA LYS G 282 103.48 29.75 19.13
C LYS G 282 103.12 30.64 17.94
N LYS G 283 102.02 31.40 18.05
CA LYS G 283 101.68 32.35 17.00
C LYS G 283 102.72 33.44 16.88
N ALA G 284 103.19 33.95 18.01
CA ALA G 284 104.18 35.02 18.00
C ALA G 284 105.50 34.55 17.38
N SER G 285 105.93 33.34 17.74
CA SER G 285 107.19 32.83 17.20
C SER G 285 107.10 32.57 15.72
N PHE G 286 105.92 32.17 15.23
CA PHE G 286 105.77 31.93 13.80
C PHE G 286 105.78 33.23 13.01
N LEU G 287 105.13 34.26 13.54
CA LEU G 287 105.16 35.56 12.88
C LEU G 287 106.56 36.17 12.95
N ARG G 288 107.28 35.92 14.04
CA ARG G 288 108.66 36.37 14.14
C ARG G 288 109.54 35.69 13.10
N ALA G 289 109.32 34.39 12.86
CA ALA G 289 110.14 33.66 11.90
C ALA G 289 109.92 34.18 10.48
N GLN G 290 108.72 34.65 10.16
CA GLN G 290 108.45 35.16 8.83
C GLN G 290 109.13 36.51 8.60
N GLU G 291 109.03 37.42 9.58
CA GLU G 291 109.61 38.74 9.40
C GLU G 291 111.14 38.67 9.37
N ARG G 292 111.73 37.66 10.02
CA ARG G 292 113.16 37.45 9.88
C ARG G 292 113.49 36.95 8.48
N ALA G 293 112.57 36.21 7.88
CA ALA G 293 112.70 35.68 6.52
C ALA G 293 113.95 34.84 6.33
N LYS H 1 5.91 58.15 91.91
CA LYS H 1 6.08 58.47 90.51
C LYS H 1 6.79 59.81 90.33
N GLY H 2 7.30 60.06 89.12
CA GLY H 2 8.01 61.29 88.82
C GLY H 2 7.53 61.89 87.52
N LYS H 3 7.81 63.18 87.37
CA LYS H 3 7.38 63.91 86.18
C LYS H 3 8.12 63.40 84.95
N PRO H 4 7.44 63.20 83.83
CA PRO H 4 8.14 62.75 82.62
C PRO H 4 9.14 63.79 82.13
N HIS H 5 10.20 63.30 81.51
CA HIS H 5 11.25 64.15 80.96
C HIS H 5 11.30 64.01 79.45
N CYS H 6 11.95 64.97 78.80
CA CYS H 6 12.20 64.88 77.38
C CYS H 6 13.22 63.77 77.11
N SER H 7 13.45 63.51 75.82
CA SER H 7 14.15 62.30 75.42
C SER H 7 15.61 62.29 75.86
N ARG H 8 16.23 63.47 75.99
CA ARG H 8 17.63 63.58 76.40
C ARG H 8 18.60 62.92 75.42
N ASN H 9 18.08 62.35 74.34
CA ASN H 9 18.88 61.82 73.25
C ASN H 9 18.31 62.41 71.98
N PRO H 10 18.86 63.54 71.51
CA PRO H 10 18.36 64.16 70.29
C PRO H 10 18.49 63.21 69.11
N VAL H 11 17.47 63.19 68.26
CA VAL H 11 17.56 62.44 67.03
C VAL H 11 18.36 63.26 66.04
N LEU H 12 19.24 62.59 65.29
CA LEU H 12 19.93 63.22 64.18
C LEU H 12 19.54 62.62 62.85
N VAL H 13 19.33 61.31 62.82
CA VAL H 13 18.71 60.60 61.71
C VAL H 13 17.68 59.66 62.32
N ARG H 14 16.59 59.41 61.60
CA ARG H 14 15.55 58.52 62.07
C ARG H 14 16.13 57.15 62.43
N GLY H 15 15.91 56.74 63.67
CA GLY H 15 16.41 55.47 64.15
C GLY H 15 17.77 55.52 64.79
N ILE H 16 18.45 56.67 64.76
CA ILE H 16 19.77 56.83 65.35
C ILE H 16 19.74 58.06 66.24
N GLY H 17 20.14 57.88 67.49
CA GLY H 17 20.23 59.00 68.41
C GLY H 17 21.59 59.65 68.36
N ARG H 18 21.68 60.86 68.91
CA ARG H 18 22.93 61.60 68.84
C ARG H 18 23.98 61.04 69.79
N TYR H 19 23.56 60.43 70.89
CA TYR H 19 24.48 59.98 71.92
C TYR H 19 24.51 58.46 71.99
N SER H 20 25.66 57.94 72.41
CA SER H 20 25.87 56.50 72.47
C SER H 20 25.26 55.92 73.75
N ARG H 21 25.48 54.62 73.95
CA ARG H 21 24.92 53.94 75.11
C ARG H 21 25.53 54.47 76.40
N SER H 22 26.86 54.63 76.43
CA SER H 22 27.49 55.12 77.65
C SER H 22 27.25 56.61 77.84
N ALA H 23 27.16 57.36 76.75
CA ALA H 23 26.84 58.78 76.86
C ALA H 23 25.45 58.99 77.42
N MET H 24 24.49 58.18 76.98
CA MET H 24 23.14 58.28 77.52
C MET H 24 23.06 57.71 78.93
N TYR H 25 23.98 56.81 79.28
CA TYR H 25 24.02 56.29 80.65
C TYR H 25 24.35 57.40 81.63
N SER H 26 25.31 58.25 81.28
CA SER H 26 25.70 59.33 82.17
C SER H 26 24.70 60.47 82.14
N ARG H 27 24.09 60.71 80.98
CA ARG H 27 23.08 61.76 80.89
C ARG H 27 21.86 61.42 81.72
N LYS H 28 21.49 60.15 81.77
CA LYS H 28 20.37 59.69 82.57
C LYS H 28 20.71 59.53 84.04
N ALA H 29 21.99 59.63 84.41
CA ALA H 29 22.46 59.33 85.76
C ALA H 29 22.05 57.95 86.21
N MET H 30 22.20 56.97 85.31
CA MET H 30 21.85 55.60 85.64
C MET H 30 22.79 54.99 86.68
N TYR H 31 23.90 55.64 86.98
CA TYR H 31 24.81 55.14 88.01
C TYR H 31 24.24 55.23 89.40
N LYS H 32 23.26 56.10 89.63
CA LYS H 32 22.62 56.20 90.94
C LYS H 32 21.16 55.80 90.95
N ARG H 33 20.55 55.59 89.78
CA ARG H 33 19.16 55.13 89.70
C ARG H 33 19.11 53.62 89.51
N LYS H 34 19.57 52.90 90.53
CA LYS H 34 19.71 51.46 90.48
C LYS H 34 18.73 50.80 91.43
N TYR H 35 17.95 49.85 90.92
CA TYR H 35 16.85 49.25 91.66
C TYR H 35 17.04 47.74 91.66
N SER H 36 16.97 47.12 92.84
CA SER H 36 17.19 45.68 92.98
C SER H 36 15.93 44.94 93.40
N ALA H 37 15.32 45.32 94.53
CA ALA H 37 14.12 44.65 95.02
C ALA H 37 13.22 45.71 95.66
N ALA H 38 12.19 45.26 96.36
CA ALA H 38 11.25 46.17 97.00
C ALA H 38 11.90 46.88 98.18
N LYS H 49 -8.90 41.68 89.76
CA LYS H 49 -8.97 43.11 89.50
C LYS H 49 -10.38 43.52 89.12
N VAL H 50 -10.80 43.18 87.91
CA VAL H 50 -12.14 43.50 87.45
C VAL H 50 -13.09 42.37 87.85
N LEU H 51 -14.17 42.73 88.52
CA LEU H 51 -15.11 41.73 89.03
C LEU H 51 -15.91 41.14 87.88
N ALA H 52 -15.69 39.85 87.60
CA ALA H 52 -16.45 39.18 86.56
C ALA H 52 -17.89 38.93 87.00
N THR H 53 -18.09 38.59 88.27
CA THR H 53 -19.41 38.31 88.81
C THR H 53 -19.75 39.36 89.85
N VAL H 54 -21.04 39.64 89.99
CA VAL H 54 -21.53 40.60 90.97
C VAL H 54 -22.66 39.93 91.77
N THR H 55 -22.63 40.13 93.07
CA THR H 55 -23.68 39.63 93.95
C THR H 55 -24.81 40.65 94.05
N LYS H 56 -26.03 40.21 93.74
CA LYS H 56 -27.17 41.11 93.74
C LYS H 56 -28.29 40.52 94.58
N PRO H 57 -28.95 41.32 95.44
CA PRO H 57 -30.08 40.80 96.22
C PRO H 57 -31.26 40.51 95.30
N VAL H 58 -31.58 39.22 95.19
CA VAL H 58 -32.65 38.80 94.28
C VAL H 58 -34.01 39.26 94.81
N GLY H 59 -34.18 39.29 96.12
CA GLY H 59 -35.45 39.67 96.70
C GLY H 59 -36.45 38.53 96.69
N GLY H 60 -37.57 38.76 97.35
CA GLY H 60 -38.59 37.74 97.49
C GLY H 60 -38.29 36.79 98.63
N ASP H 61 -39.32 36.34 99.33
CA ASP H 61 -39.15 35.43 100.44
C ASP H 61 -38.69 34.06 99.93
N LYS H 62 -37.92 33.37 100.76
CA LYS H 62 -37.34 32.04 100.52
C LYS H 62 -36.84 31.85 99.08
N ASN H 63 -36.19 32.87 98.53
CA ASN H 63 -35.44 32.78 97.30
C ASN H 63 -33.94 32.69 97.53
N GLY H 64 -33.55 32.33 98.74
CA GLY H 64 -32.16 32.48 99.13
C GLY H 64 -31.85 33.93 99.41
N GLY H 65 -30.59 34.17 99.76
CA GLY H 65 -30.18 35.54 100.03
C GLY H 65 -30.06 36.36 98.77
N THR H 66 -29.09 36.01 97.93
CA THR H 66 -28.76 36.81 96.75
C THR H 66 -28.54 35.86 95.57
N ARG H 67 -27.99 36.41 94.50
CA ARG H 67 -27.60 35.64 93.32
C ARG H 67 -26.22 36.09 92.87
N VAL H 68 -25.36 35.13 92.57
CA VAL H 68 -24.01 35.43 92.06
C VAL H 68 -24.18 35.57 90.55
N VAL H 69 -24.54 36.77 90.12
CA VAL H 69 -24.78 37.05 88.71
C VAL H 69 -23.44 37.35 88.04
N LYS H 70 -23.12 36.57 87.01
CA LYS H 70 -21.88 36.78 86.27
C LYS H 70 -22.12 37.71 85.10
N LEU H 71 -21.10 38.47 84.76
CA LEU H 71 -21.13 39.31 83.57
C LEU H 71 -20.54 38.53 82.40
N ARG H 72 -20.94 38.91 81.19
CA ARG H 72 -20.48 38.27 79.96
C ARG H 72 -20.80 36.77 79.96
N LYS H 73 -22.09 36.48 79.91
CA LYS H 73 -22.54 35.10 79.83
C LYS H 73 -21.99 34.41 78.59
N MET H 74 -21.88 33.09 78.66
CA MET H 74 -21.33 32.31 77.57
C MET H 74 -22.26 32.36 76.35
N PRO H 75 -21.72 32.17 75.15
CA PRO H 75 -22.53 32.30 73.93
C PRO H 75 -23.68 31.30 73.90
N ARG H 76 -24.81 31.77 73.36
CA ARG H 76 -25.96 30.90 73.18
C ARG H 76 -25.78 29.96 71.99
N TYR H 77 -24.96 30.37 71.03
CA TYR H 77 -24.82 29.66 69.77
C TYR H 77 -23.37 29.67 69.33
N TYR H 78 -22.97 28.61 68.64
CA TYR H 78 -21.65 28.53 68.04
C TYR H 78 -21.80 28.23 66.57
N PRO H 79 -21.12 28.96 65.69
CA PRO H 79 -21.14 28.59 64.27
C PRO H 79 -20.47 27.25 64.05
N THR H 80 -20.83 26.60 62.93
CA THR H 80 -20.33 25.27 62.67
C THR H 80 -18.82 25.24 62.48
N GLU H 81 -18.23 26.38 62.12
CA GLU H 81 -16.79 26.47 61.93
C GLU H 81 -16.39 27.93 61.94
N ASP H 82 -15.14 28.18 62.35
CA ASP H 82 -14.59 29.51 62.52
C ASP H 82 -13.36 29.71 61.64
N VAL H 83 -12.79 30.90 61.76
CA VAL H 83 -11.59 31.30 61.04
C VAL H 83 -10.45 31.44 62.05
N PRO H 84 -9.26 30.91 61.77
CA PRO H 84 -8.14 31.12 62.69
C PRO H 84 -7.75 32.59 62.75
N ARG H 85 -7.24 33.00 63.90
CA ARG H 85 -6.82 34.37 64.08
C ARG H 85 -5.54 34.65 63.28
N LYS H 86 -5.30 35.93 63.03
CA LYS H 86 -4.17 36.35 62.22
C LYS H 86 -2.88 36.30 63.03
N LEU H 87 -1.76 36.38 62.30
CA LEU H 87 -0.47 36.62 62.91
C LEU H 87 -0.35 38.10 63.23
N LEU H 88 0.80 38.50 63.79
CA LEU H 88 1.00 39.87 64.23
C LEU H 88 2.01 40.57 63.32
N SER H 89 1.77 41.87 63.05
CA SER H 89 2.40 42.54 61.92
C SER H 89 3.38 43.66 62.30
N HIS H 90 3.43 44.07 63.56
CA HIS H 90 4.39 45.06 64.08
C HIS H 90 4.43 46.35 63.28
N GLY H 91 3.37 46.65 62.55
CA GLY H 91 3.29 47.90 61.84
C GLY H 91 1.84 48.17 61.51
N LYS H 92 1.57 48.70 60.33
CA LYS H 92 0.21 48.83 59.79
C LYS H 92 -0.68 49.60 60.76
N LYS H 93 -0.32 50.85 60.98
CA LYS H 93 -1.09 51.72 61.85
C LYS H 93 -2.42 52.09 61.19
N PRO H 94 -3.43 52.44 61.98
CA PRO H 94 -4.67 52.95 61.40
C PRO H 94 -4.45 54.29 60.72
N PHE H 95 -5.40 54.65 59.87
CA PHE H 95 -5.25 55.87 59.07
C PHE H 95 -5.16 57.12 59.93
N SER H 96 -5.87 57.14 61.05
CA SER H 96 -5.83 58.30 61.93
C SER H 96 -4.47 58.51 62.56
N GLN H 97 -3.63 57.48 62.58
CA GLN H 97 -2.30 57.57 63.18
C GLN H 97 -1.19 57.71 62.15
N HIS H 98 -1.53 57.78 60.87
CA HIS H 98 -0.52 57.99 59.85
C HIS H 98 0.06 59.38 59.95
N VAL H 99 1.32 59.51 59.59
CA VAL H 99 1.94 60.83 59.49
C VAL H 99 1.47 61.47 58.20
N ARG H 100 1.14 62.75 58.26
CA ARG H 100 0.59 63.47 57.12
C ARG H 100 1.70 64.26 56.44
N LYS H 101 1.88 64.04 55.15
CA LYS H 101 2.94 64.67 54.37
C LYS H 101 2.34 65.71 53.45
N LEU H 102 3.02 66.85 53.35
CA LEU H 102 2.58 67.93 52.48
C LEU H 102 3.73 68.35 51.58
N ARG H 103 3.42 68.58 50.31
CA ARG H 103 4.44 68.98 49.35
C ARG H 103 4.99 70.35 49.70
N ALA H 104 6.29 70.54 49.44
CA ALA H 104 6.96 71.78 49.82
C ALA H 104 6.42 73.00 49.06
N SER H 105 5.83 72.78 47.88
CA SER H 105 5.31 73.89 47.10
C SER H 105 3.97 74.38 47.60
N ILE H 106 3.34 73.68 48.54
CA ILE H 106 2.05 74.06 49.08
C ILE H 106 2.29 74.65 50.46
N THR H 107 2.23 75.97 50.55
CA THR H 107 2.34 76.72 51.79
C THR H 107 1.08 77.55 51.97
N PRO H 108 0.71 77.90 53.19
CA PRO H 108 -0.52 78.66 53.40
C PRO H 108 -0.51 79.99 52.67
N GLY H 109 -1.52 80.21 51.84
CA GLY H 109 -1.60 81.35 50.97
C GLY H 109 -1.27 81.06 49.53
N THR H 110 -0.80 79.86 49.21
CA THR H 110 -0.47 79.52 47.83
C THR H 110 -1.73 79.37 47.01
N ILE H 111 -1.67 79.85 45.76
CA ILE H 111 -2.76 79.67 44.82
C ILE H 111 -2.63 78.28 44.20
N LEU H 112 -3.68 77.48 44.31
CA LEU H 112 -3.70 76.13 43.79
C LEU H 112 -4.67 76.05 42.61
N ILE H 113 -4.48 75.02 41.79
CA ILE H 113 -5.34 74.74 40.66
C ILE H 113 -6.00 73.39 40.90
N ILE H 114 -7.32 73.38 40.96
CA ILE H 114 -8.07 72.14 41.16
C ILE H 114 -8.11 71.36 39.86
N LEU H 115 -7.83 70.06 39.95
CA LEU H 115 -7.78 69.23 38.76
C LEU H 115 -9.00 68.33 38.58
N THR H 116 -9.77 68.10 39.63
CA THR H 116 -10.89 67.17 39.58
C THR H 116 -12.12 67.80 40.22
N GLY H 117 -13.27 67.18 40.01
CA GLY H 117 -14.50 67.64 40.61
C GLY H 117 -15.21 68.69 39.78
N ARG H 118 -16.33 69.16 40.34
CA ARG H 118 -17.11 70.19 39.66
C ARG H 118 -16.37 71.52 39.60
N HIS H 119 -15.40 71.74 40.48
CA HIS H 119 -14.57 72.94 40.46
C HIS H 119 -13.28 72.70 39.68
N ARG H 120 -13.37 71.88 38.65
CA ARG H 120 -12.24 71.50 37.82
C ARG H 120 -11.60 72.72 37.17
N GLY H 121 -10.28 72.85 37.32
CA GLY H 121 -9.56 73.91 36.66
C GLY H 121 -9.61 75.26 37.32
N LYS H 122 -10.30 75.41 38.44
CA LYS H 122 -10.41 76.69 39.11
C LYS H 122 -9.17 76.95 39.96
N ARG H 123 -8.88 78.23 40.17
CA ARG H 123 -7.75 78.65 40.99
C ARG H 123 -8.26 79.09 42.35
N VAL H 124 -7.76 78.46 43.41
CA VAL H 124 -8.25 78.66 44.76
C VAL H 124 -7.07 79.01 45.66
N VAL H 125 -7.39 79.41 46.88
CA VAL H 125 -6.40 79.85 47.87
C VAL H 125 -6.28 78.78 48.94
N PHE H 126 -5.05 78.36 49.22
CA PHE H 126 -4.79 77.34 50.22
C PHE H 126 -4.66 77.99 51.59
N LEU H 127 -5.31 77.39 52.59
CA LEU H 127 -5.31 77.93 53.94
C LEU H 127 -4.50 77.08 54.91
N LYS H 128 -4.85 75.81 55.06
CA LYS H 128 -4.18 74.96 56.01
C LYS H 128 -4.44 73.50 55.64
N GLN H 129 -3.53 72.64 56.08
CA GLN H 129 -3.73 71.20 55.95
C GLN H 129 -4.48 70.68 57.17
N LEU H 130 -5.46 69.83 56.94
CA LEU H 130 -6.30 69.34 58.01
C LEU H 130 -5.67 68.09 58.61
N ALA H 131 -6.34 67.50 59.61
CA ALA H 131 -5.76 66.39 60.35
C ALA H 131 -5.64 65.14 59.50
N SER H 132 -6.47 65.00 58.48
CA SER H 132 -6.39 63.86 57.58
C SER H 132 -5.42 64.07 56.43
N GLY H 133 -4.79 65.25 56.35
CA GLY H 133 -3.95 65.59 55.24
C GLY H 133 -4.65 66.25 54.08
N LEU H 134 -5.98 66.32 54.12
CA LEU H 134 -6.70 67.04 53.09
C LEU H 134 -6.50 68.54 53.26
N LEU H 135 -6.29 69.21 52.14
CA LEU H 135 -6.10 70.65 52.17
C LEU H 135 -7.44 71.36 52.31
N LEU H 136 -7.45 72.43 53.10
CA LEU H 136 -8.62 73.29 53.22
C LEU H 136 -8.38 74.52 52.35
N VAL H 137 -9.25 74.72 51.36
CA VAL H 137 -9.08 75.79 50.40
C VAL H 137 -10.35 76.63 50.37
N THR H 138 -10.20 77.89 49.98
CA THR H 138 -11.34 78.72 49.61
C THR H 138 -10.86 79.73 48.55
N GLY H 139 -11.05 79.37 47.29
CA GLY H 139 -11.02 80.37 46.26
C GLY H 139 -12.28 81.16 46.48
N PRO H 140 -12.16 82.40 46.97
CA PRO H 140 -13.28 83.05 47.66
C PRO H 140 -14.57 83.03 46.86
N LEU H 141 -15.67 82.77 47.56
CA LEU H 141 -16.92 82.45 46.88
C LEU H 141 -17.38 83.57 45.97
N VAL H 142 -17.05 84.82 46.30
CA VAL H 142 -17.39 85.94 45.44
C VAL H 142 -16.56 85.98 44.16
N LEU H 143 -15.48 85.20 44.08
CA LEU H 143 -14.62 85.21 42.92
C LEU H 143 -14.91 84.08 41.95
N ASN H 144 -14.87 82.83 42.42
CA ASN H 144 -15.05 81.72 41.50
C ASN H 144 -15.99 80.64 42.04
N ARG H 145 -16.81 80.96 43.03
CA ARG H 145 -17.85 80.06 43.54
C ARG H 145 -17.28 78.79 44.15
N VAL H 146 -16.15 78.90 44.83
CA VAL H 146 -15.57 77.78 45.56
C VAL H 146 -15.69 78.10 47.05
N PRO H 147 -16.51 77.38 47.79
CA PRO H 147 -16.67 77.69 49.22
C PRO H 147 -15.47 77.21 50.02
N LEU H 148 -15.54 77.34 51.34
CA LEU H 148 -14.59 76.64 52.20
C LEU H 148 -14.78 75.14 51.95
N ARG H 149 -13.75 74.49 51.41
CA ARG H 149 -13.96 73.15 50.90
C ARG H 149 -12.65 72.39 51.00
N ARG H 150 -12.75 71.09 51.30
CA ARG H 150 -11.57 70.27 51.37
C ARG H 150 -11.13 69.86 49.97
N THR H 151 -9.86 69.51 49.85
CA THR H 151 -9.31 69.00 48.60
C THR H 151 -8.09 68.16 48.92
N HIS H 152 -7.69 67.36 47.94
CA HIS H 152 -6.57 66.44 48.09
C HIS H 152 -5.35 67.02 47.40
N GLN H 153 -4.21 67.02 48.10
CA GLN H 153 -2.99 67.59 47.55
C GLN H 153 -2.49 66.82 46.34
N LYS H 154 -2.88 65.57 46.17
CA LYS H 154 -2.43 64.82 45.03
C LYS H 154 -3.09 65.31 43.75
N PHE H 155 -4.24 65.96 43.86
CA PHE H 155 -5.05 66.35 42.70
C PHE H 155 -5.10 67.86 42.52
N VAL H 156 -4.05 68.57 42.95
CA VAL H 156 -3.94 70.00 42.75
C VAL H 156 -2.56 70.31 42.19
N ILE H 157 -2.46 71.48 41.57
CA ILE H 157 -1.19 72.01 41.08
C ILE H 157 -0.87 73.25 41.90
N ALA H 158 0.27 73.25 42.57
CA ALA H 158 0.70 74.38 43.36
C ALA H 158 1.39 75.38 42.44
N THR H 159 0.82 76.57 42.31
CA THR H 159 1.43 77.60 41.50
C THR H 159 2.47 78.37 42.31
N SER H 160 3.19 79.26 41.64
CA SER H 160 4.22 80.05 42.28
C SER H 160 3.67 81.26 43.01
N THR H 161 2.53 81.80 42.56
CA THR H 161 1.99 83.01 43.16
C THR H 161 1.37 82.70 44.52
N LYS H 162 1.66 83.55 45.50
CA LYS H 162 1.19 83.38 46.86
C LYS H 162 0.72 84.71 47.41
N ILE H 163 -0.20 84.66 48.36
CA ILE H 163 -0.56 85.81 49.17
C ILE H 163 -0.23 85.50 50.61
N ASP H 164 0.16 86.53 51.35
CA ASP H 164 0.55 86.36 52.75
C ASP H 164 -0.71 86.30 53.59
N ILE H 165 -1.18 85.07 53.86
CA ILE H 165 -2.37 84.89 54.67
C ILE H 165 -1.96 84.63 56.10
N SER H 166 -0.74 84.99 56.47
CA SER H 166 -0.39 85.00 57.88
C SER H 166 -1.26 86.02 58.61
N ASN H 167 -1.32 85.87 59.93
CA ASN H 167 -2.11 86.70 60.85
C ASN H 167 -3.59 86.80 60.45
N VAL H 168 -4.11 85.85 59.69
CA VAL H 168 -5.55 85.71 59.53
C VAL H 168 -5.98 84.58 60.45
N LYS H 169 -7.25 84.60 60.84
CA LYS H 169 -7.76 83.70 61.86
C LYS H 169 -8.70 82.69 61.20
N ILE H 170 -8.18 81.50 60.91
CA ILE H 170 -9.03 80.41 60.48
C ILE H 170 -9.76 79.89 61.71
N PRO H 171 -11.09 79.82 61.68
CA PRO H 171 -11.83 79.32 62.86
C PRO H 171 -11.43 77.90 63.20
N LYS H 172 -11.41 77.61 64.50
CA LYS H 172 -10.89 76.33 64.97
C LYS H 172 -11.84 75.18 64.71
N HIS H 173 -13.15 75.43 64.67
CA HIS H 173 -14.09 74.35 64.41
C HIS H 173 -14.03 73.85 62.97
N LEU H 174 -13.29 74.55 62.10
CA LEU H 174 -13.10 74.09 60.73
C LEU H 174 -12.17 72.90 60.72
N THR H 175 -12.71 71.71 60.96
CA THR H 175 -11.93 70.49 61.07
C THR H 175 -12.45 69.49 60.04
N ASP H 176 -11.86 68.29 60.06
CA ASP H 176 -12.31 67.23 59.18
C ASP H 176 -13.74 66.80 59.48
N ALA H 177 -14.09 66.78 60.77
CA ALA H 177 -15.46 66.44 61.15
C ALA H 177 -16.45 67.50 60.67
N TYR H 178 -16.02 68.75 60.59
CA TYR H 178 -16.88 69.82 60.10
C TYR H 178 -17.26 69.58 58.64
N PHE H 179 -16.30 69.18 57.82
CA PHE H 179 -16.49 69.07 56.39
C PHE H 179 -16.95 67.67 55.95
N LYS H 180 -16.99 66.71 56.86
CA LYS H 180 -17.36 65.35 56.50
C LYS H 180 -18.82 65.32 56.05
N LYS H 181 -19.08 64.56 54.99
CA LYS H 181 -20.40 64.50 54.39
C LYS H 181 -21.40 63.90 55.36
N LYS H 182 -22.66 64.32 55.23
CA LYS H 182 -23.75 63.83 56.05
C LYS H 182 -24.71 63.05 55.16
N LYS H 183 -25.31 62.00 55.73
CA LYS H 183 -26.22 61.15 55.01
C LYS H 183 -27.51 60.99 55.80
N LEU H 184 -28.59 60.68 55.08
CA LEU H 184 -29.89 60.40 55.68
C LEU H 184 -30.24 58.93 55.64
N ARG H 185 -30.22 58.31 54.47
CA ARG H 185 -30.61 56.93 54.31
C ARG H 185 -29.65 55.99 55.04
N LYS H 186 -30.20 54.89 55.58
CA LYS H 186 -31.60 54.50 55.51
C LYS H 186 -32.10 53.84 56.80
N PRO H 187 -32.61 54.63 57.73
CA PRO H 187 -33.32 54.08 58.88
C PRO H 187 -34.81 53.91 58.57
N ARG H 188 -35.47 53.14 59.43
CA ARG H 188 -36.93 52.88 59.40
C ARG H 188 -37.46 52.55 58.00
N HIS H 189 -36.61 51.99 57.14
CA HIS H 189 -36.99 51.73 55.75
C HIS H 189 -36.13 50.60 55.22
N GLN H 190 -36.77 49.51 54.77
CA GLN H 190 -36.06 48.34 54.30
C GLN H 190 -36.27 48.09 52.81
N GLU H 191 -37.51 47.98 52.36
CA GLU H 191 -37.82 47.79 50.95
C GLU H 191 -38.32 49.11 50.36
N GLY H 192 -37.82 49.45 49.18
CA GLY H 192 -38.22 50.69 48.54
C GLY H 192 -39.44 50.54 47.65
N GLU H 193 -40.61 50.87 48.19
CA GLU H 193 -41.83 50.95 47.40
C GLU H 193 -42.34 52.38 47.24
N ILE H 194 -41.99 53.26 48.17
CA ILE H 194 -42.18 54.70 48.02
C ILE H 194 -40.81 55.32 47.88
N PHE H 195 -40.64 56.20 46.89
CA PHE H 195 -39.33 56.76 46.59
C PHE H 195 -38.79 57.56 47.77
N ASP H 196 -37.52 57.29 48.11
CA ASP H 196 -36.82 57.99 49.17
C ASP H 196 -35.88 59.06 48.62
N THR H 197 -36.27 59.71 47.53
CA THR H 197 -35.44 60.72 46.88
C THR H 197 -35.49 62.07 47.59
N GLU H 198 -36.25 62.19 48.67
CA GLU H 198 -36.28 63.43 49.44
C GLU H 198 -34.94 63.64 50.14
N LYS H 199 -34.70 64.90 50.53
CA LYS H 199 -33.51 65.34 51.25
C LYS H 199 -32.27 65.22 50.35
N GLU H 200 -32.45 64.77 49.10
CA GLU H 200 -31.35 64.76 48.14
C GLU H 200 -30.82 66.15 47.88
N LYS H 201 -31.62 67.18 48.14
CA LYS H 201 -31.16 68.56 48.06
C LYS H 201 -30.31 68.84 49.29
N TYR H 202 -29.00 68.82 49.13
CA TYR H 202 -28.10 69.28 50.17
C TYR H 202 -28.37 70.75 50.48
N GLU H 203 -28.43 71.07 51.76
CA GLU H 203 -28.74 72.43 52.22
C GLU H 203 -27.50 73.07 52.80
N ILE H 204 -27.20 74.29 52.35
CA ILE H 204 -26.10 75.06 52.90
C ILE H 204 -26.51 75.58 54.27
N THR H 205 -25.81 75.15 55.30
CA THR H 205 -26.11 75.59 56.66
C THR H 205 -25.80 77.06 56.83
N GLU H 206 -26.56 77.73 57.68
CA GLU H 206 -26.26 79.10 58.05
C GLU H 206 -24.88 79.21 58.66
N GLN H 207 -24.44 78.19 59.39
CA GLN H 207 -23.10 78.20 59.97
C GLN H 207 -22.03 78.22 58.89
N ARG H 208 -22.23 77.45 57.81
CA ARG H 208 -21.26 77.44 56.72
C ARG H 208 -21.20 78.78 56.02
N LYS H 209 -22.33 79.48 55.91
CA LYS H 209 -22.33 80.81 55.34
C LYS H 209 -21.62 81.80 56.25
N ILE H 210 -21.80 81.66 57.56
CA ILE H 210 -21.12 82.54 58.51
C ILE H 210 -19.61 82.33 58.44
N ASP H 211 -19.17 81.08 58.39
CA ASP H 211 -17.75 80.79 58.30
C ASP H 211 -17.17 81.27 56.98
N GLN H 212 -17.91 81.10 55.88
CA GLN H 212 -17.45 81.58 54.59
C GLN H 212 -17.25 83.09 54.61
N LYS H 213 -18.19 83.81 55.21
CA LYS H 213 -18.07 85.26 55.29
C LYS H 213 -16.91 85.67 56.18
N ALA H 214 -16.68 84.94 57.27
CA ALA H 214 -15.64 85.31 58.22
C ALA H 214 -14.25 85.18 57.61
N VAL H 215 -13.99 84.08 56.91
CA VAL H 215 -12.68 83.89 56.30
C VAL H 215 -12.49 84.83 55.13
N ASP H 216 -13.50 84.93 54.26
CA ASP H 216 -13.37 85.73 53.05
C ASP H 216 -13.25 87.22 53.36
N SER H 217 -13.80 87.67 54.49
CA SER H 217 -13.71 89.07 54.84
C SER H 217 -12.28 89.51 55.14
N GLN H 218 -11.40 88.58 55.46
CA GLN H 218 -10.01 88.91 55.76
C GLN H 218 -9.03 88.34 54.75
N ILE H 219 -9.49 87.55 53.79
CA ILE H 219 -8.65 87.12 52.68
C ILE H 219 -8.81 88.04 51.49
N LEU H 220 -10.03 88.53 51.26
CA LEU H 220 -10.29 89.38 50.10
C LEU H 220 -9.48 90.66 50.09
N PRO H 221 -9.36 91.42 51.19
CA PRO H 221 -8.50 92.62 51.14
C PRO H 221 -7.06 92.31 50.77
N LYS H 222 -6.55 91.16 51.17
CA LYS H 222 -5.19 90.79 50.79
C LYS H 222 -5.09 90.37 49.34
N ILE H 223 -6.18 89.88 48.76
CA ILE H 223 -6.18 89.56 47.34
C ILE H 223 -6.17 90.84 46.51
N LYS H 224 -6.98 91.84 46.90
CA LYS H 224 -7.01 93.10 46.19
C LYS H 224 -5.72 93.89 46.32
N ALA H 225 -4.84 93.52 47.25
CA ALA H 225 -3.60 94.24 47.46
C ALA H 225 -2.65 94.14 46.28
N ILE H 226 -2.66 93.03 45.56
CA ILE H 226 -1.78 92.90 44.40
C ILE H 226 -2.62 93.00 43.12
N PRO H 227 -2.13 93.70 42.11
CA PRO H 227 -2.97 94.01 40.96
C PRO H 227 -3.43 92.79 40.18
N GLN H 228 -4.68 92.84 39.72
CA GLN H 228 -5.34 91.84 38.86
C GLN H 228 -5.09 90.40 39.30
N LEU H 229 -4.97 90.17 40.61
CA LEU H 229 -5.02 88.80 41.10
C LEU H 229 -6.44 88.26 41.14
N GLN H 230 -7.41 89.13 41.46
CA GLN H 230 -8.80 88.70 41.46
C GLN H 230 -9.25 88.27 40.08
N GLY H 231 -8.79 88.96 39.04
CA GLY H 231 -9.05 88.50 37.68
C GLY H 231 -8.41 87.16 37.41
N TYR H 232 -7.22 86.94 37.96
CA TYR H 232 -6.56 85.64 37.83
C TYR H 232 -7.36 84.55 38.54
N LEU H 233 -7.90 84.85 39.71
CA LEU H 233 -8.67 83.86 40.45
C LEU H 233 -10.02 83.60 39.83
N ARG H 234 -10.57 84.59 39.12
CA ARG H 234 -11.86 84.38 38.45
C ARG H 234 -11.74 83.46 37.25
N SER H 235 -10.59 83.44 36.59
CA SER H 235 -10.42 82.62 35.41
C SER H 235 -10.12 81.17 35.78
N VAL H 236 -10.23 80.29 34.79
CA VAL H 236 -9.95 78.87 34.98
C VAL H 236 -8.70 78.51 34.20
N PHE H 237 -8.08 77.41 34.61
CA PHE H 237 -6.90 76.90 33.92
C PHE H 237 -7.31 75.98 32.78
N ALA H 238 -6.56 76.04 31.69
CA ALA H 238 -6.86 75.25 30.51
C ALA H 238 -5.56 74.98 29.76
N LEU H 239 -5.57 73.95 28.93
CA LEU H 239 -4.45 73.62 28.07
C LEU H 239 -4.77 74.03 26.65
N THR H 240 -4.10 75.08 26.17
CA THR H 240 -4.09 75.50 24.78
C THR H 240 -3.29 74.48 23.97
N ASN H 241 -3.54 74.45 22.65
CA ASN H 241 -2.89 73.44 21.83
C ASN H 241 -1.39 73.63 21.72
N GLY H 242 -0.89 74.84 21.92
CA GLY H 242 0.55 75.05 21.84
C GLY H 242 1.30 74.69 23.10
N ILE H 243 0.62 74.70 24.23
CA ILE H 243 1.29 74.62 25.52
C ILE H 243 1.31 73.19 26.03
N TYR H 244 2.39 72.83 26.72
CA TYR H 244 2.60 71.49 27.21
C TYR H 244 2.89 71.57 28.71
N PRO H 245 2.25 70.74 29.53
CA PRO H 245 2.42 70.89 30.99
C PRO H 245 3.82 70.65 31.49
N HIS H 246 4.65 69.93 30.75
CA HIS H 246 6.01 69.69 31.20
C HIS H 246 6.94 70.86 30.95
N LYS H 247 6.58 71.78 30.07
CA LYS H 247 7.37 72.98 29.85
C LYS H 247 6.87 74.17 30.65
N LEU H 248 5.74 74.04 31.33
CA LEU H 248 5.13 75.16 32.02
C LEU H 248 5.72 75.31 33.40
N VAL H 249 6.12 76.53 33.74
CA VAL H 249 6.47 76.89 35.10
C VAL H 249 5.21 77.38 35.79
N PHE H 250 4.81 76.71 36.87
CA PHE H 250 3.59 77.07 37.55
C PHE H 250 3.88 77.98 38.72
N ASN I 1 4.40 23.73 95.34
CA ASN I 1 5.67 23.92 94.64
C ASN I 1 5.53 24.95 93.52
N PHE I 2 4.37 25.60 93.46
CA PHE I 2 4.12 26.59 92.42
C PHE I 2 5.08 27.78 92.55
N ALA I 3 5.35 28.22 93.78
CA ALA I 3 6.27 29.33 93.98
C ALA I 3 7.69 28.94 93.56
N GLU I 4 8.11 27.73 93.89
CA GLU I 4 9.49 27.31 93.59
C GLU I 4 9.71 27.12 92.10
N LEU I 5 8.72 26.58 91.39
CA LEU I 5 8.88 26.38 89.95
C LEU I 5 8.88 27.71 89.20
N LYS I 6 8.14 28.71 89.71
CA LYS I 6 8.23 30.04 89.12
C LYS I 6 9.63 30.61 89.27
N ILE I 7 10.26 30.41 90.43
CA ILE I 7 11.60 30.91 90.66
C ILE I 7 12.58 30.22 89.72
N LYS I 8 12.42 28.91 89.52
CA LYS I 8 13.29 28.16 88.62
C LYS I 8 13.19 28.71 87.20
N ARG I 9 11.98 28.96 86.71
CA ARG I 9 11.84 29.45 85.35
C ARG I 9 12.35 30.88 85.21
N LEU I 10 12.16 31.71 86.24
CA LEU I 10 12.69 33.07 86.18
C LEU I 10 14.21 33.07 86.16
N ARG I 11 14.83 32.22 86.99
CA ARG I 11 16.29 32.15 87.01
C ARG I 11 16.84 31.62 85.69
N LYS I 12 16.16 30.62 85.11
CA LYS I 12 16.59 30.09 83.82
C LYS I 12 16.43 31.11 82.71
N LYS I 13 15.32 31.85 82.71
CA LYS I 13 15.12 32.87 81.68
C LYS I 13 16.10 34.02 81.84
N PHE I 14 16.38 34.41 83.09
CA PHE I 14 17.32 35.50 83.31
C PHE I 14 18.74 35.09 82.96
N ALA I 15 19.09 33.82 83.20
CA ALA I 15 20.40 33.33 82.82
C ALA I 15 20.57 33.32 81.30
N GLN I 16 19.51 32.95 80.58
CA GLN I 16 19.58 32.94 79.12
C GLN I 16 19.67 34.36 78.57
N LYS I 17 18.99 35.31 79.22
CA LYS I 17 19.05 36.69 78.74
C LYS I 17 20.44 37.29 78.95
N MET I 18 21.08 36.98 80.07
CA MET I 18 22.43 37.46 80.30
C MET I 18 23.40 36.86 79.30
N LEU I 19 23.22 35.59 78.95
CA LEU I 19 24.09 34.96 77.96
C LEU I 19 23.93 35.62 76.59
N ARG I 20 22.69 35.93 76.21
CA ARG I 20 22.47 36.66 74.96
C ARG I 20 23.08 38.05 75.04
N LYS I 21 22.97 38.69 76.19
CA LYS I 21 23.54 40.02 76.36
C LYS I 21 25.06 39.99 76.25
N ALA I 22 25.70 38.98 76.84
CA ALA I 22 27.15 38.87 76.78
C ALA I 22 27.61 38.54 75.36
N ARG I 23 26.85 37.72 74.65
CA ARG I 23 27.23 37.36 73.28
C ARG I 23 27.04 38.52 72.33
N ARG I 24 26.08 39.39 72.61
CA ARG I 24 25.90 40.58 71.78
C ARG I 24 27.03 41.57 71.99
N LYS I 25 27.54 41.68 73.23
CA LYS I 25 28.65 42.57 73.49
C LYS I 25 29.93 42.07 72.85
N LEU I 26 30.11 40.76 72.80
CA LEU I 26 31.26 40.20 72.10
C LEU I 26 31.19 40.48 70.60
N ILE I 27 30.01 40.31 70.02
CA ILE I 27 29.82 40.57 68.59
C ILE I 27 30.06 42.04 68.28
N TYR I 28 29.59 42.93 69.15
CA TYR I 28 29.80 44.35 68.95
C TYR I 28 31.29 44.69 68.97
N GLU I 29 32.02 44.12 69.92
CA GLU I 29 33.42 44.50 70.08
C GLU I 29 34.31 43.88 69.03
N LYS I 30 33.97 42.69 68.53
CA LYS I 30 34.75 42.10 67.46
C LYS I 30 34.65 42.93 66.19
N ALA I 31 33.46 43.43 65.88
CA ALA I 31 33.30 44.30 64.72
C ALA I 31 34.05 45.60 64.90
N LYS I 32 34.11 46.12 66.13
CA LYS I 32 34.93 47.28 66.41
C LYS I 32 36.40 46.97 66.18
N HIS I 33 36.84 45.77 66.56
CA HIS I 33 38.22 45.39 66.36
C HIS I 33 38.53 45.13 64.89
N TYR I 34 37.57 44.56 64.16
CA TYR I 34 37.77 44.32 62.73
C TYR I 34 37.88 45.64 61.97
N HIS I 35 37.09 46.64 62.38
CA HIS I 35 37.15 47.95 61.76
C HIS I 35 38.53 48.58 61.95
N LYS I 36 39.12 48.38 63.13
CA LYS I 36 40.48 48.85 63.37
C LYS I 36 41.47 48.12 62.47
N GLU I 37 41.28 46.81 62.30
CA GLU I 37 42.18 46.02 61.47
C GLU I 37 42.08 46.42 60.00
N TYR I 38 40.87 46.68 59.51
CA TYR I 38 40.70 47.02 58.09
C TYR I 38 41.38 48.33 57.75
N ARG I 39 41.24 49.34 58.61
CA ARG I 39 41.84 50.63 58.30
C ARG I 39 43.35 50.58 58.49
N GLN I 40 43.85 49.70 59.35
CA GLN I 40 45.29 49.54 59.48
C GLN I 40 45.88 48.91 58.22
N MET I 41 45.19 47.94 57.63
CA MET I 41 45.67 47.37 56.38
C MET I 41 45.59 48.38 55.26
N TYR I 42 44.51 49.15 55.19
CA TYR I 42 44.35 50.13 54.12
C TYR I 42 45.42 51.22 54.20
N ARG I 43 45.71 51.70 55.40
CA ARG I 43 46.70 52.75 55.53
C ARG I 43 48.11 52.23 55.32
N THR I 44 48.35 50.97 55.67
CA THR I 44 49.71 50.42 55.60
C THR I 44 50.21 50.35 54.16
N GLU I 45 49.35 49.92 53.24
CA GLU I 45 49.76 49.87 51.84
C GLU I 45 50.07 51.26 51.30
N ILE I 46 49.29 52.26 51.72
CA ILE I 46 49.60 53.63 51.36
C ILE I 46 50.93 54.05 51.97
N ARG I 47 51.15 53.72 53.24
CA ARG I 47 52.38 54.13 53.92
C ARG I 47 53.61 53.45 53.32
N MET I 48 53.50 52.16 52.99
CA MET I 48 54.63 51.45 52.40
C MET I 48 54.99 52.00 51.03
N ALA I 49 53.99 52.33 50.22
CA ALA I 49 54.27 52.88 48.91
C ALA I 49 54.89 54.27 49.01
N ARG I 50 54.56 55.00 50.07
CA ARG I 50 55.08 56.36 50.21
C ARG I 50 56.56 56.35 50.58
N MET I 51 56.97 55.45 51.48
CA MET I 51 58.38 55.42 51.87
C MET I 51 59.25 54.88 50.75
N ALA I 52 58.69 54.04 49.89
CA ALA I 52 59.45 53.58 48.72
C ALA I 52 59.67 54.72 47.74
N ARG I 53 58.63 55.50 47.46
CA ARG I 53 58.77 56.63 46.56
C ARG I 53 59.68 57.71 47.13
N LYS I 54 59.70 57.84 48.45
CA LYS I 54 60.60 58.81 49.08
C LYS I 54 62.05 58.46 48.83
N ALA I 55 62.37 57.17 48.81
CA ALA I 55 63.74 56.72 48.56
C ALA I 55 64.01 56.45 47.08
N GLY I 56 63.06 56.71 46.20
CA GLY I 56 63.24 56.45 44.80
C GLY I 56 63.05 55.02 44.37
N ASN I 57 62.57 54.16 45.25
CA ASN I 57 62.41 52.74 44.97
C ASN I 57 60.98 52.44 44.54
N PHE I 58 60.66 51.16 44.43
CA PHE I 58 59.33 50.70 44.08
C PHE I 58 58.85 49.73 45.14
N TYR I 59 57.64 49.94 45.62
CA TYR I 59 57.00 49.01 46.56
C TYR I 59 56.00 48.17 45.77
N VAL I 60 56.29 46.89 45.64
CA VAL I 60 55.40 45.96 44.94
C VAL I 60 54.46 45.37 45.97
N PRO I 61 53.15 45.57 45.85
CA PRO I 61 52.22 45.04 46.84
C PRO I 61 52.16 43.53 46.78
N ALA I 62 51.65 42.95 47.85
CA ALA I 62 51.42 41.51 47.89
C ALA I 62 50.44 41.11 46.81
N GLU I 63 50.72 39.99 46.15
CA GLU I 63 49.81 39.50 45.14
C GLU I 63 48.47 39.15 45.80
N PRO I 64 47.36 39.54 45.20
CA PRO I 64 46.05 39.33 45.84
C PRO I 64 45.77 37.86 46.07
N LYS I 65 45.27 37.54 47.25
CA LYS I 65 45.01 36.17 47.64
C LYS I 65 43.54 35.81 47.61
N LEU I 66 42.66 36.74 47.27
CA LEU I 66 41.24 36.49 47.19
C LEU I 66 40.72 36.93 45.83
N ALA I 67 39.93 36.06 45.20
CA ALA I 67 39.29 36.38 43.94
C ALA I 67 37.79 36.14 44.05
N PHE I 68 37.03 36.97 43.35
CA PHE I 68 35.62 36.73 43.12
C PHE I 68 35.44 36.31 41.68
N VAL I 69 34.90 35.12 41.45
CA VAL I 69 34.76 34.55 40.13
C VAL I 69 33.28 34.57 39.76
N ILE I 70 32.97 35.14 38.60
CA ILE I 70 31.61 35.19 38.09
C ILE I 70 31.58 34.41 36.79
N ARG I 71 30.67 33.44 36.70
CA ARG I 71 30.47 32.73 35.45
C ARG I 71 29.61 33.59 34.53
N ILE I 72 30.06 33.78 33.29
CA ILE I 72 29.39 34.70 32.38
C ILE I 72 28.79 34.01 31.16
N ARG I 73 29.16 32.77 30.87
CA ARG I 73 28.57 32.04 29.75
C ARG I 73 27.61 30.98 30.26
N GLY I 74 26.71 30.57 29.38
CA GLY I 74 25.67 29.61 29.73
C GLY I 74 26.16 28.18 29.75
N ILE I 75 25.20 27.27 29.72
CA ILE I 75 25.47 25.85 29.96
C ILE I 75 25.31 25.03 28.68
N ASN I 76 25.33 25.66 27.52
CA ASN I 76 25.14 24.97 26.26
C ASN I 76 26.47 24.80 25.55
N GLY I 77 26.76 23.57 25.14
CA GLY I 77 27.96 23.29 24.36
C GLY I 77 29.25 23.54 25.08
N VAL I 78 29.40 22.97 26.28
CA VAL I 78 30.57 23.20 27.12
C VAL I 78 31.44 21.95 27.08
N SER I 79 32.73 22.13 26.83
CA SER I 79 33.66 21.02 26.75
C SER I 79 33.79 20.35 28.11
N PRO I 80 34.09 19.04 28.15
CA PRO I 80 34.04 18.31 29.43
C PRO I 80 35.01 18.80 30.47
N LYS I 81 36.19 19.28 30.08
CA LYS I 81 37.14 19.77 31.07
C LYS I 81 36.69 21.10 31.66
N VAL I 82 36.19 22.00 30.83
CA VAL I 82 35.65 23.26 31.33
C VAL I 82 34.42 23.00 32.19
N ARG I 83 33.60 22.04 31.77
CA ARG I 83 32.39 21.69 32.51
C ARG I 83 32.74 21.15 33.90
N LYS I 84 33.80 20.35 33.99
CA LYS I 84 34.22 19.80 35.27
C LYS I 84 34.73 20.88 36.21
N VAL I 85 35.57 21.80 35.71
CA VAL I 85 36.18 22.80 36.55
C VAL I 85 35.14 23.79 37.07
N LEU I 86 34.16 24.12 36.23
CA LEU I 86 33.11 25.03 36.67
C LEU I 86 32.29 24.40 37.79
N GLN I 87 32.11 23.09 37.77
CA GLN I 87 31.43 22.41 38.87
C GLN I 87 32.29 22.43 40.13
N LEU I 88 33.60 22.32 39.97
CA LEU I 88 34.48 22.36 41.13
C LEU I 88 34.60 23.77 41.70
N LEU I 89 34.21 24.77 40.93
CA LEU I 89 34.13 26.14 41.41
C LEU I 89 32.74 26.49 41.89
N ARG I 90 31.82 25.53 41.85
CA ARG I 90 30.42 25.69 42.24
C ARG I 90 29.70 26.71 41.38
N LEU I 91 30.09 26.84 40.11
CA LEU I 91 29.45 27.74 39.16
C LEU I 91 28.73 26.90 38.12
N ARG I 92 27.51 26.49 38.46
CA ARG I 92 26.70 25.66 37.58
C ARG I 92 25.64 26.46 36.84
N GLN I 93 25.62 27.77 37.00
CA GLN I 93 24.64 28.62 36.38
C GLN I 93 25.32 29.91 35.94
N ILE I 94 24.74 30.58 34.96
CA ILE I 94 25.29 31.85 34.51
C ILE I 94 25.05 32.93 35.56
N PHE I 95 26.00 33.85 35.66
CA PHE I 95 25.96 34.95 36.64
C PHE I 95 25.90 34.43 38.07
N ASN I 96 26.54 33.29 38.31
CA ASN I 96 26.79 32.79 39.65
C ASN I 96 28.16 33.26 40.09
N GLY I 97 28.30 33.55 41.38
CA GLY I 97 29.54 34.07 41.92
C GLY I 97 30.03 33.24 43.08
N THR I 98 31.35 33.19 43.22
CA THR I 98 31.98 32.43 44.29
C THR I 98 33.33 33.07 44.60
N PHE I 99 33.63 33.19 45.89
CA PHE I 99 34.95 33.60 46.32
C PHE I 99 35.93 32.45 46.18
N VAL I 100 37.12 32.75 45.68
CA VAL I 100 38.13 31.74 45.41
C VAL I 100 39.44 32.19 46.04
N LYS I 101 40.03 31.32 46.84
CA LYS I 101 41.32 31.61 47.45
C LYS I 101 42.42 31.35 46.43
N LEU I 102 43.25 32.36 46.18
CA LEU I 102 44.19 32.31 45.08
C LEU I 102 45.50 31.65 45.49
N ASN I 103 45.89 30.64 44.73
CA ASN I 103 47.21 30.01 44.85
C ASN I 103 47.52 29.39 43.49
N LYS I 104 48.61 28.64 43.40
CA LYS I 104 49.00 28.05 42.13
C LYS I 104 47.95 27.05 41.65
N ALA I 105 47.42 26.24 42.57
CA ALA I 105 46.46 25.22 42.18
C ALA I 105 45.16 25.85 41.68
N SER I 106 44.68 26.90 42.36
CA SER I 106 43.40 27.48 41.99
C SER I 106 43.53 28.37 40.76
N ILE I 107 44.65 29.07 40.60
CA ILE I 107 44.83 29.96 39.46
C ILE I 107 44.86 29.15 38.17
N ASN I 108 45.55 28.02 38.18
CA ASN I 108 45.63 27.19 36.98
C ASN I 108 44.27 26.60 36.63
N MET I 109 43.39 26.45 37.61
CA MET I 109 42.01 26.09 37.32
C MET I 109 41.28 27.26 36.65
N LEU I 110 41.58 28.48 37.06
CA LEU I 110 40.91 29.64 36.49
C LEU I 110 41.33 29.87 35.04
N ARG I 111 42.53 29.40 34.67
CA ARG I 111 42.99 29.57 33.30
C ARG I 111 42.23 28.67 32.34
N ILE I 112 41.78 27.52 32.83
CA ILE I 112 41.05 26.58 31.98
C ILE I 112 39.68 27.13 31.62
N VAL I 113 38.99 27.72 32.58
CA VAL I 113 37.64 28.20 32.38
C VAL I 113 37.63 29.67 31.98
N GLU I 114 38.76 30.18 31.51
CA GLU I 114 38.93 31.60 31.25
C GLU I 114 37.91 32.19 30.29
N PRO I 115 37.58 31.57 29.16
CA PRO I 115 36.51 32.14 28.32
C PRO I 115 35.15 32.15 28.98
N TYR I 116 34.94 31.36 30.02
CA TYR I 116 33.62 31.19 30.60
C TYR I 116 33.37 32.04 31.83
N ILE I 117 34.38 32.68 32.38
CA ILE I 117 34.25 33.40 33.64
C ILE I 117 34.82 34.80 33.50
N ALA I 118 34.38 35.67 34.40
CA ALA I 118 35.01 36.96 34.64
C ALA I 118 35.34 37.02 36.12
N TRP I 119 36.57 37.38 36.44
CA TRP I 119 36.99 37.37 37.83
C TRP I 119 37.96 38.52 38.10
N GLY I 120 38.24 38.72 39.38
CA GLY I 120 39.10 39.80 39.78
C GLY I 120 39.27 39.80 41.27
N TYR I 121 39.72 40.94 41.80
CA TYR I 121 40.10 41.05 43.20
C TYR I 121 39.11 41.93 43.93
N PRO I 122 38.17 41.36 44.69
CA PRO I 122 37.18 42.20 45.38
C PRO I 122 37.81 43.00 46.51
N ASN I 123 37.26 44.17 46.75
CA ASN I 123 37.67 45.01 47.86
C ASN I 123 36.75 44.75 49.05
N LEU I 124 36.97 45.50 50.12
CA LEU I 124 36.20 45.31 51.34
C LEU I 124 34.72 45.60 51.13
N LYS I 125 34.41 46.63 50.35
CA LYS I 125 33.01 46.97 50.10
C LYS I 125 32.30 45.87 49.33
N SER I 126 32.95 45.32 48.31
CA SER I 126 32.31 44.31 47.48
C SER I 126 31.97 43.07 48.29
N VAL I 127 32.84 42.69 49.21
CA VAL I 127 32.56 41.55 50.08
C VAL I 127 31.36 41.85 50.97
N ASN I 128 31.29 43.06 51.52
CA ASN I 128 30.17 43.41 52.38
C ASN I 128 28.86 43.43 51.62
N GLU I 129 28.85 44.00 50.41
CA GLU I 129 27.63 44.04 49.62
C GLU I 129 27.16 42.64 49.26
N LEU I 130 28.09 41.75 48.93
CA LEU I 130 27.73 40.41 48.51
C LEU I 130 27.17 39.59 49.66
N ILE I 131 27.83 39.64 50.82
CA ILE I 131 27.40 38.82 51.94
C ILE I 131 26.10 39.36 52.52
N TYR I 132 25.95 40.68 52.63
CA TYR I 132 24.77 41.22 53.26
C TYR I 132 23.53 41.14 52.38
N LYS I 133 23.67 41.42 51.09
CA LYS I 133 22.49 41.42 50.24
C LYS I 133 22.14 40.04 49.70
N ARG I 134 23.14 39.24 49.37
CA ARG I 134 22.90 37.97 48.68
C ARG I 134 23.51 36.79 49.41
N GLY I 135 23.90 36.96 50.66
CA GLY I 135 24.52 35.88 51.41
C GLY I 135 23.54 34.84 51.88
N TYR I 136 23.69 33.62 51.39
CA TYR I 136 22.88 32.48 51.80
C TYR I 136 23.81 31.39 52.29
N GLY I 137 23.43 30.72 53.36
CA GLY I 137 24.22 29.65 53.93
C GLY I 137 23.73 28.29 53.47
N LYS I 138 24.66 27.37 53.31
CA LYS I 138 24.32 25.96 53.04
C LYS I 138 24.19 25.28 54.39
N ILE I 139 22.98 25.25 54.91
CA ILE I 139 22.68 24.71 56.22
C ILE I 139 21.80 23.49 56.04
N ASN I 140 22.29 22.33 56.48
CA ASN I 140 21.60 21.06 56.29
C ASN I 140 21.24 20.83 54.83
N LYS I 141 22.18 21.15 53.95
CA LYS I 141 22.03 21.02 52.50
C LYS I 141 20.94 21.90 51.93
N LYS I 142 20.51 22.92 52.68
CA LYS I 142 19.46 23.82 52.26
C LYS I 142 20.01 25.23 52.11
N ARG I 143 19.41 25.98 51.19
CA ARG I 143 19.82 27.36 50.93
C ARG I 143 19.04 28.26 51.85
N ILE I 144 19.66 28.63 52.98
CA ILE I 144 19.01 29.41 54.02
C ILE I 144 19.59 30.81 54.02
N ALA I 145 18.72 31.81 54.01
CA ALA I 145 19.16 33.19 54.02
C ALA I 145 19.79 33.54 55.37
N LEU I 146 20.85 34.36 55.32
CA LEU I 146 21.58 34.73 56.53
C LEU I 146 20.89 35.92 57.20
N THR I 147 19.75 35.63 57.83
CA THR I 147 18.93 36.64 58.46
C THR I 147 19.18 36.77 59.95
N ASP I 148 19.85 35.80 60.57
CA ASP I 148 20.14 35.84 61.99
C ASP I 148 21.56 35.32 62.20
N ASN I 149 22.24 35.87 63.22
CA ASN I 149 23.60 35.44 63.51
C ASN I 149 23.65 34.00 64.01
N ALA I 150 22.56 33.51 64.61
CA ALA I 150 22.55 32.16 65.15
C ALA I 150 22.66 31.11 64.06
N LEU I 151 22.35 31.48 62.82
CA LEU I 151 22.52 30.54 61.71
C LEU I 151 23.99 30.33 61.38
N ILE I 152 24.79 31.38 61.52
CA ILE I 152 26.23 31.25 61.28
C ILE I 152 26.90 30.55 62.45
N ALA I 153 26.51 30.89 63.67
CA ALA I 153 27.17 30.34 64.84
C ALA I 153 26.95 28.84 64.98
N ARG I 154 25.75 28.37 64.64
CA ARG I 154 25.47 26.95 64.78
C ARG I 154 26.21 26.11 63.75
N SER I 155 26.60 26.69 62.62
CA SER I 155 27.32 25.96 61.59
C SER I 155 28.81 26.21 61.61
N LEU I 156 29.24 27.40 62.02
CA LEU I 156 30.64 27.76 61.97
C LEU I 156 31.21 28.21 63.29
N GLY I 157 30.47 28.11 64.39
CA GLY I 157 30.97 28.59 65.66
C GLY I 157 32.14 27.79 66.19
N LYS I 158 32.25 26.53 65.79
CA LYS I 158 33.39 25.72 66.20
C LYS I 158 34.69 26.23 65.61
N TYR I 159 34.62 27.04 64.55
CA TYR I 159 35.79 27.67 63.96
C TYR I 159 36.01 29.09 64.47
N GLY I 160 35.18 29.56 65.40
CA GLY I 160 35.26 30.91 65.90
C GLY I 160 34.43 31.92 65.14
N ILE I 161 33.78 31.54 64.05
CA ILE I 161 32.96 32.44 63.26
C ILE I 161 31.54 32.37 63.80
N ILE I 162 31.05 33.48 64.36
CA ILE I 162 29.76 33.50 65.05
C ILE I 162 28.87 34.64 64.61
N CYS I 163 29.28 35.45 63.63
CA CYS I 163 28.47 36.57 63.20
C CYS I 163 28.76 36.87 61.74
N MET I 164 27.98 37.80 61.19
CA MET I 164 28.22 38.27 59.82
C MET I 164 29.61 38.89 59.69
N GLU I 165 30.02 39.65 60.70
CA GLU I 165 31.33 40.30 60.65
C GLU I 165 32.45 39.29 60.65
N ASP I 166 32.34 38.22 61.44
CA ASP I 166 33.35 37.18 61.44
C ASP I 166 33.41 36.48 60.09
N LEU I 167 32.26 36.24 59.48
CA LEU I 167 32.23 35.63 58.16
C LEU I 167 32.88 36.52 57.12
N ILE I 168 32.64 37.83 57.21
CA ILE I 168 33.25 38.77 56.27
C ILE I 168 34.75 38.86 56.50
N HIS I 169 35.17 38.88 57.75
CA HIS I 169 36.60 38.95 58.06
C HIS I 169 37.33 37.71 57.56
N GLU I 170 36.70 36.55 57.64
CA GLU I 170 37.36 35.34 57.19
C GLU I 170 37.46 35.30 55.67
N ILE I 171 36.45 35.81 54.98
CA ILE I 171 36.48 35.83 53.53
C ILE I 171 37.49 36.85 53.02
N TYR I 172 37.44 38.07 53.56
CA TYR I 172 38.30 39.14 53.08
C TYR I 172 39.76 38.84 53.36
N THR I 173 40.13 38.76 54.63
CA THR I 173 41.45 38.30 55.01
C THR I 173 41.40 36.79 55.03
N VAL I 174 42.02 36.15 54.04
CA VAL I 174 41.84 34.72 53.85
C VAL I 174 42.46 34.00 55.04
N GLY I 175 41.60 33.52 55.94
CA GLY I 175 42.01 33.02 57.22
C GLY I 175 42.35 31.54 57.20
N LYS I 176 42.54 30.99 58.40
CA LYS I 176 42.80 29.57 58.54
C LYS I 176 41.62 28.74 58.07
N ARG I 177 40.41 29.22 58.32
CA ARG I 177 39.19 28.46 58.05
C ARG I 177 38.43 29.04 56.87
N PHE I 178 39.15 29.50 55.84
CA PHE I 178 38.49 30.07 54.68
C PHE I 178 37.67 29.02 53.95
N LYS I 179 38.20 27.80 53.83
CA LYS I 179 37.51 26.76 53.09
C LYS I 179 36.15 26.44 53.71
N GLU I 180 36.10 26.35 55.04
CA GLU I 180 34.85 26.04 55.70
C GLU I 180 33.86 27.21 55.61
N ALA I 181 34.35 28.43 55.80
CA ALA I 181 33.47 29.59 55.73
C ALA I 181 33.01 29.85 54.32
N ASN I 182 33.88 29.63 53.33
CA ASN I 182 33.47 29.85 51.94
C ASN I 182 32.51 28.78 51.47
N ASN I 183 32.76 27.52 51.80
CA ASN I 183 31.85 26.46 51.40
C ASN I 183 30.53 26.54 52.14
N PHE I 184 30.50 27.15 53.31
CA PHE I 184 29.25 27.39 54.00
C PHE I 184 28.35 28.31 53.20
N LEU I 185 28.93 29.30 52.52
CA LEU I 185 28.16 30.22 51.69
C LEU I 185 27.67 29.51 50.44
N TRP I 186 26.37 29.55 50.21
CA TRP I 186 25.83 29.14 48.94
C TRP I 186 26.35 30.09 47.86
N PRO I 187 26.74 29.57 46.70
CA PRO I 187 27.27 30.45 45.66
C PRO I 187 26.26 31.51 45.24
N PHE I 188 26.75 32.71 45.02
CA PHE I 188 25.90 33.89 44.93
C PHE I 188 25.12 33.89 43.62
N LYS I 189 23.82 34.12 43.72
CA LYS I 189 22.94 34.16 42.57
C LYS I 189 22.73 35.64 42.22
N LEU I 190 23.54 36.13 41.31
CA LEU I 190 23.54 37.53 40.94
C LEU I 190 22.62 37.77 39.75
N SER I 191 22.21 39.02 39.59
CA SER I 191 21.34 39.40 38.49
C SER I 191 22.16 39.62 37.23
N SER I 192 21.49 39.98 36.15
CA SER I 192 22.20 40.39 34.95
C SER I 192 22.91 41.71 35.20
N PRO I 193 24.01 41.97 34.51
CA PRO I 193 24.72 43.23 34.72
C PRO I 193 23.93 44.43 34.20
N ARG I 194 23.45 45.27 35.10
CA ARG I 194 22.72 46.45 34.70
C ARG I 194 23.64 47.39 33.94
N GLY I 195 23.19 47.85 32.78
CA GLY I 195 24.04 48.58 31.87
C GLY I 195 24.70 47.71 30.81
N GLY I 196 24.54 46.41 30.90
CA GLY I 196 25.03 45.51 29.88
C GLY I 196 26.49 45.17 30.04
N MET I 197 26.94 44.23 29.22
CA MET I 197 28.34 43.84 29.11
C MET I 197 28.95 44.47 27.87
N LYS I 198 30.27 44.42 27.79
CA LYS I 198 30.94 44.87 26.58
C LYS I 198 30.87 43.79 25.50
N LYS I 199 31.48 42.63 25.78
CA LYS I 199 31.46 41.51 24.84
C LYS I 199 31.81 40.27 25.64
N LYS I 200 30.85 39.38 25.84
CA LYS I 200 31.13 38.22 26.68
C LYS I 200 31.99 37.18 26.01
N THR I 201 32.18 37.26 24.69
CA THR I 201 32.87 36.22 23.96
C THR I 201 34.36 36.45 23.80
N THR I 202 34.89 37.57 24.26
CA THR I 202 36.31 37.85 24.18
C THR I 202 36.85 38.19 25.56
N HIS I 203 38.17 38.30 25.65
CA HIS I 203 38.84 38.61 26.90
C HIS I 203 38.67 40.08 27.26
N PHE I 204 38.81 40.37 28.55
CA PHE I 204 38.67 41.74 29.03
C PHE I 204 39.71 42.67 28.43
N VAL I 205 40.96 42.21 28.31
CA VAL I 205 42.02 43.07 27.79
C VAL I 205 41.87 43.35 26.30
N GLU I 206 41.02 42.61 25.60
CA GLU I 206 40.76 42.88 24.19
C GLU I 206 39.34 43.41 23.98
N GLY I 207 38.85 44.21 24.91
CA GLY I 207 37.57 44.89 24.77
C GLY I 207 36.36 44.07 25.16
N GLY I 208 36.54 42.93 25.79
CA GLY I 208 35.41 42.08 26.13
C GLY I 208 35.13 41.99 27.60
N ASP I 209 34.73 40.81 28.07
CA ASP I 209 34.38 40.63 29.47
C ASP I 209 35.02 39.41 30.12
N ALA I 210 35.53 38.45 29.36
CA ALA I 210 36.08 37.24 29.95
C ALA I 210 37.46 37.52 30.56
N GLY I 211 37.90 36.60 31.39
CA GLY I 211 39.24 36.66 31.93
C GLY I 211 39.35 37.50 33.18
N ASN I 212 40.60 37.75 33.55
CA ASN I 212 40.95 38.45 34.79
C ASN I 212 41.03 39.94 34.52
N ARG I 213 39.99 40.66 34.90
CA ARG I 213 40.09 42.10 35.12
C ARG I 213 40.53 42.29 36.57
N GLU I 214 41.61 43.05 36.77
CA GLU I 214 42.32 42.96 38.04
C GLU I 214 41.44 43.41 39.19
N ASP I 215 41.11 44.69 39.25
CA ASP I 215 40.26 45.21 40.31
C ASP I 215 39.01 45.87 39.76
N GLN I 216 38.79 45.77 38.46
CA GLN I 216 37.55 46.22 37.85
C GLN I 216 36.40 45.26 38.08
N ILE I 217 36.64 44.15 38.77
CA ILE I 217 35.56 43.27 39.17
C ILE I 217 34.60 43.97 40.11
N ASN I 218 35.06 45.01 40.81
CA ASN I 218 34.17 45.73 41.73
C ASN I 218 33.18 46.57 40.96
N ARG I 219 33.59 47.16 39.85
CA ARG I 219 32.64 47.85 38.99
C ARG I 219 31.59 46.89 38.46
N LEU I 220 32.02 45.68 38.10
CA LEU I 220 31.08 44.67 37.64
C LEU I 220 30.13 44.26 38.75
N ILE I 221 30.64 44.12 39.97
CA ILE I 221 29.83 43.65 41.08
C ILE I 221 28.72 44.65 41.43
N ARG I 222 29.03 45.95 41.40
CA ARG I 222 28.03 46.95 41.72
C ARG I 222 26.85 46.88 40.77
N ARG I 223 27.13 46.68 39.48
CA ARG I 223 26.06 46.52 38.50
C ARG I 223 25.42 45.15 38.54
N MET I 224 26.09 44.16 39.14
CA MET I 224 25.66 42.78 39.01
C MET I 224 24.68 42.38 40.10
N ASN I 225 24.88 42.85 41.32
CA ASN I 225 23.88 42.64 42.36
C ASN I 225 23.19 43.93 42.75
N LYS J 1 -38.31 -108.68 -58.46
CA LYS J 1 -39.18 -108.93 -59.60
C LYS J 1 -40.27 -107.87 -59.71
N VAL J 2 -40.77 -107.42 -58.56
CA VAL J 2 -41.81 -106.43 -58.48
C VAL J 2 -41.22 -105.07 -58.09
N VAL J 3 -39.90 -104.95 -58.11
CA VAL J 3 -39.24 -103.73 -57.68
C VAL J 3 -39.57 -102.58 -58.63
N ASN J 4 -39.90 -101.43 -58.06
CA ASN J 4 -40.23 -100.26 -58.84
C ASN J 4 -39.00 -99.77 -59.59
N PRO J 5 -39.05 -99.61 -60.91
CA PRO J 5 -37.88 -99.12 -61.64
C PRO J 5 -37.46 -97.72 -61.24
N LEU J 6 -38.35 -96.95 -60.62
CA LEU J 6 -38.03 -95.59 -60.21
C LEU J 6 -37.05 -95.54 -59.05
N PHE J 7 -36.93 -96.62 -58.29
CA PHE J 7 -36.02 -96.63 -57.16
C PHE J 7 -34.59 -96.78 -57.63
N GLU J 8 -33.69 -95.98 -57.06
CA GLU J 8 -32.29 -96.03 -57.46
C GLU J 8 -31.42 -95.61 -56.30
N LYS J 9 -30.16 -96.03 -56.35
CA LYS J 9 -29.16 -95.56 -55.41
C LYS J 9 -28.68 -94.18 -55.81
N ARG J 10 -28.52 -93.31 -54.82
CA ARG J 10 -28.05 -91.95 -55.04
C ARG J 10 -26.87 -91.68 -54.12
N PRO J 11 -25.74 -92.35 -54.35
CA PRO J 11 -24.62 -92.24 -53.42
C PRO J 11 -23.96 -90.88 -53.52
N LYS J 12 -23.62 -90.32 -52.36
CA LYS J 12 -22.89 -89.07 -52.30
C LYS J 12 -21.48 -89.36 -51.83
N ASN J 13 -20.50 -88.88 -52.58
CA ASN J 13 -19.11 -89.04 -52.18
C ASN J 13 -18.68 -87.83 -51.38
N PHE J 14 -18.01 -88.08 -50.26
CA PHE J 14 -17.63 -87.04 -49.32
C PHE J 14 -16.17 -86.64 -49.48
N GLY J 15 -15.66 -86.68 -50.70
CA GLY J 15 -14.33 -86.19 -50.97
C GLY J 15 -14.25 -84.69 -50.80
N ILE J 16 -13.01 -84.19 -50.75
CA ILE J 16 -12.78 -82.76 -50.57
C ILE J 16 -13.34 -82.01 -51.76
N GLY J 17 -14.09 -80.94 -51.48
CA GLY J 17 -14.68 -80.13 -52.51
C GLY J 17 -15.95 -80.67 -53.10
N GLN J 18 -16.31 -81.91 -52.77
CA GLN J 18 -17.51 -82.57 -53.25
C GLN J 18 -18.65 -82.34 -52.27
N ASP J 19 -19.68 -83.20 -52.33
CA ASP J 19 -20.83 -83.12 -51.42
C ASP J 19 -20.37 -82.92 -49.97
N ILE J 20 -21.14 -82.12 -49.23
CA ILE J 20 -20.69 -81.67 -47.92
C ILE J 20 -20.66 -82.84 -46.95
N GLN J 21 -19.88 -82.67 -45.88
CA GLN J 21 -19.60 -83.77 -44.97
C GLN J 21 -20.82 -84.14 -44.15
N PRO J 22 -20.97 -85.42 -43.81
CA PRO J 22 -22.08 -85.82 -42.96
C PRO J 22 -21.87 -85.39 -41.52
N LYS J 23 -22.96 -85.37 -40.77
CA LYS J 23 -22.90 -85.02 -39.35
C LYS J 23 -22.32 -86.20 -38.58
N ARG J 24 -21.00 -86.24 -38.46
CA ARG J 24 -20.32 -87.34 -37.79
C ARG J 24 -20.00 -86.97 -36.35
N ASP J 25 -19.41 -87.91 -35.63
CA ASP J 25 -19.07 -87.71 -34.23
C ASP J 25 -17.87 -86.76 -34.10
N LEU J 26 -18.03 -85.74 -33.25
CA LEU J 26 -16.99 -84.74 -33.05
C LEU J 26 -16.60 -84.63 -31.57
N THR J 27 -16.86 -85.68 -30.79
CA THR J 27 -16.61 -85.62 -29.35
C THR J 27 -15.15 -85.31 -29.04
N ARG J 28 -14.23 -85.84 -29.85
CA ARG J 28 -12.83 -85.54 -29.63
C ARG J 28 -12.47 -84.09 -29.91
N PHE J 29 -13.34 -83.35 -30.60
CA PHE J 29 -13.01 -82.01 -31.06
C PHE J 29 -13.97 -80.98 -30.48
N VAL J 30 -14.60 -81.30 -29.39
CA VAL J 30 -15.60 -80.42 -28.79
C VAL J 30 -14.88 -79.41 -27.91
N LYS J 31 -15.26 -78.14 -28.04
CA LYS J 31 -14.85 -77.12 -27.09
C LYS J 31 -15.59 -77.37 -25.78
N TRP J 32 -14.90 -78.00 -24.84
CA TRP J 32 -15.52 -78.44 -23.60
C TRP J 32 -15.55 -77.31 -22.58
N PRO J 33 -16.46 -77.39 -21.61
CA PRO J 33 -16.45 -76.41 -20.52
C PRO J 33 -15.18 -76.50 -19.69
N ARG J 34 -14.87 -75.41 -18.99
CA ARG J 34 -13.61 -75.33 -18.27
C ARG J 34 -13.50 -76.38 -17.18
N TYR J 35 -14.62 -76.75 -16.54
CA TYR J 35 -14.55 -77.73 -15.47
C TYR J 35 -14.30 -79.13 -16.02
N ILE J 36 -14.77 -79.41 -17.24
CA ILE J 36 -14.50 -80.70 -17.85
C ILE J 36 -13.05 -80.75 -18.33
N ARG J 37 -12.55 -79.66 -18.90
CA ARG J 37 -11.16 -79.60 -19.31
C ARG J 37 -10.23 -79.73 -18.11
N LEU J 38 -10.59 -79.10 -16.99
CA LEU J 38 -9.74 -79.14 -15.82
C LEU J 38 -9.65 -80.53 -15.24
N GLN J 39 -10.78 -81.23 -15.12
CA GLN J 39 -10.74 -82.55 -14.49
C GLN J 39 -10.11 -83.58 -15.42
N ARG J 40 -10.20 -83.38 -16.73
CA ARG J 40 -9.53 -84.28 -17.66
C ARG J 40 -8.04 -84.02 -17.73
N GLN J 41 -7.63 -82.75 -17.64
CA GLN J 41 -6.22 -82.45 -17.66
C GLN J 41 -5.54 -82.87 -16.35
N ARG J 42 -6.30 -82.89 -15.25
CA ARG J 42 -5.74 -83.37 -13.99
C ARG J 42 -5.43 -84.86 -14.06
N ALA J 43 -6.28 -85.63 -14.74
CA ALA J 43 -5.99 -87.04 -14.93
C ALA J 43 -4.73 -87.24 -15.76
N ILE J 44 -4.55 -86.42 -16.80
CA ILE J 44 -3.37 -86.51 -17.63
C ILE J 44 -2.13 -86.12 -16.85
N LEU J 45 -2.25 -85.13 -15.97
CA LEU J 45 -1.10 -84.70 -15.17
C LEU J 45 -0.66 -85.79 -14.22
N TYR J 46 -1.58 -86.59 -13.72
CA TYR J 46 -1.20 -87.68 -12.83
C TYR J 46 -0.49 -88.80 -13.56
N LYS J 47 -0.49 -88.78 -14.89
CA LYS J 47 0.28 -89.73 -15.68
C LYS J 47 1.56 -89.14 -16.23
N ARG J 48 1.61 -87.83 -16.45
CA ARG J 48 2.84 -87.20 -16.91
C ARG J 48 3.90 -87.18 -15.81
N LEU J 49 3.51 -86.75 -14.61
CA LEU J 49 4.46 -86.45 -13.56
C LEU J 49 4.92 -87.73 -12.88
N LYS J 50 5.96 -87.60 -12.07
CA LYS J 50 6.44 -88.71 -11.26
C LYS J 50 5.69 -88.71 -9.94
N VAL J 51 4.84 -89.71 -9.74
CA VAL J 51 4.02 -89.75 -8.54
C VAL J 51 4.79 -90.47 -7.44
N PRO J 52 4.97 -89.85 -6.28
CA PRO J 52 5.70 -90.51 -5.20
C PRO J 52 4.98 -91.77 -4.76
N PRO J 53 5.72 -92.77 -4.27
CA PRO J 53 5.08 -94.04 -3.91
C PRO J 53 4.02 -93.93 -2.83
N ALA J 54 4.12 -92.92 -1.96
CA ALA J 54 3.10 -92.73 -0.94
C ALA J 54 1.74 -92.40 -1.56
N ILE J 55 1.74 -91.73 -2.70
CA ILE J 55 0.50 -91.46 -3.40
C ILE J 55 0.21 -92.51 -4.46
N ASN J 56 1.26 -93.10 -5.04
CA ASN J 56 1.05 -94.11 -6.08
C ASN J 56 0.53 -95.42 -5.53
N GLN J 57 0.69 -95.68 -4.24
CA GLN J 57 0.26 -96.95 -3.68
C GLN J 57 -1.24 -97.15 -3.73
N PHE J 58 -2.01 -96.06 -3.83
CA PHE J 58 -3.46 -96.17 -3.85
C PHE J 58 -3.99 -96.55 -5.22
N THR J 59 -3.14 -96.59 -6.24
CA THR J 59 -3.54 -97.15 -7.53
C THR J 59 -3.63 -98.67 -7.49
N GLN J 60 -2.84 -99.31 -6.64
CA GLN J 60 -2.96 -100.75 -6.42
C GLN J 60 -4.18 -101.00 -5.55
N ALA J 61 -5.30 -101.29 -6.19
CA ALA J 61 -6.52 -101.61 -5.48
C ALA J 61 -6.78 -103.11 -5.57
N LEU J 62 -7.73 -103.57 -4.77
CA LEU J 62 -8.10 -104.98 -4.79
C LEU J 62 -8.72 -105.34 -6.14
N ASP J 63 -8.51 -106.58 -6.56
CA ASP J 63 -9.17 -107.06 -7.75
C ASP J 63 -10.67 -107.20 -7.50
N ARG J 64 -11.43 -107.26 -8.61
CA ARG J 64 -12.88 -107.29 -8.50
C ARG J 64 -13.38 -108.50 -7.74
N GLN J 65 -12.72 -109.65 -7.92
CA GLN J 65 -13.14 -110.86 -7.24
C GLN J 65 -12.96 -110.74 -5.73
N THR J 66 -11.76 -110.32 -5.30
CA THR J 66 -11.48 -110.20 -3.87
C THR J 66 -12.32 -109.11 -3.23
N ALA J 67 -12.47 -107.96 -3.91
CA ALA J 67 -13.28 -106.89 -3.37
C ALA J 67 -14.74 -107.29 -3.22
N THR J 68 -15.18 -108.28 -4.00
CA THR J 68 -16.54 -108.77 -3.86
C THR J 68 -16.69 -109.63 -2.60
N GLN J 69 -15.72 -110.51 -2.33
CA GLN J 69 -15.79 -111.29 -1.09
C GLN J 69 -15.65 -110.39 0.12
N LEU J 70 -14.82 -109.34 0.01
CA LEU J 70 -14.61 -108.44 1.14
C LEU J 70 -15.88 -107.65 1.47
N LEU J 71 -16.53 -107.10 0.45
CA LEU J 71 -17.75 -106.33 0.70
C LEU J 71 -18.92 -107.22 1.08
N LYS J 72 -18.96 -108.44 0.55
CA LYS J 72 -20.03 -109.35 0.92
C LYS J 72 -19.93 -109.73 2.40
N LEU J 73 -18.71 -109.96 2.89
CA LEU J 73 -18.51 -110.13 4.32
C LEU J 73 -18.83 -108.86 5.08
N ALA J 74 -18.39 -107.72 4.57
CA ALA J 74 -18.62 -106.45 5.24
C ALA J 74 -20.09 -106.06 5.28
N HIS J 75 -20.92 -106.64 4.42
CA HIS J 75 -22.35 -106.40 4.50
C HIS J 75 -22.98 -106.98 5.75
N LYS J 76 -22.35 -107.97 6.36
CA LYS J 76 -22.92 -108.61 7.54
C LYS J 76 -22.67 -107.81 8.81
N TYR J 77 -21.87 -106.76 8.76
CA TYR J 77 -21.49 -106.01 9.95
C TYR J 77 -21.72 -104.52 9.76
N ARG J 78 -22.71 -104.16 8.96
CA ARG J 78 -22.99 -102.77 8.71
C ARG J 78 -23.50 -102.10 9.99
N PRO J 79 -23.18 -100.84 10.21
CA PRO J 79 -23.75 -100.13 11.36
C PRO J 79 -25.26 -100.05 11.23
N GLU J 80 -25.92 -100.11 12.38
CA GLU J 80 -27.38 -100.05 12.39
C GLU J 80 -27.86 -98.66 12.00
N THR J 81 -28.97 -98.63 11.27
CA THR J 81 -29.53 -97.38 10.76
C THR J 81 -30.25 -96.64 11.88
N LYS J 82 -30.78 -95.47 11.54
CA LYS J 82 -31.53 -94.70 12.53
C LYS J 82 -32.83 -95.40 12.90
N GLN J 83 -33.49 -96.04 11.93
CA GLN J 83 -34.77 -96.68 12.17
C GLN J 83 -34.63 -97.88 13.09
N GLU J 84 -33.68 -98.77 12.78
CA GLU J 84 -33.53 -99.97 13.58
C GLU J 84 -32.82 -99.71 14.90
N LYS J 85 -32.17 -98.55 15.06
CA LYS J 85 -31.74 -98.15 16.39
C LYS J 85 -32.93 -97.74 17.24
N LYS J 86 -33.88 -97.02 16.64
CA LYS J 86 -35.10 -96.67 17.36
C LYS J 86 -35.86 -97.92 17.77
N GLN J 87 -35.96 -98.90 16.88
CA GLN J 87 -36.65 -100.14 17.21
C GLN J 87 -35.93 -100.89 18.31
N ARG J 88 -34.59 -100.91 18.27
CA ARG J 88 -33.82 -101.58 19.30
C ARG J 88 -33.94 -100.86 20.64
N LEU J 89 -33.89 -99.52 20.61
CA LEU J 89 -33.98 -98.74 21.84
C LEU J 89 -35.35 -98.87 22.48
N LEU J 90 -36.41 -98.84 21.67
CA LEU J 90 -37.77 -99.01 22.22
C LEU J 90 -37.93 -100.39 22.84
N ALA J 91 -37.34 -101.42 22.21
CA ALA J 91 -37.40 -102.77 22.77
C ALA J 91 -36.68 -102.84 24.11
N ARG J 92 -35.54 -102.14 24.23
CA ARG J 92 -34.85 -102.08 25.51
C ARG J 92 -35.70 -101.39 26.57
N ALA J 93 -36.40 -100.31 26.18
CA ALA J 93 -37.29 -99.64 27.12
C ALA J 93 -38.44 -100.54 27.53
N GLU J 94 -39.01 -101.28 26.59
CA GLU J 94 -40.08 -102.22 26.92
C GLU J 94 -39.57 -103.36 27.80
N LYS J 95 -38.39 -103.90 27.47
CA LYS J 95 -37.82 -104.99 28.26
C LYS J 95 -37.39 -104.52 29.65
N LYS J 96 -36.83 -103.32 29.74
CA LYS J 96 -36.46 -102.78 31.04
C LYS J 96 -37.69 -102.54 31.91
N ALA J 97 -38.78 -102.07 31.30
CA ALA J 97 -40.01 -101.88 32.06
C ALA J 97 -40.55 -103.20 32.59
N ALA J 98 -40.50 -104.25 31.77
CA ALA J 98 -40.99 -105.56 32.19
C ALA J 98 -40.28 -106.62 31.36
N GLY J 99 -39.42 -107.41 31.99
CA GLY J 99 -39.03 -107.27 33.38
C GLY J 99 -37.59 -107.66 33.62
N LYS J 100 -36.81 -107.78 32.54
CA LYS J 100 -35.45 -108.29 32.65
C LYS J 100 -34.52 -107.28 33.32
N GLY J 101 -34.59 -106.02 32.90
CA GLY J 101 -33.76 -104.99 33.52
C GLY J 101 -32.75 -104.35 32.58
N ASP J 102 -31.47 -104.43 32.96
CA ASP J 102 -30.43 -103.81 32.15
C ASP J 102 -30.25 -104.55 30.83
N VAL J 103 -29.89 -105.83 30.91
CA VAL J 103 -29.78 -106.73 29.76
C VAL J 103 -28.87 -106.16 28.68
N PRO J 104 -27.55 -106.18 28.86
CA PRO J 104 -26.65 -105.74 27.78
C PRO J 104 -26.83 -106.52 26.49
N THR J 105 -27.09 -107.82 26.58
CA THR J 105 -27.43 -108.69 25.44
C THR J 105 -26.35 -108.67 24.36
N LYS J 106 -25.08 -108.59 24.79
CA LYS J 106 -23.94 -108.86 23.90
C LYS J 106 -23.93 -107.95 22.68
N ARG J 107 -23.62 -106.66 22.88
CA ARG J 107 -23.46 -105.70 21.81
C ARG J 107 -22.68 -106.32 20.65
N PRO J 108 -23.30 -106.48 19.48
CA PRO J 108 -22.72 -107.33 18.44
C PRO J 108 -21.53 -106.66 17.79
N PRO J 109 -20.66 -107.42 17.13
CA PRO J 109 -19.58 -106.82 16.36
C PRO J 109 -20.13 -105.94 15.24
N VAL J 110 -19.46 -104.82 15.00
CA VAL J 110 -19.90 -103.85 14.00
C VAL J 110 -18.67 -103.33 13.27
N LEU J 111 -18.90 -102.82 12.08
CA LEU J 111 -17.84 -102.28 11.24
C LEU J 111 -17.51 -100.87 11.69
N ARG J 112 -16.29 -100.64 12.16
CA ARG J 112 -15.87 -99.31 12.59
C ARG J 112 -15.46 -98.49 11.38
N ALA J 113 -15.93 -97.24 11.33
CA ALA J 113 -15.74 -96.40 10.16
C ALA J 113 -15.21 -95.03 10.58
N GLY J 114 -14.53 -94.39 9.63
CA GLY J 114 -13.95 -93.08 9.86
C GLY J 114 -12.45 -93.13 10.07
N VAL J 115 -11.72 -92.21 9.45
CA VAL J 115 -10.26 -92.30 9.49
C VAL J 115 -9.72 -92.05 10.89
N ASN J 116 -10.37 -91.17 11.65
CA ASN J 116 -9.93 -90.93 13.02
C ASN J 116 -10.21 -92.12 13.92
N THR J 117 -11.37 -92.75 13.75
CA THR J 117 -11.68 -93.94 14.52
C THR J 117 -10.75 -95.09 14.17
N VAL J 118 -10.52 -95.29 12.87
CA VAL J 118 -9.73 -96.43 12.42
C VAL J 118 -8.27 -96.25 12.83
N THR J 119 -7.77 -95.02 12.79
CA THR J 119 -6.37 -94.75 13.14
C THR J 119 -6.10 -95.13 14.59
N THR J 120 -7.00 -94.80 15.50
CA THR J 120 -6.82 -95.15 16.90
C THR J 120 -6.87 -96.66 17.09
N LEU J 121 -7.75 -97.35 16.36
CA LEU J 121 -7.82 -98.80 16.45
C LEU J 121 -6.53 -99.45 15.97
N VAL J 122 -5.96 -98.94 14.87
CA VAL J 122 -4.69 -99.45 14.38
C VAL J 122 -3.59 -99.20 15.39
N GLU J 123 -3.57 -98.00 15.97
CA GLU J 123 -2.54 -97.67 16.96
C GLU J 123 -2.66 -98.52 18.21
N ASN J 124 -3.87 -99.00 18.51
CA ASN J 124 -4.09 -99.87 19.65
C ASN J 124 -4.03 -101.34 19.29
N LYS J 125 -3.75 -101.67 18.04
CA LYS J 125 -3.72 -103.05 17.54
C LYS J 125 -5.05 -103.76 17.79
N LYS J 126 -6.15 -103.03 17.72
CA LYS J 126 -7.47 -103.62 17.91
C LYS J 126 -8.15 -103.97 16.59
N ALA J 127 -7.70 -103.41 15.49
CA ALA J 127 -8.29 -103.71 14.19
C ALA J 127 -7.71 -105.00 13.64
N GLN J 128 -8.59 -105.83 13.07
CA GLN J 128 -8.15 -107.06 12.42
C GLN J 128 -7.91 -106.90 10.94
N LEU J 129 -8.60 -105.95 10.31
CA LEU J 129 -8.47 -105.69 8.89
C LEU J 129 -8.93 -104.28 8.62
N VAL J 130 -8.14 -103.56 7.84
CA VAL J 130 -8.40 -102.16 7.51
C VAL J 130 -8.59 -102.05 6.02
N VAL J 131 -9.67 -101.40 5.60
CA VAL J 131 -9.99 -101.21 4.20
C VAL J 131 -9.95 -99.72 3.92
N ILE J 132 -9.14 -99.32 2.95
CA ILE J 132 -8.92 -97.91 2.63
C ILE J 132 -9.43 -97.65 1.23
N ALA J 133 -10.22 -96.59 1.07
CA ALA J 133 -10.66 -96.18 -0.24
C ALA J 133 -9.48 -95.63 -1.04
N HIS J 134 -9.54 -95.79 -2.35
CA HIS J 134 -8.44 -95.37 -3.20
C HIS J 134 -8.57 -93.95 -3.73
N ASP J 135 -9.70 -93.28 -3.52
CA ASP J 135 -9.93 -92.00 -4.16
C ASP J 135 -10.29 -90.88 -3.20
N VAL J 136 -9.61 -90.81 -2.05
CA VAL J 136 -9.82 -89.71 -1.12
C VAL J 136 -9.24 -88.44 -1.73
N ASP J 137 -10.12 -87.47 -2.04
CA ASP J 137 -9.70 -86.31 -2.84
C ASP J 137 -8.67 -85.43 -2.13
N PRO J 138 -8.87 -85.04 -0.87
CA PRO J 138 -7.71 -84.52 -0.12
C PRO J 138 -6.82 -85.67 0.31
N ILE J 139 -5.88 -86.07 -0.54
CA ILE J 139 -5.14 -87.28 -0.23
C ILE J 139 -4.01 -86.91 0.71
N GLU J 140 -4.39 -86.66 1.95
CA GLU J 140 -3.52 -86.59 3.12
C GLU J 140 -4.15 -87.29 4.30
N LEU J 141 -5.44 -87.57 4.24
CA LEU J 141 -6.16 -88.24 5.31
C LEU J 141 -5.74 -89.70 5.46
N VAL J 142 -5.21 -90.31 4.40
CA VAL J 142 -4.97 -91.75 4.42
C VAL J 142 -3.59 -92.13 3.92
N VAL J 143 -2.74 -91.15 3.58
CA VAL J 143 -1.44 -91.51 3.03
C VAL J 143 -0.57 -92.20 4.08
N PHE J 144 -0.77 -91.86 5.36
CA PHE J 144 -0.01 -92.51 6.42
C PHE J 144 -0.56 -93.86 6.80
N LEU J 145 -1.80 -94.16 6.44
CA LEU J 145 -2.44 -95.39 6.92
C LEU J 145 -1.79 -96.67 6.43
N PRO J 146 -1.42 -96.84 5.16
CA PRO J 146 -0.69 -98.05 4.79
C PRO J 146 0.59 -98.25 5.58
N ALA J 147 1.33 -97.17 5.81
CA ALA J 147 2.56 -97.29 6.58
C ALA J 147 2.28 -97.53 8.05
N LEU J 148 1.26 -96.87 8.58
CA LEU J 148 0.90 -97.06 9.98
C LEU J 148 0.36 -98.47 10.21
N CYS J 149 -0.46 -98.98 9.29
CA CYS J 149 -0.98 -100.32 9.45
C CYS J 149 0.12 -101.37 9.38
N ARG J 150 1.06 -101.19 8.45
CA ARG J 150 2.16 -102.12 8.31
C ARG J 150 3.06 -102.09 9.55
N LYS J 151 3.30 -100.90 10.09
CA LYS J 151 4.11 -100.78 11.30
C LYS J 151 3.46 -101.48 12.47
N MET J 152 2.15 -101.34 12.62
CA MET J 152 1.44 -101.95 13.73
C MET J 152 1.05 -103.39 13.48
N GLY J 153 1.31 -103.89 12.27
CA GLY J 153 1.07 -105.29 11.96
C GLY J 153 -0.33 -105.65 11.54
N VAL J 154 -1.22 -104.69 11.39
CA VAL J 154 -2.60 -105.00 11.00
C VAL J 154 -2.70 -105.07 9.48
N PRO J 155 -3.27 -106.14 8.93
CA PRO J 155 -3.41 -106.22 7.47
C PRO J 155 -4.32 -105.14 6.94
N TYR J 156 -3.96 -104.58 5.81
CA TYR J 156 -4.72 -103.51 5.19
C TYR J 156 -4.83 -103.77 3.70
N CYS J 157 -5.95 -103.37 3.12
CA CYS J 157 -6.15 -103.41 1.68
C CYS J 157 -6.65 -102.07 1.21
N ILE J 158 -6.48 -101.82 -0.08
CA ILE J 158 -7.01 -100.63 -0.73
C ILE J 158 -8.07 -101.08 -1.71
N ILE J 159 -9.25 -100.47 -1.64
CA ILE J 159 -10.39 -100.88 -2.44
C ILE J 159 -10.81 -99.72 -3.34
N LYS J 160 -11.49 -100.05 -4.42
CA LYS J 160 -11.97 -99.05 -5.37
C LYS J 160 -13.24 -98.41 -4.85
N GLY J 161 -13.22 -97.10 -4.66
CA GLY J 161 -14.42 -96.36 -4.39
C GLY J 161 -14.67 -96.02 -2.94
N LYS J 162 -14.62 -94.74 -2.60
CA LYS J 162 -15.10 -94.29 -1.30
C LYS J 162 -16.61 -94.30 -1.23
N ALA J 163 -17.29 -94.30 -2.38
CA ALA J 163 -18.74 -94.36 -2.39
C ALA J 163 -19.24 -95.74 -1.98
N ARG J 164 -18.50 -96.79 -2.35
CA ARG J 164 -18.88 -98.14 -1.90
C ARG J 164 -18.73 -98.28 -0.40
N LEU J 165 -17.69 -97.67 0.18
CA LEU J 165 -17.55 -97.69 1.63
C LEU J 165 -18.65 -96.87 2.29
N GLY J 166 -19.09 -95.80 1.64
CA GLY J 166 -20.18 -95.01 2.19
C GLY J 166 -21.48 -95.77 2.27
N ARG J 167 -21.77 -96.58 1.25
CA ARG J 167 -22.99 -97.39 1.27
C ARG J 167 -22.94 -98.44 2.36
N LEU J 168 -21.74 -98.86 2.76
CA LEU J 168 -21.61 -99.79 3.87
C LEU J 168 -22.09 -99.17 5.17
N VAL J 169 -21.86 -97.87 5.34
CA VAL J 169 -22.17 -97.18 6.58
C VAL J 169 -23.35 -96.22 6.40
N HIS J 170 -24.14 -96.40 5.34
CA HIS J 170 -25.35 -95.61 5.08
C HIS J 170 -25.05 -94.13 4.95
N ARG J 171 -23.92 -93.80 4.33
CA ARG J 171 -23.54 -92.42 4.13
C ARG J 171 -23.09 -92.26 2.69
N LYS J 172 -22.69 -91.04 2.34
CA LYS J 172 -22.27 -90.79 0.96
C LYS J 172 -20.86 -91.32 0.70
N THR J 173 -19.97 -91.19 1.68
CA THR J 173 -18.55 -91.41 1.49
C THR J 173 -17.93 -91.83 2.82
N CYS J 174 -16.99 -92.77 2.76
CA CYS J 174 -16.19 -93.13 3.92
C CYS J 174 -14.77 -93.39 3.46
N THR J 175 -13.79 -92.77 4.13
CA THR J 175 -12.40 -93.01 3.79
C THR J 175 -12.01 -94.45 4.08
N THR J 176 -12.24 -94.92 5.30
CA THR J 176 -11.78 -96.22 5.73
C THR J 176 -12.83 -96.89 6.60
N VAL J 177 -12.84 -98.21 6.58
CA VAL J 177 -13.57 -99.03 7.53
C VAL J 177 -12.61 -100.05 8.09
N ALA J 178 -12.87 -100.46 9.33
CA ALA J 178 -11.97 -101.37 10.02
C ALA J 178 -12.77 -102.55 10.58
N PHE J 179 -12.19 -103.73 10.50
CA PHE J 179 -12.79 -104.94 11.05
C PHE J 179 -12.18 -105.18 12.43
N THR J 180 -13.01 -105.05 13.47
CA THR J 180 -12.65 -105.50 14.80
C THR J 180 -13.05 -106.97 14.92
N GLN J 181 -13.16 -107.48 16.14
CA GLN J 181 -13.56 -108.87 16.35
C GLN J 181 -14.83 -109.19 15.57
N VAL J 182 -14.97 -110.46 15.18
CA VAL J 182 -15.95 -110.90 14.21
C VAL J 182 -16.66 -112.13 14.78
N ASN J 183 -17.85 -112.40 14.27
CA ASN J 183 -18.58 -113.59 14.70
C ASN J 183 -17.84 -114.86 14.29
N SER J 184 -18.09 -115.93 15.05
CA SER J 184 -17.33 -117.16 14.88
C SER J 184 -17.57 -117.78 13.50
N GLU J 185 -18.81 -117.71 13.01
CA GLU J 185 -19.11 -118.29 11.70
C GLU J 185 -18.44 -117.54 10.56
N ASP J 186 -17.94 -116.33 10.81
CA ASP J 186 -17.21 -115.58 9.81
C ASP J 186 -15.73 -115.49 10.09
N LYS J 187 -15.23 -116.18 11.12
CA LYS J 187 -13.80 -116.18 11.39
C LYS J 187 -13.04 -116.90 10.29
N GLY J 188 -13.60 -117.97 9.75
CA GLY J 188 -12.97 -118.63 8.62
C GLY J 188 -12.94 -117.76 7.39
N ALA J 189 -14.02 -117.04 7.12
CA ALA J 189 -14.06 -116.16 5.95
C ALA J 189 -13.09 -115.00 6.10
N LEU J 190 -13.03 -114.40 7.28
CA LEU J 190 -12.13 -113.26 7.49
C LEU J 190 -10.68 -113.69 7.39
N ALA J 191 -10.37 -114.90 7.85
CA ALA J 191 -9.00 -115.39 7.78
C ALA J 191 -8.53 -115.54 6.34
N LYS J 192 -9.42 -116.03 5.46
CA LYS J 192 -9.05 -116.18 4.05
C LYS J 192 -8.79 -114.83 3.41
N LEU J 193 -9.60 -113.82 3.75
CA LEU J 193 -9.37 -112.48 3.25
C LEU J 193 -8.05 -111.92 3.75
N VAL J 194 -7.78 -112.08 5.05
CA VAL J 194 -6.57 -111.52 5.63
C VAL J 194 -5.33 -112.17 5.04
N GLU J 195 -5.37 -113.47 4.78
CA GLU J 195 -4.21 -114.16 4.23
C GLU J 195 -3.85 -113.63 2.85
N ALA J 196 -4.85 -113.42 1.99
CA ALA J 196 -4.56 -112.90 0.65
C ALA J 196 -4.17 -111.44 0.71
N ILE J 197 -4.83 -110.65 1.56
CA ILE J 197 -4.54 -109.24 1.65
C ILE J 197 -3.14 -108.99 2.23
N ARG J 198 -2.74 -109.81 3.21
CA ARG J 198 -1.39 -109.69 3.75
C ARG J 198 -0.33 -109.97 2.70
N THR J 199 -0.60 -110.94 1.82
CA THR J 199 0.35 -111.28 0.76
C THR J 199 0.53 -110.12 -0.20
N ASN J 200 -0.55 -109.40 -0.51
CA ASN J 200 -0.49 -108.39 -1.56
C ASN J 200 -0.07 -107.03 -1.04
N TYR J 201 -0.26 -106.76 0.25
CA TYR J 201 -0.02 -105.41 0.77
C TYR J 201 1.06 -105.38 1.84
N ASN J 202 0.91 -106.15 2.92
CA ASN J 202 1.85 -106.05 4.02
C ASN J 202 3.18 -106.73 3.70
N ASP J 203 3.12 -107.89 3.05
CA ASP J 203 4.33 -108.66 2.83
C ASP J 203 5.23 -108.05 1.77
N ARG J 204 4.70 -107.23 0.87
CA ARG J 204 5.49 -106.58 -0.16
C ARG J 204 5.48 -105.07 0.01
N TYR J 205 5.40 -104.62 1.26
CA TYR J 205 5.45 -103.19 1.55
C TYR J 205 6.78 -102.57 1.19
N ASP J 206 7.84 -103.38 1.14
CA ASP J 206 9.17 -102.84 0.90
C ASP J 206 9.29 -102.23 -0.49
N GLU J 207 8.79 -102.93 -1.51
CA GLU J 207 8.82 -102.38 -2.86
C GLU J 207 7.59 -101.56 -3.21
N ILE J 208 6.56 -101.59 -2.37
CA ILE J 208 5.51 -100.59 -2.48
C ILE J 208 6.07 -99.21 -2.15
N ARG J 209 6.99 -99.15 -1.17
CA ARG J 209 7.61 -97.90 -0.77
C ARG J 209 8.45 -97.27 -1.86
N ARG J 210 8.89 -98.04 -2.84
CA ARG J 210 9.80 -97.53 -3.86
C ARG J 210 9.15 -97.42 -5.24
N HIS J 211 7.89 -97.81 -5.37
CA HIS J 211 7.26 -97.93 -6.68
C HIS J 211 6.67 -96.59 -7.07
N TRP J 212 7.43 -95.80 -7.83
CA TRP J 212 6.94 -94.52 -8.30
C TRP J 212 5.90 -94.71 -9.39
N GLY J 213 5.06 -93.70 -9.57
CA GLY J 213 3.99 -93.74 -10.54
C GLY J 213 4.14 -92.68 -11.61
N GLY J 214 3.23 -92.74 -12.58
CA GLY J 214 3.24 -91.77 -13.65
C GLY J 214 4.46 -91.91 -14.55
N ASN J 215 5.00 -90.77 -14.95
CA ASN J 215 6.17 -90.68 -15.84
C ASN J 215 5.92 -91.42 -17.16
N VAL J 216 4.73 -91.26 -17.71
CA VAL J 216 4.35 -91.85 -18.99
C VAL J 216 3.97 -90.74 -19.94
N LEU J 217 4.55 -90.74 -21.12
CA LEU J 217 4.25 -89.74 -22.12
C LEU J 217 2.94 -90.09 -22.85
N GLY J 218 2.44 -89.13 -23.61
CA GLY J 218 1.23 -89.32 -24.36
C GLY J 218 1.42 -90.25 -25.54
N PRO J 219 0.32 -90.80 -26.05
CA PRO J 219 0.43 -91.71 -27.20
C PRO J 219 1.06 -91.07 -28.43
N LYS J 220 0.79 -89.78 -28.67
CA LYS J 220 1.43 -89.10 -29.79
C LYS J 220 2.94 -89.01 -29.59
N SER J 221 3.38 -88.68 -28.38
CA SER J 221 4.82 -88.61 -28.11
C SER J 221 5.45 -89.99 -28.17
N VAL J 222 4.74 -91.02 -27.70
CA VAL J 222 5.27 -92.37 -27.76
C VAL J 222 5.35 -92.84 -29.20
N ALA J 223 4.32 -92.56 -30.00
CA ALA J 223 4.34 -92.95 -31.40
C ALA J 223 5.43 -92.22 -32.15
N ARG J 224 5.65 -90.94 -31.84
CA ARG J 224 6.68 -90.18 -32.50
C ARG J 224 8.07 -90.70 -32.16
N ILE J 225 8.29 -91.07 -30.90
CA ILE J 225 9.57 -91.65 -30.50
C ILE J 225 9.78 -93.01 -31.16
N ALA J 226 8.73 -93.83 -31.19
CA ALA J 226 8.85 -95.15 -31.81
C ALA J 226 9.14 -95.04 -33.30
N LYS J 227 8.58 -94.04 -33.95
CA LYS J 227 8.87 -93.81 -35.37
C LYS J 227 10.34 -93.45 -35.58
N LEU J 228 10.88 -92.58 -34.72
CA LEU J 228 12.29 -92.22 -34.84
C LEU J 228 13.21 -93.39 -34.54
N GLU J 229 12.86 -94.20 -33.54
CA GLU J 229 13.66 -95.38 -33.23
C GLU J 229 13.64 -96.38 -34.39
N LYS J 230 12.47 -96.60 -34.97
CA LYS J 230 12.37 -97.51 -36.11
C LYS J 230 13.06 -96.93 -37.34
N ALA J 231 13.12 -95.61 -37.45
CA ALA J 231 13.81 -94.98 -38.57
C ALA J 231 15.31 -95.28 -38.53
N LYS J 232 15.91 -95.26 -37.34
CA LYS J 232 17.33 -95.57 -37.23
C LYS J 232 17.57 -97.08 -37.10
N ALA J 233 16.58 -97.83 -36.62
CA ALA J 233 16.76 -99.27 -36.48
C ALA J 233 16.73 -99.98 -37.82
N LYS J 234 16.00 -99.44 -38.79
CA LYS J 234 15.91 -100.10 -40.09
C LYS J 234 17.23 -100.00 -40.85
N GLU J 235 17.95 -98.88 -40.71
CA GLU J 235 19.24 -98.75 -41.37
C GLU J 235 20.36 -99.43 -40.60
N LEU J 236 20.26 -99.52 -39.28
CA LEU J 236 21.25 -100.25 -38.51
C LEU J 236 21.13 -101.75 -38.73
N ALA J 237 19.92 -102.25 -38.99
CA ALA J 237 19.74 -103.66 -39.32
C ALA J 237 20.44 -104.01 -40.62
N THR J 238 20.41 -103.10 -41.61
CA THR J 238 21.18 -103.29 -42.83
C THR J 238 22.68 -103.14 -42.57
N LYS J 239 23.04 -102.26 -41.62
CA LYS J 239 24.45 -102.07 -41.28
C LYS J 239 25.05 -103.36 -40.69
N LEU J 240 24.31 -104.03 -39.81
CA LEU J 240 24.79 -105.27 -39.23
C LEU J 240 24.51 -106.44 -40.16
N GLY J 241 25.43 -107.40 -40.19
CA GLY J 241 25.30 -108.56 -41.04
C GLY J 241 25.71 -108.31 -42.48
N MET K 1 43.29 65.68 2.43
CA MET K 1 43.70 66.94 3.05
C MET K 1 42.83 68.10 2.60
N LYS K 2 42.42 68.93 3.56
CA LYS K 2 41.69 70.16 3.29
C LYS K 2 42.65 71.33 3.43
N THR K 3 42.88 72.04 2.34
CA THR K 3 43.67 73.27 2.38
C THR K 3 42.83 74.40 2.96
N ILE K 4 43.42 75.18 3.86
CA ILE K 4 42.65 76.21 4.55
C ILE K 4 42.14 77.25 3.56
N LEU K 5 43.03 77.78 2.73
CA LEU K 5 42.64 78.82 1.79
C LEU K 5 43.47 78.69 0.52
N SER K 6 42.80 78.75 -0.62
CA SER K 6 43.45 78.81 -1.93
C SER K 6 42.76 79.90 -2.73
N ASN K 7 43.49 80.96 -3.04
CA ASN K 7 42.92 82.09 -3.76
C ASN K 7 43.74 82.41 -4.99
N GLN K 8 43.07 83.03 -5.96
CA GLN K 8 43.71 83.51 -7.17
C GLN K 8 43.03 84.80 -7.56
N THR K 9 43.82 85.77 -8.03
CA THR K 9 43.35 87.12 -8.29
C THR K 9 43.47 87.44 -9.77
N VAL K 10 42.43 88.08 -10.31
CA VAL K 10 42.38 88.47 -11.71
C VAL K 10 42.33 89.99 -11.80
N ASP K 11 43.25 90.56 -12.58
CA ASP K 11 43.30 92.00 -12.77
C ASP K 11 42.37 92.41 -13.89
N ILE K 12 41.61 93.48 -13.66
CA ILE K 12 40.60 93.95 -14.60
C ILE K 12 41.11 95.22 -15.26
N PRO K 13 41.11 95.31 -16.59
CA PRO K 13 41.52 96.54 -17.26
C PRO K 13 40.58 97.71 -16.95
N GLU K 14 41.04 98.91 -17.29
CA GLU K 14 40.29 100.11 -16.94
C GLU K 14 39.02 100.27 -17.78
N ASN K 15 39.09 99.96 -19.07
CA ASN K 15 37.95 100.18 -19.96
C ASN K 15 36.82 99.19 -19.74
N VAL K 16 37.04 98.15 -18.94
CA VAL K 16 36.05 97.12 -18.69
C VAL K 16 35.77 97.06 -17.19
N ASP K 17 34.51 96.93 -16.82
CA ASP K 17 34.10 96.82 -15.43
C ASP K 17 33.34 95.52 -15.19
N ILE K 18 33.44 95.02 -13.97
CA ILE K 18 32.86 93.73 -13.60
C ILE K 18 31.90 93.95 -12.46
N THR K 19 30.69 93.42 -12.59
CA THR K 19 29.67 93.48 -11.55
C THR K 19 29.39 92.06 -11.07
N LEU K 20 29.37 91.89 -9.75
CA LEU K 20 29.10 90.59 -9.14
C LEU K 20 27.70 90.60 -8.56
N LYS K 21 26.90 89.60 -8.92
CA LYS K 21 25.60 89.34 -8.30
C LYS K 21 25.69 87.95 -7.70
N GLY K 22 26.21 87.89 -6.48
CA GLY K 22 26.50 86.60 -5.88
C GLY K 22 27.66 85.93 -6.58
N ARG K 23 27.38 84.87 -7.32
CA ARG K 23 28.37 84.19 -8.14
C ARG K 23 28.10 84.37 -9.63
N THR K 24 27.36 85.40 -10.00
CA THR K 24 27.13 85.76 -11.39
C THR K 24 28.04 86.92 -11.75
N VAL K 25 28.92 86.70 -12.71
CA VAL K 25 29.88 87.71 -13.14
C VAL K 25 29.35 88.37 -14.40
N ILE K 26 29.11 89.67 -14.32
CA ILE K 26 28.70 90.47 -15.47
C ILE K 26 29.89 91.32 -15.88
N VAL K 27 30.42 91.07 -17.06
CA VAL K 27 31.59 91.77 -17.58
C VAL K 27 31.13 92.64 -18.73
N LYS K 28 31.21 93.95 -18.56
CA LYS K 28 30.79 94.90 -19.58
C LYS K 28 32.02 95.62 -20.11
N GLY K 29 32.27 95.49 -21.41
CA GLY K 29 33.39 96.14 -22.04
C GLY K 29 32.95 96.90 -23.27
N PRO K 30 33.92 97.41 -24.03
CA PRO K 30 33.58 98.15 -25.25
C PRO K 30 32.83 97.33 -26.28
N ARG K 31 33.09 96.03 -26.39
CA ARG K 31 32.48 95.21 -27.41
C ARG K 31 31.14 94.61 -27.00
N GLY K 32 30.71 94.80 -25.76
CA GLY K 32 29.42 94.27 -25.36
C GLY K 32 29.43 93.91 -23.89
N THR K 33 28.52 93.02 -23.52
CA THR K 33 28.39 92.55 -22.15
C THR K 33 28.28 91.04 -22.13
N LEU K 34 29.12 90.40 -21.31
CA LEU K 34 29.10 88.97 -21.11
C LEU K 34 28.69 88.69 -19.67
N ARG K 35 27.79 87.73 -19.48
CA ARG K 35 27.29 87.37 -18.16
C ARG K 35 27.38 85.87 -17.99
N ARG K 36 27.95 85.44 -16.87
CA ARG K 36 28.10 84.01 -16.59
C ARG K 36 27.99 83.79 -15.09
N ASP K 37 27.22 82.78 -14.69
CA ASP K 37 27.08 82.44 -13.29
C ASP K 37 27.85 81.18 -12.95
N PHE K 38 28.48 81.19 -11.79
CA PHE K 38 29.28 80.08 -11.31
C PHE K 38 28.65 79.48 -10.06
N ASN K 39 27.33 79.40 -10.05
CA ASN K 39 26.60 78.89 -8.89
C ASN K 39 26.86 77.41 -8.64
N HIS K 40 27.42 76.70 -9.61
CA HIS K 40 27.78 75.30 -9.41
C HIS K 40 29.10 75.13 -8.69
N ILE K 41 29.80 76.23 -8.38
CA ILE K 41 31.06 76.18 -7.66
C ILE K 41 30.91 77.02 -6.39
N ASN K 42 31.20 76.41 -5.25
CA ASN K 42 31.06 77.09 -3.96
C ASN K 42 32.36 77.82 -3.66
N VAL K 43 32.47 79.02 -4.21
CA VAL K 43 33.59 79.91 -3.96
C VAL K 43 33.04 81.26 -3.52
N GLU K 44 33.94 82.12 -3.07
CA GLU K 44 33.62 83.48 -2.68
C GLU K 44 34.28 84.43 -3.68
N LEU K 45 33.49 85.29 -4.29
CA LEU K 45 33.97 86.25 -5.28
C LEU K 45 33.91 87.64 -4.68
N SER K 46 34.96 88.43 -4.87
CA SER K 46 35.02 89.77 -4.31
C SER K 46 35.80 90.68 -5.23
N LEU K 47 35.35 91.93 -5.34
CA LEU K 47 36.07 92.98 -6.03
C LEU K 47 36.85 93.79 -4.99
N LEU K 48 38.13 93.99 -5.25
CA LEU K 48 39.03 94.48 -4.20
C LEU K 48 39.07 96.01 -4.12
N GLY K 49 39.51 96.66 -5.19
CA GLY K 49 39.84 98.07 -5.14
C GLY K 49 38.88 98.92 -5.97
N LYS K 50 38.96 100.23 -5.74
CA LYS K 50 38.32 101.21 -6.59
C LYS K 50 39.32 101.85 -7.56
N LYS K 51 40.53 101.32 -7.60
CA LYS K 51 41.68 101.92 -8.28
C LYS K 51 42.16 101.10 -9.47
N LYS K 52 42.46 99.81 -9.24
CA LYS K 52 42.96 98.92 -10.26
C LYS K 52 42.05 97.73 -10.51
N LYS K 53 40.99 97.58 -9.70
CA LYS K 53 39.94 96.60 -9.94
C LYS K 53 40.46 95.17 -10.00
N ARG K 54 40.92 94.63 -8.90
CA ARG K 54 41.24 93.21 -8.82
C ARG K 54 39.98 92.43 -8.52
N LEU K 55 39.91 91.20 -9.01
CA LEU K 55 38.83 90.28 -8.66
C LEU K 55 39.47 89.02 -8.08
N ARG K 56 39.05 88.65 -6.88
CA ARG K 56 39.63 87.53 -6.15
C ARG K 56 38.63 86.40 -6.05
N VAL K 57 39.12 85.17 -6.16
CA VAL K 57 38.33 83.96 -5.99
C VAL K 57 38.90 83.20 -4.81
N ASP K 58 38.08 82.94 -3.80
CA ASP K 58 38.50 82.28 -2.58
C ASP K 58 37.79 80.95 -2.43
N LYS K 59 38.55 79.92 -2.08
CA LYS K 59 38.00 78.62 -1.72
C LYS K 59 38.53 78.26 -0.36
N TRP K 60 37.63 77.97 0.58
CA TRP K 60 37.99 77.66 1.94
C TRP K 60 37.74 76.18 2.20
N TRP K 61 38.73 75.50 2.80
CA TRP K 61 38.60 74.11 3.22
C TRP K 61 38.23 73.20 2.07
N GLY K 62 38.84 73.42 0.91
CA GLY K 62 38.59 72.61 -0.27
C GLY K 62 39.59 71.47 -0.38
N ASN K 63 39.11 70.33 -0.85
CA ASN K 63 40.00 69.21 -1.11
C ASN K 63 40.60 69.37 -2.52
N ARG K 64 41.27 68.33 -3.01
CA ARG K 64 42.05 68.47 -4.23
C ARG K 64 41.17 68.77 -5.44
N LYS K 65 40.01 68.13 -5.53
CA LYS K 65 39.15 68.32 -6.69
C LYS K 65 38.60 69.74 -6.77
N GLU K 66 38.17 70.29 -5.64
CA GLU K 66 37.59 71.62 -5.67
C GLU K 66 38.62 72.73 -5.51
N LEU K 67 39.90 72.38 -5.33
CA LEU K 67 40.95 73.36 -5.54
C LEU K 67 41.23 73.58 -7.01
N ALA K 68 40.83 72.65 -7.86
CA ALA K 68 41.01 72.81 -9.29
C ALA K 68 40.05 73.83 -9.88
N THR K 69 38.97 74.14 -9.18
CA THR K 69 37.97 75.05 -9.72
C THR K 69 38.32 76.52 -9.49
N VAL K 70 39.34 76.82 -8.70
CA VAL K 70 39.68 78.21 -8.44
C VAL K 70 40.24 78.87 -9.69
N ARG K 71 41.19 78.21 -10.34
CA ARG K 71 41.76 78.78 -11.56
C ARG K 71 40.82 78.65 -12.74
N THR K 72 39.92 77.66 -12.72
CA THR K 72 38.95 77.50 -13.79
C THR K 72 38.01 78.70 -13.85
N ILE K 73 37.55 79.17 -12.69
CA ILE K 73 36.73 80.39 -12.66
C ILE K 73 37.54 81.58 -13.14
N CYS K 74 38.79 81.68 -12.70
CA CYS K 74 39.62 82.81 -13.07
C CYS K 74 39.89 82.83 -14.57
N SER K 75 40.13 81.65 -15.15
CA SER K 75 40.36 81.57 -16.59
C SER K 75 39.10 81.94 -17.36
N HIS K 76 37.93 81.50 -16.89
CA HIS K 76 36.68 81.82 -17.55
C HIS K 76 36.40 83.32 -17.50
N VAL K 77 36.70 83.96 -16.38
CA VAL K 77 36.48 85.40 -16.26
C VAL K 77 37.43 86.16 -17.18
N GLN K 78 38.69 85.72 -17.25
CA GLN K 78 39.64 86.38 -18.14
C GLN K 78 39.22 86.25 -19.59
N ASN K 79 38.61 85.12 -19.96
CA ASN K 79 38.09 84.98 -21.31
C ASN K 79 36.96 85.96 -21.56
N MET K 80 36.10 86.17 -20.55
CA MET K 80 35.04 87.15 -20.69
C MET K 80 35.60 88.56 -20.82
N ILE K 81 36.64 88.88 -20.04
CA ILE K 81 37.31 90.17 -20.18
C ILE K 81 37.94 90.28 -21.56
N LYS K 82 38.60 89.23 -22.00
CA LYS K 82 39.20 89.21 -23.33
C LYS K 82 38.15 89.32 -24.42
N GLY K 83 37.00 88.71 -24.21
CA GLY K 83 35.96 88.73 -25.23
C GLY K 83 35.33 90.10 -25.41
N VAL K 84 35.07 90.82 -24.31
CA VAL K 84 34.38 92.10 -24.40
C VAL K 84 35.30 93.25 -24.74
N THR K 85 36.61 93.04 -24.75
CA THR K 85 37.57 94.08 -25.11
C THR K 85 38.20 93.84 -26.47
N LEU K 86 38.53 92.59 -26.78
CA LEU K 86 39.14 92.26 -28.07
C LEU K 86 38.29 91.36 -28.94
N GLY K 87 37.39 90.57 -28.35
CA GLY K 87 36.61 89.63 -29.12
C GLY K 87 37.41 88.40 -29.48
N PHE K 88 36.71 87.40 -29.98
CA PHE K 88 37.32 86.14 -30.37
C PHE K 88 37.07 85.89 -31.84
N ARG K 89 38.13 85.64 -32.59
CA ARG K 89 38.05 85.41 -34.02
C ARG K 89 38.73 84.10 -34.35
N TYR K 90 37.95 83.12 -34.78
CA TYR K 90 38.46 81.83 -35.19
C TYR K 90 38.51 81.77 -36.70
N LYS K 91 39.63 81.33 -37.25
CA LYS K 91 39.80 81.19 -38.68
C LYS K 91 39.76 79.71 -39.03
N MET K 92 38.88 79.34 -39.95
CA MET K 92 38.80 77.97 -40.41
C MET K 92 39.17 77.88 -41.88
N ARG K 93 40.05 76.94 -42.21
CA ARG K 93 40.46 76.68 -43.57
C ARG K 93 39.81 75.41 -44.07
N SER K 94 39.25 75.45 -45.26
CA SER K 94 38.66 74.28 -45.88
C SER K 94 39.70 73.65 -46.80
N VAL K 95 40.04 72.39 -46.54
CA VAL K 95 41.03 71.68 -47.34
C VAL K 95 40.30 70.60 -48.14
N TYR K 96 40.75 70.38 -49.36
CA TYR K 96 40.16 69.37 -50.21
C TYR K 96 41.20 68.91 -51.22
N ALA K 97 41.03 67.69 -51.71
CA ALA K 97 41.92 67.15 -52.72
C ALA K 97 41.40 67.36 -54.13
N HIS K 98 40.15 67.00 -54.39
CA HIS K 98 39.55 67.15 -55.72
C HIS K 98 38.36 68.08 -55.74
N PHE K 99 37.36 67.82 -54.90
CA PHE K 99 36.11 68.57 -54.95
C PHE K 99 36.23 69.83 -54.10
N PRO K 100 36.15 71.02 -54.68
CA PRO K 100 36.17 72.23 -53.86
C PRO K 100 34.95 72.29 -52.95
N ILE K 101 35.16 72.77 -51.74
CA ILE K 101 34.09 72.90 -50.75
C ILE K 101 33.54 74.31 -50.86
N ASN K 102 32.30 74.42 -51.30
CA ASN K 102 31.67 75.72 -51.49
C ASN K 102 30.88 76.08 -50.25
N VAL K 103 31.24 77.20 -49.63
CA VAL K 103 30.59 77.66 -48.40
C VAL K 103 29.84 78.95 -48.72
N VAL K 104 28.54 78.94 -48.47
CA VAL K 104 27.70 80.12 -48.62
C VAL K 104 27.19 80.50 -47.24
N ILE K 105 27.40 81.74 -46.86
CA ILE K 105 27.01 82.24 -45.55
C ILE K 105 25.64 82.88 -45.68
N GLN K 106 24.66 82.31 -44.97
CA GLN K 106 23.29 82.80 -45.04
C GLN K 106 23.08 83.89 -44.01
N GLU K 107 21.82 84.22 -43.73
CA GLU K 107 21.39 85.46 -43.10
C GLU K 107 22.24 85.86 -41.89
N ASN K 108 22.85 87.05 -41.99
CA ASN K 108 23.58 87.69 -40.91
C ASN K 108 24.73 86.85 -40.37
N GLY K 109 25.18 85.85 -41.12
CA GLY K 109 26.24 84.98 -40.64
C GLY K 109 25.80 83.93 -39.66
N SER K 110 24.49 83.80 -39.42
CA SER K 110 23.98 82.83 -38.45
C SER K 110 23.75 81.45 -39.05
N LEU K 111 23.92 81.29 -40.36
CA LEU K 111 23.73 80.00 -41.01
C LEU K 111 24.84 79.80 -42.03
N VAL K 112 25.33 78.56 -42.12
CA VAL K 112 26.41 78.20 -43.01
C VAL K 112 25.97 77.00 -43.84
N GLU K 113 26.13 77.09 -45.15
CA GLU K 113 25.81 76.00 -46.06
C GLU K 113 27.07 75.48 -46.71
N ILE K 114 27.31 74.17 -46.60
CA ILE K 114 28.41 73.50 -47.27
C ILE K 114 27.83 72.64 -48.38
N ARG K 115 28.29 72.89 -49.61
CA ARG K 115 27.64 72.34 -50.79
C ARG K 115 28.29 71.07 -51.31
N ASN K 116 29.57 71.12 -51.66
CA ASN K 116 30.21 70.08 -52.45
C ASN K 116 31.27 69.32 -51.65
N PHE K 117 30.98 69.03 -50.39
CA PHE K 117 31.95 68.33 -49.56
C PHE K 117 32.10 66.90 -50.05
N LEU K 118 33.30 66.56 -50.53
CA LEU K 118 33.59 65.24 -51.08
C LEU K 118 32.71 64.91 -52.28
N GLY K 119 32.20 65.93 -52.95
CA GLY K 119 31.45 65.73 -54.17
C GLY K 119 30.05 65.20 -54.00
N GLU K 120 29.54 65.11 -52.78
CA GLU K 120 28.21 64.56 -52.57
C GLU K 120 27.14 65.63 -52.69
N LYS K 121 25.93 65.19 -52.99
CA LYS K 121 24.82 66.09 -53.27
C LYS K 121 24.13 66.60 -52.01
N TYR K 122 24.46 66.07 -50.85
CA TYR K 122 23.86 66.56 -49.62
C TYR K 122 24.33 67.98 -49.31
N ILE K 123 23.44 68.79 -48.74
CA ILE K 123 23.75 70.15 -48.33
C ILE K 123 23.80 70.18 -46.82
N ARG K 124 24.89 70.66 -46.26
CA ARG K 124 25.06 70.77 -44.82
C ARG K 124 24.67 72.17 -44.38
N ARG K 125 23.57 72.27 -43.64
CA ARG K 125 23.15 73.54 -43.04
C ARG K 125 23.55 73.51 -41.58
N VAL K 126 24.49 74.38 -41.21
CA VAL K 126 24.98 74.49 -39.84
C VAL K 126 24.60 75.86 -39.32
N ARG K 127 23.86 75.90 -38.22
CA ARG K 127 23.43 77.14 -37.61
C ARG K 127 24.40 77.54 -36.52
N MET K 128 24.89 78.78 -36.57
CA MET K 128 25.79 79.28 -35.56
C MET K 128 25.06 79.51 -34.25
N ARG K 129 25.81 79.49 -33.16
CA ARG K 129 25.26 79.85 -31.87
C ARG K 129 24.91 81.34 -31.86
N PRO K 130 23.94 81.75 -31.04
CA PRO K 130 23.60 83.17 -30.99
C PRO K 130 24.78 84.01 -30.54
N GLY K 131 24.93 85.17 -31.17
CA GLY K 131 26.05 86.04 -30.91
C GLY K 131 27.30 85.73 -31.70
N VAL K 132 27.29 84.67 -32.50
CA VAL K 132 28.44 84.27 -33.31
C VAL K 132 28.10 84.53 -34.77
N ALA K 133 28.97 85.27 -35.45
CA ALA K 133 28.77 85.60 -36.85
C ALA K 133 29.87 84.95 -37.69
N CYS K 134 29.46 84.23 -38.72
CA CYS K 134 30.40 83.64 -39.66
C CYS K 134 30.47 84.48 -40.93
N SER K 135 31.65 84.46 -41.56
CA SER K 135 31.84 85.19 -42.80
C SER K 135 32.93 84.50 -43.61
N VAL K 136 32.91 84.76 -44.91
CA VAL K 136 33.91 84.23 -45.82
C VAL K 136 35.04 85.25 -45.91
N SER K 137 36.25 84.81 -45.60
CA SER K 137 37.40 85.70 -45.61
C SER K 137 37.68 86.22 -47.02
N GLN K 138 38.03 87.50 -47.11
CA GLN K 138 38.42 88.09 -48.37
C GLN K 138 39.92 88.04 -48.61
N ALA K 139 40.70 87.64 -47.60
CA ALA K 139 42.14 87.59 -47.74
C ALA K 139 42.66 86.24 -48.19
N GLN K 140 41.94 85.17 -47.90
CA GLN K 140 42.35 83.82 -48.29
C GLN K 140 41.25 83.18 -49.12
N LYS K 141 41.66 82.26 -50.01
CA LYS K 141 40.73 81.70 -50.97
C LYS K 141 39.72 80.77 -50.30
N ASP K 142 40.16 79.98 -49.32
CA ASP K 142 39.30 79.03 -48.63
C ASP K 142 39.47 79.26 -47.13
N GLU K 143 38.72 80.21 -46.58
CA GLU K 143 38.88 80.57 -45.19
C GLU K 143 37.57 81.13 -44.64
N LEU K 144 37.16 80.63 -43.48
CA LEU K 144 35.97 81.11 -42.78
C LEU K 144 36.40 81.86 -41.53
N ILE K 145 35.72 82.96 -41.24
CA ILE K 145 36.00 83.78 -40.07
C ILE K 145 34.80 83.73 -39.16
N LEU K 146 35.00 83.24 -37.93
CA LEU K 146 33.98 83.22 -36.91
C LEU K 146 34.35 84.23 -35.84
N GLU K 147 33.49 85.21 -35.62
CA GLU K 147 33.77 86.31 -34.69
C GLU K 147 32.65 86.43 -33.67
N GLY K 148 33.03 86.69 -32.43
CA GLY K 148 32.05 86.82 -31.38
C GLY K 148 32.71 87.20 -30.07
N ASN K 149 31.88 87.29 -29.04
CA ASN K 149 32.34 87.74 -27.73
C ASN K 149 32.56 86.63 -26.72
N ASP K 150 31.77 85.56 -26.78
CA ASP K 150 31.93 84.44 -25.87
C ASP K 150 32.80 83.40 -26.57
N ILE K 151 33.88 82.99 -25.90
CA ILE K 151 34.81 82.03 -26.49
C ILE K 151 34.13 80.68 -26.68
N GLU K 152 33.32 80.26 -25.70
CA GLU K 152 32.70 78.95 -25.79
C GLU K 152 31.63 78.91 -26.88
N LEU K 153 30.98 80.03 -27.15
CA LEU K 153 30.03 80.06 -28.26
C LEU K 153 30.74 80.05 -29.61
N VAL K 154 31.81 80.84 -29.74
CA VAL K 154 32.55 80.90 -31.00
C VAL K 154 33.21 79.55 -31.29
N SER K 155 33.82 78.95 -30.27
CA SER K 155 34.53 77.70 -30.49
C SER K 155 33.56 76.54 -30.70
N ASN K 156 32.39 76.57 -30.08
CA ASN K 156 31.39 75.54 -30.32
C ASN K 156 30.90 75.58 -31.75
N SER K 157 30.65 76.79 -32.28
CA SER K 157 30.22 76.91 -33.66
C SER K 157 31.28 76.41 -34.63
N ALA K 158 32.55 76.69 -34.32
CA ALA K 158 33.64 76.17 -35.15
C ALA K 158 33.68 74.66 -35.10
N ALA K 159 33.37 74.07 -33.94
CA ALA K 159 33.35 72.62 -33.84
C ALA K 159 32.14 72.03 -34.58
N LEU K 160 31.05 72.78 -34.64
CA LEU K 160 29.89 72.34 -35.41
C LEU K 160 30.22 72.28 -36.89
N ILE K 161 30.91 73.31 -37.41
CA ILE K 161 31.32 73.30 -38.81
C ILE K 161 32.33 72.20 -39.05
N GLN K 162 33.31 72.06 -38.16
CA GLN K 162 34.36 71.07 -38.35
C GLN K 162 33.81 69.65 -38.31
N GLN K 163 32.84 69.40 -37.44
CA GLN K 163 32.27 68.07 -37.33
C GLN K 163 31.18 67.79 -38.36
N ALA K 164 30.69 68.82 -39.04
CA ALA K 164 29.71 68.60 -40.10
C ALA K 164 30.37 67.99 -41.33
N THR K 165 31.59 68.44 -41.65
CA THR K 165 32.32 67.92 -42.81
C THR K 165 33.25 66.79 -42.38
N THR K 166 32.62 65.67 -42.04
CA THR K 166 33.33 64.48 -41.58
C THR K 166 33.24 63.40 -42.64
N VAL K 167 34.39 62.83 -42.99
CA VAL K 167 34.46 61.74 -43.94
C VAL K 167 34.03 60.45 -43.26
N LYS K 168 33.21 59.66 -43.93
CA LYS K 168 32.68 58.43 -43.36
C LYS K 168 32.96 57.25 -44.28
N ASN K 169 33.27 56.11 -43.67
CA ASN K 169 33.56 54.85 -44.35
C ASN K 169 34.78 54.93 -45.27
N LYS K 170 35.69 55.84 -44.99
CA LYS K 170 36.90 55.98 -45.78
C LYS K 170 38.09 56.14 -44.83
N ASP K 171 39.27 55.87 -45.34
CA ASP K 171 40.50 56.08 -44.57
C ASP K 171 40.72 57.57 -44.39
N ILE K 172 40.41 58.08 -43.19
CA ILE K 172 40.52 59.51 -42.94
C ILE K 172 41.97 59.99 -42.92
N ARG K 173 42.94 59.09 -42.79
CA ARG K 173 44.32 59.47 -42.97
C ARG K 173 44.65 59.77 -44.41
N LYS K 174 43.84 59.31 -45.35
CA LYS K 174 44.00 59.58 -46.77
C LYS K 174 42.99 60.59 -47.30
N PHE K 175 41.73 60.47 -46.89
CA PHE K 175 40.70 61.45 -47.25
C PHE K 175 40.70 62.52 -46.18
N LEU K 176 41.54 63.53 -46.38
CA LEU K 176 41.77 64.58 -45.40
C LEU K 176 40.83 65.76 -45.57
N ASP K 177 39.83 65.64 -46.43
CA ASP K 177 39.00 66.78 -46.80
C ASP K 177 38.17 67.24 -45.62
N GLY K 178 37.94 68.54 -45.54
CA GLY K 178 37.10 69.11 -44.51
C GLY K 178 37.48 70.54 -44.21
N ILE K 179 36.76 71.12 -43.25
CA ILE K 179 37.01 72.47 -42.76
C ILE K 179 37.55 72.34 -41.34
N TYR K 180 38.71 72.93 -41.10
CA TYR K 180 39.40 72.80 -39.82
C TYR K 180 39.75 74.17 -39.28
N VAL K 181 39.74 74.28 -37.96
CA VAL K 181 40.11 75.54 -37.30
C VAL K 181 41.61 75.75 -37.50
N SER K 182 41.98 76.83 -38.19
CA SER K 182 43.38 77.07 -38.47
C SER K 182 44.06 77.80 -37.32
N GLU K 183 43.56 78.97 -36.96
CA GLU K 183 44.13 79.69 -35.82
C GLU K 183 43.01 80.27 -34.98
N LYS K 184 43.30 80.44 -33.70
CA LYS K 184 42.41 81.08 -32.75
C LYS K 184 43.05 82.37 -32.31
N GLY K 185 42.35 83.46 -32.48
CA GLY K 185 42.90 84.77 -32.16
C GLY K 185 41.80 85.71 -31.73
N THR K 186 42.07 87.00 -31.84
CA THR K 186 41.14 88.03 -31.42
C THR K 186 40.82 88.94 -32.59
N VAL K 187 39.84 89.80 -32.37
CA VAL K 187 39.57 90.92 -33.24
C VAL K 187 40.32 92.11 -32.67
N GLN K 188 40.61 93.10 -33.52
CA GLN K 188 41.15 94.40 -33.15
C GLN K 188 42.62 94.35 -32.75
N GLN K 189 43.16 93.14 -32.57
CA GLN K 189 44.59 92.89 -32.41
C GLN K 189 45.24 93.81 -31.37
N ALA K 190 44.52 94.09 -30.30
CA ALA K 190 45.04 95.02 -29.29
C ALA K 190 45.58 94.28 -28.08
N GLY L 1 48.47 17.95 -22.42
CA GLY L 1 47.77 17.01 -21.57
C GLY L 1 47.99 17.26 -20.09
N ARG L 2 48.29 18.50 -19.74
CA ARG L 2 48.48 18.89 -18.34
C ARG L 2 47.25 19.62 -17.84
N ARG L 3 46.86 19.32 -16.61
CA ARG L 3 45.76 20.03 -15.98
C ARG L 3 46.13 21.48 -15.70
N PRO L 4 45.15 22.36 -15.55
CA PRO L 4 45.43 23.72 -15.10
C PRO L 4 46.13 23.71 -13.76
N ALA L 5 47.08 24.62 -13.58
CA ALA L 5 47.85 24.66 -12.35
C ALA L 5 47.01 25.03 -11.14
N ARG L 6 45.80 25.55 -11.34
CA ARG L 6 44.93 25.86 -10.21
C ARG L 6 44.47 24.60 -9.49
N CYS L 7 44.55 23.44 -10.14
CA CYS L 7 44.14 22.19 -9.52
C CYS L 7 45.19 21.65 -8.55
N TYR L 8 46.42 22.13 -8.62
CA TYR L 8 47.50 21.68 -7.75
C TYR L 8 48.22 22.86 -7.12
N ARG L 9 47.48 23.90 -6.74
CA ARG L 9 48.12 25.12 -6.24
C ARG L 9 48.44 25.01 -4.76
N TYR L 10 47.58 24.36 -3.99
CA TYR L 10 47.70 24.38 -2.54
C TYR L 10 48.33 23.09 -2.03
N CYS L 11 49.10 23.24 -0.95
CA CYS L 11 49.79 22.12 -0.32
C CYS L 11 48.77 21.34 0.48
N LYS L 12 47.96 20.56 -0.21
CA LYS L 12 46.87 19.83 0.43
C LYS L 12 47.29 18.47 0.95
N ASN L 13 48.24 17.82 0.29
CA ASN L 13 48.68 16.49 0.68
C ASN L 13 49.98 16.57 1.48
N LYS L 14 50.36 15.43 2.03
CA LYS L 14 51.67 15.28 2.64
C LYS L 14 52.72 15.25 1.54
N PRO L 15 53.97 15.57 1.86
CA PRO L 15 55.02 15.47 0.85
C PRO L 15 55.10 14.05 0.28
N TYR L 16 55.21 13.98 -1.04
CA TYR L 16 55.12 12.73 -1.78
C TYR L 16 56.34 12.65 -2.69
N PRO L 17 57.51 12.40 -2.13
CA PRO L 17 58.73 12.42 -2.95
C PRO L 17 58.82 11.21 -3.87
N LYS L 18 59.72 11.31 -4.84
CA LYS L 18 60.03 10.19 -5.70
C LYS L 18 60.99 9.26 -4.96
N SER L 19 60.50 8.10 -4.56
CA SER L 19 61.25 7.19 -3.70
C SER L 19 61.00 5.77 -4.17
N ARG L 20 61.35 4.80 -3.34
CA ARG L 20 61.11 3.40 -3.68
C ARG L 20 59.65 3.00 -3.56
N PHE L 21 58.80 3.86 -3.02
CA PHE L 21 57.36 3.64 -3.01
C PHE L 21 56.66 4.34 -4.15
N CYS L 22 57.04 5.57 -4.46
CA CYS L 22 56.48 6.31 -5.60
C CYS L 22 57.39 6.06 -6.79
N ARG L 23 56.98 5.16 -7.66
CA ARG L 23 57.77 4.77 -8.83
C ARG L 23 57.02 5.16 -10.10
N GLY L 24 57.78 5.28 -11.19
CA GLY L 24 57.19 5.68 -12.45
C GLY L 24 56.94 7.16 -12.57
N VAL L 25 57.74 7.99 -11.89
CA VAL L 25 57.55 9.43 -11.95
C VAL L 25 58.23 9.98 -13.20
N PRO L 26 57.52 10.74 -14.02
CA PRO L 26 58.18 11.43 -15.14
C PRO L 26 59.15 12.48 -14.63
N ASP L 27 60.18 12.73 -15.43
CA ASP L 27 61.20 13.71 -15.05
C ASP L 27 60.61 15.12 -14.99
N ALA L 28 61.19 15.92 -14.11
CA ALA L 28 60.74 17.29 -13.94
C ALA L 28 61.08 18.13 -15.17
N LYS L 29 60.29 19.19 -15.38
CA LYS L 29 60.51 20.07 -16.52
C LYS L 29 61.81 20.84 -16.38
N ILE L 30 62.19 21.20 -15.16
CA ILE L 30 63.39 22.00 -14.93
C ILE L 30 64.53 21.07 -14.56
N ARG L 31 65.60 21.11 -15.35
CA ARG L 31 66.79 20.33 -15.10
C ARG L 31 68.02 21.16 -14.80
N ILE L 32 68.02 22.44 -15.18
CA ILE L 32 69.12 23.35 -14.94
C ILE L 32 68.68 24.33 -13.88
N PHE L 33 69.51 24.52 -12.85
CA PHE L 33 69.19 25.41 -11.76
C PHE L 33 70.13 26.59 -11.63
N ASP L 34 71.27 26.58 -12.32
CA ASP L 34 72.22 27.68 -12.30
C ASP L 34 72.56 28.07 -13.73
N LEU L 35 72.52 29.37 -14.02
CA LEU L 35 72.86 29.89 -15.32
C LEU L 35 73.77 31.09 -15.16
N GLY L 36 74.11 31.71 -16.27
CA GLY L 36 75.03 32.82 -16.24
C GLY L 36 76.45 32.35 -16.00
N ARG L 37 77.26 33.26 -15.47
CA ARG L 37 78.64 32.92 -15.15
C ARG L 37 78.69 32.29 -13.77
N LYS L 38 78.46 30.98 -13.73
CA LYS L 38 78.53 30.26 -12.47
C LYS L 38 79.94 30.21 -11.91
N LYS L 39 80.96 30.34 -12.76
CA LYS L 39 82.35 30.23 -12.35
C LYS L 39 82.89 31.54 -11.80
N ALA L 40 82.09 32.60 -11.78
CA ALA L 40 82.57 33.88 -11.29
C ALA L 40 82.92 33.80 -9.81
N LYS L 41 83.96 34.51 -9.42
CA LYS L 41 84.42 34.48 -8.05
C LYS L 41 83.47 35.28 -7.16
N VAL L 42 83.77 35.28 -5.86
CA VAL L 42 82.83 35.83 -4.89
C VAL L 42 82.78 37.35 -5.00
N ASP L 43 83.94 38.00 -5.10
CA ASP L 43 83.98 39.45 -5.14
C ASP L 43 83.52 40.03 -6.47
N GLU L 44 83.40 39.20 -7.51
CA GLU L 44 82.98 39.69 -8.82
C GLU L 44 81.55 40.21 -8.79
N PHE L 45 80.66 39.53 -8.06
CA PHE L 45 79.24 39.82 -8.05
C PHE L 45 78.81 40.11 -6.61
N PRO L 46 79.00 41.34 -6.14
CA PRO L 46 78.68 41.64 -4.74
C PRO L 46 77.20 41.80 -4.46
N LEU L 47 76.40 42.16 -5.46
CA LEU L 47 74.98 42.41 -5.25
C LEU L 47 74.19 41.12 -5.47
N GLY L 48 73.32 40.80 -4.50
CA GLY L 48 72.44 39.66 -4.63
C GLY L 48 70.98 40.06 -4.51
N GLY L 49 70.15 39.60 -5.45
CA GLY L 49 68.74 39.92 -5.41
C GLY L 49 67.87 38.67 -5.39
N HIS L 50 67.05 38.54 -4.36
CA HIS L 50 66.18 37.39 -4.20
C HIS L 50 64.76 37.72 -4.61
N MET L 51 64.03 36.69 -5.00
CA MET L 51 62.59 36.78 -5.20
C MET L 51 61.92 35.85 -4.18
N VAL L 52 61.02 36.41 -3.39
CA VAL L 52 60.56 35.79 -2.15
C VAL L 52 59.06 35.56 -2.25
N SER L 53 58.62 34.36 -1.90
CA SER L 53 57.21 34.04 -1.96
C SER L 53 56.48 34.58 -0.74
N ASP L 54 55.25 35.03 -0.95
CA ASP L 54 54.38 35.50 0.12
C ASP L 54 53.27 34.53 0.45
N GLU L 55 53.24 33.37 -0.19
CA GLU L 55 52.16 32.42 0.00
C GLU L 55 52.73 31.03 0.21
N TYR L 56 52.02 30.23 1.01
CA TYR L 56 52.34 28.82 1.19
C TYR L 56 51.59 28.07 0.11
N GLU L 57 52.30 27.60 -0.91
CA GLU L 57 51.66 27.00 -2.07
C GLU L 57 52.62 26.04 -2.75
N GLN L 58 52.21 25.54 -3.90
CA GLN L 58 53.00 24.63 -4.72
C GLN L 58 53.29 25.28 -6.05
N LEU L 59 54.57 25.31 -6.43
CA LEU L 59 55.00 25.81 -7.72
C LEU L 59 55.42 24.64 -8.59
N SER L 60 54.84 24.55 -9.78
CA SER L 60 55.12 23.44 -10.67
C SER L 60 56.49 23.58 -11.29
N SER L 61 57.04 22.45 -11.73
CA SER L 61 58.35 22.45 -12.37
C SER L 61 58.31 23.19 -13.70
N GLU L 62 57.17 23.13 -14.39
CA GLU L 62 57.02 23.87 -15.63
C GLU L 62 57.03 25.38 -15.39
N ALA L 63 56.48 25.82 -14.27
CA ALA L 63 56.52 27.23 -13.93
C ALA L 63 57.93 27.68 -13.57
N LEU L 64 58.68 26.83 -12.86
CA LEU L 64 60.06 27.16 -12.54
C LEU L 64 60.91 27.24 -13.79
N GLU L 65 60.68 26.34 -14.74
CA GLU L 65 61.39 26.38 -16.01
C GLU L 65 61.04 27.64 -16.79
N ALA L 66 59.77 28.02 -16.79
CA ALA L 66 59.35 29.21 -17.52
C ALA L 66 59.94 30.48 -16.93
N ALA L 67 59.95 30.59 -15.60
CA ALA L 67 60.46 31.80 -14.96
C ALA L 67 61.98 31.86 -15.04
N ARG L 68 62.64 30.71 -15.02
CA ARG L 68 64.09 30.67 -15.21
C ARG L 68 64.46 31.16 -16.60
N ILE L 69 63.73 30.72 -17.63
CA ILE L 69 64.02 31.15 -18.99
C ILE L 69 63.74 32.64 -19.15
N CYS L 70 62.64 33.12 -18.58
CA CYS L 70 62.27 34.53 -18.71
C CYS L 70 63.32 35.44 -18.09
N ALA L 71 63.79 35.08 -16.89
CA ALA L 71 64.80 35.90 -16.23
C ALA L 71 66.15 35.81 -16.94
N ASN L 72 66.45 34.66 -17.53
CA ASN L 72 67.73 34.49 -18.21
C ASN L 72 67.82 35.36 -19.45
N LYS L 73 66.73 35.42 -20.22
CA LYS L 73 66.75 36.19 -21.46
C LYS L 73 66.91 37.67 -21.20
N TYR L 74 66.27 38.18 -20.14
CA TYR L 74 66.38 39.60 -19.85
C TYR L 74 67.74 39.96 -19.26
N MET L 75 68.29 39.09 -18.41
CA MET L 75 69.60 39.34 -17.85
C MET L 75 70.68 39.31 -18.92
N VAL L 76 70.56 38.40 -19.87
CA VAL L 76 71.49 38.37 -21.00
C VAL L 76 71.35 39.62 -21.84
N LYS L 77 70.11 40.06 -22.07
CA LYS L 77 69.87 41.24 -22.90
C LYS L 77 70.42 42.50 -22.23
N SER L 78 70.29 42.61 -20.92
CA SER L 78 70.69 43.84 -20.22
C SER L 78 72.14 43.78 -19.77
N CYS L 79 72.50 42.77 -18.98
CA CYS L 79 73.82 42.71 -18.37
C CYS L 79 74.83 41.91 -19.16
N GLY L 80 74.43 41.25 -20.24
CA GLY L 80 75.33 40.40 -20.98
C GLY L 80 75.38 38.99 -20.41
N ARG L 81 75.83 38.05 -21.26
CA ARG L 81 75.79 36.65 -20.88
C ARG L 81 76.77 36.31 -19.76
N ASP L 82 77.79 37.14 -19.54
CA ASP L 82 78.79 36.89 -18.50
C ASP L 82 78.71 37.89 -17.37
N GLY L 83 77.61 38.65 -17.27
CA GLY L 83 77.49 39.67 -16.26
C GLY L 83 76.61 39.33 -15.09
N PHE L 84 76.21 38.07 -14.93
CA PHE L 84 75.27 37.70 -13.88
C PHE L 84 75.40 36.22 -13.60
N HIS L 85 74.78 35.79 -12.51
CA HIS L 85 74.68 34.39 -12.16
C HIS L 85 73.35 34.18 -11.45
N MET L 86 72.52 33.29 -11.97
CA MET L 86 71.22 33.01 -11.41
C MET L 86 71.22 31.63 -10.77
N ARG L 87 70.45 31.49 -9.70
CA ARG L 87 70.30 30.23 -9.01
C ARG L 87 68.83 30.06 -8.65
N VAL L 88 68.20 29.01 -9.17
CA VAL L 88 66.84 28.67 -8.76
C VAL L 88 66.93 27.91 -7.45
N ARG L 89 66.27 28.43 -6.42
CA ARG L 89 66.37 27.88 -5.07
C ARG L 89 65.20 26.98 -4.72
N LEU L 90 64.54 26.42 -5.71
CA LEU L 90 63.43 25.51 -5.48
C LEU L 90 63.63 24.28 -6.35
N HIS L 91 63.44 23.11 -5.76
CA HIS L 91 63.57 21.85 -6.48
C HIS L 91 62.25 21.10 -6.39
N PRO L 92 61.67 20.68 -7.51
CA PRO L 92 60.36 20.03 -7.49
C PRO L 92 60.41 18.59 -7.00
N PHE L 93 60.41 18.43 -5.68
CA PHE L 93 60.56 17.13 -5.04
C PHE L 93 59.23 16.50 -4.67
N HIS L 94 58.11 17.17 -4.89
CA HIS L 94 56.80 16.67 -4.49
C HIS L 94 56.04 16.22 -5.72
N VAL L 95 55.63 14.96 -5.74
CA VAL L 95 54.95 14.37 -6.89
C VAL L 95 53.45 14.53 -6.71
N ILE L 96 52.80 15.10 -7.71
CA ILE L 96 51.35 15.23 -7.71
C ILE L 96 50.77 14.12 -8.56
N ARG L 97 49.55 13.71 -8.25
CA ARG L 97 48.92 12.56 -8.85
C ARG L 97 47.70 12.97 -9.66
N ILE L 98 47.32 12.12 -10.61
CA ILE L 98 46.09 12.30 -11.37
C ILE L 98 45.32 10.99 -11.37
N ASN L 99 44.04 11.05 -11.04
CA ASN L 99 43.15 9.90 -11.14
C ASN L 99 42.51 10.01 -12.52
N LYS L 100 43.12 9.35 -13.49
CA LYS L 100 42.76 9.58 -14.88
C LYS L 100 41.41 8.92 -15.20
N MET L 101 40.50 9.72 -15.75
CA MET L 101 39.19 9.26 -16.19
C MET L 101 39.15 9.24 -17.71
N LEU L 102 38.28 8.39 -18.25
CA LEU L 102 38.11 8.32 -19.69
C LEU L 102 37.27 9.50 -20.18
N SER L 103 37.79 10.24 -21.15
CA SER L 103 37.11 11.42 -21.69
C SER L 103 36.22 11.08 -22.88
N CYS L 104 35.34 10.12 -22.69
CA CYS L 104 34.42 9.67 -23.73
C CYS L 104 32.99 9.70 -23.20
N ALA L 105 32.05 9.54 -24.12
CA ALA L 105 30.62 9.56 -23.79
C ALA L 105 30.16 8.18 -23.31
N GLY L 106 30.71 7.78 -22.17
CA GLY L 106 30.33 6.53 -21.56
C GLY L 106 30.87 6.34 -20.15
N ALA L 107 29.99 5.96 -19.22
CA ALA L 107 30.40 5.65 -17.86
C ALA L 107 30.51 4.16 -17.59
N ASP L 108 29.95 3.32 -18.47
CA ASP L 108 30.03 1.88 -18.29
C ASP L 108 31.37 1.32 -18.73
N ARG L 109 32.16 2.09 -19.47
CA ARG L 109 33.45 1.61 -19.98
C ARG L 109 34.47 1.60 -18.84
N LEU L 110 34.27 0.70 -17.88
CA LEU L 110 35.14 0.49 -16.73
C LEU L 110 35.61 1.78 -16.07
N GLN L 111 34.74 2.79 -16.03
CA GLN L 111 35.13 4.03 -15.38
C GLN L 111 35.27 3.83 -13.88
N THR L 112 34.36 3.04 -13.29
CA THR L 112 34.35 2.64 -11.89
C THR L 112 34.11 3.82 -10.95
N GLY L 113 34.01 5.02 -11.50
CA GLY L 113 33.79 6.20 -10.69
C GLY L 113 34.94 6.44 -9.74
N MET L 114 34.63 6.51 -8.46
CA MET L 114 35.60 6.83 -7.43
C MET L 114 36.21 5.60 -6.79
N ARG L 115 35.95 4.42 -7.33
CA ARG L 115 36.51 3.18 -6.78
C ARG L 115 37.97 3.06 -7.20
N GLY L 116 38.83 2.76 -6.24
CA GLY L 116 40.25 2.63 -6.51
C GLY L 116 40.83 3.90 -7.08
N ALA L 117 40.53 5.02 -6.43
CA ALA L 117 40.75 6.33 -7.03
C ALA L 117 42.17 6.84 -6.88
N PHE L 118 43.06 6.12 -6.21
CA PHE L 118 44.41 6.62 -5.99
C PHE L 118 45.12 6.81 -7.33
N GLY L 119 45.65 8.00 -7.54
CA GLY L 119 46.14 8.39 -8.85
C GLY L 119 47.55 7.91 -9.14
N LYS L 120 47.95 8.14 -10.36
CA LYS L 120 49.25 7.92 -10.96
C LYS L 120 50.06 9.21 -10.95
N PRO L 121 51.39 9.14 -10.92
CA PRO L 121 52.20 10.36 -10.89
C PRO L 121 52.02 11.19 -12.14
N GLN L 122 51.46 12.38 -11.97
CA GLN L 122 51.29 13.34 -13.06
C GLN L 122 52.53 14.19 -13.29
N GLY L 123 53.08 14.75 -12.23
CA GLY L 123 54.23 15.61 -12.37
C GLY L 123 54.82 15.91 -11.01
N THR L 124 55.76 16.85 -11.00
CA THR L 124 56.43 17.26 -9.78
C THR L 124 56.27 18.76 -9.58
N VAL L 125 56.07 19.16 -8.33
CA VAL L 125 55.97 20.56 -7.95
C VAL L 125 56.91 20.81 -6.79
N ALA L 126 57.20 22.08 -6.57
CA ALA L 126 58.00 22.51 -5.43
C ALA L 126 57.09 23.19 -4.43
N ARG L 127 57.23 22.82 -3.15
CA ARG L 127 56.50 23.47 -2.09
C ARG L 127 57.29 24.66 -1.58
N VAL L 128 56.65 25.82 -1.52
CA VAL L 128 57.30 27.05 -1.09
C VAL L 128 56.52 27.61 0.09
N HIS L 129 57.25 28.20 1.03
CA HIS L 129 56.68 28.78 2.23
C HIS L 129 56.71 30.29 2.14
N ILE L 130 55.97 30.93 3.05
CA ILE L 130 56.01 32.39 3.15
C ILE L 130 57.40 32.80 3.60
N GLY L 131 58.03 33.67 2.83
CA GLY L 131 59.37 34.11 3.13
C GLY L 131 60.47 33.24 2.57
N GLN L 132 60.15 32.25 1.76
CA GLN L 132 61.17 31.42 1.14
C GLN L 132 61.61 32.03 -0.18
N VAL L 133 62.90 31.90 -0.48
CA VAL L 133 63.45 32.44 -1.70
C VAL L 133 63.19 31.46 -2.85
N ILE L 134 62.73 32.00 -3.98
CA ILE L 134 62.47 31.20 -5.17
C ILE L 134 63.65 31.27 -6.14
N MET L 135 64.07 32.47 -6.48
CA MET L 135 65.19 32.68 -7.39
C MET L 135 66.14 33.70 -6.80
N SER L 136 67.42 33.55 -7.11
CA SER L 136 68.45 34.49 -6.69
C SER L 136 69.31 34.85 -7.88
N ILE L 137 69.60 36.14 -8.02
CA ILE L 137 70.48 36.64 -9.07
C ILE L 137 71.57 37.46 -8.40
N ARG L 138 72.82 37.12 -8.67
CA ARG L 138 73.95 37.92 -8.23
C ARG L 138 74.66 38.51 -9.43
N THR L 139 75.06 39.76 -9.33
CA THR L 139 75.70 40.47 -10.43
C THR L 139 76.44 41.68 -9.88
N LYS L 140 76.90 42.54 -10.77
CA LYS L 140 77.58 43.76 -10.40
C LYS L 140 76.61 44.69 -9.65
N LEU L 141 77.18 45.56 -8.83
CA LEU L 141 76.36 46.44 -8.01
C LEU L 141 75.62 47.48 -8.83
N GLN L 142 76.07 47.77 -10.05
CA GLN L 142 75.43 48.75 -10.91
C GLN L 142 74.27 48.19 -11.70
N ASN L 143 74.03 46.87 -11.64
CA ASN L 143 72.91 46.24 -12.33
C ASN L 143 71.73 45.97 -11.42
N GLU L 144 71.55 46.79 -10.38
CA GLU L 144 70.48 46.55 -9.42
C GLU L 144 69.11 46.67 -10.09
N GLU L 145 68.95 47.66 -10.97
CA GLU L 145 67.67 47.84 -11.66
C GLU L 145 67.39 46.68 -12.61
N HIS L 146 68.44 46.09 -13.18
CA HIS L 146 68.25 45.01 -14.13
C HIS L 146 67.85 43.72 -13.43
N VAL L 147 68.37 43.49 -12.22
CA VAL L 147 67.94 42.35 -11.43
C VAL L 147 66.49 42.50 -11.03
N ILE L 148 66.09 43.70 -10.61
CA ILE L 148 64.71 43.94 -10.20
C ILE L 148 63.76 43.73 -11.36
N GLU L 149 64.12 44.24 -12.54
CA GLU L 149 63.24 44.08 -13.69
C GLU L 149 63.18 42.63 -14.17
N ALA L 150 64.31 41.92 -14.12
CA ALA L 150 64.29 40.52 -14.51
C ALA L 150 63.44 39.70 -13.55
N LEU L 151 63.57 39.96 -12.26
CA LEU L 151 62.78 39.23 -11.28
C LEU L 151 61.31 39.63 -11.33
N ARG L 152 61.04 40.90 -11.66
CA ARG L 152 59.66 41.34 -11.84
C ARG L 152 58.99 40.60 -12.99
N ARG L 153 59.72 40.40 -14.09
CA ARG L 153 59.16 39.73 -15.24
C ARG L 153 58.92 38.25 -14.95
N ALA L 154 59.79 37.62 -14.19
CA ALA L 154 59.63 36.21 -13.85
C ALA L 154 58.47 35.98 -12.89
N LYS L 155 58.02 37.03 -12.19
CA LYS L 155 56.90 36.89 -11.27
C LYS L 155 55.62 36.50 -12.00
N PHE L 156 55.47 36.91 -13.25
CA PHE L 156 54.25 36.67 -14.01
C PHE L 156 54.09 35.21 -14.40
N LYS L 157 55.09 34.38 -14.17
CA LYS L 157 55.04 32.97 -14.50
C LYS L 157 54.56 32.13 -13.32
N PHE L 158 54.19 32.75 -12.21
CA PHE L 158 53.91 32.02 -10.98
C PHE L 158 52.52 32.37 -10.45
N PRO L 159 51.87 31.44 -9.75
CA PRO L 159 50.48 31.66 -9.33
C PRO L 159 50.29 32.74 -8.28
N GLY L 160 51.05 32.67 -7.19
CA GLY L 160 50.76 33.49 -6.04
C GLY L 160 51.30 34.89 -6.08
N ARG L 161 51.65 35.42 -4.91
CA ARG L 161 52.20 36.75 -4.76
C ARG L 161 53.67 36.63 -4.36
N GLN L 162 54.54 37.34 -5.08
CA GLN L 162 55.97 37.26 -4.85
C GLN L 162 56.52 38.66 -4.63
N LYS L 163 57.56 38.75 -3.82
CA LYS L 163 58.22 40.01 -3.54
C LYS L 163 59.66 39.96 -4.03
N ILE L 164 60.17 41.11 -4.45
CA ILE L 164 61.56 41.26 -4.85
C ILE L 164 62.31 41.93 -3.72
N HIS L 165 63.39 41.30 -3.29
CA HIS L 165 64.17 41.78 -2.16
C HIS L 165 65.64 41.82 -2.55
N ILE L 166 66.30 42.94 -2.25
CA ILE L 166 67.74 43.05 -2.45
C ILE L 166 68.40 42.73 -1.12
N SER L 167 69.07 41.60 -1.04
CA SER L 167 69.58 41.11 0.24
C SER L 167 70.78 41.93 0.70
N LYS L 168 71.00 41.91 2.00
CA LYS L 168 72.16 42.53 2.61
C LYS L 168 73.40 41.64 2.57
N LYS L 169 73.26 40.40 2.13
CA LYS L 169 74.40 39.51 2.03
C LYS L 169 75.23 39.83 0.79
N TRP L 170 76.50 39.43 0.85
CA TRP L 170 77.41 39.59 -0.28
C TRP L 170 77.23 38.41 -1.22
N GLY L 171 76.65 38.67 -2.39
CA GLY L 171 76.48 37.61 -3.37
C GLY L 171 75.60 36.50 -2.85
N PHE L 172 76.03 35.26 -3.06
CA PHE L 172 75.30 34.10 -2.62
C PHE L 172 75.77 33.59 -1.26
N THR L 173 76.67 34.32 -0.61
CA THR L 173 77.15 33.94 0.71
C THR L 173 76.12 34.29 1.78
N LYS L 174 76.40 33.85 3.00
CA LYS L 174 75.52 34.10 4.13
C LYS L 174 76.05 35.21 5.04
N PHE L 175 77.00 35.99 4.55
CA PHE L 175 77.64 37.03 5.34
C PHE L 175 77.25 38.40 4.81
N ASN L 176 77.08 39.35 5.73
CA ASN L 176 76.63 40.68 5.37
C ASN L 176 77.65 41.39 4.49
N ALA L 177 77.17 42.21 3.57
CA ALA L 177 78.04 42.88 2.62
C ALA L 177 78.98 43.86 3.30
N ASP L 178 78.48 44.62 4.28
CA ASP L 178 79.32 45.59 4.95
C ASP L 178 80.42 44.93 5.79
N GLU L 179 80.15 43.79 6.39
CA GLU L 179 81.14 43.05 7.16
C GLU L 179 81.98 42.11 6.30
N PHE L 180 81.74 42.04 5.00
CA PHE L 180 82.39 41.04 4.17
C PHE L 180 83.86 41.40 3.91
N GLU L 181 84.13 42.67 3.62
CA GLU L 181 85.46 43.05 3.15
C GLU L 181 86.52 42.86 4.23
N ASP L 182 86.22 43.30 5.45
CA ASP L 182 87.20 43.17 6.53
C ASP L 182 87.36 41.72 6.97
N MET L 183 86.29 40.92 6.86
CA MET L 183 86.39 39.50 7.21
C MET L 183 87.35 38.78 6.28
N VAL L 184 87.34 39.12 5.00
CA VAL L 184 88.35 38.61 4.08
C VAL L 184 89.71 39.20 4.41
N ALA L 185 89.73 40.46 4.84
CA ALA L 185 91.01 41.11 5.17
C ALA L 185 91.69 40.45 6.36
N LYS L 186 90.93 40.11 7.39
CA LYS L 186 91.47 39.42 8.56
C LYS L 186 91.43 37.90 8.41
N LYS L 187 91.18 37.41 7.20
CA LYS L 187 91.26 35.99 6.87
C LYS L 187 90.29 35.13 7.67
N CYS L 188 89.12 35.68 7.99
CA CYS L 188 88.05 34.84 8.49
C CYS L 188 87.24 34.22 7.36
N LEU L 189 87.45 34.68 6.12
CA LEU L 189 86.79 34.13 4.96
C LEU L 189 87.82 33.90 3.86
N ILE L 190 87.73 32.75 3.21
CA ILE L 190 88.65 32.37 2.15
C ILE L 190 87.82 32.08 0.90
N PRO L 191 87.97 32.86 -0.16
CA PRO L 191 87.20 32.61 -1.39
C PRO L 191 87.55 31.27 -2.02
N ASP L 192 86.54 30.61 -2.58
CA ASP L 192 86.75 29.47 -3.46
C ASP L 192 85.57 29.31 -4.40
N GLY L 193 85.80 29.61 -5.67
CA GLY L 193 84.71 29.58 -6.63
C GLY L 193 83.71 30.67 -6.32
N CYS L 194 82.43 30.31 -6.31
CA CYS L 194 81.37 31.27 -6.12
C CYS L 194 81.04 31.52 -4.66
N GLY L 195 81.73 30.87 -3.73
CA GLY L 195 81.47 31.02 -2.32
C GLY L 195 82.75 31.13 -1.51
N VAL L 196 82.58 31.30 -0.22
CA VAL L 196 83.70 31.45 0.70
C VAL L 196 83.61 30.37 1.77
N LYS L 197 84.77 30.00 2.30
CA LYS L 197 84.84 29.17 3.49
C LYS L 197 85.09 30.05 4.70
N TYR L 198 84.26 29.88 5.72
CA TYR L 198 84.49 30.51 7.00
C TYR L 198 85.61 29.77 7.71
N VAL L 199 86.59 30.51 8.21
CA VAL L 199 87.71 29.90 8.92
C VAL L 199 87.60 30.26 10.39
N PRO L 200 87.10 29.36 11.23
CA PRO L 200 86.99 29.66 12.66
C PRO L 200 88.35 29.65 13.34
N SER L 201 88.40 30.29 14.50
CA SER L 201 89.63 30.36 15.28
C SER L 201 89.78 29.17 16.20
N HIS L 202 89.65 27.96 15.63
CA HIS L 202 89.90 26.74 16.35
C HIS L 202 90.28 25.65 15.36
N GLY L 203 90.88 24.59 15.87
CA GLY L 203 91.46 23.56 15.04
C GLY L 203 92.97 23.54 15.21
N PRO L 204 93.66 22.72 14.43
CA PRO L 204 95.13 22.69 14.50
C PRO L 204 95.73 24.04 14.11
N LEU L 205 96.84 24.39 14.78
CA LEU L 205 97.58 25.57 14.40
C LEU L 205 98.26 25.43 13.04
N ASP L 206 98.45 24.19 12.57
CA ASP L 206 99.04 23.99 11.25
C ASP L 206 98.15 24.56 10.16
N LYS L 207 96.84 24.48 10.35
CA LYS L 207 95.92 25.16 9.43
C LYS L 207 95.99 26.67 9.62
N TRP L 208 96.40 27.13 10.80
CA TRP L 208 96.54 28.57 11.00
C TRP L 208 97.80 29.10 10.34
N ARG L 209 98.89 28.32 10.39
CA ARG L 209 100.14 28.80 9.83
C ARG L 209 100.31 28.48 8.35
N VAL L 210 99.43 27.68 7.74
CA VAL L 210 99.41 27.67 6.29
C VAL L 210 98.78 28.96 5.77
N LEU L 211 97.76 29.45 6.46
CA LEU L 211 97.38 30.85 6.34
C LEU L 211 98.47 31.71 6.99
N HIS L 212 98.40 33.02 6.74
CA HIS L 212 99.43 33.95 7.20
C HIS L 212 100.82 33.54 6.71
N SER L 213 100.87 32.93 5.52
CA SER L 213 102.13 32.45 4.97
C SER L 213 102.04 32.36 3.45
N LYS M 6 122.54 2.05 21.52
CA LYS M 6 121.74 3.19 21.08
C LYS M 6 120.31 2.76 20.78
N GLU M 7 120.17 1.60 20.14
CA GLU M 7 118.87 1.06 19.76
C GLU M 7 118.40 0.07 20.82
N ASN M 8 117.13 0.17 21.17
CA ASN M 8 116.54 -0.76 22.13
C ASN M 8 116.52 -2.16 21.54
N PRO M 9 116.95 -3.19 22.28
CA PRO M 9 116.93 -4.55 21.74
C PRO M 9 115.55 -5.03 21.34
N MET M 10 114.50 -4.47 21.93
CA MET M 10 113.15 -4.94 21.69
C MET M 10 112.56 -4.42 20.39
N ARG M 11 113.30 -3.62 19.63
CA ARG M 11 112.85 -3.09 18.36
C ARG M 11 113.44 -3.84 17.16
N GLU M 12 114.20 -4.90 17.40
CA GLU M 12 114.89 -5.58 16.30
C GLU M 12 113.89 -6.34 15.43
N LEU M 13 113.99 -6.11 14.12
CA LEU M 13 113.09 -6.78 13.18
C LEU M 13 113.41 -8.27 13.11
N ARG M 14 112.38 -9.05 12.83
CA ARG M 14 112.54 -10.48 12.65
C ARG M 14 111.38 -11.01 11.81
N ILE M 15 111.56 -12.22 11.31
CA ILE M 15 110.53 -12.86 10.50
C ILE M 15 109.49 -13.49 11.41
N ARG M 16 108.22 -13.16 11.17
CA ARG M 16 107.15 -13.78 11.95
C ARG M 16 106.72 -15.10 11.32
N LYS M 17 106.28 -15.06 10.06
CA LYS M 17 105.90 -16.25 9.32
C LYS M 17 106.30 -16.06 7.87
N LEU M 18 106.25 -17.14 7.10
CA LEU M 18 106.71 -17.11 5.72
C LEU M 18 105.61 -17.35 4.71
N CYS M 19 104.58 -18.13 5.05
CA CYS M 19 103.32 -18.18 4.32
C CYS M 19 103.50 -18.60 2.85
N LEU M 20 103.95 -19.83 2.68
CA LEU M 20 104.03 -20.43 1.36
C LEU M 20 102.63 -20.73 0.83
N ASN M 21 102.46 -20.63 -0.48
CA ASN M 21 101.16 -20.80 -1.09
C ASN M 21 101.30 -21.24 -2.54
N ILE M 22 100.58 -22.28 -2.91
CA ILE M 22 100.52 -22.77 -4.30
C ILE M 22 99.04 -22.76 -4.69
N CYS M 23 98.70 -21.97 -5.70
CA CYS M 23 97.31 -21.88 -6.16
C CYS M 23 97.19 -22.66 -7.46
N VAL M 24 96.94 -23.97 -7.34
CA VAL M 24 96.57 -24.77 -8.48
C VAL M 24 95.16 -24.38 -8.91
N GLY M 25 94.92 -24.32 -10.21
CA GLY M 25 93.64 -23.86 -10.70
C GLY M 25 92.48 -24.75 -10.28
N GLU M 26 92.67 -26.06 -10.31
CA GLU M 26 91.60 -27.01 -10.10
C GLU M 26 91.96 -27.96 -8.95
N SER M 27 91.14 -29.00 -8.78
CA SER M 27 91.31 -29.96 -7.72
C SER M 27 91.77 -31.31 -8.27
N GLY M 28 91.85 -32.30 -7.40
CA GLY M 28 92.16 -33.66 -7.80
C GLY M 28 93.61 -34.06 -7.60
N ASP M 29 94.17 -34.75 -8.59
CA ASP M 29 95.57 -35.18 -8.50
C ASP M 29 96.51 -33.98 -8.48
N ARG M 30 96.21 -32.95 -9.26
CA ARG M 30 97.12 -31.81 -9.35
C ARG M 30 97.25 -31.11 -8.02
N LEU M 31 96.15 -30.93 -7.30
CA LEU M 31 96.21 -30.33 -5.98
C LEU M 31 96.93 -31.25 -4.99
N THR M 32 96.72 -32.55 -5.11
CA THR M 32 97.38 -33.50 -4.20
C THR M 32 98.88 -33.48 -4.40
N ARG M 33 99.33 -33.41 -5.65
CA ARG M 33 100.77 -33.37 -5.92
C ARG M 33 101.38 -32.07 -5.42
N ALA M 34 100.64 -30.96 -5.54
CA ALA M 34 101.12 -29.69 -5.02
C ALA M 34 101.27 -29.73 -3.51
N ALA M 35 100.33 -30.38 -2.83
CA ALA M 35 100.44 -30.54 -1.38
C ALA M 35 101.67 -31.33 -1.01
N LYS M 36 102.09 -32.26 -1.86
CA LYS M 36 103.30 -33.01 -1.60
C LYS M 36 104.54 -32.15 -1.78
N VAL M 37 104.47 -31.20 -2.71
CA VAL M 37 105.59 -30.27 -2.92
C VAL M 37 105.81 -29.43 -1.68
N LEU M 38 104.73 -28.87 -1.13
CA LEU M 38 104.85 -28.04 0.06
C LEU M 38 105.33 -28.84 1.25
N GLU M 39 104.81 -30.05 1.43
CA GLU M 39 105.19 -30.87 2.57
C GLU M 39 106.65 -31.28 2.49
N GLN M 40 107.13 -31.56 1.28
CA GLN M 40 108.53 -31.93 1.13
C GLN M 40 109.45 -30.74 1.31
N LEU M 41 109.01 -29.55 0.90
CA LEU M 41 109.82 -28.35 1.04
C LEU M 41 109.96 -27.94 2.50
N THR M 42 108.88 -28.03 3.27
CA THR M 42 108.87 -27.54 4.64
C THR M 42 109.02 -28.64 5.68
N GLY M 43 108.84 -29.90 5.31
CA GLY M 43 108.78 -30.95 6.30
C GLY M 43 107.60 -30.77 7.23
N GLN M 44 106.45 -30.40 6.67
CA GLN M 44 105.34 -29.90 7.46
C GLN M 44 104.06 -30.04 6.66
N THR M 45 103.02 -30.55 7.30
CA THR M 45 101.77 -30.86 6.59
C THR M 45 101.06 -29.58 6.19
N PRO M 46 100.69 -29.41 4.92
CA PRO M 46 99.97 -28.21 4.50
C PRO M 46 98.47 -28.36 4.59
N VAL M 47 97.72 -27.30 4.25
CA VAL M 47 96.27 -27.32 4.26
C VAL M 47 95.76 -26.83 2.92
N PHE M 48 94.51 -27.19 2.62
CA PHE M 48 93.87 -26.87 1.35
C PHE M 48 92.92 -25.69 1.53
N SER M 49 92.81 -24.88 0.48
CA SER M 49 91.95 -23.70 0.50
C SER M 49 90.82 -23.88 -0.50
N LYS M 50 89.59 -23.72 -0.04
CA LYS M 50 88.43 -23.83 -0.88
C LYS M 50 88.14 -22.50 -1.59
N ALA M 51 87.46 -22.60 -2.72
CA ALA M 51 87.08 -21.40 -3.46
C ALA M 51 85.91 -20.72 -2.77
N ARG M 52 86.03 -19.40 -2.56
CA ARG M 52 84.96 -18.68 -1.88
C ARG M 52 83.72 -18.56 -2.74
N TYR M 53 83.90 -18.32 -4.04
CA TYR M 53 82.78 -18.13 -4.95
C TYR M 53 82.97 -19.04 -6.16
N THR M 54 81.91 -19.18 -6.93
CA THR M 54 81.92 -19.96 -8.16
C THR M 54 82.03 -18.99 -9.33
N VAL M 55 83.11 -19.10 -10.09
CA VAL M 55 83.34 -18.29 -11.28
C VAL M 55 83.54 -19.21 -12.47
N ARG M 56 82.84 -18.92 -13.57
CA ARG M 56 82.87 -19.79 -14.73
C ARG M 56 84.07 -19.52 -15.64
N SER M 57 84.68 -18.35 -15.54
CA SER M 57 85.87 -18.07 -16.35
C SER M 57 87.03 -18.99 -15.97
N PHE M 58 87.23 -19.21 -14.67
CA PHE M 58 88.32 -20.04 -14.19
C PHE M 58 87.91 -21.50 -14.00
N GLY M 59 86.63 -21.82 -14.22
CA GLY M 59 86.17 -23.20 -14.11
C GLY M 59 86.26 -23.78 -12.72
N ILE M 60 85.95 -22.99 -11.69
CA ILE M 60 86.00 -23.45 -10.32
C ILE M 60 84.62 -23.25 -9.69
N ARG M 61 84.35 -24.04 -8.66
CA ARG M 61 83.08 -24.03 -7.97
C ARG M 61 83.28 -23.59 -6.53
N ARG M 62 82.22 -23.06 -5.93
CA ARG M 62 82.28 -22.71 -4.52
C ARG M 62 82.51 -23.95 -3.66
N ASN M 63 83.29 -23.77 -2.60
CA ASN M 63 83.66 -24.83 -1.66
C ASN M 63 84.48 -25.94 -2.31
N GLU M 64 85.11 -25.66 -3.45
CA GLU M 64 85.97 -26.62 -4.12
C GLU M 64 87.42 -26.34 -3.74
N LYS M 65 88.13 -27.39 -3.31
CA LYS M 65 89.52 -27.27 -2.92
C LYS M 65 90.38 -26.81 -4.08
N ILE M 66 90.92 -25.61 -4.00
CA ILE M 66 91.64 -24.98 -5.11
C ILE M 66 93.13 -24.95 -4.86
N ALA M 67 93.55 -24.39 -3.74
CA ALA M 67 94.96 -24.12 -3.48
C ALA M 67 95.43 -24.85 -2.24
N VAL M 68 96.74 -24.85 -2.05
CA VAL M 68 97.38 -25.45 -0.89
C VAL M 68 98.38 -24.43 -0.34
N HIS M 69 98.46 -24.35 0.98
CA HIS M 69 99.30 -23.35 1.62
C HIS M 69 99.72 -23.85 3.00
N CYS M 70 100.80 -23.25 3.50
CA CYS M 70 101.28 -23.53 4.85
C CYS M 70 102.07 -22.33 5.34
N THR M 71 101.99 -22.06 6.64
CA THR M 71 102.76 -20.99 7.26
C THR M 71 103.91 -21.61 8.05
N VAL M 72 105.10 -21.07 7.87
CA VAL M 72 106.32 -21.60 8.48
C VAL M 72 106.93 -20.52 9.34
N ARG M 73 107.25 -20.86 10.59
CA ARG M 73 107.78 -19.92 11.55
C ARG M 73 109.08 -20.46 12.12
N GLY M 74 109.96 -19.55 12.55
CA GLY M 74 111.16 -19.94 13.26
C GLY M 74 112.36 -20.18 12.38
N ALA M 75 113.25 -21.09 12.82
CA ALA M 75 114.48 -21.33 12.07
C ALA M 75 114.20 -21.95 10.71
N LYS M 76 113.12 -22.73 10.60
CA LYS M 76 112.78 -23.34 9.33
C LYS M 76 112.43 -22.29 8.29
N ALA M 77 111.77 -21.20 8.71
CA ALA M 77 111.45 -20.11 7.80
C ALA M 77 112.70 -19.40 7.33
N GLU M 78 113.70 -19.30 8.19
CA GLU M 78 114.94 -18.63 7.80
C GLU M 78 115.65 -19.38 6.69
N GLU M 79 115.63 -20.71 6.74
CA GLU M 79 116.27 -21.50 5.69
C GLU M 79 115.48 -21.44 4.39
N ILE M 80 114.15 -21.52 4.47
CA ILE M 80 113.34 -21.55 3.26
C ILE M 80 113.38 -20.20 2.55
N LEU M 81 113.37 -19.11 3.31
CA LEU M 81 113.54 -17.80 2.70
C LEU M 81 114.90 -17.67 2.03
N GLU M 82 115.94 -18.25 2.65
CA GLU M 82 117.28 -18.22 2.07
C GLU M 82 117.30 -18.96 0.74
N LYS M 83 116.60 -20.10 0.66
CA LYS M 83 116.51 -20.81 -0.60
C LYS M 83 115.72 -20.02 -1.64
N GLY M 84 114.65 -19.36 -1.21
CA GLY M 84 113.87 -18.56 -2.14
C GLY M 84 114.62 -17.35 -2.66
N LEU M 85 115.35 -16.67 -1.78
CA LEU M 85 116.11 -15.50 -2.21
C LEU M 85 117.32 -15.90 -3.04
N LYS M 86 117.86 -17.10 -2.81
CA LYS M 86 118.93 -17.60 -3.65
C LYS M 86 118.49 -17.74 -5.10
N VAL M 87 117.28 -18.25 -5.30
CA VAL M 87 116.72 -18.36 -6.65
C VAL M 87 116.52 -16.98 -7.25
N ARG M 88 116.04 -16.03 -6.45
CA ARG M 88 115.82 -14.66 -6.89
C ARG M 88 117.12 -13.90 -7.09
N GLU M 89 118.27 -14.51 -6.81
CA GLU M 89 119.57 -13.86 -6.90
C GLU M 89 119.67 -12.66 -5.96
N TYR M 90 118.92 -12.72 -4.85
CA TYR M 90 118.94 -11.69 -3.81
C TYR M 90 118.63 -10.31 -4.37
N GLU M 91 117.65 -10.23 -5.26
CA GLU M 91 117.20 -8.94 -5.77
C GLU M 91 115.68 -8.92 -5.79
N LEU M 92 115.11 -7.77 -5.43
CA LEU M 92 113.68 -7.59 -5.41
C LEU M 92 113.35 -6.20 -5.95
N ARG M 93 112.16 -6.08 -6.54
CA ARG M 93 111.70 -4.78 -7.02
C ARG M 93 111.32 -3.89 -5.85
N LYS M 94 111.22 -2.59 -6.14
CA LYS M 94 110.78 -1.63 -5.13
C LYS M 94 109.35 -1.88 -4.70
N ASN M 95 108.49 -2.28 -5.63
CA ASN M 95 107.07 -2.48 -5.34
C ASN M 95 106.75 -3.87 -4.80
N ASN M 96 107.74 -4.72 -4.59
CA ASN M 96 107.49 -6.00 -3.94
C ASN M 96 107.24 -5.86 -2.44
N PHE M 97 107.46 -4.68 -1.88
CA PHE M 97 107.26 -4.43 -0.46
C PHE M 97 105.94 -3.74 -0.24
N SER M 98 105.14 -4.27 0.70
CA SER M 98 103.86 -3.66 1.01
C SER M 98 104.03 -2.54 2.01
N ASP M 99 102.98 -1.72 2.14
CA ASP M 99 103.03 -0.55 3.01
C ASP M 99 102.95 -0.90 4.50
N THR M 100 102.66 -2.15 4.84
CA THR M 100 102.57 -2.57 6.23
C THR M 100 103.87 -3.19 6.74
N GLY M 101 104.94 -3.14 5.96
CA GLY M 101 106.22 -3.61 6.44
C GLY M 101 106.57 -5.04 6.12
N ASN M 102 105.84 -5.67 5.20
CA ASN M 102 106.12 -7.05 4.82
C ASN M 102 106.09 -7.16 3.31
N PHE M 103 106.83 -8.14 2.79
CA PHE M 103 107.05 -8.27 1.36
C PHE M 103 106.92 -9.72 0.95
N GLY M 104 107.07 -9.97 -0.35
CA GLY M 104 106.98 -11.31 -0.87
C GLY M 104 107.37 -11.32 -2.33
N PHE M 105 107.46 -12.53 -2.87
CA PHE M 105 107.88 -12.74 -4.25
C PHE M 105 107.33 -14.08 -4.71
N GLY M 106 107.67 -14.45 -5.94
CA GLY M 106 107.21 -15.70 -6.50
C GLY M 106 108.35 -16.49 -7.12
N ILE M 107 108.24 -17.80 -7.03
CA ILE M 107 109.22 -18.72 -7.58
C ILE M 107 108.53 -19.54 -8.67
N GLN M 108 109.10 -19.52 -9.87
CA GLN M 108 108.42 -20.11 -11.02
C GLN M 108 108.50 -21.63 -11.02
N GLU M 109 109.62 -22.20 -10.62
CA GLU M 109 109.78 -23.66 -10.56
C GLU M 109 110.28 -24.03 -9.17
N HIS M 110 109.64 -25.02 -8.55
CA HIS M 110 110.00 -25.43 -7.21
C HIS M 110 111.21 -26.34 -7.15
N ILE M 111 111.70 -26.83 -8.30
CA ILE M 111 112.78 -27.79 -8.32
C ILE M 111 114.16 -27.15 -8.27
N ASP M 112 114.24 -25.82 -8.36
CA ASP M 112 115.52 -25.15 -8.34
C ASP M 112 115.99 -24.77 -6.94
N LEU M 113 115.16 -24.97 -5.93
CA LEU M 113 115.53 -24.67 -4.55
C LEU M 113 115.45 -25.94 -3.71
N GLY M 114 116.59 -26.61 -3.54
CA GLY M 114 116.67 -27.77 -2.68
C GLY M 114 115.98 -29.02 -3.20
N ILE M 115 114.68 -28.92 -3.49
CA ILE M 115 113.91 -30.09 -3.87
C ILE M 115 114.30 -30.55 -5.26
N LYS M 116 114.61 -31.83 -5.40
CA LYS M 116 114.92 -32.44 -6.68
C LYS M 116 113.65 -32.89 -7.38
N TYR M 117 113.75 -33.10 -8.68
CA TYR M 117 112.60 -33.50 -9.47
C TYR M 117 112.20 -34.95 -9.17
N ASP M 118 110.90 -35.20 -9.22
CA ASP M 118 110.33 -36.53 -9.10
C ASP M 118 109.29 -36.71 -10.20
N PRO M 119 109.21 -37.90 -10.81
CA PRO M 119 108.21 -38.12 -11.87
C PRO M 119 106.77 -37.92 -11.40
N SER M 120 106.45 -38.27 -10.16
CA SER M 120 105.12 -38.05 -9.61
C SER M 120 104.94 -36.64 -9.06
N ILE M 121 105.86 -35.74 -9.38
CA ILE M 121 105.81 -34.34 -8.96
C ILE M 121 105.93 -33.47 -10.19
N GLY M 122 105.06 -32.47 -10.29
CA GLY M 122 105.06 -31.57 -11.42
C GLY M 122 106.20 -30.56 -11.39
N ILE M 123 105.96 -29.42 -12.01
CA ILE M 123 106.94 -28.34 -12.11
C ILE M 123 106.34 -27.13 -11.42
N TYR M 124 105.62 -27.37 -10.33
CA TYR M 124 104.82 -26.35 -9.68
C TYR M 124 105.67 -25.13 -9.28
N GLY M 125 105.08 -23.95 -9.42
CA GLY M 125 105.60 -22.75 -8.79
C GLY M 125 104.84 -22.43 -7.51
N LEU M 126 105.31 -21.40 -6.82
CA LEU M 126 104.75 -21.09 -5.51
C LEU M 126 105.02 -19.65 -5.16
N ASP M 127 104.32 -19.17 -4.14
CA ASP M 127 104.39 -17.79 -3.67
C ASP M 127 105.04 -17.75 -2.30
N PHE M 128 106.06 -16.92 -2.14
CA PHE M 128 106.64 -16.60 -0.85
C PHE M 128 106.10 -15.25 -0.42
N TYR M 129 105.73 -15.14 0.86
CA TYR M 129 105.32 -13.85 1.40
C TYR M 129 105.69 -13.81 2.88
N VAL M 130 106.86 -13.28 3.18
CA VAL M 130 107.33 -13.22 4.55
C VAL M 130 106.63 -12.08 5.27
N VAL M 131 106.44 -12.24 6.57
CA VAL M 131 105.80 -11.23 7.41
C VAL M 131 106.81 -10.84 8.49
N LEU M 132 107.17 -9.56 8.51
CA LEU M 132 108.12 -9.07 9.48
C LEU M 132 107.42 -8.67 10.77
N GLY M 133 108.17 -8.69 11.85
CA GLY M 133 107.61 -8.30 13.14
C GLY M 133 108.71 -7.89 14.09
N ARG M 134 108.29 -7.25 15.18
CA ARG M 134 109.14 -6.87 16.28
C ARG M 134 108.73 -7.65 17.51
N PRO M 135 109.61 -7.79 18.50
CA PRO M 135 109.19 -8.36 19.78
C PRO M 135 108.05 -7.58 20.40
N GLY M 136 106.88 -8.19 20.49
CA GLY M 136 105.71 -7.54 21.03
C GLY M 136 104.54 -7.43 20.06
N PHE M 137 104.65 -7.94 18.84
CA PHE M 137 103.53 -7.88 17.91
C PHE M 137 102.41 -8.85 18.28
N SER M 138 102.65 -9.78 19.20
CA SER M 138 101.66 -10.77 19.56
C SER M 138 100.53 -10.23 20.41
N ILE M 139 100.68 -9.01 20.95
CA ILE M 139 99.61 -8.44 21.76
C ILE M 139 98.36 -8.17 20.95
N ALA M 140 98.49 -8.02 19.63
CA ALA M 140 97.32 -7.89 18.77
C ALA M 140 96.63 -9.23 18.53
N ASP M 141 97.23 -10.33 18.97
CA ASP M 141 96.70 -11.66 18.74
C ASP M 141 96.31 -12.38 20.01
N LYS M 142 96.76 -11.91 21.17
CA LYS M 142 96.43 -12.57 22.43
C LYS M 142 94.95 -12.43 22.74
N LYS M 143 94.45 -13.33 23.58
CA LYS M 143 93.03 -13.33 23.92
C LYS M 143 92.68 -12.29 24.98
N ARG M 144 93.45 -12.23 26.05
CA ARG M 144 93.15 -11.37 27.19
C ARG M 144 93.94 -10.08 27.09
N ARG M 145 93.25 -8.95 27.20
CA ARG M 145 93.87 -7.63 27.18
C ARG M 145 94.64 -7.39 25.89
N THR M 146 94.03 -7.78 24.76
CA THR M 146 94.64 -7.52 23.48
C THR M 146 94.62 -6.03 23.15
N GLY M 147 95.55 -5.60 22.31
CA GLY M 147 95.64 -4.20 21.93
C GLY M 147 96.50 -4.00 20.72
N CYS M 148 96.40 -2.80 20.15
CA CYS M 148 97.20 -2.43 19.00
C CYS M 148 98.63 -2.15 19.42
N ILE M 149 99.53 -2.11 18.44
CA ILE M 149 100.96 -2.08 18.76
C ILE M 149 101.52 -0.68 18.92
N GLY M 150 100.84 0.34 18.45
CA GLY M 150 101.44 1.66 18.60
C GLY M 150 102.20 2.09 17.36
N ALA M 151 102.22 3.40 17.13
CA ALA M 151 102.72 3.92 15.87
C ALA M 151 104.22 3.71 15.71
N LYS M 152 104.99 3.98 16.76
CA LYS M 152 106.45 3.90 16.64
C LYS M 152 106.92 2.45 16.49
N HIS M 153 106.19 1.50 17.08
CA HIS M 153 106.61 0.11 17.01
C HIS M 153 106.35 -0.54 15.67
N ARG M 154 105.57 0.09 14.81
CA ARG M 154 105.20 -0.51 13.54
C ARG M 154 106.42 -0.60 12.62
N ILE M 155 106.26 -1.34 11.53
CA ILE M 155 107.30 -1.51 10.53
C ILE M 155 106.83 -0.82 9.26
N SER M 156 107.64 0.10 8.75
CA SER M 156 107.33 0.82 7.53
C SER M 156 107.93 0.10 6.34
N LYS M 157 107.55 0.55 5.13
CA LYS M 157 108.10 -0.01 3.92
C LYS M 157 109.61 0.25 3.83
N GLU M 158 110.04 1.44 4.28
CA GLU M 158 111.47 1.75 4.27
C GLU M 158 112.24 0.86 5.22
N GLU M 159 111.68 0.60 6.40
CA GLU M 159 112.35 -0.26 7.37
C GLU M 159 112.48 -1.68 6.86
N ALA M 160 111.44 -2.18 6.18
CA ALA M 160 111.51 -3.52 5.61
C ALA M 160 112.59 -3.60 4.53
N MET M 161 112.66 -2.57 3.67
CA MET M 161 113.67 -2.57 2.62
C MET M 161 115.07 -2.50 3.20
N ARG M 162 115.25 -1.70 4.26
CA ARG M 162 116.55 -1.63 4.91
C ARG M 162 116.95 -2.97 5.51
N TRP M 163 116.02 -3.61 6.22
CA TRP M 163 116.32 -4.89 6.85
C TRP M 163 116.67 -5.94 5.80
N PHE M 164 116.07 -5.86 4.62
CA PHE M 164 116.43 -6.76 3.53
C PHE M 164 117.86 -6.50 3.07
N GLN M 165 118.29 -5.25 3.11
CA GLN M 165 119.63 -4.91 2.64
C GLN M 165 120.71 -5.34 3.62
N GLN M 166 120.52 -5.12 4.91
CA GLN M 166 121.58 -5.45 5.86
C GLN M 166 121.68 -6.95 6.14
N LYS M 167 120.57 -7.68 6.09
CA LYS M 167 120.63 -9.10 6.45
C LYS M 167 120.97 -9.96 5.24
N TYR M 168 120.19 -9.87 4.17
CA TYR M 168 120.35 -10.72 3.00
C TYR M 168 121.11 -10.03 1.88
N ASP M 169 121.90 -8.99 2.20
CA ASP M 169 122.72 -8.16 1.31
C ASP M 169 122.09 -7.99 -0.07
N GLY M 170 120.80 -7.69 -0.09
CA GLY M 170 120.02 -7.72 -1.31
C GLY M 170 120.06 -6.40 -2.07
N ILE M 171 119.45 -6.43 -3.24
CA ILE M 171 119.40 -5.29 -4.14
C ILE M 171 117.94 -4.91 -4.35
N ILE M 172 117.62 -3.65 -4.14
CA ILE M 172 116.26 -3.14 -4.32
C ILE M 172 116.22 -2.53 -5.71
N LEU M 173 115.66 -3.27 -6.66
CA LEU M 173 115.54 -2.76 -8.02
C LEU M 173 114.47 -1.68 -8.07
N PRO M 174 114.72 -0.58 -8.78
CA PRO M 174 113.75 0.53 -8.84
C PRO M 174 112.61 0.27 -9.83
N GLY M 175 111.90 -0.83 -9.63
CA GLY M 175 110.82 -1.20 -10.52
C GLY M 175 109.50 -1.45 -9.78
N ALA N 1 14.36 -15.66 19.81
CA ALA N 1 15.75 -15.33 20.09
C ALA N 1 16.02 -15.35 21.58
N PRO N 2 17.16 -15.90 21.97
CA PRO N 2 17.56 -15.87 23.38
C PRO N 2 17.80 -14.45 23.85
N SER N 3 17.52 -14.20 25.12
CA SER N 3 17.65 -12.87 25.70
C SER N 3 18.33 -13.00 27.05
N ARG N 4 19.61 -12.64 27.12
CA ARG N 4 20.40 -12.64 28.35
C ARG N 4 20.42 -14.06 28.93
N ASN N 5 20.54 -14.17 30.23
CA ASN N 5 20.52 -15.48 30.88
C ASN N 5 19.11 -16.05 30.85
N GLY N 6 19.05 -17.38 30.75
CA GLY N 6 17.77 -18.04 30.73
C GLY N 6 17.97 -19.53 30.55
N MET N 7 16.88 -20.26 30.70
CA MET N 7 16.88 -21.70 30.51
C MET N 7 16.56 -21.99 29.06
N VAL N 8 17.32 -22.90 28.45
CA VAL N 8 17.03 -23.33 27.09
C VAL N 8 15.76 -24.18 27.14
N LEU N 9 14.68 -23.66 26.58
CA LEU N 9 13.37 -24.26 26.68
C LEU N 9 13.00 -24.97 25.39
N LYS N 10 12.30 -26.09 25.52
CA LYS N 10 11.89 -26.91 24.39
C LYS N 10 10.40 -27.23 24.51
N PRO N 11 9.54 -26.29 24.15
CA PRO N 11 8.10 -26.57 24.18
C PRO N 11 7.71 -27.59 23.12
N HIS N 12 6.81 -28.49 23.47
CA HIS N 12 6.30 -29.48 22.53
C HIS N 12 4.95 -29.03 21.97
N PHE N 13 4.96 -27.86 21.33
CA PHE N 13 3.77 -27.27 20.74
C PHE N 13 3.96 -27.00 19.26
N HIS N 14 4.60 -27.93 18.56
CA HIS N 14 4.82 -27.82 17.13
C HIS N 14 3.92 -28.73 16.31
N LYS N 15 2.91 -29.33 16.93
CA LYS N 15 2.23 -30.48 16.36
C LYS N 15 0.73 -30.31 16.36
N ASP N 16 0.24 -29.08 16.22
CA ASP N 16 -1.19 -28.78 16.15
C ASP N 16 -1.94 -29.29 17.38
N TRP N 17 -1.48 -28.83 18.54
CA TRP N 17 -1.98 -29.32 19.82
C TRP N 17 -3.41 -28.89 20.10
N GLN N 18 -3.88 -27.78 19.51
CA GLN N 18 -5.19 -27.25 19.84
C GLN N 18 -6.33 -28.11 19.33
N ARG N 19 -6.08 -29.03 18.41
CA ARG N 19 -7.11 -29.97 17.99
C ARG N 19 -7.35 -31.05 19.04
N ARG N 20 -6.36 -31.35 19.86
CA ARG N 20 -6.47 -32.37 20.90
C ARG N 20 -6.17 -31.72 22.25
N VAL N 21 -7.17 -31.09 22.83
CA VAL N 21 -7.06 -30.53 24.17
C VAL N 21 -8.18 -31.13 25.00
N ALA N 22 -7.81 -31.73 26.13
CA ALA N 22 -8.78 -32.36 27.02
C ALA N 22 -9.06 -31.42 28.17
N THR N 23 -10.23 -30.77 28.14
CA THR N 23 -10.67 -30.00 29.28
C THR N 23 -11.34 -30.90 30.30
N TRP N 24 -11.46 -30.41 31.52
CA TRP N 24 -11.93 -31.20 32.64
C TRP N 24 -13.15 -30.59 33.30
N PHE N 25 -14.01 -29.95 32.52
CA PHE N 25 -15.22 -29.35 33.08
C PHE N 25 -16.24 -30.39 33.50
N ASN N 26 -16.11 -31.62 33.02
CA ASN N 26 -16.96 -32.71 33.44
C ASN N 26 -16.37 -33.50 34.59
N GLN N 27 -15.26 -33.03 35.17
CA GLN N 27 -14.71 -33.71 36.34
C GLN N 27 -15.67 -33.73 37.52
N PRO N 28 -16.29 -32.62 37.94
CA PRO N 28 -17.28 -32.73 39.02
C PRO N 28 -18.45 -33.61 38.67
N ALA N 29 -18.89 -33.59 37.41
CA ALA N 29 -19.97 -34.47 37.00
C ALA N 29 -19.53 -35.92 36.98
N ARG N 30 -18.29 -36.18 36.57
CA ARG N 30 -17.77 -37.54 36.55
C ARG N 30 -17.69 -38.12 37.95
N LYS N 31 -17.35 -37.29 38.94
CA LYS N 31 -17.29 -37.77 40.32
C LYS N 31 -18.68 -38.10 40.84
N ILE N 32 -19.68 -37.32 40.44
CA ILE N 32 -21.05 -37.61 40.86
C ILE N 32 -21.53 -38.91 40.24
N ARG N 33 -21.25 -39.10 38.95
CA ARG N 33 -21.67 -40.32 38.26
C ARG N 33 -20.98 -41.55 38.85
N ARG N 34 -19.71 -41.42 39.22
CA ARG N 34 -19.01 -42.53 39.84
C ARG N 34 -19.55 -42.82 41.24
N ARG N 35 -19.88 -41.78 41.99
CA ARG N 35 -20.43 -41.99 43.32
C ARG N 35 -21.79 -42.64 43.25
N LYS N 36 -22.62 -42.24 42.30
CA LYS N 36 -23.94 -42.83 42.16
C LYS N 36 -23.85 -44.29 41.78
N ALA N 37 -22.91 -44.64 40.90
CA ALA N 37 -22.73 -46.03 40.51
C ALA N 37 -22.22 -46.86 41.67
N ARG N 38 -21.35 -46.29 42.51
CA ARG N 38 -20.87 -47.00 43.69
C ARG N 38 -22.01 -47.29 44.65
N GLN N 39 -22.89 -46.31 44.86
CA GLN N 39 -23.99 -46.49 45.80
C GLN N 39 -25.02 -47.45 45.25
N ALA N 40 -25.27 -47.41 43.95
CA ALA N 40 -26.18 -48.37 43.34
C ALA N 40 -25.62 -49.78 43.42
N LYS N 41 -24.31 -49.94 43.18
CA LYS N 41 -23.70 -51.25 43.25
C LYS N 41 -23.73 -51.81 44.67
N ALA N 42 -23.51 -50.94 45.66
CA ALA N 42 -23.57 -51.39 47.05
C ALA N 42 -24.96 -51.86 47.42
N ARG N 43 -25.98 -51.17 46.93
CA ARG N 43 -27.36 -51.58 47.20
C ARG N 43 -27.69 -52.90 46.54
N ARG N 44 -27.12 -53.14 45.36
CA ARG N 44 -27.43 -54.36 44.62
C ARG N 44 -26.92 -55.60 45.34
N ILE N 45 -25.66 -55.58 45.77
CA ILE N 45 -25.10 -56.65 46.60
C ILE N 45 -25.31 -56.22 48.05
N ALA N 46 -26.47 -56.57 48.61
CA ALA N 46 -26.95 -55.86 49.79
C ALA N 46 -26.11 -56.15 51.04
N PRO N 47 -25.90 -57.41 51.45
CA PRO N 47 -25.03 -57.62 52.62
C PRO N 47 -23.57 -57.84 52.27
N ARG N 48 -23.26 -58.11 51.01
CA ARG N 48 -21.88 -58.33 50.62
C ARG N 48 -21.08 -57.04 50.74
N PRO N 49 -19.78 -57.14 51.01
CA PRO N 49 -18.97 -55.92 51.17
C PRO N 49 -18.99 -55.05 49.93
N ALA N 50 -19.05 -53.73 50.16
CA ALA N 50 -19.21 -52.80 49.05
C ALA N 50 -17.96 -52.76 48.17
N SER N 51 -16.78 -52.91 48.78
CA SER N 51 -15.55 -52.82 48.01
C SER N 51 -15.34 -54.04 47.12
N GLY N 52 -15.80 -55.21 47.55
CA GLY N 52 -15.71 -56.40 46.74
C GLY N 52 -15.01 -57.54 47.44
N PRO N 53 -14.30 -58.34 46.66
CA PRO N 53 -13.61 -59.50 47.24
C PRO N 53 -12.45 -59.10 48.12
N ILE N 54 -12.12 -60.00 49.05
CA ILE N 54 -10.90 -59.85 49.82
C ILE N 54 -9.69 -60.05 48.92
N ARG N 55 -8.66 -59.25 49.13
CA ARG N 55 -7.45 -59.31 48.33
C ARG N 55 -6.28 -59.82 49.17
N PRO N 56 -5.29 -60.45 48.56
CA PRO N 56 -4.17 -61.01 49.33
C PRO N 56 -3.16 -59.95 49.75
N ILE N 57 -2.32 -60.35 50.69
CA ILE N 57 -1.17 -59.56 51.09
C ILE N 57 -0.04 -59.79 50.10
N VAL N 58 0.50 -58.70 49.56
CA VAL N 58 1.41 -58.74 48.42
C VAL N 58 2.50 -57.70 48.59
N ARG N 59 3.75 -58.13 48.44
CA ARG N 59 4.90 -57.24 48.53
C ARG N 59 5.20 -56.60 47.18
N CYS N 60 5.60 -55.34 47.20
CA CYS N 60 5.81 -54.61 45.96
C CYS N 60 7.14 -55.04 45.31
N PRO N 61 7.19 -55.11 43.97
CA PRO N 61 8.31 -55.77 43.30
C PRO N 61 9.70 -55.17 43.52
N THR N 62 9.97 -53.94 43.11
CA THR N 62 11.36 -53.57 42.87
C THR N 62 12.09 -53.26 44.17
N VAL N 63 13.34 -52.83 44.05
CA VAL N 63 14.14 -52.56 45.24
C VAL N 63 13.71 -51.25 45.88
N ARG N 64 13.01 -50.39 45.13
CA ARG N 64 12.52 -49.15 45.69
C ARG N 64 11.36 -49.38 46.64
N TYR N 65 10.54 -50.41 46.38
CA TYR N 65 9.28 -50.58 47.09
C TYR N 65 9.15 -51.90 47.82
N HIS N 66 10.18 -52.76 47.82
CA HIS N 66 10.01 -54.06 48.45
C HIS N 66 9.87 -53.99 49.96
N THR N 67 10.15 -52.85 50.58
CA THR N 67 9.88 -52.70 52.00
C THR N 67 8.40 -52.50 52.28
N LYS N 68 7.62 -52.13 51.28
CA LYS N 68 6.18 -51.92 51.43
C LYS N 68 5.42 -53.18 51.04
N VAL N 69 4.19 -53.25 51.52
CA VAL N 69 3.30 -54.37 51.22
C VAL N 69 1.92 -53.79 50.91
N ARG N 70 1.26 -54.38 49.92
CA ARG N 70 0.00 -53.84 49.44
C ARG N 70 -0.95 -54.99 49.16
N ALA N 71 -2.08 -54.67 48.54
CA ALA N 71 -3.07 -55.66 48.15
C ALA N 71 -2.82 -56.12 46.72
N GLY N 72 -2.96 -57.43 46.50
CA GLY N 72 -2.76 -58.01 45.19
C GLY N 72 -4.05 -58.25 44.44
N ARG N 73 -3.92 -58.91 43.30
CA ARG N 73 -5.08 -59.18 42.45
C ARG N 73 -5.94 -60.29 43.04
N GLY N 74 -5.34 -61.37 43.48
CA GLY N 74 -6.10 -62.47 44.04
C GLY N 74 -5.20 -63.47 44.72
N PHE N 75 -5.81 -64.35 45.49
CA PHE N 75 -5.06 -65.37 46.20
C PHE N 75 -4.58 -66.44 45.24
N SER N 76 -3.37 -66.92 45.48
CA SER N 76 -2.79 -67.96 44.64
C SER N 76 -3.43 -69.30 44.95
N LEU N 77 -3.37 -70.21 43.97
CA LEU N 77 -3.95 -71.53 44.14
C LEU N 77 -3.23 -72.33 45.21
N GLU N 78 -1.93 -72.09 45.39
CA GLU N 78 -1.20 -72.74 46.48
C GLU N 78 -1.71 -72.28 47.83
N GLU N 79 -2.04 -71.00 47.96
CA GLU N 79 -2.62 -70.50 49.21
C GLU N 79 -3.98 -71.11 49.47
N LEU N 80 -4.82 -71.18 48.44
CA LEU N 80 -6.15 -71.76 48.61
C LEU N 80 -6.09 -73.25 48.90
N ARG N 81 -5.13 -73.95 48.30
CA ARG N 81 -5.02 -75.38 48.48
C ARG N 81 -4.71 -75.73 49.93
N VAL N 82 -3.79 -74.99 50.55
CA VAL N 82 -3.43 -75.28 51.93
C VAL N 82 -4.43 -74.66 52.90
N ALA N 83 -5.16 -73.62 52.50
CA ALA N 83 -6.26 -73.11 53.29
C ALA N 83 -7.52 -73.96 53.17
N GLY N 84 -7.55 -74.92 52.26
CA GLY N 84 -8.67 -75.82 52.16
C GLY N 84 -9.90 -75.26 51.48
N ILE N 85 -9.72 -74.34 50.53
CA ILE N 85 -10.82 -73.73 49.80
C ILE N 85 -10.72 -74.14 48.34
N HIS N 86 -11.82 -74.60 47.78
CA HIS N 86 -11.85 -74.91 46.36
C HIS N 86 -11.67 -73.64 45.53
N LYS N 87 -10.89 -73.76 44.45
CA LYS N 87 -10.59 -72.58 43.64
C LYS N 87 -11.81 -72.07 42.87
N LYS N 88 -12.87 -72.87 42.76
CA LYS N 88 -14.08 -72.44 42.10
C LYS N 88 -15.15 -71.99 43.08
N VAL N 89 -15.10 -72.49 44.31
CA VAL N 89 -16.00 -72.01 45.36
C VAL N 89 -15.55 -70.67 45.92
N ALA N 90 -14.25 -70.38 45.88
CA ALA N 90 -13.73 -69.18 46.52
C ALA N 90 -14.32 -67.92 45.93
N ARG N 91 -14.52 -67.89 44.61
CA ARG N 91 -15.06 -66.69 43.99
C ARG N 91 -16.53 -66.50 44.31
N THR N 92 -17.21 -67.58 44.70
CA THR N 92 -18.61 -67.44 45.07
C THR N 92 -18.78 -66.81 46.44
N ILE N 93 -17.84 -67.07 47.36
CA ILE N 93 -17.93 -66.53 48.71
C ILE N 93 -17.09 -65.27 48.90
N GLY N 94 -16.70 -64.60 47.83
CA GLY N 94 -16.05 -63.32 47.92
C GLY N 94 -14.56 -63.34 48.08
N ILE N 95 -13.87 -64.34 47.54
CA ILE N 95 -12.43 -64.45 47.62
C ILE N 95 -11.86 -64.32 46.22
N SER N 96 -11.04 -63.30 45.99
CA SER N 96 -10.41 -63.14 44.71
C SER N 96 -9.27 -64.14 44.55
N VAL N 97 -9.17 -64.75 43.38
CA VAL N 97 -8.13 -65.74 43.13
C VAL N 97 -7.29 -65.26 41.95
N ASP N 98 -6.02 -65.63 41.97
CA ASP N 98 -5.07 -65.26 40.92
C ASP N 98 -4.35 -66.54 40.51
N PRO N 99 -4.83 -67.24 39.49
CA PRO N 99 -4.21 -68.52 39.12
C PRO N 99 -2.78 -68.39 38.64
N ARG N 100 -2.36 -67.22 38.20
CA ARG N 100 -1.03 -67.07 37.63
C ARG N 100 0.00 -66.57 38.62
N ARG N 101 -0.38 -66.32 39.86
CA ARG N 101 0.58 -65.89 40.88
C ARG N 101 1.17 -67.11 41.58
N ARG N 102 2.49 -67.11 41.73
CA ARG N 102 3.23 -68.17 42.38
C ARG N 102 3.69 -67.71 43.76
N ASN N 103 4.12 -68.67 44.57
CA ASN N 103 4.62 -68.39 45.91
C ASN N 103 6.08 -68.82 45.97
N LYS N 104 6.99 -67.85 45.89
CA LYS N 104 8.41 -68.16 45.91
C LYS N 104 8.89 -68.55 47.30
N SER N 105 8.39 -67.86 48.33
CA SER N 105 8.78 -68.13 49.71
C SER N 105 7.59 -68.65 50.51
N THR N 106 7.88 -69.14 51.70
CA THR N 106 6.86 -69.67 52.59
C THR N 106 6.25 -68.60 53.49
N GLU N 107 6.98 -67.53 53.79
CA GLU N 107 6.46 -66.49 54.67
C GLU N 107 5.27 -65.78 54.04
N SER N 108 5.38 -65.44 52.76
CA SER N 108 4.26 -64.83 52.06
C SER N 108 3.12 -65.82 51.90
N LEU N 109 3.44 -67.10 51.74
CA LEU N 109 2.43 -68.13 51.67
C LEU N 109 1.64 -68.21 52.97
N GLN N 110 2.33 -68.34 54.11
CA GLN N 110 1.65 -68.50 55.38
C GLN N 110 0.98 -67.21 55.81
N ALA N 111 1.49 -66.06 55.38
CA ALA N 111 0.85 -64.79 55.70
C ALA N 111 -0.52 -64.72 55.06
N ASN N 112 -0.69 -65.32 53.88
CA ASN N 112 -1.95 -65.21 53.16
C ASN N 112 -2.92 -66.30 53.56
N VAL N 113 -2.46 -67.39 54.17
CA VAL N 113 -3.41 -68.39 54.62
C VAL N 113 -4.03 -68.00 55.95
N GLN N 114 -3.29 -67.27 56.80
CA GLN N 114 -3.93 -66.71 57.97
C GLN N 114 -4.94 -65.64 57.58
N ARG N 115 -4.70 -64.94 56.48
CA ARG N 115 -5.66 -63.97 55.98
C ARG N 115 -6.92 -64.67 55.48
N LEU N 116 -6.76 -65.81 54.83
CA LEU N 116 -7.93 -66.55 54.34
C LEU N 116 -8.68 -67.21 55.49
N LYS N 117 -7.97 -67.73 56.48
CA LYS N 117 -8.63 -68.37 57.60
C LYS N 117 -9.33 -67.33 58.48
N GLU N 118 -8.74 -66.14 58.60
CA GLU N 118 -9.41 -65.06 59.33
C GLU N 118 -10.66 -64.61 58.61
N TYR N 119 -10.59 -64.46 57.28
CA TYR N 119 -11.77 -64.08 56.52
C TYR N 119 -12.84 -65.15 56.59
N ARG N 120 -12.45 -66.42 56.50
CA ARG N 120 -13.43 -67.49 56.53
C ARG N 120 -14.11 -67.58 57.89
N SER N 121 -13.40 -67.25 58.96
CA SER N 121 -14.04 -67.21 60.27
C SER N 121 -15.02 -66.06 60.38
N LYS N 122 -14.68 -64.91 59.80
CA LYS N 122 -15.53 -63.72 59.88
C LYS N 122 -16.63 -63.70 58.84
N LEU N 123 -16.73 -64.72 58.00
CA LEU N 123 -17.72 -64.75 56.94
C LEU N 123 -19.06 -65.25 57.47
N ILE N 124 -20.12 -64.51 57.18
CA ILE N 124 -21.49 -64.93 57.47
C ILE N 124 -22.10 -65.40 56.17
N LEU N 125 -22.47 -66.67 56.11
CA LEU N 125 -22.97 -67.29 54.89
C LEU N 125 -24.48 -67.46 55.00
N PHE N 126 -25.21 -66.94 54.03
CA PHE N 126 -26.65 -67.12 54.02
C PHE N 126 -27.02 -68.41 53.28
N PRO N 127 -28.01 -69.14 53.77
CA PRO N 127 -28.50 -70.30 53.02
C PRO N 127 -29.16 -69.87 51.72
N ARG N 128 -29.11 -70.76 50.72
CA ARG N 128 -29.70 -70.46 49.43
C ARG N 128 -31.21 -70.24 49.56
N LYS N 129 -31.89 -71.12 50.27
CA LYS N 129 -33.29 -70.94 50.59
C LYS N 129 -33.39 -70.52 52.04
N PRO N 130 -33.85 -69.31 52.34
CA PRO N 130 -33.89 -68.85 53.74
C PRO N 130 -34.73 -69.73 54.64
N SER N 131 -35.79 -70.34 54.12
CA SER N 131 -36.60 -71.24 54.92
C SER N 131 -35.95 -72.60 55.12
N ALA N 132 -34.89 -72.91 54.40
CA ALA N 132 -34.21 -74.20 54.49
C ALA N 132 -32.72 -73.97 54.71
N PRO N 133 -32.30 -73.71 55.95
CA PRO N 133 -30.88 -73.53 56.23
C PRO N 133 -30.15 -74.86 56.25
N LYS N 134 -29.39 -75.13 55.20
CA LYS N 134 -28.73 -76.43 55.05
C LYS N 134 -27.41 -76.48 55.82
N LYS N 135 -26.43 -75.67 55.40
CA LYS N 135 -25.13 -75.69 56.06
C LYS N 135 -24.48 -74.32 56.17
N GLY N 136 -25.19 -73.24 55.85
CA GLY N 136 -24.57 -71.93 55.85
C GLY N 136 -24.25 -71.36 57.23
N ASP N 137 -25.28 -70.94 57.96
CA ASP N 137 -25.09 -70.31 59.26
C ASP N 137 -26.38 -70.42 60.07
N SER N 138 -26.24 -70.20 61.38
CA SER N 138 -27.40 -70.07 62.24
C SER N 138 -28.11 -68.74 61.95
N SER N 139 -29.42 -68.73 62.20
CA SER N 139 -30.18 -67.51 61.99
C SER N 139 -29.83 -66.43 62.99
N ALA N 140 -29.28 -66.82 64.15
CA ALA N 140 -28.97 -65.84 65.18
C ALA N 140 -27.85 -64.91 64.76
N GLU N 141 -26.81 -65.45 64.11
CA GLU N 141 -25.66 -64.66 63.72
C GLU N 141 -25.82 -64.03 62.35
N GLU N 142 -27.01 -64.11 61.76
CA GLU N 142 -27.29 -63.44 60.51
C GLU N 142 -28.57 -62.61 60.53
N LEU N 143 -29.35 -62.67 61.61
CA LEU N 143 -30.54 -61.84 61.72
C LEU N 143 -30.14 -60.37 61.84
N LYS N 144 -29.23 -60.05 62.75
CA LYS N 144 -28.79 -58.70 62.96
C LYS N 144 -27.30 -58.49 62.76
N LEU N 145 -26.49 -59.54 62.79
CA LEU N 145 -25.06 -59.37 62.63
C LEU N 145 -24.65 -59.16 61.19
N ALA N 146 -25.56 -59.38 60.24
CA ALA N 146 -25.25 -59.15 58.84
C ALA N 146 -25.30 -57.67 58.53
N THR N 147 -24.19 -57.13 58.04
CA THR N 147 -24.09 -55.71 57.76
C THR N 147 -23.11 -55.53 56.61
N GLN N 148 -23.51 -54.71 55.63
CA GLN N 148 -22.62 -54.43 54.51
C GLN N 148 -21.36 -53.75 55.00
N LEU N 149 -20.22 -54.23 54.53
CA LEU N 149 -18.92 -53.76 55.00
C LEU N 149 -18.43 -52.63 54.10
N THR N 150 -18.04 -51.52 54.70
CA THR N 150 -17.57 -50.35 53.98
C THR N 150 -16.05 -50.30 54.05
N GLY N 151 -15.42 -50.08 52.90
CA GLY N 151 -13.99 -50.07 52.81
C GLY N 151 -13.48 -51.44 52.38
N PRO N 152 -12.18 -51.53 52.11
CA PRO N 152 -11.61 -52.83 51.71
C PRO N 152 -11.75 -53.86 52.83
N VAL N 153 -11.97 -55.10 52.44
CA VAL N 153 -12.11 -56.18 53.41
C VAL N 153 -10.74 -56.48 54.00
N MET N 154 -10.61 -56.30 55.32
CA MET N 154 -9.36 -56.55 56.04
C MET N 154 -8.22 -55.79 55.38
N PRO N 155 -8.22 -54.46 55.44
CA PRO N 155 -7.28 -53.69 54.61
C PRO N 155 -5.82 -54.01 54.91
N VAL N 156 -5.01 -54.07 53.85
CA VAL N 156 -3.62 -54.47 53.97
C VAL N 156 -2.83 -53.32 54.57
N ARG N 157 -2.06 -53.62 55.62
CA ARG N 157 -1.44 -52.61 56.45
C ARG N 157 0.02 -52.95 56.66
N ASN N 158 0.88 -51.94 56.53
CA ASN N 158 2.31 -52.14 56.80
C ASN N 158 2.56 -52.15 58.29
N VAL N 159 3.24 -53.18 58.77
CA VAL N 159 3.52 -53.36 60.19
C VAL N 159 5.03 -53.32 60.40
N TYR N 160 5.44 -52.76 61.53
CA TYR N 160 6.85 -52.60 61.87
C TYR N 160 7.11 -53.29 63.19
N LYS N 161 8.12 -54.13 63.23
CA LYS N 161 8.48 -54.82 64.46
C LYS N 161 9.43 -53.92 65.26
N LYS N 162 8.89 -53.30 66.31
CA LYS N 162 9.67 -52.41 67.15
C LYS N 162 10.68 -53.20 67.95
N GLU N 163 11.91 -52.71 67.98
CA GLU N 163 12.99 -53.33 68.72
C GLU N 163 13.28 -52.51 69.97
N LYS N 164 13.28 -53.16 71.13
CA LYS N 164 13.65 -52.50 72.36
C LYS N 164 15.15 -52.23 72.39
N ALA N 165 15.53 -51.17 73.10
CA ALA N 165 16.94 -50.83 73.24
C ALA N 165 17.68 -51.94 73.98
N ARG N 166 18.88 -52.26 73.51
CA ARG N 166 19.69 -53.31 74.08
C ARG N 166 21.12 -52.84 74.21
N VAL N 167 21.88 -53.51 75.06
CA VAL N 167 23.28 -53.17 75.28
C VAL N 167 24.09 -53.68 74.09
N ILE N 168 24.87 -52.78 73.50
CA ILE N 168 25.70 -53.15 72.36
C ILE N 168 26.83 -54.06 72.82
N THR N 169 26.95 -55.21 72.18
CA THR N 169 28.02 -56.13 72.49
C THR N 169 29.31 -55.70 71.79
N GLU N 170 30.42 -56.31 72.20
CA GLU N 170 31.70 -55.95 71.61
C GLU N 170 31.81 -56.42 70.17
N GLU N 171 31.14 -57.53 69.84
CA GLU N 171 31.16 -58.02 68.47
C GLU N 171 30.49 -57.03 67.52
N GLU N 172 29.37 -56.43 67.94
CA GLU N 172 28.72 -55.41 67.13
C GLU N 172 29.59 -54.18 66.99
N LYS N 173 30.35 -53.82 68.03
CA LYS N 173 31.20 -52.64 67.95
C LYS N 173 32.38 -52.85 67.02
N ASN N 174 32.88 -54.08 66.92
CA ASN N 174 34.03 -54.35 66.08
C ASN N 174 33.66 -54.66 64.63
N PHE N 175 32.37 -54.75 64.31
CA PHE N 175 31.98 -54.99 62.93
C PHE N 175 32.30 -53.78 62.07
N LYS N 176 32.89 -54.03 60.91
CA LYS N 176 33.31 -52.98 59.99
C LYS N 176 32.29 -52.94 58.84
N ALA N 177 31.36 -52.00 58.93
CA ALA N 177 30.26 -51.95 57.98
C ALA N 177 30.73 -51.47 56.62
N PHE N 178 31.53 -50.41 56.58
CA PHE N 178 32.00 -49.90 55.29
C PHE N 178 32.97 -50.86 54.65
N ALA N 179 33.87 -51.45 55.43
CA ALA N 179 34.84 -52.39 54.88
C ALA N 179 34.15 -53.64 54.34
N SER N 180 33.13 -54.11 55.04
CA SER N 180 32.40 -55.29 54.57
C SER N 180 31.68 -55.00 53.27
N LEU N 181 31.06 -53.82 53.15
CA LEU N 181 30.37 -53.48 51.92
C LEU N 181 31.35 -53.34 50.76
N ARG N 182 32.51 -52.73 51.01
CA ARG N 182 33.50 -52.58 49.95
C ARG N 182 34.08 -53.93 49.53
N MET N 183 34.29 -54.83 50.49
CA MET N 183 34.80 -56.15 50.15
C MET N 183 33.74 -57.01 49.48
N ALA N 184 32.48 -56.89 49.92
CA ALA N 184 31.40 -57.65 49.30
C ALA N 184 31.20 -57.24 47.85
N ARG N 185 31.31 -55.95 47.56
CA ARG N 185 31.23 -55.49 46.17
C ARG N 185 32.38 -56.05 45.35
N ALA N 186 33.59 -56.06 45.92
CA ALA N 186 34.75 -56.57 45.21
C ALA N 186 34.63 -58.07 44.96
N ASN N 187 34.14 -58.81 45.95
CA ASN N 187 34.03 -60.26 45.80
C ASN N 187 33.04 -60.64 44.71
N ALA N 188 31.91 -59.93 44.65
CA ALA N 188 30.96 -60.19 43.58
C ALA N 188 31.51 -59.79 42.22
N ARG N 189 32.33 -58.74 42.19
CA ARG N 189 32.85 -58.25 40.91
C ARG N 189 33.92 -59.18 40.34
N LEU N 190 34.75 -59.75 41.20
CA LEU N 190 35.90 -60.55 40.77
C LEU N 190 35.66 -62.05 40.90
N PHE N 191 34.43 -62.46 41.18
CA PHE N 191 34.18 -63.88 41.43
C PHE N 191 34.40 -64.70 40.17
N GLY N 192 33.90 -64.23 39.03
CA GLY N 192 34.04 -64.99 37.80
C GLY N 192 35.48 -65.07 37.32
N ILE N 193 36.21 -63.96 37.41
CA ILE N 193 37.58 -63.95 36.92
C ILE N 193 38.51 -64.68 37.87
N ARG N 194 38.17 -64.73 39.16
CA ARG N 194 38.99 -65.49 40.10
C ARG N 194 38.88 -66.98 39.84
N ALA N 195 37.68 -67.45 39.50
CA ALA N 195 37.50 -68.86 39.19
C ALA N 195 38.25 -69.25 37.93
N LYS N 196 38.22 -68.40 36.90
CA LYS N 196 38.90 -68.72 35.66
C LYS N 196 40.42 -68.78 35.87
N ARG N 197 40.96 -67.85 36.65
CA ARG N 197 42.39 -67.86 36.93
C ARG N 197 42.78 -69.08 37.75
N ALA N 198 41.94 -69.48 38.70
CA ALA N 198 42.19 -70.71 39.42
C ALA N 198 42.09 -71.92 38.50
N LYS N 199 41.12 -71.90 37.59
CA LYS N 199 40.97 -73.00 36.64
C LYS N 199 42.18 -73.10 35.72
N GLU N 200 42.67 -71.98 35.20
CA GLU N 200 43.85 -71.99 34.35
C GLU N 200 45.08 -72.46 35.13
N ALA N 201 45.22 -72.01 36.38
CA ALA N 201 46.34 -72.45 37.20
C ALA N 201 46.26 -73.93 37.51
N ALA N 202 45.04 -74.46 37.67
CA ALA N 202 44.89 -75.90 37.89
C ALA N 202 45.29 -76.69 36.66
N GLU N 203 45.02 -76.17 35.47
CA GLU N 203 45.42 -76.85 34.25
C GLU N 203 46.94 -76.92 34.13
N GLN N 204 47.63 -75.83 34.47
CA GLN N 204 49.08 -75.85 34.44
C GLN N 204 49.64 -76.73 35.54
N ASP N 205 48.93 -76.85 36.66
CA ASP N 205 49.42 -77.64 37.79
C ASP N 205 49.37 -79.13 37.49
N VAL N 206 48.31 -79.60 36.82
CA VAL N 206 48.16 -81.04 36.58
C VAL N 206 49.08 -81.56 35.50
N GLU N 207 49.84 -80.69 34.84
CA GLU N 207 50.79 -81.13 33.82
C GLU N 207 52.15 -80.46 33.97
N LYS N 208 52.41 -79.78 35.10
CA LYS N 208 53.67 -79.06 35.27
C LYS N 208 54.88 -79.98 35.31
N LYS N 209 54.68 -81.25 35.65
CA LYS N 209 55.79 -82.20 35.83
C LYS N 209 55.82 -83.15 34.63
N LYS N 210 56.83 -83.00 33.79
CA LYS N 210 57.05 -83.90 32.66
C LYS N 210 58.47 -83.76 32.13
N VAL O 1 32.40 87.79 0.96
CA VAL O 1 31.12 87.23 1.37
C VAL O 1 31.09 87.07 2.88
N PHE O 2 32.12 86.44 3.42
CA PHE O 2 32.19 86.15 4.84
C PHE O 2 32.62 87.37 5.62
N ARG O 3 32.05 87.54 6.80
CA ARG O 3 32.36 88.67 7.67
C ARG O 3 32.92 88.26 9.03
N ARG O 4 32.55 87.09 9.54
CA ARG O 4 33.03 86.60 10.81
C ARG O 4 33.99 85.45 10.56
N PHE O 5 35.16 85.53 11.17
CA PHE O 5 36.23 84.57 10.91
C PHE O 5 36.70 83.95 12.22
N VAL O 6 37.14 82.70 12.13
CA VAL O 6 37.82 82.05 13.24
C VAL O 6 39.26 82.53 13.25
N GLU O 7 39.68 83.12 14.35
CA GLU O 7 41.01 83.69 14.45
C GLU O 7 41.32 83.95 15.92
N VAL O 8 42.58 84.29 16.18
CA VAL O 8 43.01 84.55 17.55
C VAL O 8 42.35 85.82 18.05
N GLY O 9 41.69 85.73 19.20
CA GLY O 9 40.99 86.85 19.78
C GLY O 9 39.53 86.96 19.41
N ARG O 10 39.06 86.15 18.47
CA ARG O 10 37.65 86.19 18.10
C ARG O 10 36.80 85.64 19.23
N VAL O 11 35.79 86.40 19.63
CA VAL O 11 34.91 86.00 20.72
C VAL O 11 33.76 85.18 20.15
N ALA O 12 33.56 84.00 20.69
CA ALA O 12 32.54 83.08 20.21
C ALA O 12 31.54 82.78 21.31
N TYR O 13 30.30 82.56 20.91
CA TYR O 13 29.22 82.21 21.81
C TYR O 13 29.02 80.70 21.79
N VAL O 14 29.00 80.09 22.96
CA VAL O 14 28.90 78.63 23.06
C VAL O 14 27.42 78.26 22.98
N SER O 15 27.05 77.53 21.94
CA SER O 15 25.63 77.23 21.74
C SER O 15 25.17 76.06 22.59
N PHE O 16 25.96 74.99 22.65
CA PHE O 16 25.58 73.81 23.41
C PHE O 16 26.81 73.20 24.04
N GLY O 17 26.60 72.19 24.85
CA GLY O 17 27.67 71.54 25.55
C GLY O 17 27.71 71.92 27.01
N PRO O 18 28.77 71.52 27.71
CA PRO O 18 28.88 71.86 29.13
C PRO O 18 28.98 73.34 29.42
N HIS O 19 29.39 74.15 28.45
CA HIS O 19 29.57 75.58 28.67
C HIS O 19 28.59 76.41 27.84
N ALA O 20 27.41 75.87 27.60
CA ALA O 20 26.43 76.54 26.77
C ALA O 20 25.99 77.86 27.39
N GLY O 21 25.81 78.87 26.54
CA GLY O 21 25.38 80.17 26.98
C GLY O 21 26.47 81.08 27.51
N LYS O 22 27.73 80.78 27.22
CA LYS O 22 28.84 81.58 27.71
C LYS O 22 29.67 82.10 26.55
N LEU O 23 30.37 83.19 26.79
CA LEU O 23 31.29 83.75 25.81
C LEU O 23 32.70 83.27 26.09
N VAL O 24 33.43 82.98 25.02
CA VAL O 24 34.82 82.56 25.11
C VAL O 24 35.61 83.28 24.05
N ALA O 25 36.92 83.36 24.25
CA ALA O 25 37.84 83.93 23.28
C ALA O 25 38.67 82.81 22.69
N ILE O 26 38.88 82.87 21.37
CA ILE O 26 39.66 81.86 20.68
C ILE O 26 41.14 82.19 20.82
N VAL O 27 41.89 81.31 21.48
CA VAL O 27 43.29 81.55 21.76
C VAL O 27 44.19 80.94 20.69
N ASP O 28 43.87 79.74 20.22
CA ASP O 28 44.65 79.09 19.20
C ASP O 28 43.75 78.13 18.43
N VAL O 29 44.24 77.65 17.30
CA VAL O 29 43.49 76.77 16.43
C VAL O 29 44.20 75.43 16.39
N ILE O 30 43.45 74.36 16.60
CA ILE O 30 43.93 72.98 16.49
C ILE O 30 43.20 72.32 15.34
N ASP O 31 43.95 71.74 14.41
CA ASP O 31 43.50 70.73 13.45
C ASP O 31 42.09 70.86 12.87
N GLN O 32 41.66 72.08 12.54
CA GLN O 32 40.48 72.33 11.69
C GLN O 32 39.15 72.04 12.37
N ASN O 33 39.18 71.35 13.50
CA ASN O 33 37.94 70.99 14.19
C ASN O 33 37.85 71.54 15.58
N ARG O 34 38.97 71.86 16.22
CA ARG O 34 38.99 72.30 17.60
C ARG O 34 39.75 73.60 17.69
N ALA O 35 39.62 74.26 18.83
CA ALA O 35 40.32 75.51 19.06
C ALA O 35 40.67 75.61 20.53
N LEU O 36 41.79 76.24 20.82
CA LEU O 36 42.11 76.56 22.20
C LEU O 36 41.23 77.71 22.65
N VAL O 37 40.45 77.47 23.70
CA VAL O 37 39.33 78.32 24.08
C VAL O 37 39.50 78.75 25.53
N ASP O 38 39.20 80.02 25.79
CA ASP O 38 39.45 80.59 27.10
C ASP O 38 38.47 81.72 27.36
N GLY O 39 37.56 81.53 28.31
CA GLY O 39 36.82 82.64 28.86
C GLY O 39 37.24 82.92 30.28
N PRO O 40 38.08 83.93 30.48
CA PRO O 40 38.57 84.22 31.83
C PRO O 40 37.60 85.04 32.65
N CYS O 41 36.79 85.86 32.00
CA CYS O 41 35.79 86.67 32.68
C CYS O 41 34.39 86.11 32.58
N THR O 42 34.17 85.08 31.78
CA THR O 42 32.89 84.37 31.72
C THR O 42 32.98 82.99 32.34
N GLN O 43 34.04 82.70 33.10
CA GLN O 43 34.17 81.46 33.88
C GLN O 43 34.21 80.23 33.00
N VAL O 44 35.11 80.25 32.01
CA VAL O 44 35.43 79.08 31.20
C VAL O 44 36.94 78.96 31.21
N ARG O 45 37.46 77.97 31.92
CA ARG O 45 38.90 77.78 31.94
C ARG O 45 39.40 77.30 30.59
N ARG O 46 40.70 77.45 30.36
CA ARG O 46 41.29 77.13 29.08
C ARG O 46 41.15 75.64 28.77
N GLN O 47 40.69 75.34 27.57
CA GLN O 47 40.45 73.95 27.16
C GLN O 47 40.23 73.91 25.66
N ALA O 48 40.27 72.71 25.11
CA ALA O 48 39.92 72.50 23.71
C ALA O 48 38.41 72.54 23.54
N MET O 49 37.98 72.91 22.34
CA MET O 49 36.58 73.06 22.09
C MET O 49 36.30 72.96 20.60
N PRO O 50 35.35 72.13 20.19
CA PRO O 50 35.04 72.01 18.77
C PRO O 50 34.38 73.26 18.23
N PHE O 51 34.60 73.50 16.93
CA PHE O 51 33.99 74.62 16.25
C PHE O 51 32.49 74.44 16.04
N LYS O 52 31.98 73.23 16.23
CA LYS O 52 30.56 72.98 15.99
C LYS O 52 29.68 73.65 17.02
N CYS O 53 30.13 73.74 18.27
CA CYS O 53 29.37 74.37 19.33
C CYS O 53 29.70 75.84 19.49
N MET O 54 30.37 76.44 18.52
CA MET O 54 30.71 77.86 18.56
C MET O 54 29.84 78.63 17.60
N GLN O 55 29.43 79.83 18.02
CA GLN O 55 28.75 80.79 17.16
C GLN O 55 29.51 82.10 17.29
N LEU O 56 30.20 82.49 16.23
CA LEU O 56 31.10 83.64 16.29
C LEU O 56 30.32 84.93 16.48
N THR O 57 30.87 85.82 17.29
CA THR O 57 30.31 87.14 17.48
C THR O 57 31.09 88.14 16.63
N ASP O 58 30.80 89.42 16.82
CA ASP O 58 31.47 90.48 16.07
C ASP O 58 32.63 91.09 16.83
N PHE O 59 32.97 90.57 17.99
CA PHE O 59 34.03 91.11 18.83
C PHE O 59 35.32 90.35 18.60
N ILE O 60 36.41 91.09 18.46
CA ILE O 60 37.74 90.51 18.28
C ILE O 60 38.67 91.15 19.30
N LEU O 61 39.37 90.32 20.07
CA LEU O 61 40.35 90.80 21.03
C LEU O 61 41.74 90.77 20.43
N LYS O 62 42.61 91.64 20.91
CA LYS O 62 43.98 91.73 20.43
C LYS O 62 44.91 91.18 21.50
N PHE O 63 45.23 89.89 21.39
CA PHE O 63 46.31 89.29 22.12
C PHE O 63 47.03 88.32 21.19
N PRO O 64 48.32 88.06 21.42
CA PRO O 64 49.02 87.06 20.62
C PRO O 64 48.52 85.65 20.93
N HIS O 65 48.74 84.76 19.97
CA HIS O 65 48.24 83.40 20.11
C HIS O 65 48.95 82.68 21.24
N SER O 66 48.18 81.89 21.99
CA SER O 66 48.68 81.09 23.11
C SER O 66 49.34 81.95 24.19
N ALA O 67 48.78 83.13 24.44
CA ALA O 67 49.21 83.91 25.58
C ALA O 67 48.50 83.41 26.83
N HIS O 68 49.03 83.77 28.00
CA HIS O 68 48.51 83.27 29.26
C HIS O 68 47.17 83.92 29.59
N GLN O 69 46.57 83.44 30.67
CA GLN O 69 45.25 83.90 31.09
C GLN O 69 45.24 85.39 31.40
N LYS O 70 46.36 85.93 31.89
CA LYS O 70 46.42 87.35 32.23
C LYS O 70 46.09 88.20 31.02
N TYR O 71 46.80 87.96 29.92
CA TYR O 71 46.69 88.84 28.77
C TYR O 71 45.34 88.72 28.09
N VAL O 72 44.76 87.52 28.11
CA VAL O 72 43.40 87.35 27.60
C VAL O 72 42.41 88.08 28.50
N ARG O 73 42.64 88.04 29.81
CA ARG O 73 41.74 88.72 30.74
C ARG O 73 41.88 90.24 30.63
N GLN O 74 43.11 90.74 30.53
CA GLN O 74 43.29 92.18 30.35
C GLN O 74 42.69 92.66 29.04
N ALA O 75 42.84 91.88 27.97
CA ALA O 75 42.20 92.23 26.71
C ALA O 75 40.69 92.14 26.82
N TRP O 76 40.18 91.21 27.63
CA TRP O 76 38.74 91.09 27.81
C TRP O 76 38.18 92.24 28.65
N GLN O 77 38.86 92.57 29.74
CA GLN O 77 38.34 93.61 30.63
C GLN O 77 38.43 94.98 29.99
N LYS O 78 39.58 95.32 29.41
CA LYS O 78 39.67 96.53 28.62
C LYS O 78 38.84 96.36 27.36
N ALA O 79 38.06 97.39 27.02
CA ALA O 79 37.00 97.25 26.02
C ALA O 79 36.10 96.09 26.42
N ASP O 80 35.38 96.27 27.54
CA ASP O 80 34.66 95.21 28.23
C ASP O 80 33.71 94.47 27.31
N ILE O 81 33.99 93.18 27.09
CA ILE O 81 33.11 92.36 26.27
C ILE O 81 31.78 92.16 26.97
N ASN O 82 31.78 92.01 28.29
CA ASN O 82 30.56 91.65 29.02
C ASN O 82 29.49 92.73 28.90
N THR O 83 29.87 93.99 29.03
CA THR O 83 28.88 95.06 28.87
C THR O 83 28.51 95.24 27.42
N LYS O 84 29.48 95.15 26.51
CA LYS O 84 29.19 95.29 25.09
C LYS O 84 28.34 94.15 24.58
N TRP O 85 28.59 92.93 25.07
CA TRP O 85 27.75 91.79 24.68
C TRP O 85 26.32 91.98 25.14
N ALA O 86 26.13 92.35 26.40
CA ALA O 86 24.77 92.48 26.95
C ALA O 86 23.96 93.54 26.22
N ALA O 87 24.62 94.50 25.58
CA ALA O 87 23.92 95.54 24.85
C ALA O 87 23.55 95.12 23.43
N THR O 88 24.04 93.98 22.96
CA THR O 88 23.74 93.56 21.61
C THR O 88 22.33 93.02 21.50
N ARG O 89 21.78 93.07 20.29
CA ARG O 89 20.46 92.49 20.04
C ARG O 89 20.50 90.97 20.20
N TRP O 90 21.66 90.36 19.95
CA TRP O 90 21.80 88.92 20.13
C TRP O 90 21.60 88.52 21.58
N ALA O 91 22.26 89.22 22.51
CA ALA O 91 22.20 88.83 23.91
C ALA O 91 20.82 89.07 24.50
N LYS O 92 20.18 90.18 24.14
CA LYS O 92 18.87 90.48 24.71
C LYS O 92 17.75 89.71 24.05
N LYS O 93 18.01 89.07 22.91
CA LYS O 93 17.09 88.05 22.41
C LYS O 93 17.24 86.77 23.22
N ILE O 94 18.47 86.44 23.62
CA ILE O 94 18.69 85.31 24.51
C ILE O 94 18.01 85.55 25.84
N GLU O 95 18.16 86.77 26.38
CA GLU O 95 17.55 87.10 27.65
C GLU O 95 16.03 87.04 27.57
N ALA O 96 15.45 87.53 26.47
CA ALA O 96 14.01 87.48 26.30
C ALA O 96 13.51 86.05 26.22
N ARG O 97 14.27 85.16 25.58
CA ARG O 97 13.91 83.76 25.56
C ARG O 97 13.92 83.18 26.97
N GLU O 98 14.88 83.58 27.79
CA GLU O 98 15.00 83.03 29.13
C GLU O 98 13.86 83.48 30.02
N ARG O 99 13.53 84.78 30.00
CA ARG O 99 12.47 85.27 30.87
C ARG O 99 11.09 84.89 30.37
N LYS O 100 10.96 84.51 29.09
CA LYS O 100 9.70 83.97 28.63
C LYS O 100 9.48 82.55 29.13
N ALA O 101 10.55 81.75 29.16
CA ALA O 101 10.41 80.36 29.56
C ALA O 101 10.12 80.23 31.04
N LYS O 102 10.66 81.13 31.85
CA LYS O 102 10.47 81.09 33.30
C LYS O 102 9.23 81.86 33.74
N MET O 103 8.37 82.24 32.81
CA MET O 103 7.16 82.98 33.13
C MET O 103 6.14 82.05 33.76
N THR O 104 5.55 82.48 34.86
CA THR O 104 4.65 81.65 35.64
C THR O 104 3.21 81.73 35.10
N ASP O 105 2.32 80.98 35.74
CA ASP O 105 0.91 80.96 35.32
C ASP O 105 0.26 82.32 35.51
N PHE O 106 0.54 82.98 36.63
CA PHE O 106 0.01 84.32 36.85
C PHE O 106 0.60 85.31 35.86
N ASP O 107 1.90 85.18 35.57
CA ASP O 107 2.53 86.05 34.58
C ASP O 107 1.96 85.81 33.19
N ARG O 108 1.67 84.55 32.84
CA ARG O 108 1.05 84.25 31.56
C ARG O 108 -0.32 84.90 31.45
N PHE O 109 -1.07 84.91 32.56
CA PHE O 109 -2.40 85.52 32.56
C PHE O 109 -2.30 87.03 32.35
N LYS O 110 -1.36 87.67 33.04
CA LYS O 110 -1.21 89.12 32.93
C LYS O 110 -0.67 89.51 31.55
N VAL O 111 0.18 88.67 30.96
CA VAL O 111 0.61 88.90 29.60
C VAL O 111 -0.57 88.76 28.64
N MET O 112 -1.42 87.77 28.88
CA MET O 112 -2.59 87.57 28.03
C MET O 112 -3.54 88.76 28.11
N LYS O 113 -3.64 89.39 29.29
CA LYS O 113 -4.50 90.56 29.41
C LYS O 113 -3.90 91.77 28.73
N ALA O 114 -2.60 92.01 28.93
CA ALA O 114 -1.96 93.16 28.31
C ALA O 114 -1.92 93.02 26.79
N LYS O 115 -1.65 91.81 26.31
CA LYS O 115 -1.59 91.59 24.87
C LYS O 115 -2.99 91.64 24.25
N LYS O 116 -4.01 91.30 25.04
CA LYS O 116 -5.38 91.44 24.57
C LYS O 116 -5.72 92.90 24.30
N MET O 117 -5.36 93.79 25.22
CA MET O 117 -5.67 95.20 25.05
C MET O 117 -4.74 95.87 24.06
N ARG O 118 -3.47 95.48 24.07
CA ARG O 118 -2.49 96.08 23.15
C ARG O 118 -2.86 95.81 21.70
N ASN O 119 -3.30 94.59 21.41
CA ASN O 119 -3.64 94.23 20.04
C ASN O 119 -4.90 94.94 19.58
N ARG O 120 -5.84 95.18 20.49
CA ARG O 120 -7.09 95.82 20.11
C ARG O 120 -6.90 97.29 19.78
N ILE O 121 -5.99 97.97 20.48
CA ILE O 121 -5.71 99.36 20.17
C ILE O 121 -5.03 99.50 18.82
N ILE O 122 -4.04 98.64 18.56
CA ILE O 122 -3.35 98.66 17.28
C ILE O 122 -4.30 98.32 16.15
N LYS O 123 -5.15 97.32 16.36
CA LYS O 123 -6.09 96.89 15.34
C LYS O 123 -7.08 97.99 15.00
N ASN O 124 -7.48 98.78 15.99
CA ASN O 124 -8.34 99.93 15.72
C ASN O 124 -7.60 101.01 14.94
N GLU O 125 -6.31 101.20 15.24
CA GLU O 125 -5.53 102.20 14.53
C GLU O 125 -5.29 101.78 13.08
N VAL O 126 -5.11 100.48 12.85
CA VAL O 126 -4.88 99.99 11.49
C VAL O 126 -6.11 100.22 10.64
N LYS O 127 -7.31 99.98 11.19
CA LYS O 127 -8.54 100.27 10.46
C LYS O 127 -8.66 101.74 10.13
N LYS O 128 -8.28 102.61 11.07
CA LYS O 128 -8.36 104.05 10.82
C LYS O 128 -7.42 104.46 9.70
N LEU O 129 -6.19 103.93 9.69
CA LEU O 129 -5.26 104.26 8.62
C LEU O 129 -5.73 103.70 7.29
N GLN O 130 -6.36 102.53 7.31
CA GLN O 130 -6.92 101.97 6.08
C GLN O 130 -8.02 102.86 5.52
N LYS O 131 -8.92 103.33 6.38
CA LYS O 131 -10.01 104.17 5.91
C LYS O 131 -9.51 105.55 5.49
N ALA O 132 -8.46 106.05 6.14
CA ALA O 132 -7.84 107.28 5.68
C ALA O 132 -7.16 107.08 4.32
N ALA O 133 -6.55 105.92 4.11
CA ALA O 133 -5.90 105.63 2.84
C ALA O 133 -6.89 105.23 1.75
N LEU O 134 -8.13 104.91 2.11
CA LEU O 134 -9.10 104.51 1.11
C LEU O 134 -9.71 105.69 0.38
N LEU O 135 -9.63 106.89 0.95
CA LEU O 135 -10.23 108.06 0.32
C LEU O 135 -9.30 108.70 -0.72
N LYS O 136 -8.79 107.88 -1.63
CA LYS O 136 -7.94 108.35 -2.71
C LYS O 136 -8.72 108.27 -4.03
N ALA O 137 -8.81 109.40 -4.73
CA ALA O 137 -9.50 109.44 -6.02
C ALA O 137 -8.90 110.59 -6.82
N SER O 138 -7.99 110.25 -7.75
CA SER O 138 -7.35 111.26 -8.59
C SER O 138 -7.02 110.68 -9.96
N PRO O 139 -7.58 111.24 -11.05
CA PRO O 139 -7.29 110.80 -12.42
C PRO O 139 -5.83 111.00 -12.80
N GLY P 1 -7.08 -90.60 15.88
CA GLY P 1 -5.91 -89.76 16.03
C GLY P 1 -5.29 -89.40 14.69
N ALA P 2 -6.11 -89.38 13.65
CA ALA P 2 -5.60 -89.12 12.31
C ALA P 2 -5.25 -87.65 12.11
N TYR P 3 -5.87 -86.75 12.84
CA TYR P 3 -5.57 -85.33 12.66
C TYR P 3 -4.15 -85.00 13.08
N LYS P 4 -3.61 -85.76 14.03
CA LYS P 4 -2.22 -85.54 14.44
C LYS P 4 -1.26 -85.89 13.31
N TYR P 5 -1.55 -86.96 12.56
CA TYR P 5 -0.69 -87.35 11.46
C TYR P 5 -0.76 -86.35 10.32
N ILE P 6 -1.95 -85.85 10.01
CA ILE P 6 -2.10 -84.86 8.95
C ILE P 6 -1.38 -83.57 9.31
N GLN P 7 -1.41 -83.20 10.58
CA GLN P 7 -0.70 -82.00 11.02
C GLN P 7 0.80 -82.15 10.83
N GLU P 8 1.36 -83.27 11.26
CA GLU P 8 2.79 -83.51 11.07
C GLU P 8 3.14 -83.64 9.60
N LEU P 9 2.20 -84.14 8.79
CA LEU P 9 2.43 -84.28 7.36
C LEU P 9 2.57 -82.92 6.69
N TRP P 10 1.71 -81.97 7.06
CA TRP P 10 1.75 -80.65 6.47
C TRP P 10 2.90 -79.80 6.97
N ARG P 11 3.64 -80.28 7.96
CA ARG P 11 4.86 -79.62 8.40
C ARG P 11 6.06 -80.06 7.60
N LYS P 12 5.85 -80.85 6.56
CA LYS P 12 6.90 -81.43 5.74
C LYS P 12 6.69 -81.02 4.29
N LYS P 13 6.48 -79.72 4.08
CA LYS P 13 6.09 -79.19 2.78
C LYS P 13 7.15 -79.40 1.71
N GLN P 14 8.38 -79.73 2.08
CA GLN P 14 9.45 -79.94 1.13
C GLN P 14 9.74 -81.41 0.89
N SER P 15 8.89 -82.30 1.40
CA SER P 15 9.03 -83.71 1.09
C SER P 15 8.56 -83.99 -0.33
N ASP P 16 8.91 -85.16 -0.84
CA ASP P 16 8.51 -85.54 -2.19
C ASP P 16 7.00 -85.65 -2.30
N VAL P 17 6.34 -86.19 -1.28
CA VAL P 17 4.90 -86.36 -1.33
C VAL P 17 4.19 -85.02 -1.25
N MET P 18 4.66 -84.13 -0.37
CA MET P 18 4.00 -82.84 -0.22
C MET P 18 4.35 -81.89 -1.34
N ARG P 19 5.57 -81.98 -1.87
CA ARG P 19 5.92 -81.14 -3.02
C ARG P 19 5.06 -81.50 -4.23
N PHE P 20 4.79 -82.79 -4.43
CA PHE P 20 3.94 -83.18 -5.54
C PHE P 20 2.52 -82.67 -5.37
N LEU P 21 1.96 -82.84 -4.17
CA LEU P 21 0.59 -82.43 -3.91
C LEU P 21 0.43 -80.92 -4.02
N LEU P 22 1.40 -80.16 -3.52
CA LEU P 22 1.30 -78.72 -3.57
C LEU P 22 1.40 -78.20 -4.99
N ARG P 23 2.23 -78.82 -5.82
CA ARG P 23 2.37 -78.38 -7.21
C ARG P 23 1.12 -78.66 -8.01
N VAL P 24 0.57 -79.86 -7.88
CA VAL P 24 -0.62 -80.24 -8.64
C VAL P 24 -1.80 -79.39 -8.24
N ARG P 25 -1.96 -79.16 -6.93
CA ARG P 25 -3.07 -78.34 -6.46
C ARG P 25 -2.91 -76.89 -6.89
N CYS P 26 -1.69 -76.36 -6.83
CA CYS P 26 -1.45 -74.99 -7.25
C CYS P 26 -1.75 -74.82 -8.74
N TRP P 27 -1.47 -75.85 -9.54
CA TRP P 27 -1.86 -75.81 -10.95
C TRP P 27 -3.37 -75.77 -11.09
N GLN P 28 -4.08 -76.60 -10.32
CA GLN P 28 -5.53 -76.65 -10.44
C GLN P 28 -6.18 -75.35 -9.99
N TYR P 29 -5.71 -74.76 -8.90
CA TYR P 29 -6.25 -73.50 -8.44
C TYR P 29 -5.95 -72.38 -9.43
N ARG P 30 -4.87 -72.49 -10.18
CA ARG P 30 -4.53 -71.49 -11.17
C ARG P 30 -5.54 -71.49 -12.33
N GLN P 31 -6.22 -72.61 -12.53
CA GLN P 31 -7.16 -72.73 -13.64
C GLN P 31 -8.54 -72.16 -13.32
N LEU P 32 -8.81 -71.87 -12.06
CA LEU P 32 -10.11 -71.43 -11.62
C LEU P 32 -10.16 -69.91 -11.56
N SER P 33 -11.23 -69.38 -10.97
CA SER P 33 -11.36 -67.93 -10.82
C SER P 33 -10.63 -67.46 -9.58
N ALA P 34 -10.45 -66.14 -9.49
CA ALA P 34 -9.74 -65.57 -8.35
C ALA P 34 -10.50 -65.79 -7.05
N LEU P 35 -11.82 -65.66 -7.10
CA LEU P 35 -12.68 -65.95 -5.97
C LEU P 35 -13.58 -67.11 -6.36
N HIS P 36 -13.63 -68.13 -5.51
CA HIS P 36 -14.24 -69.39 -5.89
C HIS P 36 -14.60 -70.16 -4.63
N ARG P 37 -15.83 -70.65 -4.55
CA ARG P 37 -16.24 -71.40 -3.39
C ARG P 37 -15.70 -72.82 -3.46
N ALA P 38 -15.08 -73.27 -2.38
CA ALA P 38 -14.63 -74.64 -2.27
C ALA P 38 -15.73 -75.52 -1.70
N PRO P 39 -15.92 -76.73 -2.24
CA PRO P 39 -16.94 -77.62 -1.68
C PRO P 39 -16.67 -78.04 -0.25
N ARG P 40 -15.40 -78.15 0.13
CA ARG P 40 -14.99 -78.59 1.44
C ARG P 40 -13.61 -78.00 1.73
N PRO P 41 -13.21 -77.93 2.99
CA PRO P 41 -11.85 -77.48 3.29
C PRO P 41 -10.81 -78.44 2.70
N THR P 42 -9.79 -77.85 2.07
CA THR P 42 -8.68 -78.65 1.57
C THR P 42 -7.88 -79.26 2.70
N ARG P 43 -7.71 -78.52 3.80
CA ARG P 43 -7.01 -78.99 4.99
C ARG P 43 -8.04 -79.03 6.11
N PRO P 44 -8.76 -80.14 6.27
CA PRO P 44 -9.77 -80.21 7.33
C PRO P 44 -9.22 -80.06 8.74
N ASP P 45 -7.99 -80.53 8.99
CA ASP P 45 -7.41 -80.36 10.32
C ASP P 45 -7.06 -78.92 10.59
N LYS P 46 -6.50 -78.21 9.61
CA LYS P 46 -6.18 -76.81 9.78
C LYS P 46 -7.43 -75.96 9.90
N ALA P 47 -8.48 -76.33 9.17
CA ALA P 47 -9.73 -75.58 9.23
C ALA P 47 -10.35 -75.66 10.62
N ARG P 48 -10.48 -76.87 11.16
CA ARG P 48 -11.12 -77.02 12.46
C ARG P 48 -10.26 -76.49 13.59
N ARG P 49 -8.94 -76.49 13.39
CA ARG P 49 -8.04 -75.83 14.33
C ARG P 49 -8.33 -74.35 14.41
N LEU P 50 -8.82 -73.76 13.32
CA LEU P 50 -9.07 -72.34 13.23
C LEU P 50 -10.51 -71.96 13.53
N GLY P 51 -11.38 -72.93 13.80
CA GLY P 51 -12.72 -72.60 14.24
C GLY P 51 -13.82 -73.22 13.42
N TYR P 52 -13.46 -73.86 12.32
CA TYR P 52 -14.44 -74.45 11.42
C TYR P 52 -14.98 -75.74 12.01
N LYS P 53 -16.27 -75.99 11.79
CA LYS P 53 -16.93 -77.22 12.18
C LYS P 53 -17.74 -77.72 11.01
N ALA P 54 -17.73 -79.03 10.78
CA ALA P 54 -18.44 -79.58 9.64
C ALA P 54 -19.94 -79.61 9.89
N LYS P 55 -20.58 -78.45 9.79
CA LYS P 55 -22.02 -78.35 9.96
C LYS P 55 -22.53 -77.23 9.07
N GLN P 56 -23.84 -77.22 8.86
CA GLN P 56 -24.46 -76.24 7.98
C GLN P 56 -24.28 -74.84 8.52
N GLY P 57 -23.93 -73.91 7.65
CA GLY P 57 -23.61 -72.54 8.02
C GLY P 57 -22.15 -72.18 7.85
N TYR P 58 -21.26 -73.17 7.82
CA TYR P 58 -19.84 -72.96 7.56
C TYR P 58 -19.57 -73.18 6.10
N VAL P 59 -18.98 -72.19 5.42
CA VAL P 59 -18.63 -72.33 4.02
C VAL P 59 -17.16 -71.96 3.85
N ILE P 60 -16.60 -72.42 2.74
CA ILE P 60 -15.19 -72.24 2.44
C ILE P 60 -15.05 -71.57 1.09
N TYR P 61 -14.24 -70.52 1.02
CA TYR P 61 -13.99 -69.80 -0.22
C TYR P 61 -12.49 -69.76 -0.48
N ARG P 62 -12.08 -70.23 -1.64
CA ARG P 62 -10.68 -70.19 -2.04
C ARG P 62 -10.41 -68.86 -2.75
N ILE P 63 -9.39 -68.14 -2.28
CA ILE P 63 -9.06 -66.82 -2.79
C ILE P 63 -7.65 -66.84 -3.34
N ARG P 64 -7.46 -66.20 -4.49
CA ARG P 64 -6.17 -66.10 -5.14
C ARG P 64 -5.74 -64.63 -5.16
N VAL P 65 -4.58 -64.34 -4.58
CA VAL P 65 -4.08 -62.98 -4.53
C VAL P 65 -2.74 -62.93 -5.27
N ARG P 66 -2.43 -61.75 -5.79
CA ARG P 66 -1.17 -61.55 -6.51
C ARG P 66 -0.05 -61.23 -5.53
N ARG P 67 1.11 -61.80 -5.78
CA ARG P 67 2.23 -61.67 -4.86
C ARG P 67 3.03 -60.41 -5.14
N GLY P 68 3.89 -60.07 -4.20
CA GLY P 68 4.80 -58.96 -4.36
C GLY P 68 4.40 -57.76 -3.52
N GLY P 69 5.15 -56.69 -3.73
CA GLY P 69 4.98 -55.47 -2.97
C GLY P 69 3.89 -54.58 -3.54
N ARG P 70 3.86 -53.36 -3.03
CA ARG P 70 2.83 -52.39 -3.38
C ARG P 70 3.48 -51.24 -4.12
N LYS P 71 3.33 -51.21 -5.44
CA LYS P 71 3.81 -50.07 -6.21
C LYS P 71 2.96 -48.85 -5.91
N ARG P 72 3.60 -47.71 -5.73
CA ARG P 72 2.86 -46.49 -5.48
C ARG P 72 2.10 -46.09 -6.73
N PRO P 73 0.80 -45.90 -6.65
CA PRO P 73 -0.02 -45.68 -7.85
C PRO P 73 -0.04 -44.22 -8.28
N VAL P 74 1.10 -43.73 -8.74
CA VAL P 74 1.23 -42.36 -9.18
C VAL P 74 1.52 -42.34 -10.67
N PRO P 75 1.08 -41.33 -11.41
CA PRO P 75 1.35 -41.29 -12.85
C PRO P 75 2.83 -41.11 -13.13
N LYS P 76 3.39 -42.01 -13.93
CA LYS P 76 4.76 -41.95 -14.41
C LYS P 76 5.79 -41.93 -13.28
N GLY P 77 5.43 -42.45 -12.11
CA GLY P 77 6.38 -42.50 -11.02
C GLY P 77 6.70 -41.17 -10.38
N ALA P 78 5.94 -40.13 -10.67
CA ALA P 78 6.20 -38.81 -10.11
C ALA P 78 5.40 -38.66 -8.83
N THR P 79 6.09 -38.69 -7.70
CA THR P 79 5.53 -38.38 -6.40
C THR P 79 6.06 -37.00 -6.03
N TYR P 80 5.32 -35.97 -6.44
CA TYR P 80 5.81 -34.60 -6.35
C TYR P 80 6.02 -34.19 -4.91
N GLY P 81 7.27 -34.08 -4.49
CA GLY P 81 7.55 -33.74 -3.12
C GLY P 81 9.02 -33.95 -2.80
N LYS P 82 9.31 -34.05 -1.51
CA LYS P 82 10.67 -34.18 -1.06
C LYS P 82 11.23 -35.55 -1.43
N PRO P 83 12.55 -35.67 -1.58
CA PRO P 83 13.12 -36.93 -2.05
C PRO P 83 12.90 -38.12 -1.12
N VAL P 84 12.60 -37.88 0.15
CA VAL P 84 12.32 -38.99 1.04
C VAL P 84 11.05 -39.72 0.65
N HIS P 85 10.17 -39.07 -0.11
CA HIS P 85 8.93 -39.67 -0.57
C HIS P 85 8.94 -40.02 -2.05
N HIS P 86 10.11 -40.00 -2.69
CA HIS P 86 10.23 -40.32 -4.10
C HIS P 86 10.06 -41.80 -4.38
N GLY P 87 9.99 -42.63 -3.35
CA GLY P 87 9.89 -44.06 -3.53
C GLY P 87 8.65 -44.50 -4.27
N VAL P 88 8.84 -45.29 -5.32
CA VAL P 88 7.75 -45.87 -6.08
C VAL P 88 7.76 -47.39 -6.00
N ASN P 89 8.92 -47.99 -6.25
CA ASN P 89 9.10 -49.42 -6.10
C ASN P 89 9.74 -49.72 -4.75
N GLN P 90 9.87 -51.01 -4.46
CA GLN P 90 10.38 -51.53 -3.18
C GLN P 90 9.55 -51.06 -2.00
N LEU P 91 8.31 -50.65 -2.23
CA LEU P 91 7.39 -50.30 -1.16
C LEU P 91 6.55 -51.51 -0.79
N LYS P 92 6.13 -51.56 0.47
CA LYS P 92 5.45 -52.73 0.99
C LYS P 92 4.15 -52.34 1.66
N PHE P 93 3.11 -53.11 1.40
CA PHE P 93 1.81 -52.88 2.01
C PHE P 93 1.84 -53.26 3.48
N ALA P 94 1.13 -52.49 4.30
CA ALA P 94 1.17 -52.70 5.75
C ALA P 94 0.51 -54.00 6.15
N ARG P 95 -0.49 -54.45 5.40
CA ARG P 95 -1.21 -55.67 5.72
C ARG P 95 -0.73 -56.82 4.86
N SER P 96 -0.77 -58.01 5.41
CA SER P 96 -0.28 -59.19 4.71
C SER P 96 -1.22 -59.59 3.58
N LEU P 97 -0.72 -60.47 2.71
CA LEU P 97 -1.56 -60.96 1.61
C LEU P 97 -2.69 -61.83 2.12
N GLN P 98 -2.48 -62.54 3.23
CA GLN P 98 -3.56 -63.31 3.83
C GLN P 98 -4.70 -62.41 4.28
N SER P 99 -4.35 -61.24 4.83
CA SER P 99 -5.37 -60.29 5.24
C SER P 99 -6.12 -59.72 4.04
N VAL P 100 -5.42 -59.58 2.90
CA VAL P 100 -6.06 -59.09 1.69
C VAL P 100 -7.03 -60.12 1.14
N ALA P 101 -6.64 -61.39 1.19
CA ALA P 101 -7.52 -62.45 0.70
C ALA P 101 -8.77 -62.56 1.55
N GLU P 102 -8.64 -62.38 2.86
CA GLU P 102 -9.80 -62.39 3.75
C GLU P 102 -10.73 -61.22 3.42
N GLU P 103 -10.16 -60.06 3.15
CA GLU P 103 -10.95 -58.87 2.83
C GLU P 103 -11.73 -59.06 1.54
N ARG P 104 -11.11 -59.72 0.56
CA ARG P 104 -11.79 -59.93 -0.73
C ARG P 104 -12.91 -60.95 -0.60
N ALA P 105 -12.73 -61.98 0.21
CA ALA P 105 -13.80 -62.94 0.45
C ALA P 105 -14.97 -62.27 1.19
N GLY P 106 -14.66 -61.45 2.19
CA GLY P 106 -15.71 -60.81 2.96
C GLY P 106 -16.49 -59.78 2.16
N ARG P 107 -15.81 -59.04 1.29
CA ARG P 107 -16.49 -58.03 0.49
C ARG P 107 -17.45 -58.67 -0.50
N HIS P 108 -17.05 -59.77 -1.13
CA HIS P 108 -17.94 -60.45 -2.06
C HIS P 108 -19.14 -61.04 -1.33
N CYS P 109 -18.88 -61.78 -0.26
CA CYS P 109 -19.95 -62.37 0.56
C CYS P 109 -20.21 -61.47 1.76
N GLY P 110 -20.91 -60.38 1.49
CA GLY P 110 -21.22 -59.41 2.53
C GLY P 110 -22.22 -59.88 3.56
N ALA P 111 -22.99 -60.92 3.25
CA ALA P 111 -23.95 -61.47 4.18
C ALA P 111 -23.35 -62.52 5.10
N LEU P 112 -22.10 -62.90 4.90
CA LEU P 112 -21.42 -63.87 5.73
C LEU P 112 -20.38 -63.19 6.60
N ARG P 113 -19.86 -63.93 7.57
CA ARG P 113 -18.88 -63.42 8.51
C ARG P 113 -17.58 -64.19 8.36
N VAL P 114 -16.49 -63.47 8.09
CA VAL P 114 -15.19 -64.11 7.97
C VAL P 114 -14.74 -64.57 9.34
N LEU P 115 -14.36 -65.84 9.44
CA LEU P 115 -13.88 -66.39 10.70
C LEU P 115 -12.36 -66.47 10.74
N ASN P 116 -11.76 -67.17 9.79
CA ASN P 116 -10.30 -67.30 9.71
C ASN P 116 -9.95 -67.70 8.29
N SER P 117 -8.67 -67.95 8.06
CA SER P 117 -8.19 -68.38 6.76
C SER P 117 -6.87 -69.11 6.96
N TYR P 118 -6.45 -69.83 5.93
CA TYR P 118 -5.20 -70.56 6.00
C TYR P 118 -4.59 -70.69 4.61
N TRP P 119 -3.32 -71.08 4.59
CA TRP P 119 -2.54 -71.15 3.38
C TRP P 119 -2.70 -72.53 2.75
N VAL P 120 -2.98 -72.57 1.45
CA VAL P 120 -3.13 -73.83 0.74
C VAL P 120 -2.16 -73.99 -0.42
N GLY P 121 -1.40 -72.96 -0.76
CA GLY P 121 -0.46 -73.08 -1.85
C GLY P 121 -0.05 -71.72 -2.36
N GLU P 122 1.07 -71.70 -3.06
CA GLU P 122 1.54 -70.44 -3.64
C GLU P 122 2.33 -70.74 -4.90
N ASP P 123 2.35 -69.74 -5.79
CA ASP P 123 3.10 -69.75 -7.03
C ASP P 123 4.11 -68.61 -6.96
N SER P 124 4.79 -68.36 -8.08
CA SER P 124 5.64 -67.18 -8.13
C SER P 124 4.81 -65.91 -8.24
N THR P 125 3.60 -66.01 -8.79
CA THR P 125 2.76 -64.86 -9.02
C THR P 125 1.47 -64.86 -8.20
N TYR P 126 1.11 -65.99 -7.58
CA TYR P 126 -0.12 -66.06 -6.82
C TYR P 126 0.11 -66.74 -5.49
N LYS P 127 -0.66 -66.32 -4.49
CA LYS P 127 -0.82 -67.03 -3.24
C LYS P 127 -2.28 -67.44 -3.12
N PHE P 128 -2.52 -68.64 -2.62
CA PHE P 128 -3.86 -69.18 -2.50
C PHE P 128 -4.20 -69.38 -1.04
N PHE P 129 -5.34 -68.85 -0.62
CA PHE P 129 -5.82 -69.01 0.74
C PHE P 129 -7.25 -69.51 0.68
N GLU P 130 -7.63 -70.23 1.72
CA GLU P 130 -9.00 -70.70 1.89
C GLU P 130 -9.57 -70.03 3.13
N VAL P 131 -10.68 -69.31 2.97
CA VAL P 131 -11.27 -68.49 4.02
C VAL P 131 -12.49 -69.20 4.56
N ILE P 132 -12.57 -69.30 5.88
CA ILE P 132 -13.74 -69.85 6.54
C ILE P 132 -14.75 -68.74 6.76
N LEU P 133 -15.96 -68.94 6.26
CA LEU P 133 -17.06 -68.00 6.42
C LEU P 133 -18.15 -68.68 7.22
N ILE P 134 -18.99 -67.88 7.88
CA ILE P 134 -20.11 -68.38 8.65
C ILE P 134 -21.35 -67.61 8.22
N ASP P 135 -22.44 -68.34 7.97
CA ASP P 135 -23.71 -67.68 7.74
C ASP P 135 -24.35 -67.38 9.08
N PRO P 136 -24.44 -66.10 9.47
CA PRO P 136 -24.89 -65.77 10.82
C PRO P 136 -26.38 -65.97 11.05
N PHE P 137 -27.16 -66.20 9.99
CA PHE P 137 -28.60 -66.34 10.14
C PHE P 137 -29.08 -67.77 9.92
N HIS P 138 -28.17 -68.70 9.69
CA HIS P 138 -28.55 -70.11 9.70
C HIS P 138 -28.86 -70.53 11.13
N LYS P 139 -29.88 -71.38 11.28
CA LYS P 139 -30.32 -71.77 12.61
C LYS P 139 -29.30 -72.63 13.33
N ALA P 140 -28.50 -73.40 12.61
CA ALA P 140 -27.46 -74.19 13.25
C ALA P 140 -26.43 -73.28 13.93
N ILE P 141 -26.08 -72.18 13.28
CA ILE P 141 -25.18 -71.20 13.87
C ILE P 141 -25.89 -70.42 14.96
N ARG P 142 -27.13 -70.03 14.71
CA ARG P 142 -27.83 -69.07 15.55
C ARG P 142 -28.37 -69.69 16.82
N ARG P 143 -28.73 -70.96 16.81
CA ARG P 143 -29.27 -71.63 17.97
C ARG P 143 -28.20 -72.24 18.86
N ASN P 144 -26.94 -72.07 18.52
CA ASN P 144 -25.86 -72.71 19.25
C ASN P 144 -25.12 -71.67 20.07
N PRO P 145 -25.05 -71.79 21.40
CA PRO P 145 -24.10 -70.98 22.15
C PRO P 145 -22.68 -71.43 21.81
N ASP P 146 -21.72 -70.57 22.11
CA ASP P 146 -20.32 -70.65 21.73
C ASP P 146 -20.16 -70.35 20.24
N THR P 147 -21.24 -70.15 19.51
CA THR P 147 -21.20 -69.68 18.13
C THR P 147 -22.06 -68.44 17.95
N GLN P 148 -22.92 -68.12 18.93
CA GLN P 148 -23.80 -66.95 18.82
C GLN P 148 -23.04 -65.63 18.80
N TRP P 149 -21.77 -65.61 19.21
CA TRP P 149 -21.03 -64.36 19.24
C TRP P 149 -20.84 -63.78 17.85
N ILE P 150 -20.61 -64.64 16.85
CA ILE P 150 -20.41 -64.17 15.49
C ILE P 150 -21.68 -63.54 14.94
N THR P 151 -22.83 -63.83 15.53
CA THR P 151 -24.10 -63.32 15.05
C THR P 151 -24.39 -61.91 15.54
N LYS P 152 -23.59 -61.37 16.43
CA LYS P 152 -23.82 -60.04 16.96
C LYS P 152 -23.51 -58.98 15.90
N PRO P 153 -24.18 -57.83 15.95
CA PRO P 153 -23.90 -56.77 14.97
C PRO P 153 -22.49 -56.23 15.03
N VAL P 154 -21.85 -56.24 16.20
CA VAL P 154 -20.51 -55.68 16.33
C VAL P 154 -19.47 -56.53 15.59
N HIS P 155 -19.80 -57.76 15.23
CA HIS P 155 -18.86 -58.68 14.62
C HIS P 155 -19.03 -58.79 13.12
N LYS P 156 -19.57 -57.77 12.46
CA LYS P 156 -19.74 -57.79 11.02
C LYS P 156 -18.55 -57.13 10.37
N HIS P 157 -18.04 -57.77 9.31
CA HIS P 157 -16.84 -57.33 8.60
C HIS P 157 -15.66 -57.20 9.56
N ARG P 158 -15.33 -58.31 10.23
CA ARG P 158 -14.15 -58.33 11.08
C ARG P 158 -12.89 -58.16 10.25
N GLU P 159 -12.84 -58.77 9.07
CA GLU P 159 -11.67 -58.73 8.21
C GLU P 159 -11.37 -57.33 7.69
N MET P 160 -12.35 -56.42 7.72
CA MET P 160 -12.13 -55.07 7.25
C MET P 160 -11.74 -54.11 8.36
N ARG P 161 -11.92 -54.51 9.62
CA ARG P 161 -11.49 -53.75 10.77
C ARG P 161 -10.25 -54.35 11.42
N GLY P 162 -9.63 -55.34 10.78
CA GLY P 162 -8.46 -55.98 11.33
C GLY P 162 -8.70 -56.80 12.58
N LEU P 163 -9.83 -57.50 12.65
CA LEU P 163 -10.19 -58.25 13.84
C LEU P 163 -10.03 -59.75 13.68
N THR P 164 -9.79 -60.25 12.46
CA THR P 164 -9.46 -61.64 12.27
C THR P 164 -7.99 -61.87 12.63
N SER P 165 -7.58 -63.13 12.69
CA SER P 165 -6.21 -63.46 13.08
C SER P 165 -5.20 -62.88 12.10
N ALA P 166 -5.46 -63.01 10.80
CA ALA P 166 -4.53 -62.48 9.80
C ALA P 166 -4.48 -60.97 9.85
N GLY P 167 -5.64 -60.31 9.97
CA GLY P 167 -5.67 -58.87 9.99
C GLY P 167 -5.13 -58.28 11.29
N ARG P 168 -5.17 -59.05 12.36
CA ARG P 168 -4.69 -58.58 13.65
C ARG P 168 -3.17 -58.47 13.68
N LYS P 169 -2.48 -59.30 12.88
CA LYS P 169 -1.04 -59.40 12.96
C LYS P 169 -0.34 -58.13 12.51
N SER P 170 -1.00 -57.29 11.73
CA SER P 170 -0.39 -56.06 11.24
C SER P 170 -0.61 -54.86 12.15
N ARG P 171 -1.42 -55.01 13.20
CA ARG P 171 -1.76 -53.88 14.06
C ARG P 171 -0.74 -53.63 15.15
N GLY P 172 0.27 -54.49 15.29
CA GLY P 172 1.27 -54.29 16.32
C GLY P 172 0.78 -54.50 17.73
N LEU P 173 -0.23 -55.34 17.90
CA LEU P 173 -0.75 -55.62 19.23
C LEU P 173 0.10 -56.67 19.93
N GLY P 174 0.02 -56.68 21.24
CA GLY P 174 0.75 -57.65 22.04
C GLY P 174 1.03 -57.08 23.40
N LYS P 175 1.64 -57.91 24.23
CA LYS P 175 1.99 -57.53 25.59
C LYS P 175 3.50 -57.40 25.73
N GLY P 176 3.93 -56.36 26.42
CA GLY P 176 5.31 -56.24 26.85
C GLY P 176 6.04 -55.14 26.12
N HIS P 177 7.37 -55.20 26.24
CA HIS P 177 8.21 -54.09 25.81
C HIS P 177 8.31 -53.95 24.30
N LYS P 178 7.99 -54.99 23.55
CA LYS P 178 8.10 -54.89 22.12
C LYS P 178 6.93 -54.18 21.48
N PHE P 179 5.83 -53.99 22.21
CA PHE P 179 4.56 -53.53 21.65
C PHE P 179 4.07 -52.30 22.40
N HIS P 180 4.95 -51.35 22.65
CA HIS P 180 4.56 -50.13 23.31
C HIS P 180 3.83 -49.17 22.38
N HIS P 181 3.84 -49.43 21.08
CA HIS P 181 3.16 -48.54 20.14
C HIS P 181 1.65 -48.55 20.29
N THR P 182 1.09 -49.63 20.83
CA THR P 182 -0.35 -49.87 20.78
C THR P 182 -0.93 -50.03 22.18
N ILE P 183 -0.38 -49.33 23.17
CA ILE P 183 -0.97 -49.34 24.50
C ILE P 183 -2.22 -48.47 24.47
N GLY P 184 -3.36 -49.06 24.80
CA GLY P 184 -4.64 -48.40 24.65
C GLY P 184 -5.56 -49.03 23.64
N GLY P 185 -5.09 -50.01 22.86
CA GLY P 185 -5.92 -50.74 21.92
C GLY P 185 -5.42 -50.68 20.49
N SER P 186 -4.76 -49.60 20.11
CA SER P 186 -4.28 -49.43 18.74
C SER P 186 -3.21 -48.35 18.72
N ARG P 187 -2.62 -48.17 17.55
CA ARG P 187 -1.64 -47.10 17.38
C ARG P 187 -2.30 -45.73 17.52
N ARG P 188 -3.46 -45.56 16.89
CA ARG P 188 -4.18 -44.29 17.01
C ARG P 188 -4.62 -44.03 18.44
N ALA P 189 -5.07 -45.07 19.15
CA ALA P 189 -5.45 -44.90 20.55
C ALA P 189 -4.27 -44.46 21.38
N ALA P 190 -3.10 -45.06 21.15
CA ALA P 190 -1.91 -44.65 21.89
C ALA P 190 -1.45 -43.26 21.48
N TRP P 191 -1.54 -42.95 20.19
CA TRP P 191 -1.08 -41.65 19.71
C TRP P 191 -1.96 -40.53 20.24
N ARG P 192 -3.28 -40.73 20.25
CA ARG P 192 -4.17 -39.70 20.78
C ARG P 192 -3.92 -39.45 22.25
N ARG P 193 -3.72 -40.50 23.03
CA ARG P 193 -3.44 -40.35 24.44
C ARG P 193 -2.13 -39.61 24.67
N ARG P 194 -1.11 -39.93 23.89
CA ARG P 194 0.21 -39.34 24.08
C ARG P 194 0.32 -37.94 23.49
N ASN P 195 -0.63 -37.54 22.65
CA ASN P 195 -0.59 -36.24 22.01
C ASN P 195 -1.72 -35.32 22.44
N THR P 196 -2.51 -35.71 23.44
CA THR P 196 -3.56 -34.87 23.96
C THR P 196 -3.04 -34.09 25.16
N LEU P 197 -3.27 -32.79 25.17
CA LEU P 197 -2.88 -31.92 26.26
C LEU P 197 -3.99 -31.93 27.30
N GLN P 198 -3.73 -32.52 28.46
CA GLN P 198 -4.71 -32.56 29.55
C GLN P 198 -4.65 -31.24 30.30
N LEU P 199 -5.65 -30.39 30.09
CA LEU P 199 -5.75 -29.11 30.78
C LEU P 199 -6.80 -29.26 31.87
N HIS P 200 -6.33 -29.54 33.09
CA HIS P 200 -7.22 -29.75 34.22
C HIS P 200 -7.90 -28.43 34.59
N ARG P 201 -8.98 -28.54 35.36
CA ARG P 201 -9.62 -27.33 35.85
C ARG P 201 -8.70 -26.56 36.77
N TYR P 202 -8.02 -27.25 37.69
CA TYR P 202 -7.05 -26.65 38.57
C TYR P 202 -5.67 -27.07 38.08
N ARG P 203 -4.94 -26.12 37.50
CA ARG P 203 -3.67 -26.44 36.87
C ARG P 203 -2.51 -26.08 37.80
N GLU Q 1 -0.95 65.23 15.04
CA GLU Q 1 -1.87 66.25 15.55
C GLU Q 1 -3.27 66.03 14.98
N VAL Q 2 -4.17 66.98 15.26
CA VAL Q 2 -5.56 66.83 14.83
C VAL Q 2 -5.83 67.46 13.47
N GLN Q 3 -4.97 68.36 12.99
CA GLN Q 3 -5.14 68.98 11.70
C GLN Q 3 -4.35 68.23 10.64
N VAL Q 4 -4.46 68.71 9.40
CA VAL Q 4 -3.74 68.14 8.28
C VAL Q 4 -2.36 68.75 8.21
N LEU Q 5 -1.34 67.91 8.09
CA LEU Q 5 0.04 68.34 7.96
C LEU Q 5 0.36 68.46 6.48
N VAL Q 6 0.52 69.69 5.99
CA VAL Q 6 0.79 69.95 4.59
C VAL Q 6 2.28 70.23 4.43
N LEU Q 7 2.94 69.42 3.61
CA LEU Q 7 4.38 69.50 3.42
C LEU Q 7 4.68 69.90 1.98
N ASP Q 8 5.60 70.82 1.81
CA ASP Q 8 6.05 71.20 0.47
C ASP Q 8 7.19 70.28 0.06
N GLY Q 9 7.00 69.59 -1.07
CA GLY Q 9 7.99 68.62 -1.50
C GLY Q 9 9.24 69.19 -2.12
N ARG Q 10 9.27 70.49 -2.41
CA ARG Q 10 10.42 71.07 -3.08
C ARG Q 10 11.63 71.10 -2.16
N GLY Q 11 12.77 70.63 -2.67
CA GLY Q 11 14.00 70.64 -1.92
C GLY Q 11 14.16 69.49 -0.95
N HIS Q 12 13.27 68.53 -0.97
CA HIS Q 12 13.27 67.42 -0.04
C HIS Q 12 13.78 66.16 -0.73
N LEU Q 13 14.59 65.39 -0.03
CA LEU Q 13 15.07 64.13 -0.55
C LEU Q 13 13.98 63.08 -0.48
N LEU Q 14 13.92 62.21 -1.49
CA LEU Q 14 12.79 61.32 -1.67
C LEU Q 14 12.60 60.39 -0.48
N GLY Q 15 13.59 59.55 -0.19
CA GLY Q 15 13.42 58.57 0.85
C GLY Q 15 13.45 59.15 2.25
N ARG Q 16 14.18 60.25 2.43
CA ARG Q 16 14.17 60.92 3.72
C ARG Q 16 12.79 61.47 4.05
N LEU Q 17 12.15 62.11 3.08
CA LEU Q 17 10.81 62.64 3.31
C LEU Q 17 9.79 61.52 3.44
N ALA Q 18 9.98 60.45 2.68
CA ALA Q 18 9.02 59.34 2.73
C ALA Q 18 9.08 58.61 4.06
N ALA Q 19 10.27 58.51 4.66
CA ALA Q 19 10.38 57.86 5.95
C ALA Q 19 9.69 58.65 7.04
N ILE Q 20 9.83 59.98 7.01
CA ILE Q 20 9.15 60.84 7.98
C ILE Q 20 7.64 60.75 7.79
N VAL Q 21 7.20 60.79 6.54
CA VAL Q 21 5.76 60.75 6.25
C VAL Q 21 5.16 59.42 6.67
N ALA Q 22 5.88 58.33 6.41
CA ALA Q 22 5.34 57.00 6.72
C ALA Q 22 5.11 56.84 8.23
N LYS Q 23 6.00 57.38 9.04
CA LYS Q 23 5.82 57.28 10.49
C LYS Q 23 4.67 58.17 10.96
N GLN Q 24 4.44 59.29 10.26
CA GLN Q 24 3.37 60.20 10.67
C GLN Q 24 2.00 59.60 10.42
N VAL Q 25 1.78 59.05 9.23
CA VAL Q 25 0.48 58.47 8.92
C VAL Q 25 0.23 57.21 9.73
N LEU Q 26 1.30 56.54 10.17
CA LEU Q 26 1.12 55.38 11.04
C LEU Q 26 0.67 55.80 12.43
N LEU Q 27 1.02 57.01 12.84
CA LEU Q 27 0.59 57.57 14.11
C LEU Q 27 -0.77 58.22 14.02
N GLY Q 28 -1.54 57.91 12.99
CA GLY Q 28 -2.89 58.41 12.87
C GLY Q 28 -3.01 59.86 12.43
N ARG Q 29 -2.03 60.36 11.69
CA ARG Q 29 -1.99 61.76 11.32
C ARG Q 29 -2.23 61.93 9.82
N LYS Q 30 -2.99 62.95 9.47
CA LYS Q 30 -3.26 63.27 8.07
C LYS Q 30 -2.09 64.06 7.50
N VAL Q 31 -1.52 63.59 6.40
CA VAL Q 31 -0.38 64.24 5.77
C VAL Q 31 -0.73 64.52 4.31
N VAL Q 32 -0.43 65.72 3.86
CA VAL Q 32 -0.59 66.11 2.46
C VAL Q 32 0.75 66.61 1.96
N VAL Q 33 1.28 65.96 0.92
CA VAL Q 33 2.51 66.38 0.28
C VAL Q 33 2.16 67.00 -1.06
N VAL Q 34 2.57 68.25 -1.25
CA VAL Q 34 2.29 68.96 -2.49
C VAL Q 34 3.61 69.24 -3.19
N ARG Q 35 3.50 69.58 -4.47
CA ARG Q 35 4.65 69.89 -5.33
C ARG Q 35 5.66 68.73 -5.32
N CYS Q 36 5.16 67.54 -5.62
CA CYS Q 36 6.01 66.34 -5.65
C CYS Q 36 6.97 66.34 -6.83
N GLU Q 37 6.80 67.23 -7.79
CA GLU Q 37 7.74 67.33 -8.90
C GLU Q 37 9.05 67.99 -8.50
N GLY Q 38 9.07 68.73 -7.39
CA GLY Q 38 10.26 69.37 -6.89
C GLY Q 38 11.06 68.54 -5.92
N ILE Q 39 10.67 67.29 -5.69
CA ILE Q 39 11.41 66.42 -4.79
C ILE Q 39 12.73 66.03 -5.45
N ASN Q 40 13.78 65.93 -4.63
CA ASN Q 40 15.11 65.61 -5.11
C ASN Q 40 15.49 64.19 -4.75
N ILE Q 41 16.40 63.60 -5.54
CA ILE Q 41 17.00 62.32 -5.24
C ILE Q 41 18.51 62.47 -5.36
N SER Q 42 19.23 62.00 -4.34
CA SER Q 42 20.68 62.09 -4.36
C SER Q 42 21.28 61.16 -5.40
N GLY Q 43 22.40 61.56 -5.96
CA GLY Q 43 22.99 60.89 -7.09
C GLY Q 43 22.61 61.57 -8.38
N ASN Q 44 23.51 61.51 -9.37
CA ASN Q 44 23.29 62.26 -10.59
C ASN Q 44 22.12 61.69 -11.37
N PHE Q 45 21.63 62.49 -12.33
CA PHE Q 45 20.35 62.20 -12.96
C PHE Q 45 20.37 60.90 -13.73
N TYR Q 46 21.46 60.63 -14.46
CA TYR Q 46 21.53 59.43 -15.28
C TYR Q 46 21.46 58.17 -14.43
N ARG Q 47 22.13 58.18 -13.28
CA ARG Q 47 22.09 57.04 -12.38
C ARG Q 47 20.68 56.80 -11.85
N ASN Q 48 19.97 57.87 -11.51
CA ASN Q 48 18.62 57.72 -11.00
C ASN Q 48 17.64 57.34 -12.10
N LYS Q 49 17.87 57.83 -13.32
CA LYS Q 49 17.04 57.40 -14.44
C LYS Q 49 17.23 55.93 -14.72
N LEU Q 50 18.46 55.43 -14.62
CA LEU Q 50 18.72 54.01 -14.81
C LEU Q 50 17.98 53.16 -13.78
N LYS Q 51 17.87 53.67 -12.55
CA LYS Q 51 17.18 52.93 -11.51
C LYS Q 51 15.70 52.77 -11.83
N TYR Q 52 15.07 53.82 -12.36
CA TYR Q 52 13.66 53.70 -12.69
C TYR Q 52 13.46 52.92 -13.97
N LEU Q 53 14.39 53.02 -14.91
CA LEU Q 53 14.30 52.19 -16.11
C LEU Q 53 14.41 50.71 -15.76
N ALA Q 54 15.27 50.36 -14.82
CA ALA Q 54 15.32 48.98 -14.33
C ALA Q 54 14.03 48.60 -13.64
N PHE Q 55 13.38 49.56 -12.98
CA PHE Q 55 12.07 49.30 -12.40
C PHE Q 55 11.03 49.04 -13.50
N LEU Q 56 11.14 49.76 -14.62
CA LEU Q 56 10.22 49.52 -15.73
C LEU Q 56 10.36 48.11 -16.29
N ARG Q 57 11.55 47.53 -16.19
CA ARG Q 57 11.79 46.22 -16.77
C ARG Q 57 11.12 45.12 -15.97
N LYS Q 58 10.95 45.32 -14.67
CA LYS Q 58 10.34 44.31 -13.81
C LYS Q 58 8.85 44.27 -14.12
N ARG Q 59 8.44 43.33 -14.96
CA ARG Q 59 7.04 43.14 -15.28
C ARG Q 59 6.77 41.65 -15.35
N MET Q 60 5.52 41.28 -15.11
CA MET Q 60 5.16 39.87 -15.13
C MET Q 60 5.24 39.35 -16.56
N ASN Q 61 6.07 38.32 -16.76
CA ASN Q 61 6.34 37.82 -18.10
C ASN Q 61 5.10 37.20 -18.72
N THR Q 62 4.29 36.55 -17.90
CA THR Q 62 3.09 35.89 -18.40
C THR Q 62 1.98 36.88 -18.76
N ASN Q 63 1.78 37.91 -17.95
CA ASN Q 63 0.73 38.88 -18.18
C ASN Q 63 1.13 40.20 -17.53
N PRO Q 64 1.69 41.12 -18.31
CA PRO Q 64 2.13 42.39 -17.72
C PRO Q 64 1.01 43.24 -17.16
N SER Q 65 -0.24 43.01 -17.57
CA SER Q 65 -1.34 43.75 -17.00
C SER Q 65 -1.57 43.41 -15.53
N ARG Q 66 -1.11 42.25 -15.08
CA ARG Q 66 -1.13 41.88 -13.67
C ARG Q 66 0.09 42.35 -12.93
N GLY Q 67 1.14 42.74 -13.64
CA GLY Q 67 2.46 42.87 -13.05
C GLY Q 67 2.59 44.11 -12.23
N PRO Q 68 3.82 44.47 -11.87
CA PRO Q 68 4.04 45.72 -11.14
C PRO Q 68 3.53 46.90 -11.94
N TYR Q 69 2.82 47.79 -11.27
CA TYR Q 69 2.25 48.96 -11.90
C TYR Q 69 3.23 50.11 -11.72
N HIS Q 70 3.85 50.52 -12.81
CA HIS Q 70 4.86 51.57 -12.80
C HIS Q 70 4.15 52.90 -12.99
N PHE Q 71 4.06 53.67 -11.91
CA PHE Q 71 3.41 54.96 -11.96
C PHE Q 71 4.41 56.04 -12.35
N ARG Q 72 4.00 56.92 -13.24
CA ARG Q 72 4.92 57.86 -13.85
C ARG Q 72 4.83 59.27 -13.28
N ALA Q 73 3.71 59.66 -12.69
CA ALA Q 73 3.61 60.98 -12.09
C ALA Q 73 4.49 61.06 -10.85
N PRO Q 74 5.12 62.20 -10.59
CA PRO Q 74 5.95 62.32 -9.38
C PRO Q 74 5.18 62.09 -8.10
N SER Q 75 3.93 62.53 -8.03
CA SER Q 75 3.11 62.30 -6.84
C SER Q 75 2.90 60.81 -6.63
N ARG Q 76 2.64 60.07 -7.70
CA ARG Q 76 2.45 58.64 -7.57
C ARG Q 76 3.76 57.91 -7.32
N ILE Q 77 4.88 58.43 -7.84
CA ILE Q 77 6.18 57.85 -7.52
C ILE Q 77 6.48 58.02 -6.04
N PHE Q 78 6.23 59.21 -5.50
CA PHE Q 78 6.45 59.42 -4.08
C PHE Q 78 5.50 58.58 -3.25
N TRP Q 79 4.26 58.45 -3.71
CA TRP Q 79 3.27 57.64 -3.01
C TRP Q 79 3.72 56.19 -2.91
N ARG Q 80 4.30 55.65 -3.97
CA ARG Q 80 4.78 54.28 -3.95
C ARG Q 80 6.01 54.12 -3.08
N THR Q 81 6.86 55.15 -3.00
CA THR Q 81 7.99 55.11 -2.09
C THR Q 81 7.53 55.05 -0.64
N VAL Q 82 6.51 55.83 -0.29
CA VAL Q 82 5.97 55.78 1.06
C VAL Q 82 5.34 54.43 1.32
N ARG Q 83 4.63 53.88 0.33
CA ARG Q 83 3.98 52.59 0.49
C ARG Q 83 4.99 51.48 0.78
N GLY Q 84 6.21 51.62 0.28
CA GLY Q 84 7.23 50.64 0.59
C GLY Q 84 7.69 50.69 2.02
N MET Q 85 7.47 51.81 2.69
CA MET Q 85 7.84 51.98 4.09
C MET Q 85 6.67 51.77 5.03
N LEU Q 86 5.55 51.30 4.53
CA LEU Q 86 4.34 51.03 5.28
C LEU Q 86 4.00 49.54 5.22
N PRO Q 87 3.36 49.00 6.24
CA PRO Q 87 2.86 47.61 6.14
C PRO Q 87 1.55 47.56 5.38
N HIS Q 88 1.64 47.81 4.07
CA HIS Q 88 0.47 48.12 3.27
C HIS Q 88 -0.43 46.92 3.00
N LYS Q 89 -0.04 45.72 3.41
CA LYS Q 89 -0.86 44.55 3.19
C LYS Q 89 -1.68 44.17 4.41
N THR Q 90 -1.70 45.03 5.43
CA THR Q 90 -2.54 44.85 6.60
C THR Q 90 -3.52 45.99 6.69
N LYS Q 91 -4.55 45.82 7.52
CA LYS Q 91 -5.57 46.85 7.67
C LYS Q 91 -4.99 48.11 8.28
N ARG Q 92 -4.03 47.96 9.20
CA ARG Q 92 -3.40 49.14 9.79
C ARG Q 92 -2.61 49.93 8.76
N GLY Q 93 -1.86 49.24 7.91
CA GLY Q 93 -1.08 49.94 6.90
C GLY Q 93 -1.94 50.59 5.84
N GLN Q 94 -3.03 49.93 5.46
CA GLN Q 94 -3.92 50.49 4.45
C GLN Q 94 -4.65 51.73 4.98
N ALA Q 95 -5.01 51.72 6.25
CA ALA Q 95 -5.59 52.90 6.87
C ALA Q 95 -4.59 54.05 6.90
N ALA Q 96 -3.33 53.73 7.22
CA ALA Q 96 -2.28 54.75 7.21
C ALA Q 96 -2.05 55.29 5.81
N LEU Q 97 -2.06 54.40 4.82
CA LEU Q 97 -1.87 54.82 3.43
C LEU Q 97 -3.01 55.72 2.96
N ASP Q 98 -4.20 55.57 3.55
CA ASP Q 98 -5.33 56.40 3.16
C ASP Q 98 -5.24 57.79 3.76
N ARG Q 99 -4.42 57.97 4.79
CA ARG Q 99 -4.26 59.27 5.43
C ARG Q 99 -3.27 60.16 4.70
N LEU Q 100 -2.70 59.68 3.60
CA LEU Q 100 -1.69 60.42 2.84
C LEU Q 100 -2.28 60.87 1.52
N LYS Q 101 -2.13 62.15 1.21
CA LYS Q 101 -2.52 62.71 -0.08
C LYS Q 101 -1.30 63.33 -0.73
N VAL Q 102 -1.12 63.08 -2.02
CA VAL Q 102 0.04 63.52 -2.77
C VAL Q 102 -0.42 64.23 -4.03
N PHE Q 103 0.26 65.31 -4.40
CA PHE Q 103 -0.12 66.12 -5.53
C PHE Q 103 1.11 66.56 -6.31
N ASP Q 104 0.93 66.73 -7.61
CA ASP Q 104 1.87 67.46 -8.46
C ASP Q 104 1.41 68.91 -8.53
N GLY Q 105 2.31 69.84 -8.27
CA GLY Q 105 1.88 71.20 -8.11
C GLY Q 105 1.16 71.36 -6.78
N ILE Q 106 0.46 72.49 -6.64
CA ILE Q 106 -0.29 72.77 -5.43
C ILE Q 106 -1.73 73.11 -5.79
N PRO Q 107 -2.67 72.20 -5.59
CA PRO Q 107 -4.05 72.42 -6.03
C PRO Q 107 -4.82 73.35 -5.10
N PRO Q 108 -5.99 73.81 -5.52
CA PRO Q 108 -6.73 74.87 -4.82
C PRO Q 108 -6.98 74.63 -3.34
N PRO Q 109 -7.23 73.41 -2.87
CA PRO Q 109 -7.43 73.27 -1.42
C PRO Q 109 -6.24 73.71 -0.59
N TYR Q 110 -5.02 73.63 -1.13
CA TYR Q 110 -3.82 73.81 -0.35
C TYR Q 110 -2.93 74.96 -0.82
N ASP Q 111 -3.22 75.59 -1.94
CA ASP Q 111 -2.37 76.69 -2.38
C ASP Q 111 -2.60 77.96 -1.58
N LYS Q 112 -3.69 78.03 -0.82
CA LYS Q 112 -3.98 79.16 0.03
C LYS Q 112 -3.67 78.88 1.49
N LYS Q 113 -2.79 77.92 1.76
CA LYS Q 113 -2.45 77.53 3.12
C LYS Q 113 -0.95 77.45 3.28
N LYS Q 114 -0.49 77.65 4.52
CA LYS Q 114 0.93 77.54 4.83
C LYS Q 114 1.39 76.10 4.68
N ARG Q 115 2.61 75.93 4.20
CA ARG Q 115 3.18 74.62 3.95
C ARG Q 115 4.39 74.40 4.85
N MET Q 116 4.44 73.25 5.50
CA MET Q 116 5.54 72.95 6.41
C MET Q 116 6.77 72.49 5.61
N VAL Q 117 7.86 72.34 6.34
CA VAL Q 117 9.13 71.86 5.79
C VAL Q 117 9.72 70.89 6.79
N VAL Q 118 10.29 69.79 6.29
CA VAL Q 118 10.97 68.82 7.14
C VAL Q 118 12.48 69.02 6.98
N PRO Q 119 13.15 69.65 7.93
CA PRO Q 119 14.60 69.86 7.79
C PRO Q 119 15.40 68.58 7.70
N ALA Q 120 14.98 67.53 8.38
CA ALA Q 120 15.72 66.27 8.34
C ALA Q 120 15.67 65.59 6.98
N ALA Q 121 14.86 66.09 6.05
CA ALA Q 121 14.79 65.56 4.70
C ALA Q 121 15.21 66.58 3.65
N LEU Q 122 15.61 67.77 4.04
CA LEU Q 122 15.96 68.81 3.09
C LEU Q 122 17.31 68.54 2.45
N LYS Q 123 17.42 68.84 1.16
CA LYS Q 123 18.66 68.57 0.44
C LYS Q 123 19.78 69.51 0.87
N VAL Q 124 19.43 70.71 1.33
CA VAL Q 124 20.43 71.70 1.68
C VAL Q 124 21.26 71.24 2.88
N VAL Q 125 20.63 70.54 3.81
CA VAL Q 125 21.33 70.09 5.01
C VAL Q 125 21.71 68.61 4.95
N ARG Q 126 20.99 67.80 4.19
CA ARG Q 126 21.25 66.37 4.18
C ARG Q 126 22.28 65.95 3.13
N LEU Q 127 22.66 66.84 2.23
CA LEU Q 127 23.49 66.49 1.10
C LEU Q 127 24.64 67.47 0.98
N LYS Q 128 25.83 66.94 0.72
CA LYS Q 128 26.99 67.81 0.56
C LYS Q 128 26.82 68.67 -0.68
N PRO Q 129 27.26 69.94 -0.63
CA PRO Q 129 26.99 70.85 -1.75
C PRO Q 129 27.62 70.43 -3.08
N THR Q 130 28.70 69.67 -3.05
CA THR Q 130 29.37 69.26 -4.29
C THR Q 130 28.76 68.03 -4.92
N ARG Q 131 27.85 67.34 -4.24
CA ARG Q 131 27.25 66.14 -4.78
C ARG Q 131 26.18 66.49 -5.81
N LYS Q 132 25.88 65.52 -6.67
CA LYS Q 132 24.90 65.68 -7.72
C LYS Q 132 23.57 65.07 -7.29
N PHE Q 133 22.48 65.57 -7.88
CA PHE Q 133 21.16 65.11 -7.53
C PHE Q 133 20.26 65.22 -8.76
N ALA Q 134 19.12 64.54 -8.68
CA ALA Q 134 18.13 64.55 -9.74
C ALA Q 134 16.83 65.17 -9.24
N TYR Q 135 16.11 65.82 -10.14
CA TYR Q 135 14.78 66.33 -9.86
C TYR Q 135 13.75 65.27 -10.20
N LEU Q 136 12.79 65.05 -9.31
CA LEU Q 136 11.77 64.04 -9.55
C LEU Q 136 10.90 64.40 -10.74
N GLY Q 137 10.64 65.69 -10.96
CA GLY Q 137 9.82 66.09 -12.09
C GLY Q 137 10.48 65.79 -13.42
N ARG Q 138 11.78 66.06 -13.52
CA ARG Q 138 12.49 65.74 -14.75
C ARG Q 138 12.59 64.23 -14.96
N LEU Q 139 12.86 63.49 -13.89
CA LEU Q 139 12.96 62.04 -13.99
C LEU Q 139 11.62 61.45 -14.40
N ALA Q 140 10.53 61.95 -13.83
CA ALA Q 140 9.21 61.48 -14.20
C ALA Q 140 8.89 61.83 -15.65
N HIS Q 141 9.25 63.04 -16.08
CA HIS Q 141 8.93 63.47 -17.43
C HIS Q 141 9.61 62.59 -18.47
N GLU Q 142 10.85 62.22 -18.23
CA GLU Q 142 11.60 61.47 -19.22
C GLU Q 142 11.34 59.98 -19.14
N VAL Q 143 10.49 59.52 -18.23
CA VAL Q 143 10.15 58.12 -18.16
C VAL Q 143 8.68 57.88 -18.55
N GLY Q 144 7.92 58.93 -18.82
CA GLY Q 144 6.60 58.74 -19.36
C GLY Q 144 5.53 59.70 -18.87
N TRP Q 145 5.85 60.52 -17.88
CA TRP Q 145 4.88 61.48 -17.36
C TRP Q 145 4.53 62.50 -18.44
N LYS Q 146 3.24 62.82 -18.56
CA LYS Q 146 2.73 63.60 -19.66
C LYS Q 146 2.38 65.03 -19.31
N TYR Q 147 2.44 65.40 -18.04
CA TYR Q 147 1.90 66.68 -17.60
C TYR Q 147 2.95 67.54 -16.93
N GLN Q 148 4.18 67.50 -17.44
CA GLN Q 148 5.19 68.40 -16.91
C GLN Q 148 4.98 69.82 -17.39
N ALA Q 149 4.55 69.98 -18.64
CA ALA Q 149 4.40 71.32 -19.19
C ALA Q 149 3.20 72.04 -18.60
N VAL Q 150 2.07 71.34 -18.48
CA VAL Q 150 0.87 71.98 -17.95
C VAL Q 150 1.02 72.27 -16.46
N THR Q 151 1.67 71.39 -15.72
CA THR Q 151 1.91 71.64 -14.30
C THR Q 151 2.84 72.82 -14.10
N ALA Q 152 3.85 72.94 -14.96
CA ALA Q 152 4.74 74.10 -14.88
C ALA Q 152 3.99 75.39 -15.21
N THR Q 153 3.09 75.34 -16.18
CA THR Q 153 2.31 76.51 -16.55
C THR Q 153 1.39 76.94 -15.41
N LEU Q 154 0.72 75.98 -14.78
CA LEU Q 154 -0.20 76.31 -13.70
C LEU Q 154 0.54 76.72 -12.44
N GLU Q 155 1.73 76.18 -12.21
CA GLU Q 155 2.55 76.63 -11.09
C GLU Q 155 3.00 78.06 -11.28
N GLU Q 156 3.19 78.49 -12.52
CA GLU Q 156 3.55 79.87 -12.79
C GLU Q 156 2.39 80.81 -12.50
N LYS Q 157 1.17 80.40 -12.84
CA LYS Q 157 0.00 81.19 -12.48
C LYS Q 157 -0.16 81.29 -10.97
N ARG Q 158 0.06 80.20 -10.26
CA ARG Q 158 -0.07 80.21 -8.81
C ARG Q 158 0.97 81.13 -8.19
N LYS Q 159 2.18 81.12 -8.73
CA LYS Q 159 3.24 81.95 -8.18
C LYS Q 159 2.98 83.43 -8.44
N GLU Q 160 2.33 83.76 -9.56
CA GLU Q 160 1.93 85.14 -9.82
C GLU Q 160 0.90 85.61 -8.80
N LYS Q 161 -0.06 84.75 -8.49
CA LYS Q 161 -1.12 85.13 -7.56
C LYS Q 161 -0.62 85.21 -6.13
N ALA Q 162 0.35 84.36 -5.78
CA ALA Q 162 0.92 84.41 -4.44
C ALA Q 162 1.76 85.66 -4.25
N LYS Q 163 2.39 86.17 -5.31
CA LYS Q 163 3.14 87.41 -5.21
C LYS Q 163 2.22 88.58 -4.91
N ILE Q 164 1.02 88.58 -5.49
CA ILE Q 164 0.05 89.63 -5.21
C ILE Q 164 -0.40 89.57 -3.76
N HIS Q 165 -0.65 88.36 -3.25
CA HIS Q 165 -1.07 88.21 -1.87
C HIS Q 165 0.04 88.62 -0.91
N TYR Q 166 1.29 88.34 -1.27
CA TYR Q 166 2.41 88.68 -0.40
C TYR Q 166 2.62 90.19 -0.32
N ARG Q 167 2.41 90.89 -1.43
CA ARG Q 167 2.55 92.34 -1.41
C ARG Q 167 1.47 92.98 -0.55
N LYS Q 168 0.26 92.44 -0.59
CA LYS Q 168 -0.80 92.93 0.28
C LYS Q 168 -0.45 92.69 1.74
N LYS Q 169 0.11 91.53 2.06
CA LYS Q 169 0.50 91.24 3.43
C LYS Q 169 1.62 92.16 3.90
N LYS Q 170 2.59 92.45 3.02
CA LYS Q 170 3.63 93.40 3.39
C LYS Q 170 3.07 94.80 3.60
N GLN Q 171 2.13 95.21 2.75
CA GLN Q 171 1.55 96.53 2.91
C GLN Q 171 0.76 96.63 4.20
N LEU Q 172 0.08 95.55 4.59
CA LEU Q 172 -0.59 95.51 5.87
C LEU Q 172 0.39 95.60 7.02
N MET Q 173 1.53 94.91 6.90
CA MET Q 173 2.51 94.91 7.99
C MET Q 173 3.22 96.26 8.08
N ARG Q 174 3.49 96.89 6.94
CA ARG Q 174 4.02 98.25 6.97
C ARG Q 174 3.05 99.19 7.66
N LEU Q 175 1.77 99.01 7.39
CA LEU Q 175 0.75 99.86 8.01
C LEU Q 175 0.62 99.54 9.49
N ARG Q 176 0.79 98.27 9.87
CA ARG Q 176 0.75 97.88 11.27
C ARG Q 176 1.92 98.49 12.04
N LYS Q 177 3.11 98.50 11.45
CA LYS Q 177 4.26 99.12 12.09
C LYS Q 177 4.05 100.62 12.26
N GLN Q 178 3.47 101.27 11.25
CA GLN Q 178 3.16 102.69 11.37
C GLN Q 178 2.10 102.92 12.43
N ALA Q 179 1.14 102.02 12.55
CA ALA Q 179 0.12 102.15 13.58
C ALA Q 179 0.72 102.08 14.98
N GLU Q 180 1.66 101.15 15.18
CA GLU Q 180 2.30 101.02 16.49
C GLU Q 180 3.05 102.29 16.87
N LYS Q 181 3.63 102.96 15.88
CA LYS Q 181 4.28 104.23 16.13
C LYS Q 181 3.27 105.32 16.42
N ASN Q 182 2.10 105.26 15.79
CA ASN Q 182 1.09 106.30 15.98
C ASN Q 182 0.56 106.28 17.40
N VAL Q 183 0.16 105.12 17.90
CA VAL Q 183 -0.32 104.96 19.26
C VAL Q 183 0.76 104.22 20.04
N GLU Q 184 1.51 104.98 20.84
CA GLU Q 184 2.46 104.39 21.77
C GLU Q 184 2.36 104.97 23.17
N LYS Q 185 1.82 106.18 23.32
CA LYS Q 185 1.51 106.70 24.65
C LYS Q 185 0.44 105.85 25.32
N LYS Q 186 -0.43 105.25 24.53
CA LYS Q 186 -1.47 104.37 25.04
C LYS Q 186 -1.17 102.90 24.82
N ILE Q 187 0.07 102.56 24.50
CA ILE Q 187 0.48 101.18 24.27
C ILE Q 187 1.65 100.83 25.18
N ASP Q 188 2.42 101.84 25.58
CA ASP Q 188 3.61 101.61 26.38
C ASP Q 188 3.31 100.94 27.72
N LYS Q 189 2.12 101.15 28.27
CA LYS Q 189 1.74 100.45 29.49
C LYS Q 189 1.67 98.95 29.29
N TYR Q 190 1.16 98.52 28.13
CA TYR Q 190 1.08 97.09 27.83
C TYR Q 190 2.30 96.57 27.08
N THR Q 191 3.07 97.45 26.44
CA THR Q 191 4.34 97.02 25.87
C THR Q 191 5.32 96.63 26.98
N GLU Q 192 5.36 97.39 28.06
CA GLU Q 192 6.29 97.09 29.14
C GLU Q 192 5.95 95.77 29.81
N VAL Q 193 4.66 95.43 29.87
CA VAL Q 193 4.27 94.13 30.42
C VAL Q 193 4.80 93.02 29.53
N LEU Q 194 4.70 93.19 28.22
CA LEU Q 194 5.19 92.17 27.30
C LEU Q 194 6.71 92.09 27.32
N LYS Q 195 7.38 93.24 27.37
CA LYS Q 195 8.85 93.25 27.40
C LYS Q 195 9.39 92.60 28.66
N THR Q 196 8.72 92.82 29.79
CA THR Q 196 9.19 92.28 31.06
C THR Q 196 9.20 90.76 31.05
N HIS Q 197 8.32 90.14 30.28
CA HIS Q 197 8.16 88.70 30.29
C HIS Q 197 8.64 88.02 29.01
N GLY Q 198 9.56 88.65 28.29
CA GLY Q 198 10.26 88.01 27.20
C GLY Q 198 9.61 88.16 25.85
N LEU Q 199 8.31 88.39 25.80
CA LEU Q 199 7.67 88.70 24.55
C LEU Q 199 8.13 90.06 24.08
N LEU Q 200 8.24 90.23 22.77
CA LEU Q 200 8.43 91.55 22.17
C LEU Q 200 9.69 92.23 22.72
N VAL Q 201 10.84 91.66 22.32
CA VAL Q 201 12.17 92.22 22.63
C VAL Q 201 12.22 93.73 22.57
N VAL R 1 -49.51 18.43 10.79
CA VAL R 1 -48.12 18.02 10.67
C VAL R 1 -47.24 19.20 11.03
N ARG R 2 -45.97 18.96 11.30
CA ARG R 2 -45.05 20.01 11.76
C ARG R 2 -44.44 20.70 10.55
N TYR R 3 -44.84 21.95 10.32
CA TYR R 3 -44.15 22.80 9.36
C TYR R 3 -42.99 23.48 10.07
N SER R 4 -42.02 23.94 9.27
CA SER R 4 -41.08 24.91 9.80
C SER R 4 -41.66 26.31 9.59
N LEU R 5 -41.33 27.22 10.50
CA LEU R 5 -41.86 28.58 10.48
C LEU R 5 -43.38 28.60 10.54
N ASP R 6 -43.90 28.21 11.70
CA ASP R 6 -45.32 28.34 11.95
C ASP R 6 -45.75 29.81 11.78
N PRO R 7 -46.95 30.04 11.24
CA PRO R 7 -47.37 31.42 10.95
C PRO R 7 -47.54 32.23 12.21
N GLU R 8 -47.29 33.54 12.09
CA GLU R 8 -47.37 34.42 13.25
C GLU R 8 -48.79 34.52 13.78
N ASN R 9 -49.79 34.54 12.90
CA ASN R 9 -51.18 34.45 13.29
C ASN R 9 -51.89 33.34 12.50
N PRO R 10 -52.03 32.16 13.10
CA PRO R 10 -52.57 31.02 12.35
C PRO R 10 -54.08 31.07 12.20
N THR R 11 -54.61 32.24 11.88
CA THR R 11 -55.99 32.41 11.47
C THR R 11 -56.12 33.22 10.20
N LYS R 12 -55.11 34.02 9.85
CA LYS R 12 -55.02 34.71 8.57
C LYS R 12 -54.18 33.94 7.57
N SER R 13 -53.88 32.68 7.86
CA SER R 13 -52.91 31.91 7.11
C SER R 13 -53.52 30.60 6.64
N CYS R 14 -52.94 30.06 5.57
CA CYS R 14 -53.29 28.74 5.06
C CYS R 14 -52.02 28.04 4.62
N LYS R 15 -52.06 26.71 4.61
CA LYS R 15 -50.87 25.90 4.39
C LYS R 15 -51.07 24.97 3.20
N SER R 16 -49.96 24.56 2.61
CA SER R 16 -49.95 23.54 1.57
C SER R 16 -48.66 22.76 1.66
N ARG R 17 -48.71 21.51 1.25
CA ARG R 17 -47.59 20.60 1.44
C ARG R 17 -47.60 19.56 0.32
N GLY R 18 -46.42 19.06 0.00
CA GLY R 18 -46.28 17.93 -0.90
C GLY R 18 -45.05 17.13 -0.56
N SER R 19 -45.09 15.82 -0.73
CA SER R 19 -43.97 14.96 -0.37
C SER R 19 -43.63 14.04 -1.53
N ASN R 20 -42.32 13.77 -1.68
CA ASN R 20 -41.80 12.84 -2.68
C ASN R 20 -42.26 13.22 -4.08
N LEU R 21 -42.29 14.52 -4.35
CA LEU R 21 -42.70 15.01 -5.66
C LEU R 21 -41.60 14.79 -6.68
N ARG R 22 -41.97 14.22 -7.82
CA ARG R 22 -41.00 13.85 -8.86
C ARG R 22 -40.60 15.06 -9.71
N VAL R 23 -39.98 16.03 -9.05
CA VAL R 23 -39.35 17.16 -9.73
C VAL R 23 -37.94 17.31 -9.20
N HIS R 24 -37.09 17.90 -10.03
CA HIS R 24 -35.71 18.12 -9.62
C HIS R 24 -35.65 19.11 -8.49
N PHE R 25 -34.87 18.78 -7.45
CA PHE R 25 -34.82 19.60 -6.26
C PHE R 25 -34.14 20.93 -6.54
N LYS R 26 -33.10 20.93 -7.37
CA LYS R 26 -32.38 22.17 -7.64
C LYS R 26 -33.21 23.15 -8.46
N ASN R 27 -33.91 22.66 -9.48
CA ASN R 27 -34.78 23.54 -10.26
C ASN R 27 -35.92 24.06 -9.40
N THR R 28 -36.46 23.22 -8.52
CA THR R 28 -37.58 23.64 -7.70
C THR R 28 -37.16 24.62 -6.62
N ARG R 29 -35.97 24.41 -6.03
CA ARG R 29 -35.49 25.33 -5.01
C ARG R 29 -35.30 26.72 -5.58
N GLU R 30 -34.75 26.81 -6.79
CA GLU R 30 -34.60 28.12 -7.43
C GLU R 30 -35.95 28.73 -7.77
N THR R 31 -36.89 27.91 -8.24
CA THR R 31 -38.20 28.41 -8.61
C THR R 31 -38.98 28.90 -7.40
N ALA R 32 -38.82 28.23 -6.26
CA ALA R 32 -39.53 28.64 -5.05
C ALA R 32 -38.95 29.94 -4.50
N GLN R 33 -37.64 30.14 -4.65
CA GLN R 33 -37.02 31.37 -4.16
C GLN R 33 -37.49 32.58 -4.96
N ALA R 34 -37.85 32.38 -6.22
CA ALA R 34 -38.32 33.50 -7.04
C ALA R 34 -39.70 33.96 -6.60
N ILE R 35 -40.62 33.02 -6.38
CA ILE R 35 -41.99 33.38 -6.02
C ILE R 35 -42.16 33.69 -4.54
N LYS R 36 -41.09 33.61 -3.75
CA LYS R 36 -41.22 33.84 -2.32
C LYS R 36 -41.45 35.33 -2.07
N GLY R 37 -42.47 35.63 -1.27
CA GLY R 37 -42.85 37.00 -1.00
C GLY R 37 -43.82 37.59 -1.99
N MET R 38 -44.12 36.89 -3.09
CA MET R 38 -45.02 37.41 -4.09
C MET R 38 -46.47 37.34 -3.61
N HIS R 39 -47.29 38.23 -4.13
CA HIS R 39 -48.72 38.07 -3.99
C HIS R 39 -49.16 36.88 -4.83
N ILE R 40 -50.25 36.24 -4.40
CA ILE R 40 -50.65 34.97 -5.02
C ILE R 40 -51.06 35.17 -6.47
N ARG R 41 -51.69 36.30 -6.80
CA ARG R 41 -52.02 36.58 -8.18
C ARG R 41 -50.77 36.85 -9.01
N LYS R 42 -49.82 37.56 -8.43
CA LYS R 42 -48.54 37.79 -9.11
C LYS R 42 -47.79 36.48 -9.30
N ALA R 43 -47.79 35.62 -8.29
CA ALA R 43 -47.03 34.38 -8.37
C ALA R 43 -47.65 33.41 -9.34
N THR R 44 -48.98 33.39 -9.43
CA THR R 44 -49.65 32.48 -10.36
C THR R 44 -49.33 32.85 -11.80
N LYS R 45 -49.40 34.14 -12.14
CA LYS R 45 -49.12 34.54 -13.51
C LYS R 45 -47.64 34.49 -13.82
N TYR R 46 -46.78 34.67 -12.82
CA TYR R 46 -45.35 34.53 -13.04
C TYR R 46 -45.00 33.08 -13.39
N LEU R 47 -45.61 32.12 -12.69
CA LEU R 47 -45.33 30.71 -12.96
C LEU R 47 -45.88 30.30 -14.32
N LYS R 48 -46.99 30.90 -14.75
CA LYS R 48 -47.49 30.65 -16.09
C LYS R 48 -46.55 31.23 -17.14
N ASP R 49 -45.93 32.38 -16.85
CA ASP R 49 -44.99 32.97 -17.79
C ASP R 49 -43.73 32.14 -17.92
N VAL R 50 -43.30 31.49 -16.83
CA VAL R 50 -42.13 30.62 -16.89
C VAL R 50 -42.40 29.45 -17.80
N THR R 51 -43.61 28.90 -17.75
CA THR R 51 -44.00 27.83 -18.67
C THR R 51 -43.97 28.30 -20.11
N LEU R 52 -44.42 29.53 -20.36
CA LEU R 52 -44.42 30.10 -21.71
C LEU R 52 -43.10 30.74 -22.09
N GLN R 53 -42.11 30.71 -21.20
CA GLN R 53 -40.78 31.26 -21.44
C GLN R 53 -40.84 32.76 -21.71
N LYS R 54 -41.71 33.46 -20.99
CA LYS R 54 -41.76 34.91 -21.02
C LYS R 54 -41.12 35.55 -19.81
N GLN R 55 -40.98 34.82 -18.71
CA GLN R 55 -40.22 35.25 -17.55
C GLN R 55 -39.41 34.06 -17.09
N CYS R 56 -38.23 34.32 -16.54
CA CYS R 56 -37.36 33.25 -16.09
C CYS R 56 -37.26 33.26 -14.57
N VAL R 57 -36.76 32.17 -14.03
CA VAL R 57 -36.31 32.12 -12.65
C VAL R 57 -34.80 32.29 -12.64
N PRO R 58 -34.24 33.14 -11.78
CA PRO R 58 -32.78 33.25 -11.72
C PRO R 58 -32.19 32.07 -10.95
N PHE R 59 -31.24 31.39 -11.57
CA PHE R 59 -30.53 30.28 -10.94
C PHE R 59 -29.33 30.86 -10.20
N ARG R 60 -29.44 30.97 -8.88
CA ARG R 60 -28.47 31.72 -8.10
C ARG R 60 -27.47 30.83 -7.38
N ARG R 61 -27.92 29.76 -6.75
CA ARG R 61 -27.01 28.85 -6.05
C ARG R 61 -26.64 27.65 -6.89
N TYR R 62 -27.62 27.01 -7.53
CA TYR R 62 -27.36 25.84 -8.36
C TYR R 62 -27.30 26.28 -9.83
N ASN R 63 -26.22 26.99 -10.14
CA ASN R 63 -26.06 27.65 -11.43
C ASN R 63 -24.89 27.12 -12.23
N GLY R 64 -24.35 25.96 -11.86
CA GLY R 64 -23.19 25.44 -12.56
C GLY R 64 -23.50 25.02 -13.97
N GLY R 65 -23.00 25.77 -14.95
CA GLY R 65 -23.26 25.49 -16.34
C GLY R 65 -24.56 26.05 -16.87
N VAL R 66 -25.36 26.69 -16.04
CA VAL R 66 -26.63 27.26 -16.48
C VAL R 66 -26.34 28.44 -17.41
N GLY R 67 -27.01 28.47 -18.55
CA GLY R 67 -26.76 29.49 -19.53
C GLY R 67 -27.32 30.84 -19.12
N ARG R 68 -26.95 31.84 -19.92
CA ARG R 68 -27.35 33.21 -19.70
C ARG R 68 -28.58 33.54 -20.54
N CYS R 69 -29.39 34.46 -20.06
CA CYS R 69 -30.58 34.89 -20.77
C CYS R 69 -30.81 36.37 -20.50
N ALA R 70 -31.58 36.99 -21.39
CA ALA R 70 -31.87 38.41 -21.24
C ALA R 70 -32.88 38.66 -20.14
N GLN R 71 -33.74 37.69 -19.85
CA GLN R 71 -34.76 37.86 -18.82
C GLN R 71 -34.20 37.77 -17.41
N ALA R 72 -32.95 37.33 -17.25
CA ALA R 72 -32.35 37.31 -15.93
C ALA R 72 -32.03 38.71 -15.43
N LYS R 73 -32.02 39.71 -16.32
CA LYS R 73 -31.74 41.08 -15.93
C LYS R 73 -32.88 41.71 -15.15
N GLN R 74 -34.07 41.12 -15.19
CA GLN R 74 -35.16 41.58 -14.34
C GLN R 74 -34.79 41.43 -12.88
N TRP R 75 -34.20 40.30 -12.55
CA TRP R 75 -33.53 40.07 -11.29
C TRP R 75 -32.13 40.65 -11.39
N GLY R 76 -31.40 40.63 -10.29
CA GLY R 76 -30.06 41.16 -10.37
C GLY R 76 -29.06 40.11 -10.80
N TRP R 77 -29.39 39.35 -11.84
CA TRP R 77 -28.66 38.13 -12.13
C TRP R 77 -28.38 38.03 -13.62
N THR R 78 -27.65 36.99 -14.00
CA THR R 78 -27.19 36.81 -15.36
C THR R 78 -27.67 35.45 -15.88
N GLN R 79 -27.72 34.47 -14.99
CA GLN R 79 -28.10 33.10 -15.35
C GLN R 79 -29.55 32.84 -14.97
N GLY R 80 -30.32 32.31 -15.91
CA GLY R 80 -31.70 31.96 -15.63
C GLY R 80 -32.19 30.91 -16.61
N ARG R 81 -33.26 30.23 -16.20
CA ARG R 81 -33.83 29.16 -16.99
C ARG R 81 -35.34 29.19 -16.82
N TRP R 82 -36.02 28.21 -17.40
CA TRP R 82 -37.48 28.14 -17.43
C TRP R 82 -37.93 26.74 -17.04
N PRO R 83 -37.82 26.37 -15.78
CA PRO R 83 -38.17 25.00 -15.39
C PRO R 83 -39.66 24.78 -15.50
N LYS R 84 -40.07 24.05 -16.53
CA LYS R 84 -41.49 23.86 -16.79
C LYS R 84 -42.11 22.93 -15.76
N LYS R 85 -41.42 21.86 -15.39
CA LYS R 85 -41.99 20.91 -14.44
C LYS R 85 -42.04 21.50 -13.04
N SER R 86 -41.07 22.33 -12.67
CA SER R 86 -41.11 22.98 -11.36
C SER R 86 -42.22 24.02 -11.29
N ALA R 87 -42.46 24.73 -12.39
CA ALA R 87 -43.52 25.72 -12.41
C ALA R 87 -44.89 25.06 -12.26
N GLU R 88 -45.10 23.93 -12.93
CA GLU R 88 -46.39 23.27 -12.86
C GLU R 88 -46.65 22.67 -11.49
N PHE R 89 -45.61 22.11 -10.87
CA PHE R 89 -45.78 21.52 -9.54
C PHE R 89 -46.10 22.59 -8.50
N LEU R 90 -45.48 23.76 -8.62
CA LEU R 90 -45.79 24.86 -7.72
C LEU R 90 -47.17 25.45 -8.02
N LEU R 91 -47.61 25.41 -9.27
CA LEU R 91 -48.94 25.90 -9.60
C LEU R 91 -50.02 25.00 -9.03
N HIS R 92 -49.77 23.68 -9.01
CA HIS R 92 -50.72 22.78 -8.37
C HIS R 92 -50.80 23.06 -6.88
N MET R 93 -49.66 23.35 -6.26
CA MET R 93 -49.64 23.60 -4.82
C MET R 93 -50.28 24.94 -4.50
N LEU R 94 -50.17 25.92 -5.39
CA LEU R 94 -50.82 27.21 -5.18
C LEU R 94 -52.34 27.07 -5.30
N LYS R 95 -52.81 26.21 -6.20
CA LYS R 95 -54.24 25.94 -6.27
C LYS R 95 -54.73 25.19 -5.04
N ASN R 96 -53.92 24.24 -4.55
CA ASN R 96 -54.28 23.54 -3.33
C ASN R 96 -54.31 24.48 -2.13
N ALA R 97 -53.33 25.37 -2.05
CA ALA R 97 -53.28 26.32 -0.95
C ALA R 97 -54.43 27.32 -1.03
N GLU R 98 -54.80 27.71 -2.25
CA GLU R 98 -55.91 28.65 -2.41
C GLU R 98 -57.23 28.02 -1.99
N SER R 99 -57.44 26.74 -2.30
CA SER R 99 -58.66 26.06 -1.88
C SER R 99 -58.71 25.92 -0.38
N ASN R 100 -57.56 25.72 0.26
CA ASN R 100 -57.51 25.70 1.72
C ASN R 100 -57.86 27.06 2.29
N ALA R 101 -57.47 28.14 1.62
CA ALA R 101 -57.85 29.47 2.05
C ALA R 101 -59.35 29.68 1.96
N GLU R 102 -59.97 29.15 0.90
CA GLU R 102 -61.42 29.24 0.78
C GLU R 102 -62.11 28.48 1.90
N LEU R 103 -61.57 27.33 2.29
CA LEU R 103 -62.18 26.54 3.35
C LEU R 103 -62.08 27.25 4.69
N LYS R 104 -61.01 28.01 4.91
CA LYS R 104 -60.85 28.75 6.15
C LYS R 104 -61.58 30.09 6.14
N GLY R 105 -62.30 30.40 5.07
CA GLY R 105 -63.11 31.61 5.02
C GLY R 105 -62.32 32.90 5.01
N LEU R 106 -61.20 32.93 4.30
CA LEU R 106 -60.37 34.12 4.20
C LEU R 106 -60.10 34.40 2.73
N ASP R 107 -60.28 35.65 2.31
CA ASP R 107 -60.32 35.95 0.88
C ASP R 107 -58.94 35.81 0.24
N VAL R 108 -58.93 35.24 -0.96
CA VAL R 108 -57.70 34.81 -1.60
C VAL R 108 -57.06 35.91 -2.43
N ASP R 109 -57.61 37.12 -2.41
CA ASP R 109 -57.07 38.22 -3.18
C ASP R 109 -56.03 39.01 -2.41
N SER R 110 -55.75 38.64 -1.17
CA SER R 110 -54.77 39.33 -0.36
C SER R 110 -53.68 38.41 0.15
N LEU R 111 -53.59 37.19 -0.39
CA LEU R 111 -52.62 36.21 0.09
C LEU R 111 -51.25 36.48 -0.49
N VAL R 112 -50.24 36.34 0.37
CA VAL R 112 -48.84 36.52 0.02
C VAL R 112 -48.08 35.28 0.45
N ILE R 113 -47.18 34.81 -0.39
CA ILE R 113 -46.37 33.64 -0.06
C ILE R 113 -45.30 34.10 0.93
N GLU R 114 -45.57 33.93 2.22
CA GLU R 114 -44.60 34.36 3.21
C GLU R 114 -43.55 33.31 3.51
N HIS R 115 -43.89 32.04 3.42
CA HIS R 115 -42.97 30.95 3.66
C HIS R 115 -43.12 29.92 2.57
N ILE R 116 -42.00 29.55 1.97
CA ILE R 116 -41.96 28.43 1.03
C ILE R 116 -40.62 27.75 1.19
N GLN R 117 -40.64 26.42 1.22
CA GLN R 117 -39.45 25.64 1.53
C GLN R 117 -39.45 24.38 0.68
N VAL R 118 -38.30 24.06 0.10
CA VAL R 118 -38.10 22.86 -0.69
C VAL R 118 -37.04 22.01 0.00
N ASN R 119 -37.40 20.79 0.34
CA ASN R 119 -36.51 19.86 1.02
C ASN R 119 -36.26 18.66 0.13
N LYS R 120 -35.08 18.08 0.25
CA LYS R 120 -34.77 16.87 -0.50
C LYS R 120 -35.56 15.69 0.03
N ALA R 121 -36.14 14.92 -0.88
CA ALA R 121 -36.83 13.68 -0.60
C ALA R 121 -35.90 12.51 -0.80
N PRO R 122 -36.21 11.34 -0.24
CA PRO R 122 -35.34 10.18 -0.44
C PRO R 122 -35.19 9.84 -1.91
N LYS R 123 -33.95 9.55 -2.31
CA LYS R 123 -33.65 9.37 -3.73
C LYS R 123 -34.11 7.99 -4.20
N MET R 124 -34.56 7.96 -5.45
CA MET R 124 -35.06 6.75 -6.08
C MET R 124 -34.01 6.21 -7.05
N ARG R 125 -33.75 4.92 -6.98
CA ARG R 125 -32.60 4.32 -7.62
C ARG R 125 -32.97 3.75 -8.98
N ARG R 126 -32.21 4.12 -10.00
CA ARG R 126 -32.26 3.47 -11.30
C ARG R 126 -30.84 3.15 -11.71
N ARG R 127 -30.67 2.64 -12.92
CA ARG R 127 -29.42 2.02 -13.30
C ARG R 127 -29.02 2.43 -14.71
N THR R 128 -27.73 2.70 -14.89
CA THR R 128 -27.17 2.99 -16.21
C THR R 128 -25.96 2.10 -16.44
N TYR R 129 -25.63 1.91 -17.71
CA TYR R 129 -24.62 0.96 -18.13
C TYR R 129 -23.47 1.70 -18.81
N ARG R 130 -22.24 1.37 -18.39
CA ARG R 130 -21.06 2.10 -18.81
C ARG R 130 -20.12 1.18 -19.60
N ALA R 131 -18.91 1.69 -19.86
CA ALA R 131 -18.12 1.22 -20.99
C ALA R 131 -17.64 -0.21 -20.80
N HIS R 132 -17.05 -0.52 -19.66
CA HIS R 132 -16.33 -1.79 -19.59
C HIS R 132 -17.01 -2.78 -18.67
N GLY R 133 -18.32 -2.93 -18.80
CA GLY R 133 -19.06 -3.82 -17.95
C GLY R 133 -19.36 -3.24 -16.60
N ARG R 134 -19.50 -1.92 -16.51
CA ARG R 134 -19.69 -1.23 -15.25
C ARG R 134 -21.12 -0.72 -15.12
N ILE R 135 -21.57 -0.62 -13.87
CA ILE R 135 -22.89 -0.15 -13.52
C ILE R 135 -22.74 1.13 -12.70
N ASN R 136 -23.52 2.14 -13.05
CA ASN R 136 -23.46 3.40 -12.33
C ASN R 136 -24.86 3.83 -11.90
N PRO R 137 -24.98 4.60 -10.83
CA PRO R 137 -26.29 5.08 -10.39
C PRO R 137 -26.94 6.02 -11.40
N TYR R 138 -28.27 6.03 -11.39
CA TYR R 138 -29.09 6.92 -12.19
C TYR R 138 -30.20 7.50 -11.33
N MET R 139 -29.81 8.08 -10.20
CA MET R 139 -30.74 8.50 -9.17
C MET R 139 -31.63 9.63 -9.63
N SER R 140 -32.84 9.68 -9.09
CA SER R 140 -33.68 10.86 -9.14
C SER R 140 -33.50 11.67 -7.86
N SER R 141 -33.92 12.92 -7.91
CA SER R 141 -33.78 13.84 -6.78
C SER R 141 -35.12 14.50 -6.50
N PRO R 142 -36.07 13.75 -5.93
CA PRO R 142 -37.38 14.33 -5.63
C PRO R 142 -37.29 15.32 -4.49
N CYS R 143 -38.40 15.96 -4.19
CA CYS R 143 -38.38 16.99 -3.16
C CYS R 143 -39.69 17.06 -2.40
N HIS R 144 -39.59 17.44 -1.12
CA HIS R 144 -40.73 17.87 -0.34
C HIS R 144 -40.88 19.38 -0.47
N ILE R 145 -42.10 19.84 -0.66
CA ILE R 145 -42.38 21.27 -0.73
C ILE R 145 -43.48 21.61 0.25
N GLU R 146 -43.27 22.68 1.00
CA GLU R 146 -44.31 23.23 1.86
C GLU R 146 -44.37 24.74 1.64
N MET R 147 -45.57 25.29 1.76
CA MET R 147 -45.71 26.74 1.66
C MET R 147 -46.78 27.21 2.61
N ILE R 148 -46.64 28.44 3.08
CA ILE R 148 -47.60 29.10 3.94
C ILE R 148 -47.98 30.41 3.30
N LEU R 149 -49.28 30.61 3.08
CA LEU R 149 -49.83 31.85 2.56
C LEU R 149 -50.44 32.63 3.71
N THR R 150 -50.33 33.96 3.63
CA THR R 150 -50.83 34.82 4.70
C THR R 150 -51.57 36.01 4.12
N GLU R 151 -52.71 36.33 4.72
CA GLU R 151 -53.48 37.50 4.33
C GLU R 151 -52.79 38.77 4.77
N LYS R 152 -52.47 39.64 3.82
CA LYS R 152 -51.99 40.98 4.15
C LYS R 152 -52.18 41.88 2.94
N GLU R 153 -52.50 43.14 3.21
CA GLU R 153 -52.77 44.10 2.15
C GLU R 153 -52.59 45.52 2.67
N GLY S 1 19.11 28.23 32.95
CA GLY S 1 19.43 26.81 33.06
C GLY S 1 20.57 26.55 33.99
N VAL S 2 20.56 25.40 34.65
CA VAL S 2 21.58 25.01 35.61
C VAL S 2 22.20 23.70 35.15
N ASP S 3 23.52 23.59 35.33
CA ASP S 3 24.29 22.44 34.89
C ASP S 3 24.28 21.37 35.98
N ILE S 4 23.16 20.66 36.07
CA ILE S 4 23.03 19.51 36.96
C ILE S 4 22.42 18.36 36.20
N ARG S 5 22.43 17.19 36.83
CA ARG S 5 21.93 15.96 36.25
C ARG S 5 20.85 15.38 37.15
N HIS S 6 19.73 14.99 36.54
CA HIS S 6 18.52 14.63 37.28
C HIS S 6 18.26 13.14 37.35
N ASN S 7 19.22 12.29 36.97
CA ASN S 7 18.94 10.87 36.90
C ASN S 7 19.01 10.18 38.25
N LYS S 8 19.59 10.83 39.26
CA LYS S 8 19.73 10.24 40.58
C LYS S 8 19.00 11.04 41.65
N ASP S 9 18.08 11.92 41.23
CA ASP S 9 17.39 12.78 42.17
C ASP S 9 16.51 11.97 43.12
N ARG S 10 15.76 11.03 42.58
CA ARG S 10 14.81 10.23 43.35
C ARG S 10 15.53 9.01 43.91
N LYS S 11 15.66 8.95 45.23
CA LYS S 11 16.29 7.81 45.88
C LYS S 11 15.31 6.66 45.97
N VAL S 12 15.73 5.49 45.51
CA VAL S 12 14.87 4.31 45.45
C VAL S 12 15.01 3.56 46.78
N ARG S 13 13.98 3.63 47.61
CA ARG S 13 14.00 2.99 48.91
C ARG S 13 12.58 2.81 49.38
N ARG S 14 12.40 1.88 50.31
CA ARG S 14 11.08 1.63 50.88
C ARG S 14 10.76 2.69 51.91
N LYS S 15 9.68 3.44 51.66
CA LYS S 15 9.17 4.41 52.62
C LYS S 15 8.06 3.83 53.49
N GLU S 16 7.58 2.64 53.16
CA GLU S 16 6.46 2.00 53.84
C GLU S 16 6.45 0.55 53.43
N PRO S 17 5.75 -0.32 54.16
CA PRO S 17 5.58 -1.69 53.69
C PRO S 17 4.69 -1.73 52.47
N LYS S 18 5.09 -2.53 51.48
CA LYS S 18 4.21 -2.78 50.36
C LYS S 18 3.06 -3.70 50.73
N SER S 19 3.18 -4.41 51.85
CA SER S 19 2.13 -5.28 52.33
C SER S 19 0.93 -4.48 52.82
N GLN S 20 -0.24 -5.13 52.81
CA GLN S 20 -1.46 -4.55 53.33
C GLN S 20 -1.89 -5.20 54.63
N ASP S 21 -0.99 -5.94 55.28
CA ASP S 21 -1.25 -6.54 56.58
C ASP S 21 -1.51 -5.43 57.59
N ILE S 22 -2.70 -5.45 58.19
CA ILE S 22 -3.06 -4.35 59.09
C ILE S 22 -2.33 -4.50 60.43
N TYR S 23 -1.93 -5.71 60.80
CA TYR S 23 -1.14 -5.87 62.01
C TYR S 23 0.30 -5.40 61.80
N LEU S 24 0.84 -5.61 60.61
CA LEU S 24 2.16 -5.06 60.31
C LEU S 24 2.11 -3.55 60.24
N ARG S 25 1.03 -3.00 59.69
CA ARG S 25 0.91 -1.55 59.58
C ARG S 25 0.74 -0.89 60.94
N LEU S 26 0.09 -1.55 61.88
CA LEU S 26 -0.07 -0.97 63.21
C LEU S 26 1.27 -0.87 63.94
N LEU S 27 2.10 -1.91 63.85
CA LEU S 27 3.39 -1.84 64.53
C LEU S 27 4.43 -1.12 63.69
N VAL S 28 4.14 -0.82 62.42
CA VAL S 28 4.90 0.19 61.71
C VAL S 28 4.57 1.58 62.25
N LYS S 29 3.30 1.82 62.56
CA LYS S 29 2.90 3.09 63.18
C LYS S 29 3.59 3.29 64.51
N LEU S 30 3.72 2.21 65.29
CA LEU S 30 4.35 2.30 66.60
C LEU S 30 5.84 2.64 66.46
N TYR S 31 6.52 1.97 65.55
CA TYR S 31 7.95 2.18 65.34
C TYR S 31 8.25 3.38 64.47
N ARG S 32 7.26 3.92 63.77
CA ARG S 32 7.44 5.23 63.14
C ARG S 32 7.47 6.32 64.18
N PHE S 33 6.68 6.17 65.24
CA PHE S 33 6.69 7.13 66.34
C PHE S 33 7.96 7.00 67.17
N LEU S 34 8.36 5.77 67.47
CA LEU S 34 9.53 5.57 68.33
C LEU S 34 10.82 5.98 67.63
N ALA S 35 10.90 5.76 66.32
CA ALA S 35 12.07 6.24 65.59
C ALA S 35 12.14 7.76 65.57
N ARG S 36 10.99 8.42 65.43
CA ARG S 36 10.97 9.87 65.35
C ARG S 36 11.23 10.53 66.69
N ARG S 37 10.65 9.98 67.76
CA ARG S 37 10.63 10.65 69.05
C ARG S 37 11.69 10.15 70.01
N THR S 38 12.60 9.28 69.56
CA THR S 38 13.74 8.87 70.36
C THR S 38 15.01 9.08 69.56
N ASN S 39 16.13 9.08 70.26
CA ASN S 39 17.43 9.10 69.60
C ASN S 39 17.99 7.71 69.34
N SER S 40 17.22 6.68 69.67
CA SER S 40 17.67 5.31 69.49
C SER S 40 17.80 4.99 68.01
N THR S 41 19.03 4.66 67.58
CA THR S 41 19.21 4.19 66.22
C THR S 41 18.75 2.75 66.05
N PHE S 42 18.50 2.04 67.15
CA PHE S 42 17.92 0.71 67.05
C PHE S 42 16.51 0.78 66.47
N ASN S 43 15.71 1.74 66.92
CA ASN S 43 14.35 1.85 66.41
C ASN S 43 14.33 2.23 64.95
N GLN S 44 15.34 2.98 64.50
CA GLN S 44 15.44 3.33 63.09
C GLN S 44 15.70 2.11 62.23
N VAL S 45 16.61 1.24 62.67
CA VAL S 45 16.94 0.04 61.90
C VAL S 45 15.75 -0.91 61.88
N VAL S 46 15.06 -1.06 63.01
CA VAL S 46 13.91 -1.95 63.06
C VAL S 46 12.79 -1.43 62.18
N LEU S 47 12.57 -0.11 62.16
CA LEU S 47 11.53 0.47 61.32
C LEU S 47 11.78 0.19 59.85
N LYS S 48 13.02 0.35 59.39
CA LYS S 48 13.29 0.16 57.97
C LYS S 48 13.26 -1.32 57.61
N ARG S 49 13.53 -2.21 58.57
CA ARG S 49 13.40 -3.64 58.30
C ARG S 49 11.94 -4.05 58.19
N LEU S 50 11.05 -3.37 58.91
CA LEU S 50 9.63 -3.66 58.79
C LEU S 50 9.11 -3.33 57.41
N PHE S 51 9.75 -2.40 56.71
CA PHE S 51 9.35 -2.04 55.35
C PHE S 51 9.76 -3.09 54.35
N MET S 52 10.77 -3.90 54.68
CA MET S 52 11.46 -4.71 53.69
C MET S 52 10.58 -5.86 53.20
N SER S 53 10.94 -6.37 52.03
CA SER S 53 10.24 -7.48 51.41
C SER S 53 10.62 -8.78 52.12
N ARG S 54 9.95 -9.86 51.73
CA ARG S 54 10.21 -11.14 52.38
C ARG S 54 11.60 -11.65 52.05
N THR S 55 12.07 -11.43 50.82
CA THR S 55 13.42 -11.87 50.48
C THR S 55 14.48 -11.05 51.19
N ASN S 56 14.16 -9.82 51.57
CA ASN S 56 15.06 -9.01 52.38
C ASN S 56 14.85 -9.23 53.87
N ARG S 57 13.92 -10.10 54.24
CA ARG S 57 13.74 -10.54 55.63
C ARG S 57 13.82 -12.06 55.65
N PRO S 58 15.02 -12.61 55.49
CA PRO S 58 15.14 -14.07 55.44
C PRO S 58 14.85 -14.68 56.80
N PRO S 59 14.40 -15.93 56.85
CA PRO S 59 14.18 -16.58 58.13
C PRO S 59 15.48 -16.81 58.88
N LEU S 60 15.39 -16.83 60.20
CA LEU S 60 16.52 -17.07 61.07
C LEU S 60 16.31 -18.41 61.76
N SER S 61 17.22 -19.35 61.52
CA SER S 61 17.11 -20.66 62.13
C SER S 61 17.40 -20.57 63.62
N LEU S 62 16.91 -21.57 64.35
CA LEU S 62 17.15 -21.61 65.79
C LEU S 62 18.63 -21.80 66.10
N SER S 63 19.31 -22.61 65.30
CA SER S 63 20.72 -22.90 65.55
C SER S 63 21.58 -21.65 65.39
N ARG S 64 21.32 -20.84 64.36
CA ARG S 64 22.08 -19.61 64.17
C ARG S 64 21.77 -18.61 65.28
N MET S 65 20.50 -18.55 65.71
CA MET S 65 20.15 -17.67 66.83
C MET S 65 20.85 -18.10 68.11
N ILE S 66 20.88 -19.41 68.38
CA ILE S 66 21.57 -19.91 69.57
C ILE S 66 23.05 -19.61 69.47
N ARG S 67 23.64 -19.81 68.30
CA ARG S 67 25.07 -19.59 68.12
C ARG S 67 25.44 -18.13 68.32
N LYS S 68 24.65 -17.20 67.78
CA LYS S 68 24.95 -15.79 67.94
C LYS S 68 24.72 -15.30 69.37
N MET S 69 23.68 -15.80 70.03
CA MET S 69 23.40 -15.41 71.40
C MET S 69 24.37 -16.03 72.41
N LYS S 70 25.14 -17.03 72.00
CA LYS S 70 26.08 -17.71 72.87
C LYS S 70 27.40 -16.96 72.96
N LEU S 71 27.61 -15.95 72.13
CA LEU S 71 28.85 -15.20 72.13
C LEU S 71 29.04 -14.47 73.45
N PRO S 72 30.29 -14.16 73.82
CA PRO S 72 30.53 -13.57 75.14
C PRO S 72 29.85 -12.22 75.30
N GLY S 73 29.37 -11.96 76.51
CA GLY S 73 28.76 -10.69 76.84
C GLY S 73 27.30 -10.55 76.47
N ARG S 74 26.70 -11.56 75.84
CA ARG S 74 25.33 -11.48 75.38
C ARG S 74 24.36 -12.25 76.28
N GLU S 75 24.73 -12.44 77.53
CA GLU S 75 23.82 -13.06 78.49
C GLU S 75 22.72 -12.09 78.87
N ASN S 76 21.50 -12.62 79.04
CA ASN S 76 20.33 -11.84 79.46
C ASN S 76 20.02 -10.71 78.49
N LYS S 77 20.33 -10.90 77.21
CA LYS S 77 19.96 -9.95 76.18
C LYS S 77 18.83 -10.55 75.35
N THR S 78 18.03 -9.67 74.76
CA THR S 78 16.92 -10.10 73.93
C THR S 78 17.39 -10.21 72.48
N ALA S 79 17.17 -11.37 71.88
CA ALA S 79 17.43 -11.54 70.46
C ALA S 79 16.25 -10.98 69.68
N VAL S 80 16.51 -10.03 68.81
CA VAL S 80 15.47 -9.39 68.01
C VAL S 80 15.73 -9.70 66.55
N VAL S 81 14.77 -10.34 65.90
CA VAL S 81 14.82 -10.58 64.47
C VAL S 81 13.53 -10.03 63.87
N VAL S 82 13.67 -9.26 62.80
CA VAL S 82 12.51 -8.74 62.07
C VAL S 82 12.20 -9.78 61.00
N GLY S 83 11.49 -10.81 61.40
CA GLY S 83 11.21 -11.91 60.49
C GLY S 83 10.77 -13.15 61.24
N THR S 84 11.02 -14.30 60.62
CA THR S 84 10.54 -15.58 61.11
C THR S 84 11.67 -16.34 61.77
N ILE S 85 11.42 -16.84 62.97
CA ILE S 85 12.30 -17.81 63.61
C ILE S 85 11.89 -19.20 63.19
N THR S 86 12.84 -19.97 62.73
CA THR S 86 12.62 -21.29 62.21
C THR S 86 13.29 -22.32 63.12
N ASP S 87 12.58 -23.41 63.38
CA ASP S 87 13.18 -24.53 64.11
C ASP S 87 14.29 -25.16 63.30
N ASP S 88 15.37 -25.54 63.97
CA ASP S 88 16.44 -26.33 63.38
C ASP S 88 16.45 -27.67 64.09
N VAL S 89 16.22 -28.75 63.33
CA VAL S 89 16.23 -30.09 63.92
C VAL S 89 17.64 -30.64 64.05
N ARG S 90 18.64 -29.91 63.59
CA ARG S 90 20.03 -30.34 63.74
C ARG S 90 20.60 -30.02 65.11
N VAL S 91 19.94 -29.16 65.89
CA VAL S 91 20.38 -28.81 67.23
C VAL S 91 19.59 -29.64 68.23
N GLN S 92 20.26 -30.05 69.30
CA GLN S 92 19.68 -30.96 70.29
C GLN S 92 19.25 -30.25 71.56
N GLU S 93 20.07 -29.34 72.06
CA GLU S 93 19.81 -28.65 73.32
C GLU S 93 19.54 -27.17 73.04
N VAL S 94 18.45 -26.66 73.57
CA VAL S 94 18.04 -25.27 73.40
C VAL S 94 18.20 -24.57 74.73
N PRO S 95 18.98 -23.50 74.82
CA PRO S 95 19.14 -22.77 76.07
C PRO S 95 17.92 -21.89 76.35
N LYS S 96 17.98 -21.19 77.47
CA LYS S 96 16.91 -20.27 77.84
C LYS S 96 17.11 -18.95 77.09
N LEU S 97 16.16 -18.60 76.23
CA LEU S 97 16.29 -17.47 75.34
C LEU S 97 15.11 -16.52 75.50
N LYS S 98 15.41 -15.23 75.52
CA LYS S 98 14.38 -14.19 75.49
C LYS S 98 14.44 -13.57 74.10
N VAL S 99 13.40 -13.77 73.30
CA VAL S 99 13.46 -13.47 71.88
C VAL S 99 12.24 -12.67 71.47
N CYS S 100 12.45 -11.67 70.61
CA CYS S 100 11.38 -10.96 69.93
C CYS S 100 11.45 -11.25 68.45
N ALA S 101 10.32 -11.64 67.86
CA ALA S 101 10.29 -11.96 66.43
C ALA S 101 8.96 -11.57 65.84
N LEU S 102 8.96 -11.39 64.52
CA LEU S 102 7.73 -11.11 63.81
C LEU S 102 6.89 -12.36 63.64
N ARG S 103 7.53 -13.49 63.39
CA ARG S 103 6.86 -14.79 63.35
C ARG S 103 7.77 -15.83 63.98
N VAL S 104 7.15 -16.82 64.63
CA VAL S 104 7.88 -17.96 65.17
C VAL S 104 7.15 -19.22 64.72
N THR S 105 7.89 -20.16 64.15
CA THR S 105 7.31 -21.44 63.77
C THR S 105 6.79 -22.17 65.00
N SER S 106 5.72 -22.94 64.81
CA SER S 106 5.08 -23.62 65.92
C SER S 106 6.05 -24.57 66.62
N ARG S 107 6.84 -25.31 65.86
CA ARG S 107 7.82 -26.20 66.49
C ARG S 107 8.93 -25.40 67.16
N ALA S 108 9.40 -24.33 66.52
CA ALA S 108 10.40 -23.48 67.14
C ALA S 108 9.85 -22.83 68.39
N ARG S 109 8.57 -22.44 68.37
CA ARG S 109 7.96 -21.84 69.55
C ARG S 109 7.87 -22.84 70.69
N SER S 110 7.52 -24.08 70.39
CA SER S 110 7.39 -25.09 71.43
C SER S 110 8.73 -25.40 72.07
N ARG S 111 9.79 -25.47 71.27
CA ARG S 111 11.11 -25.79 71.81
C ARG S 111 11.64 -24.65 72.67
N ILE S 112 11.43 -23.41 72.24
CA ILE S 112 11.91 -22.27 73.02
C ILE S 112 11.20 -22.21 74.37
N LEU S 113 9.88 -22.39 74.36
CA LEU S 113 9.11 -22.31 75.60
C LEU S 113 9.37 -23.50 76.51
N ARG S 114 9.59 -24.68 75.95
CA ARG S 114 9.93 -25.84 76.77
C ARG S 114 11.27 -25.67 77.45
N ALA S 115 12.19 -24.94 76.85
CA ALA S 115 13.49 -24.68 77.43
C ALA S 115 13.47 -23.56 78.44
N GLY S 116 12.30 -23.08 78.84
CA GLY S 116 12.19 -21.99 79.77
C GLY S 116 12.37 -20.62 79.16
N GLY S 117 12.29 -20.51 77.84
CA GLY S 117 12.47 -19.24 77.18
C GLY S 117 11.20 -18.41 77.16
N LYS S 118 11.33 -17.22 76.56
CA LYS S 118 10.24 -16.26 76.48
C LYS S 118 10.21 -15.70 75.08
N ILE S 119 9.00 -15.53 74.53
CA ILE S 119 8.80 -15.06 73.17
C ILE S 119 8.01 -13.77 73.21
N LEU S 120 8.48 -12.76 72.50
CA LEU S 120 7.85 -11.44 72.48
C LEU S 120 7.47 -11.06 71.06
N THR S 121 6.40 -10.29 70.94
CA THR S 121 6.12 -9.61 69.69
C THR S 121 6.77 -8.24 69.72
N PHE S 122 6.66 -7.50 68.62
CA PHE S 122 7.35 -6.22 68.54
C PHE S 122 6.64 -5.12 69.32
N ASP S 123 5.35 -5.30 69.61
CA ASP S 123 4.68 -4.34 70.48
C ASP S 123 5.07 -4.58 71.93
N GLN S 124 5.28 -5.83 72.32
CA GLN S 124 5.74 -6.14 73.66
C GLN S 124 7.17 -5.68 73.86
N LEU S 125 7.99 -5.73 72.81
CA LEU S 125 9.36 -5.29 72.91
C LEU S 125 9.45 -3.78 73.14
N ALA S 126 8.58 -3.02 72.49
CA ALA S 126 8.56 -1.57 72.68
C ALA S 126 8.22 -1.22 74.12
N LEU S 127 7.29 -1.94 74.72
CA LEU S 127 6.99 -1.71 76.13
C LEU S 127 8.14 -2.16 77.01
N ASP S 128 8.75 -3.29 76.67
CA ASP S 128 9.87 -3.80 77.46
C ASP S 128 11.12 -2.94 77.31
N SER S 129 11.49 -2.60 76.07
CA SER S 129 12.67 -1.79 75.82
C SER S 129 12.35 -0.80 74.72
N PRO S 130 11.82 0.37 75.08
CA PRO S 130 11.46 1.36 74.06
C PRO S 130 12.61 1.85 73.23
N LYS S 131 13.82 1.92 73.79
CA LYS S 131 14.99 2.32 73.03
C LYS S 131 15.76 1.13 72.48
N GLY S 132 15.28 -0.09 72.72
CA GLY S 132 16.02 -1.27 72.30
C GLY S 132 17.26 -1.54 73.11
N CYS S 133 17.29 -1.10 74.36
CA CYS S 133 18.44 -1.33 75.21
C CYS S 133 18.53 -2.80 75.59
N GLY S 134 19.75 -3.31 75.67
CA GLY S 134 19.98 -4.69 76.02
C GLY S 134 19.42 -5.68 75.02
N THR S 135 19.64 -5.44 73.73
CA THR S 135 19.11 -6.27 72.67
C THR S 135 20.24 -6.74 71.77
N VAL S 136 19.99 -7.82 71.04
CA VAL S 136 20.90 -8.32 70.03
C VAL S 136 20.12 -8.39 68.72
N LEU S 137 20.38 -7.44 67.83
CA LEU S 137 19.66 -7.36 66.56
C LEU S 137 20.28 -8.35 65.59
N LEU S 138 19.56 -9.41 65.27
CA LEU S 138 20.05 -10.48 64.41
C LEU S 138 19.32 -10.47 63.09
N SER S 139 19.94 -11.09 62.10
CA SER S 139 19.36 -11.21 60.77
C SER S 139 19.63 -12.60 60.24
N GLY S 140 18.68 -13.13 59.47
CA GLY S 140 18.89 -14.38 58.79
C GLY S 140 19.85 -14.20 57.64
N PRO S 141 20.37 -15.30 57.10
CA PRO S 141 21.30 -15.19 55.98
C PRO S 141 20.64 -14.61 54.74
N ARG S 142 21.03 -13.39 54.38
CA ARG S 142 20.33 -12.69 53.32
C ARG S 142 20.61 -13.29 51.95
N LYS S 143 21.79 -13.85 51.75
CA LYS S 143 22.15 -14.45 50.48
C LYS S 143 21.95 -15.96 50.46
N GLY S 144 21.31 -16.51 51.48
CA GLY S 144 21.00 -17.93 51.49
C GLY S 144 19.76 -18.23 50.66
N ARG S 145 19.88 -18.08 49.36
CA ARG S 145 18.76 -18.30 48.45
C ARG S 145 19.30 -18.91 47.16
N GLU S 146 18.45 -19.67 46.49
CA GLU S 146 18.87 -20.36 45.29
C GLU S 146 19.22 -19.40 44.16
N VAL S 147 18.61 -18.21 44.14
CA VAL S 147 18.85 -17.26 43.07
C VAL S 147 20.30 -16.79 43.07
N TYR S 148 20.92 -16.69 44.25
CA TYR S 148 22.27 -16.16 44.33
C TYR S 148 23.32 -17.12 43.78
N ARG S 149 22.98 -18.38 43.58
CA ARG S 149 23.89 -19.28 42.92
C ARG S 149 23.94 -19.02 41.42
N HIS S 150 22.86 -18.49 40.87
CA HIS S 150 22.80 -18.13 39.46
C HIS S 150 23.30 -16.73 39.18
N PHE S 151 23.44 -15.90 40.20
CA PHE S 151 23.92 -14.55 40.00
C PHE S 151 25.44 -14.53 39.96
N GLY S 152 25.99 -13.53 39.28
CA GLY S 152 27.41 -13.36 39.18
C GLY S 152 27.84 -13.33 37.73
N LYS S 153 29.09 -13.69 37.50
CA LYS S 153 29.59 -13.78 36.14
C LYS S 153 28.90 -14.92 35.42
N ALA S 154 28.85 -14.81 34.09
CA ALA S 154 28.17 -15.82 33.30
C ALA S 154 28.88 -17.16 33.41
N PRO S 155 28.13 -18.26 33.35
CA PRO S 155 28.77 -19.59 33.48
C PRO S 155 29.79 -19.87 32.40
N GLY S 156 29.59 -19.35 31.19
CA GLY S 156 30.51 -19.62 30.11
C GLY S 156 31.63 -18.63 30.02
N THR S 157 32.11 -18.17 31.17
CA THR S 157 33.24 -17.28 31.26
C THR S 157 34.28 -17.88 32.18
N PRO S 158 35.56 -17.58 31.98
CA PRO S 158 36.59 -18.16 32.85
C PRO S 158 36.44 -17.72 34.30
N HIS S 159 36.73 -18.65 35.20
CA HIS S 159 36.79 -18.42 36.64
C HIS S 159 35.45 -18.04 37.23
N SER S 160 34.36 -18.45 36.59
CA SER S 160 33.02 -18.24 37.12
C SER S 160 32.45 -19.58 37.54
N HIS S 161 31.90 -19.63 38.74
CA HIS S 161 31.31 -20.84 39.29
C HIS S 161 29.84 -20.62 39.60
N THR S 162 29.13 -19.99 38.67
CA THR S 162 27.72 -19.70 38.85
C THR S 162 26.87 -20.77 38.19
N LYS S 163 25.84 -21.20 38.88
CA LYS S 163 25.03 -22.31 38.42
C LYS S 163 24.22 -21.88 37.20
N PRO S 164 24.29 -22.61 36.09
CA PRO S 164 23.46 -22.29 34.94
C PRO S 164 22.03 -22.76 35.12
N TYR S 165 21.13 -22.15 34.37
CA TYR S 165 19.73 -22.53 34.36
C TYR S 165 19.56 -23.71 33.42
N VAL S 166 19.37 -24.89 33.98
CA VAL S 166 19.16 -26.11 33.21
C VAL S 166 17.84 -26.74 33.65
N ARG S 167 17.08 -27.25 32.69
CA ARG S 167 15.82 -27.89 33.04
C ARG S 167 16.04 -29.22 33.73
N SER S 168 17.16 -29.88 33.43
CA SER S 168 17.48 -31.17 34.02
C SER S 168 18.98 -31.21 34.31
N LYS S 169 19.36 -31.99 35.31
CA LYS S 169 20.76 -32.23 35.63
C LYS S 169 21.10 -33.66 35.25
N GLY S 170 22.09 -33.82 34.39
CA GLY S 170 22.51 -35.14 33.96
C GLY S 170 23.66 -35.00 32.99
N ARG S 171 24.16 -36.14 32.53
CA ARG S 171 25.34 -36.11 31.69
C ARG S 171 25.04 -35.62 30.29
N LYS S 172 23.78 -35.55 29.90
CA LYS S 172 23.41 -35.04 28.58
C LYS S 172 23.07 -33.56 28.58
N PHE S 173 23.00 -32.92 29.73
CA PHE S 173 22.47 -31.57 29.85
C PHE S 173 23.61 -30.61 30.19
N GLU S 174 24.16 -29.99 29.13
CA GLU S 174 25.15 -28.92 29.24
C GLU S 174 26.41 -29.40 29.97
N ARG S 175 27.07 -30.37 29.36
CA ARG S 175 28.33 -30.88 29.90
C ARG S 175 29.41 -31.09 28.84
N ALA S 176 29.14 -30.85 27.56
CA ALA S 176 30.10 -31.25 26.55
C ALA S 176 31.05 -30.16 26.06
N ARG S 177 30.55 -29.17 25.34
CA ARG S 177 31.40 -28.23 24.60
C ARG S 177 31.45 -26.90 25.33
N GLY S 178 32.64 -26.53 25.79
CA GLY S 178 32.79 -25.44 26.72
C GLY S 178 32.83 -25.90 28.16
N ARG S 179 32.80 -27.20 28.40
CA ARG S 179 32.88 -27.75 29.75
C ARG S 179 34.04 -28.70 29.95
N ARG S 180 34.66 -29.20 28.89
CA ARG S 180 35.81 -30.08 29.01
C ARG S 180 36.69 -29.90 27.79
N ALA S 181 37.99 -30.04 27.98
CA ALA S 181 38.95 -29.80 26.91
C ALA S 181 38.82 -30.80 25.77
N SER S 182 38.20 -31.95 26.01
CA SER S 182 38.01 -32.93 24.95
C SER S 182 36.95 -32.50 23.95
N ARG S 183 36.16 -31.49 24.28
CA ARG S 183 35.14 -30.96 23.37
C ARG S 183 35.38 -29.45 23.23
N GLY S 184 36.28 -29.09 22.33
CA GLY S 184 36.53 -27.68 22.05
C GLY S 184 37.38 -26.98 23.08
N TYR S 185 36.81 -26.70 24.25
CA TYR S 185 37.48 -25.89 25.25
C TYR S 185 36.77 -26.09 26.58
N LYS S 186 37.35 -25.56 27.64
CA LYS S 186 36.77 -25.70 28.96
C LYS S 186 36.45 -24.37 29.64
N ASN S 187 37.39 -23.42 29.61
CA ASN S 187 37.45 -22.21 30.46
C ASN S 187 36.80 -22.32 31.85
N SER T 1 -61.43 3.80 -30.28
CA SER T 1 -60.45 4.40 -29.38
C SER T 1 -59.03 4.00 -29.80
N MET T 2 -58.72 2.72 -29.65
CA MET T 2 -57.44 2.18 -30.07
C MET T 2 -57.71 0.89 -30.82
N LEU T 3 -57.51 0.92 -32.13
CA LEU T 3 -58.01 -0.11 -33.04
C LEU T 3 -56.90 -1.02 -33.54
N ARG T 4 -55.94 -1.34 -32.68
CA ARG T 4 -54.88 -2.27 -33.08
C ARG T 4 -55.42 -3.67 -33.29
N LEU T 5 -56.35 -4.11 -32.44
CA LEU T 5 -56.95 -5.43 -32.61
C LEU T 5 -57.75 -5.51 -33.90
N GLN T 6 -58.53 -4.47 -34.19
CA GLN T 6 -59.43 -4.51 -35.34
C GLN T 6 -58.67 -4.50 -36.65
N LYS T 7 -57.55 -3.78 -36.72
CA LYS T 7 -56.75 -3.79 -37.94
C LYS T 7 -56.10 -5.15 -38.16
N ARG T 8 -55.67 -5.81 -37.08
CA ARG T 8 -55.07 -7.13 -37.20
C ARG T 8 -56.08 -8.15 -37.69
N LEU T 9 -57.29 -8.13 -37.13
CA LEU T 9 -58.30 -9.09 -37.53
C LEU T 9 -58.77 -8.87 -38.95
N ALA T 10 -58.93 -7.60 -39.35
CA ALA T 10 -59.37 -7.31 -40.70
C ALA T 10 -58.33 -7.73 -41.72
N SER T 11 -57.05 -7.62 -41.38
CA SER T 11 -55.99 -8.10 -42.25
C SER T 11 -56.07 -9.60 -42.43
N SER T 12 -56.37 -10.33 -41.36
CA SER T 12 -56.49 -11.78 -41.45
C SER T 12 -57.72 -12.19 -42.25
N VAL T 13 -58.85 -11.52 -42.01
CA VAL T 13 -60.08 -11.88 -42.69
C VAL T 13 -60.02 -11.50 -44.17
N LEU T 14 -59.50 -10.32 -44.48
CA LEU T 14 -59.37 -9.89 -45.87
C LEU T 14 -58.25 -10.58 -46.61
N ARG T 15 -57.40 -11.35 -45.90
CA ARG T 15 -56.26 -12.04 -46.49
C ARG T 15 -55.30 -11.08 -47.17
N CYS T 16 -55.14 -9.89 -46.61
CA CYS T 16 -54.19 -8.90 -47.09
C CYS T 16 -53.28 -8.51 -45.93
N GLY T 17 -52.38 -7.58 -46.20
CA GLY T 17 -51.57 -7.02 -45.14
C GLY T 17 -52.29 -5.89 -44.44
N LYS T 18 -51.70 -5.44 -43.34
CA LYS T 18 -52.24 -4.29 -42.64
C LYS T 18 -52.06 -3.00 -43.43
N LYS T 19 -51.22 -3.03 -44.47
CA LYS T 19 -51.10 -1.88 -45.36
C LYS T 19 -52.43 -1.58 -46.04
N LYS T 20 -53.12 -2.61 -46.50
CA LYS T 20 -54.29 -2.47 -47.36
C LYS T 20 -55.59 -2.36 -46.59
N VAL T 21 -55.58 -2.51 -45.28
CA VAL T 21 -56.80 -2.45 -44.49
C VAL T 21 -57.17 -0.99 -44.28
N TRP T 22 -58.38 -0.62 -44.66
CA TRP T 22 -58.90 0.73 -44.47
C TRP T 22 -60.04 0.67 -43.47
N LEU T 23 -59.83 1.29 -42.31
CA LEU T 23 -60.88 1.45 -41.31
C LEU T 23 -61.48 2.84 -41.46
N ASP T 24 -62.79 2.93 -41.33
CA ASP T 24 -63.47 4.20 -41.51
C ASP T 24 -63.10 5.15 -40.38
N PRO T 25 -62.46 6.28 -40.66
CA PRO T 25 -62.05 7.18 -39.59
C PRO T 25 -63.21 7.84 -38.86
N ASN T 26 -64.40 7.85 -39.45
CA ASN T 26 -65.57 8.40 -38.79
C ASN T 26 -66.28 7.39 -37.92
N GLU T 27 -66.32 6.13 -38.33
CA GLU T 27 -66.97 5.08 -37.56
C GLU T 27 -65.98 4.38 -36.63
N THR T 28 -65.23 5.17 -35.85
CA THR T 28 -64.26 4.59 -34.94
C THR T 28 -64.95 3.87 -33.80
N ASN T 29 -66.01 4.47 -33.25
CA ASN T 29 -66.75 3.81 -32.17
C ASN T 29 -67.40 2.52 -32.66
N GLU T 30 -67.96 2.54 -33.87
CA GLU T 30 -68.60 1.34 -34.39
C GLU T 30 -67.60 0.21 -34.61
N ILE T 31 -66.43 0.54 -35.16
CA ILE T 31 -65.42 -0.48 -35.39
C ILE T 31 -64.83 -0.96 -34.07
N ALA T 32 -64.67 -0.07 -33.10
CA ALA T 32 -64.09 -0.44 -31.82
C ALA T 32 -64.92 -1.48 -31.10
N ASN T 33 -66.22 -1.56 -31.41
CA ASN T 33 -67.08 -2.56 -30.83
C ASN T 33 -66.84 -3.95 -31.41
N ALA T 34 -66.09 -4.05 -32.51
CA ALA T 34 -65.84 -5.34 -33.14
C ALA T 34 -64.69 -6.04 -32.45
N ASN T 35 -64.99 -7.14 -31.75
CA ASN T 35 -63.97 -7.90 -31.06
C ASN T 35 -63.83 -9.31 -31.62
N SER T 36 -64.58 -9.66 -32.65
CA SER T 36 -64.56 -11.01 -33.20
C SER T 36 -64.42 -10.92 -34.70
N ARG T 37 -64.04 -12.05 -35.31
CA ARG T 37 -63.88 -12.08 -36.75
C ARG T 37 -65.23 -12.04 -37.45
N GLN T 38 -66.28 -12.55 -36.80
CA GLN T 38 -67.62 -12.39 -37.36
C GLN T 38 -68.02 -10.93 -37.43
N GLN T 39 -67.72 -10.16 -36.38
CA GLN T 39 -68.05 -8.75 -36.39
C GLN T 39 -67.21 -7.99 -37.40
N ILE T 40 -65.97 -8.44 -37.64
CA ILE T 40 -65.16 -7.86 -38.70
C ILE T 40 -65.78 -8.13 -40.06
N ARG T 41 -66.26 -9.36 -40.28
CA ARG T 41 -66.87 -9.70 -41.56
C ARG T 41 -68.10 -8.87 -41.83
N LYS T 42 -68.92 -8.65 -40.79
CA LYS T 42 -70.11 -7.82 -40.95
C LYS T 42 -69.74 -6.38 -41.29
N LEU T 43 -68.67 -5.87 -40.67
CA LEU T 43 -68.20 -4.52 -40.99
C LEU T 43 -67.64 -4.45 -42.40
N ILE T 44 -66.97 -5.51 -42.86
CA ILE T 44 -66.47 -5.54 -44.23
C ILE T 44 -67.64 -5.55 -45.21
N LYS T 45 -68.67 -6.34 -44.91
CA LYS T 45 -69.85 -6.39 -45.77
C LYS T 45 -70.59 -5.06 -45.78
N ASP T 46 -70.66 -4.39 -44.63
CA ASP T 46 -71.37 -3.12 -44.55
C ASP T 46 -70.60 -1.97 -45.18
N GLY T 47 -69.31 -2.12 -45.40
CA GLY T 47 -68.52 -1.08 -46.01
C GLY T 47 -67.76 -0.19 -45.07
N LEU T 48 -67.71 -0.52 -43.78
CA LEU T 48 -66.90 0.25 -42.85
C LEU T 48 -65.44 -0.17 -42.87
N ILE T 49 -65.15 -1.35 -43.41
CA ILE T 49 -63.78 -1.80 -43.62
C ILE T 49 -63.64 -2.15 -45.10
N ILE T 50 -62.63 -1.57 -45.73
CA ILE T 50 -62.41 -1.70 -47.17
C ILE T 50 -60.99 -2.19 -47.40
N ARG T 51 -60.81 -3.06 -48.38
CA ARG T 51 -59.49 -3.48 -48.81
C ARG T 51 -59.00 -2.49 -49.86
N LYS T 52 -57.91 -1.78 -49.56
CA LYS T 52 -57.37 -0.81 -50.48
C LYS T 52 -56.71 -1.51 -51.67
N PRO T 53 -56.70 -0.86 -52.84
CA PRO T 53 -56.10 -1.50 -54.02
C PRO T 53 -54.58 -1.54 -53.94
N VAL T 54 -54.01 -2.45 -54.71
CA VAL T 54 -52.56 -2.58 -54.81
C VAL T 54 -51.97 -1.33 -55.43
N THR T 55 -50.89 -0.83 -54.85
CA THR T 55 -50.19 0.33 -55.41
C THR T 55 -49.71 0.03 -56.82
N VAL T 56 -49.93 0.97 -57.73
CA VAL T 56 -49.69 0.73 -59.15
C VAL T 56 -48.19 0.65 -59.41
N HIS T 57 -47.76 -0.43 -60.04
CA HIS T 57 -46.40 -0.58 -60.56
C HIS T 57 -46.55 -0.97 -62.02
N SER T 58 -46.59 0.02 -62.89
CA SER T 58 -46.84 -0.21 -64.31
C SER T 58 -45.59 -0.77 -64.99
N ARG T 59 -45.81 -1.51 -66.07
CA ARG T 59 -44.74 -2.00 -66.93
C ARG T 59 -44.78 -1.34 -68.30
N ALA T 60 -45.58 -0.28 -68.46
CA ALA T 60 -45.70 0.37 -69.75
C ALA T 60 -44.39 1.01 -70.18
N ARG T 61 -43.64 1.55 -69.22
CA ARG T 61 -42.33 2.10 -69.52
C ARG T 61 -41.37 1.02 -70.01
N CYS T 62 -41.38 -0.14 -69.36
CA CYS T 62 -40.50 -1.23 -69.78
C CYS T 62 -40.91 -1.77 -71.15
N ARG T 63 -42.21 -1.90 -71.38
CA ARG T 63 -42.68 -2.43 -72.65
C ARG T 63 -42.31 -1.51 -73.80
N LYS T 64 -42.40 -0.19 -73.59
CA LYS T 64 -41.98 0.76 -74.61
C LYS T 64 -40.49 0.63 -74.91
N ASN T 65 -39.68 0.50 -73.86
CA ASN T 65 -38.24 0.36 -74.06
C ASN T 65 -37.89 -0.99 -74.65
N THR T 66 -38.65 -2.04 -74.31
CA THR T 66 -38.42 -3.34 -74.92
C THR T 66 -38.69 -3.31 -76.42
N LEU T 67 -39.76 -2.62 -76.83
CA LEU T 67 -40.06 -2.50 -78.25
C LEU T 67 -38.96 -1.77 -79.00
N ALA T 68 -38.36 -0.76 -78.36
CA ALA T 68 -37.23 -0.08 -78.96
C ALA T 68 -36.03 -1.00 -79.09
N ARG T 69 -35.78 -1.82 -78.06
CA ARG T 69 -34.63 -2.72 -78.11
C ARG T 69 -34.80 -3.81 -79.15
N ARG T 70 -36.04 -4.16 -79.49
CA ARG T 70 -36.26 -5.09 -80.60
C ARG T 70 -35.76 -4.49 -81.91
N LYS T 71 -36.01 -3.20 -82.12
CA LYS T 71 -35.57 -2.55 -83.33
C LYS T 71 -34.08 -2.26 -83.32
N GLY T 72 -33.43 -2.36 -82.17
CA GLY T 72 -32.00 -2.17 -82.06
C GLY T 72 -31.57 -1.00 -81.20
N ARG T 73 -32.49 -0.24 -80.62
CA ARG T 73 -32.11 0.91 -79.81
C ARG T 73 -31.54 0.45 -78.47
N HIS T 74 -30.73 1.33 -77.88
CA HIS T 74 -30.15 1.14 -76.55
C HIS T 74 -29.29 -0.11 -76.46
N MET T 75 -28.77 -0.63 -77.57
CA MET T 75 -27.86 -1.75 -77.54
C MET T 75 -26.41 -1.30 -77.68
N GLY T 76 -26.08 -0.67 -78.81
CA GLY T 76 -24.86 0.10 -78.98
C GLY T 76 -23.57 -0.53 -78.50
N ILE T 77 -22.60 0.32 -78.15
CA ILE T 77 -21.37 -0.11 -77.53
C ILE T 77 -21.25 0.39 -76.11
N GLY T 78 -21.71 1.62 -75.86
CA GLY T 78 -21.76 2.18 -74.55
C GLY T 78 -22.93 1.73 -73.71
N LYS T 79 -23.72 0.77 -74.19
CA LYS T 79 -24.79 0.20 -73.41
C LYS T 79 -24.51 -1.25 -73.01
N ARG T 80 -23.31 -1.75 -73.30
CA ARG T 80 -22.93 -3.12 -73.01
C ARG T 80 -22.00 -3.12 -71.81
N LYS T 81 -22.37 -3.85 -70.77
CA LYS T 81 -21.54 -3.97 -69.58
C LYS T 81 -20.92 -5.34 -69.42
N GLY T 82 -21.55 -6.36 -69.96
CA GLY T 82 -20.99 -7.69 -69.90
C GLY T 82 -20.22 -8.06 -71.14
N THR T 83 -19.41 -9.10 -71.00
CA THR T 83 -18.65 -9.63 -72.11
C THR T 83 -19.58 -10.18 -73.18
N ALA T 84 -19.12 -10.18 -74.43
CA ALA T 84 -19.89 -10.75 -75.52
C ALA T 84 -20.28 -12.19 -75.23
N ASN T 85 -19.39 -12.95 -74.58
CA ASN T 85 -19.71 -14.31 -74.18
C ASN T 85 -20.68 -14.34 -73.00
N ALA T 86 -20.64 -13.33 -72.15
CA ALA T 86 -21.61 -13.27 -71.05
C ALA T 86 -22.98 -12.84 -71.54
N ARG T 87 -23.03 -12.05 -72.63
CA ARG T 87 -24.31 -11.63 -73.17
C ARG T 87 -24.93 -12.71 -74.05
N MET T 88 -24.12 -13.34 -74.89
CA MET T 88 -24.58 -14.42 -75.77
C MET T 88 -23.49 -15.48 -75.80
N PRO T 89 -23.62 -16.54 -75.00
CA PRO T 89 -22.53 -17.52 -74.88
C PRO T 89 -22.22 -18.21 -76.19
N GLU T 90 -20.93 -18.48 -76.39
CA GLU T 90 -20.51 -19.16 -77.61
C GLU T 90 -20.94 -20.62 -77.61
N LYS T 91 -20.98 -21.25 -76.45
CA LYS T 91 -21.44 -22.64 -76.39
C LYS T 91 -22.90 -22.76 -76.76
N VAL T 92 -23.73 -21.81 -76.32
CA VAL T 92 -25.13 -21.82 -76.70
C VAL T 92 -25.29 -21.56 -78.19
N THR T 93 -24.49 -20.63 -78.73
CA THR T 93 -24.52 -20.36 -80.17
C THR T 93 -24.11 -21.59 -80.96
N TRP T 94 -23.13 -22.34 -80.47
CA TRP T 94 -22.69 -23.55 -81.15
C TRP T 94 -23.74 -24.63 -81.09
N MET T 95 -24.44 -24.76 -79.96
CA MET T 95 -25.51 -25.75 -79.86
C MET T 95 -26.62 -25.48 -80.84
N ARG T 96 -27.06 -24.23 -80.93
CA ARG T 96 -28.13 -23.87 -81.86
C ARG T 96 -27.71 -24.17 -83.28
N ARG T 97 -26.48 -23.83 -83.63
CA ARG T 97 -25.99 -24.09 -84.97
C ARG T 97 -25.90 -25.59 -85.25
N MET T 98 -25.38 -26.36 -84.29
CA MET T 98 -25.30 -27.80 -84.49
C MET T 98 -26.66 -28.44 -84.59
N ARG T 99 -27.59 -28.02 -83.75
CA ARG T 99 -28.93 -28.61 -83.78
C ARG T 99 -29.67 -28.25 -85.06
N ILE T 100 -29.52 -27.01 -85.53
CA ILE T 100 -30.17 -26.60 -86.77
C ILE T 100 -29.59 -27.35 -87.96
N LEU T 101 -28.25 -27.46 -88.00
CA LEU T 101 -27.61 -28.05 -89.18
C LEU T 101 -27.76 -29.57 -89.20
N ARG T 102 -27.66 -30.21 -88.03
CA ARG T 102 -27.86 -31.66 -87.99
C ARG T 102 -29.29 -32.03 -88.32
N ARG T 103 -30.26 -31.21 -87.88
CA ARG T 103 -31.64 -31.44 -88.24
C ARG T 103 -31.85 -31.34 -89.75
N LEU T 104 -31.23 -30.35 -90.38
CA LEU T 104 -31.35 -30.20 -91.82
C LEU T 104 -30.76 -31.39 -92.55
N LEU T 105 -29.59 -31.86 -92.12
CA LEU T 105 -28.96 -33.00 -92.76
C LEU T 105 -29.79 -34.26 -92.60
N ARG T 106 -30.40 -34.45 -91.44
CA ARG T 106 -31.29 -35.59 -91.24
C ARG T 106 -32.49 -35.51 -92.16
N ARG T 107 -33.13 -34.35 -92.24
CA ARG T 107 -34.31 -34.21 -93.08
C ARG T 107 -33.98 -34.39 -94.55
N TYR T 108 -32.76 -34.02 -94.95
CA TYR T 108 -32.36 -34.25 -96.33
C TYR T 108 -32.10 -35.73 -96.60
N ARG T 109 -31.65 -36.46 -95.58
CA ARG T 109 -31.36 -37.87 -95.78
C ARG T 109 -32.63 -38.69 -95.88
N GLU T 110 -33.63 -38.39 -95.05
CA GLU T 110 -34.89 -39.11 -95.11
C GLU T 110 -35.82 -38.61 -96.19
N SER T 111 -35.48 -37.53 -96.89
CA SER T 111 -36.21 -37.11 -98.07
C SER T 111 -35.48 -37.47 -99.35
N LYS T 112 -34.42 -38.28 -99.26
CA LYS T 112 -33.67 -38.81 -100.39
C LYS T 112 -32.99 -37.73 -101.22
N LYS T 113 -32.74 -36.55 -100.66
CA LYS T 113 -31.92 -35.58 -101.37
C LYS T 113 -30.45 -35.97 -101.32
N ILE T 114 -30.01 -36.55 -100.21
CA ILE T 114 -28.65 -37.04 -100.05
C ILE T 114 -28.71 -38.47 -99.52
N ASP T 115 -27.66 -39.23 -99.79
CA ASP T 115 -27.59 -40.62 -99.37
C ASP T 115 -26.90 -40.72 -98.01
N ARG T 116 -26.63 -41.96 -97.59
CA ARG T 116 -25.92 -42.17 -96.33
C ARG T 116 -24.51 -41.60 -96.38
N HIS T 117 -23.84 -41.78 -97.51
CA HIS T 117 -22.42 -41.45 -97.58
C HIS T 117 -22.21 -39.95 -97.71
N MET T 118 -23.09 -39.26 -98.43
CA MET T 118 -22.99 -37.81 -98.46
C MET T 118 -23.40 -37.20 -97.13
N TYR T 119 -24.39 -37.81 -96.47
CA TYR T 119 -24.78 -37.34 -95.14
C TYR T 119 -23.62 -37.48 -94.16
N HIS T 120 -22.93 -38.61 -94.18
CA HIS T 120 -21.89 -38.85 -93.18
C HIS T 120 -20.67 -37.96 -93.43
N SER T 121 -20.39 -37.64 -94.69
CA SER T 121 -19.33 -36.68 -94.97
C SER T 121 -19.70 -35.30 -94.45
N LEU T 122 -20.93 -34.87 -94.71
CA LEU T 122 -21.35 -33.54 -94.32
C LEU T 122 -21.55 -33.42 -92.82
N TYR T 123 -21.95 -34.52 -92.17
CA TYR T 123 -22.07 -34.51 -90.72
C TYR T 123 -20.73 -34.24 -90.06
N LEU T 124 -19.67 -34.85 -90.58
CA LEU T 124 -18.35 -34.58 -90.05
C LEU T 124 -17.86 -33.20 -90.42
N LYS T 125 -18.39 -32.63 -91.51
CA LYS T 125 -17.96 -31.30 -91.92
C LYS T 125 -18.65 -30.20 -91.11
N VAL T 126 -19.94 -30.38 -90.78
CA VAL T 126 -20.59 -29.36 -89.96
C VAL T 126 -19.99 -29.37 -88.56
N LYS T 127 -19.63 -30.55 -88.05
CA LYS T 127 -18.93 -30.63 -86.78
C LYS T 127 -17.56 -30.00 -86.88
N GLY T 128 -16.96 -29.99 -88.06
CA GLY T 128 -15.68 -29.35 -88.30
C GLY T 128 -15.74 -27.87 -88.53
N ASN T 129 -16.93 -27.28 -88.43
CA ASN T 129 -17.15 -25.84 -88.53
C ASN T 129 -16.71 -25.30 -89.89
N VAL T 130 -17.34 -25.79 -90.96
CA VAL T 130 -17.10 -25.25 -92.29
C VAL T 130 -18.35 -24.60 -92.87
N PHE T 131 -19.51 -24.78 -92.26
CA PHE T 131 -20.73 -24.10 -92.68
C PHE T 131 -21.23 -23.25 -91.52
N LYS T 132 -21.55 -21.98 -91.81
CA LYS T 132 -21.91 -21.05 -90.76
C LYS T 132 -23.41 -21.02 -90.46
N ASN T 133 -24.25 -21.45 -91.39
CA ASN T 133 -25.69 -21.39 -91.14
C ASN T 133 -26.39 -22.34 -92.09
N LYS T 134 -27.73 -22.30 -92.05
CA LYS T 134 -28.54 -23.25 -92.80
C LYS T 134 -28.41 -23.05 -94.30
N ARG T 135 -28.33 -21.79 -94.76
CA ARG T 135 -28.30 -21.53 -96.19
C ARG T 135 -26.97 -21.95 -96.81
N ILE T 136 -25.87 -21.74 -96.11
CA ILE T 136 -24.56 -22.07 -96.65
C ILE T 136 -24.42 -23.58 -96.82
N LEU T 137 -24.86 -24.35 -95.82
CA LEU T 137 -24.86 -25.80 -95.95
C LEU T 137 -25.76 -26.25 -97.08
N MET T 138 -26.94 -25.62 -97.20
CA MET T 138 -27.88 -25.99 -98.25
C MET T 138 -27.32 -25.71 -99.63
N GLU T 139 -26.64 -24.57 -99.80
CA GLU T 139 -26.04 -24.25 -101.09
C GLU T 139 -24.91 -25.21 -101.44
N HIS T 140 -24.09 -25.58 -100.44
CA HIS T 140 -23.03 -26.55 -100.68
C HIS T 140 -23.58 -27.90 -101.09
N ILE T 141 -24.75 -28.27 -100.56
CA ILE T 141 -25.40 -29.50 -100.96
C ILE T 141 -25.80 -29.45 -102.43
N HIS T 142 -26.33 -28.30 -102.86
CA HIS T 142 -26.75 -28.15 -104.25
C HIS T 142 -25.57 -28.24 -105.20
N LYS T 143 -24.45 -27.62 -104.83
CA LYS T 143 -23.26 -27.67 -105.68
C LYS T 143 -22.71 -29.09 -105.76
N LEU T 144 -22.73 -29.81 -104.65
CA LEU T 144 -22.31 -31.21 -104.68
C LEU T 144 -23.22 -32.04 -105.55
N LYS T 145 -24.53 -31.80 -105.48
CA LYS T 145 -25.48 -32.58 -106.27
C LYS T 145 -25.30 -32.32 -107.77
N ALA T 146 -25.04 -31.07 -108.15
CA ALA T 146 -24.85 -30.76 -109.56
C ALA T 146 -23.62 -31.45 -110.11
N ASP T 147 -22.52 -31.44 -109.35
CA ASP T 147 -21.32 -32.14 -109.78
C ASP T 147 -21.53 -33.64 -109.80
N LYS T 148 -22.25 -34.16 -108.80
CA LYS T 148 -22.55 -35.59 -108.76
C LYS T 148 -23.47 -35.98 -109.92
N ALA T 149 -24.43 -35.13 -110.24
CA ALA T 149 -25.30 -35.40 -111.39
C ALA T 149 -24.51 -35.36 -112.69
N ARG T 150 -23.62 -34.38 -112.84
CA ARG T 150 -22.81 -34.29 -114.05
C ARG T 150 -21.86 -35.49 -114.17
N LYS T 151 -21.25 -35.88 -113.05
CA LYS T 151 -20.32 -37.00 -113.06
C LYS T 151 -21.02 -38.29 -113.47
N LYS T 152 -22.24 -38.50 -113.00
CA LYS T 152 -23.03 -39.65 -113.39
C LYS T 152 -23.71 -39.39 -114.73
N LYS U 1 43.13 44.39 21.29
CA LYS U 1 43.00 45.59 22.09
C LYS U 1 42.04 46.57 21.43
N ALA U 2 40.97 46.92 22.15
CA ALA U 2 40.04 47.94 21.69
C ALA U 2 40.53 49.30 22.13
N SER U 3 39.68 50.32 22.08
CA SER U 3 40.12 51.68 22.38
C SER U 3 38.99 52.44 23.06
N GLY U 4 39.10 53.76 23.07
CA GLY U 4 38.29 54.67 23.86
C GLY U 4 38.96 56.02 23.75
N THR U 5 39.27 56.66 24.87
CA THR U 5 40.28 57.71 24.93
C THR U 5 41.48 57.13 25.65
N LEU U 6 42.57 56.90 24.92
CA LEU U 6 43.72 56.22 25.47
C LEU U 6 44.39 57.07 26.53
N ARG U 7 45.06 56.39 27.46
CA ARG U 7 45.85 57.02 28.50
C ARG U 7 47.27 56.48 28.42
N GLU U 8 48.23 57.34 28.76
CA GLU U 8 49.62 56.93 28.80
C GLU U 8 49.93 56.31 30.16
N TYR U 9 50.60 55.17 30.13
CA TYR U 9 50.98 54.48 31.35
C TYR U 9 52.49 54.28 31.35
N LYS U 10 53.11 54.50 32.50
CA LYS U 10 54.51 54.16 32.71
C LYS U 10 54.57 52.83 33.44
N VAL U 11 54.87 51.76 32.71
CA VAL U 11 54.89 50.42 33.26
C VAL U 11 56.34 50.01 33.42
N VAL U 12 56.70 49.58 34.63
CA VAL U 12 58.06 49.14 34.93
C VAL U 12 57.99 47.70 35.41
N GLY U 13 58.83 46.84 34.84
CA GLY U 13 58.83 45.43 35.18
C GLY U 13 60.24 44.89 35.25
N ARG U 14 60.34 43.66 35.74
CA ARG U 14 61.62 42.97 35.82
C ARG U 14 61.35 41.47 35.92
N CYS U 15 62.38 40.68 35.69
CA CYS U 15 62.28 39.26 35.95
C CYS U 15 62.20 39.00 37.44
N LEU U 16 61.68 37.83 37.79
CA LEU U 16 61.73 37.44 39.18
C LEU U 16 63.16 37.06 39.56
N PRO U 17 63.62 37.45 40.75
CA PRO U 17 64.99 37.10 41.14
C PRO U 17 65.20 35.59 41.18
N THR U 18 66.35 35.17 40.70
CA THR U 18 66.71 33.76 40.56
C THR U 18 68.11 33.56 41.12
N PRO U 19 68.49 32.32 41.46
CA PRO U 19 69.86 32.08 41.90
C PRO U 19 70.86 32.05 40.75
N LYS U 20 70.71 32.99 39.83
CA LYS U 20 71.65 33.33 38.77
C LYS U 20 71.93 34.82 38.75
N CYS U 21 70.91 35.64 39.00
CA CYS U 21 71.07 37.07 39.24
C CYS U 21 70.00 37.48 40.24
N HIS U 22 70.45 37.98 41.40
CA HIS U 22 69.52 38.29 42.47
C HIS U 22 68.77 39.59 42.24
N THR U 23 69.37 40.53 41.49
CA THR U 23 68.71 41.78 41.11
C THR U 23 68.71 41.87 39.59
N PRO U 24 67.68 41.32 38.95
CA PRO U 24 67.59 41.45 37.50
C PRO U 24 67.30 42.88 37.12
N PRO U 25 67.61 43.28 35.88
CA PRO U 25 67.42 44.68 35.50
C PRO U 25 65.95 45.07 35.44
N LEU U 26 65.72 46.37 35.63
CA LEU U 26 64.39 46.94 35.56
C LEU U 26 64.19 47.55 34.19
N TYR U 27 63.01 47.34 33.60
CA TYR U 27 62.71 47.83 32.26
C TYR U 27 61.45 48.66 32.30
N ARG U 28 61.44 49.74 31.54
CA ARG U 28 60.34 50.70 31.55
C ARG U 28 59.82 50.92 30.14
N MET U 29 58.50 51.00 30.01
CA MET U 29 57.88 51.28 28.73
C MET U 29 56.76 52.29 28.90
N ARG U 30 56.47 53.01 27.82
CA ARG U 30 55.29 53.85 27.74
C ARG U 30 54.21 53.09 26.97
N ILE U 31 53.07 52.91 27.61
CA ILE U 31 51.97 52.13 27.03
C ILE U 31 50.75 53.04 26.94
N PHE U 32 50.12 53.08 25.77
CA PHE U 32 48.90 53.82 25.56
C PHE U 32 47.76 52.83 25.49
N ALA U 33 46.95 52.78 26.54
CA ALA U 33 45.94 51.74 26.70
C ALA U 33 44.67 52.37 27.26
N PRO U 34 43.52 51.72 27.06
CA PRO U 34 42.29 52.22 27.70
C PRO U 34 42.36 52.23 29.22
N ASN U 35 43.01 51.25 29.83
CA ASN U 35 43.06 51.15 31.29
C ASN U 35 44.32 50.41 31.69
N HIS U 36 44.54 50.32 33.00
CA HIS U 36 45.79 49.76 33.51
C HIS U 36 45.86 48.25 33.33
N VAL U 37 44.70 47.58 33.26
CA VAL U 37 44.73 46.14 33.04
C VAL U 37 45.23 45.82 31.64
N VAL U 38 44.75 46.57 30.65
CA VAL U 38 45.25 46.41 29.30
C VAL U 38 46.70 46.84 29.21
N ALA U 39 47.07 47.88 29.96
CA ALA U 39 48.43 48.39 29.92
C ALA U 39 49.43 47.35 30.42
N LYS U 40 49.09 46.64 31.49
CA LYS U 40 49.97 45.58 31.97
C LYS U 40 50.02 44.43 30.98
N SER U 41 48.91 44.16 30.30
CA SER U 41 48.90 43.11 29.28
C SER U 41 49.74 43.50 28.07
N ARG U 42 49.70 44.76 27.68
CA ARG U 42 50.50 45.19 26.53
C ARG U 42 51.97 45.28 26.89
N PHE U 43 52.29 45.56 28.15
CA PHE U 43 53.69 45.60 28.57
C PHE U 43 54.33 44.24 28.41
N TRP U 44 53.62 43.18 28.79
CA TRP U 44 54.17 41.84 28.68
C TRP U 44 54.28 41.42 27.22
N TYR U 45 53.44 41.98 26.36
CA TYR U 45 53.48 41.64 24.94
C TYR U 45 54.76 42.16 24.30
N PHE U 46 55.25 43.31 24.78
CA PHE U 46 56.39 43.95 24.15
C PHE U 46 57.70 43.45 24.74
N VAL U 47 57.77 43.33 26.07
CA VAL U 47 59.03 42.89 26.67
C VAL U 47 59.27 41.41 26.41
N SER U 48 58.22 40.66 26.07
CA SER U 48 58.43 39.30 25.60
C SER U 48 59.03 39.29 24.20
N GLN U 49 58.75 40.32 23.41
CA GLN U 49 59.33 40.43 22.08
C GLN U 49 60.78 40.90 22.15
N LEU U 50 61.07 41.83 23.05
CA LEU U 50 62.40 42.44 23.10
C LEU U 50 63.35 41.62 23.96
N LYS U 51 62.98 41.40 25.21
CA LYS U 51 63.76 40.57 26.10
C LYS U 51 63.14 39.18 26.17
N LYS U 52 63.79 38.27 26.87
CA LYS U 52 63.23 36.93 27.04
C LYS U 52 62.52 36.86 28.40
N MET U 53 61.39 37.56 28.47
CA MET U 53 60.60 37.64 29.68
C MET U 53 59.20 37.10 29.44
N LYS U 54 58.59 36.62 30.51
CA LYS U 54 57.21 36.17 30.49
C LYS U 54 56.51 36.72 31.72
N LYS U 55 55.19 36.83 31.64
CA LYS U 55 54.41 37.28 32.77
C LYS U 55 54.59 36.33 33.96
N SER U 56 54.77 35.04 33.69
CA SER U 56 54.93 34.07 34.76
C SER U 56 56.32 34.17 35.39
N SER U 57 57.34 34.44 34.57
CA SER U 57 58.71 34.49 35.06
C SER U 57 59.13 35.87 35.53
N GLY U 58 58.28 36.89 35.38
CA GLY U 58 58.59 38.23 35.80
C GLY U 58 57.46 38.83 36.61
N GLU U 59 57.65 40.10 36.97
CA GLU U 59 56.66 40.84 37.72
C GLU U 59 56.69 42.30 37.31
N ILE U 60 55.56 42.97 37.50
CA ILE U 60 55.43 44.39 37.22
C ILE U 60 55.54 45.14 38.54
N VAL U 61 56.50 46.04 38.62
CA VAL U 61 56.76 46.73 39.88
C VAL U 61 56.09 48.10 39.96
N TYR U 62 55.69 48.67 38.83
CA TYR U 62 55.00 49.95 38.82
C TYR U 62 54.15 50.05 37.56
N CYS U 63 52.95 50.59 37.73
CA CYS U 63 52.09 50.90 36.59
C CYS U 63 51.25 52.11 36.99
N GLY U 64 51.70 53.29 36.60
CA GLY U 64 50.98 54.50 36.91
C GLY U 64 50.73 55.30 35.65
N GLN U 65 49.63 56.06 35.67
CA GLN U 65 49.29 56.90 34.54
C GLN U 65 50.24 58.09 34.46
N VAL U 66 50.66 58.42 33.25
CA VAL U 66 51.51 59.58 33.00
C VAL U 66 50.60 60.72 32.57
N PHE U 67 50.46 61.72 33.43
CA PHE U 67 49.67 62.89 33.09
C PHE U 67 50.43 63.78 32.12
N GLU U 68 49.70 64.47 31.26
CA GLU U 68 50.32 65.42 30.35
C GLU U 68 50.86 66.61 31.13
N LYS U 69 52.11 66.97 30.87
CA LYS U 69 52.75 68.02 31.63
C LYS U 69 52.44 69.42 31.12
N SER U 70 51.79 69.54 29.96
CA SER U 70 51.33 70.83 29.46
C SER U 70 50.08 70.61 28.63
N PRO U 71 48.96 70.27 29.29
CA PRO U 71 47.71 70.04 28.55
C PRO U 71 47.03 71.30 28.04
N LEU U 72 47.57 72.47 28.33
CA LEU U 72 47.00 73.73 27.90
C LEU U 72 47.73 74.32 26.70
N ARG U 73 48.62 73.56 26.08
CA ARG U 73 49.49 74.06 25.03
C ARG U 73 49.34 73.20 23.78
N VAL U 74 49.01 73.83 22.66
CA VAL U 74 48.95 73.11 21.40
C VAL U 74 50.37 72.78 20.95
N LYS U 75 50.60 71.53 20.57
CA LYS U 75 51.93 71.12 20.17
C LYS U 75 51.83 70.04 19.10
N ASN U 76 52.95 69.78 18.46
CA ASN U 76 53.02 68.89 17.31
C ASN U 76 53.62 67.57 17.73
N PHE U 77 52.92 66.48 17.43
CA PHE U 77 53.35 65.15 17.84
C PHE U 77 53.73 64.33 16.62
N GLY U 78 54.96 63.82 16.62
CA GLY U 78 55.38 62.85 15.62
C GLY U 78 55.33 61.46 16.23
N ILE U 79 54.73 60.54 15.48
CA ILE U 79 54.54 59.17 15.96
C ILE U 79 55.18 58.22 14.97
N TRP U 80 56.12 57.42 15.44
CA TRP U 80 56.68 56.33 14.66
C TRP U 80 55.97 55.04 15.05
N LEU U 81 55.52 54.29 14.05
CA LEU U 81 54.78 53.07 14.32
C LEU U 81 55.09 52.04 13.26
N ARG U 82 54.66 50.81 13.51
CA ARG U 82 54.63 49.77 12.50
C ARG U 82 53.28 49.06 12.59
N TYR U 83 52.77 48.62 11.45
CA TYR U 83 51.51 47.90 11.47
C TYR U 83 51.57 46.82 10.41
N ASP U 84 50.67 45.84 10.56
CA ASP U 84 50.51 44.78 9.58
C ASP U 84 49.36 45.13 8.66
N SER U 85 49.64 45.21 7.36
CA SER U 85 48.59 45.39 6.37
C SER U 85 48.04 44.02 6.00
N ARG U 86 47.22 43.97 4.95
CA ARG U 86 46.75 42.68 4.47
C ARG U 86 47.83 41.90 3.77
N SER U 87 48.94 42.55 3.40
CA SER U 87 49.97 41.89 2.61
C SER U 87 51.37 42.28 3.06
N GLY U 88 51.56 42.54 4.35
CA GLY U 88 52.90 42.81 4.84
C GLY U 88 52.89 43.75 6.02
N THR U 89 54.10 44.13 6.44
CA THR U 89 54.32 45.00 7.58
C THR U 89 55.05 46.26 7.10
N HIS U 90 54.64 47.40 7.60
CA HIS U 90 55.17 48.68 7.15
C HIS U 90 55.48 49.58 8.34
N ASN U 91 56.49 50.43 8.17
CA ASN U 91 56.83 51.44 9.15
C ASN U 91 56.27 52.78 8.68
N MET U 92 55.63 53.50 9.58
CA MET U 92 54.98 54.76 9.25
C MET U 92 55.43 55.83 10.24
N TYR U 93 55.57 57.04 9.73
CA TYR U 93 55.74 58.22 10.56
C TYR U 93 54.57 59.14 10.30
N ARG U 94 53.83 59.47 11.36
CA ARG U 94 52.62 60.27 11.25
C ARG U 94 52.71 61.46 12.19
N GLU U 95 52.02 62.53 11.84
CA GLU U 95 52.04 63.75 12.62
C GLU U 95 50.63 64.15 13.00
N TYR U 96 50.47 64.64 14.22
CA TYR U 96 49.19 65.09 14.72
C TYR U 96 49.39 66.31 15.59
N ARG U 97 48.36 67.13 15.67
CA ARG U 97 48.32 68.29 16.55
C ARG U 97 47.30 68.04 17.64
N ASP U 98 47.73 68.13 18.89
CA ASP U 98 46.80 67.94 19.99
C ASP U 98 47.40 68.56 21.25
N LEU U 99 46.56 68.71 22.26
CA LEU U 99 47.01 69.22 23.55
C LEU U 99 47.72 68.16 24.38
N THR U 100 47.29 66.91 24.30
CA THR U 100 47.83 65.85 25.13
C THR U 100 48.53 64.81 24.27
N THR U 101 49.53 64.15 24.86
CA THR U 101 50.23 63.08 24.14
C THR U 101 49.29 61.92 23.84
N ALA U 102 48.51 61.50 24.82
CA ALA U 102 47.64 60.35 24.65
C ALA U 102 46.51 60.65 23.67
N GLY U 103 46.08 61.91 23.61
CA GLY U 103 45.09 62.29 22.62
C GLY U 103 45.61 62.17 21.21
N ALA U 104 46.87 62.54 20.99
CA ALA U 104 47.48 62.39 19.67
C ALA U 104 47.60 60.93 19.28
N VAL U 105 47.95 60.08 20.24
CA VAL U 105 48.02 58.64 19.97
C VAL U 105 46.62 58.09 19.68
N THR U 106 45.62 58.60 20.39
CA THR U 106 44.25 58.22 20.08
C THR U 106 43.85 58.68 18.68
N GLN U 107 44.29 59.89 18.30
CA GLN U 107 44.07 60.36 16.94
C GLN U 107 44.70 59.43 15.92
N CYS U 108 45.87 58.90 16.24
CA CYS U 108 46.55 58.00 15.31
C CYS U 108 45.79 56.70 15.13
N TYR U 109 45.24 56.14 16.20
CA TYR U 109 44.55 54.87 16.10
C TYR U 109 43.28 55.02 15.27
N ARG U 110 42.59 56.15 15.41
CA ARG U 110 41.43 56.41 14.56
C ARG U 110 41.86 56.62 13.11
N ASP U 111 42.95 57.36 12.91
CA ASP U 111 43.40 57.66 11.56
C ASP U 111 43.93 56.43 10.85
N MET U 112 44.60 55.55 11.58
CA MET U 112 45.06 54.31 10.96
C MET U 112 43.89 53.39 10.63
N GLY U 113 42.84 53.43 11.43
CA GLY U 113 41.64 52.71 11.08
C GLY U 113 40.93 53.30 9.88
N ALA U 114 40.91 54.63 9.78
CA ALA U 114 40.18 55.29 8.70
C ALA U 114 40.91 55.18 7.37
N ARG U 115 42.23 55.33 7.36
CA ARG U 115 42.96 55.42 6.12
C ARG U 115 43.54 54.09 5.65
N HIS U 116 43.75 53.15 6.56
CA HIS U 116 44.44 51.92 6.23
C HIS U 116 43.71 50.68 6.70
N ARG U 117 42.52 50.85 7.28
CA ARG U 117 41.71 49.73 7.79
C ARG U 117 42.48 48.89 8.77
N ALA U 118 43.37 49.53 9.53
CA ALA U 118 44.25 48.84 10.45
C ALA U 118 43.60 48.78 11.83
N ARG U 119 43.33 47.58 12.30
CA ARG U 119 42.78 47.42 13.62
C ARG U 119 43.89 47.58 14.66
N ALA U 120 43.48 47.91 15.88
CA ALA U 120 44.44 48.30 16.90
C ALA U 120 45.38 47.16 17.30
N HIS U 121 44.99 45.91 17.09
CA HIS U 121 45.90 44.82 17.40
C HIS U 121 47.03 44.71 16.39
N SER U 122 46.91 45.34 15.24
CA SER U 122 47.95 45.32 14.22
C SER U 122 49.01 46.39 14.41
N ILE U 123 48.74 47.40 15.24
CA ILE U 123 49.56 48.59 15.31
C ILE U 123 50.48 48.50 16.51
N GLN U 124 51.75 48.80 16.29
CA GLN U 124 52.76 48.87 17.35
C GLN U 124 53.30 50.29 17.39
N ILE U 125 52.95 51.04 18.42
CA ILE U 125 53.46 52.39 18.59
C ILE U 125 54.84 52.29 19.21
N MET U 126 55.86 52.70 18.47
CA MET U 126 57.23 52.52 18.95
C MET U 126 57.89 53.82 19.39
N LYS U 127 57.38 54.97 19.00
CA LYS U 127 57.94 56.23 19.48
C LYS U 127 56.91 57.33 19.30
N VAL U 128 56.70 58.09 20.37
CA VAL U 128 55.89 59.31 20.33
C VAL U 128 56.75 60.45 20.82
N GLU U 129 56.77 61.54 20.09
CA GLU U 129 57.68 62.63 20.40
C GLU U 129 57.07 63.96 19.99
N GLU U 130 57.15 64.93 20.88
CA GLU U 130 56.76 66.29 20.54
C GLU U 130 57.84 66.92 19.66
N ILE U 131 57.43 67.53 18.56
CA ILE U 131 58.35 68.08 17.58
C ILE U 131 58.07 69.56 17.40
N ALA U 132 59.09 70.30 17.00
CA ALA U 132 58.94 71.72 16.75
C ALA U 132 58.21 71.95 15.43
N ALA U 133 57.59 73.14 15.32
CA ALA U 133 56.82 73.46 14.13
C ALA U 133 57.67 73.53 12.88
N SER U 134 58.95 73.84 13.00
CA SER U 134 59.86 73.86 11.87
C SER U 134 60.35 72.47 11.49
N LYS U 135 60.13 71.46 12.34
CA LYS U 135 60.54 70.09 12.07
C LYS U 135 59.41 69.23 11.55
N CYS U 136 58.21 69.79 11.39
CA CYS U 136 57.10 69.02 10.88
C CYS U 136 57.25 68.76 9.39
N ARG U 137 56.74 67.61 8.94
CA ARG U 137 56.85 67.21 7.55
C ARG U 137 55.52 67.07 6.84
N ARG U 138 54.41 67.01 7.57
CA ARG U 138 53.11 66.79 6.95
C ARG U 138 52.44 68.12 6.66
N PRO U 139 52.07 68.40 5.41
CA PRO U 139 51.45 69.71 5.10
C PRO U 139 50.15 69.97 5.83
N ALA U 140 49.38 68.92 6.15
CA ALA U 140 48.16 69.11 6.91
C ALA U 140 48.43 69.62 8.32
N VAL U 141 49.61 69.35 8.85
CA VAL U 141 49.99 69.89 10.15
C VAL U 141 50.69 71.24 10.01
N LYS U 142 51.46 71.43 8.93
CA LYS U 142 52.24 72.65 8.78
C LYS U 142 51.36 73.85 8.46
N GLN U 143 50.19 73.62 7.86
CA GLN U 143 49.34 74.75 7.48
C GLN U 143 48.73 75.46 8.67
N PHE U 144 48.81 74.87 9.86
CA PHE U 144 48.34 75.52 11.08
C PHE U 144 49.44 76.27 11.80
N HIS U 145 50.65 76.31 11.24
CA HIS U 145 51.74 77.10 11.80
C HIS U 145 51.72 78.49 11.17
N ASP U 146 50.65 79.22 11.51
CA ASP U 146 50.45 80.59 11.05
C ASP U 146 50.09 81.43 12.25
N SER U 147 50.90 82.44 12.55
CA SER U 147 50.62 83.27 13.71
C SER U 147 49.38 84.14 13.49
N LYS U 148 48.93 84.29 12.26
CA LYS U 148 47.76 85.07 11.91
C LYS U 148 46.73 84.22 11.18
N ILE U 149 46.51 83.00 11.69
CA ILE U 149 45.59 82.09 11.02
C ILE U 149 44.17 82.65 11.10
N LYS U 150 43.41 82.47 10.02
CA LYS U 150 42.10 83.08 9.89
C LYS U 150 41.31 82.33 8.84
N PHE U 151 40.13 81.85 9.20
CA PHE U 151 39.26 81.21 8.23
C PHE U 151 37.83 81.29 8.71
N PRO U 152 36.86 81.30 7.80
CA PRO U 152 35.46 81.27 8.21
C PRO U 152 34.91 79.87 8.34
N LEU U 153 33.65 79.77 8.75
CA LEU U 153 32.93 78.49 8.82
C LEU U 153 31.89 78.52 7.71
N PRO U 154 32.25 78.09 6.49
CA PRO U 154 31.48 78.49 5.30
C PRO U 154 30.06 77.97 5.20
N HIS U 155 29.87 76.66 5.30
CA HIS U 155 28.59 76.03 5.03
C HIS U 155 28.17 75.25 6.26
N ARG U 156 27.52 75.92 7.20
CA ARG U 156 27.19 75.34 8.49
C ARG U 156 25.90 74.55 8.37
N VAL U 157 26.00 73.23 8.53
CA VAL U 157 24.86 72.35 8.37
C VAL U 157 24.04 72.34 9.65
N LEU U 158 22.73 72.48 9.51
CA LEU U 158 21.83 72.37 10.65
C LEU U 158 21.93 70.99 11.28
N ARG U 159 22.26 70.97 12.57
CA ARG U 159 22.35 69.71 13.29
C ARG U 159 21.12 69.41 14.13
N ARG U 160 20.32 70.42 14.43
CA ARG U 160 19.07 70.25 15.18
C ARG U 160 17.92 69.99 14.22
N GLN U 161 18.05 68.91 13.46
CA GLN U 161 17.12 68.62 12.38
C GLN U 161 15.79 68.06 12.84
N HIS U 162 15.66 67.70 14.12
CA HIS U 162 14.44 67.11 14.62
C HIS U 162 13.84 67.92 15.77
N LYS U 163 14.37 69.10 16.04
CA LYS U 163 13.81 70.02 17.04
C LYS U 163 13.77 71.42 16.43
N PRO U 164 12.70 71.76 15.71
CA PRO U 164 11.49 70.99 15.42
C PRO U 164 11.66 70.04 14.24
N ARG U 165 10.86 68.98 14.21
CA ARG U 165 10.88 68.10 13.06
C ARG U 165 10.13 68.70 11.87
N PHE U 166 9.07 69.47 12.12
CA PHE U 166 8.32 70.15 11.08
C PHE U 166 8.31 71.64 11.37
N THR U 167 8.56 72.44 10.34
CA THR U 167 8.66 73.88 10.52
C THR U 167 8.30 74.57 9.21
N THR U 168 8.03 75.87 9.30
CA THR U 168 7.69 76.64 8.11
C THR U 168 8.90 77.28 7.45
N LYS U 169 9.96 77.54 8.22
CA LYS U 169 11.13 78.25 7.71
C LYS U 169 12.19 77.24 7.29
N ARG U 170 12.77 77.45 6.13
CA ARG U 170 13.89 76.63 5.68
C ARG U 170 15.17 77.13 6.34
N PRO U 171 16.07 76.22 6.69
CA PRO U 171 17.25 76.62 7.45
C PRO U 171 18.22 77.47 6.65
N ASN U 172 18.97 78.27 7.38
CA ASN U 172 20.03 79.10 6.80
C ASN U 172 21.38 78.49 7.12
N THR U 173 22.26 78.46 6.13
CA THR U 173 23.60 77.91 6.31
C THR U 173 24.67 78.98 6.40
N PHE U 174 24.35 80.24 6.17
CA PHE U 174 25.33 81.31 6.22
C PHE U 174 25.19 82.06 7.53
N PHE U 175 26.30 82.17 8.25
CA PHE U 175 26.31 82.85 9.54
C PHE U 175 27.52 83.77 9.64
N THR V 1 40.87 -2.45 9.64
CA THR V 1 41.82 -2.75 8.58
C THR V 1 43.24 -2.82 9.11
N ASN V 2 43.41 -2.60 10.40
CA ASN V 2 44.70 -2.71 11.04
C ASN V 2 44.97 -4.14 11.46
N THR V 3 46.21 -4.59 11.29
CA THR V 3 46.55 -5.92 11.75
C THR V 3 46.55 -5.97 13.26
N LYS V 4 46.42 -7.18 13.80
CA LYS V 4 46.43 -7.39 15.25
C LYS V 4 47.74 -7.99 15.72
N GLY V 5 48.84 -7.70 15.03
CA GLY V 5 50.13 -8.20 15.46
C GLY V 5 50.54 -7.62 16.79
N LYS V 6 51.20 -8.45 17.60
CA LYS V 6 51.54 -8.08 18.96
C LYS V 6 52.50 -6.90 19.03
N ARG V 7 53.28 -6.68 17.98
CA ARG V 7 54.28 -5.62 17.99
C ARG V 7 54.05 -4.63 16.86
N ARG V 8 52.80 -4.48 16.42
CA ARG V 8 52.48 -3.49 15.41
C ARG V 8 52.55 -2.10 16.01
N GLY V 9 53.25 -1.20 15.34
CA GLY V 9 53.39 0.17 15.80
C GLY V 9 54.51 0.39 16.79
N THR V 10 55.28 -0.64 17.12
CA THR V 10 56.36 -0.53 18.08
C THR V 10 57.72 -0.33 17.42
N ARG V 11 57.75 0.31 16.25
CA ARG V 11 59.00 0.49 15.54
C ARG V 11 59.96 1.35 16.33
N TYR V 12 59.47 2.43 16.94
CA TYR V 12 60.29 3.28 17.77
C TYR V 12 60.14 3.00 19.24
N MET V 13 59.01 2.41 19.65
CA MET V 13 58.77 2.16 21.07
C MET V 13 59.80 1.19 21.65
N PHE V 14 60.11 0.12 20.93
CA PHE V 14 60.99 -0.91 21.43
C PHE V 14 62.40 -0.79 20.89
N SER V 15 62.67 0.19 20.04
CA SER V 15 64.03 0.40 19.57
C SER V 15 64.89 0.99 20.68
N ARG V 16 66.19 0.77 20.57
CA ARG V 16 67.12 1.28 21.56
C ARG V 16 67.38 2.76 21.34
N PRO V 17 67.72 3.50 22.39
CA PRO V 17 68.13 4.89 22.22
C PRO V 17 69.43 4.99 21.44
N PHE V 18 69.71 6.20 20.97
CA PHE V 18 70.87 6.41 20.12
C PHE V 18 72.16 6.16 20.90
N ARG V 19 73.05 5.36 20.30
CA ARG V 19 74.34 4.99 20.89
C ARG V 19 74.16 4.39 22.28
N LYS V 20 73.12 3.57 22.44
CA LYS V 20 72.90 2.81 23.65
C LYS V 20 72.40 1.41 23.30
N HIS V 21 73.01 0.81 22.28
CA HIS V 21 72.70 -0.55 21.90
C HIS V 21 73.64 -1.51 22.62
N GLY V 22 73.50 -2.80 22.33
CA GLY V 22 74.47 -3.78 22.77
C GLY V 22 74.18 -4.44 24.10
N VAL V 23 75.22 -4.63 24.90
CA VAL V 23 75.10 -5.36 26.16
C VAL V 23 74.21 -4.59 27.12
N VAL V 24 73.30 -5.31 27.78
CA VAL V 24 72.48 -4.71 28.82
C VAL V 24 73.33 -4.52 30.07
N PRO V 25 73.39 -3.31 30.63
CA PRO V 25 74.13 -3.10 31.87
C PRO V 25 73.60 -3.97 33.00
N LEU V 26 74.52 -4.48 33.82
CA LEU V 26 74.17 -5.53 34.78
C LEU V 26 73.52 -5.02 36.05
N ALA V 27 73.61 -3.73 36.35
CA ALA V 27 72.94 -3.23 37.56
C ALA V 27 71.43 -3.30 37.42
N THR V 28 70.93 -3.42 36.18
CA THR V 28 69.50 -3.64 35.99
C THR V 28 69.09 -4.99 36.53
N TYR V 29 69.93 -6.00 36.38
CA TYR V 29 69.64 -7.31 36.92
C TYR V 29 69.85 -7.37 38.42
N MET V 30 70.68 -6.48 38.96
CA MET V 30 71.04 -6.52 40.36
C MET V 30 70.02 -5.81 41.24
N ARG V 31 68.99 -5.20 40.66
CA ARG V 31 67.96 -4.56 41.45
C ARG V 31 67.15 -5.61 42.21
N ILE V 32 66.63 -5.20 43.37
CA ILE V 32 65.82 -6.08 44.20
C ILE V 32 64.39 -5.58 44.16
N TYR V 33 63.48 -6.45 43.71
CA TYR V 33 62.06 -6.13 43.64
C TYR V 33 61.32 -6.99 44.65
N LYS V 34 60.71 -6.35 45.63
CA LYS V 34 59.89 -7.02 46.62
C LYS V 34 58.43 -6.93 46.21
N LYS V 35 57.61 -7.73 46.87
CA LYS V 35 56.17 -7.64 46.66
C LYS V 35 55.65 -6.32 47.20
N GLY V 36 54.85 -5.64 46.40
CA GLY V 36 54.19 -4.43 46.81
C GLY V 36 54.90 -3.15 46.43
N ASP V 37 56.07 -3.22 45.81
CA ASP V 37 56.72 -1.99 45.39
C ASP V 37 56.31 -1.61 43.98
N ILE V 38 56.49 -0.33 43.67
CA ILE V 38 55.92 0.28 42.48
C ILE V 38 57.00 0.35 41.41
N VAL V 39 56.70 -0.18 40.23
CA VAL V 39 57.68 -0.25 39.14
C VAL V 39 57.07 0.34 37.88
N ASP V 40 57.93 0.93 37.07
CA ASP V 40 57.55 1.47 35.77
C ASP V 40 57.88 0.45 34.69
N ILE V 41 56.90 0.10 33.87
CA ILE V 41 57.10 -0.82 32.77
C ILE V 41 57.59 -0.03 31.55
N LYS V 42 58.75 -0.38 31.04
CA LYS V 42 59.27 0.27 29.84
C LYS V 42 59.34 -0.66 28.65
N GLY V 43 60.06 -1.78 28.75
CA GLY V 43 60.04 -2.68 27.62
C GLY V 43 61.14 -2.53 26.59
N MET V 44 62.39 -2.65 27.01
CA MET V 44 63.51 -2.56 26.07
C MET V 44 63.44 -3.69 25.05
N GLY V 45 63.97 -3.42 23.87
CA GLY V 45 63.89 -4.34 22.75
C GLY V 45 65.06 -5.27 22.55
N THR V 46 66.16 -5.08 23.29
CA THR V 46 67.27 -6.02 23.21
C THR V 46 66.86 -7.40 23.70
N VAL V 47 66.08 -7.46 24.76
CA VAL V 47 65.61 -8.72 25.33
C VAL V 47 64.21 -8.97 24.79
N GLN V 48 64.03 -10.08 24.09
CA GLN V 48 62.76 -10.39 23.46
C GLN V 48 61.87 -11.26 24.30
N LYS V 49 62.38 -11.86 25.36
CA LYS V 49 61.59 -12.73 26.22
C LYS V 49 61.01 -11.93 27.36
N GLY V 50 59.80 -12.31 27.79
CA GLY V 50 59.14 -11.63 28.86
C GLY V 50 58.75 -10.20 28.57
N MET V 51 58.62 -9.85 27.29
CA MET V 51 58.32 -8.48 26.92
C MET V 51 56.88 -8.14 27.29
N PRO V 52 56.63 -6.95 27.81
CA PRO V 52 55.25 -6.50 27.98
C PRO V 52 54.62 -6.16 26.65
N HIS V 53 53.30 -6.17 26.62
CA HIS V 53 52.62 -5.69 25.43
C HIS V 53 52.73 -4.17 25.36
N LYS V 54 52.52 -3.64 24.15
CA LYS V 54 52.73 -2.21 23.92
C LYS V 54 51.79 -1.33 24.75
N CYS V 55 50.65 -1.87 25.17
CA CYS V 55 49.72 -1.09 25.97
C CYS V 55 50.18 -0.88 27.40
N TYR V 56 51.23 -1.58 27.84
CA TYR V 56 51.76 -1.42 29.18
C TYR V 56 53.05 -0.63 29.21
N HIS V 57 53.64 -0.33 28.06
CA HIS V 57 54.80 0.52 28.01
C HIS V 57 54.43 1.91 28.50
N GLY V 58 55.17 2.40 29.49
CA GLY V 58 54.87 3.68 30.09
C GLY V 58 53.86 3.63 31.21
N LYS V 59 53.29 2.48 31.51
CA LYS V 59 52.36 2.37 32.62
C LYS V 59 53.13 1.93 33.87
N THR V 60 52.50 2.16 35.03
CA THR V 60 53.11 1.88 36.32
C THR V 60 52.20 0.98 37.12
N GLY V 61 52.79 0.00 37.80
CA GLY V 61 52.02 -0.97 38.56
C GLY V 61 52.73 -1.38 39.82
N ARG V 62 52.14 -2.33 40.53
CA ARG V 62 52.64 -2.81 41.80
C ARG V 62 52.99 -4.29 41.68
N VAL V 63 54.17 -4.66 42.18
CA VAL V 63 54.65 -6.04 42.09
C VAL V 63 53.88 -6.90 43.07
N TYR V 64 53.34 -8.03 42.61
CA TYR V 64 52.69 -8.98 43.47
C TYR V 64 53.35 -10.34 43.54
N ASN V 65 54.23 -10.67 42.59
CA ASN V 65 54.84 -11.98 42.54
C ASN V 65 56.25 -11.85 41.99
N VAL V 66 57.20 -12.56 42.58
CA VAL V 66 58.59 -12.51 42.16
C VAL V 66 59.04 -13.92 41.82
N THR V 67 59.60 -14.09 40.62
CA THR V 67 60.12 -15.35 40.12
C THR V 67 61.63 -15.20 39.89
N GLN V 68 62.23 -16.21 39.24
CA GLN V 68 63.67 -16.18 39.03
C GLN V 68 64.10 -15.03 38.13
N HIS V 69 63.36 -14.77 37.05
CA HIS V 69 63.76 -13.77 36.08
C HIS V 69 62.75 -12.66 35.89
N ALA V 70 61.51 -12.83 36.33
CA ALA V 70 60.46 -11.87 36.07
C ALA V 70 59.79 -11.46 37.37
N VAL V 71 58.81 -10.58 37.25
CA VAL V 71 57.93 -10.21 38.35
C VAL V 71 56.51 -10.19 37.84
N GLY V 72 55.56 -10.34 38.75
CA GLY V 72 54.15 -10.18 38.45
C GLY V 72 53.70 -8.81 38.90
N ILE V 73 53.09 -8.07 37.98
CA ILE V 73 52.72 -6.68 38.19
C ILE V 73 51.21 -6.54 38.02
N VAL V 74 50.57 -5.88 38.96
CA VAL V 74 49.17 -5.50 38.84
C VAL V 74 49.14 -4.08 38.28
N VAL V 75 48.70 -3.93 37.04
CA VAL V 75 48.73 -2.66 36.34
C VAL V 75 47.32 -2.35 35.82
N ASN V 76 46.90 -1.10 35.96
CA ASN V 76 45.60 -0.68 35.48
C ASN V 76 45.62 -0.49 33.97
N LYS V 77 44.62 -1.03 33.30
CA LYS V 77 44.46 -0.86 31.86
C LYS V 77 43.03 -0.39 31.61
N GLN V 78 42.89 0.66 30.82
CA GLN V 78 41.57 1.19 30.50
C GLN V 78 41.08 0.56 29.20
N VAL V 79 39.91 -0.07 29.26
CA VAL V 79 39.33 -0.76 28.13
C VAL V 79 37.91 -0.22 27.97
N LYS V 80 37.69 0.54 26.90
CA LYS V 80 36.42 1.25 26.65
C LYS V 80 36.15 2.12 27.87
N GLY V 81 35.05 1.93 28.59
CA GLY V 81 34.70 2.79 29.70
C GLY V 81 34.91 2.16 31.05
N LYS V 82 35.81 1.20 31.14
CA LYS V 82 36.12 0.55 32.40
C LYS V 82 37.63 0.40 32.53
N ILE V 83 38.10 0.46 33.76
CA ILE V 83 39.50 0.23 34.08
C ILE V 83 39.58 -1.06 34.87
N LEU V 84 40.37 -2.00 34.37
CA LEU V 84 40.51 -3.30 35.01
C LEU V 84 41.97 -3.57 35.31
N ALA V 85 42.22 -4.17 36.47
CA ALA V 85 43.57 -4.35 36.99
C ALA V 85 44.15 -5.62 36.38
N LYS V 86 45.01 -5.45 35.38
CA LYS V 86 45.61 -6.59 34.71
C LYS V 86 46.82 -7.08 35.49
N ARG V 87 47.07 -8.38 35.40
CA ARG V 87 48.25 -9.01 35.99
C ARG V 87 49.13 -9.51 34.85
N ILE V 88 50.34 -9.01 34.76
CA ILE V 88 51.25 -9.35 33.68
C ILE V 88 52.58 -9.83 34.25
N ASN V 89 53.22 -10.74 33.53
CA ASN V 89 54.54 -11.25 33.90
C ASN V 89 55.56 -10.59 32.99
N VAL V 90 56.50 -9.86 33.58
CA VAL V 90 57.46 -9.08 32.82
C VAL V 90 58.86 -9.36 33.37
N ARG V 91 59.79 -9.71 32.49
CA ARG V 91 61.17 -9.88 32.91
C ARG V 91 61.75 -8.54 33.35
N ILE V 92 62.64 -8.61 34.35
CA ILE V 92 63.13 -7.41 35.02
C ILE V 92 63.91 -6.47 34.14
N GLU V 93 64.26 -6.90 32.92
CA GLU V 93 64.91 -5.98 31.98
C GLU V 93 63.97 -4.86 31.58
N HIS V 94 62.67 -5.11 31.59
CA HIS V 94 61.68 -4.18 31.07
C HIS V 94 61.04 -3.33 32.16
N ILE V 95 61.54 -3.38 33.39
CA ILE V 95 60.97 -2.60 34.48
C ILE V 95 62.09 -1.87 35.21
N LYS V 96 61.69 -0.89 36.03
CA LYS V 96 62.60 -0.19 36.92
C LYS V 96 61.78 0.37 38.07
N HIS V 97 62.45 0.60 39.19
CA HIS V 97 61.78 1.16 40.35
C HIS V 97 61.27 2.57 40.06
N SER V 98 60.09 2.85 40.59
CA SER V 98 59.43 4.13 40.38
C SER V 98 59.89 5.10 41.46
N LYS V 99 60.45 6.24 41.04
CA LYS V 99 60.93 7.23 41.99
C LYS V 99 59.80 8.01 42.63
N SER V 100 58.59 7.95 42.06
CA SER V 100 57.46 8.65 42.67
C SER V 100 57.13 8.06 44.03
N ARG V 101 57.18 6.74 44.14
CA ARG V 101 57.03 6.09 45.44
C ARG V 101 58.20 6.44 46.36
N ASP V 102 59.41 6.44 45.82
CA ASP V 102 60.60 6.63 46.63
C ASP V 102 60.60 8.00 47.30
N SER V 103 60.18 9.03 46.58
CA SER V 103 60.16 10.37 47.14
C SER V 103 59.14 10.49 48.26
N PHE V 104 58.00 9.83 48.13
CA PHE V 104 56.95 9.94 49.13
C PHE V 104 57.32 9.24 50.43
N LEU V 105 57.94 8.05 50.32
CA LEU V 105 58.39 7.36 51.52
C LEU V 105 59.45 8.15 52.27
N LYS V 106 60.27 8.91 51.55
CA LYS V 106 61.21 9.82 52.20
C LYS V 106 60.46 10.89 52.98
N ARG V 107 59.38 11.42 52.40
CA ARG V 107 58.62 12.48 53.07
C ARG V 107 57.91 11.96 54.31
N VAL V 108 57.40 10.72 54.25
CA VAL V 108 56.75 10.12 55.41
C VAL V 108 57.76 9.96 56.54
N LYS V 109 58.94 9.43 56.21
CA LYS V 109 59.98 9.26 57.22
C LYS V 109 60.43 10.61 57.76
N GLU V 110 60.48 11.63 56.91
CA GLU V 110 60.91 12.95 57.36
C GLU V 110 59.85 13.63 58.21
N ASN V 111 58.57 13.45 57.85
CA ASN V 111 57.49 14.01 58.67
C ASN V 111 57.45 13.38 60.05
N ASP V 112 57.61 12.05 60.11
CA ASP V 112 57.55 11.36 61.39
C ASP V 112 58.69 11.78 62.30
N GLN V 113 59.85 12.09 61.72
CA GLN V 113 60.94 12.65 62.51
C GLN V 113 60.57 14.02 63.06
N LYS V 114 59.96 14.87 62.24
CA LYS V 114 59.61 16.21 62.70
C LYS V 114 58.56 16.18 63.80
N LYS V 115 57.56 15.31 63.67
CA LYS V 115 56.54 15.17 64.71
C LYS V 115 57.17 14.74 66.03
N LYS V 116 58.07 13.76 65.98
CA LYS V 116 58.79 13.34 67.17
C LYS V 116 59.66 14.47 67.71
N GLU V 117 60.32 15.19 66.81
CA GLU V 117 61.15 16.31 67.24
C GLU V 117 60.33 17.46 67.79
N ALA V 118 59.23 17.81 67.10
CA ALA V 118 58.45 18.98 67.53
C ALA V 118 57.72 18.72 68.83
N LYS V 119 57.24 17.49 69.06
CA LYS V 119 56.60 17.18 70.34
C LYS V 119 57.58 17.29 71.50
N GLU V 120 58.88 17.06 71.24
CA GLU V 120 59.87 17.21 72.29
C GLU V 120 60.10 18.68 72.64
N LYS V 121 60.24 19.53 71.62
CA LYS V 121 60.48 20.95 71.82
C LYS V 121 59.21 21.78 71.78
N GLY V 122 58.04 21.14 71.70
CA GLY V 122 56.77 21.85 71.86
C GLY V 122 56.22 22.65 70.69
N THR V 123 57.08 23.37 69.97
CA THR V 123 56.60 24.30 68.96
C THR V 123 55.99 23.55 67.77
N TRP V 124 54.80 23.99 67.37
CA TRP V 124 54.09 23.35 66.27
C TRP V 124 54.77 23.68 64.94
N VAL V 125 54.78 22.71 64.03
CA VAL V 125 55.38 22.88 62.72
C VAL V 125 54.41 22.37 61.67
N GLN V 126 54.47 22.97 60.48
CA GLN V 126 53.58 22.63 59.39
C GLN V 126 54.10 21.43 58.62
N LEU V 127 53.23 20.47 58.36
CA LEU V 127 53.59 19.25 57.63
C LEU V 127 52.89 19.13 56.29
N LYS V 128 51.62 19.54 56.19
CA LYS V 128 50.93 19.51 54.90
C LYS V 128 51.57 20.50 53.96
N ARG V 129 52.07 20.03 52.83
CA ARG V 129 52.68 20.93 51.86
C ARG V 129 51.59 21.71 51.15
N GLN V 130 51.82 23.01 51.00
CA GLN V 130 50.83 23.92 50.48
C GLN V 130 51.15 24.25 49.03
N PRO V 131 50.13 24.59 48.23
CA PRO V 131 50.39 25.07 46.88
C PRO V 131 51.11 26.41 46.93
N ALA V 132 51.74 26.76 45.82
CA ALA V 132 52.57 27.96 45.76
C ALA V 132 51.73 29.19 46.08
N PRO V 133 51.99 29.88 47.18
CA PRO V 133 51.14 30.99 47.59
C PRO V 133 51.39 32.20 46.72
N PRO V 134 50.49 33.19 46.75
CA PRO V 134 50.79 34.47 46.09
C PRO V 134 52.02 35.12 46.70
N ARG V 135 52.76 35.83 45.85
CA ARG V 135 53.97 36.50 46.29
C ARG V 135 53.64 37.58 47.31
N GLU V 136 54.44 37.67 48.36
CA GLU V 136 54.21 38.68 49.37
C GLU V 136 54.79 40.02 48.92
N ALA V 137 54.44 41.06 49.66
CA ALA V 137 54.89 42.41 49.32
C ALA V 137 56.39 42.55 49.52
N HIS V 138 57.02 43.35 48.67
CA HIS V 138 58.45 43.57 48.76
C HIS V 138 58.81 44.88 48.10
N PHE V 139 60.02 45.36 48.42
CA PHE V 139 60.55 46.59 47.86
C PHE V 139 61.56 46.27 46.77
N VAL V 140 61.51 47.02 45.68
CA VAL V 140 62.47 46.87 44.59
C VAL V 140 63.27 48.16 44.53
N ARG V 141 64.58 48.06 44.76
CA ARG V 141 65.44 49.23 44.75
C ARG V 141 65.92 49.51 43.34
N THR V 142 66.01 50.80 43.01
CA THR V 142 66.57 51.21 41.74
C THR V 142 68.08 51.36 41.78
N ASN V 143 68.67 51.40 42.97
CA ASN V 143 70.12 51.50 43.17
C ASN V 143 70.72 52.70 42.46
N GLY V 144 69.97 53.80 42.39
CA GLY V 144 70.46 54.97 41.68
C GLY V 144 70.55 54.81 40.18
N LYS V 145 69.81 53.87 39.61
CA LYS V 145 69.81 53.62 38.18
C LYS V 145 68.39 53.76 37.64
N GLU V 146 68.23 54.58 36.62
CA GLU V 146 66.96 54.69 35.95
C GLU V 146 66.71 53.43 35.13
N PRO V 147 65.54 52.81 35.23
CA PRO V 147 65.27 51.61 34.43
C PRO V 147 65.35 51.90 32.94
N GLU V 148 65.86 50.92 32.20
CA GLU V 148 66.06 51.09 30.77
C GLU V 148 64.72 51.21 30.05
N LEU V 149 64.64 52.17 29.14
CA LEU V 149 63.44 52.38 28.35
C LEU V 149 63.46 51.48 27.13
N LEU V 150 62.43 50.67 26.98
CA LEU V 150 62.32 49.73 25.89
C LEU V 150 61.26 50.18 24.90
N GLU V 151 61.61 50.18 23.62
CA GLU V 151 60.67 50.49 22.57
C GLU V 151 60.70 49.40 21.51
N PRO V 152 59.56 49.08 20.92
CA PRO V 152 59.55 48.08 19.84
C PRO V 152 60.40 48.53 18.67
N ILE V 153 61.05 47.57 18.03
CA ILE V 153 61.98 47.85 16.95
C ILE V 153 61.22 47.96 15.64
N PRO V 154 61.70 48.74 14.68
CA PRO V 154 61.01 48.82 13.38
C PRO V 154 61.11 47.52 12.62
N TYR V 155 60.22 47.37 11.65
CA TYR V 155 60.19 46.16 10.84
C TYR V 155 61.22 46.27 9.72
N GLU V 156 61.89 45.16 9.46
CA GLU V 156 62.72 45.03 8.27
C GLU V 156 62.70 43.59 7.82
N PHE V 157 62.71 43.39 6.50
CA PHE V 157 62.71 42.05 5.96
C PHE V 157 64.12 41.49 5.99
N MET V 158 64.29 40.31 6.55
CA MET V 158 65.62 39.72 6.73
C MET V 158 65.92 38.70 5.64
N ALA V 159 65.09 37.67 5.50
CA ALA V 159 65.31 36.63 4.52
C ALA V 159 64.00 35.91 4.21
N GLN W 1 -71.31 -14.12 -85.35
CA GLN W 1 -70.37 -13.08 -85.75
C GLN W 1 -70.93 -11.69 -85.46
N VAL W 2 -71.96 -11.64 -84.60
CA VAL W 2 -72.59 -10.38 -84.20
C VAL W 2 -72.42 -10.24 -82.69
N LEU W 3 -71.92 -9.08 -82.28
CA LEU W 3 -71.52 -8.87 -80.88
C LEU W 3 -72.67 -8.32 -80.05
N LYS W 4 -73.24 -7.19 -80.45
CA LYS W 4 -74.46 -6.64 -79.86
C LYS W 4 -74.29 -6.36 -78.36
N PHE W 5 -73.46 -5.36 -78.07
CA PHE W 5 -73.31 -4.88 -76.70
C PHE W 5 -74.32 -3.77 -76.44
N THR W 6 -74.54 -3.46 -75.16
CA THR W 6 -75.61 -2.57 -74.76
C THR W 6 -75.15 -1.64 -73.65
N LEU W 7 -75.52 -0.36 -73.77
CA LEU W 7 -75.30 0.64 -72.74
C LEU W 7 -76.65 1.15 -72.27
N ASP W 8 -76.87 1.16 -70.96
CA ASP W 8 -78.15 1.54 -70.36
C ASP W 8 -77.97 2.84 -69.59
N CYS W 9 -78.44 3.94 -70.16
CA CYS W 9 -78.45 5.24 -69.51
C CYS W 9 -79.90 5.53 -69.11
N THR W 10 -80.28 5.10 -67.91
CA THR W 10 -81.63 5.29 -67.43
C THR W 10 -81.71 6.14 -66.17
N HIS W 11 -81.00 5.77 -65.12
CA HIS W 11 -81.02 6.56 -63.89
C HIS W 11 -80.52 7.99 -64.08
N PRO W 12 -79.43 8.26 -64.81
CA PRO W 12 -79.04 9.68 -64.98
C PRO W 12 -79.97 10.47 -65.87
N VAL W 13 -80.52 9.88 -66.92
CA VAL W 13 -81.37 10.66 -67.80
C VAL W 13 -82.71 11.00 -67.13
N GLU W 14 -83.21 10.12 -66.25
CA GLU W 14 -84.44 10.43 -65.54
C GLU W 14 -84.22 11.45 -64.44
N ASP W 15 -82.99 11.60 -63.94
CA ASP W 15 -82.66 12.70 -63.05
C ASP W 15 -82.16 13.93 -63.80
N GLY W 16 -82.02 13.85 -65.11
CA GLY W 16 -81.69 15.02 -65.90
C GLY W 16 -80.27 15.50 -65.76
N ILE W 17 -79.38 14.70 -65.18
CA ILE W 17 -77.99 15.12 -65.06
C ILE W 17 -77.20 14.89 -66.35
N MET W 18 -77.73 14.08 -67.27
CA MET W 18 -77.15 13.93 -68.59
C MET W 18 -78.22 13.38 -69.53
N ASP W 19 -77.95 13.50 -70.83
CA ASP W 19 -78.87 13.04 -71.86
C ASP W 19 -78.19 11.99 -72.73
N ALA W 20 -78.97 11.00 -73.16
CA ALA W 20 -78.44 9.93 -73.98
C ALA W 20 -78.17 10.36 -75.40
N ALA W 21 -78.80 11.44 -75.87
CA ALA W 21 -78.56 11.91 -77.22
C ALA W 21 -77.13 12.39 -77.39
N ASN W 22 -76.62 13.16 -76.42
CA ASN W 22 -75.25 13.63 -76.49
C ASN W 22 -74.25 12.49 -76.32
N PHE W 23 -74.54 11.54 -75.44
CA PHE W 23 -73.66 10.39 -75.27
C PHE W 23 -73.59 9.54 -76.53
N GLU W 24 -74.72 9.37 -77.21
CA GLU W 24 -74.67 8.77 -78.53
C GLU W 24 -73.84 9.61 -79.48
N GLN W 25 -74.03 10.94 -79.42
CA GLN W 25 -73.26 11.87 -80.23
C GLN W 25 -71.77 11.84 -79.89
N PHE W 26 -71.42 11.33 -78.71
CA PHE W 26 -70.01 11.22 -78.33
C PHE W 26 -69.36 9.95 -78.87
N LEU W 27 -70.12 8.86 -79.02
CA LEU W 27 -69.51 7.57 -79.27
C LEU W 27 -69.04 7.43 -80.72
N GLN W 28 -69.80 7.96 -81.68
CA GLN W 28 -69.58 7.57 -83.07
C GLN W 28 -68.26 8.11 -83.61
N GLU W 29 -67.72 9.16 -82.99
CA GLU W 29 -66.43 9.68 -83.44
C GLU W 29 -65.27 9.17 -82.59
N ARG W 30 -65.55 8.62 -81.40
CA ARG W 30 -64.48 8.11 -80.55
C ARG W 30 -64.22 6.63 -80.70
N ILE W 31 -65.18 5.86 -81.22
CA ILE W 31 -64.97 4.42 -81.37
C ILE W 31 -63.94 4.19 -82.47
N LYS W 32 -62.87 3.47 -82.14
CA LYS W 32 -61.82 3.14 -83.08
C LYS W 32 -62.01 1.72 -83.59
N VAL W 33 -62.05 1.57 -84.90
CA VAL W 33 -62.04 0.26 -85.54
C VAL W 33 -60.77 0.18 -86.37
N ASN W 34 -59.96 -0.85 -86.09
CA ASN W 34 -58.63 -1.00 -86.67
C ASN W 34 -57.77 0.23 -86.42
N GLY W 35 -57.94 0.85 -85.25
CA GLY W 35 -57.13 1.97 -84.83
C GLY W 35 -57.58 3.32 -85.33
N LYS W 36 -58.64 3.38 -86.13
CA LYS W 36 -59.08 4.63 -86.75
C LYS W 36 -60.39 5.07 -86.12
N ALA W 37 -60.39 6.27 -85.54
CA ALA W 37 -61.62 6.88 -85.05
C ALA W 37 -62.38 7.53 -86.21
N GLY W 38 -63.68 7.71 -86.01
CA GLY W 38 -64.52 8.24 -87.04
C GLY W 38 -64.99 7.17 -88.02
N ASN W 39 -66.13 7.47 -88.67
CA ASN W 39 -66.82 6.68 -89.70
C ASN W 39 -67.08 5.23 -89.28
N LEU W 40 -66.92 4.93 -88.00
CA LEU W 40 -67.22 3.62 -87.41
C LEU W 40 -66.51 2.50 -88.16
N GLY W 41 -65.31 2.78 -88.65
CA GLY W 41 -64.57 1.79 -89.42
C GLY W 41 -65.27 1.38 -90.70
N GLY W 42 -65.84 2.34 -91.42
CA GLY W 42 -66.58 2.03 -92.62
C GLY W 42 -68.00 1.57 -92.36
N GLY W 43 -68.58 1.96 -91.22
CA GLY W 43 -69.95 1.59 -90.90
C GLY W 43 -70.14 0.17 -90.46
N VAL W 44 -69.06 -0.58 -90.23
CA VAL W 44 -69.20 -1.97 -89.78
C VAL W 44 -69.80 -2.01 -88.38
N VAL W 45 -69.38 -1.12 -87.50
CA VAL W 45 -69.93 -1.03 -86.15
C VAL W 45 -71.09 -0.06 -86.22
N THR W 46 -72.29 -0.52 -85.88
CA THR W 46 -73.47 0.32 -85.94
C THR W 46 -73.88 0.77 -84.55
N ILE W 47 -74.63 1.86 -84.49
CA ILE W 47 -75.06 2.47 -83.24
C ILE W 47 -76.51 2.90 -83.38
N GLU W 48 -77.28 2.75 -82.31
CA GLU W 48 -78.66 3.23 -82.28
C GLU W 48 -79.08 3.36 -80.83
N ARG W 49 -80.26 3.96 -80.64
CA ARG W 49 -80.71 4.34 -79.31
C ARG W 49 -82.19 4.01 -79.16
N SER W 50 -82.58 3.66 -77.93
CA SER W 50 -83.97 3.49 -77.55
C SER W 50 -84.40 4.55 -76.54
N LYS W 51 -83.75 5.72 -76.59
CA LYS W 51 -83.92 6.91 -75.77
C LYS W 51 -83.38 6.71 -74.35
N SER W 52 -83.05 5.49 -73.95
CA SER W 52 -82.34 5.25 -72.70
C SER W 52 -81.28 4.18 -72.91
N LYS W 53 -81.50 3.34 -73.91
CA LYS W 53 -80.66 2.19 -74.19
C LYS W 53 -79.89 2.45 -75.47
N ILE W 54 -78.57 2.42 -75.38
CA ILE W 54 -77.70 2.61 -76.53
C ILE W 54 -76.97 1.31 -76.76
N THR W 55 -77.28 0.65 -77.88
CA THR W 55 -76.73 -0.64 -78.19
C THR W 55 -75.71 -0.53 -79.32
N VAL W 56 -74.61 -1.25 -79.17
CA VAL W 56 -73.53 -1.27 -80.16
C VAL W 56 -73.45 -2.66 -80.74
N THR W 57 -73.68 -2.77 -82.04
CA THR W 57 -73.65 -4.03 -82.75
C THR W 57 -72.51 -4.01 -83.75
N SER W 58 -71.68 -5.03 -83.73
CA SER W 58 -70.48 -5.09 -84.55
C SER W 58 -70.39 -6.44 -85.26
N GLU W 59 -69.72 -6.45 -86.40
CA GLU W 59 -69.43 -7.67 -87.14
C GLU W 59 -67.94 -8.00 -87.15
N VAL W 60 -67.16 -7.30 -86.34
CA VAL W 60 -65.72 -7.57 -86.21
C VAL W 60 -65.44 -7.82 -84.74
N PRO W 61 -64.33 -8.50 -84.42
CA PRO W 61 -63.95 -8.67 -83.01
C PRO W 61 -63.88 -7.36 -82.26
N PHE W 62 -64.79 -7.19 -81.30
CA PHE W 62 -64.97 -5.91 -80.64
C PHE W 62 -65.17 -6.15 -79.15
N SER W 63 -64.44 -5.39 -78.34
CA SER W 63 -64.35 -5.65 -76.91
C SER W 63 -65.44 -4.91 -76.14
N LYS W 64 -66.05 -5.59 -75.19
CA LYS W 64 -67.03 -4.95 -74.32
C LYS W 64 -66.37 -3.95 -73.39
N ARG W 65 -65.18 -4.24 -72.90
CA ARG W 65 -64.48 -3.34 -72.00
C ARG W 65 -64.12 -2.02 -72.68
N TYR W 66 -64.08 -2.00 -74.01
CA TYR W 66 -63.85 -0.75 -74.71
C TYR W 66 -64.99 0.23 -74.47
N LEU W 67 -66.23 -0.26 -74.43
CA LEU W 67 -67.36 0.60 -74.14
C LEU W 67 -67.24 1.20 -72.73
N LYS W 68 -66.82 0.39 -71.77
CA LYS W 68 -66.63 0.90 -70.41
C LYS W 68 -65.52 1.93 -70.38
N TYR W 69 -64.45 1.70 -71.14
CA TYR W 69 -63.38 2.69 -71.26
C TYR W 69 -63.88 3.96 -71.92
N LEU W 70 -64.71 3.83 -72.95
CA LEU W 70 -65.24 5.02 -73.61
C LEU W 70 -66.29 5.70 -72.75
N THR W 71 -67.15 4.93 -72.08
CA THR W 71 -68.17 5.54 -71.23
C THR W 71 -67.54 6.29 -70.07
N LYS W 72 -66.52 5.71 -69.44
CA LYS W 72 -65.82 6.40 -68.36
C LYS W 72 -65.16 7.66 -68.87
N LYS W 73 -64.75 7.66 -70.14
CA LYS W 73 -64.14 8.86 -70.73
C LYS W 73 -65.17 9.96 -70.89
N TYR W 74 -66.40 9.60 -71.27
CA TYR W 74 -67.46 10.59 -71.38
C TYR W 74 -67.79 11.19 -70.02
N LEU W 75 -67.90 10.34 -69.00
CA LEU W 75 -68.33 10.79 -67.68
C LEU W 75 -67.32 11.74 -67.05
N LYS W 76 -66.02 11.48 -67.26
CA LYS W 76 -65.01 12.40 -66.78
C LYS W 76 -65.09 13.74 -67.50
N LYS W 77 -65.37 13.70 -68.81
CA LYS W 77 -65.49 14.94 -69.58
C LYS W 77 -66.64 15.79 -69.08
N ASN W 78 -67.72 15.15 -68.63
CA ASN W 78 -68.92 15.85 -68.20
C ASN W 78 -69.02 15.95 -66.68
N ASN W 79 -67.94 15.68 -65.96
CA ASN W 79 -67.88 15.78 -64.50
C ASN W 79 -68.92 14.90 -63.82
N LEU W 80 -69.22 13.75 -64.42
CA LEU W 80 -70.16 12.79 -63.86
C LEU W 80 -69.47 11.62 -63.19
N ARG W 81 -68.13 11.59 -63.18
CA ARG W 81 -67.42 10.45 -62.66
C ARG W 81 -67.55 10.33 -61.15
N ASP W 82 -67.73 11.45 -60.46
CA ASP W 82 -67.82 11.41 -59.00
C ASP W 82 -69.21 11.05 -58.50
N TRP W 83 -70.20 10.93 -59.38
CA TRP W 83 -71.53 10.51 -58.98
C TRP W 83 -71.95 9.19 -59.62
N LEU W 84 -71.67 9.00 -60.90
CA LEU W 84 -72.10 7.83 -61.63
C LEU W 84 -71.00 6.78 -61.69
N ARG W 85 -71.38 5.59 -62.14
CA ARG W 85 -70.49 4.45 -62.10
C ARG W 85 -70.99 3.37 -63.05
N VAL W 86 -70.17 3.00 -64.02
CA VAL W 86 -70.52 1.98 -64.99
C VAL W 86 -70.37 0.62 -64.35
N VAL W 87 -71.44 -0.17 -64.35
CA VAL W 87 -71.47 -1.49 -63.74
C VAL W 87 -72.06 -2.47 -64.74
N ALA W 88 -71.41 -3.60 -64.91
CA ALA W 88 -71.91 -4.65 -65.80
C ALA W 88 -73.11 -5.31 -65.15
N ASN W 89 -74.31 -4.94 -65.59
CA ASN W 89 -75.52 -5.54 -65.03
C ASN W 89 -75.77 -6.94 -65.55
N SER W 90 -75.18 -7.30 -66.70
CA SER W 90 -75.27 -8.64 -67.25
C SER W 90 -74.20 -8.77 -68.32
N LYS W 91 -74.17 -9.92 -68.99
CA LYS W 91 -73.34 -10.03 -70.18
C LYS W 91 -73.88 -9.13 -71.27
N GLU W 92 -73.00 -8.77 -72.21
CA GLU W 92 -73.28 -7.88 -73.36
C GLU W 92 -74.05 -6.62 -72.95
N SER W 93 -73.91 -6.18 -71.70
CA SER W 93 -74.68 -5.05 -71.23
C SER W 93 -73.94 -4.32 -70.12
N TYR W 94 -73.94 -2.99 -70.19
CA TYR W 94 -73.45 -2.14 -69.14
C TYR W 94 -74.59 -1.25 -68.65
N GLU W 95 -74.43 -0.75 -67.43
CA GLU W 95 -75.44 0.09 -66.83
C GLU W 95 -74.75 1.02 -65.84
N LEU W 96 -75.03 2.31 -65.96
CA LEU W 96 -74.42 3.29 -65.06
C LEU W 96 -75.44 3.73 -64.03
N ARG W 97 -75.01 3.72 -62.77
CA ARG W 97 -75.86 3.98 -61.62
C ARG W 97 -75.08 4.81 -60.61
N TYR W 98 -75.75 5.18 -59.54
CA TYR W 98 -75.18 6.12 -58.58
C TYR W 98 -74.39 5.39 -57.52
N PHE W 99 -73.48 6.12 -56.89
CA PHE W 99 -72.76 5.59 -55.73
C PHE W 99 -73.69 5.50 -54.52
N GLN W 100 -73.65 4.36 -53.85
CA GLN W 100 -74.59 4.05 -52.77
C GLN W 100 -73.94 4.40 -51.44
N ILE W 101 -74.45 5.43 -50.79
CA ILE W 101 -73.92 5.87 -49.51
C ILE W 101 -74.44 4.97 -48.39
N SER X 1 13.95 55.39 -64.45
CA SER X 1 14.08 53.95 -64.70
C SER X 1 12.73 53.25 -64.61
N GLY X 2 12.41 52.73 -63.42
CA GLY X 2 11.19 51.98 -63.24
C GLY X 2 11.45 50.51 -62.98
N ALA X 3 11.02 50.02 -61.83
CA ALA X 3 11.21 48.64 -61.43
C ALA X 3 9.95 47.83 -61.66
N LYS X 4 10.12 46.51 -61.67
CA LYS X 4 8.99 45.61 -61.92
C LYS X 4 8.03 45.63 -60.73
N PHE X 5 6.74 45.76 -61.02
CA PHE X 5 5.74 45.66 -59.98
C PHE X 5 5.54 44.20 -59.56
N ARG X 6 4.90 44.02 -58.41
CA ARG X 6 4.67 42.68 -57.91
C ARG X 6 3.59 41.99 -58.72
N ILE X 7 3.83 40.72 -59.06
CA ILE X 7 2.87 39.91 -59.80
C ILE X 7 2.70 38.58 -59.07
N SER X 8 1.61 37.90 -59.39
CA SER X 8 1.36 36.57 -58.83
C SER X 8 2.39 35.59 -59.37
N LEU X 9 2.97 34.79 -58.48
CA LEU X 9 4.13 33.99 -58.85
C LEU X 9 3.73 32.68 -59.53
N GLY X 10 3.08 31.79 -58.80
CA GLY X 10 2.52 30.60 -59.40
C GLY X 10 3.50 29.53 -59.86
N LEU X 11 4.80 29.72 -59.68
CA LEU X 11 5.80 28.73 -60.07
C LEU X 11 6.76 28.48 -58.92
N PRO X 12 6.39 27.61 -57.98
CA PRO X 12 7.28 27.33 -56.85
C PRO X 12 8.48 26.50 -57.24
N VAL X 13 9.34 26.21 -56.28
CA VAL X 13 10.49 25.34 -56.53
C VAL X 13 9.99 23.93 -56.78
N GLY X 14 10.49 23.31 -57.84
CA GLY X 14 10.06 21.99 -58.25
C GLY X 14 9.11 21.98 -59.41
N ALA X 15 8.78 23.14 -59.97
CA ALA X 15 7.97 23.21 -61.16
C ALA X 15 8.82 22.93 -62.38
N VAL X 16 8.26 22.17 -63.32
CA VAL X 16 8.91 21.90 -64.60
C VAL X 16 8.19 22.72 -65.65
N ILE X 17 8.91 23.64 -66.28
CA ILE X 17 8.35 24.52 -67.28
C ILE X 17 9.00 24.21 -68.62
N ASN X 18 8.36 24.66 -69.69
CA ASN X 18 8.90 24.45 -71.02
C ASN X 18 10.12 25.32 -71.25
N CYS X 19 10.98 24.87 -72.14
CA CYS X 19 12.17 25.62 -72.52
C CYS X 19 11.95 26.16 -73.92
N ALA X 20 11.77 27.46 -74.04
CA ALA X 20 11.27 28.08 -75.25
C ALA X 20 12.35 28.44 -76.26
N ASP X 21 13.63 28.25 -75.92
CA ASP X 21 14.69 28.60 -76.86
C ASP X 21 15.18 27.36 -77.59
N ASN X 22 16.10 27.57 -78.52
CA ASN X 22 16.60 26.52 -79.40
C ASN X 22 17.88 25.89 -78.88
N THR X 23 18.08 25.88 -77.55
CA THR X 23 19.28 25.30 -76.97
C THR X 23 19.29 23.78 -77.04
N GLY X 24 18.19 23.16 -77.43
CA GLY X 24 18.06 21.71 -77.38
C GLY X 24 17.45 21.18 -76.11
N ALA X 25 17.34 22.02 -75.09
CA ALA X 25 16.64 21.65 -73.87
C ALA X 25 15.14 21.67 -74.10
N LYS X 26 14.44 20.69 -73.54
CA LYS X 26 13.00 20.60 -73.72
C LYS X 26 12.21 21.11 -72.53
N ASN X 27 12.73 21.00 -71.31
CA ASN X 27 12.05 21.54 -70.16
C ASN X 27 13.07 22.03 -69.15
N LEU X 28 12.61 22.84 -68.21
CA LEU X 28 13.43 23.42 -67.17
C LEU X 28 12.81 23.11 -65.83
N TYR X 29 13.60 22.52 -64.92
CA TYR X 29 13.11 22.15 -63.60
C TYR X 29 13.64 23.18 -62.61
N ILE X 30 12.74 24.00 -62.07
CA ILE X 30 13.13 25.11 -61.22
C ILE X 30 13.57 24.59 -59.87
N ILE X 31 14.80 24.91 -59.48
CA ILE X 31 15.33 24.49 -58.19
C ILE X 31 15.43 25.64 -57.19
N SER X 32 15.52 26.88 -57.64
CA SER X 32 15.45 28.03 -56.75
C SER X 32 15.24 29.28 -57.58
N VAL X 33 14.85 30.36 -56.91
CA VAL X 33 14.54 31.64 -57.52
C VAL X 33 15.51 32.68 -56.98
N LYS X 34 16.04 33.51 -57.86
CA LYS X 34 16.99 34.52 -57.46
C LYS X 34 16.31 35.62 -56.65
N GLY X 35 17.00 36.08 -55.61
CA GLY X 35 16.52 37.20 -54.82
C GLY X 35 15.50 36.86 -53.75
N ILE X 36 15.32 35.58 -53.44
CA ILE X 36 14.34 35.16 -52.45
C ILE X 36 15.05 35.05 -51.11
N LYS X 37 14.66 35.90 -50.16
CA LYS X 37 15.22 35.78 -48.80
C LYS X 37 14.66 34.55 -48.11
N GLY X 38 13.35 34.51 -47.91
CA GLY X 38 12.72 33.29 -47.49
C GLY X 38 11.77 33.50 -46.34
N ARG X 39 11.29 32.38 -45.83
CA ARG X 39 10.29 32.28 -44.77
C ARG X 39 10.21 30.81 -44.41
N LEU X 40 10.00 30.53 -43.13
CA LEU X 40 9.91 29.14 -42.71
C LEU X 40 8.74 28.45 -43.40
N ASN X 41 9.04 27.33 -44.06
CA ASN X 41 8.16 26.43 -44.78
C ASN X 41 7.68 27.00 -46.11
N ARG X 42 8.05 28.23 -46.48
CA ARG X 42 7.54 28.81 -47.71
C ARG X 42 8.43 28.43 -48.90
N LEU X 43 7.81 27.90 -49.94
CA LEU X 43 8.54 27.57 -51.15
C LEU X 43 8.92 28.84 -51.90
N PRO X 44 10.16 28.97 -52.38
CA PRO X 44 10.50 30.10 -53.24
C PRO X 44 9.81 29.96 -54.59
N ALA X 45 9.08 31.00 -54.99
CA ALA X 45 8.27 30.96 -56.18
C ALA X 45 8.65 32.10 -57.11
N ALA X 46 8.40 31.90 -58.41
CA ALA X 46 8.79 32.85 -59.43
C ALA X 46 7.62 33.15 -60.36
N GLY X 47 7.57 34.38 -60.84
CA GLY X 47 6.70 34.77 -61.93
C GLY X 47 7.50 35.09 -63.17
N VAL X 48 6.79 35.67 -64.16
CA VAL X 48 7.46 36.04 -65.40
C VAL X 48 8.41 37.19 -65.14
N GLY X 49 9.57 37.13 -65.78
CA GLY X 49 10.61 38.11 -65.54
C GLY X 49 11.55 37.77 -64.41
N ASP X 50 11.36 36.65 -63.75
CA ASP X 50 12.20 36.27 -62.62
C ASP X 50 13.33 35.37 -63.08
N MET X 51 14.53 35.63 -62.59
CA MET X 51 15.67 34.77 -62.82
C MET X 51 15.60 33.59 -61.85
N VAL X 52 15.76 32.38 -62.38
CA VAL X 52 15.69 31.17 -61.58
C VAL X 52 16.91 30.31 -61.87
N MET X 53 17.22 29.42 -60.94
CA MET X 53 18.19 28.36 -61.15
C MET X 53 17.42 27.11 -61.57
N ALA X 54 17.80 26.55 -62.71
CA ALA X 54 17.05 25.43 -63.28
C ALA X 54 18.00 24.40 -63.85
N THR X 55 17.56 23.15 -63.80
CA THR X 55 18.21 22.04 -64.47
C THR X 55 17.25 21.50 -65.51
N VAL X 56 17.77 21.07 -66.65
CA VAL X 56 16.93 20.49 -67.67
C VAL X 56 16.81 18.99 -67.41
N LYS X 57 15.58 18.50 -67.38
CA LYS X 57 15.36 17.09 -67.09
C LYS X 57 15.40 16.24 -68.35
N LYS X 58 14.90 16.78 -69.46
CA LYS X 58 15.01 16.13 -70.75
C LYS X 58 15.52 17.14 -71.76
N GLY X 59 16.28 16.65 -72.72
CA GLY X 59 16.92 17.50 -73.71
C GLY X 59 18.25 16.92 -74.12
N LYS X 60 19.12 17.78 -74.62
CA LYS X 60 20.43 17.32 -75.04
C LYS X 60 21.25 16.87 -73.83
N PRO X 61 21.98 15.76 -73.94
CA PRO X 61 22.65 15.20 -72.76
C PRO X 61 23.75 16.07 -72.18
N GLU X 62 24.29 17.02 -72.95
CA GLU X 62 25.34 17.88 -72.44
C GLU X 62 24.82 19.04 -71.61
N LEU X 63 23.50 19.18 -71.49
CA LEU X 63 22.91 20.20 -70.65
C LEU X 63 22.25 19.64 -69.40
N ARG X 64 22.14 18.32 -69.27
CA ARG X 64 21.22 17.75 -68.31
C ARG X 64 21.70 17.91 -66.88
N LYS X 65 22.84 17.32 -66.53
CA LYS X 65 23.22 17.24 -65.12
C LYS X 65 23.99 18.47 -64.67
N LYS X 66 23.41 19.65 -64.92
CA LYS X 66 24.02 20.92 -64.55
C LYS X 66 22.94 21.86 -64.06
N VAL X 67 23.39 22.96 -63.44
CA VAL X 67 22.49 24.02 -62.98
C VAL X 67 22.66 25.21 -63.91
N HIS X 68 21.55 25.67 -64.48
CA HIS X 68 21.54 26.77 -65.41
C HIS X 68 20.72 27.93 -64.87
N PRO X 69 21.19 29.17 -65.05
CA PRO X 69 20.30 30.30 -64.83
C PRO X 69 19.26 30.37 -65.93
N ALA X 70 18.05 30.74 -65.55
CA ALA X 70 16.96 30.83 -66.51
C ALA X 70 16.02 31.94 -66.10
N VAL X 71 15.26 32.44 -67.08
CA VAL X 71 14.30 33.52 -66.85
C VAL X 71 12.94 33.06 -67.34
N VAL X 72 11.93 33.21 -66.50
CA VAL X 72 10.57 32.84 -66.86
C VAL X 72 10.01 33.88 -67.82
N ILE X 73 9.47 33.41 -68.95
CA ILE X 73 8.94 34.30 -69.98
C ILE X 73 7.44 34.18 -70.13
N ARG X 74 6.84 33.08 -69.71
CA ARG X 74 5.40 32.88 -69.78
C ARG X 74 4.96 32.12 -68.54
N GLN X 75 3.74 32.36 -68.08
CA GLN X 75 3.21 31.61 -66.95
C GLN X 75 1.73 31.39 -67.11
N ARG X 76 1.25 30.28 -66.57
CA ARG X 76 -0.16 29.93 -66.64
C ARG X 76 -0.99 30.59 -65.56
N LYS X 77 -0.35 31.14 -64.53
CA LYS X 77 -1.06 31.82 -63.47
C LYS X 77 -1.38 33.25 -63.89
N SER X 78 -2.65 33.64 -63.72
CA SER X 78 -3.07 34.99 -64.07
C SER X 78 -2.40 36.00 -63.16
N TYR X 79 -2.08 37.17 -63.70
CA TYR X 79 -1.49 38.23 -62.93
C TYR X 79 -2.01 39.58 -63.41
N ARG X 80 -2.19 40.50 -62.47
CA ARG X 80 -2.69 41.83 -62.75
C ARG X 80 -1.57 42.71 -63.27
N ARG X 81 -1.88 43.53 -64.27
CA ARG X 81 -0.87 44.33 -64.96
C ARG X 81 -1.14 45.83 -64.81
N LYS X 82 -1.53 46.24 -63.60
CA LYS X 82 -1.60 47.66 -63.23
C LYS X 82 -2.57 48.49 -64.06
N ASP X 83 -3.27 47.88 -65.00
CA ASP X 83 -4.35 48.54 -65.71
C ASP X 83 -5.62 47.70 -65.70
N GLY X 84 -5.76 46.83 -64.70
CA GLY X 84 -6.92 45.98 -64.56
C GLY X 84 -6.90 44.75 -65.43
N VAL X 85 -5.86 44.55 -66.23
CA VAL X 85 -5.78 43.40 -67.12
C VAL X 85 -5.23 42.23 -66.33
N PHE X 86 -6.01 41.15 -66.26
CA PHE X 86 -5.54 39.89 -65.71
C PHE X 86 -5.16 39.00 -66.88
N LEU X 87 -3.87 38.77 -67.05
CA LEU X 87 -3.35 38.05 -68.20
C LEU X 87 -2.73 36.73 -67.77
N TYR X 88 -3.00 35.68 -68.52
CA TYR X 88 -2.34 34.40 -68.32
C TYR X 88 -2.01 33.79 -69.67
N PHE X 89 -1.05 32.89 -69.68
CA PHE X 89 -0.58 32.25 -70.89
C PHE X 89 -1.01 30.79 -70.92
N GLU X 90 -0.83 30.18 -72.08
CA GLU X 90 -1.26 28.81 -72.28
C GLU X 90 -0.31 27.83 -71.59
N ASP X 91 0.94 28.21 -71.38
CA ASP X 91 1.91 27.33 -70.75
C ASP X 91 2.93 28.14 -69.99
N ASN X 92 3.64 27.47 -69.09
CA ASN X 92 4.78 28.06 -68.39
C ASN X 92 6.03 27.79 -69.22
N ALA X 93 6.76 28.84 -69.55
CA ALA X 93 7.95 28.70 -70.37
C ALA X 93 9.06 29.60 -69.85
N GLY X 94 10.30 29.18 -70.11
CA GLY X 94 11.45 29.98 -69.77
C GLY X 94 12.59 29.70 -70.74
N VAL X 95 13.55 30.61 -70.73
CA VAL X 95 14.73 30.48 -71.58
C VAL X 95 15.96 30.40 -70.68
N ILE X 96 17.01 29.79 -71.21
CA ILE X 96 18.25 29.64 -70.48
C ILE X 96 19.15 30.83 -70.79
N VAL X 97 19.60 31.52 -69.74
CA VAL X 97 20.46 32.68 -69.86
C VAL X 97 21.69 32.46 -69.00
N ASN X 98 22.61 33.42 -69.03
CA ASN X 98 23.74 33.42 -68.11
C ASN X 98 23.48 34.45 -67.02
N ASN X 99 24.45 34.59 -66.11
CA ASN X 99 24.28 35.52 -65.01
C ASN X 99 24.20 36.97 -65.47
N LYS X 100 24.77 37.30 -66.63
CA LYS X 100 24.68 38.64 -67.16
C LYS X 100 23.33 38.92 -67.81
N GLY X 101 22.56 37.90 -68.17
CA GLY X 101 21.21 38.06 -68.64
C GLY X 101 20.99 37.72 -70.11
N GLU X 102 22.05 37.54 -70.89
CA GLU X 102 21.87 37.20 -72.29
C GLU X 102 21.65 35.70 -72.45
N MET X 103 20.88 35.34 -73.48
CA MET X 103 20.46 33.96 -73.65
C MET X 103 21.58 33.08 -74.17
N LYS X 104 21.55 31.82 -73.76
CA LYS X 104 22.42 30.82 -74.36
C LYS X 104 21.99 30.50 -75.78
N GLY X 105 20.68 30.48 -76.03
CA GLY X 105 20.15 30.26 -77.35
C GLY X 105 20.07 31.56 -78.15
N SER X 106 19.34 31.48 -79.27
CA SER X 106 19.24 32.61 -80.18
C SER X 106 17.82 32.92 -80.64
N ALA X 107 16.84 32.08 -80.35
CA ALA X 107 15.47 32.33 -80.77
C ALA X 107 14.53 31.86 -79.67
N ILE X 108 13.34 32.45 -79.65
CA ILE X 108 12.31 32.10 -78.67
C ILE X 108 11.05 31.72 -79.42
N THR X 109 10.46 30.58 -79.05
CA THR X 109 9.22 30.13 -79.66
C THR X 109 8.05 30.56 -78.79
N GLY X 110 7.11 31.27 -79.40
CA GLY X 110 5.95 31.75 -78.69
C GLY X 110 6.14 33.17 -78.19
N PRO X 111 5.13 33.71 -77.53
CA PRO X 111 5.22 35.09 -77.02
C PRO X 111 6.09 35.16 -75.78
N VAL X 112 6.48 36.39 -75.46
CA VAL X 112 7.18 36.71 -74.23
C VAL X 112 6.36 37.75 -73.49
N ALA X 113 6.19 37.57 -72.19
CA ALA X 113 5.44 38.52 -71.40
C ALA X 113 6.11 39.89 -71.44
N LYS X 114 5.29 40.94 -71.49
CA LYS X 114 5.82 42.30 -71.50
C LYS X 114 6.61 42.59 -70.23
N GLU X 115 6.24 41.93 -69.12
CA GLU X 115 6.94 42.15 -67.87
C GLU X 115 8.36 41.59 -67.95
N CYS X 116 8.52 40.47 -68.65
CA CYS X 116 9.85 39.89 -68.84
C CYS X 116 10.64 40.65 -69.89
N ALA X 117 9.97 41.09 -70.96
CA ALA X 117 10.67 41.72 -72.08
C ALA X 117 11.30 43.05 -71.65
N ASP X 118 10.57 43.85 -70.87
CA ASP X 118 11.10 45.13 -70.42
C ASP X 118 12.30 44.96 -69.51
N LEU X 119 12.30 43.92 -68.69
CA LEU X 119 13.31 43.75 -67.67
C LEU X 119 14.57 43.07 -68.19
N TRP X 120 14.49 42.39 -69.33
CA TRP X 120 15.62 41.68 -69.92
C TRP X 120 15.72 42.03 -71.39
N PRO X 121 16.49 43.06 -71.76
CA PRO X 121 16.56 43.47 -73.17
C PRO X 121 17.15 42.42 -74.10
N ARG X 122 18.04 41.55 -73.61
CA ARG X 122 18.58 40.50 -74.48
C ARG X 122 17.53 39.45 -74.78
N ILE X 123 16.62 39.18 -73.86
CA ILE X 123 15.51 38.28 -74.14
C ILE X 123 14.54 38.94 -75.11
N ALA X 124 14.29 40.24 -74.94
CA ALA X 124 13.30 40.93 -75.74
C ALA X 124 13.68 40.99 -77.21
N SER X 125 14.98 41.03 -77.51
CA SER X 125 15.42 41.08 -78.90
C SER X 125 15.05 39.79 -79.64
N ASN X 126 15.19 38.64 -78.99
CA ASN X 126 14.89 37.37 -79.62
C ASN X 126 13.41 37.02 -79.59
N ALA X 127 12.58 37.83 -78.96
CA ALA X 127 11.16 37.51 -78.83
C ALA X 127 10.44 37.72 -80.15
N GLY X 128 9.73 36.69 -80.61
CA GLY X 128 8.93 36.84 -81.81
C GLY X 128 7.77 37.79 -81.61
N SER X 129 7.13 37.72 -80.45
CA SER X 129 6.05 38.64 -80.10
C SER X 129 6.10 38.90 -78.60
N ILE X 130 5.62 40.07 -78.21
CA ILE X 130 5.55 40.48 -76.81
C ILE X 130 4.09 40.62 -76.43
N ALA X 131 3.66 39.85 -75.44
CA ALA X 131 2.26 39.85 -75.03
C ALA X 131 2.11 40.38 -73.62
N LYS Y 1 -24.60 -96.44 -28.11
CA LYS Y 1 -24.21 -96.44 -29.51
C LYS Y 1 -24.93 -95.33 -30.27
N LYS Y 2 -25.66 -94.50 -29.52
CA LYS Y 2 -26.49 -93.45 -30.13
C LYS Y 2 -26.17 -92.05 -29.64
N LYS Y 3 -25.44 -91.91 -28.53
CA LYS Y 3 -25.15 -90.58 -27.99
C LYS Y 3 -23.97 -89.98 -28.74
N ILE Y 4 -24.25 -89.04 -29.62
CA ILE Y 4 -23.27 -88.51 -30.56
C ILE Y 4 -23.27 -86.99 -30.50
N ARG Y 5 -22.09 -86.40 -30.64
CA ARG Y 5 -21.92 -84.95 -30.64
C ARG Y 5 -21.62 -84.53 -32.07
N THR Y 6 -22.63 -84.02 -32.77
CA THR Y 6 -22.46 -83.59 -34.14
C THR Y 6 -22.04 -82.13 -34.26
N SER Y 7 -21.92 -81.43 -33.13
CA SER Y 7 -21.44 -80.06 -33.13
C SER Y 7 -20.26 -79.93 -32.19
N PRO Y 8 -19.23 -79.18 -32.56
CA PRO Y 8 -18.06 -79.02 -31.68
C PRO Y 8 -18.25 -78.02 -30.56
N THR Y 9 -19.48 -77.56 -30.31
CA THR Y 9 -19.77 -76.62 -29.25
C THR Y 9 -20.57 -77.32 -28.16
N PHE Y 10 -20.16 -77.13 -26.91
CA PHE Y 10 -20.93 -77.59 -25.77
C PHE Y 10 -21.84 -76.45 -25.34
N ARG Y 11 -23.14 -76.68 -25.37
CA ARG Y 11 -24.11 -75.70 -24.90
C ARG Y 11 -24.65 -76.12 -23.55
N ARG Y 12 -25.01 -75.14 -22.74
CA ARG Y 12 -25.59 -75.43 -21.44
C ARG Y 12 -26.92 -76.17 -21.62
N PRO Y 13 -27.09 -77.35 -21.03
CA PRO Y 13 -28.32 -78.11 -21.23
C PRO Y 13 -29.52 -77.42 -20.60
N LYS Y 14 -30.68 -77.64 -21.21
CA LYS Y 14 -31.92 -77.03 -20.77
C LYS Y 14 -32.49 -77.81 -19.60
N THR Y 15 -32.55 -77.17 -18.43
CA THR Y 15 -33.09 -77.77 -17.23
C THR Y 15 -34.38 -77.05 -16.85
N LEU Y 16 -35.33 -77.79 -16.28
CA LEU Y 16 -36.64 -77.21 -16.04
C LEU Y 16 -36.57 -76.17 -14.94
N ARG Y 17 -37.30 -75.07 -15.13
CA ARG Y 17 -37.39 -73.99 -14.17
C ARG Y 17 -38.79 -74.03 -13.57
N LEU Y 18 -38.86 -74.21 -12.27
CA LEU Y 18 -40.15 -74.27 -11.59
C LEU Y 18 -40.76 -72.89 -11.48
N ARG Y 19 -42.10 -72.85 -11.47
CA ARG Y 19 -42.81 -71.62 -11.22
C ARG Y 19 -42.93 -71.40 -9.73
N ARG Y 20 -42.94 -70.13 -9.34
CA ARG Y 20 -42.98 -69.78 -7.92
C ARG Y 20 -44.25 -70.28 -7.25
N GLN Y 21 -44.08 -70.92 -6.10
CA GLN Y 21 -45.19 -71.38 -5.26
C GLN Y 21 -44.93 -70.87 -3.85
N PRO Y 22 -45.11 -69.57 -3.61
CA PRO Y 22 -44.71 -68.99 -2.34
C PRO Y 22 -45.56 -69.51 -1.19
N LYS Y 23 -44.94 -69.62 -0.03
CA LYS Y 23 -45.60 -70.11 1.16
C LYS Y 23 -46.39 -69.02 1.89
N TYR Y 24 -46.25 -67.77 1.49
CA TYR Y 24 -47.01 -66.67 2.03
C TYR Y 24 -46.99 -65.55 1.02
N PRO Y 25 -48.07 -64.79 0.84
CA PRO Y 25 -48.00 -63.61 -0.01
C PRO Y 25 -47.16 -62.54 0.65
N ARG Y 26 -46.38 -61.82 -0.15
CA ARG Y 26 -45.53 -60.77 0.41
C ARG Y 26 -46.35 -59.57 0.85
N LYS Y 27 -47.48 -59.34 0.20
CA LYS Y 27 -48.43 -58.32 0.59
C LYS Y 27 -49.71 -59.00 1.03
N SER Y 28 -50.24 -58.60 2.18
CA SER Y 28 -51.40 -59.29 2.75
C SER Y 28 -52.63 -59.12 1.86
N ALA Y 29 -52.83 -57.93 1.30
CA ALA Y 29 -53.96 -57.66 0.44
C ALA Y 29 -53.49 -56.83 -0.75
N PRO Y 30 -54.14 -56.99 -1.90
CA PRO Y 30 -53.81 -56.13 -3.04
C PRO Y 30 -54.25 -54.70 -2.79
N ARG Y 31 -53.37 -53.76 -3.15
CA ARG Y 31 -53.71 -52.35 -3.00
C ARG Y 31 -54.85 -51.98 -3.93
N ARG Y 32 -55.78 -51.18 -3.44
CA ARG Y 32 -56.93 -50.80 -4.24
C ARG Y 32 -56.52 -49.81 -5.31
N ASN Y 33 -57.34 -49.71 -6.35
CA ASN Y 33 -57.07 -48.81 -7.46
C ASN Y 33 -57.32 -47.38 -7.01
N LYS Y 34 -56.24 -46.62 -6.82
CA LYS Y 34 -56.38 -45.22 -6.45
C LYS Y 34 -56.96 -44.40 -7.59
N LEU Y 35 -56.74 -44.82 -8.83
CA LEU Y 35 -57.22 -44.10 -10.01
C LEU Y 35 -58.56 -44.66 -10.47
N ASP Y 36 -59.56 -44.53 -9.60
CA ASP Y 36 -60.91 -44.95 -9.95
C ASP Y 36 -61.55 -43.87 -10.83
N HIS Y 37 -62.82 -44.07 -11.19
CA HIS Y 37 -63.45 -43.15 -12.13
C HIS Y 37 -63.71 -41.78 -11.52
N TYR Y 38 -63.92 -41.71 -10.21
CA TYR Y 38 -64.05 -40.40 -9.57
C TYR Y 38 -62.72 -39.67 -9.52
N ALA Y 39 -61.61 -40.39 -9.37
CA ALA Y 39 -60.31 -39.73 -9.40
C ALA Y 39 -59.90 -39.33 -10.81
N ILE Y 40 -60.35 -40.06 -11.81
CA ILE Y 40 -59.95 -39.76 -13.18
C ILE Y 40 -60.55 -38.44 -13.64
N ILE Y 41 -61.84 -38.24 -13.42
CA ILE Y 41 -62.52 -37.01 -13.79
C ILE Y 41 -62.54 -36.11 -12.57
N LYS Y 42 -61.75 -35.03 -12.61
CA LYS Y 42 -61.66 -34.13 -11.47
C LYS Y 42 -62.82 -33.14 -11.46
N PHE Y 43 -62.90 -32.31 -12.49
CA PHE Y 43 -63.98 -31.33 -12.62
C PHE Y 43 -64.02 -30.89 -14.07
N PRO Y 44 -65.18 -30.46 -14.56
CA PRO Y 44 -65.25 -29.95 -15.94
C PRO Y 44 -64.82 -28.51 -16.05
N LEU Y 45 -64.34 -28.15 -17.24
CA LEU Y 45 -63.95 -26.79 -17.53
C LEU Y 45 -65.16 -26.01 -18.03
N THR Y 46 -65.31 -24.78 -17.55
CA THR Y 46 -66.49 -23.98 -17.83
C THR Y 46 -66.14 -22.63 -18.44
N THR Y 47 -64.99 -22.55 -19.12
CA THR Y 47 -64.60 -21.31 -19.75
C THR Y 47 -65.43 -21.08 -21.02
N GLU Y 48 -65.23 -19.92 -21.64
CA GLU Y 48 -65.97 -19.61 -22.87
C GLU Y 48 -65.59 -20.55 -24.00
N SER Y 49 -64.32 -20.94 -24.08
CA SER Y 49 -63.91 -21.91 -25.08
C SER Y 49 -64.56 -23.27 -24.82
N ALA Y 50 -64.67 -23.66 -23.56
CA ALA Y 50 -65.32 -24.92 -23.24
C ALA Y 50 -66.81 -24.88 -23.55
N MET Y 51 -67.46 -23.74 -23.27
CA MET Y 51 -68.86 -23.60 -23.63
C MET Y 51 -69.04 -23.58 -25.14
N LYS Y 52 -68.03 -23.09 -25.86
CA LYS Y 52 -68.07 -23.08 -27.31
C LYS Y 52 -67.99 -24.49 -27.87
N LYS Y 53 -67.24 -25.37 -27.20
CA LYS Y 53 -67.13 -26.75 -27.63
C LYS Y 53 -68.45 -27.48 -27.43
N ILE Y 54 -69.16 -27.17 -26.35
CA ILE Y 54 -70.37 -27.91 -26.01
C ILE Y 54 -71.48 -27.62 -27.02
N GLU Y 55 -71.68 -26.36 -27.36
CA GLU Y 55 -72.79 -25.97 -28.22
C GLU Y 55 -72.47 -26.07 -29.70
N ASP Y 56 -71.22 -26.32 -30.07
CA ASP Y 56 -70.84 -26.43 -31.47
C ASP Y 56 -70.30 -27.80 -31.83
N ASN Y 57 -69.33 -28.32 -31.08
CA ASN Y 57 -68.64 -29.54 -31.45
C ASN Y 57 -69.22 -30.78 -30.78
N ASN Y 58 -70.28 -30.64 -29.98
CA ASN Y 58 -70.84 -31.74 -29.19
C ASN Y 58 -69.77 -32.37 -28.31
N THR Y 59 -68.94 -31.53 -27.71
CA THR Y 59 -67.76 -31.96 -26.97
C THR Y 59 -67.84 -31.44 -25.55
N LEU Y 60 -67.60 -32.32 -24.58
CA LEU Y 60 -67.44 -31.92 -23.19
C LEU Y 60 -65.97 -31.78 -22.86
N VAL Y 61 -65.64 -30.76 -22.10
CA VAL Y 61 -64.25 -30.47 -21.72
C VAL Y 61 -64.11 -30.71 -20.23
N PHE Y 62 -63.20 -31.59 -19.86
CA PHE Y 62 -62.99 -31.97 -18.48
C PHE Y 62 -61.54 -31.72 -18.10
N ILE Y 63 -61.30 -31.53 -16.81
CA ILE Y 63 -59.97 -31.57 -16.25
C ILE Y 63 -59.81 -32.93 -15.58
N VAL Y 64 -58.79 -33.67 -16.01
CA VAL Y 64 -58.66 -35.06 -15.62
C VAL Y 64 -57.32 -35.25 -14.92
N ASP Y 65 -57.15 -36.44 -14.34
CA ASP Y 65 -55.89 -36.79 -13.72
C ASP Y 65 -54.81 -36.91 -14.79
N VAL Y 66 -53.60 -36.48 -14.46
CA VAL Y 66 -52.52 -36.46 -15.44
C VAL Y 66 -52.08 -37.87 -15.82
N LYS Y 67 -52.27 -38.84 -14.93
CA LYS Y 67 -51.87 -40.21 -15.20
C LYS Y 67 -52.90 -41.00 -15.99
N ALA Y 68 -54.07 -40.43 -16.27
CA ALA Y 68 -55.11 -41.12 -17.00
C ALA Y 68 -54.88 -40.98 -18.50
N ASN Y 69 -55.07 -42.08 -19.23
CA ASN Y 69 -54.94 -42.06 -20.67
C ASN Y 69 -56.32 -41.97 -21.31
N LYS Y 70 -56.35 -42.04 -22.64
CA LYS Y 70 -57.59 -41.81 -23.38
C LYS Y 70 -58.60 -42.93 -23.13
N HIS Y 71 -58.12 -44.17 -23.00
CA HIS Y 71 -59.03 -45.27 -22.69
C HIS Y 71 -59.66 -45.10 -21.31
N GLN Y 72 -58.87 -44.71 -20.32
CA GLN Y 72 -59.39 -44.56 -18.98
C GLN Y 72 -60.35 -43.39 -18.88
N ILE Y 73 -60.05 -42.29 -19.57
CA ILE Y 73 -60.97 -41.16 -19.61
C ILE Y 73 -62.29 -41.55 -20.24
N LYS Y 74 -62.24 -42.32 -21.33
CA LYS Y 74 -63.44 -42.72 -22.04
C LYS Y 74 -64.33 -43.61 -21.18
N GLN Y 75 -63.73 -44.54 -20.45
CA GLN Y 75 -64.53 -45.40 -19.57
C GLN Y 75 -65.08 -44.64 -18.38
N ALA Y 76 -64.29 -43.70 -17.83
CA ALA Y 76 -64.76 -42.94 -16.68
C ALA Y 76 -65.96 -42.08 -17.04
N VAL Y 77 -65.92 -41.43 -18.20
CA VAL Y 77 -67.04 -40.60 -18.62
C VAL Y 77 -68.25 -41.47 -18.92
N LYS Y 78 -68.03 -42.65 -19.51
CA LYS Y 78 -69.13 -43.54 -19.83
C LYS Y 78 -69.82 -44.05 -18.58
N LYS Y 79 -69.06 -44.32 -17.52
CA LYS Y 79 -69.66 -44.92 -16.34
C LYS Y 79 -70.47 -43.89 -15.55
N LEU Y 80 -69.82 -42.83 -15.09
CA LEU Y 80 -70.41 -41.93 -14.12
C LEU Y 80 -71.23 -40.81 -14.76
N TYR Y 81 -71.36 -40.80 -16.08
CA TYR Y 81 -72.30 -39.92 -16.73
C TYR Y 81 -73.29 -40.65 -17.62
N ASP Y 82 -73.11 -41.95 -17.85
CA ASP Y 82 -74.06 -42.78 -18.59
C ASP Y 82 -74.30 -42.27 -20.01
N ILE Y 83 -73.21 -41.87 -20.67
CA ILE Y 83 -73.27 -41.37 -22.03
C ILE Y 83 -72.24 -42.12 -22.86
N ASP Y 84 -72.44 -42.11 -24.17
CA ASP Y 84 -71.51 -42.74 -25.11
C ASP Y 84 -70.67 -41.67 -25.79
N VAL Y 85 -69.39 -41.97 -25.96
CA VAL Y 85 -68.41 -41.00 -26.44
C VAL Y 85 -67.89 -41.47 -27.79
N ALA Y 86 -67.53 -40.52 -28.64
CA ALA Y 86 -66.98 -40.84 -29.94
C ALA Y 86 -65.46 -40.91 -29.92
N LYS Y 87 -64.81 -39.87 -29.42
CA LYS Y 87 -63.36 -39.85 -29.30
C LYS Y 87 -62.97 -38.89 -28.19
N VAL Y 88 -61.74 -39.04 -27.71
CA VAL Y 88 -61.20 -38.20 -26.65
C VAL Y 88 -59.89 -37.62 -27.13
N ASN Y 89 -59.78 -36.30 -27.10
CA ASN Y 89 -58.54 -35.60 -27.40
C ASN Y 89 -57.98 -35.03 -26.10
N THR Y 90 -56.66 -35.12 -25.95
CA THR Y 90 -56.04 -34.88 -24.65
C THR Y 90 -54.85 -33.96 -24.81
N LEU Y 91 -54.77 -32.95 -23.95
CA LEU Y 91 -53.58 -32.12 -23.84
C LEU Y 91 -53.26 -31.92 -22.37
N ILE Y 92 -52.00 -31.59 -22.10
CA ILE Y 92 -51.55 -31.24 -20.76
C ILE Y 92 -51.31 -29.74 -20.73
N ARG Y 93 -51.98 -29.06 -19.82
CA ARG Y 93 -51.97 -27.61 -19.79
C ARG Y 93 -50.63 -27.08 -19.29
N PRO Y 94 -50.31 -25.83 -19.60
CA PRO Y 94 -49.05 -25.25 -19.10
C PRO Y 94 -48.97 -25.17 -17.59
N ASP Y 95 -50.10 -25.19 -16.89
CA ASP Y 95 -50.07 -25.24 -15.43
C ASP Y 95 -49.91 -26.65 -14.90
N GLY Y 96 -49.85 -27.65 -15.76
CA GLY Y 96 -49.63 -29.02 -15.36
C GLY Y 96 -50.86 -29.89 -15.36
N GLU Y 97 -52.04 -29.31 -15.47
CA GLU Y 97 -53.26 -30.11 -15.53
C GLU Y 97 -53.41 -30.76 -16.90
N LYS Y 98 -54.15 -31.86 -16.93
CA LYS Y 98 -54.50 -32.52 -18.17
C LYS Y 98 -55.94 -32.19 -18.52
N LYS Y 99 -56.16 -31.79 -19.77
CA LYS Y 99 -57.47 -31.39 -20.25
C LYS Y 99 -57.91 -32.35 -21.34
N ALA Y 100 -59.15 -32.85 -21.23
CA ALA Y 100 -59.68 -33.81 -22.18
C ALA Y 100 -60.87 -33.20 -22.90
N TYR Y 101 -60.83 -33.22 -24.23
CA TYR Y 101 -61.98 -32.88 -25.06
C TYR Y 101 -62.68 -34.17 -25.43
N VAL Y 102 -63.83 -34.41 -24.83
CA VAL Y 102 -64.56 -35.67 -25.01
C VAL Y 102 -65.75 -35.39 -25.90
N ARG Y 103 -65.74 -35.95 -27.10
CA ARG Y 103 -66.84 -35.74 -28.03
C ARG Y 103 -67.84 -36.88 -27.90
N LEU Y 104 -69.10 -36.51 -27.71
CA LEU Y 104 -70.14 -37.48 -27.45
C LEU Y 104 -70.59 -38.15 -28.75
N ALA Y 105 -71.27 -39.27 -28.60
CA ALA Y 105 -71.84 -39.96 -29.73
C ALA Y 105 -72.95 -39.11 -30.35
N PRO Y 106 -73.23 -39.30 -31.64
CA PRO Y 106 -74.24 -38.45 -32.30
C PRO Y 106 -75.62 -38.53 -31.66
N ASP Y 107 -75.98 -39.66 -31.07
CA ASP Y 107 -77.28 -39.78 -30.42
C ASP Y 107 -77.33 -39.13 -29.04
N TYR Y 108 -76.21 -38.63 -28.54
CA TYR Y 108 -76.15 -37.93 -27.28
C TYR Y 108 -75.88 -36.45 -27.51
N ASP Y 109 -76.63 -35.60 -26.83
CA ASP Y 109 -76.49 -34.16 -26.93
C ASP Y 109 -75.57 -33.68 -25.83
N ALA Y 110 -74.51 -32.95 -26.21
CA ALA Y 110 -73.60 -32.42 -25.19
C ALA Y 110 -74.25 -31.28 -24.42
N LEU Y 111 -75.32 -30.70 -24.94
CA LEU Y 111 -75.94 -29.56 -24.28
C LEU Y 111 -76.73 -30.01 -23.06
N ASP Y 112 -77.67 -30.96 -23.23
CA ASP Y 112 -78.47 -31.37 -22.10
C ASP Y 112 -77.71 -32.26 -21.12
N VAL Y 113 -76.67 -32.96 -21.60
CA VAL Y 113 -75.77 -33.67 -20.69
C VAL Y 113 -75.05 -32.67 -19.79
N ALA Y 114 -74.65 -31.53 -20.36
CA ALA Y 114 -74.01 -30.49 -19.56
C ALA Y 114 -75.00 -29.89 -18.57
N ASN Y 115 -76.30 -29.90 -18.89
CA ASN Y 115 -77.30 -29.40 -17.96
C ASN Y 115 -77.40 -30.29 -16.73
N LYS Y 116 -77.48 -31.60 -16.92
CA LYS Y 116 -77.66 -32.48 -15.78
C LYS Y 116 -76.38 -32.60 -14.96
N ILE Y 117 -75.23 -32.37 -15.58
CA ILE Y 117 -74.00 -32.25 -14.81
C ILE Y 117 -74.03 -30.98 -13.95
N GLY Y 118 -74.50 -29.89 -14.53
CA GLY Y 118 -74.69 -28.68 -13.76
C GLY Y 118 -73.73 -27.58 -14.16
N ILE Y 119 -73.24 -27.61 -15.40
CA ILE Y 119 -72.24 -26.68 -15.86
C ILE Y 119 -72.78 -25.76 -16.96
N ILE Y 120 -74.09 -25.59 -17.02
CA ILE Y 120 -74.71 -24.75 -18.02
C ILE Y 120 -74.27 -23.30 -17.81
N MET Z 1 -37.80 -21.48 46.99
CA MET Z 1 -37.79 -21.25 45.56
C MET Z 1 -37.82 -22.57 44.79
N LYS Z 2 -37.55 -22.50 43.49
CA LYS Z 2 -37.68 -23.66 42.64
C LYS Z 2 -36.49 -24.60 42.82
N PHE Z 3 -36.76 -25.87 43.07
CA PHE Z 3 -35.73 -26.88 43.28
C PHE Z 3 -35.71 -27.98 42.23
N ASN Z 4 -36.81 -28.20 41.52
CA ASN Z 4 -36.87 -29.26 40.54
C ASN Z 4 -35.88 -29.00 39.42
N PRO Z 5 -34.93 -29.90 39.17
CA PRO Z 5 -33.92 -29.65 38.12
C PRO Z 5 -34.43 -29.85 36.71
N PHE Z 6 -35.72 -30.14 36.52
CA PHE Z 6 -36.26 -30.35 35.19
C PHE Z 6 -37.26 -29.28 34.77
N VAL Z 7 -37.51 -28.28 35.61
CA VAL Z 7 -38.26 -27.11 35.20
C VAL Z 7 -37.29 -25.93 35.13
N THR Z 8 -37.42 -25.14 34.08
CA THR Z 8 -36.50 -24.05 33.82
C THR Z 8 -37.00 -22.75 34.42
N SER Z 9 -36.05 -21.92 34.85
CA SER Z 9 -36.33 -20.55 35.24
C SER Z 9 -35.77 -19.55 34.23
N ASP Z 10 -35.33 -20.04 33.07
CA ASP Z 10 -34.82 -19.17 32.03
C ASP Z 10 -35.94 -18.26 31.51
N ARG Z 11 -35.64 -16.97 31.38
CA ARG Z 11 -36.64 -16.01 30.97
C ARG Z 11 -37.08 -16.25 29.53
N SER Z 12 -36.12 -16.53 28.65
CA SER Z 12 -36.45 -16.74 27.24
C SER Z 12 -37.22 -18.03 27.05
N LYS Z 13 -36.91 -19.06 27.84
CA LYS Z 13 -37.61 -20.33 27.69
C LYS Z 13 -39.06 -20.22 28.17
N ASN Z 14 -39.29 -19.54 29.28
CA ASN Z 14 -40.65 -19.38 29.79
C ASN Z 14 -41.48 -18.50 28.86
N ARG Z 15 -40.85 -17.50 28.25
CA ARG Z 15 -41.56 -16.67 27.29
C ARG Z 15 -41.84 -17.42 26.00
N LYS Z 16 -40.89 -18.25 25.55
CA LYS Z 16 -41.13 -19.04 24.35
C LYS Z 16 -42.26 -20.05 24.57
N ARG Z 17 -42.27 -20.68 25.75
CA ARG Z 17 -43.34 -21.62 26.07
C ARG Z 17 -44.69 -20.90 26.15
N HIS Z 18 -44.69 -19.66 26.62
CA HIS Z 18 -45.95 -18.95 26.80
C HIS Z 18 -46.53 -18.50 25.46
N PHE Z 19 -45.70 -17.97 24.57
CA PHE Z 19 -46.19 -17.41 23.33
C PHE Z 19 -46.39 -18.45 22.24
N ASN Z 20 -45.87 -19.65 22.42
CA ASN Z 20 -46.02 -20.72 21.45
C ASN Z 20 -46.83 -21.88 22.02
N ALA Z 21 -47.60 -21.62 23.07
CA ALA Z 21 -48.36 -22.68 23.71
C ALA Z 21 -49.50 -23.13 22.80
N PRO Z 22 -49.79 -24.43 22.75
CA PRO Z 22 -50.98 -24.89 22.04
C PRO Z 22 -52.24 -24.46 22.78
N SER Z 23 -53.36 -24.49 22.05
CA SER Z 23 -54.60 -23.93 22.57
C SER Z 23 -55.11 -24.70 23.79
N HIS Z 24 -54.80 -25.99 23.91
CA HIS Z 24 -55.32 -26.76 25.02
C HIS Z 24 -54.66 -26.40 26.34
N ILE Z 25 -53.45 -25.83 26.32
CA ILE Z 25 -52.87 -25.27 27.53
C ILE Z 25 -52.96 -23.75 27.55
N ARG Z 26 -53.24 -23.11 26.41
CA ARG Z 26 -53.63 -21.71 26.43
C ARG Z 26 -54.92 -21.52 27.21
N ARG Z 27 -55.77 -22.55 27.22
CA ARG Z 27 -56.97 -22.51 28.05
C ARG Z 27 -56.62 -22.41 29.53
N LYS Z 28 -55.62 -23.17 29.97
CA LYS Z 28 -55.21 -23.10 31.37
C LYS Z 28 -54.56 -21.76 31.70
N ILE Z 29 -53.74 -21.23 30.78
CA ILE Z 29 -53.08 -19.96 31.00
C ILE Z 29 -54.12 -18.85 31.14
N MET Z 30 -55.17 -18.92 30.33
CA MET Z 30 -56.24 -17.92 30.35
C MET Z 30 -57.29 -18.27 31.40
N SER Z 31 -56.85 -18.28 32.66
CA SER Z 31 -57.73 -18.55 33.79
C SER Z 31 -58.06 -17.24 34.50
N SER Z 32 -59.20 -17.25 35.20
CA SER Z 32 -59.67 -16.07 35.90
C SER Z 32 -60.03 -16.42 37.33
N PRO Z 33 -59.90 -15.47 38.26
CA PRO Z 33 -60.36 -15.72 39.62
C PRO Z 33 -61.88 -15.77 39.70
N LEU Z 34 -62.37 -16.55 40.65
CA LEU Z 34 -63.78 -16.54 40.96
C LEU Z 34 -64.10 -15.40 41.92
N SER Z 35 -65.38 -15.03 41.99
CA SER Z 35 -65.80 -14.05 42.97
C SER Z 35 -65.69 -14.63 44.37
N LYS Z 36 -65.79 -13.75 45.37
CA LYS Z 36 -65.70 -14.20 46.75
C LYS Z 36 -66.86 -15.14 47.08
N GLU Z 37 -68.04 -14.87 46.54
CA GLU Z 37 -69.17 -15.77 46.75
C GLU Z 37 -68.93 -17.11 46.09
N LEU Z 38 -68.44 -17.11 44.85
CA LEU Z 38 -68.15 -18.36 44.17
C LEU Z 38 -66.98 -19.08 44.81
N ARG Z 39 -65.99 -18.33 45.29
CA ARG Z 39 -64.89 -18.94 46.03
C ARG Z 39 -65.35 -19.54 47.34
N GLN Z 40 -66.35 -18.93 47.98
CA GLN Z 40 -66.93 -19.53 49.18
C GLN Z 40 -67.79 -20.73 48.84
N LYS Z 41 -68.64 -20.62 47.82
CA LYS Z 41 -69.56 -21.69 47.47
C LYS Z 41 -68.83 -22.92 46.96
N TYR Z 42 -67.94 -22.74 45.98
CA TYR Z 42 -67.09 -23.79 45.48
C TYR Z 42 -65.72 -23.57 46.08
N ASN Z 43 -65.17 -24.58 46.75
CA ASN Z 43 -63.91 -24.36 47.45
C ASN Z 43 -62.75 -24.32 46.46
N VAL Z 44 -62.82 -23.39 45.50
CA VAL Z 44 -61.77 -23.21 44.50
C VAL Z 44 -61.49 -21.72 44.39
N ARG Z 45 -60.33 -21.39 43.85
CA ARG Z 45 -59.89 -20.02 43.71
C ARG Z 45 -60.01 -19.51 42.28
N SER Z 46 -59.39 -20.20 41.32
CA SER Z 46 -59.38 -19.79 39.93
C SER Z 46 -60.10 -20.83 39.08
N MET Z 47 -60.38 -20.44 37.83
CA MET Z 47 -61.10 -21.26 36.89
C MET Z 47 -60.70 -20.81 35.49
N PRO Z 48 -60.49 -21.74 34.56
CA PRO Z 48 -60.28 -21.34 33.18
C PRO Z 48 -61.51 -20.65 32.61
N ILE Z 49 -61.28 -19.60 31.82
CA ILE Z 49 -62.39 -18.80 31.32
C ILE Z 49 -63.11 -19.57 30.21
N ARG Z 50 -64.41 -19.31 30.07
CA ARG Z 50 -65.30 -20.13 29.27
C ARG Z 50 -66.22 -19.20 28.48
N LYS Z 51 -66.81 -19.73 27.42
CA LYS Z 51 -67.51 -18.92 26.43
C LYS Z 51 -68.63 -18.08 27.02
N ASP Z 52 -69.50 -18.68 27.84
CA ASP Z 52 -70.75 -18.02 28.19
C ASP Z 52 -70.90 -17.82 29.69
N ASP Z 53 -69.84 -17.44 30.37
CA ASP Z 53 -69.94 -17.07 31.77
C ASP Z 53 -69.88 -15.55 31.91
N GLU Z 54 -70.34 -15.06 33.05
CA GLU Z 54 -70.47 -13.64 33.29
C GLU Z 54 -69.35 -13.17 34.20
N VAL Z 55 -68.62 -12.15 33.74
CA VAL Z 55 -67.47 -11.62 34.45
C VAL Z 55 -67.68 -10.14 34.67
N GLN Z 56 -66.82 -9.56 35.50
CA GLN Z 56 -66.75 -8.11 35.66
C GLN Z 56 -65.28 -7.70 35.64
N VAL Z 57 -65.01 -6.57 35.03
CA VAL Z 57 -63.64 -6.10 34.82
C VAL Z 57 -63.19 -5.32 36.06
N VAL Z 58 -62.00 -5.64 36.55
CA VAL Z 58 -61.49 -5.05 37.78
C VAL Z 58 -60.28 -4.17 37.55
N ARG Z 59 -59.70 -4.16 36.35
CA ARG Z 59 -58.56 -3.33 36.04
C ARG Z 59 -58.76 -2.69 34.67
N GLY Z 60 -58.14 -1.54 34.47
CA GLY Z 60 -58.16 -0.90 33.18
C GLY Z 60 -59.22 0.18 33.06
N HIS Z 61 -59.47 0.54 31.80
CA HIS Z 61 -60.43 1.60 31.52
C HIS Z 61 -61.87 1.18 31.79
N TYR Z 62 -62.15 -0.12 31.74
CA TYR Z 62 -63.51 -0.61 31.87
C TYR Z 62 -63.78 -1.20 33.25
N LYS Z 63 -63.09 -0.70 34.27
CA LYS Z 63 -63.37 -1.07 35.65
C LYS Z 63 -64.82 -0.73 35.99
N GLY Z 64 -65.44 -1.59 36.79
CA GLY Z 64 -66.79 -1.30 37.24
C GLY Z 64 -67.42 -2.54 37.86
N GLN Z 65 -68.62 -2.33 38.38
CA GLN Z 65 -69.41 -3.41 38.94
C GLN Z 65 -70.39 -4.01 37.93
N GLN Z 66 -70.44 -3.48 36.72
CA GLN Z 66 -71.34 -4.02 35.71
C GLN Z 66 -70.90 -5.42 35.30
N ILE Z 67 -71.87 -6.31 35.18
CA ILE Z 67 -71.63 -7.71 34.87
C ILE Z 67 -71.90 -7.92 33.40
N GLY Z 68 -70.92 -8.45 32.69
CA GLY Z 68 -71.08 -8.71 31.26
C GLY Z 68 -70.74 -10.14 30.93
N LYS Z 69 -71.51 -10.71 30.01
CA LYS Z 69 -71.30 -12.08 29.59
C LYS Z 69 -70.18 -12.14 28.56
N VAL Z 70 -69.28 -13.11 28.74
CA VAL Z 70 -68.23 -13.34 27.75
C VAL Z 70 -68.86 -13.78 26.44
N VAL Z 71 -68.32 -13.29 25.33
CA VAL Z 71 -68.92 -13.55 24.03
C VAL Z 71 -67.89 -14.13 23.09
N GLN Z 72 -66.63 -14.15 23.50
CA GLN Z 72 -65.58 -14.74 22.68
C GLN Z 72 -64.33 -14.91 23.53
N VAL Z 73 -63.68 -16.06 23.40
CA VAL Z 73 -62.40 -16.31 24.04
C VAL Z 73 -61.35 -16.47 22.95
N TYR Z 74 -60.60 -15.41 22.68
CA TYR Z 74 -59.69 -15.38 21.54
C TYR Z 74 -58.34 -15.89 22.04
N ARG Z 75 -58.17 -17.21 22.05
CA ARG Z 75 -56.96 -17.78 22.65
C ARG Z 75 -55.70 -17.43 21.86
N LYS Z 76 -55.82 -17.14 20.57
CA LYS Z 76 -54.64 -16.77 19.80
C LYS Z 76 -54.07 -15.43 20.25
N LYS Z 77 -54.92 -14.52 20.68
CA LYS Z 77 -54.49 -13.21 21.15
C LYS Z 77 -54.50 -13.09 22.66
N TYR Z 78 -54.80 -14.18 23.38
CA TYR Z 78 -54.78 -14.22 24.83
C TYR Z 78 -55.73 -13.21 25.44
N VAL Z 79 -56.88 -13.00 24.79
CA VAL Z 79 -57.86 -12.01 25.24
C VAL Z 79 -59.24 -12.62 25.18
N ILE Z 80 -60.17 -11.97 25.88
CA ILE Z 80 -61.59 -12.33 25.84
C ILE Z 80 -62.38 -11.08 25.52
N TYR Z 81 -63.60 -11.29 25.01
CA TYR Z 81 -64.51 -10.20 24.70
C TYR Z 81 -65.71 -10.28 25.62
N ILE Z 82 -66.22 -9.12 26.03
CA ILE Z 82 -67.35 -9.04 26.95
C ILE Z 82 -68.41 -8.16 26.28
N GLU Z 83 -69.64 -8.29 26.76
CA GLU Z 83 -70.80 -7.73 26.06
C GLU Z 83 -70.69 -6.23 25.86
N ARG Z 84 -70.66 -5.47 26.94
CA ARG Z 84 -70.65 -4.01 26.85
C ARG Z 84 -69.25 -3.42 26.87
N VAL Z 85 -68.21 -4.25 26.89
CA VAL Z 85 -66.84 -3.77 26.86
C VAL Z 85 -66.48 -3.61 25.40
N GLN Z 86 -66.75 -2.42 24.85
CA GLN Z 86 -66.53 -2.16 23.44
C GLN Z 86 -66.34 -0.67 23.25
N ARG Z 87 -65.80 -0.30 22.10
CA ARG Z 87 -65.56 1.09 21.75
C ARG Z 87 -66.01 1.33 20.33
N GLU Z 88 -66.27 2.59 20.02
CA GLU Z 88 -66.58 3.00 18.66
C GLU Z 88 -65.28 3.23 17.89
N LYS Z 89 -65.27 2.83 16.63
CA LYS Z 89 -64.17 3.17 15.74
C LYS Z 89 -64.60 4.32 14.85
N ALA Z 90 -63.77 4.65 13.85
CA ALA Z 90 -63.96 5.87 13.08
C ALA Z 90 -65.30 5.85 12.34
N ASN Z 91 -65.59 4.78 11.62
CA ASN Z 91 -66.78 4.71 10.80
C ASN Z 91 -68.04 4.35 11.58
N GLY Z 92 -68.03 4.48 12.90
CA GLY Z 92 -69.22 4.38 13.70
C GLY Z 92 -69.63 2.98 14.13
N THR Z 93 -68.91 1.95 13.71
CA THR Z 93 -69.19 0.61 14.18
C THR Z 93 -68.55 0.38 15.55
N THR Z 94 -69.13 -0.54 16.30
CA THR Z 94 -68.61 -0.91 17.61
C THR Z 94 -67.75 -2.15 17.48
N VAL Z 95 -66.56 -2.12 18.08
CA VAL Z 95 -65.66 -3.25 18.11
C VAL Z 95 -65.40 -3.63 19.56
N HIS Z 96 -65.34 -4.93 19.82
CA HIS Z 96 -65.03 -5.41 21.16
C HIS Z 96 -63.58 -5.10 21.50
N VAL Z 97 -63.35 -4.67 22.73
CA VAL Z 97 -62.01 -4.42 23.24
C VAL Z 97 -61.59 -5.65 24.02
N GLY Z 98 -60.49 -6.26 23.61
CA GLY Z 98 -60.04 -7.49 24.24
C GLY Z 98 -59.26 -7.18 25.50
N ILE Z 99 -59.59 -7.90 26.57
CA ILE Z 99 -58.90 -7.71 27.83
C ILE Z 99 -58.45 -9.06 28.36
N HIS Z 100 -57.40 -9.04 29.18
CA HIS Z 100 -56.82 -10.28 29.65
C HIS Z 100 -57.71 -10.92 30.71
N PRO Z 101 -57.90 -12.24 30.67
CA PRO Z 101 -58.78 -12.89 31.64
C PRO Z 101 -58.29 -12.82 33.07
N SER Z 102 -57.02 -12.53 33.30
CA SER Z 102 -56.56 -12.33 34.66
C SER Z 102 -57.02 -11.01 35.25
N LYS Z 103 -57.57 -10.12 34.43
CA LYS Z 103 -58.03 -8.82 34.87
C LYS Z 103 -59.54 -8.77 35.03
N VAL Z 104 -60.22 -9.92 35.03
CA VAL Z 104 -61.64 -10.00 35.33
C VAL Z 104 -61.81 -10.89 36.53
N VAL Z 105 -63.04 -10.97 37.02
CA VAL Z 105 -63.42 -11.93 38.04
C VAL Z 105 -64.74 -12.56 37.62
N ILE Z 106 -64.82 -13.87 37.70
CA ILE Z 106 -66.02 -14.59 37.28
C ILE Z 106 -67.05 -14.54 38.39
N THR Z 107 -68.23 -14.00 38.07
CA THR Z 107 -69.31 -13.88 39.03
C THR Z 107 -70.39 -14.94 38.85
N ARG Z 108 -70.47 -15.56 37.69
CA ARG Z 108 -71.35 -16.69 37.48
C ARG Z 108 -70.74 -17.60 36.44
N LEU Z 109 -70.66 -18.89 36.75
CA LEU Z 109 -70.04 -19.86 35.86
C LEU Z 109 -71.07 -20.42 34.88
N LYS Z 110 -70.62 -20.70 33.67
CA LYS Z 110 -71.42 -21.44 32.70
C LYS Z 110 -71.16 -22.92 32.97
N LEU Z 111 -72.14 -23.59 33.57
CA LEU Z 111 -71.93 -24.91 34.14
C LEU Z 111 -72.51 -26.00 33.26
N ASP Z 112 -71.71 -27.04 33.02
CA ASP Z 112 -72.19 -28.30 32.46
C ASP Z 112 -71.47 -29.42 33.19
N LYS Z 113 -71.58 -30.65 32.67
CA LYS Z 113 -71.01 -31.80 33.36
C LYS Z 113 -69.49 -31.71 33.42
N ASP Z 114 -68.86 -31.12 32.41
CA ASP Z 114 -67.41 -30.99 32.42
C ASP Z 114 -66.95 -29.91 33.38
N ARG Z 115 -67.61 -28.75 33.39
CA ARG Z 115 -67.21 -27.68 34.31
C ARG Z 115 -67.44 -28.11 35.75
N LYS Z 116 -68.56 -28.79 36.02
CA LYS Z 116 -68.82 -29.27 37.37
C LYS Z 116 -67.75 -30.25 37.81
N LYS Z 117 -67.41 -31.22 36.96
CA LYS Z 117 -66.43 -32.25 37.32
C LYS Z 117 -65.09 -31.64 37.71
N ILE Z 118 -64.67 -30.59 37.00
CA ILE Z 118 -63.44 -29.89 37.37
C ILE Z 118 -63.58 -29.21 38.72
N LEU Z 119 -64.80 -28.74 39.04
CA LEU Z 119 -65.00 -27.98 40.26
C LEU Z 119 -64.80 -28.84 41.51
N GLU Z 120 -65.30 -30.07 41.51
CA GLU Z 120 -64.98 -30.92 42.65
C GLU Z 120 -63.55 -31.44 42.60
N ARG Z 121 -62.98 -31.58 41.40
CA ARG Z 121 -61.61 -32.06 41.32
C ARG Z 121 -60.63 -31.04 41.91
N LYS Z 122 -60.84 -29.76 41.63
CA LYS Z 122 -60.01 -28.73 42.25
C LYS Z 122 -60.28 -28.65 43.75
N ALA Z 123 -61.54 -28.73 44.15
CA ALA Z 123 -61.89 -28.61 45.56
C ALA Z 123 -61.38 -29.80 46.37
N LYS Z 124 -61.45 -31.01 45.80
CA LYS Z 124 -60.94 -32.17 46.51
C LYS Z 124 -59.45 -32.07 46.76
N SER Z 125 -58.70 -31.62 45.76
CA SER Z 125 -57.25 -31.47 45.93
C SER Z 125 -56.93 -30.42 46.98
N ARG Z 126 -57.70 -29.34 47.00
CA ARG Z 126 -57.51 -28.31 48.01
C ARG Z 126 -57.82 -28.84 49.40
N GLN Z 127 -58.85 -29.67 49.52
CA GLN Z 127 -59.20 -30.22 50.83
C GLN Z 127 -58.13 -31.17 51.32
N VAL Z 128 -57.52 -31.95 50.42
CA VAL Z 128 -56.42 -32.83 50.81
C VAL Z 128 -55.24 -32.02 51.33
N GLY Z 129 -54.94 -30.90 50.67
CA GLY Z 129 -53.84 -30.06 51.13
C GLY Z 129 -54.07 -29.50 52.51
N LYS Z 130 -55.31 -29.07 52.79
CA LYS Z 130 -55.61 -28.55 54.11
C LYS Z 130 -55.54 -29.63 55.18
N GLU Z 131 -55.94 -30.86 54.82
CA GLU Z 131 -55.88 -31.96 55.78
C GLU Z 131 -54.46 -32.44 56.00
N LYS Z 132 -53.62 -32.43 54.96
CA LYS Z 132 -52.23 -32.80 55.14
C LYS Z 132 -51.50 -31.77 56.00
N GLY Z 133 -51.80 -30.50 55.81
CA GLY Z 133 -51.17 -29.42 56.55
C GLY Z 133 -51.85 -29.00 57.83
N LYS Z 134 -52.85 -29.73 58.29
CA LYS Z 134 -53.53 -29.38 59.54
C LYS Z 134 -52.68 -29.76 60.74
N GLY AA 1 -25.26 -82.50 -90.34
CA GLY AA 1 -26.41 -81.90 -90.99
C GLY AA 1 -27.39 -81.29 -89.99
N LYS AA 2 -28.64 -81.16 -90.40
CA LYS AA 2 -29.67 -80.68 -89.48
C LYS AA 2 -29.89 -81.69 -88.38
N PHE AA 3 -30.05 -81.19 -87.15
CA PHE AA 3 -30.29 -82.05 -86.00
C PHE AA 3 -31.59 -81.77 -85.27
N MET AA 4 -32.21 -80.62 -85.49
CA MET AA 4 -33.50 -80.33 -84.85
C MET AA 4 -34.58 -81.16 -85.52
N LYS AA 5 -34.88 -82.32 -84.97
CA LYS AA 5 -35.79 -83.29 -85.54
C LYS AA 5 -36.82 -83.70 -84.50
N PRO AA 6 -37.96 -84.21 -84.93
CA PRO AA 6 -38.94 -84.72 -83.95
C PRO AA 6 -38.35 -85.82 -83.10
N GLY AA 7 -38.69 -85.80 -81.81
CA GLY AA 7 -38.17 -86.73 -80.84
C GLY AA 7 -36.95 -86.25 -80.11
N LYS AA 8 -36.33 -85.16 -80.55
CA LYS AA 8 -35.11 -84.66 -79.92
C LYS AA 8 -35.44 -83.86 -78.67
N VAL AA 9 -34.68 -84.10 -77.61
CA VAL AA 9 -34.87 -83.37 -76.36
C VAL AA 9 -34.16 -82.03 -76.44
N VAL AA 10 -34.88 -80.96 -76.12
CA VAL AA 10 -34.33 -79.62 -76.11
C VAL AA 10 -34.52 -79.04 -74.72
N LEU AA 11 -33.78 -77.98 -74.43
CA LEU AA 11 -33.91 -77.23 -73.19
C LEU AA 11 -34.50 -75.87 -73.52
N VAL AA 12 -35.53 -75.47 -72.80
CA VAL AA 12 -36.16 -74.18 -73.03
C VAL AA 12 -35.32 -73.10 -72.35
N LEU AA 13 -34.90 -72.12 -73.13
CA LEU AA 13 -34.00 -71.09 -72.63
C LEU AA 13 -34.70 -69.82 -72.17
N ALA AA 14 -35.87 -69.51 -72.72
CA ALA AA 14 -36.56 -68.27 -72.40
C ALA AA 14 -38.04 -68.55 -72.18
N GLY AA 15 -38.70 -67.62 -71.49
CA GLY AA 15 -40.12 -67.70 -71.29
C GLY AA 15 -40.47 -68.16 -69.89
N ARG AA 16 -41.77 -68.43 -69.71
CA ARG AA 16 -42.27 -68.92 -68.43
C ARG AA 16 -41.66 -70.28 -68.09
N TYR AA 17 -41.39 -71.10 -69.10
CA TYR AA 17 -40.87 -72.46 -68.91
C TYR AA 17 -39.37 -72.53 -69.07
N SER AA 18 -38.65 -71.49 -68.66
CA SER AA 18 -37.20 -71.48 -68.77
C SER AA 18 -36.60 -72.61 -67.95
N GLY AA 19 -35.67 -73.34 -68.55
CA GLY AA 19 -35.00 -74.42 -67.86
C GLY AA 19 -35.75 -75.73 -67.83
N ARG AA 20 -36.90 -75.81 -68.49
CA ARG AA 20 -37.66 -77.05 -68.55
C ARG AA 20 -37.14 -77.92 -69.68
N LYS AA 21 -37.03 -79.21 -69.42
CA LYS AA 21 -36.72 -80.16 -70.48
C LYS AA 21 -37.96 -80.42 -71.31
N ALA AA 22 -37.76 -80.65 -72.60
CA ALA AA 22 -38.88 -80.76 -73.51
C ALA AA 22 -38.45 -81.53 -74.75
N VAL AA 23 -39.44 -82.01 -75.50
CA VAL AA 23 -39.20 -82.82 -76.69
C VAL AA 23 -39.82 -82.12 -77.90
N ILE AA 24 -39.11 -82.18 -79.03
CA ILE AA 24 -39.59 -81.56 -80.26
C ILE AA 24 -40.65 -82.44 -80.89
N VAL AA 25 -41.82 -81.86 -81.16
CA VAL AA 25 -42.90 -82.58 -81.81
C VAL AA 25 -42.87 -82.39 -83.32
N LYS AA 26 -42.66 -81.16 -83.77
CA LYS AA 26 -42.63 -80.86 -85.19
C LYS AA 26 -41.72 -79.67 -85.41
N ASN AA 27 -40.65 -79.86 -86.19
CA ASN AA 27 -39.77 -78.76 -86.53
C ASN AA 27 -40.20 -78.15 -87.86
N ILE AA 28 -40.10 -76.83 -87.95
CA ILE AA 28 -40.50 -76.10 -89.14
C ILE AA 28 -39.29 -75.55 -89.90
N ASP AA 29 -38.39 -74.86 -89.19
CA ASP AA 29 -37.07 -74.40 -89.63
C ASP AA 29 -37.09 -73.68 -90.99
N ASP AA 30 -38.27 -73.20 -91.40
CA ASP AA 30 -38.40 -72.41 -92.62
C ASP AA 30 -39.31 -71.21 -92.48
N GLY AA 31 -40.13 -71.13 -91.45
CA GLY AA 31 -41.12 -70.06 -91.40
C GLY AA 31 -42.41 -70.44 -92.11
N THR AA 32 -43.49 -69.78 -91.71
CA THR AA 32 -44.80 -70.00 -92.30
C THR AA 32 -45.50 -68.68 -92.59
N SER AA 33 -44.74 -67.60 -92.78
CA SER AA 33 -45.22 -66.25 -93.08
C SER AA 33 -46.01 -65.66 -91.92
N ASP AA 34 -46.21 -66.44 -90.86
CA ASP AA 34 -46.72 -65.94 -89.59
C ASP AA 34 -45.67 -65.98 -88.50
N ARG AA 35 -44.73 -66.92 -88.61
CA ARG AA 35 -43.52 -66.95 -87.78
C ARG AA 35 -42.36 -67.09 -88.75
N PRO AA 36 -41.89 -65.98 -89.32
CA PRO AA 36 -40.83 -66.06 -90.34
C PRO AA 36 -39.53 -66.66 -89.83
N TYR AA 37 -39.30 -66.67 -88.52
CA TYR AA 37 -38.13 -67.30 -87.96
C TYR AA 37 -38.30 -68.82 -87.95
N SER AA 38 -37.21 -69.52 -87.67
CA SER AA 38 -37.25 -70.97 -87.53
C SER AA 38 -37.78 -71.35 -86.16
N HIS AA 39 -38.86 -72.12 -86.14
CA HIS AA 39 -39.52 -72.47 -84.90
C HIS AA 39 -39.83 -73.95 -84.87
N ALA AA 40 -40.34 -74.42 -83.75
CA ALA AA 40 -40.68 -75.83 -83.58
C ALA AA 40 -41.81 -75.97 -82.59
N LEU AA 41 -42.75 -76.85 -82.88
CA LEU AA 41 -43.76 -77.23 -81.92
C LEU AA 41 -43.14 -78.15 -80.88
N VAL AA 42 -43.35 -77.85 -79.61
CA VAL AA 42 -42.64 -78.49 -78.52
C VAL AA 42 -43.62 -78.91 -77.44
N ALA AA 43 -43.48 -80.15 -76.97
CA ALA AA 43 -44.20 -80.65 -75.80
C ALA AA 43 -43.19 -80.85 -74.67
N GLY AA 44 -43.44 -80.23 -73.53
CA GLY AA 44 -42.52 -80.31 -72.42
C GLY AA 44 -43.22 -80.59 -71.11
N ILE AA 45 -42.50 -80.55 -70.00
CA ILE AA 45 -43.10 -80.80 -68.69
C ILE AA 45 -42.90 -79.59 -67.80
N ASP AA 46 -44.00 -79.09 -67.25
CA ASP AA 46 -43.96 -77.92 -66.38
C ASP AA 46 -43.54 -78.30 -64.97
N ARG AA 47 -44.19 -79.31 -64.41
CA ARG AA 47 -43.88 -79.80 -63.07
C ARG AA 47 -43.26 -81.18 -63.19
N TYR AA 48 -42.04 -81.33 -62.71
CA TYR AA 48 -41.38 -82.63 -62.76
C TYR AA 48 -41.98 -83.56 -61.72
N PRO AA 49 -41.97 -84.86 -61.97
CA PRO AA 49 -42.39 -85.80 -60.93
C PRO AA 49 -41.45 -85.74 -59.73
N ARG AA 50 -42.02 -85.90 -58.54
CA ARG AA 50 -41.20 -85.81 -57.36
C ARG AA 50 -40.40 -87.10 -57.16
N LYS AA 51 -39.32 -86.97 -56.39
CA LYS AA 51 -38.49 -88.12 -56.08
C LYS AA 51 -39.27 -89.11 -55.23
N VAL AA 52 -39.19 -90.39 -55.58
CA VAL AA 52 -39.87 -91.46 -54.86
C VAL AA 52 -38.83 -92.41 -54.30
N THR AA 53 -39.04 -92.85 -53.07
CA THR AA 53 -38.15 -93.78 -52.39
C THR AA 53 -38.89 -95.07 -52.06
N ALA AA 54 -38.12 -96.08 -51.65
CA ALA AA 54 -38.71 -97.38 -51.33
C ALA AA 54 -39.66 -97.29 -50.14
N ALA AA 55 -39.31 -96.50 -49.13
CA ALA AA 55 -40.10 -96.41 -47.91
C ALA AA 55 -41.17 -95.31 -48.04
N MET AA 56 -41.99 -95.43 -49.08
CA MET AA 56 -43.00 -94.40 -49.29
C MET AA 56 -44.42 -94.93 -49.32
N GLY AA 57 -44.66 -96.04 -49.99
CA GLY AA 57 -46.02 -96.53 -50.06
C GLY AA 57 -46.65 -96.26 -51.42
N LYS AA 58 -47.58 -97.14 -51.81
CA LYS AA 58 -48.14 -97.10 -53.16
C LYS AA 58 -48.90 -95.80 -53.42
N LYS AA 59 -49.74 -95.39 -52.49
CA LYS AA 59 -50.57 -94.22 -52.71
C LYS AA 59 -49.74 -92.94 -52.75
N LYS AA 60 -48.70 -92.86 -51.91
CA LYS AA 60 -47.83 -91.70 -51.94
C LYS AA 60 -46.97 -91.67 -53.20
N ILE AA 61 -46.57 -92.84 -53.69
CA ILE AA 61 -45.74 -92.90 -54.89
C ILE AA 61 -46.54 -92.44 -56.11
N ALA AA 62 -47.77 -92.91 -56.24
CA ALA AA 62 -48.60 -92.50 -57.38
C ALA AA 62 -48.94 -91.02 -57.31
N LYS AA 63 -49.11 -90.48 -56.11
CA LYS AA 63 -49.33 -89.05 -55.96
C LYS AA 63 -48.12 -88.25 -56.41
N ARG AA 64 -46.92 -88.75 -56.11
CA ARG AA 64 -45.70 -88.03 -56.46
C ARG AA 64 -45.25 -88.28 -57.89
N SER AA 65 -45.83 -89.25 -58.58
CA SER AA 65 -45.44 -89.57 -59.94
C SER AA 65 -46.22 -88.78 -60.98
N LYS AA 66 -47.03 -87.82 -60.55
CA LYS AA 66 -47.84 -87.04 -61.48
C LYS AA 66 -46.99 -86.00 -62.20
N ILE AA 67 -47.28 -85.79 -63.48
CA ILE AA 67 -46.52 -84.87 -64.32
C ILE AA 67 -47.48 -83.82 -64.88
N LYS AA 68 -47.13 -82.55 -64.72
CA LYS AA 68 -47.82 -81.46 -65.37
C LYS AA 68 -47.02 -81.03 -66.59
N SER AA 69 -47.64 -81.07 -67.76
CA SER AA 69 -46.97 -80.86 -69.03
C SER AA 69 -47.37 -79.52 -69.63
N PHE AA 70 -46.75 -79.21 -70.77
CA PHE AA 70 -47.10 -78.02 -71.53
C PHE AA 70 -46.78 -78.27 -72.99
N VAL AA 71 -47.44 -77.53 -73.87
CA VAL AA 71 -47.16 -77.53 -75.29
C VAL AA 71 -46.96 -76.09 -75.74
N LYS AA 72 -45.91 -75.88 -76.53
CA LYS AA 72 -45.54 -74.54 -76.96
C LYS AA 72 -44.95 -74.60 -78.35
N VAL AA 73 -44.91 -73.45 -79.01
CA VAL AA 73 -44.17 -73.25 -80.25
C VAL AA 73 -43.05 -72.28 -79.93
N TYR AA 74 -41.81 -72.73 -80.10
CA TYR AA 74 -40.65 -71.99 -79.65
C TYR AA 74 -39.77 -71.62 -80.83
N ASN AA 75 -39.29 -70.39 -80.84
CA ASN AA 75 -38.22 -70.00 -81.75
C ASN AA 75 -36.97 -70.80 -81.42
N TYR AA 76 -36.22 -71.17 -82.46
CA TYR AA 76 -35.02 -71.98 -82.27
C TYR AA 76 -34.01 -71.29 -81.36
N ASN AA 77 -33.91 -69.98 -81.43
CA ASN AA 77 -32.97 -69.24 -80.60
C ASN AA 77 -33.32 -69.32 -79.13
N HIS AA 78 -34.52 -69.73 -78.78
CA HIS AA 78 -34.92 -69.91 -77.39
C HIS AA 78 -34.90 -71.37 -76.97
N LEU AA 79 -34.30 -72.24 -77.79
CA LEU AA 79 -34.19 -73.66 -77.50
C LEU AA 79 -32.73 -74.07 -77.47
N MET AA 80 -32.37 -74.89 -76.50
CA MET AA 80 -31.03 -75.45 -76.40
C MET AA 80 -31.09 -76.93 -76.73
N PRO AA 81 -30.63 -77.35 -77.91
CA PRO AA 81 -30.71 -78.77 -78.25
C PRO AA 81 -29.77 -79.61 -77.40
N THR AA 82 -30.17 -80.86 -77.19
CA THR AA 82 -29.37 -81.83 -76.48
C THR AA 82 -29.07 -83.00 -77.39
N ARG AA 83 -28.20 -83.88 -76.94
CA ARG AA 83 -27.90 -85.09 -77.69
C ARG AA 83 -28.91 -86.20 -77.42
N TYR AA 84 -29.76 -86.03 -76.41
CA TYR AA 84 -30.73 -87.04 -76.01
C TYR AA 84 -31.97 -86.97 -76.89
N SER AA 85 -32.71 -88.07 -76.90
CA SER AA 85 -33.96 -88.15 -77.64
C SER AA 85 -34.87 -89.14 -76.94
N VAL AA 86 -36.18 -88.91 -77.03
CA VAL AA 86 -37.17 -89.83 -76.51
C VAL AA 86 -38.12 -90.20 -77.65
N ASP AA 87 -38.40 -91.49 -77.78
CA ASP AA 87 -39.31 -92.00 -78.80
C ASP AA 87 -40.74 -92.11 -78.28
N ILE AA 88 -41.25 -91.04 -77.69
CA ILE AA 88 -42.60 -91.05 -77.13
C ILE AA 88 -43.60 -90.77 -78.24
N PRO AA 89 -44.57 -91.65 -78.47
CA PRO AA 89 -45.48 -91.50 -79.62
C PRO AA 89 -46.64 -90.55 -79.34
N LEU AA 90 -46.33 -89.26 -79.33
CA LEU AA 90 -47.38 -88.26 -79.17
C LEU AA 90 -48.28 -88.24 -80.39
N ASP AA 91 -49.59 -88.17 -80.14
CA ASP AA 91 -50.56 -88.15 -81.23
C ASP AA 91 -50.45 -86.83 -81.98
N LYS AA 92 -50.08 -86.90 -83.26
CA LYS AA 92 -49.91 -85.69 -84.05
C LYS AA 92 -51.24 -84.99 -84.30
N THR AA 93 -52.32 -85.75 -84.46
CA THR AA 93 -53.62 -85.14 -84.68
C THR AA 93 -54.11 -84.39 -83.45
N VAL AA 94 -53.65 -84.76 -82.26
CA VAL AA 94 -54.01 -84.06 -81.04
C VAL AA 94 -53.02 -82.95 -80.72
N VAL AA 95 -51.73 -83.25 -80.83
CA VAL AA 95 -50.68 -82.25 -80.59
C VAL AA 95 -50.23 -81.77 -81.96
N ASN AA 96 -50.86 -80.70 -82.44
CA ASN AA 96 -50.50 -80.10 -83.71
C ASN AA 96 -50.38 -78.59 -83.58
N LYS AA 97 -50.06 -77.90 -84.67
CA LYS AA 97 -49.77 -76.47 -84.56
C LYS AA 97 -51.01 -75.63 -84.33
N ASP AA 98 -52.14 -76.00 -84.92
CA ASP AA 98 -53.35 -75.20 -84.80
C ASP AA 98 -54.11 -75.45 -83.50
N VAL AA 99 -53.45 -76.02 -82.50
CA VAL AA 99 -54.07 -76.25 -81.21
C VAL AA 99 -54.10 -75.00 -80.35
N PHE AA 100 -53.40 -73.96 -80.77
CA PHE AA 100 -53.26 -72.73 -79.99
C PHE AA 100 -54.37 -71.73 -80.24
N ARG AA 101 -55.25 -71.99 -81.20
CA ARG AA 101 -56.37 -71.11 -81.48
C ARG AA 101 -57.65 -71.50 -80.75
N ASP AA 102 -57.67 -72.64 -80.07
CA ASP AA 102 -58.84 -73.08 -79.31
C ASP AA 102 -58.35 -73.58 -77.96
N PRO AA 103 -58.75 -72.95 -76.85
CA PRO AA 103 -58.30 -73.42 -75.53
C PRO AA 103 -58.73 -74.84 -75.23
N ALA AA 104 -59.90 -75.27 -75.71
CA ALA AA 104 -60.36 -76.64 -75.44
C ALA AA 104 -59.42 -77.66 -76.07
N LEU AA 105 -58.96 -77.40 -77.30
CA LEU AA 105 -57.99 -78.28 -77.92
C LEU AA 105 -56.65 -78.23 -77.21
N LYS AA 106 -56.21 -77.05 -76.76
CA LYS AA 106 -54.94 -76.96 -76.07
C LYS AA 106 -54.96 -77.76 -74.77
N ARG AA 107 -56.10 -77.78 -74.08
CA ARG AA 107 -56.24 -78.66 -72.94
C ARG AA 107 -56.14 -80.11 -73.37
N LYS AA 108 -56.76 -80.45 -74.51
CA LYS AA 108 -56.75 -81.82 -74.99
C LYS AA 108 -55.34 -82.27 -75.35
N ALA AA 109 -54.57 -81.40 -76.01
CA ALA AA 109 -53.20 -81.75 -76.37
C ALA AA 109 -52.32 -81.84 -75.14
N ARG AA 110 -52.51 -80.95 -74.18
CA ARG AA 110 -51.69 -80.96 -72.98
C ARG AA 110 -52.01 -82.17 -72.12
N ARG AA 111 -53.26 -82.64 -72.15
CA ARG AA 111 -53.61 -83.91 -71.50
C ARG AA 111 -52.94 -85.08 -72.20
N GLU AA 112 -52.88 -85.04 -73.53
CA GLU AA 112 -52.27 -86.13 -74.29
C GLU AA 112 -50.79 -86.27 -73.96
N ALA AA 113 -50.08 -85.15 -73.87
CA ALA AA 113 -48.67 -85.20 -73.52
C ALA AA 113 -48.48 -85.71 -72.10
N LYS AA 114 -49.42 -85.38 -71.21
CA LYS AA 114 -49.28 -85.77 -69.81
C LYS AA 114 -49.38 -87.28 -69.65
N VAL AA 115 -50.37 -87.91 -70.28
CA VAL AA 115 -50.53 -89.35 -70.11
C VAL AA 115 -49.38 -90.11 -70.78
N LYS AA 116 -48.88 -89.60 -71.91
CA LYS AA 116 -47.78 -90.28 -72.58
C LYS AA 116 -46.48 -90.13 -71.79
N PHE AA 117 -46.26 -88.96 -71.21
CA PHE AA 117 -45.07 -88.76 -70.38
C PHE AA 117 -45.10 -89.63 -69.14
N GLU AA 118 -46.26 -89.74 -68.49
CA GLU AA 118 -46.33 -90.46 -67.22
C GLU AA 118 -46.08 -91.95 -67.40
N GLU AA 119 -46.67 -92.56 -68.43
CA GLU AA 119 -46.42 -93.98 -68.66
C GLU AA 119 -44.98 -94.23 -69.06
N ARG AA 120 -44.34 -93.26 -69.74
CA ARG AA 120 -42.92 -93.38 -70.04
C ARG AA 120 -42.06 -93.08 -68.82
N TYR AA 121 -42.54 -92.20 -67.92
CA TYR AA 121 -41.83 -92.01 -66.67
C TYR AA 121 -41.84 -93.27 -65.83
N LYS AA 122 -42.96 -93.99 -65.85
CA LYS AA 122 -42.98 -95.34 -65.31
C LYS AA 122 -42.04 -96.21 -66.16
N THR AA 123 -41.70 -97.38 -65.61
CA THR AA 123 -40.75 -98.34 -66.17
C THR AA 123 -39.33 -97.79 -66.18
N GLY AA 124 -39.08 -96.60 -65.65
CA GLY AA 124 -37.72 -96.14 -65.41
C GLY AA 124 -36.87 -95.94 -66.64
N LYS AA 125 -37.47 -95.49 -67.73
CA LYS AA 125 -36.73 -95.18 -68.95
C LYS AA 125 -36.72 -93.68 -69.17
N ASN AA 126 -35.71 -93.22 -69.93
CA ASN AA 126 -35.49 -91.80 -70.18
C ASN AA 126 -35.39 -91.03 -68.88
N LYS AA 127 -34.59 -91.54 -67.93
CA LYS AA 127 -34.54 -90.97 -66.59
C LYS AA 127 -33.98 -89.56 -66.61
N TRP AA 128 -33.05 -89.27 -67.51
CA TRP AA 128 -32.49 -87.93 -67.60
C TRP AA 128 -33.54 -86.92 -68.03
N PHE AA 129 -34.46 -87.33 -68.90
CA PHE AA 129 -35.49 -86.41 -69.39
C PHE AA 129 -36.43 -85.99 -68.26
N PHE AA 130 -36.72 -86.89 -67.34
CA PHE AA 130 -37.69 -86.63 -66.29
C PHE AA 130 -37.06 -86.08 -65.02
N GLN AA 131 -35.77 -85.81 -65.03
CA GLN AA 131 -35.11 -85.16 -63.90
C GLN AA 131 -35.04 -83.67 -64.14
N LYS AA 132 -35.27 -82.90 -63.08
CA LYS AA 132 -35.22 -81.46 -63.18
C LYS AA 132 -33.78 -80.99 -63.31
N LEU AA 133 -33.54 -80.09 -64.26
CA LEU AA 133 -32.22 -79.49 -64.40
C LEU AA 133 -31.95 -78.56 -63.23
N ARG AA 134 -30.80 -78.71 -62.60
CA ARG AA 134 -30.42 -77.91 -61.45
C ARG AA 134 -29.49 -76.79 -61.90
N PHE AA 135 -29.96 -75.56 -61.79
CA PHE AA 135 -29.17 -74.41 -62.23
C PHE AA 135 -29.44 -73.21 -61.34
N PRO BA 1 -5.70 -10.07 36.02
CA PRO BA 1 -6.38 -8.82 35.74
C PRO BA 1 -5.73 -8.07 34.60
N SER BA 2 -6.46 -7.95 33.49
CA SER BA 2 -5.94 -7.22 32.34
C SER BA 2 -5.87 -5.73 32.57
N ARG BA 3 -6.53 -5.22 33.60
CA ARG BA 3 -6.50 -3.79 33.90
C ARG BA 3 -5.20 -3.34 34.55
N LEU BA 4 -4.32 -4.28 34.89
CA LEU BA 4 -3.07 -3.98 35.59
C LEU BA 4 -1.87 -4.02 34.66
N ARG BA 5 -2.08 -4.19 33.37
CA ARG BA 5 -0.99 -4.52 32.45
C ARG BA 5 -0.62 -3.32 31.59
N LYS BA 6 0.56 -3.44 30.96
CA LYS BA 6 1.11 -2.35 30.16
C LYS BA 6 0.25 -2.00 28.97
N THR BA 7 -0.55 -2.93 28.48
CA THR BA 7 -1.41 -2.65 27.33
C THR BA 7 -2.38 -1.52 27.61
N ARG BA 8 -2.89 -1.45 28.84
CA ARG BA 8 -3.81 -0.37 29.18
C ARG BA 8 -3.10 0.97 29.22
N LYS BA 9 -1.78 0.99 29.41
CA LYS BA 9 -1.02 2.22 29.44
C LYS BA 9 -0.44 2.61 28.09
N LEU BA 10 -0.40 1.68 27.14
CA LEU BA 10 0.19 1.91 25.83
C LEU BA 10 -0.82 2.40 24.81
N ARG BA 11 -2.06 2.65 25.22
CA ARG BA 11 -3.06 3.15 24.30
C ARG BA 11 -2.78 4.61 23.97
N GLY BA 12 -2.73 4.93 22.69
CA GLY BA 12 -2.38 6.26 22.23
C GLY BA 12 -0.95 6.40 21.79
N HIS BA 13 -0.09 5.45 22.12
CA HIS BA 13 1.30 5.42 21.70
C HIS BA 13 1.40 4.46 20.53
N VAL BA 14 1.89 4.96 19.40
CA VAL BA 14 1.65 4.29 18.13
C VAL BA 14 2.34 2.93 18.08
N SER BA 15 3.57 2.84 18.56
CA SER BA 15 4.37 1.64 18.36
C SER BA 15 4.13 0.59 19.42
N HIS BA 16 3.33 0.90 20.45
CA HIS BA 16 2.99 -0.04 21.52
C HIS BA 16 4.23 -0.53 22.26
N GLY BA 17 5.21 0.36 22.42
CA GLY BA 17 6.39 0.04 23.17
C GLY BA 17 7.41 -0.81 22.47
N HIS BA 18 7.33 -0.93 21.15
CA HIS BA 18 8.25 -1.79 20.40
C HIS BA 18 9.14 -1.01 19.46
N GLY BA 19 9.11 0.32 19.50
CA GLY BA 19 10.03 1.10 18.70
C GLY BA 19 9.46 1.42 17.33
N ARG BA 20 9.86 2.59 16.82
CA ARG BA 20 9.48 3.01 15.48
C ARG BA 20 10.43 2.51 14.41
N ILE BA 21 11.69 2.26 14.77
CA ILE BA 21 12.73 1.91 13.82
C ILE BA 21 12.75 0.41 13.59
N GLY BA 22 13.00 -0.35 14.66
CA GLY BA 22 13.09 -1.79 14.52
C GLY BA 22 11.76 -2.50 14.46
N LYS BA 23 10.70 -1.86 14.93
CA LYS BA 23 9.33 -2.38 14.85
C LYS BA 23 9.16 -3.68 15.60
N HIS BA 24 7.97 -4.26 15.52
CA HIS BA 24 7.71 -5.59 16.08
C HIS BA 24 7.35 -6.49 14.91
N ARG BA 25 8.32 -7.27 14.45
CA ARG BA 25 8.13 -8.17 13.33
C ARG BA 25 7.95 -9.60 13.84
N LYS BA 26 7.68 -10.52 12.92
CA LYS BA 26 7.28 -11.86 13.30
C LYS BA 26 8.36 -12.63 14.04
N HIS BA 27 9.47 -12.94 13.37
CA HIS BA 27 10.53 -13.75 13.96
C HIS BA 27 11.88 -13.34 13.39
N PRO BA 28 12.41 -12.20 13.83
CA PRO BA 28 13.79 -11.86 13.48
C PRO BA 28 14.76 -12.65 14.36
N GLY BA 29 15.69 -13.35 13.72
CA GLY BA 29 16.62 -14.21 14.39
C GLY BA 29 16.31 -15.69 14.29
N GLY BA 30 15.09 -16.03 13.91
CA GLY BA 30 14.69 -17.42 13.80
C GLY BA 30 13.64 -17.77 14.83
N ARG BA 31 13.26 -19.04 14.83
CA ARG BA 31 12.24 -19.57 15.71
C ARG BA 31 12.85 -20.53 16.70
N GLY BA 32 12.47 -20.40 17.97
CA GLY BA 32 12.97 -21.31 18.98
C GLY BA 32 14.45 -21.11 19.22
N ASN BA 33 15.15 -22.22 19.39
CA ASN BA 33 16.61 -22.17 19.57
C ASN BA 33 17.33 -22.23 18.23
N ALA BA 34 16.90 -21.39 17.30
CA ALA BA 34 17.53 -21.36 15.99
C ALA BA 34 18.87 -20.64 16.04
N GLY BA 35 19.81 -21.12 15.26
CA GLY BA 35 21.09 -20.47 15.11
C GLY BA 35 21.92 -20.42 16.38
N GLY BA 36 21.83 -21.46 17.21
CA GLY BA 36 22.60 -21.49 18.44
C GLY BA 36 24.07 -21.69 18.24
N LEU BA 37 24.49 -22.07 17.03
CA LEU BA 37 25.89 -22.18 16.69
C LEU BA 37 26.31 -21.15 15.65
N HIS BA 38 25.38 -20.39 15.09
CA HIS BA 38 25.70 -19.49 13.98
C HIS BA 38 25.53 -18.02 14.35
N HIS BA 39 24.35 -17.57 14.70
CA HIS BA 39 24.14 -16.17 15.00
C HIS BA 39 23.60 -15.94 16.41
N HIS BA 40 23.40 -17.01 17.18
CA HIS BA 40 23.17 -16.90 18.61
C HIS BA 40 24.26 -17.61 19.39
N ARG BA 41 25.45 -17.73 18.79
CA ARG BA 41 26.52 -18.51 19.40
C ARG BA 41 27.03 -17.85 20.67
N ILE BA 42 27.09 -16.52 20.70
CA ILE BA 42 27.63 -15.83 21.87
C ILE BA 42 26.72 -16.06 23.07
N ASN BA 43 25.41 -16.00 22.88
CA ASN BA 43 24.48 -16.25 23.98
C ASN BA 43 24.60 -17.67 24.48
N PHE BA 44 24.72 -18.63 23.57
CA PHE BA 44 24.77 -20.03 23.98
C PHE BA 44 26.08 -20.35 24.68
N ASP BA 45 27.19 -19.82 24.18
CA ASP BA 45 28.46 -20.06 24.84
C ASP BA 45 28.54 -19.36 26.19
N LYS BA 46 27.98 -18.15 26.27
CA LYS BA 46 28.07 -17.35 27.48
C LYS BA 46 27.24 -17.92 28.62
N TYR BA 47 26.02 -18.38 28.32
CA TYR BA 47 25.10 -18.78 29.36
C TYR BA 47 24.84 -20.27 29.43
N HIS BA 48 25.08 -21.02 28.37
CA HIS BA 48 24.87 -22.46 28.36
C HIS BA 48 26.10 -23.18 27.80
N PRO BA 49 27.22 -23.15 28.52
CA PRO BA 49 28.36 -23.95 28.08
C PRO BA 49 28.07 -25.44 28.26
N GLY BA 50 28.63 -26.23 27.37
CA GLY BA 50 28.39 -27.66 27.36
C GLY BA 50 27.18 -28.09 26.58
N TYR BA 51 26.48 -27.16 25.91
CA TYR BA 51 25.19 -27.47 25.30
C TYR BA 51 25.34 -28.42 24.12
N PHE BA 52 26.41 -28.29 23.34
CA PHE BA 52 26.56 -29.04 22.10
C PHE BA 52 27.53 -30.20 22.27
N GLY BA 53 27.15 -31.37 21.78
CA GLY BA 53 28.02 -32.53 21.76
C GLY BA 53 27.54 -33.62 22.70
N LYS BA 54 28.20 -34.77 22.59
CA LYS BA 54 27.92 -35.93 23.42
C LYS BA 54 29.05 -36.16 24.41
N VAL BA 55 28.68 -36.53 25.63
CA VAL BA 55 29.62 -36.98 26.65
C VAL BA 55 29.05 -38.22 27.31
N GLY BA 56 29.87 -39.26 27.45
CA GLY BA 56 29.55 -40.39 28.29
C GLY BA 56 28.95 -41.55 27.54
N MET BA 57 28.57 -42.55 28.32
CA MET BA 57 28.02 -43.80 27.81
C MET BA 57 26.51 -43.73 27.88
N LYS BA 58 25.84 -44.05 26.78
CA LYS BA 58 24.39 -44.15 26.81
C LYS BA 58 23.99 -45.52 27.33
N HIS BA 59 22.81 -45.55 27.95
CA HIS BA 59 22.32 -46.76 28.60
C HIS BA 59 20.85 -46.91 28.24
N TYR BA 60 20.54 -47.93 27.45
CA TYR BA 60 19.16 -48.17 27.08
C TYR BA 60 18.39 -48.78 28.24
N HIS BA 61 17.11 -48.43 28.33
CA HIS BA 61 16.19 -48.96 29.32
C HIS BA 61 16.70 -48.70 30.74
N LEU BA 62 16.81 -47.42 31.07
CA LEU BA 62 17.15 -47.04 32.44
C LEU BA 62 15.93 -47.22 33.32
N LYS BA 63 16.11 -47.94 34.43
CA LYS BA 63 15.07 -48.13 35.41
C LYS BA 63 15.50 -47.40 36.68
N ARG BA 64 14.81 -46.30 36.98
CA ARG BA 64 15.19 -45.47 38.12
C ARG BA 64 15.05 -46.20 39.44
N ASN BA 65 14.15 -47.17 39.52
CA ASN BA 65 13.93 -47.89 40.76
C ASN BA 65 15.15 -48.70 41.16
N GLN BA 66 15.93 -49.15 40.18
CA GLN BA 66 17.11 -49.96 40.47
C GLN BA 66 18.13 -49.18 41.28
N SER BA 67 18.34 -47.92 40.95
CA SER BA 67 19.31 -47.07 41.60
C SER BA 67 18.72 -46.26 42.74
N PHE BA 68 17.54 -46.64 43.23
CA PHE BA 68 16.90 -45.88 44.30
C PHE BA 68 17.64 -46.09 45.60
N CYS BA 69 18.28 -45.03 46.09
CA CYS BA 69 19.04 -45.09 47.33
C CYS BA 69 19.00 -43.72 47.99
N PRO BA 70 17.91 -43.40 48.68
CA PRO BA 70 17.85 -42.13 49.41
C PRO BA 70 18.79 -42.14 50.60
N THR BA 71 19.32 -40.97 50.91
CA THR BA 71 20.37 -40.82 51.91
C THR BA 71 19.91 -39.89 53.02
N VAL BA 72 20.44 -40.13 54.22
CA VAL BA 72 20.20 -39.27 55.37
C VAL BA 72 21.54 -39.01 56.04
N ASN BA 73 21.74 -37.78 56.50
CA ASN BA 73 22.97 -37.42 57.16
C ASN BA 73 22.88 -37.74 58.65
N LEU BA 74 24.03 -37.75 59.31
CA LEU BA 74 24.06 -38.05 60.73
C LEU BA 74 23.44 -36.93 61.57
N ASP BA 75 23.46 -35.70 61.07
CA ASP BA 75 22.91 -34.59 61.84
C ASP BA 75 21.39 -34.67 61.92
N LYS BA 76 20.75 -35.36 60.99
CA LYS BA 76 19.31 -35.58 61.02
C LYS BA 76 18.94 -36.96 61.53
N LEU BA 77 19.91 -37.73 62.02
CA LEU BA 77 19.66 -39.13 62.33
C LEU BA 77 18.70 -39.30 63.49
N TRP BA 78 18.84 -38.48 64.53
CA TRP BA 78 18.01 -38.64 65.71
C TRP BA 78 16.61 -38.08 65.53
N THR BA 79 16.33 -37.42 64.42
CA THR BA 79 14.98 -36.96 64.12
C THR BA 79 14.11 -38.08 63.56
N LEU BA 80 14.67 -39.26 63.33
CA LEU BA 80 13.92 -40.39 62.81
C LEU BA 80 13.17 -41.15 63.89
N VAL BA 81 13.51 -40.94 65.16
CA VAL BA 81 12.80 -41.58 66.26
C VAL BA 81 12.10 -40.50 67.07
N SER BA 82 11.35 -40.91 68.09
CA SER BA 82 10.62 -39.95 68.89
C SER BA 82 11.56 -39.23 69.86
N GLU BA 83 11.08 -38.11 70.39
CA GLU BA 83 11.81 -37.42 71.44
C GLU BA 83 11.94 -38.29 72.69
N GLN BA 84 10.92 -39.10 72.97
CA GLN BA 84 10.97 -40.02 74.09
C GLN BA 84 12.14 -41.00 73.96
N THR BA 85 12.42 -41.44 72.74
CA THR BA 85 13.49 -42.41 72.53
C THR BA 85 14.84 -41.83 72.91
N ARG BA 86 15.10 -40.58 72.52
CA ARG BA 86 16.41 -39.99 72.77
C ARG BA 86 16.60 -39.67 74.25
N VAL BA 87 15.58 -39.09 74.89
CA VAL BA 87 15.73 -38.66 76.28
C VAL BA 87 15.83 -39.85 77.21
N ASN BA 88 15.07 -40.91 76.94
CA ASN BA 88 15.12 -42.09 77.80
C ASN BA 88 16.49 -42.75 77.75
N ALA BA 89 17.07 -42.83 76.56
CA ALA BA 89 18.40 -43.41 76.42
C ALA BA 89 19.46 -42.55 77.08
N ALA BA 90 19.30 -41.22 77.00
CA ALA BA 90 20.27 -40.32 77.61
C ALA BA 90 20.30 -40.46 79.12
N LYS BA 91 19.13 -40.62 79.74
CA LYS BA 91 19.02 -40.76 81.18
C LYS BA 91 19.02 -42.22 81.63
N ASN BA 92 19.26 -43.15 80.72
CA ASN BA 92 19.24 -44.57 81.08
C ASN BA 92 20.46 -44.94 81.91
N LYS BA 93 20.22 -45.69 82.99
CA LYS BA 93 21.32 -46.17 83.82
C LYS BA 93 22.14 -47.22 83.09
N THR BA 94 21.47 -48.21 82.50
CA THR BA 94 22.17 -49.24 81.75
C THR BA 94 22.70 -48.65 80.44
N GLY BA 95 23.66 -49.36 79.85
CA GLY BA 95 24.23 -48.92 78.59
C GLY BA 95 23.38 -49.31 77.39
N ALA BA 96 22.08 -49.43 77.59
CA ALA BA 96 21.19 -49.83 76.51
C ALA BA 96 21.05 -48.71 75.49
N ALA BA 97 21.27 -49.04 74.23
CA ALA BA 97 21.22 -48.07 73.16
C ALA BA 97 20.02 -48.34 72.26
N PRO BA 98 19.29 -47.30 71.87
CA PRO BA 98 18.14 -47.51 70.98
C PRO BA 98 18.58 -47.89 69.58
N ILE BA 99 17.65 -48.51 68.85
CA ILE BA 99 17.89 -48.91 67.48
C ILE BA 99 17.18 -47.92 66.56
N ILE BA 100 17.91 -47.36 65.61
CA ILE BA 100 17.35 -46.50 64.58
C ILE BA 100 17.43 -47.27 63.26
N ASP BA 101 16.28 -47.54 62.67
CA ASP BA 101 16.18 -48.28 61.41
C ASP BA 101 15.82 -47.27 60.33
N VAL BA 102 16.83 -46.79 59.61
CA VAL BA 102 16.58 -45.75 58.62
C VAL BA 102 15.83 -46.27 57.42
N VAL BA 103 15.84 -47.59 57.21
CA VAL BA 103 15.06 -48.16 56.13
C VAL BA 103 13.57 -48.02 56.42
N ARG BA 104 13.20 -48.13 57.70
CA ARG BA 104 11.80 -47.94 58.09
C ARG BA 104 11.36 -46.51 57.83
N SER BA 105 12.25 -45.55 58.07
CA SER BA 105 11.94 -44.15 57.82
C SER BA 105 12.03 -43.78 56.35
N GLY BA 106 12.53 -44.67 55.51
CA GLY BA 106 12.59 -44.43 54.09
C GLY BA 106 13.94 -44.04 53.55
N TYR BA 107 15.03 -44.39 54.21
CA TYR BA 107 16.37 -44.07 53.75
C TYR BA 107 17.18 -45.36 53.64
N TYR BA 108 18.04 -45.43 52.64
CA TYR BA 108 18.86 -46.62 52.45
C TYR BA 108 20.31 -46.43 52.86
N LYS BA 109 20.89 -45.26 52.63
CA LYS BA 109 22.27 -44.99 52.95
C LYS BA 109 22.36 -43.91 54.02
N VAL BA 110 23.28 -44.10 54.96
CA VAL BA 110 23.53 -43.13 56.02
C VAL BA 110 24.83 -42.41 55.69
N LEU BA 111 24.76 -41.11 55.49
CA LEU BA 111 25.92 -40.29 55.18
C LEU BA 111 26.42 -39.60 56.44
N GLY BA 112 27.61 -39.02 56.35
CA GLY BA 112 28.32 -38.61 57.54
C GLY BA 112 28.41 -37.13 57.82
N LYS BA 113 27.54 -36.33 57.24
CA LYS BA 113 27.57 -34.90 57.49
C LYS BA 113 27.01 -34.58 58.87
N GLY BA 114 27.71 -33.71 59.59
CA GLY BA 114 27.30 -33.31 60.92
C GLY BA 114 28.03 -34.08 61.99
N LYS BA 115 27.54 -33.92 63.21
CA LYS BA 115 28.09 -34.61 64.37
C LYS BA 115 26.95 -35.23 65.16
N LEU BA 116 27.30 -36.20 65.99
CA LEU BA 116 26.31 -36.89 66.78
C LEU BA 116 26.35 -36.46 68.24
N PRO BA 117 25.23 -36.51 68.94
CA PRO BA 117 25.26 -36.40 70.39
C PRO BA 117 26.02 -37.58 71.00
N LYS BA 118 26.67 -37.31 72.13
CA LYS BA 118 27.54 -38.31 72.76
C LYS BA 118 26.68 -39.32 73.52
N GLN BA 119 26.10 -40.26 72.77
CA GLN BA 119 25.38 -41.37 73.38
C GLN BA 119 25.29 -42.51 72.38
N PRO BA 120 25.43 -43.76 72.82
CA PRO BA 120 25.45 -44.87 71.87
C PRO BA 120 24.10 -45.11 71.22
N VAL BA 121 24.15 -45.68 70.02
CA VAL BA 121 22.95 -45.96 69.24
C VAL BA 121 23.28 -47.04 68.22
N ILE BA 122 22.35 -47.95 68.00
CA ILE BA 122 22.46 -48.93 66.93
C ILE BA 122 21.73 -48.41 65.71
N VAL BA 123 22.41 -48.36 64.58
CA VAL BA 123 21.85 -47.82 63.34
C VAL BA 123 21.75 -48.95 62.34
N LYS BA 124 20.55 -49.16 61.81
CA LYS BA 124 20.28 -50.20 60.82
C LYS BA 124 20.13 -49.53 59.47
N ALA BA 125 20.98 -49.90 58.52
CA ALA BA 125 20.93 -49.29 57.20
C ALA BA 125 21.41 -50.28 56.16
N LYS BA 126 21.04 -50.02 54.92
CA LYS BA 126 21.54 -50.83 53.82
C LYS BA 126 22.99 -50.51 53.53
N PHE BA 127 23.34 -49.23 53.50
CA PHE BA 127 24.69 -48.79 53.21
C PHE BA 127 25.12 -47.74 54.24
N PHE BA 128 26.42 -47.64 54.43
CA PHE BA 128 27.03 -46.64 55.29
C PHE BA 128 28.19 -46.01 54.55
N SER BA 129 28.44 -44.74 54.80
CA SER BA 129 29.67 -44.15 54.34
C SER BA 129 30.77 -44.41 55.37
N ARG BA 130 32.02 -44.24 54.94
CA ARG BA 130 33.14 -44.53 55.81
C ARG BA 130 33.15 -43.61 57.02
N ARG BA 131 32.88 -42.33 56.81
CA ARG BA 131 32.91 -41.38 57.91
C ARG BA 131 31.69 -41.49 58.80
N ALA BA 132 30.54 -41.86 58.24
CA ALA BA 132 29.36 -42.06 59.06
C ALA BA 132 29.55 -43.22 60.01
N GLU BA 133 30.15 -44.30 59.54
CA GLU BA 133 30.47 -45.41 60.43
C GLU BA 133 31.46 -44.99 61.52
N GLU BA 134 32.47 -44.22 61.14
CA GLU BA 134 33.47 -43.77 62.10
C GLU BA 134 32.85 -42.90 63.18
N LYS BA 135 31.96 -42.00 62.79
CA LYS BA 135 31.34 -41.11 63.75
C LYS BA 135 30.36 -41.85 64.65
N ILE BA 136 29.72 -42.90 64.14
CA ILE BA 136 28.83 -43.71 64.98
C ILE BA 136 29.65 -44.50 65.99
N LYS BA 137 30.79 -45.04 65.57
CA LYS BA 137 31.65 -45.76 66.49
C LYS BA 137 32.24 -44.83 67.55
N SER BA 138 32.36 -43.54 67.24
CA SER BA 138 32.96 -42.60 68.18
C SER BA 138 32.08 -42.41 69.41
N VAL BA 139 30.77 -42.44 69.23
CA VAL BA 139 29.85 -42.21 70.33
C VAL BA 139 29.50 -43.53 70.99
N GLY BA 140 30.25 -44.58 70.64
CA GLY BA 140 30.01 -45.88 71.23
C GLY BA 140 28.89 -46.68 70.62
N GLY BA 141 28.45 -46.32 69.42
CA GLY BA 141 27.37 -47.02 68.75
C GLY BA 141 27.84 -48.19 67.92
N ALA BA 142 26.93 -48.72 67.13
CA ALA BA 142 27.22 -49.83 66.24
C ALA BA 142 26.45 -49.66 64.94
N CYS BA 143 27.10 -50.02 63.84
CA CYS BA 143 26.48 -50.01 62.53
C CYS BA 143 26.19 -51.44 62.12
N VAL BA 144 24.92 -51.73 61.82
CA VAL BA 144 24.52 -53.05 61.38
C VAL BA 144 23.86 -52.92 60.01
N LEU BA 145 24.06 -53.92 59.18
CA LEU BA 145 23.61 -53.88 57.80
C LEU BA 145 22.35 -54.70 57.62
N VAL BA 146 21.49 -54.24 56.71
CA VAL BA 146 20.26 -54.92 56.36
C VAL BA 146 20.20 -55.02 54.84
N ALA BA 147 19.39 -55.96 54.36
CA ALA BA 147 19.30 -56.22 52.94
C ALA BA 147 18.05 -55.62 52.33
N ALA CA 1 23.37 0.47 -0.03
CA ALA CA 1 24.54 -0.31 -0.33
C ALA CA 1 25.62 -0.11 0.74
N LYS CA 2 26.46 0.89 0.53
CA LYS CA 2 27.54 1.17 1.48
C LYS CA 2 27.01 1.91 2.69
N SER CA 3 27.77 1.83 3.77
CA SER CA 3 27.40 2.46 5.04
C SER CA 3 28.66 2.83 5.78
N LYS CA 4 28.50 3.36 6.99
CA LYS CA 4 29.65 3.75 7.80
C LYS CA 4 30.40 2.51 8.26
N ASN CA 5 31.71 2.66 8.40
CA ASN CA 5 32.62 1.56 8.71
C ASN CA 5 32.91 1.44 10.20
N HIS CA 6 33.32 2.53 10.83
CA HIS CA 6 33.72 2.51 12.23
C HIS CA 6 33.79 3.93 12.74
N THR CA 7 33.37 4.12 13.99
CA THR CA 7 33.62 5.38 14.66
C THR CA 7 33.67 5.15 16.16
N THR CA 8 34.41 6.01 16.84
CA THR CA 8 34.35 6.10 18.30
C THR CA 8 33.66 7.39 18.73
N HIS CA 9 33.00 8.06 17.80
CA HIS CA 9 32.22 9.23 18.14
C HIS CA 9 31.11 8.84 19.11
N ASN CA 10 30.91 9.67 20.13
CA ASN CA 10 29.93 9.54 21.20
C ASN CA 10 30.32 8.44 22.18
N GLN CA 11 31.36 7.66 21.92
CA GLN CA 11 31.71 6.56 22.80
C GLN CA 11 32.26 7.08 24.13
N SER CA 12 33.07 8.13 24.07
CA SER CA 12 33.63 8.71 25.30
C SER CA 12 32.53 9.27 26.19
N ARG CA 13 31.50 9.87 25.58
CA ARG CA 13 30.38 10.37 26.36
C ARG CA 13 29.61 9.24 27.02
N LYS CA 14 29.46 8.12 26.32
CA LYS CA 14 28.79 6.96 26.91
C LYS CA 14 29.59 6.40 28.08
N TRP CA 15 30.92 6.40 27.96
CA TRP CA 15 31.77 5.81 29.00
C TRP CA 15 31.68 6.60 30.29
N HIS CA 16 31.47 7.91 30.21
CA HIS CA 16 31.51 8.77 31.38
C HIS CA 16 30.15 9.00 32.01
N ARG CA 17 29.08 8.47 31.42
CA ARG CA 17 27.76 8.71 31.98
C ARG CA 17 27.60 8.00 33.33
N ASN CA 18 28.14 6.79 33.43
CA ASN CA 18 28.22 6.09 34.70
C ASN CA 18 29.62 6.13 35.28
N GLY CA 19 30.51 6.95 34.72
CA GLY CA 19 31.85 7.09 35.23
C GLY CA 19 32.77 5.96 34.82
N ILE CA 20 34.05 6.26 34.69
CA ILE CA 20 35.06 5.24 34.41
C ILE CA 20 35.73 4.95 35.75
N LYS CA 21 35.21 3.96 36.46
CA LYS CA 21 35.67 3.68 37.81
C LYS CA 21 36.89 2.79 37.79
N LYS CA 22 37.88 3.14 38.63
CA LYS CA 22 39.02 2.27 38.82
C LYS CA 22 38.60 1.02 39.60
N PRO CA 23 39.36 -0.07 39.49
CA PRO CA 23 39.02 -1.28 40.24
C PRO CA 23 39.06 -1.02 41.74
N ARG CA 24 38.14 -1.66 42.46
CA ARG CA 24 37.98 -1.43 43.89
C ARG CA 24 39.18 -2.03 44.62
N SER CA 25 40.14 -1.18 44.98
CA SER CA 25 41.32 -1.63 45.71
C SER CA 25 40.92 -1.99 47.13
N GLN CA 26 41.10 -3.25 47.49
CA GLN CA 26 40.66 -3.75 48.78
C GLN CA 26 41.81 -4.46 49.45
N ARG CA 27 41.89 -4.36 50.77
CA ARG CA 27 42.90 -5.06 51.55
C ARG CA 27 42.85 -6.56 51.25
N TYR CA 28 43.99 -7.22 51.43
CA TYR CA 28 44.10 -8.66 51.23
C TYR CA 28 43.74 -9.05 49.80
N GLU CA 29 44.62 -8.67 48.88
CA GLU CA 29 44.50 -9.18 47.51
C GLU CA 29 44.59 -10.70 47.49
N SER CA 30 44.03 -11.29 46.44
CA SER CA 30 44.06 -12.73 46.31
C SER CA 30 45.46 -13.23 45.99
N LEU CA 31 45.74 -14.48 46.36
CA LEU CA 31 47.01 -15.11 46.09
C LEU CA 31 47.02 -15.87 44.78
N LYS CA 32 46.14 -15.52 43.86
CA LYS CA 32 46.10 -16.16 42.56
C LYS CA 32 47.31 -15.77 41.73
N GLY CA 33 47.89 -16.75 41.04
CA GLY CA 33 49.00 -16.50 40.16
C GLY CA 33 50.35 -16.38 40.84
N VAL CA 34 50.40 -16.49 42.15
CA VAL CA 34 51.65 -16.45 42.90
C VAL CA 34 52.37 -17.77 42.70
N ASP CA 35 53.70 -17.74 42.84
CA ASP CA 35 54.56 -18.89 42.61
C ASP CA 35 54.09 -20.07 43.46
N PRO CA 36 53.79 -21.22 42.85
CA PRO CA 36 53.33 -22.37 43.64
C PRO CA 36 54.33 -22.86 44.66
N LYS CA 37 55.63 -22.80 44.37
CA LYS CA 37 56.62 -23.18 45.37
C LYS CA 37 56.59 -22.22 46.55
N PHE CA 38 56.43 -20.93 46.29
CA PHE CA 38 56.32 -19.95 47.36
C PHE CA 38 55.05 -20.15 48.16
N LEU CA 39 53.95 -20.47 47.48
CA LEU CA 39 52.66 -20.59 48.16
C LEU CA 39 52.63 -21.78 49.11
N ARG CA 40 53.15 -22.93 48.69
CA ARG CA 40 52.97 -24.10 49.53
C ARG CA 40 53.82 -24.03 50.78
N ASN CA 41 54.96 -23.33 50.73
CA ASN CA 41 55.70 -23.07 51.96
C ASN CA 41 54.96 -22.07 52.83
N MET CA 42 54.33 -21.08 52.20
CA MET CA 42 53.52 -20.11 52.93
C MET CA 42 52.37 -20.81 53.65
N ARG CA 43 51.80 -21.83 53.03
CA ARG CA 43 50.77 -22.64 53.68
C ARG CA 43 51.35 -23.41 54.85
N PHE CA 44 52.57 -23.92 54.70
CA PHE CA 44 53.21 -24.64 55.79
C PHE CA 44 53.56 -23.71 56.95
N ALA CA 45 54.02 -22.50 56.64
CA ALA CA 45 54.30 -21.54 57.69
C ALA CA 45 53.03 -21.16 58.45
N LYS CA 46 51.92 -21.04 57.74
CA LYS CA 46 50.65 -20.73 58.39
C LYS CA 46 50.17 -21.88 59.25
N LYS CA 47 50.33 -23.12 58.77
CA LYS CA 47 49.82 -24.28 59.49
C LYS CA 47 50.50 -24.44 60.83
N HIS CA 48 51.80 -24.21 60.89
CA HIS CA 48 52.58 -24.44 62.09
C HIS CA 48 52.72 -23.20 62.96
N ASN CA 49 51.96 -22.14 62.67
CA ASN CA 49 51.93 -21.00 63.57
C ASN CA 49 51.36 -21.37 64.94
N LYS CA 50 50.65 -22.49 65.02
CA LYS CA 50 50.08 -22.94 66.29
C LYS CA 50 51.16 -23.18 67.32
N LYS CA 51 52.21 -23.93 66.95
CA LYS CA 51 53.31 -24.14 67.86
C LYS CA 51 54.06 -22.84 68.06
N GLY CA 52 54.67 -22.69 69.23
CA GLY CA 52 55.25 -21.42 69.58
C GLY CA 52 54.24 -20.39 70.04
N LEU CA 53 52.97 -20.78 70.21
CA LEU CA 53 51.99 -19.85 70.77
C LEU CA 53 52.29 -19.57 72.24
N LYS CA 54 52.72 -20.59 72.98
CA LYS CA 54 53.11 -20.37 74.37
C LYS CA 54 54.32 -19.44 74.46
N LYS CA 55 55.30 -19.65 73.59
CA LYS CA 55 56.44 -18.74 73.53
C LYS CA 55 56.01 -17.34 73.11
N MET CA 56 55.06 -17.28 72.17
CA MET CA 56 54.62 -15.98 71.65
C MET CA 56 53.93 -15.15 72.72
N GLN CA 57 53.05 -15.79 73.50
CA GLN CA 57 52.37 -15.05 74.57
C GLN CA 57 53.29 -14.77 75.74
N ALA CA 58 54.31 -15.62 75.95
CA ALA CA 58 55.30 -15.35 76.98
C ALA CA 58 56.10 -14.09 76.66
N ASN CA 59 56.50 -13.93 75.40
CA ASN CA 59 57.20 -12.72 75.00
C ASN CA 59 56.28 -11.51 75.11
N ASN CA 60 55.00 -11.67 74.76
CA ASN CA 60 54.06 -10.58 74.86
C ASN CA 60 53.82 -10.18 76.31
N ALA CA 61 53.71 -11.16 77.20
CA ALA CA 61 53.41 -10.86 78.60
C ALA CA 61 54.55 -10.11 79.26
N LYS CA 62 55.79 -10.54 79.06
CA LYS CA 62 56.93 -9.87 79.68
C LYS CA 62 57.15 -8.49 79.07
N ALA CA 63 56.93 -8.34 77.77
CA ALA CA 63 57.07 -7.03 77.14
C ALA CA 63 55.99 -6.08 77.63
N MET CA 64 54.77 -6.58 77.79
CA MET CA 64 53.69 -5.74 78.32
C MET CA 64 53.98 -5.32 79.76
N SER CA 65 54.46 -6.25 80.58
CA SER CA 65 54.78 -5.92 81.97
C SER CA 65 55.95 -4.94 82.05
N ALA CA 66 56.99 -5.16 81.23
CA ALA CA 66 58.12 -4.25 81.23
C ALA CA 66 57.71 -2.84 80.77
N ARG CA 67 56.84 -2.77 79.76
CA ARG CA 67 56.32 -1.49 79.32
C ARG CA 67 55.42 -0.86 80.38
N ALA CA 68 54.59 -1.68 81.05
CA ALA CA 68 53.68 -1.15 82.06
C ALA CA 68 54.44 -0.58 83.25
N GLU CA 69 55.49 -1.27 83.70
CA GLU CA 69 56.25 -0.77 84.84
C GLU CA 69 57.10 0.43 84.45
N ALA CA 70 57.51 0.53 83.19
CA ALA CA 70 58.26 1.70 82.75
C ALA CA 70 57.35 2.93 82.68
N ILE CA 71 56.11 2.76 82.23
CA ILE CA 71 55.18 3.87 82.16
C ILE CA 71 54.79 4.34 83.56
N LYS CA 72 54.47 3.39 84.44
CA LYS CA 72 54.07 3.73 85.81
C LYS CA 72 55.24 4.22 86.65
N ALA CA 73 56.47 4.14 86.16
CA ALA CA 73 57.62 4.69 86.87
C ALA CA 73 57.59 6.21 86.83
N LEU CA 74 57.00 6.82 87.84
CA LEU CA 74 56.88 8.27 87.95
C LEU CA 74 57.81 8.78 89.05
N VAL CA 75 58.57 9.83 88.73
CA VAL CA 75 59.57 10.48 89.59
C VAL CA 75 60.29 9.52 90.54
N VAL CA 88 47.47 40.74 81.42
CA VAL CA 88 46.85 42.06 81.52
C VAL CA 88 45.34 41.94 81.43
N SER CA 89 44.72 42.88 80.72
CA SER CA 89 43.26 42.91 80.59
C SER CA 89 42.80 42.08 79.40
N ARG CA 90 43.25 42.41 78.19
CA ARG CA 90 42.88 41.72 76.96
C ARG CA 90 41.36 41.70 76.79
N LYS CA 91 40.82 42.89 76.55
CA LYS CA 91 39.37 43.11 76.52
C LYS CA 91 38.65 42.13 75.62
N LEU CA 92 39.18 41.91 74.42
CA LEU CA 92 38.50 41.03 73.48
C LEU CA 92 38.59 39.57 73.95
N ASP CA 93 39.65 39.24 74.68
CA ASP CA 93 39.75 37.89 75.26
C ASP CA 93 38.84 37.73 76.47
N ARG CA 94 38.72 38.79 77.27
CA ARG CA 94 37.84 38.72 78.45
C ARG CA 94 36.39 38.56 78.04
N LEU CA 95 35.95 39.29 77.01
CA LEU CA 95 34.56 39.23 76.58
C LEU CA 95 34.21 37.88 75.98
N ALA CA 96 35.15 37.25 75.28
CA ALA CA 96 34.93 35.91 74.78
C ALA CA 96 34.83 34.90 75.91
N TYR CA 97 35.60 35.12 76.98
CA TYR CA 97 35.50 34.26 78.16
C TYR CA 97 34.14 34.40 78.82
N ILE CA 98 33.64 35.62 78.95
CA ILE CA 98 32.35 35.85 79.57
C ILE CA 98 31.23 35.26 78.70
N ALA CA 99 31.37 35.37 77.39
CA ALA CA 99 30.36 34.83 76.48
C ALA CA 99 30.30 33.32 76.46
N HIS CA 100 31.29 32.64 77.03
CA HIS CA 100 31.27 31.18 77.06
C HIS CA 100 30.14 30.70 77.97
N PRO CA 101 29.33 29.73 77.54
CA PRO CA 101 28.19 29.31 78.37
C PRO CA 101 28.57 28.78 79.73
N LYS CA 102 29.72 28.15 79.86
CA LYS CA 102 30.14 27.54 81.12
C LYS CA 102 31.28 28.28 81.80
N LEU CA 103 32.31 28.67 81.06
CA LEU CA 103 33.43 29.39 81.67
C LEU CA 103 33.02 30.76 82.19
N GLY CA 104 32.05 31.40 81.53
CA GLY CA 104 31.61 32.72 81.92
C GLY CA 104 30.34 32.76 82.75
N LYS CA 105 29.95 31.64 83.36
CA LYS CA 105 28.70 31.61 84.10
C LYS CA 105 28.77 32.48 85.34
N ARG CA 106 29.83 32.32 86.14
CA ARG CA 106 29.98 33.13 87.34
C ARG CA 106 30.35 34.57 86.99
N ALA CA 107 31.09 34.76 85.89
CA ALA CA 107 31.52 36.10 85.52
C ALA CA 107 30.33 36.98 85.14
N ARG CA 108 29.38 36.45 84.38
CA ARG CA 108 28.26 37.28 83.98
C ARG CA 108 27.19 37.35 85.06
N ALA CA 109 27.29 36.49 86.08
CA ALA CA 109 26.44 36.66 87.25
C ALA CA 109 26.94 37.82 88.11
N ARG CA 110 28.24 38.03 88.14
CA ARG CA 110 28.81 39.15 88.90
C ARG CA 110 28.34 40.48 88.35
N ILE CA 111 28.35 40.63 87.02
CA ILE CA 111 27.97 41.91 86.42
C ILE CA 111 26.46 42.11 86.52
N ALA CA 112 25.70 41.03 86.64
CA ALA CA 112 24.26 41.15 86.82
C ALA CA 112 23.93 41.74 88.18
N LYS CA 113 24.59 41.27 89.24
CA LYS CA 113 24.39 41.85 90.56
C LYS CA 113 24.88 43.30 90.59
N GLY CA 114 25.90 43.62 89.80
CA GLY CA 114 26.36 44.98 89.73
C GLY CA 114 25.32 45.92 89.15
N LEU CA 115 24.51 45.42 88.22
CA LEU CA 115 23.47 46.25 87.62
C LEU CA 115 22.35 46.53 88.63
N ARG CA 116 22.14 45.62 89.57
CA ARG CA 116 20.99 45.72 90.47
C ARG CA 116 21.35 46.46 91.75
N LEU CA 117 22.36 45.95 92.46
CA LEU CA 117 22.67 46.46 93.80
C LEU CA 117 23.48 47.75 93.71
N CYS CA 118 23.16 48.68 94.62
CA CYS CA 118 23.95 49.89 94.82
C CYS CA 118 24.27 50.00 96.30
N ARG CA 119 25.56 50.11 96.63
CA ARG CA 119 26.01 50.16 98.01
C ARG CA 119 27.02 51.28 98.18
N PRO CA 120 27.04 51.92 99.33
CA PRO CA 120 27.98 53.03 99.56
C PRO CA 120 29.40 52.50 99.79
N LYS CA 121 30.31 53.44 100.02
CA LYS CA 121 31.73 53.15 100.23
C LYS CA 121 32.34 52.36 99.09
N LYS DA 1 4.41 -71.75 -88.66
CA LYS DA 1 3.82 -71.96 -89.98
C LYS DA 1 2.31 -72.07 -89.88
N SER DA 2 1.83 -72.66 -88.78
CA SER DA 2 0.41 -72.93 -88.64
C SER DA 2 -0.40 -71.63 -88.58
N LEU DA 3 0.13 -70.61 -87.91
CA LEU DA 3 -0.61 -69.35 -87.78
C LEU DA 3 -0.70 -68.62 -89.12
N GLU DA 4 0.41 -68.56 -89.86
CA GLU DA 4 0.37 -67.90 -91.16
C GLU DA 4 -0.38 -68.73 -92.20
N SER DA 5 -0.34 -70.06 -92.07
CA SER DA 5 -1.06 -70.91 -93.01
C SER DA 5 -2.56 -70.72 -92.88
N ILE DA 6 -3.07 -70.69 -91.64
CA ILE DA 6 -4.50 -70.48 -91.46
C ILE DA 6 -4.89 -69.06 -91.85
N ASN DA 7 -4.02 -68.08 -91.62
CA ASN DA 7 -4.32 -66.71 -92.00
C ASN DA 7 -4.37 -66.56 -93.51
N SER DA 8 -3.48 -67.25 -94.23
CA SER DA 8 -3.52 -67.19 -95.69
C SER DA 8 -4.74 -67.94 -96.24
N ARG DA 9 -5.06 -69.09 -95.65
CA ARG DA 9 -6.24 -69.82 -96.08
C ARG DA 9 -7.52 -69.07 -95.72
N LEU DA 10 -7.54 -68.43 -94.55
CA LEU DA 10 -8.70 -67.63 -94.18
C LEU DA 10 -8.89 -66.46 -95.13
N GLN DA 11 -7.80 -65.83 -95.55
CA GLN DA 11 -7.89 -64.75 -96.52
C GLN DA 11 -8.47 -65.25 -97.83
N LEU DA 12 -8.09 -66.44 -98.25
CA LEU DA 12 -8.59 -66.97 -99.51
C LEU DA 12 -9.99 -67.54 -99.39
N VAL DA 13 -10.44 -67.88 -98.17
CA VAL DA 13 -11.85 -68.18 -97.96
C VAL DA 13 -12.69 -66.94 -98.22
N MET DA 14 -12.24 -65.79 -97.73
CA MET DA 14 -12.80 -64.54 -98.20
C MET DA 14 -12.52 -64.39 -99.69
N LYS DA 15 -13.41 -63.66 -100.37
CA LYS DA 15 -13.25 -63.27 -101.77
C LYS DA 15 -13.44 -64.45 -102.72
N SER DA 16 -13.52 -65.67 -102.18
CA SER DA 16 -13.69 -66.85 -103.00
C SER DA 16 -14.71 -67.84 -102.47
N GLY DA 17 -15.09 -67.76 -101.19
CA GLY DA 17 -16.01 -68.70 -100.62
C GLY DA 17 -17.13 -68.01 -99.86
N LYS DA 18 -18.14 -68.79 -99.50
CA LYS DA 18 -19.25 -68.29 -98.72
C LYS DA 18 -18.97 -68.53 -97.25
N TYR DA 19 -19.03 -67.47 -96.46
CA TYR DA 19 -18.77 -67.56 -95.03
C TYR DA 19 -19.85 -66.78 -94.31
N VAL DA 20 -19.71 -66.66 -93.00
CA VAL DA 20 -20.57 -65.81 -92.22
C VAL DA 20 -19.83 -65.45 -90.94
N LEU DA 21 -20.02 -64.22 -90.46
CA LEU DA 21 -19.27 -63.69 -89.34
C LEU DA 21 -20.21 -63.40 -88.18
N GLY DA 22 -19.83 -63.86 -86.99
CA GLY DA 22 -20.56 -63.51 -85.80
C GLY DA 22 -21.23 -64.67 -85.10
N TYR DA 23 -21.59 -64.46 -83.84
CA TYR DA 23 -22.09 -65.55 -83.00
C TYR DA 23 -23.49 -65.99 -83.44
N LYS DA 24 -24.41 -65.04 -83.63
CA LYS DA 24 -25.80 -65.41 -83.91
C LYS DA 24 -25.92 -66.09 -85.26
N GLN DA 25 -25.20 -65.60 -86.26
CA GLN DA 25 -25.31 -66.20 -87.58
C GLN DA 25 -24.58 -67.54 -87.64
N THR DA 26 -23.54 -67.74 -86.82
CA THR DA 26 -22.88 -69.03 -86.77
C THR DA 26 -23.83 -70.10 -86.25
N LEU DA 27 -24.54 -69.80 -85.17
CA LEU DA 27 -25.52 -70.75 -84.63
C LEU DA 27 -26.63 -71.01 -85.63
N LYS DA 28 -27.08 -69.98 -86.33
CA LYS DA 28 -28.12 -70.15 -87.33
C LYS DA 28 -27.64 -71.04 -88.47
N MET DA 29 -26.37 -70.89 -88.87
CA MET DA 29 -25.83 -71.72 -89.94
C MET DA 29 -25.60 -73.15 -89.47
N ILE DA 30 -25.19 -73.33 -88.21
CA ILE DA 30 -24.92 -74.66 -87.70
C ILE DA 30 -26.20 -75.50 -87.66
N ARG DA 31 -27.26 -74.93 -87.09
CA ARG DA 31 -28.51 -75.67 -86.97
C ARG DA 31 -29.20 -75.86 -88.31
N GLN DA 32 -28.84 -75.07 -89.32
CA GLN DA 32 -29.26 -75.35 -90.69
C GLN DA 32 -28.42 -76.45 -91.33
N GLY DA 33 -27.33 -76.85 -90.70
CA GLY DA 33 -26.53 -77.94 -91.22
C GLY DA 33 -25.70 -77.60 -92.43
N LYS DA 34 -25.37 -76.33 -92.65
CA LYS DA 34 -24.57 -75.94 -93.80
C LYS DA 34 -23.28 -75.24 -93.42
N ALA DA 35 -22.92 -75.21 -92.14
CA ALA DA 35 -21.62 -74.71 -91.71
C ALA DA 35 -20.65 -75.89 -91.67
N LYS DA 36 -19.58 -75.79 -92.46
CA LYS DA 36 -18.64 -76.89 -92.58
C LYS DA 36 -17.39 -76.70 -91.72
N LEU DA 37 -17.14 -75.50 -91.21
CA LEU DA 37 -16.03 -75.26 -90.30
C LEU DA 37 -16.33 -74.01 -89.50
N VAL DA 38 -16.18 -74.10 -88.19
CA VAL DA 38 -16.42 -72.97 -87.30
C VAL DA 38 -15.10 -72.62 -86.64
N ILE DA 39 -14.73 -71.33 -86.69
CA ILE DA 39 -13.47 -70.84 -86.16
C ILE DA 39 -13.75 -69.95 -84.97
N LEU DA 40 -13.09 -70.22 -83.86
CA LEU DA 40 -13.29 -69.50 -82.61
C LEU DA 40 -12.00 -68.80 -82.20
N ALA DA 41 -12.09 -67.53 -81.88
CA ALA DA 41 -10.98 -66.84 -81.24
C ALA DA 41 -10.81 -67.36 -79.82
N ASN DA 42 -9.58 -67.33 -79.31
CA ASN DA 42 -9.37 -67.74 -77.94
C ASN DA 42 -9.91 -66.72 -76.95
N ASN DA 43 -10.23 -65.52 -77.42
CA ASN DA 43 -10.90 -64.49 -76.64
C ASN DA 43 -12.36 -64.81 -76.38
N CYS DA 44 -12.88 -65.87 -76.99
CA CYS DA 44 -14.31 -66.18 -76.89
C CYS DA 44 -14.68 -66.47 -75.43
N PRO DA 45 -15.87 -66.06 -75.00
CA PRO DA 45 -16.32 -66.44 -73.66
C PRO DA 45 -16.39 -67.95 -73.53
N ALA DA 46 -16.01 -68.44 -72.35
CA ALA DA 46 -15.85 -69.88 -72.16
C ALA DA 46 -17.19 -70.61 -72.33
N LEU DA 47 -18.27 -70.00 -71.87
CA LEU DA 47 -19.59 -70.60 -72.06
C LEU DA 47 -19.96 -70.64 -73.53
N ARG DA 48 -19.70 -69.56 -74.26
CA ARG DA 48 -19.99 -69.53 -75.69
C ARG DA 48 -19.12 -70.52 -76.45
N LYS DA 49 -17.86 -70.64 -76.05
CA LYS DA 49 -16.96 -71.61 -76.66
C LYS DA 49 -17.48 -73.03 -76.46
N SER DA 50 -17.91 -73.34 -75.24
CA SER DA 50 -18.42 -74.66 -74.92
C SER DA 50 -19.74 -74.94 -75.64
N GLU DA 51 -20.58 -73.92 -75.79
CA GLU DA 51 -21.87 -74.12 -76.43
C GLU DA 51 -21.72 -74.38 -77.92
N ILE DA 52 -20.83 -73.64 -78.58
CA ILE DA 52 -20.63 -73.81 -80.02
C ILE DA 52 -20.00 -75.17 -80.30
N GLU DA 53 -19.14 -75.64 -79.40
CA GLU DA 53 -18.58 -76.98 -79.55
C GLU DA 53 -19.65 -78.04 -79.43
N TYR DA 54 -20.61 -77.87 -78.52
CA TYR DA 54 -21.72 -78.80 -78.40
C TYR DA 54 -22.59 -78.77 -79.64
N TYR DA 55 -22.85 -77.58 -80.18
CA TYR DA 55 -23.63 -77.46 -81.40
C TYR DA 55 -22.93 -78.15 -82.56
N ALA DA 56 -21.61 -77.99 -82.65
CA ALA DA 56 -20.85 -78.60 -83.74
C ALA DA 56 -20.83 -80.12 -83.62
N MET DA 57 -20.78 -80.64 -82.40
CA MET DA 57 -20.85 -82.08 -82.21
C MET DA 57 -22.19 -82.63 -82.67
N LEU DA 58 -23.28 -81.92 -82.37
CA LEU DA 58 -24.59 -82.35 -82.84
C LEU DA 58 -24.69 -82.26 -84.35
N ALA DA 59 -24.11 -81.21 -84.94
CA ALA DA 59 -24.16 -80.99 -86.36
C ALA DA 59 -23.07 -81.73 -87.12
N LYS DA 60 -22.14 -82.36 -86.42
CA LYS DA 60 -21.03 -83.11 -87.03
C LYS DA 60 -20.19 -82.20 -87.93
N THR DA 61 -19.73 -81.09 -87.38
CA THR DA 61 -18.87 -80.18 -88.10
C THR DA 61 -17.65 -79.84 -87.25
N GLY DA 62 -16.58 -79.44 -87.93
CA GLY DA 62 -15.31 -79.20 -87.26
C GLY DA 62 -15.20 -77.82 -86.67
N VAL DA 63 -14.47 -77.72 -85.57
CA VAL DA 63 -14.18 -76.46 -84.91
C VAL DA 63 -12.68 -76.28 -84.87
N HIS DA 64 -12.21 -75.12 -85.33
CA HIS DA 64 -10.81 -74.74 -85.20
C HIS DA 64 -10.71 -73.61 -84.21
N HIS DA 65 -9.88 -73.79 -83.18
CA HIS DA 65 -9.64 -72.75 -82.19
C HIS DA 65 -8.53 -71.85 -82.72
N TYR DA 66 -8.91 -70.65 -83.14
CA TYR DA 66 -7.94 -69.74 -83.73
C TYR DA 66 -6.97 -69.24 -82.67
N SER DA 67 -5.68 -69.29 -83.00
CA SER DA 67 -4.63 -68.86 -82.07
C SER DA 67 -4.40 -67.35 -82.20
N GLY DA 68 -5.47 -66.61 -82.00
CA GLY DA 68 -5.41 -65.16 -82.05
C GLY DA 68 -6.26 -64.54 -80.96
N ASN DA 69 -7.19 -63.67 -81.34
CA ASN DA 69 -8.27 -63.18 -80.50
C ASN DA 69 -9.27 -62.51 -81.44
N ASN DA 70 -10.36 -61.98 -80.89
CA ASN DA 70 -11.42 -61.47 -81.76
C ASN DA 70 -10.94 -60.27 -82.56
N ILE DA 71 -9.98 -59.51 -82.02
CA ILE DA 71 -9.37 -58.43 -82.78
C ILE DA 71 -8.52 -59.00 -83.92
N GLU DA 72 -7.71 -60.01 -83.60
CA GLU DA 72 -6.81 -60.56 -84.62
C GLU DA 72 -7.56 -61.42 -85.63
N LEU DA 73 -8.63 -62.09 -85.20
CA LEU DA 73 -9.44 -62.82 -86.14
C LEU DA 73 -10.19 -61.87 -87.07
N GLY DA 74 -10.49 -60.66 -86.58
CA GLY DA 74 -11.10 -59.67 -87.44
C GLY DA 74 -10.16 -59.21 -88.54
N THR DA 75 -8.90 -58.96 -88.19
CA THR DA 75 -7.92 -58.58 -89.20
C THR DA 75 -7.64 -59.72 -90.16
N ALA DA 76 -7.60 -60.95 -89.65
CA ALA DA 76 -7.34 -62.11 -90.48
C ALA DA 76 -8.42 -62.30 -91.53
N CYS DA 77 -9.66 -61.90 -91.21
CA CYS DA 77 -10.74 -61.94 -92.17
C CYS DA 77 -10.74 -60.75 -93.11
N GLY DA 78 -9.88 -59.77 -92.89
CA GLY DA 78 -9.88 -58.57 -93.69
C GLY DA 78 -10.88 -57.51 -93.26
N LYS DA 79 -11.50 -57.67 -92.10
CA LYS DA 79 -12.48 -56.73 -91.62
C LYS DA 79 -11.83 -55.74 -90.65
N TYR DA 80 -12.51 -54.62 -90.43
CA TYR DA 80 -12.05 -53.61 -89.50
C TYR DA 80 -12.81 -53.68 -88.19
N TYR DA 81 -13.47 -54.80 -87.92
CA TYR DA 81 -14.20 -55.01 -86.68
C TYR DA 81 -13.79 -56.35 -86.11
N ARG DA 82 -14.05 -56.52 -84.82
CA ARG DA 82 -13.73 -57.77 -84.14
C ARG DA 82 -14.74 -58.84 -84.54
N VAL DA 83 -14.25 -60.00 -84.95
CA VAL DA 83 -15.09 -61.18 -85.11
C VAL DA 83 -14.59 -62.25 -84.14
N CYS DA 84 -15.51 -62.79 -83.35
CA CYS DA 84 -15.18 -63.79 -82.35
C CYS DA 84 -15.54 -65.19 -82.79
N THR DA 85 -16.54 -65.34 -83.65
CA THR DA 85 -16.98 -66.63 -84.15
C THR DA 85 -17.31 -66.48 -85.62
N LEU DA 86 -16.95 -67.47 -86.42
CA LEU DA 86 -17.27 -67.43 -87.84
C LEU DA 86 -17.48 -68.84 -88.35
N ALA DA 87 -18.24 -68.96 -89.43
CA ALA DA 87 -18.54 -70.24 -90.04
C ALA DA 87 -18.33 -70.16 -91.53
N ILE DA 88 -17.83 -71.26 -92.11
CA ILE DA 88 -17.56 -71.33 -93.54
C ILE DA 88 -18.60 -72.25 -94.17
N ILE DA 89 -19.34 -71.71 -95.14
CA ILE DA 89 -20.33 -72.51 -95.85
C ILE DA 89 -19.65 -73.41 -96.87
N ASP DA 90 -18.79 -72.84 -97.71
CA ASP DA 90 -17.96 -73.65 -98.59
C ASP DA 90 -16.66 -72.88 -98.81
N PRO DA 91 -15.52 -73.52 -98.64
CA PRO DA 91 -14.25 -72.78 -98.73
C PRO DA 91 -13.89 -72.31 -100.13
N GLY DA 92 -13.89 -73.23 -101.10
CA GLY DA 92 -13.37 -72.94 -102.41
C GLY DA 92 -11.86 -72.93 -102.51
N ASP DA 93 -11.15 -73.26 -101.43
CA ASP DA 93 -9.68 -73.22 -101.50
C ASP DA 93 -8.99 -74.35 -100.72
N SER DA 94 -9.63 -75.50 -100.50
CA SER DA 94 -9.06 -76.64 -99.80
C SER DA 94 -8.68 -76.34 -98.34
N ASP DA 95 -9.27 -75.30 -97.74
CA ASP DA 95 -9.22 -75.19 -96.29
C ASP DA 95 -9.95 -76.35 -95.65
N ILE DA 96 -11.06 -76.77 -96.24
CA ILE DA 96 -11.82 -77.93 -95.81
C ILE DA 96 -11.62 -79.01 -96.86
N ILE DA 97 -11.01 -80.13 -96.45
CA ILE DA 97 -10.76 -81.22 -97.39
C ILE DA 97 -12.07 -81.91 -97.75
N ARG DA 98 -12.25 -82.21 -99.03
CA ARG DA 98 -13.48 -82.83 -99.52
C ARG DA 98 -13.59 -84.27 -99.07
N ASN EA 1 -64.78 43.50 -38.35
CA ASN EA 1 -65.44 42.22 -38.15
C ASN EA 1 -64.45 41.18 -37.65
N GLU EA 2 -64.93 39.97 -37.36
CA GLU EA 2 -64.06 38.92 -36.85
C GLU EA 2 -64.33 37.56 -37.46
N VAL EA 3 -65.17 37.47 -38.49
CA VAL EA 3 -65.39 36.20 -39.18
C VAL EA 3 -64.96 36.45 -40.62
N VAL EA 4 -63.97 37.28 -40.79
CA VAL EA 4 -63.46 37.65 -42.10
C VAL EA 4 -62.59 36.52 -42.64
N THR EA 5 -62.61 36.34 -43.96
CA THR EA 5 -61.73 35.41 -44.65
C THR EA 5 -61.05 36.12 -45.81
N ARG EA 6 -59.77 35.82 -46.02
CA ARG EA 6 -58.95 36.51 -47.00
C ARG EA 6 -58.06 35.51 -47.72
N GLU EA 7 -57.64 35.88 -48.93
CA GLU EA 7 -56.74 35.05 -49.73
C GLU EA 7 -55.38 35.72 -49.81
N TYR EA 8 -54.35 35.00 -49.40
CA TYR EA 8 -52.97 35.45 -49.42
C TYR EA 8 -52.15 34.55 -50.33
N THR EA 9 -51.01 35.05 -50.73
CA THR EA 9 -49.95 34.23 -51.30
C THR EA 9 -48.70 34.35 -50.45
N ILE EA 10 -48.11 33.21 -50.11
CA ILE EA 10 -46.98 33.15 -49.19
C ILE EA 10 -45.73 32.78 -49.96
N ASN EA 11 -44.70 33.62 -49.84
CA ASN EA 11 -43.39 33.29 -50.39
C ASN EA 11 -42.76 32.24 -49.47
N ILE EA 12 -43.01 30.98 -49.79
CA ILE EA 12 -42.39 29.89 -49.06
C ILE EA 12 -40.88 29.90 -49.27
N HIS EA 13 -40.45 30.19 -50.51
CA HIS EA 13 -39.04 30.23 -50.84
C HIS EA 13 -38.27 31.19 -49.94
N LYS EA 14 -38.88 32.33 -49.66
CA LYS EA 14 -38.25 33.34 -48.83
C LYS EA 14 -38.10 32.87 -47.39
N ARG EA 15 -39.09 32.13 -46.89
CA ARG EA 15 -39.11 31.73 -45.49
C ARG EA 15 -38.37 30.42 -45.23
N ILE EA 16 -38.10 29.64 -46.26
CA ILE EA 16 -37.40 28.37 -46.13
C ILE EA 16 -35.93 28.49 -46.46
N HIS EA 17 -35.50 29.62 -47.01
CA HIS EA 17 -34.14 29.74 -47.50
C HIS EA 17 -33.12 29.50 -46.39
N GLY EA 18 -32.18 28.60 -46.68
CA GLY EA 18 -31.12 28.27 -45.75
C GLY EA 18 -31.37 27.04 -44.91
N VAL EA 19 -32.57 26.47 -44.96
CA VAL EA 19 -32.95 25.34 -44.13
C VAL EA 19 -32.48 24.06 -44.80
N GLY EA 20 -32.04 23.09 -43.99
CA GLY EA 20 -31.52 21.86 -44.53
C GLY EA 20 -32.58 21.02 -45.22
N PHE EA 21 -32.11 20.01 -45.96
CA PHE EA 21 -32.98 19.25 -46.85
C PHE EA 21 -34.08 18.52 -46.08
N LYS EA 22 -33.73 17.86 -44.99
CA LYS EA 22 -34.70 17.07 -44.25
C LYS EA 22 -35.60 17.92 -43.37
N LYS EA 23 -35.44 19.25 -43.40
CA LYS EA 23 -36.22 20.14 -42.56
C LYS EA 23 -37.06 21.14 -43.34
N ARG EA 24 -37.03 21.12 -44.67
CA ARG EA 24 -37.65 22.20 -45.43
C ARG EA 24 -39.17 22.13 -45.39
N ALA EA 25 -39.74 21.00 -45.80
CA ALA EA 25 -41.20 20.86 -45.73
C ALA EA 25 -41.72 20.93 -44.30
N PRO EA 26 -41.09 20.30 -43.29
CA PRO EA 26 -41.55 20.55 -41.92
C PRO EA 26 -41.46 22.00 -41.50
N ARG EA 27 -40.45 22.74 -41.95
CA ARG EA 27 -40.36 24.16 -41.63
C ARG EA 27 -41.41 24.96 -42.39
N ALA EA 28 -41.78 24.51 -43.58
CA ALA EA 28 -42.77 25.24 -44.36
C ALA EA 28 -44.13 25.25 -43.66
N LEU EA 29 -44.47 24.16 -42.98
CA LEU EA 29 -45.72 24.15 -42.20
C LEU EA 29 -45.63 25.08 -41.01
N LYS EA 30 -44.47 25.13 -40.36
CA LYS EA 30 -44.28 26.02 -39.23
C LYS EA 30 -44.33 27.48 -39.66
N GLU EA 31 -43.78 27.79 -40.82
CA GLU EA 31 -43.82 29.16 -41.32
C GLU EA 31 -45.21 29.56 -41.79
N ILE EA 32 -45.96 28.62 -42.34
CA ILE EA 32 -47.34 28.91 -42.74
C ILE EA 32 -48.19 29.16 -41.51
N ARG EA 33 -48.02 28.33 -40.47
CA ARG EA 33 -48.76 28.53 -39.24
C ARG EA 33 -48.38 29.86 -38.57
N LYS EA 34 -47.10 30.20 -38.61
CA LYS EA 34 -46.64 31.47 -38.06
C LYS EA 34 -47.16 32.64 -38.88
N PHE EA 35 -47.28 32.46 -40.20
CA PHE EA 35 -47.85 33.49 -41.05
C PHE EA 35 -49.29 33.79 -40.67
N ALA EA 36 -50.09 32.74 -40.44
CA ALA EA 36 -51.50 32.93 -40.14
C ALA EA 36 -51.70 33.55 -38.76
N MET EA 37 -50.82 33.24 -37.81
CA MET EA 37 -50.89 33.86 -36.49
C MET EA 37 -50.63 35.36 -36.59
N LYS EA 38 -49.70 35.75 -37.45
CA LYS EA 38 -49.38 37.17 -37.59
C LYS EA 38 -50.50 37.91 -38.31
N GLU EA 39 -51.08 37.29 -39.35
CA GLU EA 39 -52.09 37.98 -40.14
C GLU EA 39 -53.43 38.09 -39.44
N MET EA 40 -53.88 37.02 -38.79
CA MET EA 40 -55.22 37.01 -38.21
C MET EA 40 -55.22 37.15 -36.70
N GLY EA 41 -54.04 37.12 -36.07
CA GLY EA 41 -53.96 37.30 -34.64
C GLY EA 41 -54.62 36.21 -33.83
N THR EA 42 -54.58 34.97 -34.31
CA THR EA 42 -55.21 33.84 -33.62
C THR EA 42 -54.13 32.79 -33.34
N PRO EA 43 -53.80 32.53 -32.08
CA PRO EA 43 -52.86 31.44 -31.80
C PRO EA 43 -53.35 30.08 -32.25
N ASP EA 44 -54.67 29.87 -32.32
CA ASP EA 44 -55.25 28.63 -32.81
C ASP EA 44 -55.30 28.69 -34.33
N VAL EA 45 -54.42 27.95 -34.99
CA VAL EA 45 -54.37 27.90 -36.44
C VAL EA 45 -54.49 26.44 -36.85
N ARG EA 46 -55.52 26.14 -37.62
CA ARG EA 46 -55.71 24.80 -38.17
C ARG EA 46 -55.32 24.81 -39.64
N ILE EA 47 -54.50 23.84 -40.04
CA ILE EA 47 -54.03 23.71 -41.41
C ILE EA 47 -54.76 22.55 -42.05
N ASP EA 48 -55.41 22.81 -43.18
CA ASP EA 48 -56.13 21.78 -43.89
C ASP EA 48 -55.19 20.69 -44.37
N THR EA 49 -55.71 19.47 -44.45
CA THR EA 49 -54.90 18.35 -44.94
C THR EA 49 -54.59 18.50 -46.42
N ARG EA 50 -55.49 19.12 -47.19
CA ARG EA 50 -55.20 19.36 -48.59
C ARG EA 50 -54.07 20.37 -48.74
N LEU EA 51 -53.99 21.34 -47.84
CA LEU EA 51 -52.85 22.25 -47.82
C LEU EA 51 -51.58 21.52 -47.46
N ASN EA 52 -51.64 20.64 -46.45
CA ASN EA 52 -50.47 19.88 -46.04
C ASN EA 52 -49.98 18.99 -47.17
N LYS EA 53 -50.90 18.44 -47.96
CA LYS EA 53 -50.51 17.64 -49.11
C LYS EA 53 -49.86 18.51 -50.17
N ALA EA 54 -50.32 19.75 -50.33
CA ALA EA 54 -49.75 20.63 -51.34
C ALA EA 54 -48.32 21.00 -51.01
N VAL EA 55 -48.03 21.27 -49.73
CA VAL EA 55 -46.68 21.63 -49.34
C VAL EA 55 -45.73 20.45 -49.49
N TRP EA 56 -46.23 19.24 -49.25
CA TRP EA 56 -45.44 18.04 -49.35
C TRP EA 56 -45.50 17.40 -50.73
N ALA EA 57 -46.09 18.09 -51.71
CA ALA EA 57 -46.37 17.47 -53.01
C ALA EA 57 -45.09 17.05 -53.72
N LYS EA 58 -44.04 17.86 -53.62
CA LYS EA 58 -42.77 17.58 -54.29
C LYS EA 58 -41.72 17.05 -53.33
N GLY EA 59 -42.12 16.39 -52.26
CA GLY EA 59 -41.17 15.81 -51.34
C GLY EA 59 -40.80 16.74 -50.19
N ILE EA 60 -39.76 16.32 -49.48
CA ILE EA 60 -39.37 17.00 -48.24
C ILE EA 60 -38.44 18.19 -48.48
N ARG EA 61 -37.71 18.23 -49.59
CA ARG EA 61 -36.73 19.28 -49.79
C ARG EA 61 -37.05 20.21 -50.94
N ASN EA 62 -37.80 19.77 -51.94
CA ASN EA 62 -38.15 20.63 -53.06
C ASN EA 62 -39.55 21.21 -52.87
N VAL EA 63 -39.70 22.00 -51.82
CA VAL EA 63 -40.98 22.63 -51.48
C VAL EA 63 -41.30 23.69 -52.53
N PRO EA 64 -42.57 23.90 -52.87
CA PRO EA 64 -42.91 24.98 -53.81
C PRO EA 64 -42.48 26.34 -53.31
N TYR EA 65 -42.07 27.20 -54.25
CA TYR EA 65 -41.58 28.52 -53.90
C TYR EA 65 -42.69 29.41 -53.37
N ARG EA 66 -43.85 29.38 -54.01
CA ARG EA 66 -44.99 30.19 -53.62
C ARG EA 66 -46.21 29.29 -53.48
N ILE EA 67 -47.12 29.68 -52.61
CA ILE EA 67 -48.37 28.94 -52.44
C ILE EA 67 -49.47 29.93 -52.15
N ARG EA 68 -50.63 29.71 -52.75
CA ARG EA 68 -51.80 30.55 -52.57
C ARG EA 68 -52.70 29.89 -51.54
N VAL EA 69 -52.91 30.55 -50.41
CA VAL EA 69 -53.70 30.02 -49.32
C VAL EA 69 -54.87 30.95 -49.06
N ARG EA 70 -55.83 30.43 -48.30
CA ARG EA 70 -56.98 31.20 -47.87
C ARG EA 70 -57.07 31.11 -46.36
N LEU EA 71 -57.07 32.26 -45.69
CA LEU EA 71 -57.14 32.32 -44.24
C LEU EA 71 -58.56 32.68 -43.84
N SER EA 72 -59.22 31.81 -43.09
CA SER EA 72 -60.57 32.04 -42.61
C SER EA 72 -60.56 32.08 -41.10
N ARG EA 73 -60.85 33.25 -40.54
CA ARG EA 73 -61.04 33.37 -39.10
C ARG EA 73 -62.47 32.99 -38.77
N LYS EA 74 -62.64 32.01 -37.90
CA LYS EA 74 -63.95 31.46 -37.59
C LYS EA 74 -64.12 31.41 -36.09
N ARG EA 75 -65.38 31.37 -35.65
CA ARG EA 75 -65.67 31.29 -34.23
C ARG EA 75 -65.25 29.94 -33.68
N ASN EA 76 -64.44 29.96 -32.63
CA ASN EA 76 -64.14 28.75 -31.87
C ASN EA 76 -65.15 28.52 -30.76
N GLU EA 77 -66.30 29.20 -30.83
CA GLU EA 77 -67.30 29.11 -29.78
C GLU EA 77 -68.06 27.79 -29.88
N ASP EA 78 -67.32 26.69 -29.77
CA ASP EA 78 -67.89 25.36 -29.81
C ASP EA 78 -67.70 24.60 -28.50
N GLU EA 79 -66.85 25.09 -27.60
CA GLU EA 79 -66.65 24.50 -26.29
C GLU EA 79 -65.97 25.55 -25.42
N ASP EA 80 -65.70 25.19 -24.17
CA ASP EA 80 -64.95 26.05 -23.26
C ASP EA 80 -63.48 26.00 -23.66
N SER EA 81 -63.01 27.03 -24.35
CA SER EA 81 -61.64 27.08 -24.82
C SER EA 81 -61.01 28.43 -24.46
N PRO EA 82 -59.70 28.45 -24.25
CA PRO EA 82 -59.03 29.73 -23.99
C PRO EA 82 -59.15 30.72 -25.13
N ASN EA 83 -59.24 30.25 -26.37
CA ASN EA 83 -59.37 31.09 -27.54
C ASN EA 83 -60.78 30.97 -28.09
N LYS EA 84 -61.43 32.10 -28.32
CA LYS EA 84 -62.75 32.14 -28.92
C LYS EA 84 -62.71 32.16 -30.43
N LEU EA 85 -61.54 32.32 -31.03
CA LEU EA 85 -61.40 32.41 -32.47
C LEU EA 85 -60.26 31.52 -32.94
N TYR EA 86 -60.38 31.02 -34.16
CA TYR EA 86 -59.36 30.17 -34.77
C TYR EA 86 -59.32 30.45 -36.26
N THR EA 87 -58.17 30.18 -36.86
CA THR EA 87 -57.96 30.41 -38.29
C THR EA 87 -57.77 29.07 -38.98
N LEU EA 88 -58.60 28.80 -39.98
CA LEU EA 88 -58.45 27.65 -40.85
C LEU EA 88 -57.75 28.08 -42.12
N VAL EA 89 -56.63 27.46 -42.43
CA VAL EA 89 -55.82 27.82 -43.59
C VAL EA 89 -56.01 26.72 -44.62
N THR EA 90 -56.61 27.06 -45.74
CA THR EA 90 -56.86 26.11 -46.82
C THR EA 90 -55.96 26.40 -48.01
N TYR EA 91 -56.04 25.54 -49.00
CA TYR EA 91 -55.19 25.60 -50.17
C TYR EA 91 -55.98 26.10 -51.36
N VAL EA 92 -55.44 27.06 -52.09
CA VAL EA 92 -56.09 27.59 -53.28
C VAL EA 92 -55.22 27.25 -54.50
N PRO EA 93 -55.63 26.31 -55.33
CA PRO EA 93 -54.84 25.99 -56.52
C PRO EA 93 -54.90 27.12 -57.53
N VAL EA 94 -53.73 27.53 -58.03
CA VAL EA 94 -53.62 28.59 -59.02
C VAL EA 94 -52.70 28.12 -60.12
N THR EA 95 -52.86 28.73 -61.31
CA THR EA 95 -52.00 28.43 -62.44
C THR EA 95 -50.80 29.35 -62.54
N THR EA 96 -50.90 30.57 -62.01
CA THR EA 96 -49.80 31.51 -62.02
C THR EA 96 -49.89 32.37 -60.77
N PHE EA 97 -48.74 32.90 -60.35
CA PHE EA 97 -48.69 33.79 -59.19
C PHE EA 97 -48.45 35.23 -59.58
N LYS EA 98 -48.48 35.55 -60.87
CA LYS EA 98 -48.24 36.92 -61.31
C LYS EA 98 -49.44 37.80 -61.01
N ASN EA 99 -49.17 38.98 -60.47
CA ASN EA 99 -50.18 40.02 -60.24
C ASN EA 99 -51.27 39.58 -59.28
N LEU EA 100 -50.95 38.67 -58.36
CA LEU EA 100 -51.92 38.23 -57.36
C LEU EA 100 -51.77 39.09 -56.12
N GLN EA 101 -52.82 39.84 -55.80
CA GLN EA 101 -52.86 40.69 -54.63
C GLN EA 101 -53.49 39.93 -53.47
N THR EA 102 -53.36 40.49 -52.27
CA THR EA 102 -54.11 39.99 -51.14
C THR EA 102 -55.53 40.52 -51.24
N VAL EA 103 -56.50 39.62 -51.33
CA VAL EA 103 -57.88 40.00 -51.65
C VAL EA 103 -58.79 39.56 -50.51
N ASN EA 104 -59.80 40.37 -50.23
CA ASN EA 104 -60.88 39.96 -49.35
C ASN EA 104 -61.86 39.10 -50.14
N VAL EA 105 -62.26 37.97 -49.56
CA VAL EA 105 -63.20 37.06 -50.20
C VAL EA 105 -64.44 36.96 -49.34
N ASP EA 106 -65.60 36.93 -49.98
CA ASP EA 106 -66.88 36.90 -49.27
C ASP EA 106 -67.17 35.47 -48.82
N GLU EA 107 -68.39 35.24 -48.34
CA GLU EA 107 -68.78 33.91 -47.87
C GLU EA 107 -69.13 32.99 -49.03
N ALA FA 1 -29.59 37.68 51.87
CA ALA FA 1 -30.20 36.85 50.84
C ALA FA 1 -29.64 35.44 50.87
N ALA FA 2 -28.74 35.14 49.94
CA ALA FA 2 -28.15 33.82 49.87
C ALA FA 2 -27.20 33.59 51.03
N LEU FA 3 -26.99 32.31 51.36
CA LEU FA 3 -26.04 31.95 52.39
C LEU FA 3 -24.62 32.24 51.92
N ARG FA 4 -23.81 32.78 52.82
CA ARG FA 4 -22.47 33.17 52.44
C ARG FA 4 -21.46 32.16 52.97
N PRO FA 5 -20.36 31.95 52.26
CA PRO FA 5 -19.34 31.02 52.75
C PRO FA 5 -18.60 31.61 53.95
N LEU FA 6 -17.83 30.75 54.60
CA LEU FA 6 -17.05 31.17 55.76
C LEU FA 6 -16.02 32.23 55.38
N VAL FA 7 -15.28 31.98 54.32
CA VAL FA 7 -14.34 32.94 53.76
C VAL FA 7 -14.55 32.98 52.25
N LYS FA 8 -14.29 34.14 51.67
CA LYS FA 8 -14.40 34.32 50.22
C LYS FA 8 -13.10 34.90 49.70
N PRO FA 9 -12.10 34.07 49.48
CA PRO FA 9 -10.86 34.57 48.87
C PRO FA 9 -11.04 34.85 47.39
N LYS FA 10 -10.05 35.53 46.83
CA LYS FA 10 -10.03 35.80 45.40
C LYS FA 10 -9.55 34.55 44.69
N ILE FA 11 -10.38 34.00 43.81
CA ILE FA 11 -10.02 32.81 43.05
C ILE FA 11 -9.25 33.24 41.82
N VAL FA 12 -8.03 32.73 41.66
CA VAL FA 12 -7.17 33.05 40.54
C VAL FA 12 -7.13 31.83 39.63
N LYS FA 13 -7.55 32.01 38.38
CA LYS FA 13 -7.47 30.97 37.38
C LYS FA 13 -6.30 31.28 36.46
N LYS FA 14 -5.33 30.35 36.39
CA LYS FA 14 -4.18 30.56 35.53
C LYS FA 14 -4.61 30.57 34.07
N ARG FA 15 -5.52 29.70 33.69
CA ARG FA 15 -6.09 29.70 32.36
C ARG FA 15 -7.60 29.58 32.46
N THR FA 16 -8.31 30.39 31.68
CA THR FA 16 -9.76 30.36 31.67
C THR FA 16 -10.34 29.61 30.48
N LYS FA 17 -9.61 29.56 29.36
CA LYS FA 17 -10.08 28.86 28.18
C LYS FA 17 -9.87 27.35 28.34
N LYS FA 18 -10.32 26.61 27.34
CA LYS FA 18 -10.18 25.17 27.34
C LYS FA 18 -9.01 24.77 26.45
N PHE FA 19 -8.38 23.66 26.80
CA PHE FA 19 -7.34 23.08 25.96
C PHE FA 19 -8.01 22.23 24.89
N ILE FA 20 -8.13 22.77 23.69
CA ILE FA 20 -8.74 22.02 22.60
C ILE FA 20 -7.70 21.10 21.97
N ARG FA 21 -8.17 19.99 21.43
CA ARG FA 21 -7.28 19.06 20.75
C ARG FA 21 -6.76 19.70 19.46
N HIS FA 22 -5.52 19.36 19.13
CA HIS FA 22 -4.92 19.82 17.89
C HIS FA 22 -5.72 19.32 16.69
N GLN FA 23 -6.00 20.23 15.76
CA GLN FA 23 -6.76 19.97 14.54
C GLN FA 23 -8.19 19.57 14.80
N SER FA 24 -8.72 19.81 16.00
CA SER FA 24 -10.14 19.57 16.25
C SER FA 24 -11.02 20.58 15.54
N ASP FA 25 -10.45 21.69 15.08
CA ASP FA 25 -11.21 22.67 14.32
C ASP FA 25 -11.42 22.22 12.88
N ARG FA 26 -10.49 21.46 12.32
CA ARG FA 26 -10.56 21.10 10.91
C ARG FA 26 -11.42 19.88 10.65
N TYR FA 27 -11.76 19.09 11.66
CA TYR FA 27 -12.49 17.86 11.45
C TYR FA 27 -13.63 17.74 12.46
N VAL FA 28 -14.75 17.19 12.00
CA VAL FA 28 -15.83 16.84 12.92
C VAL FA 28 -15.50 15.53 13.62
N LYS FA 29 -14.78 14.64 12.95
CA LYS FA 29 -14.40 13.37 13.55
C LYS FA 29 -13.44 13.53 14.71
N ILE FA 30 -12.79 14.69 14.84
CA ILE FA 30 -11.86 14.96 15.92
C ILE FA 30 -12.58 15.81 16.96
N LYS FA 31 -12.90 15.21 18.09
CA LYS FA 31 -13.54 15.94 19.17
C LYS FA 31 -12.53 16.82 19.89
N ARG FA 32 -13.04 17.85 20.56
CA ARG FA 32 -12.18 18.81 21.21
C ARG FA 32 -11.53 18.29 22.49
N ASN FA 33 -11.90 17.09 22.94
CA ASN FA 33 -11.26 16.50 24.10
C ASN FA 33 -9.76 16.40 23.89
N TRP FA 34 -9.01 16.77 24.92
CA TRP FA 34 -7.56 16.86 24.77
C TRP FA 34 -6.94 15.49 24.56
N ARG FA 35 -6.13 15.37 23.52
CA ARG FA 35 -5.29 14.20 23.30
C ARG FA 35 -3.87 14.70 23.08
N LYS FA 36 -2.91 14.05 23.71
CA LYS FA 36 -1.53 14.48 23.59
C LYS FA 36 -1.01 14.17 22.19
N PRO FA 37 -0.47 15.14 21.46
CA PRO FA 37 0.04 14.86 20.12
C PRO FA 37 1.33 14.04 20.21
N ARG FA 38 1.38 12.96 19.43
CA ARG FA 38 2.54 12.07 19.49
C ARG FA 38 3.15 11.84 18.12
N GLY FA 39 2.81 12.66 17.14
CA GLY FA 39 3.43 12.54 15.84
C GLY FA 39 4.87 12.99 15.85
N ILE FA 40 5.66 12.43 14.94
CA ILE FA 40 7.09 12.71 14.91
C ILE FA 40 7.34 14.14 14.49
N ASP FA 41 6.55 14.67 13.55
CA ASP FA 41 6.72 16.02 13.04
C ASP FA 41 5.75 17.01 13.64
N ASN FA 42 5.01 16.62 14.67
CA ASN FA 42 3.93 17.46 15.18
C ASN FA 42 4.48 18.75 15.79
N ARG FA 43 4.08 19.89 15.24
CA ARG FA 43 4.60 21.16 15.73
C ARG FA 43 3.95 21.59 17.03
N VAL FA 44 2.74 21.08 17.33
CA VAL FA 44 2.14 21.37 18.63
C VAL FA 44 2.87 20.62 19.73
N ARG FA 45 3.19 19.35 19.51
CA ARG FA 45 3.97 18.60 20.48
C ARG FA 45 5.34 19.22 20.67
N ARG FA 46 5.96 19.67 19.58
CA ARG FA 46 7.27 20.30 19.66
C ARG FA 46 7.24 21.69 20.27
N ARG FA 47 6.06 22.26 20.50
CA ARG FA 47 5.87 23.53 21.21
C ARG FA 47 6.43 24.71 20.40
N PHE FA 48 6.10 24.75 19.12
CA PHE FA 48 6.43 25.90 18.31
C PHE FA 48 5.57 27.09 18.70
N LYS FA 49 6.08 28.28 18.44
CA LYS FA 49 5.36 29.49 18.82
C LYS FA 49 4.11 29.66 17.97
N GLY FA 50 3.08 30.23 18.59
CA GLY FA 50 1.83 30.50 17.90
C GLY FA 50 0.93 29.30 17.71
N GLN FA 51 1.22 28.17 18.36
CA GLN FA 51 0.48 26.94 18.16
C GLN FA 51 -0.48 26.71 19.32
N ILE FA 52 -1.22 25.61 19.22
CA ILE FA 52 -2.11 25.18 20.29
C ILE FA 52 -1.29 24.79 21.51
N LEU FA 53 -1.69 25.29 22.67
CA LEU FA 53 -0.94 25.03 23.89
C LEU FA 53 -1.25 23.65 24.44
N MET FA 54 -0.25 23.05 25.08
CA MET FA 54 -0.51 21.76 25.70
C MET FA 54 -0.69 21.92 27.20
N PRO FA 55 -1.65 21.20 27.77
CA PRO FA 55 -1.79 21.19 29.23
C PRO FA 55 -0.56 20.62 29.91
N ASN FA 56 -0.20 21.23 31.04
CA ASN FA 56 0.84 20.70 31.89
C ASN FA 56 0.54 21.10 33.32
N ILE FA 57 1.33 20.58 34.25
CA ILE FA 57 1.02 20.75 35.67
C ILE FA 57 1.19 22.18 36.16
N GLY FA 58 1.89 23.03 35.42
CA GLY FA 58 2.08 24.39 35.85
C GLY FA 58 0.82 25.23 35.83
N TYR FA 59 -0.18 24.80 35.07
CA TYR FA 59 -1.47 25.48 35.02
C TYR FA 59 -2.35 25.14 36.21
N GLY FA 60 -1.86 24.32 37.13
CA GLY FA 60 -2.70 23.86 38.22
C GLY FA 60 -3.15 24.99 39.11
N SER FA 61 -4.39 24.85 39.59
CA SER FA 61 -5.00 25.88 40.42
C SER FA 61 -4.40 25.87 41.81
N ASN FA 62 -4.50 27.02 42.47
CA ASN FA 62 -4.10 27.13 43.87
C ASN FA 62 -4.89 26.13 44.71
N LYS FA 63 -4.18 25.44 45.60
CA LYS FA 63 -4.82 24.41 46.41
C LYS FA 63 -5.86 24.97 47.36
N LYS FA 64 -5.75 26.24 47.74
CA LYS FA 64 -6.74 26.82 48.62
C LYS FA 64 -8.07 27.05 47.94
N THR FA 65 -8.06 27.45 46.68
CA THR FA 65 -9.28 27.79 45.96
C THR FA 65 -9.66 26.74 44.92
N LYS FA 66 -9.00 25.59 44.91
CA LYS FA 66 -9.31 24.56 43.94
C LYS FA 66 -10.69 23.96 44.20
N HIS FA 67 -11.46 23.77 43.13
CA HIS FA 67 -12.83 23.26 43.11
C HIS FA 67 -13.83 24.19 43.77
N MET FA 68 -13.46 25.44 44.04
CA MET FA 68 -14.39 26.41 44.59
C MET FA 68 -15.31 26.92 43.49
N LEU FA 69 -16.60 26.95 43.78
CA LEU FA 69 -17.56 27.59 42.90
C LEU FA 69 -17.37 29.10 42.97
N PRO FA 70 -17.91 29.83 41.98
CA PRO FA 70 -17.82 31.30 42.04
C PRO FA 70 -18.41 31.90 43.31
N SER FA 71 -19.41 31.24 43.91
CA SER FA 71 -19.97 31.71 45.16
C SER FA 71 -19.03 31.53 46.34
N GLY FA 72 -17.96 30.77 46.18
CA GLY FA 72 -17.03 30.51 47.26
C GLY FA 72 -17.23 29.18 47.95
N PHE FA 73 -18.32 28.48 47.67
CA PHE FA 73 -18.59 27.19 48.25
C PHE FA 73 -17.92 26.10 47.44
N ARG FA 74 -17.95 24.88 47.95
CA ARG FA 74 -17.54 23.70 47.23
C ARG FA 74 -18.72 22.75 47.09
N LYS FA 75 -18.82 22.12 45.94
CA LYS FA 75 -20.02 21.38 45.56
C LYS FA 75 -19.99 19.97 46.11
N PHE FA 76 -21.15 19.49 46.55
CA PHE FA 76 -21.31 18.11 46.97
C PHE FA 76 -22.64 17.59 46.46
N LEU FA 77 -22.63 16.45 45.78
CA LEU FA 77 -23.82 15.91 45.16
C LEU FA 77 -24.61 15.08 46.15
N VAL FA 78 -25.92 15.32 46.21
CA VAL FA 78 -26.80 14.59 47.12
C VAL FA 78 -27.93 13.97 46.31
N HIS FA 79 -28.39 12.80 46.74
CA HIS FA 79 -29.46 12.09 46.06
C HIS FA 79 -30.74 12.00 46.86
N ASN FA 80 -30.69 12.20 48.18
CA ASN FA 80 -31.88 12.18 49.00
C ASN FA 80 -31.63 13.01 50.24
N VAL FA 81 -32.62 13.04 51.13
CA VAL FA 81 -32.53 13.86 52.33
C VAL FA 81 -31.45 13.34 53.26
N LYS FA 82 -31.28 12.02 53.35
CA LYS FA 82 -30.31 11.44 54.28
C LYS FA 82 -28.89 11.87 53.97
N GLU FA 83 -28.53 11.93 52.68
CA GLU FA 83 -27.22 12.41 52.29
C GLU FA 83 -27.05 13.92 52.46
N LEU FA 84 -28.10 14.62 52.88
CA LEU FA 84 -27.98 16.05 53.08
C LEU FA 84 -27.50 16.42 54.48
N GLU FA 85 -27.68 15.54 55.46
CA GLU FA 85 -27.23 15.86 56.82
C GLU FA 85 -25.75 15.62 57.02
N VAL FA 86 -25.03 15.08 56.03
CA VAL FA 86 -23.58 15.03 56.16
C VAL FA 86 -22.97 16.41 56.07
N LEU FA 87 -23.70 17.37 55.49
CA LEU FA 87 -23.23 18.73 55.35
C LEU FA 87 -23.70 19.64 56.47
N LEU FA 88 -24.29 19.07 57.53
CA LEU FA 88 -24.75 19.88 58.65
C LEU FA 88 -23.60 20.63 59.31
N MET FA 89 -22.46 19.96 59.49
CA MET FA 89 -21.30 20.55 60.13
C MET FA 89 -20.30 21.13 59.14
N CYS FA 90 -20.46 20.85 57.85
CA CYS FA 90 -19.67 21.47 56.80
C CYS FA 90 -20.43 22.62 56.16
N ASN FA 91 -21.25 23.29 56.97
CA ASN FA 91 -22.30 24.15 56.45
C ASN FA 91 -21.75 25.36 55.70
N LYS FA 92 -20.73 26.00 56.26
CA LYS FA 92 -20.22 27.27 55.78
C LYS FA 92 -19.22 27.12 54.65
N SER FA 93 -18.87 25.91 54.25
CA SER FA 93 -17.87 25.70 53.21
C SER FA 93 -18.31 24.78 52.09
N TYR FA 94 -19.41 24.04 52.24
CA TYR FA 94 -19.86 23.11 51.23
C TYR FA 94 -21.34 23.33 50.95
N CYS FA 95 -21.69 23.23 49.67
CA CYS FA 95 -23.06 23.38 49.21
C CYS FA 95 -23.53 22.05 48.65
N ALA FA 96 -24.83 21.96 48.40
CA ALA FA 96 -25.44 20.72 47.93
C ALA FA 96 -25.97 20.87 46.52
N GLU FA 97 -25.74 19.85 45.70
CA GLU FA 97 -26.44 19.68 44.43
C GLU FA 97 -27.35 18.48 44.50
N ILE FA 98 -28.63 18.69 44.18
CA ILE FA 98 -29.53 17.56 43.98
C ILE FA 98 -29.22 16.92 42.65
N ALA FA 99 -29.17 15.58 42.64
CA ALA FA 99 -28.81 14.85 41.43
C ALA FA 99 -29.85 15.07 40.34
N HIS FA 100 -29.41 14.92 39.09
CA HIS FA 100 -30.28 15.23 37.96
C HIS FA 100 -31.47 14.30 37.87
N ASN FA 101 -31.35 13.08 38.36
CA ASN FA 101 -32.39 12.08 38.21
C ASN FA 101 -33.34 12.02 39.40
N VAL FA 102 -33.16 12.89 40.39
CA VAL FA 102 -34.08 12.94 41.52
C VAL FA 102 -35.40 13.57 41.09
N SER FA 103 -36.51 12.99 41.53
CA SER FA 103 -37.82 13.41 41.07
C SER FA 103 -38.20 14.76 41.64
N SER FA 104 -39.29 15.32 41.11
CA SER FA 104 -39.69 16.67 41.48
C SER FA 104 -40.27 16.72 42.89
N LYS FA 105 -41.02 15.70 43.29
CA LYS FA 105 -41.58 15.71 44.64
C LYS FA 105 -40.51 15.48 45.68
N ASN FA 106 -39.49 14.67 45.35
CA ASN FA 106 -38.46 14.37 46.33
C ASN FA 106 -37.49 15.54 46.50
N ARG FA 107 -37.16 16.23 45.41
CA ARG FA 107 -36.27 17.37 45.54
C ARG FA 107 -36.96 18.57 46.16
N LYS FA 108 -38.28 18.54 46.29
CA LYS FA 108 -38.96 19.55 47.07
C LYS FA 108 -38.67 19.38 48.56
N ALA FA 109 -38.59 18.13 49.03
CA ALA FA 109 -38.29 17.87 50.43
C ALA FA 109 -36.83 18.13 50.74
N ILE FA 110 -35.94 17.88 49.78
CA ILE FA 110 -34.52 18.17 49.97
C ILE FA 110 -34.30 19.67 50.13
N VAL FA 111 -34.95 20.48 49.29
CA VAL FA 111 -34.79 21.92 49.34
C VAL FA 111 -35.30 22.48 50.66
N GLU FA 112 -36.45 21.98 51.12
CA GLU FA 112 -36.99 22.43 52.40
C GLU FA 112 -36.07 22.06 53.55
N ARG FA 113 -35.53 20.86 53.56
CA ARG FA 113 -34.65 20.44 54.65
C ARG FA 113 -33.37 21.25 54.66
N ALA FA 114 -32.83 21.59 53.49
CA ALA FA 114 -31.60 22.36 53.43
C ALA FA 114 -31.81 23.79 53.90
N ALA FA 115 -33.01 24.33 53.71
CA ALA FA 115 -33.32 25.63 54.29
C ALA FA 115 -33.30 25.59 55.81
N GLN FA 116 -33.83 24.50 56.38
CA GLN FA 116 -33.80 24.33 57.83
C GLN FA 116 -32.38 24.22 58.34
N LEU FA 117 -31.53 23.48 57.63
CA LEU FA 117 -30.16 23.22 58.06
C LEU FA 117 -29.19 24.30 57.61
N ALA FA 118 -29.69 25.37 56.99
CA ALA FA 118 -28.87 26.47 56.49
C ALA FA 118 -27.84 26.00 55.47
N ILE FA 119 -28.17 24.95 54.72
CA ILE FA 119 -27.29 24.43 53.69
C ILE FA 119 -27.66 25.08 52.36
N ARG FA 120 -26.65 25.54 51.63
CA ARG FA 120 -26.89 26.18 50.35
C ARG FA 120 -27.07 25.14 49.26
N VAL FA 121 -28.08 25.34 48.43
CA VAL FA 121 -28.35 24.48 47.28
C VAL FA 121 -28.13 25.30 46.03
N THR FA 122 -27.37 24.75 45.08
CA THR FA 122 -27.06 25.49 43.88
C THR FA 122 -28.14 25.37 42.80
N ASN FA 123 -29.04 24.40 42.91
CA ASN FA 123 -30.18 24.28 42.02
C ASN FA 123 -31.45 24.11 42.86
N PRO FA 124 -31.83 25.13 43.64
CA PRO FA 124 -32.97 24.96 44.53
C PRO FA 124 -34.31 25.03 43.81
N ASN FA 125 -34.37 25.68 42.66
CA ASN FA 125 -35.60 25.78 41.87
C ASN FA 125 -35.32 25.10 40.53
N ALA FA 126 -35.48 23.78 40.51
CA ALA FA 126 -34.98 22.97 39.40
C ALA FA 126 -35.99 22.01 38.81
N ARG FA 127 -37.07 21.67 39.49
CA ARG FA 127 -38.16 20.92 38.86
C ARG FA 127 -39.46 21.51 39.41
N LEU FA 128 -39.93 22.56 38.74
CA LEU FA 128 -41.11 23.31 39.19
C LEU FA 128 -41.49 24.37 38.16
N SER GA 1 -14.37 73.92 30.39
CA SER GA 1 -13.83 75.22 30.02
C SER GA 1 -12.44 75.10 29.41
N GLY GA 2 -11.85 73.90 29.46
CA GLY GA 2 -10.53 73.71 28.93
C GLY GA 2 -10.16 72.25 28.83
N ARG GA 3 -9.08 71.98 28.10
CA ARG GA 3 -8.75 70.60 27.77
C ARG GA 3 -8.25 69.82 28.98
N LEU GA 4 -7.36 70.40 29.77
CA LEU GA 4 -6.93 69.80 31.05
C LEU GA 4 -6.28 68.43 30.95
N TRP GA 5 -6.08 67.89 29.74
CA TRP GA 5 -5.33 66.66 29.58
C TRP GA 5 -4.41 66.80 28.39
N SER GA 6 -3.27 66.12 28.47
CA SER GA 6 -2.30 66.14 27.38
C SER GA 6 -2.69 65.17 26.29
N LYS GA 7 -2.52 65.58 25.05
CA LYS GA 7 -2.81 64.70 23.92
C LYS GA 7 -1.69 63.69 23.75
N ALA GA 8 -2.06 62.42 23.63
CA ALA GA 8 -1.11 61.33 23.44
C ALA GA 8 -1.66 60.40 22.39
N ILE GA 9 -0.77 59.57 21.83
CA ILE GA 9 -1.11 58.63 20.77
C ILE GA 9 -0.71 57.24 21.21
N PHE GA 10 -1.65 56.30 21.11
CA PHE GA 10 -1.35 54.88 21.32
C PHE GA 10 -0.58 54.39 20.10
N ALA GA 11 0.75 54.35 20.22
CA ALA GA 11 1.58 53.93 19.10
C ALA GA 11 1.57 52.43 18.91
N GLY GA 12 1.56 51.66 19.99
CA GLY GA 12 1.56 50.22 19.88
C GLY GA 12 1.88 49.58 21.20
N TYR GA 13 2.01 48.26 21.16
CA TYR GA 13 2.35 47.48 22.34
C TYR GA 13 3.86 47.38 22.49
N LYS GA 14 4.29 47.11 23.72
CA LYS GA 14 5.69 46.72 23.92
C LYS GA 14 5.95 45.42 23.20
N ARG GA 15 7.04 45.37 22.45
CA ARG GA 15 7.23 44.26 21.53
C ARG GA 15 8.69 44.12 21.18
N GLY GA 16 9.06 42.92 20.76
CA GLY GA 16 10.24 42.71 19.96
C GLY GA 16 9.90 42.89 18.51
N LEU GA 17 10.69 42.28 17.64
CA LEU GA 17 10.29 42.27 16.25
C LEU GA 17 9.15 41.29 16.01
N ARG GA 18 9.21 40.10 16.61
CA ARG GA 18 8.28 39.03 16.32
C ARG GA 18 7.54 38.54 17.55
N ASN GA 19 7.57 39.29 18.65
CA ASN GA 19 6.81 38.95 19.84
C ASN GA 19 6.18 40.21 20.38
N GLN GA 20 4.94 40.10 20.85
CA GLN GA 20 4.16 41.27 21.25
C GLN GA 20 3.66 41.06 22.67
N ARG GA 21 3.91 42.02 23.54
CA ARG GA 21 3.49 41.95 24.93
C ARG GA 21 2.36 42.96 25.12
N GLU GA 22 1.13 42.48 24.98
CA GLU GA 22 -0.03 43.36 24.95
C GLU GA 22 -0.37 43.96 26.30
N HIS GA 23 0.21 43.46 27.40
CA HIS GA 23 -0.17 43.97 28.70
C HIS GA 23 0.30 45.39 28.95
N THR GA 24 1.26 45.88 28.18
CA THR GA 24 1.73 47.25 28.31
C THR GA 24 1.81 47.92 26.95
N ALA GA 25 1.49 49.21 26.94
CA ALA GA 25 1.33 49.99 25.72
C ALA GA 25 2.34 51.13 25.68
N LEU GA 26 2.70 51.50 24.46
CA LEU GA 26 3.66 52.58 24.23
C LEU GA 26 2.91 53.80 23.75
N LEU GA 27 3.05 54.91 24.47
CA LEU GA 27 2.31 56.13 24.19
C LEU GA 27 3.26 57.20 23.68
N LYS GA 28 2.76 58.03 22.78
CA LYS GA 28 3.50 59.15 22.24
C LYS GA 28 2.82 60.43 22.70
N ILE GA 29 3.33 61.01 23.77
CA ILE GA 29 2.79 62.27 24.26
C ILE GA 29 3.23 63.40 23.35
N GLU GA 30 2.31 64.29 23.03
CA GLU GA 30 2.59 65.37 22.11
C GLU GA 30 3.46 66.43 22.78
N GLY GA 31 4.49 66.88 22.07
CA GLY GA 31 5.43 67.85 22.60
C GLY GA 31 6.56 67.27 23.42
N VAL GA 32 6.59 65.97 23.62
CA VAL GA 32 7.60 65.30 24.43
C VAL GA 32 8.42 64.44 23.48
N TYR GA 33 9.60 64.92 23.11
CA TYR GA 33 10.42 64.24 22.11
C TYR GA 33 11.82 63.95 22.61
N ALA GA 34 12.01 63.94 23.93
CA ALA GA 34 13.28 63.53 24.51
C ALA GA 34 12.98 62.76 25.79
N ARG GA 35 13.88 61.85 26.13
CA ARG GA 35 13.66 61.00 27.30
C ARG GA 35 13.69 61.80 28.59
N ASP GA 36 14.50 62.86 28.66
CA ASP GA 36 14.58 63.64 29.88
C ASP GA 36 13.34 64.47 30.15
N GLU GA 37 12.50 64.69 29.13
CA GLU GA 37 11.27 65.44 29.30
C GLU GA 37 10.13 64.59 29.80
N THR GA 38 10.32 63.27 29.88
CA THR GA 38 9.25 62.36 30.25
C THR GA 38 9.06 62.26 31.75
N GLU GA 39 9.95 62.84 32.55
CA GLU GA 39 9.85 62.67 34.00
C GLU GA 39 8.59 63.32 34.55
N PHE GA 40 8.07 64.34 33.88
CA PHE GA 40 6.85 64.97 34.34
C PHE GA 40 5.67 64.00 34.32
N TYR GA 41 5.61 63.16 33.29
CA TYR GA 41 4.43 62.35 33.02
C TYR GA 41 4.48 60.99 33.70
N LEU GA 42 5.55 60.65 34.39
CA LEU GA 42 5.62 59.35 35.05
C LEU GA 42 4.61 59.28 36.19
N GLY GA 43 3.81 58.22 36.18
CA GLY GA 43 2.81 58.02 37.20
C GLY GA 43 1.49 58.72 36.95
N LYS GA 44 1.39 59.51 35.89
CA LYS GA 44 0.14 60.21 35.60
C LYS GA 44 -0.91 59.22 35.11
N ARG GA 45 -2.16 59.49 35.47
CA ARG GA 45 -3.27 58.69 34.99
C ARG GA 45 -3.47 58.93 33.50
N CYS GA 46 -3.72 57.87 32.76
CA CYS GA 46 -4.05 57.99 31.34
C CYS GA 46 -5.33 57.22 31.05
N ALA GA 47 -6.09 57.71 30.07
CA ALA GA 47 -7.40 57.19 29.75
C ALA GA 47 -7.55 57.00 28.26
N TYR GA 48 -8.12 55.86 27.85
CA TYR GA 48 -8.54 55.65 26.48
C TYR GA 48 -10.05 55.79 26.46
N VAL GA 49 -10.52 56.91 25.93
CA VAL GA 49 -11.94 57.26 25.94
C VAL GA 49 -12.51 57.00 24.55
N TYR GA 50 -13.60 56.24 24.50
CA TYR GA 50 -14.21 55.84 23.24
C TYR GA 50 -15.73 55.78 23.43
N LYS GA 51 -16.44 55.58 22.33
CA LYS GA 51 -17.89 55.46 22.31
C LYS GA 51 -18.30 54.08 21.85
N ALA GA 52 -19.43 53.61 22.36
CA ALA GA 52 -19.97 52.32 21.95
C ALA GA 52 -21.45 52.44 21.66
N LYS GA 53 -22.12 51.30 21.48
CA LYS GA 53 -23.53 51.30 21.09
C LYS GA 53 -24.47 51.41 22.29
N ASN GA 54 -24.26 50.60 23.32
CA ASN GA 54 -25.15 50.61 24.46
C ASN GA 54 -24.74 51.68 25.46
N ASN GA 55 -25.71 52.23 26.16
CA ASN GA 55 -25.43 53.21 27.20
C ASN GA 55 -24.82 52.52 28.41
N THR GA 56 -23.88 53.21 29.05
CA THR GA 56 -23.28 52.76 30.28
C THR GA 56 -23.38 53.89 31.30
N VAL GA 57 -23.38 53.52 32.59
CA VAL GA 57 -23.51 54.53 33.63
C VAL GA 57 -22.30 55.45 33.62
N THR GA 58 -22.55 56.73 33.80
CA THR GA 58 -21.51 57.74 33.88
C THR GA 58 -21.41 58.25 35.29
N PRO GA 59 -20.24 58.17 35.93
CA PRO GA 59 -20.10 58.67 37.30
C PRO GA 59 -20.39 60.16 37.37
N GLY GA 60 -21.35 60.52 38.21
CA GLY GA 60 -21.80 61.90 38.30
C GLY GA 60 -22.50 62.41 37.06
N GLY GA 61 -23.36 61.61 36.46
CA GLY GA 61 -24.06 62.04 35.27
C GLY GA 61 -24.99 60.98 34.75
N LYS GA 62 -25.70 61.32 33.69
CA LYS GA 62 -26.63 60.42 33.03
C LYS GA 62 -25.87 59.41 32.16
N PRO GA 63 -26.44 58.23 31.94
CA PRO GA 63 -25.79 57.26 31.07
C PRO GA 63 -25.66 57.77 29.65
N ASN GA 64 -24.55 57.41 29.00
CA ASN GA 64 -24.28 57.83 27.63
C ASN GA 64 -23.46 56.73 26.96
N LYS GA 65 -22.93 57.04 25.77
CA LYS GA 65 -22.19 56.09 24.98
C LYS GA 65 -20.72 56.02 25.36
N THR GA 66 -20.24 56.92 26.21
CA THR GA 66 -18.82 57.02 26.50
C THR GA 66 -18.35 55.89 27.41
N ARG GA 67 -17.22 55.28 27.04
CA ARG GA 67 -16.57 54.28 27.85
C ARG GA 67 -15.09 54.62 27.98
N VAL GA 68 -14.49 54.23 29.10
CA VAL GA 68 -13.10 54.53 29.37
C VAL GA 68 -12.40 53.27 29.83
N ILE GA 69 -11.20 53.04 29.31
CA ILE GA 69 -10.25 52.10 29.89
C ILE GA 69 -9.17 52.95 30.58
N TRP GA 70 -9.02 52.77 31.88
CA TRP GA 70 -8.09 53.57 32.63
C TRP GA 70 -6.70 52.93 32.67
N GLY GA 71 -5.70 53.77 32.86
CA GLY GA 71 -4.34 53.29 32.98
C GLY GA 71 -3.47 54.36 33.59
N LYS GA 72 -2.16 54.11 33.57
CA LYS GA 72 -1.21 55.11 34.04
C LYS GA 72 0.14 54.89 33.39
N VAL GA 73 0.88 55.98 33.26
CA VAL GA 73 2.24 55.93 32.71
C VAL GA 73 3.17 55.32 33.73
N THR GA 74 3.96 54.34 33.30
CA THR GA 74 4.83 53.60 34.21
C THR GA 74 6.29 54.04 34.10
N ARG GA 75 6.82 54.18 32.89
CA ARG GA 75 8.23 54.50 32.71
C ARG GA 75 8.44 55.04 31.31
N ALA GA 76 9.60 55.64 31.10
CA ALA GA 76 9.96 56.13 29.79
C ALA GA 76 10.39 54.97 28.90
N HIS GA 77 10.21 55.16 27.59
CA HIS GA 77 10.57 54.16 26.60
C HIS GA 77 11.48 54.80 25.57
N GLY GA 78 12.59 54.14 25.26
CA GLY GA 78 13.49 54.67 24.26
C GLY GA 78 14.15 55.98 24.68
N ASN GA 79 14.56 56.74 23.67
CA ASN GA 79 15.22 58.02 23.87
C ASN GA 79 14.43 59.21 23.36
N SER GA 80 13.26 59.00 22.76
CA SER GA 80 12.57 60.03 22.01
C SER GA 80 11.22 60.41 22.59
N GLY GA 81 11.04 60.30 23.90
CA GLY GA 81 9.81 60.71 24.52
C GLY GA 81 8.70 59.69 24.53
N MET GA 82 8.95 58.47 24.07
CA MET GA 82 8.00 57.39 24.28
C MET GA 82 7.85 57.12 25.78
N VAL GA 83 6.67 56.68 26.17
CA VAL GA 83 6.42 56.22 27.52
C VAL GA 83 5.68 54.89 27.45
N ARG GA 84 5.81 54.12 28.52
CA ARG GA 84 5.08 52.88 28.68
C ARG GA 84 3.91 53.09 29.63
N ALA GA 85 2.79 52.44 29.33
CA ALA GA 85 1.58 52.59 30.12
C ALA GA 85 0.97 51.23 30.40
N LYS GA 86 0.47 51.06 31.61
CA LYS GA 86 -0.28 49.86 32.00
C LYS GA 86 -1.73 50.26 32.22
N PHE GA 87 -2.63 49.59 31.50
CA PHE GA 87 -4.05 49.86 31.61
C PHE GA 87 -4.72 48.74 32.39
N ARG GA 88 -5.93 49.02 32.88
CA ARG GA 88 -6.65 48.02 33.65
C ARG GA 88 -6.97 46.80 32.82
N SER GA 89 -7.23 47.00 31.53
CA SER GA 89 -7.30 45.92 30.57
C SER GA 89 -6.46 46.29 29.37
N ASN GA 90 -5.91 45.28 28.69
CA ASN GA 90 -5.05 45.54 27.56
C ASN GA 90 -5.79 46.33 26.49
N LEU GA 91 -5.12 47.33 25.94
CA LEU GA 91 -5.78 48.22 24.99
C LEU GA 91 -6.18 47.45 23.74
N PRO GA 92 -7.36 47.71 23.18
CA PRO GA 92 -7.74 47.07 21.92
C PRO GA 92 -6.85 47.55 20.79
N ALA GA 93 -6.59 46.64 19.85
CA ALA GA 93 -5.69 46.97 18.76
C ALA GA 93 -6.29 47.96 17.79
N LYS GA 94 -7.61 48.19 17.85
CA LYS GA 94 -8.23 49.21 17.03
C LYS GA 94 -7.87 50.62 17.47
N ALA GA 95 -7.33 50.79 18.67
CA ALA GA 95 -7.00 52.09 19.20
C ALA GA 95 -5.63 52.58 18.78
N ILE GA 96 -4.88 51.78 18.02
CA ILE GA 96 -3.55 52.18 17.60
C ILE GA 96 -3.65 53.37 16.66
N GLY GA 97 -2.93 54.44 16.97
CA GLY GA 97 -3.03 55.66 16.22
C GLY GA 97 -4.14 56.59 16.64
N HIS GA 98 -4.77 56.32 17.79
CA HIS GA 98 -5.89 57.12 18.27
C HIS GA 98 -5.52 57.82 19.57
N ARG GA 99 -6.43 58.64 20.05
CA ARG GA 99 -6.15 59.55 21.15
C ARG GA 99 -6.14 58.84 22.50
N ILE GA 100 -5.11 59.11 23.28
CA ILE GA 100 -5.04 58.76 24.69
C ILE GA 100 -4.89 60.05 25.47
N ARG GA 101 -5.67 60.20 26.53
CA ARG GA 101 -5.61 61.39 27.38
C ARG GA 101 -4.71 61.12 28.57
N VAL GA 102 -3.77 62.02 28.83
CA VAL GA 102 -2.92 61.97 30.02
C VAL GA 102 -3.41 63.06 30.97
N MET GA 103 -3.86 62.66 32.15
CA MET GA 103 -4.85 63.44 32.88
C MET GA 103 -4.28 64.40 33.91
N LEU GA 104 -2.97 64.41 34.15
CA LEU GA 104 -2.32 65.27 35.14
C LEU GA 104 -2.71 64.96 36.58
N TYR GA 105 -3.57 63.95 36.81
CA TYR GA 105 -4.22 63.81 38.12
C TYR GA 105 -3.22 63.60 39.26
N PRO GA 106 -2.33 62.59 39.22
CA PRO GA 106 -1.44 62.48 40.39
C PRO GA 106 -0.29 63.47 40.29
N SER GA 107 -0.59 64.73 40.63
CA SER GA 107 0.36 65.80 40.45
C SER GA 107 1.46 65.74 41.50
N ARG GA 108 2.68 65.96 41.05
CA ARG GA 108 3.83 66.09 41.93
C ARG GA 108 4.38 67.51 41.95
N ILE GA 109 3.66 68.45 41.36
CA ILE GA 109 4.12 69.82 41.25
C ILE GA 109 3.13 70.76 41.93
N VAL HA 1 -44.52 -12.11 -55.55
CA VAL HA 1 -45.21 -13.37 -55.71
C VAL HA 1 -45.37 -14.05 -54.36
N GLN HA 2 -46.15 -15.14 -54.32
CA GLN HA 2 -46.37 -15.84 -53.07
C GLN HA 2 -45.13 -16.66 -52.71
N ARG HA 3 -44.65 -16.46 -51.48
CA ARG HA 3 -43.49 -17.18 -50.98
C ARG HA 3 -43.96 -18.25 -50.01
N LEU HA 4 -43.17 -19.32 -49.89
CA LEU HA 4 -43.62 -20.54 -49.25
C LEU HA 4 -42.89 -20.78 -47.94
N THR HA 5 -43.57 -21.50 -47.06
CA THR HA 5 -42.99 -21.91 -45.78
C THR HA 5 -43.11 -23.42 -45.66
N TYR HA 6 -42.20 -24.00 -44.90
CA TYR HA 6 -42.30 -25.41 -44.55
C TYR HA 6 -43.54 -25.65 -43.70
N ARG HA 7 -44.13 -26.83 -43.87
CA ARG HA 7 -45.32 -27.19 -43.11
C ARG HA 7 -45.01 -28.08 -41.91
N ARG HA 8 -43.75 -28.41 -41.69
CA ARG HA 8 -43.34 -29.23 -40.55
C ARG HA 8 -42.24 -28.49 -39.80
N ARG HA 9 -41.79 -29.07 -38.69
CA ARG HA 9 -40.79 -28.42 -37.85
C ARG HA 9 -39.36 -28.75 -38.26
N LEU HA 10 -39.17 -29.58 -39.28
CA LEU HA 10 -37.83 -29.80 -39.82
C LEU HA 10 -37.54 -28.66 -40.79
N SER HA 11 -36.56 -27.83 -40.46
CA SER HA 11 -36.29 -26.61 -41.20
C SER HA 11 -35.07 -26.70 -42.10
N TYR HA 12 -34.50 -27.89 -42.26
CA TYR HA 12 -33.27 -28.04 -43.00
C TYR HA 12 -33.52 -28.83 -44.27
N ASN HA 13 -32.73 -28.53 -45.30
CA ASN HA 13 -32.88 -29.15 -46.62
C ASN HA 13 -32.20 -30.52 -46.65
N THR HA 14 -32.64 -31.38 -45.73
CA THR HA 14 -32.10 -32.72 -45.65
C THR HA 14 -32.78 -33.63 -46.67
N ALA HA 15 -32.32 -34.88 -46.75
CA ALA HA 15 -32.84 -35.80 -47.74
C ALA HA 15 -34.27 -36.21 -47.46
N SER HA 16 -34.70 -36.15 -46.20
CA SER HA 16 -36.05 -36.51 -45.81
C SER HA 16 -37.00 -35.33 -45.80
N ASN HA 17 -36.53 -34.15 -46.19
CA ASN HA 17 -37.30 -32.93 -46.12
C ASN HA 17 -37.51 -32.34 -47.51
N LYS HA 18 -37.80 -33.20 -48.48
CA LYS HA 18 -37.92 -32.81 -49.87
C LYS HA 18 -39.38 -32.56 -50.20
N THR HA 19 -39.63 -31.49 -50.95
CA THR HA 19 -40.97 -30.99 -51.19
C THR HA 19 -41.20 -30.79 -52.67
N ARG HA 20 -42.46 -30.67 -53.05
CA ARG HA 20 -42.85 -30.23 -54.38
C ARG HA 20 -43.99 -29.23 -54.24
N LEU HA 21 -44.13 -28.39 -55.25
CA LEU HA 21 -45.13 -27.33 -55.24
C LEU HA 21 -46.45 -27.85 -55.77
N SER HA 22 -47.53 -27.50 -55.08
CA SER HA 22 -48.87 -27.94 -55.44
C SER HA 22 -49.83 -26.76 -55.36
N ARG HA 23 -50.75 -26.68 -56.31
CA ARG HA 23 -51.79 -25.66 -56.31
C ARG HA 23 -53.07 -26.28 -55.79
N THR HA 24 -53.58 -25.74 -54.68
CA THR HA 24 -54.76 -26.27 -54.04
C THR HA 24 -56.02 -25.74 -54.70
N PRO HA 25 -57.17 -26.37 -54.46
CA PRO HA 25 -58.44 -25.81 -54.96
C PRO HA 25 -58.74 -24.43 -54.41
N GLY HA 26 -58.13 -24.02 -53.31
CA GLY HA 26 -58.24 -22.67 -52.82
C GLY HA 26 -57.34 -21.68 -53.51
N ASN HA 27 -56.69 -22.09 -54.60
CA ASN HA 27 -55.84 -21.23 -55.43
C ASN HA 27 -54.69 -20.64 -54.63
N ARG HA 28 -53.93 -21.53 -53.99
CA ARG HA 28 -52.70 -21.15 -53.34
C ARG HA 28 -51.69 -22.26 -53.55
N ILE HA 29 -50.42 -21.90 -53.49
CA ILE HA 29 -49.32 -22.84 -53.69
C ILE HA 29 -48.83 -23.29 -52.33
N VAL HA 30 -48.68 -24.61 -52.16
CA VAL HA 30 -48.21 -25.18 -50.91
C VAL HA 30 -47.17 -26.23 -51.23
N TYR HA 31 -46.34 -26.53 -50.24
CA TYR HA 31 -45.47 -27.70 -50.26
C TYR HA 31 -46.25 -28.99 -50.06
N LEU HA 32 -45.96 -29.96 -50.91
CA LEU HA 32 -46.32 -31.35 -50.68
C LEU HA 32 -45.03 -32.11 -50.45
N TYR HA 33 -44.95 -32.82 -49.33
CA TYR HA 33 -43.74 -33.55 -48.99
C TYR HA 33 -43.71 -34.87 -49.75
N THR HA 34 -42.73 -35.00 -50.64
CA THR HA 34 -42.66 -36.15 -51.52
C THR HA 34 -42.02 -37.34 -50.82
N LYS HA 35 -42.19 -38.51 -51.41
CA LYS HA 35 -41.54 -39.73 -50.98
C LYS HA 35 -40.25 -39.91 -51.77
N LYS HA 36 -39.32 -40.67 -51.20
CA LYS HA 36 -38.06 -40.91 -51.87
C LYS HA 36 -38.28 -41.77 -53.11
N VAL HA 37 -37.38 -41.61 -54.07
CA VAL HA 37 -37.47 -42.33 -55.33
C VAL HA 37 -37.01 -43.77 -55.11
N GLY HA 38 -37.87 -44.72 -55.42
CA GLY HA 38 -37.53 -46.12 -55.27
C GLY HA 38 -36.67 -46.64 -56.39
N LYS HA 39 -36.07 -47.79 -56.14
CA LYS HA 39 -35.18 -48.44 -57.11
C LYS HA 39 -35.67 -49.84 -57.40
N ALA HA 40 -35.61 -50.22 -58.67
CA ALA HA 40 -35.87 -51.59 -59.06
C ALA HA 40 -34.76 -52.48 -58.54
N PRO HA 41 -35.00 -53.79 -58.40
CA PRO HA 41 -33.93 -54.68 -57.96
C PRO HA 41 -32.80 -54.76 -58.97
N LYS HA 42 -31.60 -55.00 -58.45
CA LYS HA 42 -30.48 -55.38 -59.30
C LYS HA 42 -30.41 -56.90 -59.40
N SER HA 43 -29.87 -57.38 -60.51
CA SER HA 43 -29.86 -58.80 -60.78
C SER HA 43 -28.93 -59.53 -59.81
N ALA HA 44 -29.35 -60.73 -59.38
CA ALA HA 44 -28.56 -61.53 -58.47
C ALA HA 44 -27.28 -62.06 -59.09
N CYS HA 45 -27.13 -61.96 -60.41
CA CYS HA 45 -25.88 -62.34 -61.05
C CYS HA 45 -24.74 -61.46 -60.57
N GLY HA 46 -25.04 -60.19 -60.30
CA GLY HA 46 -24.02 -59.27 -59.86
C GLY HA 46 -23.07 -58.81 -60.94
N VAL HA 47 -23.41 -59.03 -62.21
CA VAL HA 47 -22.53 -58.71 -63.33
C VAL HA 47 -23.10 -57.58 -64.17
N CYS HA 48 -24.25 -57.78 -64.79
CA CYS HA 48 -24.77 -56.76 -65.67
C CYS HA 48 -25.44 -55.65 -64.87
N PRO HA 49 -25.22 -54.38 -65.25
CA PRO HA 49 -25.56 -53.27 -64.35
C PRO HA 49 -27.00 -52.80 -64.40
N GLY HA 50 -27.76 -53.18 -65.42
CA GLY HA 50 -29.13 -52.75 -65.50
C GLY HA 50 -30.00 -53.38 -64.43
N ARG HA 51 -31.06 -52.66 -64.06
CA ARG HA 51 -32.01 -53.15 -63.07
C ARG HA 51 -33.08 -53.98 -63.76
N LEU HA 52 -33.77 -54.79 -62.97
CA LEU HA 52 -34.72 -55.73 -63.52
C LEU HA 52 -35.95 -55.02 -64.08
N ARG HA 53 -36.59 -55.67 -65.04
CA ARG HA 53 -37.79 -55.17 -65.66
C ARG HA 53 -39.01 -55.90 -65.10
N GLY HA 54 -40.17 -55.28 -65.29
CA GLY HA 54 -41.41 -55.87 -64.83
C GLY HA 54 -41.66 -55.81 -63.35
N VAL HA 55 -40.82 -55.10 -62.60
CA VAL HA 55 -40.94 -54.99 -61.15
C VAL HA 55 -41.12 -53.52 -60.82
N ARG HA 56 -42.14 -53.22 -60.03
CA ARG HA 56 -42.44 -51.86 -59.65
C ARG HA 56 -41.36 -51.32 -58.71
N ALA HA 57 -40.86 -50.13 -59.00
CA ALA HA 57 -39.77 -49.53 -58.23
C ALA HA 57 -40.36 -48.67 -57.12
N VAL HA 58 -40.28 -49.17 -55.89
CA VAL HA 58 -40.85 -48.50 -54.72
C VAL HA 58 -39.85 -48.59 -53.57
N ARG HA 59 -40.17 -47.90 -52.49
CA ARG HA 59 -39.41 -48.03 -51.26
C ARG HA 59 -39.64 -49.42 -50.67
N PRO HA 60 -38.67 -49.96 -49.91
CA PRO HA 60 -38.77 -51.36 -49.48
C PRO HA 60 -40.00 -51.70 -48.67
N LYS HA 61 -40.47 -50.79 -47.82
CA LYS HA 61 -41.63 -51.11 -46.98
C LYS HA 61 -42.94 -50.99 -47.74
N VAL HA 62 -42.94 -50.39 -48.94
CA VAL HA 62 -44.13 -50.38 -49.77
C VAL HA 62 -44.37 -51.74 -50.39
N LEU HA 63 -43.32 -52.55 -50.56
CA LEU HA 63 -43.46 -53.86 -51.17
C LEU HA 63 -44.31 -54.81 -50.34
N MET HA 64 -44.53 -54.48 -49.06
CA MET HA 64 -45.34 -55.34 -48.21
C MET HA 64 -46.81 -55.29 -48.59
N ARG HA 65 -47.29 -54.16 -49.11
CA ARG HA 65 -48.68 -54.02 -49.49
C ARG HA 65 -48.91 -54.16 -50.99
N LEU HA 66 -47.89 -54.54 -51.75
CA LEU HA 66 -48.08 -54.84 -53.16
C LEU HA 66 -48.44 -56.29 -53.34
N SER HA 67 -49.16 -56.59 -54.42
CA SER HA 67 -49.49 -57.98 -54.71
C SER HA 67 -48.26 -58.70 -55.25
N LYS HA 68 -48.35 -60.02 -55.28
CA LYS HA 68 -47.20 -60.83 -55.66
C LYS HA 68 -46.77 -60.57 -57.09
N THR HA 69 -47.73 -60.43 -58.01
CA THR HA 69 -47.41 -60.27 -59.42
C THR HA 69 -46.59 -59.01 -59.68
N LYS HA 70 -46.84 -57.96 -58.91
CA LYS HA 70 -46.14 -56.71 -59.13
C LYS HA 70 -44.68 -56.76 -58.69
N LYS HA 71 -44.25 -57.83 -58.04
CA LYS HA 71 -42.90 -57.89 -57.47
C LYS HA 71 -42.02 -58.94 -58.11
N HIS HA 72 -42.49 -59.65 -59.13
CA HIS HA 72 -41.69 -60.68 -59.77
C HIS HA 72 -42.10 -60.81 -61.23
N VAL HA 73 -41.41 -61.70 -61.93
CA VAL HA 73 -41.64 -62.00 -63.33
C VAL HA 73 -41.89 -63.49 -63.46
N SER HA 74 -42.83 -63.88 -64.31
CA SER HA 74 -43.23 -65.28 -64.45
C SER HA 74 -42.13 -66.04 -65.19
N ARG HA 75 -41.08 -66.39 -64.45
CA ARG HA 75 -39.95 -67.14 -64.98
C ARG HA 75 -39.14 -67.62 -63.79
N ALA HA 76 -38.35 -68.67 -64.00
CA ALA HA 76 -37.40 -69.12 -62.99
C ALA HA 76 -36.46 -67.98 -62.63
N TYR HA 77 -36.24 -67.78 -61.34
CA TYR HA 77 -35.50 -66.66 -60.77
C TYR HA 77 -36.11 -65.32 -61.10
N GLY HA 78 -37.34 -65.30 -61.61
CA GLY HA 78 -37.98 -64.07 -62.02
C GLY HA 78 -38.19 -63.10 -60.88
N GLY HA 79 -37.81 -61.84 -61.09
CA GLY HA 79 -37.82 -60.87 -60.02
C GLY HA 79 -36.59 -60.88 -59.15
N SER HA 80 -35.66 -61.80 -59.39
CA SER HA 80 -34.40 -61.87 -58.68
C SER HA 80 -33.20 -61.87 -59.61
N MET HA 81 -33.32 -62.48 -60.78
CA MET HA 81 -32.25 -62.51 -61.77
C MET HA 81 -32.80 -62.10 -63.11
N CYS HA 82 -31.94 -61.46 -63.90
CA CYS HA 82 -32.30 -61.01 -65.23
C CYS HA 82 -32.45 -62.19 -66.18
N ALA HA 83 -33.15 -61.94 -67.28
CA ALA HA 83 -33.40 -63.00 -68.26
C ALA HA 83 -32.10 -63.48 -68.90
N LYS HA 84 -31.17 -62.57 -69.15
CA LYS HA 84 -29.94 -62.93 -69.86
C LYS HA 84 -29.10 -63.89 -69.05
N CYS HA 85 -28.95 -63.65 -67.75
CA CYS HA 85 -28.07 -64.48 -66.95
C CYS HA 85 -28.77 -65.75 -66.48
N VAL HA 86 -30.09 -65.84 -66.60
CA VAL HA 86 -30.75 -67.12 -66.42
C VAL HA 86 -30.48 -68.04 -67.61
N ARG HA 87 -30.52 -67.51 -68.83
CA ARG HA 87 -30.21 -68.31 -70.01
C ARG HA 87 -28.78 -68.80 -69.97
N ASP HA 88 -27.85 -67.96 -69.51
CA ASP HA 88 -26.46 -68.38 -69.40
C ASP HA 88 -26.29 -69.46 -68.35
N ARG HA 89 -27.02 -69.37 -67.24
CA ARG HA 89 -26.92 -70.39 -66.21
C ARG HA 89 -27.51 -71.71 -66.66
N ILE HA 90 -28.62 -71.66 -67.41
CA ILE HA 90 -29.20 -72.89 -67.95
C ILE HA 90 -28.21 -73.57 -68.88
N LYS HA 91 -27.57 -72.79 -69.75
CA LYS HA 91 -26.59 -73.35 -70.66
C LYS HA 91 -25.36 -73.81 -69.92
N ARG HA 92 -24.89 -73.02 -68.95
CA ARG HA 92 -23.69 -73.39 -68.19
C ARG HA 92 -23.93 -74.64 -67.36
N ALA HA 93 -25.10 -74.76 -66.75
CA ALA HA 93 -25.42 -75.95 -65.97
C ALA HA 93 -25.45 -77.19 -66.85
N PHE HA 94 -26.10 -77.09 -68.02
CA PHE HA 94 -26.25 -78.26 -68.87
C PHE HA 94 -24.92 -78.69 -69.48
N LEU HA 95 -24.10 -77.72 -69.89
CA LEU HA 95 -22.89 -78.07 -70.61
C LEU HA 95 -21.82 -78.63 -69.68
N ILE HA 96 -21.76 -78.15 -68.44
CA ILE HA 96 -20.78 -78.69 -67.50
C ILE HA 96 -21.16 -80.09 -67.09
N GLU HA 97 -22.46 -80.36 -66.90
CA GLU HA 97 -22.89 -81.72 -66.59
C GLU HA 97 -22.65 -82.66 -67.76
N GLU HA 98 -22.78 -82.15 -68.99
CA GLU HA 98 -22.43 -82.95 -70.16
C GLU HA 98 -20.94 -83.25 -70.19
N GLN HA 99 -20.12 -82.30 -69.77
CA GLN HA 99 -18.67 -82.50 -69.70
C GLN HA 99 -18.32 -83.55 -68.65
N LYS HA 100 -19.06 -83.57 -67.54
CA LYS HA 100 -18.80 -84.57 -66.51
C LYS HA 100 -19.06 -85.98 -67.04
N ILE HA 101 -20.07 -86.13 -67.88
CA ILE HA 101 -20.33 -87.42 -68.51
C ILE HA 101 -19.17 -87.81 -69.42
N VAL HA 102 -18.61 -86.84 -70.13
CA VAL HA 102 -17.50 -87.12 -71.03
C VAL HA 102 -16.27 -87.59 -70.26
N VAL HA 103 -15.90 -86.88 -69.20
CA VAL HA 103 -14.70 -87.25 -68.46
C VAL HA 103 -14.90 -88.56 -67.71
N LYS HA 104 -16.14 -88.85 -67.28
CA LYS HA 104 -16.42 -90.12 -66.64
C LYS HA 104 -16.28 -91.27 -67.63
N VAL HA 105 -16.82 -91.08 -68.85
CA VAL HA 105 -16.68 -92.09 -69.88
C VAL HA 105 -15.23 -92.20 -70.34
N LEU HA 106 -14.54 -91.06 -70.42
CA LEU HA 106 -13.17 -91.06 -70.91
C LEU HA 106 -12.24 -91.85 -70.01
N LYS HA 107 -12.37 -91.70 -68.68
CA LYS HA 107 -11.55 -92.48 -67.78
C LYS HA 107 -12.04 -93.92 -67.69
N ALA HA 108 -13.33 -94.16 -67.96
CA ALA HA 108 -13.85 -95.51 -67.92
C ALA HA 108 -13.30 -96.34 -69.07
N GLN HA 109 -13.13 -95.74 -70.24
CA GLN HA 109 -12.49 -96.43 -71.36
C GLN HA 109 -10.97 -96.39 -71.28
N ALA HA 110 -10.43 -95.52 -70.42
CA ALA HA 110 -8.98 -95.49 -70.20
C ALA HA 110 -8.52 -96.63 -69.30
N GLN HA 111 -9.37 -97.08 -68.39
CA GLN HA 111 -8.99 -98.13 -67.45
C GLN HA 111 -9.20 -99.53 -68.01
N SER HA 112 -9.59 -99.66 -69.27
CA SER HA 112 -9.72 -100.98 -69.89
C SER HA 112 -8.38 -101.68 -70.04
N GLN HA 113 -7.28 -100.93 -70.07
CA GLN HA 113 -5.94 -101.49 -70.20
C GLN HA 113 -5.24 -101.46 -68.85
N LYS HA 114 -4.70 -102.62 -68.45
CA LYS HA 114 -3.97 -102.73 -67.20
C LYS HA 114 -2.66 -101.95 -67.25
N ALA IA 1 -75.07 -33.21 9.87
CA ALA IA 1 -75.38 -34.63 9.88
C ALA IA 1 -74.15 -35.45 9.48
N LYS IA 2 -73.08 -35.31 10.25
CA LYS IA 2 -71.82 -35.94 9.92
C LYS IA 2 -71.86 -37.44 10.19
N ILE IA 3 -70.92 -38.16 9.60
CA ILE IA 3 -70.77 -39.59 9.81
C ILE IA 3 -69.58 -39.83 10.72
N LYS IA 4 -69.75 -40.72 11.67
CA LYS IA 4 -68.73 -41.00 12.67
C LYS IA 4 -68.11 -42.37 12.40
N ALA IA 5 -66.91 -42.56 12.92
CA ALA IA 5 -66.24 -43.84 12.73
C ALA IA 5 -66.84 -44.94 13.60
N ARG IA 6 -67.46 -44.59 14.72
CA ARG IA 6 -67.98 -45.60 15.63
C ARG IA 6 -69.12 -46.39 15.00
N ASP IA 7 -70.10 -45.70 14.45
CA ASP IA 7 -71.27 -46.37 13.89
C ASP IA 7 -71.03 -46.88 12.48
N LEU IA 8 -69.88 -46.60 11.89
CA LEU IA 8 -69.50 -47.25 10.64
C LEU IA 8 -68.99 -48.66 10.84
N ARG IA 9 -68.51 -48.98 12.04
CA ARG IA 9 -67.84 -50.27 12.26
C ARG IA 9 -68.83 -51.42 12.32
N GLY IA 10 -70.08 -51.16 12.72
CA GLY IA 10 -71.06 -52.21 12.75
C GLY IA 10 -71.53 -52.64 11.38
N LYS IA 11 -71.37 -51.77 10.39
CA LYS IA 11 -71.83 -52.07 9.04
C LYS IA 11 -70.89 -53.07 8.37
N LYS IA 12 -71.40 -53.70 7.32
CA LYS IA 12 -70.64 -54.70 6.58
C LYS IA 12 -70.12 -54.10 5.28
N LYS IA 13 -69.48 -54.95 4.47
CA LYS IA 13 -68.67 -54.47 3.35
C LYS IA 13 -69.52 -53.77 2.29
N GLU IA 14 -70.74 -54.25 2.07
CA GLU IA 14 -71.54 -53.76 0.95
C GLU IA 14 -72.00 -52.32 1.16
N GLU IA 15 -72.57 -52.03 2.33
CA GLU IA 15 -73.03 -50.66 2.55
C GLU IA 15 -71.91 -49.71 2.92
N LEU IA 16 -70.79 -50.21 3.42
CA LEU IA 16 -69.62 -49.35 3.57
C LEU IA 16 -69.14 -48.86 2.21
N LEU IA 17 -69.12 -49.75 1.22
CA LEU IA 17 -68.78 -49.35 -0.14
C LEU IA 17 -69.89 -48.49 -0.74
N LYS IA 18 -71.14 -48.79 -0.41
CA LYS IA 18 -72.25 -47.99 -0.90
C LYS IA 18 -72.19 -46.57 -0.36
N GLN IA 19 -71.89 -46.41 0.92
CA GLN IA 19 -71.82 -45.08 1.50
C GLN IA 19 -70.60 -44.33 0.98
N LEU IA 20 -69.50 -45.04 0.72
CA LEU IA 20 -68.34 -44.42 0.11
C LEU IA 20 -68.66 -43.90 -1.28
N ASP IA 21 -69.42 -44.68 -2.06
CA ASP IA 21 -69.78 -44.26 -3.41
C ASP IA 21 -70.69 -43.04 -3.39
N ASP IA 22 -71.62 -42.99 -2.43
CA ASP IA 22 -72.49 -41.82 -2.32
C ASP IA 22 -71.70 -40.57 -1.99
N LEU IA 23 -70.71 -40.69 -1.10
CA LEU IA 23 -69.87 -39.56 -0.77
C LEU IA 23 -69.05 -39.11 -1.96
N LYS IA 24 -68.51 -40.05 -2.72
CA LYS IA 24 -67.70 -39.71 -3.89
C LYS IA 24 -68.54 -39.01 -4.95
N VAL IA 25 -69.79 -39.44 -5.13
CA VAL IA 25 -70.69 -38.76 -6.05
C VAL IA 25 -70.95 -37.33 -5.58
N GLU IA 26 -71.16 -37.16 -4.28
CA GLU IA 26 -71.43 -35.82 -3.75
C GLU IA 26 -70.21 -34.93 -3.86
N LEU IA 27 -69.01 -35.49 -3.67
CA LEU IA 27 -67.80 -34.67 -3.79
C LEU IA 27 -67.62 -34.16 -5.21
N SER IA 28 -67.89 -35.00 -6.21
CA SER IA 28 -67.72 -34.56 -7.59
C SER IA 28 -68.73 -33.47 -7.95
N GLN IA 29 -69.94 -33.55 -7.39
CA GLN IA 29 -70.91 -32.48 -7.59
C GLN IA 29 -70.43 -31.19 -6.94
N LEU IA 30 -69.82 -31.29 -5.77
CA LEU IA 30 -69.32 -30.09 -5.09
C LEU IA 30 -68.20 -29.44 -5.88
N ARG IA 31 -67.37 -30.24 -6.54
CA ARG IA 31 -66.30 -29.68 -7.37
C ARG IA 31 -66.88 -29.00 -8.60
N VAL IA 32 -67.99 -29.54 -9.13
CA VAL IA 32 -68.69 -28.87 -10.23
C VAL IA 32 -69.21 -27.52 -9.76
N ALA IA 33 -69.79 -27.47 -8.56
CA ALA IA 33 -70.26 -26.21 -8.01
C ALA IA 33 -69.11 -25.24 -7.76
N LYS IA 34 -67.94 -25.77 -7.42
CA LYS IA 34 -66.80 -24.92 -7.12
C LYS IA 34 -66.34 -24.15 -8.36
N VAL IA 35 -66.33 -24.80 -9.51
CA VAL IA 35 -65.85 -24.16 -10.73
C VAL IA 35 -66.93 -23.31 -11.38
N THR IA 36 -68.20 -23.57 -11.10
CA THR IA 36 -69.30 -22.81 -11.68
C THR IA 36 -69.82 -21.72 -10.75
N GLY IA 37 -68.95 -21.14 -9.93
CA GLY IA 37 -69.38 -20.12 -9.00
C GLY IA 37 -69.84 -20.69 -7.67
N GLY IA 38 -71.00 -21.32 -7.67
CA GLY IA 38 -71.46 -22.00 -6.47
C GLY IA 38 -71.78 -21.04 -5.34
N ALA IA 39 -71.92 -21.62 -4.15
CA ALA IA 39 -72.21 -20.86 -2.95
C ALA IA 39 -71.18 -21.17 -1.89
N ALA IA 40 -70.97 -20.22 -0.98
CA ALA IA 40 -69.99 -20.40 0.08
C ALA IA 40 -70.36 -21.57 0.98
N SER IA 41 -71.65 -21.85 1.14
CA SER IA 41 -72.07 -23.01 1.92
C SER IA 41 -71.63 -24.30 1.24
N LYS IA 42 -71.75 -24.37 -0.08
CA LYS IA 42 -71.38 -25.58 -0.80
C LYS IA 42 -69.87 -25.72 -0.91
N LEU IA 43 -69.14 -24.61 -0.92
CA LEU IA 43 -67.68 -24.69 -0.94
C LEU IA 43 -67.15 -25.23 0.38
N SER IA 44 -67.77 -24.85 1.50
CA SER IA 44 -67.30 -25.31 2.79
C SER IA 44 -67.62 -26.78 3.01
N LYS IA 45 -68.55 -27.33 2.25
CA LYS IA 45 -68.88 -28.75 2.39
C LYS IA 45 -67.87 -29.65 1.71
N ILE IA 46 -66.96 -29.09 0.91
CA ILE IA 46 -65.96 -29.91 0.23
C ILE IA 46 -65.06 -30.60 1.25
N ARG IA 47 -64.62 -29.86 2.27
CA ARG IA 47 -63.79 -30.43 3.31
C ARG IA 47 -64.55 -31.50 4.10
N VAL IA 48 -65.83 -31.25 4.38
CA VAL IA 48 -66.60 -32.19 5.19
C VAL IA 48 -66.74 -33.52 4.46
N VAL IA 49 -67.04 -33.48 3.17
CA VAL IA 49 -67.18 -34.71 2.39
C VAL IA 49 -65.83 -35.39 2.23
N ARG IA 50 -64.76 -34.62 2.06
CA ARG IA 50 -63.44 -35.22 1.88
C ARG IA 50 -63.01 -35.97 3.12
N LYS IA 51 -63.31 -35.44 4.31
CA LYS IA 51 -62.96 -36.15 5.54
C LYS IA 51 -63.89 -37.32 5.80
N SER IA 52 -65.12 -37.24 5.32
CA SER IA 52 -66.02 -38.39 5.43
C SER IA 52 -65.54 -39.53 4.55
N ILE IA 53 -65.03 -39.22 3.36
CA ILE IA 53 -64.46 -40.23 2.49
C ILE IA 53 -63.26 -40.88 3.15
N ALA IA 54 -62.41 -40.07 3.77
CA ALA IA 54 -61.26 -40.62 4.50
C ALA IA 54 -61.73 -41.48 5.67
N ARG IA 55 -62.80 -41.07 6.34
CA ARG IA 55 -63.31 -41.83 7.48
C ARG IA 55 -63.81 -43.20 7.06
N VAL IA 56 -64.57 -43.27 5.97
CA VAL IA 56 -65.09 -44.55 5.51
C VAL IA 56 -63.94 -45.45 5.07
N LEU IA 57 -62.98 -44.89 4.34
CA LEU IA 57 -61.89 -45.69 3.80
C LEU IA 57 -61.01 -46.25 4.91
N THR IA 58 -60.76 -45.48 5.96
CA THR IA 58 -59.93 -46.00 7.03
C THR IA 58 -60.63 -47.09 7.82
N VAL IA 59 -61.97 -47.03 7.90
CA VAL IA 59 -62.70 -48.11 8.55
C VAL IA 59 -62.66 -49.36 7.69
N ILE IA 60 -62.76 -49.20 6.37
CA ILE IA 60 -62.66 -50.33 5.46
C ILE IA 60 -61.28 -50.97 5.56
N ASN IA 61 -60.23 -50.14 5.58
CA ASN IA 61 -58.87 -50.67 5.61
C ASN IA 61 -58.55 -51.28 6.96
N GLN IA 62 -59.02 -50.68 8.06
CA GLN IA 62 -58.78 -51.27 9.36
C GLN IA 62 -59.51 -52.58 9.54
N THR IA 63 -60.75 -52.67 9.06
CA THR IA 63 -61.49 -53.92 9.15
C THR IA 63 -60.83 -55.01 8.34
N GLN IA 64 -60.35 -54.68 7.14
CA GLN IA 64 -59.69 -55.66 6.30
C GLN IA 64 -58.36 -56.10 6.89
N LYS IA 65 -57.61 -55.16 7.47
CA LYS IA 65 -56.31 -55.51 8.04
C LYS IA 65 -56.46 -56.42 9.25
N GLU IA 66 -57.43 -56.14 10.13
CA GLU IA 66 -57.57 -56.95 11.34
C GLU IA 66 -58.11 -58.34 11.02
N ASN IA 67 -58.91 -58.47 9.98
CA ASN IA 67 -59.37 -59.80 9.57
C ASN IA 67 -58.21 -60.63 9.05
N LEU IA 68 -57.29 -60.00 8.32
CA LEU IA 68 -56.11 -60.70 7.85
C LEU IA 68 -55.20 -61.08 9.01
N ARG IA 69 -55.12 -60.22 10.03
CA ARG IA 69 -54.30 -60.54 11.20
C ARG IA 69 -54.86 -61.75 11.93
N LYS IA 70 -56.19 -61.84 12.02
CA LYS IA 70 -56.80 -63.02 12.64
C LYS IA 70 -56.60 -64.25 11.78
N PHE IA 71 -56.67 -64.09 10.46
CA PHE IA 71 -56.52 -65.23 9.57
C PHE IA 71 -55.11 -65.81 9.62
N TYR IA 72 -54.11 -64.95 9.69
CA TYR IA 72 -52.72 -65.38 9.66
C TYR IA 72 -52.16 -65.64 11.05
N LYS IA 73 -52.96 -65.50 12.08
CA LYS IA 73 -52.50 -65.74 13.44
C LYS IA 73 -52.28 -67.23 13.65
N GLY IA 74 -51.12 -67.59 14.20
CA GLY IA 74 -50.78 -68.97 14.39
C GLY IA 74 -50.22 -69.68 13.18
N LYS IA 75 -49.87 -68.93 12.13
CA LYS IA 75 -49.27 -69.51 10.94
C LYS IA 75 -47.79 -69.21 10.92
N LYS IA 76 -47.01 -70.17 10.39
CA LYS IA 76 -45.56 -70.05 10.44
C LYS IA 76 -45.08 -68.86 9.61
N TYR IA 77 -45.66 -68.65 8.44
CA TYR IA 77 -45.26 -67.57 7.55
C TYR IA 77 -46.40 -66.58 7.40
N LYS IA 78 -46.09 -65.30 7.58
CA LYS IA 78 -47.05 -64.22 7.52
C LYS IA 78 -46.56 -63.17 6.54
N PRO IA 79 -47.47 -62.44 5.90
CA PRO IA 79 -47.06 -61.37 5.00
C PRO IA 79 -46.25 -60.31 5.72
N LEU IA 80 -45.34 -59.67 4.99
CA LEU IA 80 -44.37 -58.77 5.60
C LEU IA 80 -45.05 -57.59 6.27
N ASP IA 81 -46.17 -57.11 5.71
CA ASP IA 81 -46.89 -56.02 6.35
C ASP IA 81 -47.59 -56.47 7.62
N LEU IA 82 -47.75 -57.76 7.83
CA LEU IA 82 -48.33 -58.27 9.07
C LEU IA 82 -47.28 -58.64 10.11
N ARG IA 83 -46.02 -58.68 9.73
CA ARG IA 83 -44.96 -58.90 10.68
C ARG IA 83 -44.64 -57.60 11.42
N PRO IA 84 -44.10 -57.69 12.64
CA PRO IA 84 -43.74 -56.47 13.36
C PRO IA 84 -42.66 -55.68 12.63
N LYS IA 85 -42.68 -54.36 12.85
CA LYS IA 85 -41.77 -53.46 12.17
C LYS IA 85 -41.01 -52.63 13.21
N LYS IA 86 -40.40 -53.29 14.18
CA LYS IA 86 -39.66 -52.61 15.23
C LYS IA 86 -38.61 -51.69 14.65
N THR IA 87 -37.60 -52.28 14.01
CA THR IA 87 -36.43 -51.64 13.45
C THR IA 87 -35.69 -52.72 12.70
N ARG IA 88 -35.05 -52.34 11.60
CA ARG IA 88 -34.27 -53.32 10.84
C ARG IA 88 -33.25 -54.01 11.72
N ALA IA 89 -32.54 -53.24 12.54
CA ALA IA 89 -31.57 -53.83 13.47
C ALA IA 89 -32.25 -54.67 14.53
N MET IA 90 -33.40 -54.23 15.03
CA MET IA 90 -34.11 -54.99 16.05
C MET IA 90 -34.66 -56.30 15.51
N ARG IA 91 -34.98 -56.35 14.21
CA ARG IA 91 -35.49 -57.59 13.63
C ARG IA 91 -34.37 -58.58 13.34
N ARG IA 92 -33.13 -58.12 13.28
CA ARG IA 92 -32.00 -59.01 13.04
C ARG IA 92 -31.50 -59.68 14.30
N ARG IA 93 -31.83 -59.16 15.48
CA ARG IA 93 -31.23 -59.67 16.69
C ARG IA 93 -31.89 -60.97 17.12
N LEU IA 94 -31.22 -61.67 18.04
CA LEU IA 94 -31.67 -62.98 18.50
C LEU IA 94 -33.00 -62.86 19.25
N ASN IA 95 -33.84 -63.88 19.11
CA ASN IA 95 -35.10 -63.88 19.83
C ASN IA 95 -34.86 -64.22 21.30
N LYS IA 96 -35.92 -64.14 22.11
CA LYS IA 96 -35.78 -64.38 23.54
C LYS IA 96 -35.37 -65.81 23.83
N HIS IA 97 -35.84 -66.77 23.03
CA HIS IA 97 -35.48 -68.16 23.27
C HIS IA 97 -34.00 -68.39 23.06
N GLU IA 98 -33.46 -68.00 21.92
CA GLU IA 98 -32.07 -68.28 21.63
C GLU IA 98 -31.12 -67.26 22.26
N GLU IA 99 -31.65 -66.21 22.88
CA GLU IA 99 -30.81 -65.29 23.62
C GLU IA 99 -30.35 -65.89 24.94
N ASN IA 100 -31.23 -66.61 25.64
CA ASN IA 100 -30.97 -67.03 27.01
C ASN IA 100 -30.57 -68.49 27.15
N LEU IA 101 -30.63 -69.29 26.09
CA LEU IA 101 -30.24 -70.68 26.20
C LEU IA 101 -28.72 -70.80 26.31
N LYS IA 102 -28.27 -71.75 27.13
CA LYS IA 102 -26.87 -71.92 27.49
C LYS IA 102 -26.37 -73.29 27.08
N THR IA 103 -25.05 -73.45 27.13
CA THR IA 103 -24.45 -74.76 26.91
C THR IA 103 -24.53 -75.59 28.17
N LYS IA 104 -24.38 -76.90 28.01
CA LYS IA 104 -24.39 -77.79 29.17
C LYS IA 104 -23.21 -77.52 30.09
N LYS IA 105 -22.07 -77.14 29.52
CA LYS IA 105 -20.93 -76.75 30.35
C LYS IA 105 -21.27 -75.54 31.19
N GLN IA 106 -21.99 -74.57 30.61
CA GLN IA 106 -22.31 -73.35 31.34
C GLN IA 106 -23.30 -73.62 32.46
N GLN IA 107 -24.34 -74.41 32.19
CA GLN IA 107 -25.36 -74.64 33.22
C GLN IA 107 -24.87 -75.62 34.27
N ARG IA 108 -23.84 -76.41 33.97
CA ARG IA 108 -23.22 -77.22 35.00
C ARG IA 108 -22.45 -76.35 35.99
N LYS IA 109 -21.80 -75.30 35.50
CA LYS IA 109 -21.07 -74.39 36.38
C LYS IA 109 -22.03 -73.66 37.32
N GLU IA 110 -23.17 -73.21 36.80
CA GLU IA 110 -24.14 -72.51 37.63
C GLU IA 110 -24.73 -73.41 38.69
N ARG IA 111 -24.96 -74.69 38.35
CA ARG IA 111 -25.48 -75.62 39.34
C ARG IA 111 -24.44 -75.94 40.41
N LEU IA 112 -23.20 -76.17 39.99
CA LEU IA 112 -22.17 -76.62 40.93
C LEU IA 112 -21.64 -75.49 41.79
N TYR IA 113 -21.48 -74.30 41.21
CA TYR IA 113 -20.86 -73.17 41.91
C TYR IA 113 -21.74 -71.94 41.76
N PRO IA 114 -22.89 -71.92 42.41
CA PRO IA 114 -23.75 -70.74 42.35
C PRO IA 114 -23.23 -69.63 43.25
N LEU IA 115 -23.55 -68.41 42.89
CA LEU IA 115 -23.16 -67.26 43.70
C LEU IA 115 -23.89 -67.30 45.04
N ARG IA 116 -23.16 -67.00 46.11
CA ARG IA 116 -23.71 -67.08 47.45
C ARG IA 116 -23.99 -65.70 47.99
N LYS IA 117 -24.95 -65.63 48.91
CA LYS IA 117 -25.24 -64.41 49.65
C LYS IA 117 -24.48 -64.47 50.96
N TYR IA 118 -23.64 -63.47 51.23
CA TYR IA 118 -22.77 -63.54 52.38
C TYR IA 118 -22.53 -62.13 52.90
N ALA IA 119 -22.13 -62.06 54.16
CA ALA IA 119 -21.74 -60.80 54.78
C ALA IA 119 -20.47 -61.04 55.57
N VAL IA 120 -19.69 -59.97 55.76
CA VAL IA 120 -18.40 -60.06 56.43
C VAL IA 120 -18.46 -59.21 57.69
N LYS IA 121 -18.16 -59.83 58.82
CA LYS IA 121 -18.08 -59.09 60.08
C LYS IA 121 -16.87 -58.16 60.08
N ALA IA 122 -17.00 -57.05 60.80
CA ALA IA 122 -15.92 -56.08 60.88
C ALA IA 122 -14.89 -56.50 61.93
N ALA JA 1 27.30 -58.47 64.75
CA ALA JA 1 27.60 -59.89 64.55
C ALA JA 1 28.68 -60.06 63.50
N LEU JA 2 29.05 -61.30 63.23
CA LEU JA 2 30.11 -61.58 62.26
C LEU JA 2 29.66 -61.21 60.84
N ARG JA 3 28.48 -61.68 60.44
CA ARG JA 3 27.97 -61.44 59.10
C ARG JA 3 26.52 -61.00 59.18
N TYR JA 4 26.16 -60.06 58.32
CA TYR JA 4 24.81 -59.48 58.25
C TYR JA 4 24.29 -59.65 56.84
N PRO JA 5 22.98 -59.70 56.67
CA PRO JA 5 22.42 -59.62 55.31
C PRO JA 5 22.79 -58.30 54.66
N MET JA 6 23.07 -58.35 53.37
CA MET JA 6 23.57 -57.20 52.66
C MET JA 6 22.78 -57.00 51.36
N ALA JA 7 22.73 -55.76 50.91
CA ALA JA 7 22.15 -55.46 49.61
C ALA JA 7 23.12 -55.71 48.47
N VAL JA 8 24.37 -56.02 48.77
CA VAL JA 8 25.40 -56.25 47.78
C VAL JA 8 26.18 -57.50 48.14
N GLY JA 9 26.92 -58.01 47.17
CA GLY JA 9 27.77 -59.16 47.37
C GLY JA 9 27.22 -60.40 46.68
N LEU JA 10 27.95 -61.50 46.86
CA LEU JA 10 27.54 -62.76 46.25
C LEU JA 10 26.27 -63.31 46.89
N ASN JA 11 26.07 -63.07 48.17
CA ASN JA 11 24.92 -63.57 48.91
C ASN JA 11 23.97 -62.44 49.28
N LYS JA 12 23.79 -61.49 48.38
CA LYS JA 12 22.94 -60.35 48.65
C LYS JA 12 21.47 -60.76 48.66
N GLY JA 13 20.66 -59.95 49.32
CA GLY JA 13 19.23 -60.18 49.34
C GLY JA 13 18.65 -60.41 50.71
N HIS JA 14 17.40 -60.03 50.88
CA HIS JA 14 16.65 -60.35 52.09
C HIS JA 14 16.47 -61.84 52.21
N LYS JA 15 16.59 -62.37 53.42
CA LYS JA 15 16.58 -63.81 53.61
C LYS JA 15 15.16 -64.29 53.87
N VAL JA 16 14.67 -65.16 52.98
CA VAL JA 16 13.37 -65.81 53.11
C VAL JA 16 13.58 -67.30 52.89
N THR JA 17 12.69 -68.09 53.47
CA THR JA 17 12.73 -69.53 53.28
C THR JA 17 12.05 -69.88 51.97
N LYS JA 18 12.78 -70.52 51.07
CA LYS JA 18 12.24 -70.82 49.74
C LYS JA 18 11.15 -71.87 49.82
N ASN JA 19 10.05 -71.60 49.14
CA ASN JA 19 8.92 -72.53 49.10
C ASN JA 19 9.09 -73.45 47.90
N VAL JA 20 9.46 -74.70 48.16
CA VAL JA 20 9.63 -75.66 47.10
C VAL JA 20 8.28 -76.26 46.74
N SER JA 21 8.03 -76.41 45.44
CA SER JA 21 6.76 -76.91 44.96
C SER JA 21 6.96 -77.52 43.58
N LYS JA 22 5.95 -78.26 43.13
CA LYS JA 22 5.98 -78.79 41.78
C LYS JA 22 5.92 -77.64 40.78
N PRO JA 23 6.62 -77.74 39.66
CA PRO JA 23 6.51 -76.69 38.64
C PRO JA 23 5.13 -76.67 38.02
N ARG JA 24 4.76 -75.50 37.50
CA ARG JA 24 3.47 -75.34 36.86
C ARG JA 24 3.39 -76.19 35.61
N HIS JA 25 2.17 -76.57 35.23
CA HIS JA 25 2.01 -77.46 34.10
C HIS JA 25 2.37 -76.79 32.77
N SER JA 26 2.33 -75.47 32.69
CA SER JA 26 2.74 -74.81 31.46
C SER JA 26 4.22 -74.99 31.20
N ARG JA 27 5.02 -75.10 32.27
CA ARG JA 27 6.46 -75.33 32.11
C ARG JA 27 6.76 -76.68 31.49
N ARG JA 28 5.80 -77.59 31.51
CA ARG JA 28 5.93 -78.89 30.86
C ARG JA 28 5.93 -78.80 29.34
N ARG JA 29 5.49 -77.67 28.78
CA ARG JA 29 5.32 -77.51 27.33
C ARG JA 29 6.61 -77.84 26.59
N GLY JA 30 6.46 -78.49 25.44
CA GLY JA 30 7.58 -78.83 24.59
C GLY JA 30 8.20 -80.19 24.85
N ARG JA 31 7.81 -80.87 25.91
CA ARG JA 31 8.34 -82.21 26.17
C ARG JA 31 7.81 -83.20 25.15
N LEU JA 32 8.66 -84.13 24.76
CA LEU JA 32 8.29 -85.12 23.77
C LEU JA 32 7.64 -86.31 24.45
N THR JA 33 6.45 -86.68 23.99
CA THR JA 33 5.75 -87.83 24.52
C THR JA 33 6.00 -89.06 23.66
N LYS JA 34 5.66 -90.22 24.23
CA LYS JA 34 5.86 -91.48 23.51
C LYS JA 34 5.01 -91.53 22.26
N HIS JA 35 3.77 -91.06 22.33
CA HIS JA 35 2.88 -91.11 21.17
C HIS JA 35 3.28 -90.08 20.13
N THR JA 36 3.64 -88.87 20.56
CA THR JA 36 4.04 -87.84 19.61
C THR JA 36 5.35 -88.22 18.93
N LYS JA 37 6.27 -88.87 19.64
CA LYS JA 37 7.47 -89.37 19.01
C LYS JA 37 7.14 -90.43 17.97
N PHE JA 38 6.18 -91.30 18.29
CA PHE JA 38 5.77 -92.34 17.35
C PHE JA 38 5.17 -91.75 16.08
N VAL JA 39 4.35 -90.71 16.24
CA VAL JA 39 3.74 -90.07 15.08
C VAL JA 39 4.80 -89.42 14.20
N ARG JA 40 5.74 -88.70 14.81
CA ARG JA 40 6.76 -88.00 14.04
C ARG JA 40 7.69 -88.97 13.32
N ASP JA 41 7.95 -90.13 13.93
CA ASP JA 41 8.73 -91.15 13.24
C ASP JA 41 7.97 -91.75 12.08
N MET JA 42 6.64 -91.88 12.23
CA MET JA 42 5.82 -92.36 11.13
C MET JA 42 5.87 -91.43 9.94
N ILE JA 43 5.72 -90.12 10.20
CA ILE JA 43 5.69 -89.16 9.12
C ILE JA 43 7.06 -89.06 8.45
N ARG JA 44 8.13 -89.20 9.23
CA ARG JA 44 9.47 -89.11 8.67
C ARG JA 44 9.73 -90.20 7.64
N GLU JA 45 9.33 -91.43 7.93
CA GLU JA 45 9.57 -92.49 6.96
C GLU JA 45 8.53 -92.49 5.84
N VAL JA 46 7.35 -91.91 6.06
CA VAL JA 46 6.43 -91.70 4.95
C VAL JA 46 6.94 -90.61 4.01
N CYS JA 47 7.38 -89.48 4.59
CA CYS JA 47 7.77 -88.34 3.78
C CYS JA 47 9.18 -88.49 3.24
N GLY JA 48 10.17 -88.59 4.13
CA GLY JA 48 11.56 -88.59 3.75
C GLY JA 48 12.28 -87.39 4.36
N PHE JA 49 13.14 -86.76 3.57
CA PHE JA 49 13.90 -85.60 4.01
C PHE JA 49 13.78 -84.48 3.00
N ALA JA 50 13.94 -83.26 3.49
CA ALA JA 50 13.97 -82.10 2.62
C ALA JA 50 15.26 -82.09 1.80
N PRO JA 51 15.25 -81.47 0.63
CA PRO JA 51 16.46 -81.48 -0.22
C PRO JA 51 17.68 -80.88 0.44
N TYR JA 52 17.53 -79.87 1.31
CA TYR JA 52 18.70 -79.32 1.99
C TYR JA 52 19.20 -80.27 3.07
N GLU JA 53 18.30 -81.05 3.67
CA GLU JA 53 18.71 -82.03 4.66
C GLU JA 53 19.49 -83.17 4.02
N ARG JA 54 19.09 -83.58 2.82
CA ARG JA 54 19.84 -84.60 2.10
C ARG JA 54 21.22 -84.10 1.73
N ARG JA 55 21.32 -82.84 1.28
CA ARG JA 55 22.61 -82.28 0.93
C ARG JA 55 23.54 -82.20 2.13
N ALA JA 56 23.00 -81.81 3.28
CA ALA JA 56 23.81 -81.74 4.49
C ALA JA 56 24.28 -83.12 4.93
N MET JA 57 23.52 -84.16 4.58
CA MET JA 57 23.95 -85.51 4.90
C MET JA 57 25.10 -85.97 4.02
N GLU JA 58 25.14 -85.49 2.77
CA GLU JA 58 26.28 -85.78 1.92
C GLU JA 58 27.56 -85.15 2.49
N LEU JA 59 27.44 -83.94 3.02
CA LEU JA 59 28.60 -83.29 3.65
C LEU JA 59 29.04 -84.06 4.89
N LEU JA 60 28.08 -84.57 5.67
CA LEU JA 60 28.43 -85.32 6.85
C LEU JA 60 28.95 -86.71 6.51
N LYS JA 61 28.55 -87.25 5.35
CA LYS JA 61 29.05 -88.56 4.95
C LYS JA 61 30.54 -88.52 4.63
N VAL JA 62 30.99 -87.45 4.01
CA VAL JA 62 32.40 -87.29 3.66
C VAL JA 62 33.12 -86.57 4.80
N SER JA 63 32.43 -86.44 5.93
CA SER JA 63 32.98 -85.87 7.16
C SER JA 63 33.47 -84.44 6.96
N LYS JA 64 32.68 -83.63 6.25
CA LYS JA 64 32.89 -82.19 6.22
C LYS JA 64 31.88 -81.55 7.18
N ASP JA 65 32.18 -81.68 8.47
CA ASP JA 65 31.20 -81.30 9.49
C ASP JA 65 31.12 -79.79 9.66
N LYS JA 66 32.25 -79.08 9.56
CA LYS JA 66 32.20 -77.63 9.65
C LYS JA 66 31.46 -77.05 8.45
N ARG JA 67 31.71 -77.59 7.25
CA ARG JA 67 30.98 -77.12 6.07
C ARG JA 67 29.51 -77.49 6.15
N ALA JA 68 29.21 -78.65 6.74
CA ALA JA 68 27.80 -79.02 6.94
C ALA JA 68 27.11 -78.04 7.87
N LEU JA 69 27.78 -77.66 8.95
CA LEU JA 69 27.18 -76.72 9.88
C LEU JA 69 27.01 -75.34 9.26
N LYS JA 70 27.99 -74.91 8.46
CA LYS JA 70 27.84 -73.64 7.72
C LYS JA 70 26.65 -73.69 6.79
N PHE JA 71 26.45 -74.83 6.12
CA PHE JA 71 25.33 -74.95 5.20
C PHE JA 71 23.99 -74.97 5.94
N ILE JA 72 23.91 -75.74 7.02
CA ILE JA 72 22.66 -75.83 7.77
C ILE JA 72 22.31 -74.48 8.39
N LYS JA 73 23.30 -73.80 8.98
CA LYS JA 73 23.06 -72.50 9.57
C LYS JA 73 22.60 -71.48 8.53
N LYS JA 74 23.16 -71.56 7.33
CA LYS JA 74 22.69 -70.69 6.25
C LYS JA 74 21.26 -71.00 5.88
N ARG JA 75 20.86 -72.26 5.95
CA ARG JA 75 19.50 -72.65 5.60
C ARG JA 75 18.54 -72.39 6.75
N VAL JA 76 18.77 -73.00 7.91
CA VAL JA 76 17.84 -72.89 9.02
C VAL JA 76 17.86 -71.48 9.60
N GLY JA 77 19.05 -70.93 9.84
CA GLY JA 77 19.13 -69.54 10.22
C GLY JA 77 19.96 -69.17 11.42
N THR JA 78 19.96 -70.00 12.47
CA THR JA 78 20.69 -69.69 13.68
C THR JA 78 21.64 -70.83 14.05
N HIS JA 79 22.64 -70.48 14.86
CA HIS JA 79 23.65 -71.45 15.26
C HIS JA 79 23.07 -72.53 16.17
N ILE JA 80 22.19 -72.15 17.10
CA ILE JA 80 21.61 -73.11 18.02
C ILE JA 80 20.73 -74.10 17.28
N ARG JA 81 19.90 -73.60 16.37
CA ARG JA 81 19.02 -74.47 15.60
C ARG JA 81 19.82 -75.35 14.66
N ALA JA 82 20.92 -74.84 14.11
CA ALA JA 82 21.73 -75.63 13.20
C ALA JA 82 22.44 -76.77 13.93
N LYS JA 83 22.91 -76.51 15.15
CA LYS JA 83 23.60 -77.54 15.91
C LYS JA 83 22.67 -78.69 16.25
N ARG JA 84 21.43 -78.38 16.62
CA ARG JA 84 20.45 -79.44 16.88
C ARG JA 84 20.13 -80.21 15.61
N LYS JA 85 19.99 -79.51 14.49
CA LYS JA 85 19.67 -80.18 13.23
C LYS JA 85 20.83 -81.04 12.75
N ARG JA 86 22.06 -80.59 12.97
CA ARG JA 86 23.22 -81.38 12.54
C ARG JA 86 23.36 -82.65 13.36
N GLU JA 87 23.07 -82.58 14.67
CA GLU JA 87 23.10 -83.80 15.49
C GLU JA 87 22.09 -84.81 15.02
N GLU JA 88 20.87 -84.35 14.70
CA GLU JA 88 19.84 -85.27 14.23
C GLU JA 88 20.22 -85.88 12.90
N LEU JA 89 20.77 -85.07 11.99
CA LEU JA 89 21.19 -85.60 10.70
C LEU JA 89 22.36 -86.56 10.84
N SER JA 90 23.24 -86.29 11.81
CA SER JA 90 24.31 -87.25 12.09
C SER JA 90 23.75 -88.52 12.69
N ASN JA 91 22.69 -88.41 13.49
CA ASN JA 91 22.10 -89.58 14.12
C ASN JA 91 21.46 -90.50 13.09
N VAL JA 92 20.76 -89.94 12.11
CA VAL JA 92 20.11 -90.79 11.12
C VAL JA 92 21.14 -91.44 10.21
N LEU JA 93 22.25 -90.76 9.94
CA LEU JA 93 23.32 -91.39 9.17
C LEU JA 93 23.93 -92.55 9.94
N ALA JA 94 24.16 -92.37 11.24
CA ALA JA 94 24.69 -93.44 12.07
C ALA JA 94 23.67 -94.57 12.21
N ALA JA 95 22.38 -94.22 12.27
CA ALA JA 95 21.35 -95.24 12.39
C ALA JA 95 21.28 -96.12 11.15
N MET JA 96 21.36 -95.52 9.96
CA MET JA 96 21.30 -96.33 8.75
C MET JA 96 22.63 -97.02 8.47
N ARG JA 97 23.71 -96.55 9.08
CA ARG JA 97 24.97 -97.26 8.95
C ARG JA 97 24.93 -98.59 9.69
N LYS JA 98 24.43 -98.59 10.92
CA LYS JA 98 24.34 -99.83 11.69
C LYS JA 98 23.20 -100.71 11.21
N ALA JA 99 22.18 -100.13 10.56
CA ALA JA 99 21.14 -100.95 9.95
C ALA JA 99 21.69 -101.73 8.76
N ALA JA 100 22.54 -101.10 7.95
CA ALA JA 100 23.14 -101.79 6.81
C ALA JA 100 24.28 -102.71 7.22
N ALA JA 101 24.80 -102.56 8.43
CA ALA JA 101 25.87 -103.45 8.89
C ALA JA 101 25.36 -104.88 9.07
N LYS JA 102 24.15 -105.03 9.61
CA LYS JA 102 23.56 -106.36 9.77
C LYS JA 102 22.63 -106.67 8.60
N THR KA 1 -12.95 -13.22 -31.04
CA THR KA 1 -13.12 -12.47 -29.80
C THR KA 1 -13.52 -13.38 -28.64
N LYS KA 2 -12.66 -13.42 -27.63
CA LYS KA 2 -12.87 -14.32 -26.51
C LYS KA 2 -13.97 -13.85 -25.56
N GLY KA 3 -14.40 -12.61 -25.65
CA GLY KA 3 -15.35 -12.06 -24.71
C GLY KA 3 -16.79 -12.08 -25.17
N THR KA 4 -17.31 -10.89 -25.50
CA THR KA 4 -18.74 -10.73 -25.76
C THR KA 4 -19.20 -11.56 -26.95
N SER KA 5 -18.42 -11.57 -28.03
CA SER KA 5 -18.83 -12.29 -29.23
C SER KA 5 -18.95 -13.79 -28.99
N SER KA 6 -18.02 -14.35 -28.21
CA SER KA 6 -18.04 -15.79 -27.97
C SER KA 6 -19.15 -16.19 -27.02
N PHE KA 7 -19.65 -15.26 -26.21
CA PHE KA 7 -20.77 -15.56 -25.33
C PHE KA 7 -22.07 -15.73 -26.09
N GLY KA 8 -22.13 -15.35 -27.35
CA GLY KA 8 -23.33 -15.56 -28.12
C GLY KA 8 -23.52 -16.96 -28.62
N LYS KA 9 -22.47 -17.77 -28.58
CA LYS KA 9 -22.50 -19.09 -29.19
C LYS KA 9 -22.90 -20.19 -28.22
N ARG KA 10 -23.22 -19.86 -26.98
CA ARG KA 10 -23.55 -20.89 -25.99
C ARG KA 10 -25.04 -21.15 -26.03
N ARG KA 11 -25.40 -22.28 -26.63
CA ARG KA 11 -26.78 -22.73 -26.80
C ARG KA 11 -26.92 -24.24 -26.61
N ASN KA 12 -25.97 -24.89 -25.96
CA ASN KA 12 -25.97 -26.34 -25.77
C ASN KA 12 -25.66 -26.65 -24.32
N LYS KA 13 -26.62 -27.21 -23.60
CA LYS KA 13 -26.46 -27.43 -22.17
C LYS KA 13 -25.51 -28.58 -21.89
N THR KA 14 -24.53 -28.34 -21.01
CA THR KA 14 -23.68 -29.41 -20.50
C THR KA 14 -24.38 -30.26 -19.47
N HIS KA 15 -25.14 -29.63 -18.58
CA HIS KA 15 -25.74 -30.30 -17.43
C HIS KA 15 -27.26 -30.20 -17.52
N THR KA 16 -27.91 -31.19 -16.92
CA THR KA 16 -29.36 -31.20 -16.77
C THR KA 16 -29.71 -31.62 -15.36
N LEU KA 17 -31.00 -31.69 -15.07
CA LEU KA 17 -31.46 -32.09 -13.75
C LEU KA 17 -31.13 -33.55 -13.49
N CYS KA 18 -30.75 -33.84 -12.25
CA CYS KA 18 -30.35 -35.17 -11.84
C CYS KA 18 -31.52 -35.87 -11.15
N ARG KA 19 -31.81 -37.10 -11.56
CA ARG KA 19 -32.96 -37.80 -10.99
C ARG KA 19 -32.75 -38.16 -9.53
N ARG KA 20 -31.51 -38.25 -9.09
CA ARG KA 20 -31.15 -38.24 -7.68
C ARG KA 20 -30.75 -36.81 -7.32
N CYS KA 21 -31.04 -36.40 -6.10
CA CYS KA 21 -30.65 -35.11 -5.50
C CYS KA 21 -31.22 -33.88 -6.22
N GLY KA 22 -31.85 -34.07 -7.37
CA GLY KA 22 -32.53 -32.99 -8.07
C GLY KA 22 -31.71 -31.77 -8.41
N SER KA 23 -30.40 -31.91 -8.58
CA SER KA 23 -29.55 -30.77 -8.86
C SER KA 23 -29.21 -30.72 -10.35
N LYS KA 24 -28.99 -29.52 -10.85
CA LYS KA 24 -28.67 -29.30 -12.26
C LYS KA 24 -27.17 -29.52 -12.52
N ALA KA 25 -26.73 -30.73 -12.23
CA ALA KA 25 -25.32 -31.06 -12.40
C ALA KA 25 -25.13 -32.43 -13.04
N TYR KA 26 -26.17 -32.98 -13.65
CA TYR KA 26 -26.06 -34.25 -14.35
C TYR KA 26 -25.42 -34.00 -15.69
N HIS KA 27 -24.14 -34.33 -15.80
CA HIS KA 27 -23.43 -34.19 -17.07
C HIS KA 27 -24.04 -35.12 -18.10
N LEU KA 28 -24.62 -34.53 -19.14
CA LEU KA 28 -25.32 -35.31 -20.15
C LEU KA 28 -24.36 -36.22 -20.91
N GLN KA 29 -23.17 -35.72 -21.22
CA GLN KA 29 -22.26 -36.45 -22.08
C GLN KA 29 -21.43 -37.46 -21.29
N LYS KA 30 -21.26 -37.25 -19.99
CA LYS KA 30 -20.60 -38.23 -19.13
C LYS KA 30 -21.59 -39.11 -18.39
N SER KA 31 -22.88 -38.74 -18.37
CA SER KA 31 -23.94 -39.49 -17.68
C SER KA 31 -23.61 -39.68 -16.20
N THR KA 32 -23.12 -38.62 -15.58
CA THR KA 32 -22.78 -38.63 -14.17
C THR KA 32 -23.16 -37.29 -13.57
N CYS KA 33 -23.73 -37.31 -12.38
CA CYS KA 33 -24.02 -36.06 -11.68
C CYS KA 33 -22.74 -35.53 -11.04
N GLY KA 34 -22.49 -34.24 -11.25
CA GLY KA 34 -21.32 -33.64 -10.65
C GLY KA 34 -21.43 -33.38 -9.17
N LYS KA 35 -22.61 -33.52 -8.59
CA LYS KA 35 -22.79 -33.27 -7.16
C LYS KA 35 -22.95 -34.54 -6.35
N CYS KA 36 -23.79 -35.48 -6.80
CA CYS KA 36 -23.99 -36.73 -6.08
C CYS KA 36 -23.34 -37.93 -6.76
N GLY KA 37 -22.95 -37.81 -8.02
CA GLY KA 37 -22.49 -38.95 -8.78
C GLY KA 37 -23.56 -40.02 -8.89
N TYR KA 38 -24.66 -39.72 -9.57
CA TYR KA 38 -25.86 -40.56 -9.47
C TYR KA 38 -25.67 -42.01 -9.89
N PRO KA 39 -25.09 -42.33 -11.06
CA PRO KA 39 -25.00 -43.75 -11.43
C PRO KA 39 -24.17 -44.56 -10.46
N ALA KA 40 -23.30 -43.93 -9.69
CA ALA KA 40 -22.62 -44.59 -8.58
C ALA KA 40 -23.62 -44.87 -7.47
N LYS KA 41 -23.49 -46.05 -6.85
CA LYS KA 41 -24.39 -46.42 -5.77
C LYS KA 41 -24.25 -45.48 -4.59
N ARG KA 42 -23.03 -45.11 -4.25
CA ARG KA 42 -22.76 -44.30 -3.08
C ARG KA 42 -22.81 -42.81 -3.41
N LYS KA 43 -23.19 -42.02 -2.42
CA LYS KA 43 -23.29 -40.59 -2.59
C LYS KA 43 -21.91 -39.94 -2.62
N ARG KA 44 -21.75 -38.96 -3.49
CA ARG KA 44 -20.51 -38.19 -3.57
C ARG KA 44 -20.46 -37.24 -2.39
N LYS KA 45 -19.43 -37.38 -1.55
CA LYS KA 45 -19.30 -36.59 -0.35
C LYS KA 45 -17.82 -36.45 -0.03
N TYR KA 46 -17.41 -35.25 0.36
CA TYR KA 46 -16.01 -34.97 0.59
C TYR KA 46 -15.83 -34.14 1.86
N ASN KA 47 -14.77 -34.44 2.60
CA ASN KA 47 -14.50 -33.74 3.83
C ASN KA 47 -13.80 -32.40 3.63
N TRP KA 48 -13.35 -32.10 2.42
CA TRP KA 48 -12.78 -30.79 2.17
C TRP KA 48 -13.84 -29.74 1.93
N SER KA 49 -15.11 -30.10 1.98
CA SER KA 49 -16.22 -29.13 1.91
C SER KA 49 -17.19 -29.47 3.03
N ALA KA 50 -17.02 -28.84 4.18
CA ALA KA 50 -17.98 -29.01 5.26
C ALA KA 50 -19.26 -28.25 5.00
N LYS KA 51 -19.17 -27.14 4.27
CA LYS KA 51 -20.36 -26.39 3.90
C LYS KA 51 -21.24 -27.20 2.96
N ALA KA 52 -20.63 -27.93 2.04
CA ALA KA 52 -21.41 -28.71 1.09
C ALA KA 52 -22.08 -29.91 1.76
N LYS KA 53 -21.43 -30.48 2.79
CA LYS KA 53 -22.04 -31.59 3.50
C LYS KA 53 -23.31 -31.15 4.22
N ARG KA 54 -23.27 -30.00 4.89
CA ARG KA 54 -24.42 -29.56 5.67
C ARG KA 54 -25.53 -29.01 4.80
N ARG KA 55 -25.29 -28.81 3.50
CA ARG KA 55 -26.36 -28.38 2.62
C ARG KA 55 -27.32 -29.52 2.30
N ASN KA 56 -26.85 -30.76 2.36
CA ASN KA 56 -27.64 -31.92 1.95
C ASN KA 56 -27.58 -33.05 2.95
N THR KA 57 -27.22 -32.78 4.20
CA THR KA 57 -27.11 -33.83 5.19
C THR KA 57 -28.50 -34.25 5.68
N THR KA 58 -28.52 -35.25 6.55
CA THR KA 58 -29.77 -35.68 7.17
C THR KA 58 -30.33 -34.58 8.05
N GLY KA 59 -31.62 -34.29 7.88
CA GLY KA 59 -32.27 -33.23 8.58
C GLY KA 59 -32.49 -31.99 7.75
N THR KA 60 -31.78 -31.84 6.64
CA THR KA 60 -32.01 -30.73 5.74
C THR KA 60 -33.27 -30.91 4.90
N GLY KA 61 -33.83 -32.10 4.87
CA GLY KA 61 -35.04 -32.36 4.12
C GLY KA 61 -36.22 -32.68 5.00
N ARG KA 62 -36.99 -33.69 4.62
CA ARG KA 62 -38.26 -33.96 5.26
C ARG KA 62 -38.13 -34.89 6.45
N MET KA 63 -37.28 -35.92 6.35
CA MET KA 63 -37.13 -36.96 7.37
C MET KA 63 -38.48 -37.60 7.68
N ARG KA 64 -39.17 -38.03 6.62
CA ARG KA 64 -40.51 -38.58 6.78
C ARG KA 64 -40.52 -39.81 7.69
N HIS KA 65 -39.51 -40.64 7.58
CA HIS KA 65 -39.45 -41.86 8.38
C HIS KA 65 -38.68 -41.66 9.67
N LEU KA 66 -37.66 -40.80 9.69
CA LEU KA 66 -36.87 -40.63 10.89
C LEU KA 66 -37.63 -39.88 11.98
N LYS KA 67 -38.50 -38.94 11.60
CA LYS KA 67 -39.31 -38.25 12.61
C LYS KA 67 -40.18 -39.23 13.36
N ILE KA 68 -40.76 -40.19 12.66
CA ILE KA 68 -41.60 -41.18 13.31
C ILE KA 68 -40.76 -42.10 14.18
N VAL KA 69 -39.56 -42.43 13.71
CA VAL KA 69 -38.66 -43.28 14.49
C VAL KA 69 -38.28 -42.59 15.79
N TYR KA 70 -37.98 -41.28 15.73
CA TYR KA 70 -37.62 -40.55 16.93
C TYR KA 70 -38.78 -40.52 17.92
N ARG KA 71 -40.00 -40.37 17.43
CA ARG KA 71 -41.18 -40.43 18.29
C ARG KA 71 -41.40 -41.84 18.82
N ARG KA 72 -41.27 -42.85 17.95
CA ARG KA 72 -41.56 -44.22 18.35
C ARG KA 72 -40.53 -44.76 19.33
N PHE KA 73 -39.33 -44.19 19.34
CA PHE KA 73 -38.28 -44.65 20.25
C PHE KA 73 -38.64 -44.37 21.69
N ARG KA 74 -39.38 -43.28 21.94
CA ARG KA 74 -39.69 -42.87 23.29
C ARG KA 74 -40.65 -43.81 24.00
N HIS KA 75 -41.27 -44.74 23.28
CA HIS KA 75 -42.18 -45.71 23.88
C HIS KA 75 -41.74 -47.14 23.62
N GLY KA 76 -40.46 -47.35 23.32
CA GLY KA 76 -39.94 -48.68 23.14
C GLY KA 76 -40.31 -49.36 21.85
N PHE KA 77 -40.67 -48.59 20.81
CA PHE KA 77 -41.07 -49.14 19.53
C PHE KA 77 -42.22 -50.13 19.66
N ARG KA 78 -43.21 -49.78 20.49
CA ARG KA 78 -44.34 -50.67 20.71
C ARG KA 78 -45.19 -50.78 19.45
N GLU KA 79 -45.79 -51.96 19.27
CA GLU KA 79 -46.60 -52.24 18.09
C GLU KA 79 -47.70 -53.21 18.48
N GLY KA 80 -48.75 -53.22 17.67
CA GLY KA 80 -49.84 -54.15 17.88
C GLY KA 80 -50.75 -53.83 19.03
N THR KA 81 -50.63 -52.65 19.63
CA THR KA 81 -51.43 -52.28 20.78
C THR KA 81 -52.16 -50.97 20.49
N THR KA 82 -53.20 -50.73 21.27
CA THR KA 82 -53.99 -49.51 21.19
C THR KA 82 -54.18 -48.98 22.60
N PRO KA 83 -54.45 -47.69 22.75
CA PRO KA 83 -54.83 -47.18 24.06
C PRO KA 83 -56.11 -47.84 24.55
N LYS KA 84 -56.26 -47.91 25.86
CA LYS KA 84 -57.41 -48.57 26.46
C LYS KA 84 -58.68 -47.84 26.04
N PRO KA 85 -59.64 -48.53 25.42
CA PRO KA 85 -60.80 -47.84 24.86
C PRO KA 85 -61.66 -47.19 25.93
N LYS KA 86 -62.30 -46.10 25.54
CA LYS KA 86 -63.14 -45.34 26.45
C LYS KA 86 -64.51 -45.98 26.58
N PRO LA 1 -62.02 -41.88 -54.18
CA PRO LA 1 -63.25 -42.03 -54.94
C PRO LA 1 -63.11 -43.02 -56.08
N ARG LA 2 -64.22 -43.64 -56.46
CA ARG LA 2 -64.26 -44.57 -57.58
C ARG LA 2 -65.36 -44.17 -58.52
N LYS LA 3 -65.10 -44.33 -59.82
CA LYS LA 3 -66.06 -43.96 -60.86
C LYS LA 3 -66.70 -45.22 -61.41
N ILE LA 4 -68.00 -45.37 -61.20
CA ILE LA 4 -68.74 -46.50 -61.73
C ILE LA 4 -69.07 -46.23 -63.19
N GLU LA 5 -68.76 -47.18 -64.06
CA GLU LA 5 -68.87 -46.93 -65.49
C GLU LA 5 -70.29 -47.14 -66.01
N GLU LA 6 -70.83 -48.34 -65.90
CA GLU LA 6 -72.14 -48.64 -66.46
C GLU LA 6 -73.19 -48.65 -65.35
N ILE LA 7 -74.45 -48.69 -65.79
CA ILE LA 7 -75.57 -48.48 -64.89
C ILE LA 7 -75.72 -49.63 -63.90
N LYS LA 8 -75.50 -50.87 -64.36
CA LYS LA 8 -75.81 -52.03 -63.53
C LYS LA 8 -74.92 -52.09 -62.29
N ASP LA 9 -73.64 -51.77 -62.44
CA ASP LA 9 -72.73 -51.82 -61.29
C ASP LA 9 -73.14 -50.86 -60.19
N PHE LA 10 -73.82 -49.76 -60.56
CA PHE LA 10 -74.26 -48.81 -59.55
C PHE LA 10 -75.41 -49.37 -58.72
N LEU LA 11 -76.26 -50.19 -59.32
CA LEU LA 11 -77.43 -50.69 -58.61
C LEU LA 11 -77.04 -51.58 -57.44
N LEU LA 12 -76.20 -52.60 -57.68
CA LEU LA 12 -75.81 -53.45 -56.58
C LEU LA 12 -74.77 -52.80 -55.68
N THR LA 13 -74.15 -51.69 -56.12
CA THR LA 13 -73.37 -50.88 -55.21
C THR LA 13 -74.26 -50.16 -54.23
N ALA LA 14 -75.38 -49.59 -54.72
CA ALA LA 14 -76.32 -48.91 -53.83
C ALA LA 14 -77.07 -49.89 -52.95
N ARG LA 15 -77.17 -51.15 -53.36
CA ARG LA 15 -77.82 -52.18 -52.57
C ARG LA 15 -76.87 -52.86 -51.60
N ARG LA 16 -75.68 -52.31 -51.40
CA ARG LA 16 -74.77 -52.87 -50.41
C ARG LA 16 -75.20 -52.49 -49.00
N LYS LA 17 -74.71 -53.25 -48.02
CA LYS LA 17 -75.10 -53.01 -46.65
C LYS LA 17 -74.45 -51.75 -46.09
N ASP LA 18 -73.26 -51.41 -46.57
CA ASP LA 18 -72.53 -50.26 -46.06
C ASP LA 18 -72.85 -48.98 -46.80
N ALA LA 19 -73.75 -49.01 -47.78
CA ALA LA 19 -74.15 -47.81 -48.50
C ALA LA 19 -74.93 -46.91 -47.56
N LYS LA 20 -74.34 -45.76 -47.22
CA LYS LA 20 -74.97 -44.86 -46.26
C LYS LA 20 -76.04 -44.00 -46.92
N SER LA 21 -75.71 -43.39 -48.05
CA SER LA 21 -76.62 -42.48 -48.72
C SER LA 21 -76.21 -42.37 -50.19
N VAL LA 22 -77.13 -41.88 -51.00
CA VAL LA 22 -76.85 -41.55 -52.39
C VAL LA 22 -77.20 -40.09 -52.62
N LYS LA 23 -76.26 -39.36 -53.23
CA LYS LA 23 -76.45 -37.95 -53.56
C LYS LA 23 -76.58 -37.82 -55.06
N ILE LA 24 -77.48 -36.96 -55.50
CA ILE LA 24 -77.69 -36.70 -56.92
C ILE LA 24 -77.36 -35.25 -57.19
N LYS LA 25 -76.36 -35.02 -58.02
CA LYS LA 25 -75.92 -33.68 -58.38
C LYS LA 25 -76.23 -33.45 -59.85
N LYS LA 26 -77.04 -32.44 -60.13
CA LYS LA 26 -77.44 -32.11 -61.50
C LYS LA 26 -76.58 -30.98 -61.99
N ASN LA 27 -75.66 -31.30 -62.90
CA ASN LA 27 -74.83 -30.28 -63.52
C ASN LA 27 -75.52 -29.77 -64.79
N LYS LA 28 -74.83 -28.88 -65.51
CA LYS LA 28 -75.35 -28.41 -66.77
C LYS LA 28 -75.30 -29.51 -67.83
N ASP LA 29 -74.28 -30.36 -67.77
CA ASP LA 29 -74.02 -31.32 -68.83
C ASP LA 29 -74.34 -32.77 -68.45
N ASN LA 30 -74.36 -33.10 -67.16
CA ASN LA 30 -74.60 -34.47 -66.76
C ASN LA 30 -75.27 -34.49 -65.40
N VAL LA 31 -75.69 -35.69 -64.99
CA VAL LA 31 -76.22 -35.94 -63.65
C VAL LA 31 -75.35 -36.99 -63.00
N LYS LA 32 -74.86 -36.68 -61.80
CA LYS LA 32 -73.94 -37.56 -61.08
C LYS LA 32 -74.66 -38.20 -59.91
N PHE LA 33 -74.56 -39.52 -59.80
CA PHE LA 33 -75.11 -40.26 -58.69
C PHE LA 33 -73.94 -40.72 -57.83
N LYS LA 34 -73.86 -40.20 -56.60
CA LYS LA 34 -72.75 -40.48 -55.70
C LYS LA 34 -73.28 -41.24 -54.50
N VAL LA 35 -72.92 -42.52 -54.39
CA VAL LA 35 -73.31 -43.34 -53.25
C VAL LA 35 -72.12 -43.45 -52.30
N ARG LA 36 -72.38 -43.23 -51.01
CA ARG LA 36 -71.33 -43.16 -49.99
C ARG LA 36 -71.24 -44.52 -49.32
N CYS LA 37 -70.24 -45.30 -49.73
CA CYS LA 37 -69.99 -46.60 -49.13
C CYS LA 37 -68.96 -46.43 -48.02
N SER LA 38 -68.50 -47.54 -47.45
CA SER LA 38 -67.63 -47.47 -46.29
C SER LA 38 -66.25 -46.93 -46.67
N ARG LA 39 -65.69 -47.42 -47.76
CA ARG LA 39 -64.35 -47.01 -48.17
C ARG LA 39 -64.34 -45.95 -49.25
N TYR LA 40 -65.20 -46.07 -50.26
CA TYR LA 40 -65.16 -45.18 -51.41
C TYR LA 40 -66.48 -44.47 -51.62
N LEU LA 41 -66.40 -43.34 -52.30
CA LEU LA 41 -67.56 -42.62 -52.81
C LEU LA 41 -67.70 -42.96 -54.30
N TYR LA 42 -68.68 -43.77 -54.63
CA TYR LA 42 -68.86 -44.26 -55.99
C TYR LA 42 -69.71 -43.27 -56.78
N THR LA 43 -69.17 -42.75 -57.86
CA THR LA 43 -69.86 -41.77 -58.68
C THR LA 43 -70.20 -42.37 -60.04
N LEU LA 44 -71.46 -42.28 -60.41
CA LEU LA 44 -71.94 -42.69 -61.72
C LEU LA 44 -72.40 -41.45 -62.48
N VAL LA 45 -71.86 -41.25 -63.68
CA VAL LA 45 -72.14 -40.06 -64.47
C VAL LA 45 -73.09 -40.44 -65.58
N ILE LA 46 -74.24 -39.78 -65.63
CA ILE LA 46 -75.26 -40.00 -66.65
C ILE LA 46 -75.31 -38.77 -67.52
N THR LA 47 -75.06 -38.96 -68.82
CA THR LA 47 -75.02 -37.82 -69.74
C THR LA 47 -76.41 -37.24 -69.97
N ASP LA 48 -77.39 -38.07 -70.29
CA ASP LA 48 -78.72 -37.58 -70.62
C ASP LA 48 -79.56 -37.46 -69.35
N LYS LA 49 -80.85 -37.16 -69.52
CA LYS LA 49 -81.73 -36.89 -68.39
C LYS LA 49 -82.82 -37.92 -68.19
N GLU LA 50 -83.31 -38.54 -69.27
CA GLU LA 50 -84.34 -39.57 -69.11
C GLU LA 50 -83.81 -40.78 -68.37
N LYS LA 51 -82.56 -41.18 -68.66
CA LYS LA 51 -81.95 -42.28 -67.93
C LYS LA 51 -81.67 -41.89 -66.49
N ALA LA 52 -81.30 -40.63 -66.27
CA ALA LA 52 -81.10 -40.16 -64.90
C ALA LA 52 -82.40 -40.17 -64.11
N GLU LA 53 -83.50 -39.72 -64.74
CA GLU LA 53 -84.79 -39.77 -64.06
C GLU LA 53 -85.23 -41.21 -63.81
N LYS LA 54 -85.02 -42.08 -64.79
CA LYS LA 54 -85.34 -43.50 -64.61
C LYS LA 54 -84.57 -44.10 -63.44
N LEU LA 55 -83.28 -43.76 -63.34
CA LEU LA 55 -82.48 -44.29 -62.25
C LEU LA 55 -82.95 -43.77 -60.91
N LYS LA 56 -83.52 -42.56 -60.89
CA LYS LA 56 -83.97 -41.96 -59.64
C LYS LA 56 -85.07 -42.78 -58.99
N GLN LA 57 -86.03 -43.25 -59.79
CA GLN LA 57 -87.11 -44.05 -59.23
C GLN LA 57 -86.74 -45.50 -59.01
N SER LA 58 -85.63 -45.97 -59.58
CA SER LA 58 -85.22 -47.36 -59.44
C SER LA 58 -84.27 -47.57 -58.27
N LEU LA 59 -83.97 -46.52 -57.51
CA LEU LA 59 -83.07 -46.63 -56.38
C LEU LA 59 -83.67 -47.51 -55.29
N PRO LA 60 -82.85 -48.24 -54.54
CA PRO LA 60 -83.38 -49.09 -53.48
C PRO LA 60 -84.02 -48.25 -52.39
N PRO LA 61 -85.08 -48.75 -51.76
CA PRO LA 61 -85.73 -48.00 -50.69
C PRO LA 61 -84.89 -48.03 -49.41
N GLY LA 62 -85.26 -47.14 -48.49
CA GLY LA 62 -84.58 -47.08 -47.21
C GLY LA 62 -83.20 -46.49 -47.27
N LEU LA 63 -82.86 -45.80 -48.35
CA LEU LA 63 -81.56 -45.18 -48.52
C LEU LA 63 -81.77 -43.69 -48.75
N ALA LA 64 -80.91 -42.87 -48.16
CA ALA LA 64 -81.07 -41.43 -48.28
C ALA LA 64 -80.79 -40.98 -49.71
N VAL LA 65 -81.70 -40.18 -50.27
CA VAL LA 65 -81.68 -39.82 -51.69
C VAL LA 65 -81.48 -38.31 -51.75
N LYS LA 66 -80.64 -37.78 -50.86
CA LYS LA 66 -80.34 -36.35 -50.80
C LYS LA 66 -80.03 -35.77 -52.18
N GLU LA 67 -80.74 -34.70 -52.51
CA GLU LA 67 -80.54 -33.96 -53.74
C GLU LA 67 -79.70 -32.72 -53.43
N LEU LA 68 -78.68 -32.47 -54.25
CA LEU LA 68 -77.72 -31.42 -53.98
C LEU LA 68 -78.13 -30.06 -54.52
N LYS LA 69 -79.33 -29.94 -55.08
CA LYS LA 69 -79.84 -28.65 -55.51
C LYS LA 69 -81.03 -28.23 -54.65
N SER MA 1 -37.75 -24.49 -25.51
CA SER MA 1 -38.11 -24.66 -26.91
C SER MA 1 -39.51 -25.20 -27.01
N SER MA 2 -39.99 -25.38 -28.24
CA SER MA 2 -41.28 -26.01 -28.45
C SER MA 2 -41.21 -27.51 -28.18
N HIS MA 3 -40.13 -28.16 -28.61
CA HIS MA 3 -39.86 -29.55 -28.26
C HIS MA 3 -39.37 -29.60 -26.83
N LYS MA 4 -40.13 -30.24 -25.95
CA LYS MA 4 -39.72 -30.35 -24.56
C LYS MA 4 -40.15 -31.71 -24.02
N THR MA 5 -39.46 -32.15 -22.99
CA THR MA 5 -39.80 -33.39 -22.32
C THR MA 5 -40.88 -33.15 -21.27
N PHE MA 6 -41.53 -34.23 -20.85
CA PHE MA 6 -42.57 -34.12 -19.84
C PHE MA 6 -42.01 -33.64 -18.52
N ARG MA 7 -40.81 -34.08 -18.16
CA ARG MA 7 -40.21 -33.65 -16.90
C ARG MA 7 -39.90 -32.16 -16.92
N ILE MA 8 -39.44 -31.64 -18.06
CA ILE MA 8 -39.17 -30.21 -18.15
C ILE MA 8 -40.47 -29.43 -18.13
N LYS MA 9 -41.49 -29.90 -18.85
CA LYS MA 9 -42.77 -29.22 -18.88
C LYS MA 9 -43.41 -29.19 -17.50
N ARG MA 10 -43.31 -30.28 -16.75
CA ARG MA 10 -43.82 -30.30 -15.39
C ARG MA 10 -43.05 -29.33 -14.50
N PHE MA 11 -41.73 -29.25 -14.68
CA PHE MA 11 -40.93 -28.31 -13.92
C PHE MA 11 -41.37 -26.87 -14.19
N LEU MA 12 -41.59 -26.53 -15.45
CA LEU MA 12 -42.00 -25.18 -15.80
C LEU MA 12 -43.40 -24.88 -15.31
N ALA MA 13 -44.25 -25.91 -15.19
CA ALA MA 13 -45.60 -25.71 -14.71
C ALA MA 13 -45.62 -25.25 -13.26
N LYS MA 14 -44.77 -25.86 -12.43
CA LYS MA 14 -44.70 -25.46 -11.03
C LYS MA 14 -44.19 -24.04 -10.87
N LYS MA 15 -43.23 -23.65 -11.70
CA LYS MA 15 -42.66 -22.31 -11.61
C LYS MA 15 -43.70 -21.25 -11.96
N GLN MA 16 -44.56 -21.54 -12.94
CA GLN MA 16 -45.65 -20.62 -13.27
C GLN MA 16 -46.60 -20.46 -12.09
N LYS MA 17 -46.93 -21.57 -11.44
CA LYS MA 17 -48.00 -21.57 -10.44
C LYS MA 17 -47.59 -20.82 -9.18
N GLN MA 18 -46.32 -20.91 -8.80
CA GLN MA 18 -45.85 -20.26 -7.60
C GLN MA 18 -45.33 -18.85 -7.84
N ASN MA 19 -45.41 -18.36 -9.07
CA ASN MA 19 -45.02 -16.98 -9.38
C ASN MA 19 -46.29 -16.13 -9.47
N ARG MA 20 -46.84 -15.82 -8.31
CA ARG MA 20 -48.07 -15.04 -8.22
C ARG MA 20 -48.01 -14.18 -6.97
N PRO MA 21 -48.83 -13.13 -6.89
CA PRO MA 21 -48.86 -12.32 -5.68
C PRO MA 21 -49.42 -13.09 -4.50
N ILE MA 22 -49.12 -12.60 -3.30
CA ILE MA 22 -49.71 -13.14 -2.09
C ILE MA 22 -51.18 -12.71 -2.06
N PRO MA 23 -52.07 -13.49 -1.48
CA PRO MA 23 -53.45 -13.06 -1.32
C PRO MA 23 -53.56 -11.88 -0.36
N GLN MA 24 -54.57 -11.04 -0.61
CA GLN MA 24 -54.71 -9.81 0.16
C GLN MA 24 -55.05 -10.08 1.62
N TRP MA 25 -55.71 -11.19 1.90
CA TRP MA 25 -56.13 -11.50 3.26
C TRP MA 25 -55.00 -12.03 4.13
N ILE MA 26 -53.84 -12.34 3.53
CA ILE MA 26 -52.69 -12.77 4.32
C ILE MA 26 -52.24 -11.65 5.25
N ARG MA 27 -52.23 -10.42 4.74
CA ARG MA 27 -51.77 -9.29 5.54
C ARG MA 27 -52.66 -8.99 6.73
N MET MA 28 -53.88 -9.50 6.76
CA MET MA 28 -54.78 -9.27 7.88
C MET MA 28 -54.64 -10.32 8.98
N LYS MA 29 -53.84 -11.35 8.76
CA LYS MA 29 -53.68 -12.40 9.75
C LYS MA 29 -52.94 -11.87 10.98
N THR MA 30 -53.11 -12.57 12.09
CA THR MA 30 -52.50 -12.14 13.34
C THR MA 30 -51.00 -12.44 13.32
N GLY MA 31 -50.20 -11.38 13.48
CA GLY MA 31 -48.75 -11.52 13.48
C GLY MA 31 -48.20 -11.97 12.14
N ASN MA 32 -48.61 -11.30 11.06
CA ASN MA 32 -48.27 -11.75 9.71
C ASN MA 32 -46.79 -11.61 9.41
N LYS MA 33 -46.29 -10.37 9.41
CA LYS MA 33 -44.91 -10.00 9.07
C LYS MA 33 -44.55 -10.28 7.63
N ILE MA 34 -45.52 -10.49 6.75
CA ILE MA 34 -45.27 -10.68 5.32
C ILE MA 34 -45.90 -9.51 4.57
N ARG MA 35 -45.09 -8.83 3.77
CA ARG MA 35 -45.57 -7.68 2.99
C ARG MA 35 -45.89 -8.03 1.55
N TYR MA 36 -45.05 -8.85 0.91
CA TYR MA 36 -45.20 -9.16 -0.49
C TYR MA 36 -44.47 -10.48 -0.76
N ASN MA 37 -44.78 -11.08 -1.90
CA ASN MA 37 -44.07 -12.28 -2.33
C ASN MA 37 -42.67 -11.87 -2.76
N SER MA 38 -41.68 -12.16 -1.93
CA SER MA 38 -40.31 -11.79 -2.24
C SER MA 38 -39.64 -12.75 -3.20
N LYS MA 39 -40.29 -13.87 -3.53
CA LYS MA 39 -39.75 -14.85 -4.46
C LYS MA 39 -40.35 -14.71 -5.84
N ARG MA 40 -40.89 -13.54 -6.19
CA ARG MA 40 -41.43 -13.32 -7.51
C ARG MA 40 -40.30 -13.36 -8.54
N ARG MA 41 -40.58 -13.97 -9.68
CA ARG MA 41 -39.61 -14.13 -10.73
C ARG MA 41 -40.17 -13.59 -12.03
N HIS MA 42 -39.37 -12.79 -12.73
CA HIS MA 42 -39.73 -12.31 -14.06
C HIS MA 42 -38.88 -13.02 -15.09
N TRP MA 43 -39.52 -13.40 -16.20
CA TRP MA 43 -38.87 -14.22 -17.20
C TRP MA 43 -37.66 -13.54 -17.83
N ARG MA 44 -37.65 -12.21 -17.88
CA ARG MA 44 -36.56 -11.49 -18.52
C ARG MA 44 -35.47 -11.08 -17.56
N ARG MA 45 -35.81 -10.83 -16.29
CA ARG MA 45 -34.82 -10.35 -15.32
C ARG MA 45 -33.90 -11.48 -14.87
N THR MA 46 -34.46 -12.50 -14.26
CA THR MA 46 -33.69 -13.66 -13.81
C THR MA 46 -34.18 -14.91 -14.51
N LYS MA 47 -33.25 -15.80 -14.84
CA LYS MA 47 -33.55 -17.00 -15.59
C LYS MA 47 -33.69 -18.19 -14.64
N LEU MA 48 -34.40 -19.21 -15.12
CA LEU MA 48 -34.62 -20.38 -14.32
C LEU MA 48 -33.36 -21.24 -14.23
N GLY MA 49 -33.37 -22.19 -13.31
CA GLY MA 49 -32.18 -22.99 -13.07
C GLY MA 49 -31.76 -23.83 -14.25
N LEU MA 50 -32.73 -24.47 -14.90
CA LEU MA 50 -32.42 -25.37 -16.01
C LEU MA 50 -31.82 -24.58 -17.16
N ILE NA 1 45.03 67.90 -55.27
CA ILE NA 1 46.21 67.93 -54.42
C ILE NA 1 46.02 68.90 -53.28
N ILE NA 2 46.73 68.66 -52.18
CA ILE NA 2 46.68 69.52 -51.01
C ILE NA 2 48.08 70.04 -50.74
N GLU NA 3 48.22 71.36 -50.64
CA GLU NA 3 49.51 71.94 -50.36
C GLU NA 3 49.94 71.60 -48.94
N PRO NA 4 51.25 71.47 -48.68
CA PRO NA 4 51.70 70.80 -47.45
C PRO NA 4 51.21 71.42 -46.14
N SER NA 5 51.09 72.75 -46.05
CA SER NA 5 50.64 73.34 -44.79
C SER NA 5 49.18 73.02 -44.52
N LEU NA 6 48.35 72.99 -45.55
CA LEU NA 6 46.96 72.57 -45.36
C LEU NA 6 46.87 71.08 -45.04
N ARG NA 7 47.79 70.28 -45.57
CA ARG NA 7 47.83 68.86 -45.22
C ARG NA 7 48.18 68.68 -43.75
N GLN NA 8 49.11 69.48 -43.24
CA GLN NA 8 49.48 69.39 -41.84
C GLN NA 8 48.34 69.76 -40.93
N LEU NA 9 47.56 70.78 -41.31
CA LEU NA 9 46.39 71.16 -40.52
C LEU NA 9 45.37 70.04 -40.49
N ALA NA 10 45.13 69.40 -41.64
CA ALA NA 10 44.22 68.27 -41.69
C ALA NA 10 44.75 67.08 -40.89
N GLN NA 11 46.06 66.85 -40.97
CA GLN NA 11 46.64 65.72 -40.24
C GLN NA 11 46.68 65.95 -38.74
N LYS NA 12 46.60 67.20 -38.29
CA LYS NA 12 46.60 67.46 -36.85
C LYS NA 12 45.35 66.87 -36.20
N TYR NA 13 44.22 66.91 -36.90
CA TYR NA 13 42.97 66.40 -36.37
C TYR NA 13 42.69 64.96 -36.74
N ASN NA 14 43.39 64.43 -37.75
CA ASN NA 14 43.08 63.11 -38.28
C ASN NA 14 44.16 62.08 -38.03
N CYS NA 15 45.43 62.48 -37.96
CA CYS NA 15 46.52 61.50 -37.97
C CYS NA 15 47.42 61.59 -36.75
N ASP NA 16 47.74 62.81 -36.30
CA ASP NA 16 48.70 63.00 -35.23
C ASP NA 16 48.02 62.76 -33.89
N LYS NA 17 47.82 61.49 -33.56
CA LYS NA 17 47.06 61.11 -32.39
C LYS NA 17 47.57 59.79 -31.85
N MET NA 18 47.20 59.50 -30.61
CA MET NA 18 47.54 58.25 -29.95
C MET NA 18 46.32 57.33 -29.95
N ILE NA 19 46.58 56.04 -29.97
CA ILE NA 19 45.52 55.03 -29.92
C ILE NA 19 45.74 54.16 -28.71
N CYS NA 20 44.68 53.99 -27.90
CA CYS NA 20 44.73 53.07 -26.79
C CYS NA 20 44.79 51.64 -27.32
N ARG NA 21 45.69 50.84 -26.77
CA ARG NA 21 45.80 49.45 -27.23
C ARG NA 21 44.64 48.60 -26.77
N LYS NA 22 43.98 48.97 -25.68
CA LYS NA 22 42.92 48.14 -25.13
C LYS NA 22 41.55 48.47 -25.70
N CYS NA 23 41.24 49.74 -25.91
CA CYS NA 23 39.90 50.12 -26.34
C CYS NA 23 39.89 51.01 -27.58
N TYR NA 24 41.03 51.17 -28.25
CA TYR NA 24 41.14 51.83 -29.54
C TYR NA 24 40.73 53.30 -29.52
N ALA NA 25 40.70 53.92 -28.34
CA ALA NA 25 40.26 55.30 -28.23
C ALA NA 25 41.26 56.23 -28.90
N ARG NA 26 40.73 57.27 -29.55
CA ARG NA 26 41.54 58.27 -30.24
C ARG NA 26 41.90 59.36 -29.24
N LEU NA 27 43.17 59.43 -28.88
CA LEU NA 27 43.64 60.33 -27.83
C LEU NA 27 44.58 61.38 -28.42
N HIS NA 28 44.74 62.47 -27.68
CA HIS NA 28 45.63 63.53 -28.11
C HIS NA 28 47.08 63.05 -28.13
N PRO NA 29 47.94 63.66 -28.96
CA PRO NA 29 49.27 63.08 -29.17
C PRO NA 29 50.16 63.03 -27.93
N ARG NA 30 49.89 63.85 -26.92
CA ARG NA 30 50.69 63.86 -25.71
C ARG NA 30 50.07 63.03 -24.59
N ALA NA 31 49.11 62.15 -24.93
CA ALA NA 31 48.44 61.36 -23.92
C ALA NA 31 49.38 60.33 -23.32
N VAL NA 32 49.19 60.07 -22.02
CA VAL NA 32 49.96 59.07 -21.31
C VAL NA 32 49.01 57.97 -20.87
N ASN NA 33 47.79 58.35 -20.51
CA ASN NA 33 46.75 57.43 -20.10
C ASN NA 33 45.52 57.62 -20.96
N CYS NA 34 44.79 56.54 -21.19
CA CYS NA 34 43.53 56.64 -21.89
C CYS NA 34 42.49 57.32 -21.00
N ARG NA 35 41.59 58.07 -21.64
CA ARG NA 35 40.61 58.85 -20.92
C ARG NA 35 39.32 58.09 -20.63
N LYS NA 36 39.25 56.82 -20.99
CA LYS NA 36 38.01 56.08 -20.96
C LYS NA 36 38.03 55.02 -19.86
N LYS NA 37 36.93 54.92 -19.12
CA LYS NA 37 36.90 54.03 -17.97
C LYS NA 37 36.86 52.58 -18.37
N LYS NA 38 36.32 52.26 -19.55
CA LYS NA 38 36.09 50.87 -19.91
C LYS NA 38 37.38 50.10 -20.12
N CYS NA 39 38.50 50.78 -20.35
CA CYS NA 39 39.80 50.14 -20.36
C CYS NA 39 40.55 50.34 -19.06
N GLY NA 40 39.97 51.04 -18.10
CA GLY NA 40 40.62 51.27 -16.83
C GLY NA 40 41.67 52.35 -16.85
N HIS NA 41 41.55 53.33 -17.75
CA HIS NA 41 42.53 54.42 -17.89
C HIS NA 41 43.93 53.87 -18.11
N THR NA 42 44.05 52.86 -18.95
CA THR NA 42 45.33 52.20 -19.15
C THR NA 42 46.33 53.13 -19.81
N ASN NA 43 47.60 52.87 -19.53
CA ASN NA 43 48.70 53.62 -20.12
C ASN NA 43 49.40 52.85 -21.23
N ASN NA 44 48.75 51.82 -21.75
CA ASN NA 44 49.26 51.06 -22.90
C ASN NA 44 48.76 51.76 -24.16
N LEU NA 45 49.54 52.72 -24.65
CA LEU NA 45 49.17 53.52 -25.79
C LEU NA 45 50.18 53.32 -26.92
N ARG NA 46 49.71 53.47 -28.14
CA ARG NA 46 50.55 53.39 -29.34
C ARG NA 46 50.20 54.58 -30.22
N PRO NA 47 51.12 55.01 -31.08
CA PRO NA 47 50.78 56.04 -32.05
C PRO NA 47 49.78 55.52 -33.07
N LYS NA 48 49.01 56.45 -33.63
CA LYS NA 48 48.17 56.11 -34.77
C LYS NA 48 49.05 55.87 -35.98
N LYS NA 49 48.81 54.76 -36.67
CA LYS NA 49 49.70 54.35 -37.75
C LYS NA 49 49.56 55.29 -38.94
N LYS NA 50 50.70 55.60 -39.56
CA LYS NA 50 50.74 56.53 -40.67
C LYS NA 50 50.53 55.81 -41.99
N VAL NA 51 50.13 56.57 -43.01
CA VAL NA 51 49.94 56.01 -44.35
C VAL NA 51 51.24 55.81 -45.10
N LYS NA 52 52.36 56.26 -44.55
CA LYS NA 52 53.66 56.05 -45.18
C LYS NA 52 54.03 54.58 -45.21
N VAL OA 1 60.71 -32.13 5.28
CA VAL OA 1 61.57 -32.18 6.44
C VAL OA 1 62.18 -33.56 6.56
N ASN OA 2 63.20 -33.67 7.40
CA ASN OA 2 63.88 -34.93 7.64
C ASN OA 2 63.94 -35.18 9.15
N VAL OA 3 63.56 -36.37 9.58
CA VAL OA 3 63.69 -36.75 10.98
C VAL OA 3 64.34 -38.12 11.05
N PRO OA 4 65.21 -38.38 12.02
CA PRO OA 4 65.84 -39.69 12.11
C PRO OA 4 64.86 -40.77 12.52
N LYS OA 5 65.19 -42.00 12.14
CA LYS OA 5 64.34 -43.14 12.43
C LYS OA 5 64.36 -43.54 13.90
N THR OA 6 65.24 -42.97 14.70
CA THR OA 6 65.30 -43.26 16.12
C THR OA 6 65.57 -41.98 16.90
N ARG OA 7 64.98 -41.88 18.08
CA ARG OA 7 65.25 -40.76 18.96
C ARG OA 7 65.11 -41.21 20.40
N ARG OA 8 65.82 -40.51 21.29
CA ARG OA 8 65.77 -40.79 22.72
C ARG OA 8 64.90 -39.72 23.36
N THR OA 9 63.66 -40.09 23.66
CA THR OA 9 62.71 -39.16 24.26
C THR OA 9 62.00 -39.85 25.41
N PHE OA 10 61.14 -39.08 26.09
CA PHE OA 10 60.48 -39.57 27.29
C PHE OA 10 59.51 -40.68 26.97
N CYS OA 11 59.51 -41.72 27.81
CA CYS OA 11 58.54 -42.79 27.73
C CYS OA 11 57.65 -42.73 28.96
N LYS OA 12 56.34 -42.61 28.75
CA LYS OA 12 55.42 -42.45 29.87
C LYS OA 12 55.32 -43.73 30.70
N LYS OA 13 55.36 -44.89 30.05
CA LYS OA 13 55.26 -46.15 30.78
C LYS OA 13 56.53 -46.43 31.56
N CYS OA 14 57.70 -46.24 30.94
CA CYS OA 14 58.95 -46.37 31.67
C CYS OA 14 59.12 -45.26 32.67
N GLY OA 15 58.59 -44.07 32.38
CA GLY OA 15 58.76 -42.93 33.24
C GLY OA 15 60.09 -42.24 33.10
N LYS OA 16 60.84 -42.52 32.04
CA LYS OA 16 62.19 -42.02 31.86
C LYS OA 16 62.47 -41.93 30.37
N HIS OA 17 63.57 -41.27 30.03
CA HIS OA 17 63.95 -41.13 28.63
C HIS OA 17 64.46 -42.46 28.10
N GLN OA 18 63.92 -42.88 26.97
CA GLN OA 18 64.25 -44.17 26.38
C GLN OA 18 64.39 -44.01 24.87
N PRO OA 19 65.21 -44.84 24.23
CA PRO OA 19 65.24 -44.84 22.77
C PRO OA 19 63.92 -45.28 22.18
N HIS OA 20 63.53 -44.63 21.10
CA HIS OA 20 62.25 -44.87 20.44
C HIS OA 20 62.50 -45.08 18.96
N LYS OA 21 61.76 -46.00 18.36
CA LYS OA 21 61.74 -46.13 16.91
C LYS OA 21 60.64 -45.25 16.33
N VAL OA 22 60.98 -44.48 15.31
CA VAL OA 22 60.09 -43.48 14.74
C VAL OA 22 59.61 -43.95 13.38
N THR OA 23 58.30 -44.06 13.23
CA THR OA 23 57.66 -44.33 11.94
C THR OA 23 56.57 -43.30 11.74
N GLN OA 24 56.03 -43.26 10.52
CA GLN OA 24 54.97 -42.32 10.18
C GLN OA 24 53.62 -42.99 10.38
N TYR OA 25 52.71 -42.29 11.04
CA TYR OA 25 51.39 -42.83 11.33
C TYR OA 25 50.49 -42.69 10.11
N LYS OA 26 49.76 -43.76 9.80
CA LYS OA 26 48.76 -43.75 8.75
C LYS OA 26 47.41 -44.11 9.34
N LYS OA 27 46.37 -43.40 8.88
CA LYS OA 27 45.02 -43.66 9.35
C LYS OA 27 44.61 -45.09 8.99
N GLY OA 28 44.04 -45.79 9.96
CA GLY OA 28 43.62 -47.15 9.74
C GLY OA 28 42.35 -47.24 8.93
N LYS OA 29 41.99 -48.47 8.58
CA LYS OA 29 40.77 -48.72 7.82
C LYS OA 29 39.55 -48.56 8.73
N ASP OA 30 38.49 -48.01 8.16
CA ASP OA 30 37.25 -47.81 8.90
C ASP OA 30 36.63 -49.14 9.32
N SER OA 31 36.00 -49.15 10.49
CA SER OA 31 35.57 -50.40 11.10
C SER OA 31 34.36 -51.01 10.42
N LEU OA 32 33.45 -50.17 9.92
CA LEU OA 32 32.14 -50.56 9.36
C LEU OA 32 31.19 -50.98 10.48
N TYR OA 33 31.70 -51.08 11.70
CA TYR OA 33 30.89 -51.36 12.87
C TYR OA 33 31.09 -50.30 13.95
N ALA OA 34 31.72 -49.19 13.62
CA ALA OA 34 31.73 -48.04 14.49
C ALA OA 34 30.31 -47.47 14.59
N GLN OA 35 29.99 -46.90 15.75
CA GLN OA 35 28.62 -46.49 16.02
C GLN OA 35 28.16 -45.41 15.04
N GLY OA 36 29.04 -44.48 14.69
CA GLY OA 36 28.68 -43.46 13.72
C GLY OA 36 28.54 -44.02 12.32
N LYS OA 37 29.30 -45.08 12.01
CA LYS OA 37 29.12 -45.76 10.73
C LYS OA 37 27.83 -46.57 10.71
N ARG OA 38 27.50 -47.22 11.83
CA ARG OA 38 26.25 -47.94 11.91
C ARG OA 38 25.07 -46.98 11.82
N ARG OA 39 25.16 -45.82 12.47
CA ARG OA 39 24.10 -44.82 12.37
C ARG OA 39 23.99 -44.28 10.95
N TYR OA 40 25.12 -44.05 10.29
CA TYR OA 40 25.12 -43.51 8.95
C TYR OA 40 24.50 -44.48 7.95
N ASP OA 41 24.84 -45.76 8.06
CA ASP OA 41 24.31 -46.75 7.13
C ASP OA 41 22.81 -46.92 7.29
N ARG OA 42 22.32 -46.90 8.53
CA ARG OA 42 20.89 -46.93 8.76
C ARG OA 42 20.20 -45.70 8.19
N LYS OA 43 20.82 -44.53 8.36
CA LYS OA 43 20.24 -43.29 7.86
C LYS OA 43 20.19 -43.29 6.33
N GLN OA 44 21.21 -43.84 5.68
CA GLN OA 44 21.30 -43.78 4.23
C GLN OA 44 20.39 -44.78 3.53
N SER OA 45 20.01 -45.85 4.20
CA SER OA 45 19.18 -46.87 3.57
C SER OA 45 17.77 -46.33 3.34
N GLY OA 46 17.16 -46.78 2.25
CA GLY OA 46 15.82 -46.36 1.91
C GLY OA 46 15.79 -45.22 0.93
N TYR OA 47 14.78 -44.36 1.02
CA TYR OA 47 14.65 -43.22 0.15
C TYR OA 47 14.96 -41.93 0.88
N GLY OA 48 15.45 -40.94 0.14
CA GLY OA 48 15.82 -39.68 0.72
C GLY OA 48 17.12 -39.16 0.18
N GLY OA 49 17.91 -40.04 -0.44
CA GLY OA 49 19.16 -39.61 -1.02
C GLY OA 49 20.26 -39.48 0.03
N GLN OA 50 21.20 -38.59 -0.27
CA GLN OA 50 22.29 -38.31 0.64
C GLN OA 50 21.75 -37.57 1.86
N THR OA 51 22.09 -38.05 3.04
CA THR OA 51 21.53 -37.53 4.27
C THR OA 51 22.54 -36.78 5.12
N LYS OA 52 23.81 -36.78 4.76
CA LYS OA 52 24.85 -36.08 5.48
C LYS OA 52 25.67 -35.25 4.50
N PRO OA 53 26.30 -34.18 4.94
CA PRO OA 53 27.07 -33.34 4.02
C PRO OA 53 28.28 -34.05 3.44
N ILE OA 54 28.64 -33.65 2.23
CA ILE OA 54 29.85 -34.13 1.56
C ILE OA 54 30.72 -32.90 1.28
N PHE OA 55 31.90 -32.86 1.89
CA PHE OA 55 32.68 -31.63 2.03
C PHE OA 55 33.01 -30.91 0.72
N ARG OA 56 33.83 -31.54 -0.13
CA ARG OA 56 34.16 -31.07 -1.48
C ARG OA 56 34.52 -29.57 -1.56
N LYS OA 57 35.15 -29.03 -0.52
CA LYS OA 57 35.67 -27.67 -0.57
C LYS OA 57 37.07 -27.62 0.01
N LYS OA 58 37.92 -28.55 -0.43
CA LYS OA 58 39.26 -28.69 0.11
C LYS OA 58 40.08 -27.43 -0.13
N ALA OA 59 40.77 -26.98 0.91
CA ALA OA 59 41.64 -25.81 0.83
C ALA OA 59 43.06 -26.10 1.28
N LYS OA 60 43.24 -26.97 2.28
CA LYS OA 60 44.58 -27.34 2.71
C LYS OA 60 45.27 -28.16 1.64
N THR OA 61 46.58 -28.00 1.55
CA THR OA 61 47.40 -28.76 0.63
C THR OA 61 48.33 -29.73 1.33
N THR OA 62 48.46 -29.63 2.64
CA THR OA 62 49.33 -30.49 3.43
C THR OA 62 48.54 -31.08 4.58
N LYS OA 63 49.20 -31.97 5.31
CA LYS OA 63 48.68 -32.51 6.57
C LYS OA 63 49.74 -32.36 7.64
N LYS OA 64 49.31 -32.36 8.89
CA LYS OA 64 50.25 -32.43 10.00
C LYS OA 64 50.79 -33.85 10.08
N ILE OA 65 52.11 -34.00 9.95
CA ILE OA 65 52.72 -35.32 10.01
C ILE OA 65 52.69 -35.82 11.43
N VAL OA 66 52.25 -37.06 11.62
CA VAL OA 66 52.19 -37.69 12.93
C VAL OA 66 53.24 -38.77 13.00
N LEU OA 67 54.10 -38.68 14.01
CA LEU OA 67 55.17 -39.64 14.22
C LEU OA 67 54.71 -40.67 15.24
N ARG OA 68 54.88 -41.94 14.92
CA ARG OA 68 54.56 -43.03 15.80
C ARG OA 68 55.83 -43.49 16.50
N LEU OA 69 56.00 -43.09 17.75
CA LEU OA 69 57.15 -43.50 18.55
C LEU OA 69 56.84 -44.82 19.23
N GLU OA 70 57.83 -45.71 19.24
CA GLU OA 70 57.69 -46.99 19.93
C GLU OA 70 58.91 -47.20 20.81
N CYS OA 71 58.69 -47.35 22.11
CA CYS OA 71 59.79 -47.57 23.04
C CYS OA 71 60.46 -48.90 22.73
N VAL OA 72 61.79 -48.87 22.62
CA VAL OA 72 62.55 -50.07 22.24
C VAL OA 72 62.83 -50.99 23.41
N GLU OA 73 62.37 -50.64 24.60
CA GLU OA 73 62.50 -51.52 25.75
C GLU OA 73 61.72 -52.80 25.49
N PRO OA 74 62.33 -53.98 25.65
CA PRO OA 74 61.61 -55.23 25.33
C PRO OA 74 60.35 -55.43 26.15
N ASN OA 75 60.36 -55.03 27.42
CA ASN OA 75 59.19 -55.19 28.27
C ASN OA 75 58.21 -54.02 28.17
N CYS OA 76 58.61 -52.94 27.50
CA CYS OA 76 57.77 -51.75 27.32
C CYS OA 76 57.78 -51.39 25.85
N ARG OA 77 56.80 -51.88 25.11
CA ARG OA 77 56.64 -51.51 23.71
C ARG OA 77 55.59 -50.44 23.54
N SER OA 78 55.55 -49.52 24.51
CA SER OA 78 54.54 -48.47 24.54
C SER OA 78 54.69 -47.54 23.34
N LYS OA 79 53.57 -47.08 22.82
CA LYS OA 79 53.54 -46.25 21.63
C LYS OA 79 52.95 -44.89 21.97
N ARG OA 80 53.39 -43.88 21.24
CA ARG OA 80 52.93 -42.52 21.45
C ARG OA 80 52.87 -41.82 20.09
N MET OA 81 52.04 -40.80 20.01
CA MET OA 81 51.86 -40.03 18.78
C MET OA 81 52.38 -38.62 19.00
N LEU OA 82 53.34 -38.21 18.19
CA LEU OA 82 53.78 -36.81 18.11
C LEU OA 82 53.39 -36.24 16.76
N ALA OA 83 52.79 -35.05 16.78
CA ALA OA 83 52.51 -34.31 15.58
C ALA OA 83 53.56 -33.23 15.40
N ILE OA 84 54.04 -33.08 14.18
CA ILE OA 84 54.94 -31.98 13.85
C ILE OA 84 54.18 -31.04 12.93
N LYS OA 85 54.78 -29.91 12.57
CA LYS OA 85 54.07 -28.90 11.81
C LYS OA 85 53.77 -29.40 10.40
N ARG OA 86 52.94 -28.64 9.70
CA ARG OA 86 52.58 -28.97 8.33
C ARG OA 86 53.79 -28.88 7.42
N CYS OA 87 53.97 -29.89 6.57
CA CYS OA 87 55.05 -29.87 5.60
C CYS OA 87 54.59 -30.57 4.34
N LYS OA 88 55.15 -30.14 3.21
CA LYS OA 88 54.82 -30.73 1.93
C LYS OA 88 55.58 -32.01 1.66
N HIS OA 89 56.85 -32.06 2.04
CA HIS OA 89 57.70 -33.23 1.80
C HIS OA 89 58.26 -33.70 3.13
N PHE OA 90 58.06 -34.98 3.42
CA PHE OA 90 58.49 -35.58 4.67
C PHE OA 90 59.26 -36.85 4.35
N GLU OA 91 60.34 -37.09 5.10
CA GLU OA 91 61.12 -38.31 4.95
C GLU OA 91 61.65 -38.74 6.30
N LEU OA 92 61.88 -40.03 6.43
CA LEU OA 92 62.36 -40.64 7.67
C LEU OA 92 63.78 -41.13 7.47
N GLY OA 93 64.71 -40.59 8.25
CA GLY OA 93 66.08 -41.07 8.21
C GLY OA 93 66.76 -40.87 6.87
N GLY OA 94 66.54 -39.73 6.23
CA GLY OA 94 67.19 -39.43 4.97
C GLY OA 94 68.64 -39.04 5.16
N ASP OA 95 69.31 -38.81 4.04
CA ASP OA 95 70.72 -38.46 4.04
C ASP OA 95 70.91 -37.10 4.73
N LYS OA 96 71.68 -37.10 5.80
CA LYS OA 96 71.89 -35.87 6.55
C LYS OA 96 72.80 -34.91 5.79
N LYS OA 97 72.49 -33.62 5.89
CA LYS OA 97 73.17 -32.61 5.11
C LYS OA 97 74.58 -32.35 5.64
N ARG OA 98 75.45 -31.92 4.74
CA ARG OA 98 76.78 -31.43 5.09
C ARG OA 98 76.90 -29.96 4.73
N LYS OA 99 77.95 -29.32 5.24
CA LYS OA 99 78.12 -27.89 5.10
C LYS OA 99 79.18 -27.52 4.08
N GLY OA 100 80.40 -28.00 4.22
CA GLY OA 100 81.47 -27.60 3.34
C GLY OA 100 81.68 -28.50 2.14
N GLN OA 101 80.67 -28.60 1.28
CA GLN OA 101 80.73 -29.48 0.12
C GLN OA 101 80.39 -28.71 -1.15
N VAL OA 102 80.73 -29.31 -2.28
CA VAL OA 102 80.51 -28.70 -3.59
C VAL OA 102 79.12 -29.10 -4.09
N ILE OA 103 78.42 -28.13 -4.65
CA ILE OA 103 77.13 -28.39 -5.27
C ILE OA 103 77.37 -28.93 -6.68
N GLN OA 104 76.50 -29.86 -7.11
CA GLN OA 104 76.62 -30.44 -8.43
C GLN OA 104 76.52 -29.35 -9.50
N PHE OA 105 77.46 -29.38 -10.45
CA PHE OA 105 77.57 -28.33 -11.44
C PHE OA 105 76.69 -28.59 -12.66
N ALA PA 1 -6.04 -27.05 -83.50
CA ALA PA 1 -4.64 -26.65 -83.47
C ALA PA 1 -3.97 -27.18 -82.20
N LYS PA 2 -2.67 -27.47 -82.30
CA LYS PA 2 -1.93 -27.87 -81.11
C LYS PA 2 -1.86 -26.71 -80.13
N ARG PA 3 -2.34 -26.93 -78.92
CA ARG PA 3 -2.55 -25.84 -77.98
C ARG PA 3 -1.34 -25.57 -77.10
N THR PA 4 -0.58 -26.59 -76.76
CA THR PA 4 0.62 -26.43 -75.95
C THR PA 4 1.79 -27.10 -76.64
N LYS PA 5 2.98 -26.56 -76.40
CA LYS PA 5 4.18 -27.11 -77.03
C LYS PA 5 4.63 -28.40 -76.37
N LYS PA 6 4.77 -28.41 -75.04
CA LYS PA 6 5.31 -29.58 -74.38
C LYS PA 6 4.58 -30.04 -73.13
N VAL PA 7 3.81 -29.19 -72.45
CA VAL PA 7 3.22 -29.62 -71.18
C VAL PA 7 2.15 -30.68 -71.41
N GLY PA 8 1.33 -30.52 -72.42
CA GLY PA 8 0.29 -31.51 -72.68
C GLY PA 8 -0.71 -31.57 -71.54
N ILE PA 9 -0.87 -32.76 -70.97
CA ILE PA 9 -1.91 -32.98 -69.97
C ILE PA 9 -1.64 -32.24 -68.67
N VAL PA 10 -0.39 -31.88 -68.38
CA VAL PA 10 -0.08 -31.24 -67.11
C VAL PA 10 -0.14 -29.74 -67.26
N GLY PA 11 -0.78 -29.27 -68.33
CA GLY PA 11 -1.08 -27.86 -68.42
C GLY PA 11 -2.06 -27.37 -67.39
N LYS PA 12 -2.82 -28.29 -66.78
CA LYS PA 12 -3.74 -27.93 -65.73
C LYS PA 12 -3.04 -27.49 -64.45
N TYR PA 13 -1.76 -27.83 -64.31
CA TYR PA 13 -1.00 -27.48 -63.12
C TYR PA 13 -0.37 -26.10 -63.20
N GLY PA 14 -0.50 -25.43 -64.34
CA GLY PA 14 -0.01 -24.07 -64.44
C GLY PA 14 1.51 -24.01 -64.36
N THR PA 15 2.01 -23.02 -63.64
CA THR PA 15 3.42 -22.84 -63.42
C THR PA 15 3.91 -23.52 -62.15
N ARG PA 16 3.04 -24.26 -61.48
CA ARG PA 16 3.33 -24.76 -60.14
C ARG PA 16 4.10 -26.08 -60.18
N TYR PA 17 4.72 -26.39 -59.04
CA TYR PA 17 5.30 -27.66 -58.63
C TYR PA 17 6.64 -27.98 -59.29
N GLY PA 18 7.11 -27.19 -60.24
CA GLY PA 18 8.40 -27.47 -60.84
C GLY PA 18 8.30 -28.24 -62.13
N ALA PA 19 9.16 -27.90 -63.08
CA ALA PA 19 9.08 -28.49 -64.41
C ALA PA 19 9.36 -29.98 -64.39
N SER PA 20 10.34 -30.41 -63.60
CA SER PA 20 10.69 -31.83 -63.59
C SER PA 20 9.65 -32.65 -62.85
N LEU PA 21 9.00 -32.07 -61.85
CA LEU PA 21 7.93 -32.79 -61.17
C LEU PA 21 6.70 -32.89 -62.06
N ARG PA 22 6.42 -31.85 -62.84
CA ARG PA 22 5.32 -31.92 -63.79
C ARG PA 22 5.63 -32.89 -64.92
N LYS PA 23 6.88 -32.91 -65.38
CA LYS PA 23 7.27 -33.87 -66.41
C LYS PA 23 7.20 -35.29 -65.88
N MET PA 24 7.59 -35.49 -64.61
CA MET PA 24 7.52 -36.82 -64.01
C MET PA 24 6.09 -37.31 -63.92
N VAL PA 25 5.17 -36.45 -63.46
CA VAL PA 25 3.78 -36.84 -63.29
C VAL PA 25 3.04 -36.88 -64.63
N LYS PA 26 3.65 -36.36 -65.69
CA LYS PA 26 2.96 -36.33 -66.98
C LYS PA 26 2.77 -37.72 -67.55
N LYS PA 27 3.82 -38.54 -67.56
CA LYS PA 27 3.68 -39.87 -68.15
C LYS PA 27 2.83 -40.78 -67.28
N ILE PA 28 2.83 -40.56 -65.96
CA ILE PA 28 1.96 -41.34 -65.08
C ILE PA 28 0.51 -40.96 -65.29
N GLU PA 29 0.23 -39.67 -65.40
CA GLU PA 29 -1.16 -39.23 -65.58
C GLU PA 29 -1.72 -39.65 -66.92
N ILE PA 30 -0.87 -39.75 -67.93
CA ILE PA 30 -1.33 -40.22 -69.24
C ILE PA 30 -1.73 -41.69 -69.17
N SER PA 31 -0.88 -42.52 -68.55
CA SER PA 31 -1.21 -43.93 -68.42
C SER PA 31 -2.32 -44.17 -67.41
N GLN PA 32 -2.41 -43.32 -66.39
CA GLN PA 32 -3.47 -43.44 -65.39
C GLN PA 32 -4.84 -43.27 -66.01
N HIS PA 33 -4.98 -42.32 -66.94
CA HIS PA 33 -6.26 -41.97 -67.52
C HIS PA 33 -6.49 -42.58 -68.89
N ALA PA 34 -5.56 -43.39 -69.39
CA ALA PA 34 -5.72 -44.02 -70.68
C ALA PA 34 -6.76 -45.13 -70.62
N LYS PA 35 -7.33 -45.44 -71.77
CA LYS PA 35 -8.24 -46.57 -71.92
C LYS PA 35 -7.51 -47.70 -72.63
N TYR PA 36 -7.46 -48.85 -72.00
CA TYR PA 36 -6.72 -49.98 -72.54
C TYR PA 36 -7.67 -50.93 -73.23
N THR PA 37 -7.13 -51.71 -74.15
CA THR PA 37 -7.92 -52.74 -74.80
C THR PA 37 -8.13 -53.90 -73.83
N CYS PA 38 -9.39 -54.22 -73.56
CA CYS PA 38 -9.69 -55.32 -72.66
C CYS PA 38 -9.28 -56.63 -73.30
N SER PA 39 -8.56 -57.46 -72.54
CA SER PA 39 -8.10 -58.74 -73.05
C SER PA 39 -9.15 -59.83 -72.92
N PHE PA 40 -10.33 -59.51 -72.42
CA PHE PA 40 -11.43 -60.46 -72.27
C PHE PA 40 -12.49 -60.28 -73.35
N CYS PA 41 -12.87 -59.05 -73.64
CA CYS PA 41 -13.89 -58.77 -74.64
C CYS PA 41 -13.33 -58.16 -75.91
N GLY PA 42 -12.11 -57.66 -75.89
CA GLY PA 42 -11.49 -57.07 -77.06
C GLY PA 42 -11.78 -55.60 -77.26
N LYS PA 43 -12.59 -54.98 -76.41
CA LYS PA 43 -12.91 -53.57 -76.58
C LYS PA 43 -11.94 -52.70 -75.80
N THR PA 44 -11.75 -51.48 -76.30
CA THR PA 44 -10.85 -50.53 -75.68
C THR PA 44 -11.62 -49.70 -74.64
N LYS PA 45 -11.98 -50.38 -73.55
CA LYS PA 45 -12.84 -49.78 -72.53
C LYS PA 45 -12.36 -50.10 -71.13
N MET PA 46 -11.19 -50.71 -70.98
CA MET PA 46 -10.64 -51.04 -69.67
C MET PA 46 -9.97 -49.79 -69.11
N LYS PA 47 -10.60 -49.18 -68.12
CA LYS PA 47 -10.11 -47.94 -67.54
C LYS PA 47 -10.02 -48.07 -66.04
N ARG PA 48 -9.16 -47.25 -65.44
CA ARG PA 48 -8.93 -47.33 -64.01
C ARG PA 48 -10.14 -46.83 -63.23
N ARG PA 49 -10.55 -47.63 -62.24
CA ARG PA 49 -11.61 -47.25 -61.33
C ARG PA 49 -11.04 -46.60 -60.08
N ALA PA 50 -10.17 -47.31 -59.36
CA ALA PA 50 -9.40 -46.77 -58.26
C ALA PA 50 -7.96 -47.21 -58.45
N VAL PA 51 -7.11 -46.89 -57.49
CA VAL PA 51 -5.70 -47.25 -57.60
C VAL PA 51 -5.56 -48.77 -57.53
N GLY PA 52 -5.00 -49.36 -58.58
CA GLY PA 52 -4.84 -50.79 -58.66
C GLY PA 52 -6.04 -51.55 -59.19
N ILE PA 53 -7.16 -50.89 -59.42
CA ILE PA 53 -8.39 -51.55 -59.86
C ILE PA 53 -8.70 -51.07 -61.26
N TRP PA 54 -8.79 -52.01 -62.20
CA TRP PA 54 -9.09 -51.72 -63.59
C TRP PA 54 -10.38 -52.43 -63.97
N HIS PA 55 -11.31 -51.68 -64.54
CA HIS PA 55 -12.64 -52.17 -64.84
C HIS PA 55 -12.99 -51.93 -66.30
N CYS PA 56 -13.64 -52.91 -66.93
CA CYS PA 56 -14.09 -52.78 -68.30
C CYS PA 56 -15.58 -52.46 -68.31
N GLY PA 57 -15.96 -51.47 -69.13
CA GLY PA 57 -17.34 -51.08 -69.19
C GLY PA 57 -18.22 -52.06 -69.94
N SER PA 58 -17.65 -52.82 -70.87
CA SER PA 58 -18.47 -53.69 -71.71
C SER PA 58 -18.78 -55.01 -71.01
N CYS PA 59 -17.76 -55.81 -70.73
CA CYS PA 59 -17.99 -57.11 -70.13
C CYS PA 59 -18.08 -57.05 -68.62
N MET PA 60 -17.93 -55.86 -68.04
CA MET PA 60 -18.04 -55.64 -66.60
C MET PA 60 -17.05 -56.50 -65.83
N LYS PA 61 -15.89 -56.72 -66.42
CA LYS PA 61 -14.82 -57.48 -65.80
C LYS PA 61 -13.90 -56.53 -65.07
N THR PA 62 -13.64 -56.81 -63.80
CA THR PA 62 -12.74 -56.00 -62.98
C THR PA 62 -11.45 -56.77 -62.76
N VAL PA 63 -10.33 -56.10 -62.98
CA VAL PA 63 -9.01 -56.72 -62.87
C VAL PA 63 -8.19 -55.92 -61.86
N ALA PA 64 -7.39 -56.65 -61.08
CA ALA PA 64 -6.41 -56.03 -60.19
C ALA PA 64 -5.12 -55.83 -60.96
N GLY PA 65 -4.70 -54.57 -61.08
CA GLY PA 65 -3.53 -54.23 -61.85
C GLY PA 65 -2.61 -53.31 -61.09
N GLY PA 66 -1.84 -52.54 -61.84
CA GLY PA 66 -0.93 -51.59 -61.23
C GLY PA 66 -1.63 -50.32 -60.82
N ALA PA 67 -0.88 -49.45 -60.14
CA ALA PA 67 -1.45 -48.20 -59.67
C ALA PA 67 -1.79 -47.27 -60.82
N TRP PA 68 -0.88 -47.12 -61.79
CA TRP PA 68 -1.06 -46.18 -62.88
C TRP PA 68 -1.16 -46.84 -64.24
N THR PA 69 -0.66 -48.05 -64.40
CA THR PA 69 -0.78 -48.79 -65.65
C THR PA 69 -1.61 -50.03 -65.40
N TYR PA 70 -2.17 -50.58 -66.48
CA TYR PA 70 -3.04 -51.74 -66.36
C TYR PA 70 -2.28 -52.93 -65.78
N ASN PA 71 -1.05 -53.14 -66.22
CA ASN PA 71 -0.17 -54.11 -65.60
C ASN PA 71 1.21 -53.53 -65.46
N THR PA 72 1.92 -53.97 -64.42
CA THR PA 72 3.28 -53.51 -64.15
C THR PA 72 4.28 -54.48 -64.76
N THR PA 73 5.45 -53.95 -65.13
CA THR PA 73 6.50 -54.80 -65.67
C THR PA 73 6.99 -55.81 -64.64
N SER PA 74 6.85 -55.48 -63.36
CA SER PA 74 7.18 -56.43 -62.31
C SER PA 74 6.28 -57.66 -62.38
N ALA PA 75 4.96 -57.45 -62.46
CA ALA PA 75 4.03 -58.56 -62.42
C ALA PA 75 4.08 -59.41 -63.68
N VAL PA 76 4.46 -58.81 -64.82
CA VAL PA 76 4.49 -59.57 -66.07
C VAL PA 76 5.62 -60.59 -66.04
N THR PA 77 6.79 -60.19 -65.54
CA THR PA 77 7.90 -61.14 -65.42
C THR PA 77 7.58 -62.20 -64.38
N VAL PA 78 6.82 -61.84 -63.36
CA VAL PA 78 6.44 -62.79 -62.31
C VAL PA 78 5.53 -63.85 -62.87
N LYS PA 79 4.54 -63.45 -63.67
CA LYS PA 79 3.64 -64.41 -64.28
C LYS PA 79 4.39 -65.36 -65.20
N SER PA 80 5.36 -64.84 -65.95
CA SER PA 80 6.19 -65.70 -66.78
C SER PA 80 7.02 -66.64 -65.94
N ALA PA 81 7.57 -66.14 -64.82
CA ALA PA 81 8.39 -66.98 -63.96
C ALA PA 81 7.56 -68.08 -63.30
N ILE PA 82 6.36 -67.74 -62.81
CA ILE PA 82 5.51 -68.73 -62.16
C ILE PA 82 5.10 -69.80 -63.15
N ARG PA 83 4.82 -69.41 -64.40
CA ARG PA 83 4.49 -70.40 -65.42
C ARG PA 83 5.67 -71.32 -65.67
N ARG PA 84 6.87 -70.76 -65.72
CA ARG PA 84 8.07 -71.57 -65.94
C ARG PA 84 8.32 -72.53 -64.80
N LEU PA 85 8.13 -72.05 -63.56
CA LEU PA 85 8.36 -72.91 -62.40
C LEU PA 85 7.27 -73.96 -62.27
N LYS PA 86 6.04 -73.65 -62.69
CA LYS PA 86 4.98 -74.65 -62.63
C LYS PA 86 5.24 -75.79 -63.60
N GLU PA 87 5.63 -75.47 -64.84
CA GLU PA 87 5.92 -76.52 -65.81
C GLU PA 87 7.20 -77.26 -65.48
N LEU PA 88 8.09 -76.66 -64.69
CA LEU PA 88 9.23 -77.40 -64.15
C LEU PA 88 8.81 -78.28 -62.98
N LYS PA 89 7.83 -77.83 -62.20
CA LYS PA 89 7.40 -78.58 -61.02
C LYS PA 89 6.74 -79.90 -61.40
N ASP PA 90 5.85 -79.88 -62.38
CA ASP PA 90 5.26 -81.09 -62.89
C ASP PA 90 6.01 -81.57 -64.13
N GLN PA 91 5.75 -82.81 -64.52
CA GLN PA 91 6.44 -83.41 -65.66
C GLN PA 91 5.53 -84.33 -66.45
N SER QA 1 -9.80 -3.83 69.15
CA SER QA 1 -9.31 -2.51 69.51
C SER QA 1 -9.74 -1.46 68.51
N ALA QA 2 -9.72 -0.19 68.92
CA ALA QA 2 -10.14 0.89 68.04
C ALA QA 2 -9.19 1.03 66.86
N HIS QA 3 -7.89 0.91 67.11
CA HIS QA 3 -6.92 1.08 66.03
C HIS QA 3 -6.99 -0.07 65.04
N LEU QA 4 -7.27 -1.28 65.52
CA LEU QA 4 -7.42 -2.41 64.61
C LEU QA 4 -8.69 -2.30 63.79
N GLN QA 5 -9.80 -1.96 64.45
CA GLN QA 5 -11.06 -1.83 63.73
C GLN QA 5 -11.00 -0.68 62.74
N TRP QA 6 -10.24 0.37 63.05
CA TRP QA 6 -10.10 1.48 62.12
C TRP QA 6 -9.40 1.03 60.85
N MET QA 7 -8.36 0.19 60.97
CA MET QA 7 -7.65 -0.25 59.78
C MET QA 7 -8.53 -1.12 58.88
N VAL QA 8 -9.63 -1.63 59.41
CA VAL QA 8 -10.54 -2.45 58.62
C VAL QA 8 -11.54 -1.57 57.88
N VAL QA 9 -12.05 -0.52 58.52
CA VAL QA 9 -13.17 0.25 58.00
C VAL QA 9 -12.74 1.63 57.51
N ARG QA 10 -11.44 1.93 57.51
CA ARG QA 10 -11.02 3.26 57.06
C ARG QA 10 -11.31 3.50 55.59
N ASN QA 11 -11.38 2.44 54.79
CA ASN QA 11 -11.69 2.58 53.38
C ASN QA 11 -12.77 1.63 52.90
N CYS QA 12 -13.20 0.67 53.72
CA CYS QA 12 -14.23 -0.29 53.36
C CYS QA 12 -15.33 -0.22 54.41
N SER QA 13 -16.36 0.58 54.15
CA SER QA 13 -17.45 0.74 55.10
C SER QA 13 -18.72 1.12 54.35
N SER QA 14 -19.85 0.65 54.86
CA SER QA 14 -21.12 1.02 54.26
C SER QA 14 -21.51 2.45 54.56
N PHE QA 15 -20.92 3.05 55.59
CA PHE QA 15 -21.16 4.45 55.92
C PHE QA 15 -20.25 5.41 55.18
N LEU QA 16 -19.29 4.90 54.42
CA LEU QA 16 -18.30 5.75 53.77
C LEU QA 16 -18.87 6.30 52.47
N ILE QA 17 -18.81 7.62 52.32
CA ILE QA 17 -19.20 8.30 51.08
C ILE QA 17 -17.97 9.00 50.54
N LYS QA 18 -17.63 8.71 49.29
CA LYS QA 18 -16.49 9.32 48.63
C LYS QA 18 -16.99 9.98 47.34
N ARG QA 19 -17.15 11.30 47.38
CA ARG QA 19 -17.72 12.03 46.26
C ARG QA 19 -17.11 13.42 46.21
N ASN QA 20 -16.94 13.92 44.98
CA ASN QA 20 -16.57 15.32 44.74
C ASN QA 20 -15.30 15.71 45.48
N LYS QA 21 -14.31 14.83 45.45
CA LYS QA 21 -13.03 15.00 46.13
C LYS QA 21 -13.19 15.13 47.64
N GLN QA 22 -14.34 14.74 48.17
CA GLN QA 22 -14.64 14.79 49.59
C GLN QA 22 -14.91 13.40 50.10
N THR QA 23 -14.95 13.26 51.42
CA THR QA 23 -15.29 12.00 52.04
C THR QA 23 -16.08 12.25 53.31
N TYR QA 24 -17.07 11.39 53.56
CA TYR QA 24 -17.97 11.56 54.68
C TYR QA 24 -18.31 10.19 55.26
N SER QA 25 -18.73 10.19 56.52
CA SER QA 25 -19.12 8.98 57.22
C SER QA 25 -20.50 9.20 57.83
N THR QA 26 -21.40 8.24 57.63
CA THR QA 26 -22.79 8.39 58.05
C THR QA 26 -23.17 7.45 59.19
N GLU QA 27 -22.21 7.01 59.99
CA GLU QA 27 -22.55 6.22 61.16
C GLU QA 27 -23.22 7.10 62.21
N PRO QA 28 -24.07 6.52 63.06
CA PRO QA 28 -24.96 7.35 63.90
C PRO QA 28 -24.25 8.29 64.87
N ASN QA 29 -23.13 7.88 65.46
CA ASN QA 29 -22.53 8.65 66.55
C ASN QA 29 -21.30 9.43 66.08
N ASN QA 30 -21.33 9.93 64.86
CA ASN QA 30 -20.21 10.64 64.26
C ASN QA 30 -20.55 12.12 64.27
N LEU QA 31 -19.93 12.86 65.19
CA LEU QA 31 -19.95 14.30 65.12
C LEU QA 31 -19.07 14.73 63.95
N LYS QA 32 -19.51 15.77 63.24
CA LYS QA 32 -18.85 16.33 62.06
C LYS QA 32 -18.97 15.42 60.84
N ALA QA 33 -19.49 14.21 61.04
CA ALA QA 33 -19.81 13.26 59.97
C ALA QA 33 -18.65 13.05 59.00
N ARG QA 34 -17.44 12.96 59.54
CA ARG QA 34 -16.26 12.79 58.71
C ARG QA 34 -15.62 11.43 58.94
N ASN QA 35 -14.97 10.93 57.90
CA ASN QA 35 -14.26 9.66 57.97
C ASN QA 35 -12.93 9.91 58.65
N SER QA 36 -12.87 9.66 59.95
CA SER QA 36 -11.65 9.87 60.70
C SER QA 36 -11.64 8.95 61.90
N PHE QA 37 -10.43 8.64 62.38
CA PHE QA 37 -10.30 7.77 63.54
C PHE QA 37 -10.86 8.43 64.78
N ARG QA 38 -10.66 9.75 64.91
CA ARG QA 38 -11.12 10.46 66.10
C ARG QA 38 -12.64 10.53 66.16
N TYR QA 39 -13.29 10.74 65.02
CA TYR QA 39 -14.71 11.00 65.01
C TYR QA 39 -15.56 9.79 64.65
N ASN QA 40 -14.95 8.65 64.37
CA ASN QA 40 -15.73 7.44 64.08
C ASN QA 40 -16.55 7.07 65.29
N GLY QA 41 -17.83 6.78 65.06
CA GLY QA 41 -18.76 6.54 66.15
C GLY QA 41 -19.03 5.08 66.42
N LEU QA 42 -18.14 4.20 65.97
CA LEU QA 42 -18.38 2.78 66.15
C LEU QA 42 -17.17 2.07 66.75
N ILE QA 43 -15.97 2.56 66.47
CA ILE QA 43 -14.76 1.82 66.81
C ILE QA 43 -14.23 2.12 68.19
N HIS QA 44 -14.73 3.16 68.86
CA HIS QA 44 -14.17 3.58 70.13
C HIS QA 44 -14.93 2.97 71.30
N ARG QA 45 -14.19 2.75 72.38
CA ARG QA 45 -14.77 2.18 73.59
C ARG QA 45 -15.77 3.13 74.22
N LYS QA 46 -15.57 4.43 74.04
CA LYS QA 46 -16.55 5.43 74.46
C LYS QA 46 -16.68 6.48 73.38
N THR QA 47 -17.93 6.86 73.07
CA THR QA 47 -18.24 7.84 72.05
C THR QA 47 -19.36 8.72 72.54
N VAL QA 48 -19.52 9.88 71.92
CA VAL QA 48 -20.62 10.77 72.19
C VAL QA 48 -21.29 11.14 70.87
N GLY QA 49 -22.61 11.24 70.90
CA GLY QA 49 -23.36 11.65 69.72
C GLY QA 49 -24.46 12.61 70.10
N VAL QA 50 -24.71 13.57 69.23
CA VAL QA 50 -25.74 14.59 69.44
C VAL QA 50 -26.72 14.49 68.29
N GLU QA 51 -27.98 14.27 68.61
CA GLU QA 51 -29.04 14.07 67.64
C GLU QA 51 -30.21 14.97 67.96
N PRO QA 52 -30.99 15.36 66.96
CA PRO QA 52 -32.24 16.07 67.25
C PRO QA 52 -33.23 15.13 67.91
N ALA QA 53 -34.10 15.71 68.72
CA ALA QA 53 -35.10 14.92 69.42
C ALA QA 53 -36.14 14.39 68.45
N ALA QA 54 -36.91 13.39 68.90
CA ALA QA 54 -37.93 12.78 68.05
C ALA QA 54 -38.98 13.81 67.64
N ASP QA 55 -39.46 14.60 68.59
CA ASP QA 55 -40.19 15.81 68.25
C ASP QA 55 -39.21 16.89 67.85
N GLY QA 56 -39.69 17.88 67.11
CA GLY QA 56 -38.81 18.91 66.60
C GLY QA 56 -38.41 19.96 67.62
N LYS QA 57 -38.01 19.53 68.81
CA LYS QA 57 -37.58 20.46 69.85
C LYS QA 57 -36.66 19.75 70.83
N GLY QA 58 -35.52 20.36 71.12
CA GLY QA 58 -34.52 19.76 71.97
C GLY QA 58 -33.52 18.94 71.21
N VAL QA 59 -32.54 18.41 71.95
CA VAL QA 59 -31.51 17.53 71.41
C VAL QA 59 -31.49 16.26 72.23
N VAL QA 60 -30.92 15.21 71.65
CA VAL QA 60 -30.70 13.94 72.33
C VAL QA 60 -29.20 13.73 72.39
N VAL QA 61 -28.65 13.61 73.59
CA VAL QA 61 -27.25 13.33 73.78
C VAL QA 61 -27.10 11.86 74.14
N VAL QA 62 -26.39 11.12 73.30
CA VAL QA 62 -26.17 9.70 73.49
C VAL QA 62 -24.69 9.47 73.78
N ILE QA 63 -24.41 8.71 74.84
CA ILE QA 63 -23.06 8.34 75.20
C ILE QA 63 -22.99 6.83 75.31
N LYS QA 64 -21.79 6.29 75.17
CA LYS QA 64 -21.58 4.85 75.20
C LYS QA 64 -21.11 4.45 76.59
N ARG QA 65 -21.82 3.50 77.20
CA ARG QA 65 -21.42 3.01 78.50
C ARG QA 65 -20.17 2.14 78.37
N ARG QA 66 -19.49 1.94 79.49
CA ARG QA 66 -18.21 1.24 79.50
C ARG QA 66 -18.35 -0.27 79.42
N SER QA 67 -19.40 -0.85 79.98
CA SER QA 67 -19.43 -2.29 80.21
C SER QA 67 -19.79 -3.09 78.96
N GLY QA 68 -20.99 -2.91 78.44
CA GLY QA 68 -21.46 -3.79 77.38
C GLY QA 68 -20.97 -3.43 76.00
N GLN QA 69 -19.69 -3.63 75.74
CA GLN QA 69 -19.14 -3.25 74.44
C GLN QA 69 -19.64 -4.16 73.33
N ARG QA 70 -19.82 -5.46 73.61
CA ARG QA 70 -20.29 -6.40 72.62
C ARG QA 70 -21.80 -6.55 72.61
N LYS QA 71 -22.51 -5.75 73.40
CA LYS QA 71 -23.96 -5.86 73.58
C LYS QA 71 -24.60 -4.59 73.04
N PRO QA 72 -24.85 -4.48 71.74
CA PRO QA 72 -25.30 -3.19 71.18
C PRO QA 72 -26.67 -2.76 71.65
N ALA QA 73 -27.49 -3.65 72.22
CA ALA QA 73 -28.83 -3.27 72.62
C ALA QA 73 -28.82 -2.34 73.83
N THR QA 74 -27.83 -2.50 74.72
CA THR QA 74 -27.78 -1.72 75.95
C THR QA 74 -26.52 -0.87 76.04
N SER QA 75 -25.82 -0.68 74.93
CA SER QA 75 -24.51 -0.04 74.98
C SER QA 75 -24.60 1.48 74.99
N TYR QA 76 -25.74 2.06 74.66
CA TYR QA 76 -25.87 3.50 74.51
C TYR QA 76 -26.91 4.05 75.48
N VAL QA 77 -26.57 5.14 76.14
CA VAL QA 77 -27.46 5.81 77.07
C VAL QA 77 -27.83 7.16 76.45
N ARG QA 78 -29.13 7.37 76.28
CA ARG QA 78 -29.63 8.55 75.62
C ARG QA 78 -30.39 9.43 76.60
N THR QA 79 -30.03 10.71 76.65
CA THR QA 79 -30.75 11.70 77.43
C THR QA 79 -31.22 12.81 76.51
N THR QA 80 -32.44 13.28 76.74
CA THR QA 80 -33.02 14.37 75.96
C THR QA 80 -32.92 15.65 76.77
N ILE QA 81 -32.31 16.67 76.19
CA ILE QA 81 -32.22 17.99 76.80
C ILE QA 81 -33.09 18.94 75.98
N ASN QA 82 -34.07 19.54 76.63
CA ASN QA 82 -34.97 20.47 75.95
C ASN QA 82 -35.00 21.79 76.70
N LYS QA 83 -33.84 22.32 77.04
CA LYS QA 83 -33.70 23.58 77.74
C LYS QA 83 -33.47 24.70 76.73
N ASN QA 84 -33.16 25.89 77.22
CA ASN QA 84 -32.77 26.97 76.34
C ASN QA 84 -31.39 26.69 75.76
N ALA QA 85 -31.02 27.48 74.75
CA ALA QA 85 -29.80 27.20 73.99
C ALA QA 85 -28.55 27.29 74.86
N ARG QA 86 -28.47 28.31 75.71
CA ARG QA 86 -27.30 28.45 76.57
C ARG QA 86 -27.24 27.34 77.61
N ALA QA 87 -28.38 26.99 78.19
CA ALA QA 87 -28.40 25.92 79.19
C ALA QA 87 -28.10 24.57 78.57
N THR QA 88 -28.57 24.34 77.34
CA THR QA 88 -28.32 23.08 76.66
C THR QA 88 -26.83 22.88 76.42
N LEU QA 89 -26.14 23.93 75.97
CA LEU QA 89 -24.72 23.82 75.71
C LEU QA 89 -23.93 23.59 77.00
N SER QA 90 -24.42 24.14 78.10
CA SER QA 90 -23.73 23.96 79.39
C SER QA 90 -23.81 22.51 79.85
N SER QA 91 -24.96 21.88 79.70
CA SER QA 91 -25.11 20.49 80.12
C SER QA 91 -24.24 19.57 79.27
N ILE QA 92 -24.18 19.82 77.97
CA ILE QA 92 -23.33 19.04 77.08
C ILE QA 92 -21.87 19.26 77.42
N ARG QA 93 -21.49 20.49 77.74
CA ARG QA 93 -20.12 20.79 78.13
C ARG QA 93 -19.75 20.07 79.42
N HIS QA 94 -20.71 19.96 80.35
CA HIS QA 94 -20.43 19.30 81.61
C HIS QA 94 -20.37 17.79 81.45
N MET QA 95 -21.18 17.22 80.55
CA MET QA 95 -21.15 15.78 80.35
C MET QA 95 -19.84 15.33 79.75
N ILE QA 96 -19.14 16.21 79.03
CA ILE QA 96 -17.87 15.85 78.42
C ILE QA 96 -16.70 16.29 79.28
N ARG QA 97 -16.71 17.53 79.75
CA ARG QA 97 -15.54 18.05 80.47
C ARG QA 97 -15.49 17.54 81.90
N LYS QA 98 -16.59 17.64 82.63
CA LYS QA 98 -16.58 17.24 84.03
C LYS QA 98 -16.36 15.74 84.19
N ASN QA 99 -17.00 14.95 83.33
CA ASN QA 99 -16.80 13.50 83.36
C ASN QA 99 -15.48 13.07 82.75
N LYS QA 100 -14.80 13.97 82.04
CA LYS QA 100 -13.61 13.64 81.25
C LYS QA 100 -13.92 12.52 80.27
N TYR QA 101 -15.11 12.57 79.71
CA TYR QA 101 -15.60 11.57 78.76
C TYR QA 101 -15.31 12.10 77.36
N ARG QA 102 -14.17 11.70 76.81
CA ARG QA 102 -13.70 12.11 75.49
C ARG QA 102 -13.66 13.62 75.36
N PRO QA 103 -12.78 14.30 76.10
CA PRO QA 103 -12.75 15.77 76.06
C PRO QA 103 -12.33 16.34 74.70
N ASP QA 104 -11.77 15.53 73.83
CA ASP QA 104 -11.41 15.95 72.48
C ASP QA 104 -12.61 16.11 71.57
N LEU QA 105 -13.80 15.71 72.02
CA LEU QA 105 -15.04 15.87 71.26
C LEU QA 105 -15.93 16.95 71.84
N ARG QA 106 -15.41 17.79 72.73
CA ARG QA 106 -16.25 18.74 73.43
C ARG QA 106 -16.82 19.81 72.50
N MET QA 107 -15.95 20.45 71.71
CA MET QA 107 -16.44 21.51 70.84
C MET QA 107 -17.17 20.96 69.62
N ALA QA 108 -16.85 19.74 69.20
CA ALA QA 108 -17.60 19.12 68.12
C ALA QA 108 -19.05 18.89 68.54
N ALA QA 109 -19.26 18.46 69.78
CA ALA QA 109 -20.60 18.24 70.28
C ALA QA 109 -21.32 19.55 70.54
N ILE QA 110 -20.60 20.56 71.02
CA ILE QA 110 -21.23 21.85 71.29
C ILE QA 110 -21.62 22.54 69.99
N ARG QA 111 -20.75 22.49 68.98
CA ARG QA 111 -21.08 23.08 67.69
C ARG QA 111 -22.21 22.34 67.01
N ARG QA 112 -22.29 21.02 67.21
CA ARG QA 112 -23.38 20.25 66.61
C ARG QA 112 -24.70 20.53 67.30
N ALA QA 113 -24.69 20.68 68.63
CA ALA QA 113 -25.91 21.01 69.35
C ALA QA 113 -26.41 22.38 68.94
N SER QA 114 -25.50 23.33 68.72
CA SER QA 114 -25.92 24.64 68.24
C SER QA 114 -26.55 24.55 66.86
N ALA QA 115 -25.98 23.73 65.98
CA ALA QA 115 -26.52 23.57 64.64
C ALA QA 115 -27.91 22.94 64.68
N ILE QA 116 -28.11 21.97 65.56
CA ILE QA 116 -29.41 21.31 65.66
C ILE QA 116 -30.46 22.27 66.21
N LEU QA 117 -30.11 23.00 67.28
CA LEU QA 117 -31.07 23.92 67.88
C LEU QA 117 -31.40 25.08 66.95
N ARG QA 118 -30.42 25.55 66.19
CA ARG QA 118 -30.67 26.62 65.23
C ARG QA 118 -31.60 26.14 64.13
N SER QA 119 -31.49 24.87 63.74
CA SER QA 119 -32.37 24.33 62.72
C SER QA 119 -33.77 24.09 63.25
N GLN QA 120 -33.92 24.01 64.58
CA GLN QA 120 -35.23 23.74 65.15
C GLN QA 120 -36.06 24.99 65.33
N LYS QA 121 -35.43 26.15 65.46
CA LYS QA 121 -36.19 27.37 65.67
C LYS QA 121 -36.93 27.76 64.39
N PRO QA 122 -38.07 28.45 64.52
CA PRO QA 122 -38.89 28.74 63.35
C PRO QA 122 -38.16 29.63 62.34
N VAL QA 123 -38.44 29.40 61.07
CA VAL QA 123 -37.85 30.23 60.02
C VAL QA 123 -38.46 31.62 60.06
N MET QA 124 -37.77 32.57 59.44
CA MET QA 124 -38.19 33.95 59.39
C MET QA 124 -38.87 34.24 58.05
N VAL QA 125 -39.15 35.51 57.82
CA VAL QA 125 -39.75 35.94 56.55
C VAL QA 125 -38.94 37.09 55.96
N GLN RA 1 -85.55 14.55 -23.23
CA GLN RA 1 -86.59 15.56 -23.39
C GLN RA 1 -87.91 14.94 -23.80
N GLN RA 2 -87.85 13.78 -24.47
CA GLN RA 2 -89.04 13.15 -25.02
C GLN RA 2 -89.70 12.18 -24.04
N GLU RA 3 -89.25 12.14 -22.79
CA GLU RA 3 -89.83 11.23 -21.82
C GLU RA 3 -91.28 11.60 -21.54
N GLN RA 4 -92.07 10.60 -21.15
CA GLN RA 4 -93.48 10.80 -20.83
C GLN RA 4 -93.67 10.70 -19.33
N THR RA 5 -94.25 11.73 -18.75
CA THR RA 5 -94.54 11.79 -17.32
C THR RA 5 -96.04 11.74 -17.10
N ILE RA 6 -96.47 11.94 -15.85
CA ILE RA 6 -97.89 11.85 -15.51
C ILE RA 6 -98.67 13.10 -15.90
N ALA RA 7 -98.05 14.03 -16.62
CA ALA RA 7 -98.76 15.23 -17.05
C ALA RA 7 -99.90 14.92 -18.01
N GLU RA 8 -99.97 13.70 -18.55
CA GLU RA 8 -100.98 13.37 -19.54
C GLU RA 8 -102.02 12.40 -18.99
N ASP RA 9 -103.28 12.66 -19.35
CA ASP RA 9 -104.40 11.86 -18.85
C ASP RA 9 -104.34 10.43 -19.37
N LEU RA 10 -103.81 10.22 -20.57
CA LEU RA 10 -103.62 8.86 -21.08
C LEU RA 10 -102.63 8.10 -20.22
N VAL RA 11 -101.53 8.76 -19.82
CA VAL RA 11 -100.58 8.15 -18.89
C VAL RA 11 -101.27 7.80 -17.58
N VAL RA 12 -102.11 8.71 -17.07
CA VAL RA 12 -102.85 8.45 -15.84
C VAL RA 12 -103.72 7.20 -15.99
N THR RA 13 -104.46 7.11 -17.09
CA THR RA 13 -105.43 6.03 -17.25
C THR RA 13 -104.72 4.68 -17.40
N LYS RA 14 -103.60 4.65 -18.14
CA LYS RA 14 -102.92 3.37 -18.27
C LYS RA 14 -102.13 2.99 -17.02
N TYR RA 15 -101.69 3.96 -16.19
CA TYR RA 15 -101.23 3.61 -14.85
C TYR RA 15 -102.33 2.97 -14.03
N LYS RA 16 -103.54 3.53 -14.08
CA LYS RA 16 -104.65 2.93 -13.35
C LYS RA 16 -104.94 1.53 -13.88
N MET RA 17 -104.80 1.34 -15.19
CA MET RA 17 -104.98 0.02 -15.78
C MET RA 17 -103.94 -0.97 -15.26
N GLY RA 18 -102.67 -0.54 -15.19
CA GLY RA 18 -101.64 -1.41 -14.67
C GLY RA 18 -101.89 -1.78 -13.21
N GLY RA 19 -102.32 -0.80 -12.41
CA GLY RA 19 -102.65 -1.09 -11.02
C GLY RA 19 -103.79 -2.09 -10.90
N ASP RA 20 -104.86 -1.89 -11.67
CA ASP RA 20 -106.00 -2.79 -11.62
C ASP RA 20 -105.62 -4.20 -12.06
N ILE RA 21 -104.81 -4.30 -13.11
CA ILE RA 21 -104.45 -5.62 -13.65
C ILE RA 21 -103.54 -6.37 -12.68
N ALA RA 22 -102.58 -5.67 -12.07
CA ALA RA 22 -101.74 -6.32 -11.06
C ALA RA 22 -102.57 -6.75 -9.87
N ASN RA 23 -103.52 -5.91 -9.45
CA ASN RA 23 -104.38 -6.25 -8.32
C ASN RA 23 -105.21 -7.49 -8.62
N ARG RA 24 -105.78 -7.60 -9.82
CA ARG RA 24 -106.62 -8.76 -10.10
C ARG RA 24 -105.80 -10.03 -10.21
N VAL RA 25 -104.58 -9.96 -10.76
CA VAL RA 25 -103.74 -11.16 -10.80
C VAL RA 25 -103.38 -11.61 -9.39
N LEU RA 26 -102.98 -10.67 -8.53
CA LEU RA 26 -102.63 -11.06 -7.17
C LEU RA 26 -103.83 -11.60 -6.42
N ARG RA 27 -105.01 -11.01 -6.64
CA ARG RA 27 -106.23 -11.50 -6.00
C ARG RA 27 -106.55 -12.92 -6.45
N SER RA 28 -106.34 -13.23 -7.73
CA SER RA 28 -106.51 -14.61 -8.16
C SER RA 28 -105.49 -15.53 -7.53
N LEU RA 29 -104.24 -15.08 -7.42
CA LEU RA 29 -103.16 -15.94 -6.92
C LEU RA 29 -103.34 -16.27 -5.44
N VAL RA 30 -103.76 -15.30 -4.62
CA VAL RA 30 -103.87 -15.54 -3.19
C VAL RA 30 -104.95 -16.58 -2.91
N GLU RA 31 -106.02 -16.58 -3.71
CA GLU RA 31 -107.04 -17.60 -3.58
C GLU RA 31 -106.57 -18.94 -4.15
N ALA RA 32 -105.91 -18.91 -5.31
CA ALA RA 32 -105.54 -20.14 -5.99
C ALA RA 32 -104.52 -20.95 -5.19
N SER RA 33 -103.61 -20.28 -4.50
CA SER RA 33 -102.64 -21.00 -3.67
C SER RA 33 -103.36 -21.65 -2.50
N SER RA 34 -103.11 -22.94 -2.30
CA SER RA 34 -103.73 -23.69 -1.20
C SER RA 34 -102.77 -24.79 -0.77
N SER RA 35 -103.27 -25.68 0.08
CA SER RA 35 -102.44 -26.78 0.59
C SER RA 35 -102.25 -27.84 -0.49
N GLY RA 36 -101.02 -28.31 -0.66
CA GLY RA 36 -100.72 -29.33 -1.63
C GLY RA 36 -100.59 -28.84 -3.06
N VAL RA 37 -100.17 -27.61 -3.26
CA VAL RA 37 -99.98 -27.06 -4.59
C VAL RA 37 -98.49 -26.94 -4.87
N SER RA 38 -98.15 -26.57 -6.11
CA SER RA 38 -96.77 -26.47 -6.56
C SER RA 38 -96.45 -25.04 -6.98
N VAL RA 39 -95.29 -24.54 -6.53
CA VAL RA 39 -94.88 -23.19 -6.86
C VAL RA 39 -94.61 -23.05 -8.36
N LEU RA 40 -94.18 -24.12 -9.03
CA LEU RA 40 -94.05 -24.07 -10.48
C LEU RA 40 -95.40 -23.82 -11.13
N SER RA 41 -96.45 -24.51 -10.67
CA SER RA 41 -97.78 -24.29 -11.19
C SER RA 41 -98.24 -22.86 -10.91
N LEU RA 42 -97.96 -22.37 -9.70
CA LEU RA 42 -98.36 -21.00 -9.35
C LEU RA 42 -97.67 -19.97 -10.24
N CYS RA 43 -96.37 -20.15 -10.50
CA CYS RA 43 -95.64 -19.21 -11.33
C CYS RA 43 -96.12 -19.25 -12.78
N GLU RA 44 -96.31 -20.46 -13.31
CA GLU RA 44 -96.84 -20.62 -14.66
C GLU RA 44 -98.22 -19.97 -14.79
N LYS RA 45 -99.08 -20.18 -13.79
CA LYS RA 45 -100.43 -19.62 -13.82
C LYS RA 45 -100.41 -18.09 -13.73
N GLY RA 46 -99.56 -17.55 -12.85
CA GLY RA 46 -99.44 -16.12 -12.73
C GLY RA 46 -98.99 -15.45 -14.02
N ASP RA 47 -98.04 -16.07 -14.72
CA ASP RA 47 -97.68 -15.55 -16.03
C ASP RA 47 -98.79 -15.77 -17.07
N ALA RA 48 -99.49 -16.91 -16.96
CA ALA RA 48 -100.45 -17.29 -17.98
C ALA RA 48 -101.62 -16.31 -18.04
N MET RA 49 -102.15 -15.92 -16.88
CA MET RA 49 -103.22 -14.93 -16.90
C MET RA 49 -102.74 -13.59 -17.45
N ILE RA 50 -101.56 -13.15 -17.01
CA ILE RA 50 -101.07 -11.82 -17.36
C ILE RA 50 -100.87 -11.71 -18.87
N MET RA 51 -100.35 -12.77 -19.49
CA MET RA 51 -100.11 -12.74 -20.93
C MET RA 51 -101.40 -12.50 -21.71
N GLU RA 52 -102.44 -13.31 -21.44
CA GLU RA 52 -103.69 -13.16 -22.16
C GLU RA 52 -104.33 -11.80 -21.92
N GLU RA 53 -104.34 -11.34 -20.67
CA GLU RA 53 -105.04 -10.08 -20.42
C GLU RA 53 -104.31 -8.89 -21.03
N THR RA 54 -102.97 -8.88 -20.98
CA THR RA 54 -102.25 -7.80 -21.64
C THR RA 54 -102.39 -7.87 -23.15
N GLY RA 55 -102.49 -9.09 -23.71
CA GLY RA 55 -102.72 -9.20 -25.13
C GLY RA 55 -104.08 -8.66 -25.55
N LYS RA 56 -105.11 -8.94 -24.76
CA LYS RA 56 -106.45 -8.49 -25.12
C LYS RA 56 -106.63 -6.99 -24.89
N ILE RA 57 -105.94 -6.42 -23.89
CA ILE RA 57 -106.00 -4.99 -23.64
C ILE RA 57 -105.16 -4.27 -24.69
N PHE RA 58 -105.62 -3.09 -25.12
CA PHE RA 58 -104.98 -2.30 -26.17
C PHE RA 58 -104.87 -3.10 -27.47
N LYS RA 59 -105.95 -3.82 -27.79
CA LYS RA 59 -106.00 -4.58 -29.04
C LYS RA 59 -105.97 -3.68 -30.26
N LYS RA 60 -106.33 -2.40 -30.11
CA LYS RA 60 -106.31 -1.45 -31.22
C LYS RA 60 -104.91 -0.90 -31.50
N GLU RA 61 -103.95 -1.13 -30.60
CA GLU RA 61 -102.56 -0.72 -30.83
C GLU RA 61 -101.68 -1.96 -30.73
N LYS RA 62 -101.11 -2.38 -31.86
CA LYS RA 62 -100.23 -3.54 -31.88
C LYS RA 62 -98.83 -3.15 -32.28
N GLU RA 63 -98.35 -2.01 -31.75
CA GLU RA 63 -97.00 -1.54 -31.96
C GLU RA 63 -96.20 -1.44 -30.68
N MET RA 64 -96.85 -1.36 -29.52
CA MET RA 64 -96.17 -1.18 -28.25
C MET RA 64 -95.92 -2.52 -27.56
N LYS RA 65 -94.81 -2.58 -26.83
CA LYS RA 65 -94.45 -3.75 -26.03
C LYS RA 65 -95.06 -3.61 -24.63
N LYS RA 66 -95.94 -4.54 -24.28
CA LYS RA 66 -96.60 -4.55 -22.99
C LYS RA 66 -96.69 -5.99 -22.48
N GLY RA 67 -96.66 -6.14 -21.15
CA GLY RA 67 -96.71 -7.46 -20.55
C GLY RA 67 -96.10 -7.51 -19.16
N ILE RA 68 -95.19 -8.46 -18.95
CA ILE RA 68 -94.56 -8.66 -17.65
C ILE RA 68 -93.49 -7.60 -17.45
N ALA RA 69 -93.58 -6.86 -16.33
CA ALA RA 69 -92.48 -5.99 -15.90
C ALA RA 69 -91.63 -6.63 -14.83
N PHE RA 70 -92.15 -7.61 -14.11
CA PHE RA 70 -91.40 -8.40 -13.15
C PHE RA 70 -92.04 -9.78 -13.07
N PRO RA 71 -91.26 -10.84 -13.23
CA PRO RA 71 -91.85 -12.18 -13.25
C PRO RA 71 -92.42 -12.57 -11.89
N THR RA 72 -93.34 -13.53 -11.92
CA THR RA 72 -93.96 -14.02 -10.70
C THR RA 72 -92.89 -14.68 -9.82
N SER RA 73 -92.80 -14.21 -8.58
CA SER RA 73 -91.76 -14.66 -7.65
C SER RA 73 -92.44 -15.06 -6.34
N ILE RA 74 -92.15 -16.27 -5.88
CA ILE RA 74 -92.74 -16.82 -4.66
C ILE RA 74 -91.61 -17.09 -3.67
N SER RA 75 -91.82 -16.68 -2.42
CA SER RA 75 -90.81 -16.90 -1.38
C SER RA 75 -91.52 -17.40 -0.13
N VAL RA 76 -91.27 -18.64 0.25
CA VAL RA 76 -92.05 -19.32 1.28
C VAL RA 76 -91.17 -19.76 2.45
N ASN RA 77 -91.10 -18.92 3.48
CA ASN RA 77 -90.60 -19.26 4.81
C ASN RA 77 -89.08 -19.45 4.87
N ASN RA 78 -88.41 -19.46 3.73
CA ASN RA 78 -86.97 -19.60 3.74
C ASN RA 78 -86.27 -18.73 2.70
N CYS RA 79 -86.98 -18.17 1.73
CA CYS RA 79 -86.40 -17.36 0.68
C CYS RA 79 -86.82 -15.91 0.87
N VAL RA 80 -85.94 -15.00 0.44
CA VAL RA 80 -86.22 -13.57 0.54
C VAL RA 80 -87.09 -13.15 -0.63
N CYS RA 81 -86.56 -13.24 -1.84
CA CYS RA 81 -87.26 -12.85 -3.06
C CYS RA 81 -86.40 -13.24 -4.25
N HIS RA 82 -86.88 -12.87 -5.44
CA HIS RA 82 -86.27 -13.26 -6.72
C HIS RA 82 -86.19 -14.78 -6.86
N PHE RA 83 -87.25 -15.46 -6.47
CA PHE RA 83 -87.32 -16.92 -6.53
C PHE RA 83 -88.38 -17.32 -7.54
N SER RA 84 -87.98 -18.09 -8.55
CA SER RA 84 -88.91 -18.57 -9.58
C SER RA 84 -88.32 -19.80 -10.26
N PRO RA 85 -88.57 -20.99 -9.72
CA PRO RA 85 -87.85 -22.18 -10.21
C PRO RA 85 -88.35 -22.63 -11.57
N LEU RA 86 -87.46 -23.29 -12.30
CA LEU RA 86 -87.79 -23.82 -13.62
C LEU RA 86 -88.48 -25.17 -13.45
N LYS RA 87 -88.80 -25.81 -14.58
CA LYS RA 87 -89.41 -27.14 -14.52
C LYS RA 87 -88.41 -28.18 -14.04
N SER RA 88 -87.14 -28.02 -14.42
CA SER RA 88 -86.13 -29.00 -14.05
C SER RA 88 -85.82 -28.95 -12.55
N ASP RA 89 -85.91 -27.77 -11.95
CA ASP RA 89 -85.61 -27.63 -10.53
C ASP RA 89 -86.64 -28.36 -9.69
N GLN RA 90 -86.20 -28.84 -8.53
CA GLN RA 90 -87.12 -29.42 -7.55
C GLN RA 90 -88.14 -28.38 -7.11
N ASP RA 91 -89.41 -28.76 -7.14
CA ASP RA 91 -90.47 -27.83 -6.81
C ASP RA 91 -90.67 -27.77 -5.29
N TYR RA 92 -91.41 -26.75 -4.87
CA TYR RA 92 -91.75 -26.56 -3.46
C TYR RA 92 -93.25 -26.74 -3.29
N ILE RA 93 -93.63 -27.67 -2.42
CA ILE RA 93 -95.04 -27.98 -2.18
C ILE RA 93 -95.51 -27.20 -0.97
N LEU RA 94 -96.66 -26.54 -1.09
CA LEU RA 94 -97.18 -25.73 -0.01
C LEU RA 94 -97.77 -26.61 1.07
N LYS RA 95 -97.27 -26.47 2.29
CA LYS RA 95 -97.79 -27.17 3.46
C LYS RA 95 -98.90 -26.34 4.10
N GLU RA 96 -99.30 -26.72 5.30
CA GLU RA 96 -100.31 -26.00 6.05
C GLU RA 96 -99.65 -24.93 6.91
N GLY RA 97 -100.20 -23.73 6.88
CA GLY RA 97 -99.72 -22.67 7.74
C GLY RA 97 -98.50 -21.92 7.27
N ASP RA 98 -98.13 -22.08 6.00
CA ASP RA 98 -97.00 -21.34 5.44
C ASP RA 98 -97.39 -19.90 5.14
N LEU RA 99 -96.46 -18.98 5.37
CA LEU RA 99 -96.60 -17.61 4.90
C LEU RA 99 -95.75 -17.46 3.64
N VAL RA 100 -96.36 -16.98 2.57
CA VAL RA 100 -95.70 -16.87 1.28
C VAL RA 100 -95.65 -15.41 0.87
N LYS RA 101 -94.63 -15.10 0.06
CA LYS RA 101 -94.36 -13.77 -0.43
C LYS RA 101 -94.50 -13.79 -1.94
N ILE RA 102 -95.36 -12.94 -2.47
CA ILE RA 102 -95.66 -12.89 -3.90
C ILE RA 102 -95.11 -11.58 -4.44
N ASP RA 103 -94.39 -11.66 -5.56
CA ASP RA 103 -93.94 -10.48 -6.28
C ASP RA 103 -94.34 -10.62 -7.74
N LEU RA 104 -94.87 -9.54 -8.31
CA LEU RA 104 -95.32 -9.58 -9.69
C LEU RA 104 -95.46 -8.15 -10.20
N GLY RA 105 -95.07 -7.94 -11.45
CA GLY RA 105 -95.13 -6.61 -12.04
C GLY RA 105 -95.64 -6.67 -13.46
N VAL RA 106 -96.32 -5.60 -13.86
CA VAL RA 106 -96.82 -5.46 -15.22
C VAL RA 106 -96.32 -4.13 -15.77
N HIS RA 107 -96.24 -4.04 -17.09
CA HIS RA 107 -95.81 -2.81 -17.74
C HIS RA 107 -96.71 -2.52 -18.93
N VAL RA 108 -97.06 -1.25 -19.06
CA VAL RA 108 -97.77 -0.74 -20.22
C VAL RA 108 -97.01 0.46 -20.74
N ASP RA 109 -96.64 0.42 -22.03
CA ASP RA 109 -95.87 1.47 -22.69
C ASP RA 109 -94.55 1.74 -21.98
N GLY RA 110 -93.94 0.70 -21.42
CA GLY RA 110 -92.70 0.83 -20.68
C GLY RA 110 -92.88 1.26 -19.25
N PHE RA 111 -94.08 1.65 -18.85
CA PHE RA 111 -94.33 2.10 -17.50
C PHE RA 111 -94.69 0.93 -16.60
N ILE RA 112 -94.26 1.00 -15.34
CA ILE RA 112 -94.20 -0.17 -14.46
C ILE RA 112 -95.21 0.00 -13.33
N ALA RA 113 -95.97 -1.06 -13.06
CA ALA RA 113 -96.76 -1.22 -11.85
C ALA RA 113 -96.36 -2.56 -11.26
N ASN RA 114 -95.58 -2.52 -10.18
CA ASN RA 114 -94.96 -3.71 -9.60
C ASN RA 114 -95.34 -3.81 -8.14
N VAL RA 115 -95.87 -4.97 -7.73
CA VAL RA 115 -96.47 -5.15 -6.42
C VAL RA 115 -96.00 -6.46 -5.81
N ALA RA 116 -95.74 -6.43 -4.50
CA ALA RA 116 -95.39 -7.59 -3.71
C ALA RA 116 -96.21 -7.59 -2.43
N HIS RA 117 -96.66 -8.77 -2.02
CA HIS RA 117 -97.54 -8.94 -0.88
C HIS RA 117 -97.21 -10.25 -0.19
N THR RA 118 -97.12 -10.23 1.13
CA THR RA 118 -96.98 -11.45 1.93
C THR RA 118 -98.31 -11.80 2.57
N PHE RA 119 -98.69 -13.08 2.48
CA PHE RA 119 -99.92 -13.56 3.10
C PHE RA 119 -99.73 -15.02 3.50
N VAL RA 120 -100.55 -15.46 4.45
CA VAL RA 120 -100.54 -16.84 4.93
C VAL RA 120 -101.56 -17.65 4.14
N VAL RA 121 -101.21 -18.87 3.80
CA VAL RA 121 -102.06 -19.73 2.98
C VAL RA 121 -102.89 -20.64 3.90
N ASP RA 122 -104.10 -20.98 3.44
CA ASP RA 122 -104.99 -21.92 4.10
C ASP RA 122 -105.33 -21.48 5.54
N VAL RA 123 -106.00 -20.33 5.62
CA VAL RA 123 -106.45 -19.80 6.90
C VAL RA 123 -107.88 -20.25 7.13
N ALA RA 124 -108.12 -20.93 8.26
CA ALA RA 124 -109.45 -21.41 8.58
C ALA RA 124 -110.39 -20.25 8.90
N GLN RA 125 -111.68 -20.53 8.87
CA GLN RA 125 -112.71 -19.53 9.07
C GLN RA 125 -112.97 -19.35 10.56
N GLY RA 126 -112.60 -18.18 11.09
CA GLY RA 126 -112.77 -17.87 12.49
C GLY RA 126 -111.52 -18.04 13.35
N THR RA 127 -110.41 -18.47 12.76
CA THR RA 127 -109.20 -18.70 13.53
C THR RA 127 -108.31 -17.45 13.56
N GLN RA 128 -107.36 -17.45 14.48
CA GLN RA 128 -106.41 -16.36 14.67
C GLN RA 128 -105.00 -16.87 14.43
N VAL RA 129 -104.23 -16.11 13.64
CA VAL RA 129 -102.83 -16.44 13.38
C VAL RA 129 -101.99 -15.84 14.50
N THR RA 130 -101.24 -16.69 15.20
CA THR RA 130 -100.50 -16.29 16.37
C THR RA 130 -99.08 -16.86 16.31
N GLY RA 131 -98.12 -16.06 16.72
CA GLY RA 131 -96.73 -16.47 16.81
C GLY RA 131 -95.81 -15.29 16.64
N ARG RA 132 -94.51 -15.58 16.58
CA ARG RA 132 -93.52 -14.53 16.33
C ARG RA 132 -93.67 -13.99 14.91
N LYS RA 133 -94.19 -14.79 13.99
CA LYS RA 133 -94.43 -14.32 12.63
C LYS RA 133 -95.59 -13.34 12.56
N ALA RA 134 -96.45 -13.31 13.57
CA ALA RA 134 -97.63 -12.45 13.52
C ALA RA 134 -97.29 -10.97 13.61
N ASP RA 135 -96.06 -10.63 14.02
CA ASP RA 135 -95.69 -9.22 14.14
C ASP RA 135 -94.96 -8.68 12.92
N VAL RA 136 -94.24 -9.52 12.18
CA VAL RA 136 -93.40 -9.03 11.10
C VAL RA 136 -94.25 -8.62 9.90
N ILE RA 137 -95.28 -9.40 9.57
CA ILE RA 137 -96.20 -9.02 8.51
C ILE RA 137 -96.94 -7.73 8.87
N LYS RA 138 -97.39 -7.62 10.12
CA LYS RA 138 -98.10 -6.42 10.54
C LYS RA 138 -97.20 -5.20 10.53
N ALA RA 139 -95.94 -5.36 10.93
CA ALA RA 139 -94.98 -4.27 10.85
C ALA RA 139 -94.70 -3.88 9.41
N ALA RA 140 -94.65 -4.85 8.49
CA ALA RA 140 -94.47 -4.53 7.08
C ALA RA 140 -95.66 -3.73 6.54
N HIS RA 141 -96.88 -4.10 6.94
CA HIS RA 141 -98.04 -3.32 6.49
C HIS RA 141 -98.07 -1.93 7.14
N LEU RA 142 -97.59 -1.81 8.38
CA LEU RA 142 -97.45 -0.50 8.99
C LEU RA 142 -96.40 0.33 8.26
N CYS RA 143 -95.31 -0.30 7.81
CA CYS RA 143 -94.36 0.38 6.92
C CYS RA 143 -95.03 0.83 5.64
N ALA RA 144 -95.94 0.00 5.09
CA ALA RA 144 -96.66 0.38 3.89
C ALA RA 144 -97.48 1.64 4.12
N GLU RA 145 -98.23 1.69 5.22
CA GLU RA 145 -99.00 2.89 5.54
C GLU RA 145 -98.09 4.08 5.81
N ALA RA 146 -96.96 3.87 6.48
CA ALA RA 146 -96.00 4.94 6.75
C ALA RA 146 -95.46 5.53 5.46
N ALA RA 147 -95.04 4.66 4.53
CA ALA RA 147 -94.51 5.11 3.26
C ALA RA 147 -95.57 5.84 2.45
N LEU RA 148 -96.81 5.32 2.44
CA LEU RA 148 -97.89 5.99 1.73
C LEU RA 148 -98.14 7.39 2.29
N ARG RA 149 -98.15 7.52 3.62
CA ARG RA 149 -98.44 8.82 4.22
C ARG RA 149 -97.29 9.80 4.00
N LEU RA 150 -96.05 9.31 4.04
CA LEU RA 150 -94.89 10.20 4.08
C LEU RA 150 -94.30 10.47 2.70
N VAL RA 151 -94.68 9.73 1.68
CA VAL RA 151 -94.18 9.98 0.33
C VAL RA 151 -94.80 11.30 -0.15
N LYS RA 152 -93.95 12.31 -0.35
CA LYS RA 152 -94.38 13.67 -0.64
C LYS RA 152 -93.17 14.51 -1.01
N PRO RA 153 -93.31 15.46 -1.94
CA PRO RA 153 -92.19 16.37 -2.25
C PRO RA 153 -91.80 17.20 -1.05
N GLY RA 154 -90.51 17.16 -0.71
CA GLY RA 154 -89.97 17.84 0.45
C GLY RA 154 -89.58 16.92 1.59
N ASN RA 155 -90.06 15.68 1.58
CA ASN RA 155 -89.69 14.70 2.59
C ASN RA 155 -88.55 13.85 2.04
N GLN RA 156 -87.44 13.83 2.76
CA GLN RA 156 -86.21 13.24 2.25
C GLN RA 156 -86.27 11.72 2.25
N ASN RA 157 -85.45 11.12 1.38
CA ASN RA 157 -85.36 9.68 1.27
C ASN RA 157 -84.64 9.03 2.45
N THR RA 158 -83.96 9.81 3.28
CA THR RA 158 -83.35 9.29 4.49
C THR RA 158 -84.30 9.30 5.68
N GLN RA 159 -85.56 9.67 5.47
CA GLN RA 159 -86.55 9.65 6.54
C GLN RA 159 -87.36 8.36 6.54
N VAL RA 160 -87.67 7.83 5.35
CA VAL RA 160 -88.43 6.59 5.26
C VAL RA 160 -87.62 5.42 5.82
N THR RA 161 -86.31 5.43 5.58
CA THR RA 161 -85.47 4.36 6.11
C THR RA 161 -85.46 4.37 7.64
N GLU RA 162 -85.39 5.55 8.25
CA GLU RA 162 -85.38 5.62 9.70
C GLU RA 162 -86.75 5.30 10.28
N ALA RA 163 -87.83 5.69 9.58
CA ALA RA 163 -89.16 5.30 10.04
C ALA RA 163 -89.33 3.79 10.01
N TRP RA 164 -88.84 3.14 8.95
CA TRP RA 164 -88.95 1.68 8.85
C TRP RA 164 -88.10 0.99 9.90
N ASN RA 165 -86.89 1.50 10.15
CA ASN RA 165 -86.07 0.95 11.23
C ASN RA 165 -86.76 1.14 12.58
N LYS RA 166 -87.39 2.29 12.78
CA LYS RA 166 -88.05 2.58 14.05
C LYS RA 166 -89.21 1.63 14.29
N VAL RA 167 -90.06 1.40 13.28
CA VAL RA 167 -91.18 0.49 13.46
C VAL RA 167 -90.68 -0.96 13.58
N ALA RA 168 -89.62 -1.31 12.86
CA ALA RA 168 -89.06 -2.65 12.99
C ALA RA 168 -88.56 -2.90 14.41
N HIS RA 169 -87.83 -1.94 14.97
CA HIS RA 169 -87.36 -2.07 16.34
C HIS RA 169 -88.52 -2.04 17.33
N SER RA 170 -89.57 -1.27 17.03
CA SER RA 170 -90.79 -1.30 17.83
C SER RA 170 -91.46 -2.66 17.79
N PHE RA 171 -91.28 -3.42 16.72
CA PHE RA 171 -91.77 -4.79 16.63
C PHE RA 171 -90.69 -5.82 16.95
N ASN RA 172 -89.52 -5.37 17.41
CA ASN RA 172 -88.43 -6.26 17.84
C ASN RA 172 -87.96 -7.17 16.72
N CYS RA 173 -87.91 -6.62 15.50
CA CYS RA 173 -87.35 -7.30 14.35
C CYS RA 173 -86.53 -6.30 13.55
N THR RA 174 -85.94 -6.77 12.47
CA THR RA 174 -85.10 -5.92 11.63
C THR RA 174 -85.27 -6.33 10.17
N PRO RA 175 -85.18 -5.38 9.24
CA PRO RA 175 -85.23 -5.72 7.82
C PRO RA 175 -83.93 -6.39 7.38
N ILE RA 176 -83.99 -7.01 6.20
CA ILE RA 176 -82.79 -7.56 5.59
C ILE RA 176 -81.86 -6.43 5.21
N GLU RA 177 -80.58 -6.57 5.55
CA GLU RA 177 -79.60 -5.54 5.27
C GLU RA 177 -79.42 -5.33 3.78
N GLY RA 178 -79.43 -4.07 3.36
CA GLY RA 178 -79.09 -3.71 2.00
C GLY RA 178 -80.11 -4.11 0.95
N MET RA 179 -81.30 -3.54 1.00
CA MET RA 179 -82.30 -3.70 -0.04
C MET RA 179 -82.69 -2.33 -0.57
N LEU RA 180 -82.97 -2.26 -1.86
CA LEU RA 180 -83.15 -0.99 -2.55
C LEU RA 180 -84.55 -0.91 -3.16
N SER RA 181 -85.21 0.22 -2.93
CA SER RA 181 -86.36 0.69 -3.68
C SER RA 181 -85.88 1.68 -4.73
N HIS RA 182 -86.70 1.91 -5.76
CA HIS RA 182 -86.26 2.74 -6.87
C HIS RA 182 -87.36 3.70 -7.32
N GLN RA 183 -86.92 4.74 -8.03
CA GLN RA 183 -87.83 5.60 -8.76
C GLN RA 183 -88.05 5.02 -10.15
N LEU RA 184 -89.31 4.84 -10.51
CA LEU RA 184 -89.69 4.09 -11.71
C LEU RA 184 -90.13 5.09 -12.78
N LYS RA 185 -89.47 5.04 -13.94
CA LYS RA 185 -89.84 5.85 -15.09
C LYS RA 185 -89.98 4.94 -16.29
N GLN RA 186 -90.23 5.53 -17.46
CA GLN RA 186 -90.52 4.75 -18.64
C GLN RA 186 -89.31 3.93 -19.05
N HIS RA 187 -89.54 2.62 -19.25
CA HIS RA 187 -88.50 1.68 -19.69
C HIS RA 187 -87.32 1.65 -18.73
N VAL RA 188 -87.58 1.88 -17.45
CA VAL RA 188 -86.55 1.84 -16.42
C VAL RA 188 -87.15 1.18 -15.17
N ILE RA 189 -86.41 0.23 -14.59
CA ILE RA 189 -86.83 -0.41 -13.36
C ILE RA 189 -85.74 -0.23 -12.29
N ASP RA 190 -84.59 0.30 -12.70
CA ASP RA 190 -83.43 0.44 -11.83
C ASP RA 190 -82.93 1.87 -11.86
N GLY RA 191 -83.85 2.81 -11.63
CA GLY RA 191 -83.54 4.21 -11.80
C GLY RA 191 -82.49 4.71 -10.83
N GLU RA 192 -81.90 5.86 -11.20
CA GLU RA 192 -80.81 6.42 -10.42
C GLU RA 192 -81.26 6.80 -9.01
N LYS RA 193 -82.49 7.32 -8.88
CA LYS RA 193 -82.99 7.72 -7.57
C LYS RA 193 -83.37 6.47 -6.78
N THR RA 194 -82.59 6.20 -5.73
CA THR RA 194 -82.74 4.98 -4.97
C THR RA 194 -83.08 5.30 -3.51
N ILE RA 195 -83.92 4.44 -2.94
CA ILE RA 195 -84.28 4.47 -1.54
C ILE RA 195 -83.71 3.21 -0.92
N ILE RA 196 -83.23 3.31 0.32
CA ILE RA 196 -82.48 2.21 0.91
C ILE RA 196 -83.17 1.76 2.19
N GLN RA 197 -83.12 0.45 2.45
CA GLN RA 197 -83.80 -0.15 3.59
C GLN RA 197 -82.77 -0.84 4.48
N ASN RA 198 -82.79 -0.50 5.77
CA ASN RA 198 -81.88 -1.01 6.79
C ASN RA 198 -80.43 -0.97 6.31
N PRO RA 199 -79.81 0.20 6.20
CA PRO RA 199 -78.47 0.29 5.63
C PRO RA 199 -77.40 0.09 6.70
N THR RA 200 -76.16 -0.06 6.23
CA THR RA 200 -74.98 0.01 7.08
C THR RA 200 -74.04 1.07 6.53
N ASP RA 201 -72.81 1.10 7.04
CA ASP RA 201 -71.88 2.19 6.69
C ASP RA 201 -71.57 2.21 5.19
N GLN RA 202 -71.30 1.05 4.61
CA GLN RA 202 -70.89 1.00 3.21
C GLN RA 202 -72.01 1.44 2.29
N GLN RA 203 -73.21 0.92 2.50
CA GLN RA 203 -74.35 1.29 1.68
C GLN RA 203 -74.79 2.73 1.93
N LYS RA 204 -74.60 3.24 3.15
CA LYS RA 204 -74.94 4.63 3.43
C LYS RA 204 -73.96 5.58 2.76
N LYS RA 205 -72.67 5.25 2.75
CA LYS RA 205 -71.70 6.11 2.08
C LYS RA 205 -71.78 5.97 0.57
N ASP RA 206 -72.28 4.85 0.06
CA ASP RA 206 -72.53 4.72 -1.37
C ASP RA 206 -73.91 5.22 -1.79
N HIS RA 207 -74.78 5.51 -0.84
CA HIS RA 207 -76.12 6.01 -1.13
C HIS RA 207 -76.10 7.52 -1.35
N GLU RA 208 -77.12 8.00 -2.06
CA GLU RA 208 -77.26 9.40 -2.37
C GLU RA 208 -78.37 10.02 -1.52
N LYS RA 209 -78.31 11.35 -1.43
CA LYS RA 209 -79.34 12.15 -0.77
C LYS RA 209 -80.16 12.86 -1.82
N ALA RA 210 -81.48 12.75 -1.74
CA ALA RA 210 -82.34 13.37 -2.74
C ALA RA 210 -83.66 13.77 -2.11
N GLU RA 211 -84.34 14.69 -2.78
CA GLU RA 211 -85.62 15.23 -2.35
C GLU RA 211 -86.71 14.76 -3.31
N PHE RA 212 -87.82 14.30 -2.74
CA PHE RA 212 -88.89 13.72 -3.55
C PHE RA 212 -89.45 14.76 -4.51
N GLU RA 213 -89.69 14.34 -5.76
CA GLU RA 213 -90.09 15.26 -6.81
C GLU RA 213 -91.50 14.94 -7.29
N VAL RA 214 -92.09 15.90 -7.99
CA VAL RA 214 -93.45 15.78 -8.50
C VAL RA 214 -93.43 15.04 -9.83
N HIS RA 215 -94.56 14.42 -10.16
CA HIS RA 215 -94.74 13.67 -11.41
C HIS RA 215 -93.71 12.56 -11.56
N GLU RA 216 -93.73 11.63 -10.62
CA GLU RA 216 -92.86 10.47 -10.70
C GLU RA 216 -93.46 9.32 -9.90
N VAL RA 217 -93.06 8.11 -10.28
CA VAL RA 217 -93.53 6.89 -9.64
C VAL RA 217 -92.41 6.34 -8.76
N TYR RA 218 -92.78 5.82 -7.59
CA TYR RA 218 -91.85 5.11 -6.72
C TYR RA 218 -92.31 3.68 -6.56
N ALA RA 219 -91.35 2.76 -6.38
CA ALA RA 219 -91.68 1.41 -5.93
C ALA RA 219 -91.08 1.26 -4.54
N VAL RA 220 -91.83 1.69 -3.53
CA VAL RA 220 -91.38 1.62 -2.15
C VAL RA 220 -91.55 0.21 -1.63
N ASP RA 221 -90.48 -0.36 -1.09
CA ASP RA 221 -90.43 -1.76 -0.70
C ASP RA 221 -90.10 -1.88 0.78
N VAL RA 222 -90.93 -2.63 1.50
CA VAL RA 222 -90.62 -3.09 2.85
C VAL RA 222 -90.39 -4.59 2.79
N LEU RA 223 -89.31 -5.04 3.41
CA LEU RA 223 -88.88 -6.43 3.34
C LEU RA 223 -88.18 -6.73 4.66
N VAL RA 224 -88.87 -7.39 5.56
CA VAL RA 224 -88.45 -7.48 6.96
C VAL RA 224 -88.42 -8.93 7.41
N SER RA 225 -87.33 -9.33 8.04
CA SER RA 225 -87.20 -10.66 8.63
C SER RA 225 -87.40 -10.56 10.14
N SER RA 226 -87.63 -11.71 10.76
CA SER RA 226 -87.84 -11.77 12.20
C SER RA 226 -86.62 -12.28 12.95
N GLY RA 227 -85.49 -12.45 12.27
CA GLY RA 227 -84.31 -12.99 12.91
C GLY RA 227 -83.20 -11.97 13.13
N GLU RA 228 -82.18 -12.01 12.28
CA GLU RA 228 -81.05 -11.11 12.40
C GLU RA 228 -80.96 -10.11 11.25
N GLY RA 229 -81.56 -10.40 10.11
CA GLY RA 229 -81.52 -9.49 8.98
C GLY RA 229 -80.42 -9.78 7.98
N LYS RA 230 -79.76 -10.93 8.07
CA LYS RA 230 -78.67 -11.27 7.17
C LYS RA 230 -79.08 -12.42 6.27
N ALA RA 231 -78.57 -12.40 5.03
CA ALA RA 231 -78.93 -13.41 4.05
C ALA RA 231 -77.71 -13.75 3.20
N LYS RA 232 -77.75 -14.95 2.62
CA LYS RA 232 -76.68 -15.42 1.75
C LYS RA 232 -77.31 -16.34 0.71
N ASP RA 233 -76.48 -17.14 0.04
CA ASP RA 233 -76.96 -18.10 -0.95
C ASP RA 233 -76.63 -19.52 -0.51
N ALA RA 234 -77.47 -20.46 -0.93
CA ALA RA 234 -77.36 -21.86 -0.53
C ALA RA 234 -77.14 -22.75 -1.74
N GLY RA 235 -76.43 -22.25 -2.73
CA GLY RA 235 -76.10 -23.02 -3.91
C GLY RA 235 -77.29 -23.39 -4.79
N GLN RA 236 -78.21 -22.45 -4.99
CA GLN RA 236 -79.36 -22.68 -5.84
C GLN RA 236 -79.27 -21.76 -7.06
N ARG RA 237 -79.83 -22.23 -8.17
CA ARG RA 237 -79.74 -21.54 -9.44
C ARG RA 237 -80.44 -20.18 -9.39
N THR RA 238 -79.78 -19.18 -9.97
CA THR RA 238 -80.40 -17.87 -10.16
C THR RA 238 -81.31 -17.92 -11.38
N THR RA 239 -82.53 -17.42 -11.24
CA THR RA 239 -83.54 -17.55 -12.28
C THR RA 239 -84.00 -16.24 -12.88
N ILE RA 240 -83.69 -15.11 -12.26
CA ILE RA 240 -84.17 -13.81 -12.73
C ILE RA 240 -82.98 -13.00 -13.22
N TYR RA 241 -83.07 -12.50 -14.44
CA TYR RA 241 -82.06 -11.64 -15.01
C TYR RA 241 -82.73 -10.48 -15.71
N LYS RA 242 -82.03 -9.36 -15.81
CA LYS RA 242 -82.55 -8.21 -16.55
C LYS RA 242 -81.48 -7.66 -17.47
N ARG RA 243 -81.86 -7.36 -18.70
CA ARG RA 243 -80.91 -6.86 -19.69
C ARG RA 243 -80.50 -5.45 -19.32
N ASP RA 244 -79.20 -5.20 -19.26
CA ASP RA 244 -78.70 -3.85 -18.98
C ASP RA 244 -78.44 -3.16 -20.31
N PRO RA 245 -79.19 -2.11 -20.65
CA PRO RA 245 -78.99 -1.43 -21.94
C PRO RA 245 -77.81 -0.47 -21.96
N SER RA 246 -77.04 -0.38 -20.88
CA SER RA 246 -75.90 0.53 -20.85
C SER RA 246 -74.73 -0.04 -21.65
N LYS RA 247 -74.23 -1.19 -21.25
CA LYS RA 247 -73.00 -1.73 -21.79
C LYS RA 247 -73.26 -2.82 -22.81
N GLN RA 248 -72.26 -3.04 -23.67
CA GLN RA 248 -72.36 -3.95 -24.81
C GLN RA 248 -71.10 -4.79 -24.90
N TYR RA 249 -71.28 -6.05 -25.31
CA TYR RA 249 -70.13 -6.91 -25.58
C TYR RA 249 -70.49 -7.83 -26.73
N GLY RA 250 -69.49 -8.17 -27.55
CA GLY RA 250 -69.71 -9.08 -28.65
C GLY RA 250 -69.76 -10.55 -28.27
N LEU RA 251 -70.96 -11.13 -28.25
CA LEU RA 251 -71.12 -12.51 -27.83
C LEU RA 251 -70.62 -13.47 -28.92
N LYS RA 252 -69.74 -14.38 -28.54
CA LYS RA 252 -69.07 -15.25 -29.49
C LYS RA 252 -69.73 -16.61 -29.66
N MET RA 253 -70.87 -16.84 -29.02
CA MET RA 253 -71.57 -18.11 -29.14
C MET RA 253 -72.94 -17.92 -29.78
N LYS RA 254 -73.30 -18.84 -30.66
CA LYS RA 254 -74.58 -18.77 -31.34
C LYS RA 254 -75.75 -18.90 -30.37
N THR RA 255 -75.64 -19.81 -29.40
CA THR RA 255 -76.72 -19.99 -28.43
C THR RA 255 -76.91 -18.75 -27.58
N SER RA 256 -75.82 -18.17 -27.08
CA SER RA 256 -75.91 -16.94 -26.29
C SER RA 256 -76.45 -15.80 -27.14
N ARG RA 257 -76.07 -15.74 -28.40
CA ARG RA 257 -76.50 -14.66 -29.26
C ARG RA 257 -77.99 -14.75 -29.54
N ALA RA 258 -78.49 -15.95 -29.84
CA ALA RA 258 -79.92 -16.15 -30.04
C ALA RA 258 -80.69 -15.88 -28.76
N PHE RA 259 -80.17 -16.32 -27.61
CA PHE RA 259 -80.82 -16.08 -26.35
C PHE RA 259 -80.92 -14.59 -26.04
N PHE RA 260 -79.83 -13.85 -26.29
CA PHE RA 260 -79.83 -12.41 -26.04
C PHE RA 260 -80.78 -11.69 -26.98
N SER RA 261 -80.84 -12.10 -28.25
CA SER RA 261 -81.78 -11.49 -29.16
C SER RA 261 -83.22 -11.75 -28.75
N GLU RA 262 -83.53 -12.97 -28.31
CA GLU RA 262 -84.87 -13.27 -27.83
C GLU RA 262 -85.20 -12.45 -26.59
N VAL RA 263 -84.23 -12.25 -25.70
CA VAL RA 263 -84.41 -11.40 -24.53
C VAL RA 263 -84.73 -9.97 -24.97
N GLU RA 264 -84.01 -9.47 -25.97
CA GLU RA 264 -84.28 -8.12 -26.47
C GLU RA 264 -85.68 -8.03 -27.07
N ARG RA 265 -86.11 -9.07 -27.77
CA ARG RA 265 -87.43 -9.05 -28.39
C ARG RA 265 -88.55 -9.08 -27.38
N ARG RA 266 -88.43 -9.88 -26.33
CA ARG RA 266 -89.54 -10.09 -25.40
C ARG RA 266 -89.45 -9.26 -24.12
N PHE RA 267 -88.28 -9.20 -23.50
CA PHE RA 267 -88.10 -8.56 -22.20
C PHE RA 267 -86.98 -7.54 -22.28
N ASP RA 268 -87.09 -6.65 -23.28
CA ASP RA 268 -86.01 -5.76 -23.72
C ASP RA 268 -85.17 -5.17 -22.59
N ALA RA 269 -85.80 -4.55 -21.61
CA ALA RA 269 -85.08 -4.06 -20.44
C ALA RA 269 -85.69 -4.52 -19.12
N MET RA 270 -86.87 -5.12 -19.14
CA MET RA 270 -87.52 -5.54 -17.92
C MET RA 270 -86.98 -6.88 -17.45
N PRO RA 271 -86.99 -7.13 -16.14
CA PRO RA 271 -86.56 -8.43 -15.64
C PRO RA 271 -87.44 -9.56 -16.16
N PHE RA 272 -86.82 -10.71 -16.39
CA PHE RA 272 -87.50 -11.88 -16.89
C PHE RA 272 -87.09 -13.09 -16.06
N THR RA 273 -87.62 -14.25 -16.44
CA THR RA 273 -87.25 -15.52 -15.83
C THR RA 273 -86.84 -16.48 -16.92
N LEU RA 274 -85.96 -17.42 -16.56
CA LEU RA 274 -85.51 -18.43 -17.51
C LEU RA 274 -86.61 -19.45 -17.82
N ARG RA 275 -87.71 -19.42 -17.09
CA ARG RA 275 -88.86 -20.27 -17.39
C ARG RA 275 -89.50 -19.92 -18.71
N ALA RA 276 -89.31 -18.71 -19.20
CA ALA RA 276 -89.98 -18.23 -20.42
C ALA RA 276 -89.31 -18.73 -21.70
N PHE RA 277 -88.45 -19.74 -21.61
CA PHE RA 277 -87.76 -20.23 -22.78
C PHE RA 277 -87.97 -21.73 -22.96
N GLU RA 280 -85.08 -23.31 -22.64
CA GLU RA 280 -84.57 -23.75 -21.36
C GLU RA 280 -83.22 -24.43 -21.54
N LYS RA 281 -83.20 -25.43 -22.41
CA LYS RA 281 -81.99 -26.18 -22.69
C LYS RA 281 -80.88 -25.25 -23.17
N LYS RA 282 -81.18 -24.40 -24.14
CA LYS RA 282 -80.20 -23.45 -24.64
C LYS RA 282 -80.20 -22.15 -23.86
N ALA RA 283 -81.29 -21.83 -23.17
CA ALA RA 283 -81.32 -20.61 -22.35
C ALA RA 283 -80.33 -20.70 -21.20
N ARG RA 284 -80.29 -21.85 -20.54
CA ARG RA 284 -79.37 -22.01 -19.41
C ARG RA 284 -77.92 -21.92 -19.85
N MET RA 285 -77.65 -22.19 -21.12
CA MET RA 285 -76.28 -22.05 -21.60
C MET RA 285 -75.99 -20.63 -22.08
N GLY RA 286 -76.94 -20.00 -22.75
CA GLY RA 286 -76.73 -18.63 -23.19
C GLY RA 286 -76.59 -17.65 -22.06
N VAL RA 287 -77.30 -17.88 -20.96
CA VAL RA 287 -77.31 -16.91 -19.88
C VAL RA 287 -75.94 -16.78 -19.22
N VAL RA 288 -75.14 -17.85 -19.20
CA VAL RA 288 -73.87 -17.77 -18.49
C VAL RA 288 -72.89 -16.86 -19.25
N GLU RA 289 -72.83 -16.99 -20.58
CA GLU RA 289 -72.02 -16.10 -21.39
C GLU RA 289 -72.56 -14.68 -21.37
N CYS RA 290 -73.88 -14.52 -21.36
CA CYS RA 290 -74.44 -13.16 -21.33
C CYS RA 290 -74.13 -12.47 -20.01
N ALA RA 291 -74.27 -13.18 -18.88
CA ALA RA 291 -74.06 -12.57 -17.58
C ALA RA 291 -72.59 -12.50 -17.20
N LYS RA 292 -71.71 -13.22 -17.90
CA LYS RA 292 -70.29 -13.09 -17.64
C LYS RA 292 -69.79 -11.68 -17.94
N HIS RA 293 -70.29 -11.09 -19.02
CA HIS RA 293 -69.85 -9.76 -19.45
C HIS RA 293 -70.80 -8.65 -19.03
N GLU RA 294 -71.57 -8.87 -17.96
CA GLU RA 294 -72.47 -7.87 -17.38
C GLU RA 294 -73.48 -7.35 -18.39
N LEU RA 295 -73.93 -8.22 -19.29
CA LEU RA 295 -75.05 -7.88 -20.16
C LEU RA 295 -76.39 -8.07 -19.47
N LEU RA 296 -76.47 -8.98 -18.50
CA LEU RA 296 -77.68 -9.18 -17.70
C LEU RA 296 -77.33 -9.07 -16.22
N GLN RA 297 -77.99 -8.15 -15.54
CA GLN RA 297 -77.90 -8.09 -14.09
C GLN RA 297 -78.69 -9.24 -13.49
N PRO RA 298 -78.08 -10.06 -12.63
CA PRO RA 298 -78.83 -11.15 -12.02
C PRO RA 298 -79.55 -10.70 -10.76
N PHE RA 299 -80.57 -11.47 -10.39
CA PHE RA 299 -81.31 -11.27 -9.15
C PHE RA 299 -81.22 -12.58 -8.37
N ASN RA 300 -80.18 -12.70 -7.55
CA ASN RA 300 -79.90 -13.94 -6.86
C ASN RA 300 -80.94 -14.24 -5.79
N VAL RA 301 -81.12 -15.51 -5.52
CA VAL RA 301 -81.96 -15.94 -4.40
C VAL RA 301 -81.19 -15.77 -3.11
N LEU RA 302 -81.81 -15.11 -2.14
CA LEU RA 302 -81.22 -14.88 -0.83
C LEU RA 302 -81.99 -15.71 0.20
N TYR RA 303 -81.27 -16.40 1.06
CA TYR RA 303 -81.86 -17.24 2.08
C TYR RA 303 -81.56 -16.71 3.47
N GLU RA 304 -82.57 -16.68 4.32
CA GLU RA 304 -82.39 -16.43 5.74
C GLU RA 304 -82.03 -17.74 6.44
N LYS RA 305 -81.86 -17.68 7.76
CA LYS RA 305 -81.53 -18.88 8.52
C LYS RA 305 -82.72 -19.82 8.54
N GLU RA 306 -82.43 -21.11 8.71
CA GLU RA 306 -83.47 -22.13 8.67
C GLU RA 306 -84.43 -21.96 9.83
N GLY RA 307 -85.73 -21.98 9.53
CA GLY RA 307 -86.75 -21.79 10.53
C GLY RA 307 -87.14 -20.35 10.78
N GLU RA 308 -86.55 -19.40 10.08
CA GLU RA 308 -86.90 -18.00 10.24
C GLU RA 308 -88.08 -17.62 9.34
N PHE RA 309 -88.63 -16.44 9.60
CA PHE RA 309 -89.81 -15.96 8.90
C PHE RA 309 -89.59 -14.52 8.44
N VAL RA 310 -89.89 -14.28 7.17
CA VAL RA 310 -89.64 -12.98 6.53
C VAL RA 310 -90.88 -12.60 5.73
N ALA RA 311 -91.20 -11.31 5.73
CA ALA RA 311 -92.37 -10.77 5.07
C ALA RA 311 -91.97 -9.62 4.15
N GLN RA 312 -92.90 -9.22 3.29
CA GLN RA 312 -92.62 -8.23 2.26
C GLN RA 312 -93.92 -7.60 1.78
N PHE RA 313 -93.86 -6.28 1.55
CA PHE RA 313 -94.88 -5.54 0.81
C PHE RA 313 -94.17 -4.55 -0.09
N LYS RA 314 -94.80 -4.24 -1.21
CA LYS RA 314 -94.24 -3.27 -2.17
C LYS RA 314 -95.33 -2.91 -3.16
N PHE RA 315 -95.34 -1.66 -3.58
CA PHE RA 315 -96.42 -1.14 -4.42
C PHE RA 315 -95.99 0.18 -5.03
N THR RA 316 -96.32 0.36 -6.30
CA THR RA 316 -95.97 1.57 -7.03
C THR RA 316 -96.91 2.71 -6.63
N VAL RA 317 -96.32 3.79 -6.12
CA VAL RA 317 -97.06 4.96 -5.69
C VAL RA 317 -96.66 6.11 -6.59
N LEU RA 318 -97.65 6.74 -7.21
CA LEU RA 318 -97.40 7.94 -7.99
C LEU RA 318 -97.41 9.13 -7.05
N LEU RA 319 -96.64 10.16 -7.37
CA LEU RA 319 -96.56 11.34 -6.53
C LEU RA 319 -97.13 12.53 -7.30
N MET RA 320 -98.37 12.90 -6.99
CA MET RA 320 -99.04 14.04 -7.59
C MET RA 320 -99.02 15.22 -6.62
N PRO RA 321 -99.17 16.45 -7.12
CA PRO RA 321 -98.96 17.62 -6.25
C PRO RA 321 -99.85 17.69 -5.01
N ASN RA 322 -101.08 17.15 -5.07
CA ASN RA 322 -102.01 17.25 -3.96
C ASN RA 322 -102.34 15.89 -3.35
N GLY RA 323 -101.33 15.05 -3.13
CA GLY RA 323 -101.51 13.84 -2.36
C GLY RA 323 -101.32 12.56 -3.17
N PRO RA 324 -100.34 11.77 -2.78
CA PRO RA 324 -100.06 10.52 -3.51
C PRO RA 324 -101.19 9.52 -3.37
N MET RA 325 -101.32 8.66 -4.38
CA MET RA 325 -102.33 7.63 -4.38
C MET RA 325 -101.67 6.28 -4.62
N ARG RA 326 -102.34 5.22 -4.14
CA ARG RA 326 -101.87 3.85 -4.29
C ARG RA 326 -102.65 3.18 -5.41
N ILE RA 327 -101.93 2.57 -6.34
CA ILE RA 327 -102.59 1.90 -7.47
C ILE RA 327 -102.61 0.38 -7.32
N THR RA 328 -101.71 -0.20 -6.53
CA THR RA 328 -101.67 -1.64 -6.28
C THR RA 328 -101.72 -1.88 -4.78
N SER RA 329 -102.69 -2.67 -4.34
CA SER RA 329 -102.89 -2.93 -2.92
C SER RA 329 -103.04 -4.43 -2.69
N GLY RA 330 -102.52 -4.90 -1.55
CA GLY RA 330 -102.61 -6.29 -1.18
C GLY RA 330 -103.73 -6.54 -0.21
N PRO RA 331 -104.27 -7.77 -0.22
CA PRO RA 331 -105.40 -8.13 0.67
C PRO RA 331 -104.98 -8.54 2.08
N PHE RA 332 -104.68 -7.54 2.91
CA PHE RA 332 -104.31 -7.76 4.31
C PHE RA 332 -105.38 -7.19 5.21
N GLU RA 333 -105.88 -8.03 6.14
CA GLU RA 333 -106.97 -7.66 7.02
C GLU RA 333 -106.52 -7.69 8.47
N PRO RA 334 -106.86 -6.67 9.26
CA PRO RA 334 -106.48 -6.69 10.68
C PRO RA 334 -107.35 -7.60 11.54
N ASP RA 335 -108.53 -8.00 11.06
CA ASP RA 335 -109.39 -8.86 11.86
C ASP RA 335 -108.80 -10.25 12.01
N LEU RA 336 -108.26 -10.80 10.93
CA LEU RA 336 -107.70 -12.14 10.90
C LEU RA 336 -106.21 -12.17 11.21
N TYR RA 337 -105.65 -11.06 11.66
CA TYR RA 337 -104.20 -10.99 11.89
C TYR RA 337 -103.94 -9.94 12.97
N LYS RA 338 -103.46 -10.38 14.12
CA LYS RA 338 -103.12 -9.49 15.21
C LYS RA 338 -101.71 -9.81 15.71
N SER RA 339 -101.19 -8.94 16.56
CA SER RA 339 -99.87 -9.10 17.15
C SER RA 339 -99.96 -8.93 18.65
N GLU RA 340 -98.96 -9.44 19.36
CA GLU RA 340 -98.87 -9.30 20.81
C GLU RA 340 -98.20 -8.00 21.23
N MET RA 341 -97.78 -7.17 20.29
CA MET RA 341 -97.13 -5.91 20.60
C MET RA 341 -97.56 -4.88 19.55
N GLU RA 342 -97.73 -3.63 19.98
CA GLU RA 342 -98.21 -2.56 19.13
C GLU RA 342 -97.15 -1.45 19.03
N VAL RA 343 -97.55 -0.35 18.42
CA VAL RA 343 -96.65 0.80 18.22
C VAL RA 343 -96.55 1.60 19.50
N GLN RA 344 -95.32 1.85 19.96
CA GLN RA 344 -95.07 2.65 21.15
C GLN RA 344 -94.53 4.04 20.83
N ASP RA 345 -94.62 4.48 19.57
CA ASP RA 345 -94.08 5.77 19.16
C ASP RA 345 -95.23 6.71 18.80
N ALA RA 346 -95.23 7.90 19.39
CA ALA RA 346 -96.30 8.86 19.14
C ALA RA 346 -96.31 9.33 17.69
N GLU RA 347 -95.13 9.62 17.14
CA GLU RA 347 -95.05 10.05 15.75
C GLU RA 347 -95.49 8.94 14.80
N LEU RA 348 -95.11 7.70 15.10
CA LEU RA 348 -95.54 6.56 14.30
C LEU RA 348 -97.05 6.38 14.36
N LYS RA 349 -97.64 6.55 15.53
CA LYS RA 349 -99.10 6.51 15.62
C LYS RA 349 -99.73 7.62 14.78
N ALA RA 350 -99.14 8.82 14.83
CA ALA RA 350 -99.66 9.95 14.06
C ALA RA 350 -99.63 9.66 12.57
N LEU RA 351 -98.55 9.05 12.08
CA LEU RA 351 -98.47 8.77 10.65
C LEU RA 351 -99.34 7.59 10.25
N LEU RA 352 -99.52 6.60 11.12
CA LEU RA 352 -100.33 5.45 10.72
C LEU RA 352 -101.83 5.74 10.79
N GLN RA 353 -102.27 6.60 11.71
CA GLN RA 353 -103.68 6.91 11.83
C GLN RA 353 -104.17 7.87 10.75
N SER RA 354 -103.27 8.50 10.00
CA SER RA 354 -103.64 9.42 8.94
C SER RA 354 -103.61 8.68 7.61
N SER RA 355 -104.79 8.47 7.03
CA SER RA 355 -104.89 7.79 5.74
C SER RA 355 -104.72 8.78 4.60
N ALA RA 356 -104.20 8.27 3.48
CA ALA RA 356 -103.97 9.10 2.30
C ALA RA 356 -105.14 9.02 1.33
N MET SA 1 29.28 59.84 -86.56
CA MET SA 1 30.46 59.13 -85.96
C MET SA 1 30.01 58.30 -84.76
N ALA SA 2 30.59 57.11 -84.59
CA ALA SA 2 30.17 56.22 -83.51
C ALA SA 2 30.36 56.92 -82.15
N VAL SA 3 29.23 57.37 -81.59
CA VAL SA 3 29.17 57.69 -80.17
C VAL SA 3 28.75 56.38 -79.46
N ARG SA 4 29.42 56.04 -78.35
CA ARG SA 4 28.95 55.01 -77.43
C ARG SA 4 27.89 55.63 -76.53
N ALA SA 5 26.92 54.82 -76.12
CA ALA SA 5 25.91 55.27 -75.19
C ALA SA 5 25.40 54.09 -74.35
N SER SA 6 24.64 54.38 -73.29
CA SER SA 6 23.95 53.35 -72.54
C SER SA 6 22.59 53.86 -72.08
N PHE SA 7 21.56 53.00 -72.11
CA PHE SA 7 20.31 53.42 -71.53
C PHE SA 7 20.34 52.81 -70.16
N GLU SA 8 20.23 53.64 -69.12
CA GLU SA 8 20.13 53.12 -67.76
C GLU SA 8 21.04 51.91 -67.57
N ASN SA 9 22.34 52.14 -67.76
CA ASN SA 9 23.41 51.17 -67.55
C ASN SA 9 23.24 49.90 -68.37
N ASN SA 10 22.39 49.96 -69.39
CA ASN SA 10 22.26 48.80 -70.28
C ASN SA 10 22.84 49.18 -71.66
N CYS SA 11 23.70 48.32 -72.22
CA CYS SA 11 24.37 48.61 -73.49
C CYS SA 11 23.47 48.36 -74.71
N GLU SA 12 22.35 47.66 -74.54
CA GLU SA 12 21.53 47.30 -75.69
C GLU SA 12 20.76 48.50 -76.21
N ILE SA 13 21.45 49.48 -76.80
CA ILE SA 13 20.77 50.74 -77.12
C ILE SA 13 19.91 50.60 -78.37
N GLY SA 14 20.02 49.45 -79.04
CA GLY SA 14 19.13 49.13 -80.13
C GLY SA 14 17.73 48.76 -79.62
N CYS SA 15 17.65 48.29 -78.37
CA CYS SA 15 16.35 48.07 -77.76
C CYS SA 15 15.64 49.38 -77.38
N PHE SA 16 16.39 50.45 -77.08
CA PHE SA 16 15.73 51.63 -76.54
C PHE SA 16 15.72 52.84 -77.46
N ALA SA 17 16.06 52.69 -78.76
CA ALA SA 17 15.92 53.78 -79.72
C ALA SA 17 15.55 53.27 -81.10
N LYS SA 18 14.99 54.13 -81.94
CA LYS SA 18 14.85 53.85 -83.35
C LYS SA 18 15.31 55.10 -84.06
N LEU SA 19 16.39 55.00 -84.84
CA LEU SA 19 16.85 56.13 -85.65
C LEU SA 19 16.43 55.86 -87.08
N THR SA 20 15.89 56.88 -87.73
CA THR SA 20 15.73 56.90 -89.17
C THR SA 20 16.29 58.24 -89.61
N ASN SA 21 16.54 58.45 -90.92
CA ASN SA 21 17.13 59.71 -91.36
C ASN SA 21 16.30 60.95 -91.00
N THR SA 22 15.11 60.78 -90.41
CA THR SA 22 14.16 61.86 -90.30
C THR SA 22 13.65 61.99 -88.87
N TYR SA 23 13.58 60.87 -88.17
CA TYR SA 23 13.10 61.01 -86.81
C TYR SA 23 13.91 60.08 -85.95
N CYS SA 24 13.81 60.34 -84.66
CA CYS SA 24 14.48 59.48 -83.72
C CYS SA 24 13.57 59.19 -82.53
N LEU SA 25 13.07 57.93 -82.45
CA LEU SA 25 12.27 57.49 -81.31
C LEU SA 25 13.20 57.08 -80.17
N VAL SA 26 12.91 57.56 -78.98
CA VAL SA 26 13.79 57.14 -77.91
C VAL SA 26 12.91 56.71 -76.72
N ALA SA 27 13.38 55.78 -75.90
CA ALA SA 27 12.50 55.21 -74.90
C ALA SA 27 12.29 56.18 -73.74
N ILE SA 28 11.23 55.94 -72.95
CA ILE SA 28 10.74 56.89 -71.96
C ILE SA 28 11.39 56.72 -70.61
N GLY SA 29 11.74 55.50 -70.21
CA GLY SA 29 12.17 55.34 -68.82
C GLY SA 29 13.53 55.96 -68.47
N GLY SA 30 14.10 56.75 -69.37
CA GLY SA 30 15.53 57.03 -69.25
C GLY SA 30 15.75 58.33 -68.49
N SER SA 31 16.93 58.95 -68.65
CA SER SA 31 17.27 60.08 -67.78
C SER SA 31 18.49 60.88 -68.29
N GLU SA 32 18.23 61.83 -69.20
CA GLU SA 32 19.19 62.87 -69.62
C GLU SA 32 20.46 62.27 -70.20
N ASN SA 33 21.24 61.56 -69.36
CA ASN SA 33 22.52 61.05 -69.82
C ASN SA 33 22.39 60.35 -71.18
N PHE SA 34 21.20 59.80 -71.47
CA PHE SA 34 20.96 59.03 -72.68
C PHE SA 34 20.28 59.94 -73.71
N TYR SA 35 19.25 60.68 -73.25
CA TYR SA 35 18.46 61.50 -74.16
C TYR SA 35 19.38 62.50 -74.80
N SER SA 36 20.29 63.04 -73.98
CA SER SA 36 21.23 64.01 -74.45
C SER SA 36 21.93 63.40 -75.67
N VAL SA 37 22.80 62.42 -75.41
CA VAL SA 37 23.62 61.85 -76.44
C VAL SA 37 22.87 61.85 -77.77
N PHE SA 38 21.56 61.54 -77.74
CA PHE SA 38 20.78 61.60 -78.97
C PHE SA 38 20.71 63.06 -79.44
N GLU SA 39 19.92 63.88 -78.72
CA GLU SA 39 19.66 65.29 -79.03
C GLU SA 39 20.95 66.02 -79.43
N GLY SA 40 21.98 65.92 -78.58
CA GLY SA 40 23.31 66.36 -78.95
C GLY SA 40 23.67 65.91 -80.37
N GLU SA 41 24.15 64.66 -80.48
CA GLU SA 41 24.81 64.20 -81.69
C GLU SA 41 23.89 64.18 -82.91
N LEU SA 42 22.60 64.44 -82.70
CA LEU SA 42 21.72 64.36 -83.84
C LEU SA 42 21.72 65.68 -84.59
N SER SA 43 21.31 65.62 -85.86
CA SER SA 43 21.63 66.66 -86.83
C SER SA 43 20.56 67.76 -86.80
N ASP SA 44 20.16 68.16 -85.58
CA ASP SA 44 19.37 69.33 -85.28
C ASP SA 44 17.98 69.25 -85.92
N THR SA 45 17.95 68.90 -87.20
CA THR SA 45 16.75 68.91 -88.01
C THR SA 45 15.83 67.77 -87.59
N ILE SA 46 16.43 66.63 -87.29
CA ILE SA 46 15.75 65.38 -86.99
C ILE SA 46 15.17 65.42 -85.58
N PRO SA 47 13.85 65.62 -85.34
CA PRO SA 47 13.34 65.65 -83.95
C PRO SA 47 13.63 64.38 -83.14
N VAL SA 48 13.61 64.50 -81.81
CA VAL SA 48 13.80 63.36 -80.92
C VAL SA 48 12.57 63.18 -80.01
N VAL SA 49 11.84 62.08 -80.20
CA VAL SA 49 10.58 61.90 -79.51
C VAL SA 49 10.74 60.91 -78.37
N HIS SA 50 10.32 61.29 -77.16
CA HIS SA 50 10.25 60.29 -76.11
C HIS SA 50 8.97 59.49 -76.33
N ALA SA 51 9.10 58.19 -76.61
CA ALA SA 51 7.91 57.39 -76.84
C ALA SA 51 7.92 56.12 -75.99
N SER SA 52 6.75 55.44 -75.95
CA SER SA 52 6.71 54.04 -75.56
C SER SA 52 5.78 53.30 -76.51
N ILE SA 53 5.82 51.96 -76.42
CA ILE SA 53 4.81 51.16 -77.09
C ILE SA 53 4.30 50.12 -76.10
N ALA SA 54 2.97 50.08 -75.96
CA ALA SA 54 2.29 49.16 -75.06
C ALA SA 54 2.70 49.43 -73.61
N GLY SA 55 3.40 50.54 -73.37
CA GLY SA 55 3.90 50.89 -72.05
C GLY SA 55 5.38 50.53 -71.90
N CYS SA 56 5.87 49.67 -72.79
CA CYS SA 56 7.22 49.20 -72.63
C CYS SA 56 8.26 50.15 -73.22
N ARG SA 57 9.49 50.00 -72.72
CA ARG SA 57 10.62 50.80 -73.16
C ARG SA 57 11.35 50.18 -74.34
N ILE SA 58 11.24 48.86 -74.57
CA ILE SA 58 11.98 48.31 -75.70
C ILE SA 58 11.30 48.72 -77.01
N ILE SA 59 11.31 50.00 -77.36
CA ILE SA 59 10.54 50.46 -78.50
C ILE SA 59 11.30 50.14 -79.79
N GLY SA 60 12.63 50.08 -79.70
CA GLY SA 60 13.39 49.79 -80.91
C GLY SA 60 13.09 48.39 -81.46
N ARG SA 61 12.64 47.50 -80.59
CA ARG SA 61 12.40 46.15 -81.05
C ARG SA 61 10.93 45.98 -81.35
N MET SA 62 10.16 47.04 -81.10
CA MET SA 62 8.74 46.86 -81.27
C MET SA 62 8.21 47.74 -82.38
N CYS SA 63 9.07 48.15 -83.30
CA CYS SA 63 8.77 49.26 -84.19
C CYS SA 63 9.69 49.28 -85.40
N VAL SA 64 9.12 49.49 -86.58
CA VAL SA 64 9.94 49.47 -87.77
C VAL SA 64 9.62 50.73 -88.57
N GLY SA 65 10.67 51.46 -88.97
CA GLY SA 65 10.43 52.74 -89.61
C GLY SA 65 11.53 53.06 -90.60
N ASN SA 66 11.22 53.92 -91.59
CA ASN SA 66 12.23 54.54 -92.43
C ASN SA 66 11.85 56.02 -92.47
N ARG SA 67 12.31 56.78 -93.47
CA ARG SA 67 11.98 58.20 -93.45
C ARG SA 67 10.50 58.41 -93.74
N HIS SA 68 9.89 57.44 -94.41
CA HIS SA 68 8.55 57.66 -94.91
C HIS SA 68 7.51 57.36 -93.82
N GLY SA 69 7.75 56.32 -93.05
CA GLY SA 69 6.66 55.79 -92.26
C GLY SA 69 7.19 55.03 -91.06
N LEU SA 70 6.33 54.92 -90.05
CA LEU SA 70 6.56 54.12 -88.85
C LEU SA 70 5.40 53.13 -88.78
N LEU SA 71 5.71 51.86 -88.52
CA LEU SA 71 4.70 50.86 -88.18
C LEU SA 71 4.83 50.53 -86.69
N VAL SA 72 3.73 50.72 -85.97
CA VAL SA 72 3.71 50.37 -84.57
C VAL SA 72 2.80 49.14 -84.39
N PRO SA 73 3.07 48.25 -83.41
CA PRO SA 73 2.33 46.99 -83.32
C PRO SA 73 1.03 47.14 -82.55
N ASN SA 74 0.10 46.20 -82.77
CA ASN SA 74 -1.27 46.14 -82.24
C ASN SA 74 -1.38 46.50 -80.76
N ASN SA 75 -0.37 46.19 -79.95
CA ASN SA 75 -0.48 46.56 -78.54
C ASN SA 75 -0.25 48.05 -78.34
N THR SA 76 -0.31 48.87 -79.39
CA THR SA 76 0.05 50.26 -79.12
C THR SA 76 -1.22 50.98 -78.68
N THR SA 77 -1.16 51.68 -77.55
CA THR SA 77 -2.32 52.44 -77.07
C THR SA 77 -2.54 53.63 -77.99
N ASP SA 78 -3.70 54.26 -77.89
CA ASP SA 78 -4.02 55.31 -78.85
C ASP SA 78 -3.56 56.61 -78.24
N GLN SA 79 -3.32 56.61 -76.92
CA GLN SA 79 -2.71 57.77 -76.29
C GLN SA 79 -1.28 57.88 -76.80
N GLU SA 80 -0.72 56.73 -77.20
CA GLU SA 80 0.65 56.65 -77.66
C GLU SA 80 0.71 56.96 -79.15
N LEU SA 81 -0.18 56.31 -79.88
CA LEU SA 81 -0.21 56.49 -81.32
C LEU SA 81 -0.28 57.97 -81.59
N GLN SA 82 -1.21 58.62 -80.88
CA GLN SA 82 -1.42 60.05 -81.02
C GLN SA 82 -0.15 60.82 -80.71
N HIS SA 83 0.60 60.40 -79.70
CA HIS SA 83 1.72 61.23 -79.29
C HIS SA 83 2.91 61.02 -80.22
N ILE SA 84 3.00 59.83 -80.85
CA ILE SA 84 4.00 59.64 -81.89
C ILE SA 84 3.60 60.48 -83.10
N ARG SA 85 2.30 60.56 -83.39
CA ARG SA 85 1.85 61.33 -84.53
C ARG SA 85 2.08 62.82 -84.27
N ASN SA 86 1.63 63.27 -83.10
CA ASN SA 86 1.79 64.67 -82.74
C ASN SA 86 3.21 64.94 -82.27
N SER SA 87 4.21 64.25 -82.85
CA SER SA 87 5.59 64.65 -82.57
C SER SA 87 6.47 64.50 -83.81
N LEU SA 88 6.05 63.63 -84.72
CA LEU SA 88 6.81 63.39 -85.93
C LEU SA 88 6.39 64.38 -87.03
N PRO SA 89 7.27 64.63 -88.01
CA PRO SA 89 6.95 65.50 -89.15
C PRO SA 89 5.95 64.80 -90.08
N ASP SA 90 4.92 65.51 -90.57
CA ASP SA 90 3.77 64.83 -91.17
C ASP SA 90 4.06 64.25 -92.55
N THR SA 91 5.32 64.25 -92.97
CA THR SA 91 5.73 63.33 -94.02
C THR SA 91 5.50 61.90 -93.54
N VAL SA 92 6.15 61.55 -92.42
CA VAL SA 92 6.13 60.22 -91.86
C VAL SA 92 4.70 59.91 -91.45
N GLN SA 93 4.12 58.85 -92.01
CA GLN SA 93 2.79 58.43 -91.60
C GLN SA 93 2.92 57.18 -90.74
N ILE SA 94 2.08 57.11 -89.71
CA ILE SA 94 2.13 56.06 -88.72
C ILE SA 94 0.94 55.13 -88.93
N ARG SA 95 1.20 53.82 -89.15
CA ARG SA 95 0.10 52.87 -89.15
C ARG SA 95 0.31 51.83 -88.05
N ARG SA 96 -0.76 51.58 -87.27
CA ARG SA 96 -0.71 50.52 -86.27
C ARG SA 96 -1.17 49.24 -86.95
N VAL SA 97 -0.24 48.48 -87.52
CA VAL SA 97 -0.50 47.19 -88.15
C VAL SA 97 -1.18 46.26 -87.16
N GLU SA 98 -1.69 45.12 -87.66
CA GLU SA 98 -2.14 44.08 -86.73
C GLU SA 98 -1.58 42.73 -87.17
N GLU SA 99 -0.37 42.43 -86.72
CA GLU SA 99 0.38 41.27 -87.16
C GLU SA 99 0.55 40.37 -85.95
N ARG SA 100 0.30 39.08 -86.14
CA ARG SA 100 0.62 38.16 -85.06
C ARG SA 100 2.04 38.41 -84.51
N LEU SA 101 3.07 38.59 -85.35
CA LEU SA 101 4.40 38.83 -84.80
C LEU SA 101 4.61 40.31 -84.39
N SER SA 102 3.97 40.72 -83.29
CA SER SA 102 4.12 42.09 -82.79
C SER SA 102 5.54 42.63 -82.83
N ALA SA 103 6.59 41.82 -82.63
CA ALA SA 103 7.90 42.42 -82.49
C ALA SA 103 8.40 42.87 -83.86
N LEU SA 104 7.94 44.03 -84.29
CA LEU SA 104 8.07 44.40 -85.68
C LEU SA 104 9.51 44.78 -86.08
N GLY SA 105 10.33 45.17 -85.08
CA GLY SA 105 11.75 45.42 -85.28
C GLY SA 105 12.62 44.17 -85.22
N ASN SA 106 12.08 43.08 -84.71
CA ASN SA 106 12.83 41.86 -84.64
C ASN SA 106 12.60 41.08 -85.94
N VAL SA 107 11.48 41.38 -86.58
CA VAL SA 107 10.89 40.46 -87.52
C VAL SA 107 10.86 41.14 -88.90
N THR SA 108 11.34 42.38 -88.94
CA THR SA 108 11.50 43.10 -90.21
C THR SA 108 12.51 44.21 -90.00
N THR SA 109 13.36 44.45 -90.98
CA THR SA 109 14.26 45.59 -90.97
C THR SA 109 14.15 46.27 -92.33
N CYS SA 110 14.21 47.59 -92.34
CA CYS SA 110 14.05 48.30 -93.59
C CYS SA 110 14.99 49.50 -93.59
N ASN SA 111 15.63 49.80 -94.73
CA ASN SA 111 16.26 51.12 -94.87
C ASN SA 111 15.31 52.03 -95.63
N ASP SA 112 15.85 53.01 -96.35
CA ASP SA 112 14.93 53.89 -97.02
C ASP SA 112 14.38 53.27 -98.32
N TYR SA 113 14.79 52.05 -98.68
CA TYR SA 113 14.50 51.54 -100.02
C TYR SA 113 14.18 50.05 -100.05
N VAL SA 114 14.78 49.28 -99.14
CA VAL SA 114 14.37 47.89 -99.07
C VAL SA 114 13.99 47.51 -97.65
N ALA SA 115 13.29 46.37 -97.51
CA ALA SA 115 13.14 45.74 -96.22
C ALA SA 115 13.35 44.24 -96.38
N LEU SA 116 14.30 43.67 -95.62
CA LEU SA 116 14.24 42.24 -95.36
C LEU SA 116 13.06 41.96 -94.42
N VAL SA 117 12.42 40.79 -94.56
CA VAL SA 117 11.26 40.48 -93.74
C VAL SA 117 11.32 39.03 -93.30
N HIS SA 118 10.54 38.68 -92.28
CA HIS SA 118 10.62 37.34 -91.72
C HIS SA 118 9.61 36.49 -92.46
N PRO SA 119 10.00 35.25 -92.84
CA PRO SA 119 9.19 34.41 -93.72
C PRO SA 119 7.69 34.50 -93.42
N ASP SA 120 7.37 34.51 -92.13
CA ASP SA 120 5.97 34.38 -91.71
C ASP SA 120 5.24 35.73 -91.53
N LEU SA 121 5.68 36.79 -92.20
CA LEU SA 121 4.83 37.96 -92.14
C LEU SA 121 3.53 37.68 -92.85
N ASP SA 122 2.42 38.22 -92.33
CA ASP SA 122 1.18 38.22 -93.06
C ASP SA 122 1.36 39.03 -94.36
N ARG SA 123 0.92 38.44 -95.48
CA ARG SA 123 0.83 39.14 -96.75
C ARG SA 123 0.17 40.51 -96.54
N GLU SA 124 -0.87 40.55 -95.71
CA GLU SA 124 -1.46 41.84 -95.43
C GLU SA 124 -0.36 42.81 -95.01
N THR SA 125 0.47 42.38 -94.04
CA THR SA 125 1.41 43.34 -93.48
C THR SA 125 2.62 43.54 -94.40
N GLU SA 126 2.81 42.63 -95.36
CA GLU SA 126 3.80 42.87 -96.41
C GLU SA 126 3.37 44.10 -97.21
N GLU SA 127 2.06 44.25 -97.42
CA GLU SA 127 1.58 45.30 -98.29
C GLU SA 127 1.62 46.62 -97.53
N ILE SA 128 1.21 46.58 -96.25
CA ILE SA 128 1.15 47.76 -95.39
C ILE SA 128 2.56 48.28 -95.09
N LEU SA 129 3.57 47.54 -95.54
CA LEU SA 129 4.94 47.98 -95.36
C LEU SA 129 5.32 48.71 -96.64
N ALA SA 130 5.01 48.09 -97.77
CA ALA SA 130 5.40 48.58 -99.09
C ALA SA 130 4.39 49.61 -99.59
N ASP SA 131 3.70 50.26 -98.66
CA ASP SA 131 2.63 51.18 -98.99
C ASP SA 131 2.73 52.35 -98.03
N VAL SA 132 3.61 52.16 -97.05
CA VAL SA 132 3.76 53.09 -95.94
C VAL SA 132 5.23 53.42 -95.80
N LEU SA 133 6.09 52.41 -95.98
CA LEU SA 133 7.52 52.63 -95.96
C LEU SA 133 8.04 52.74 -97.40
N LYS SA 134 7.12 52.85 -98.38
CA LYS SA 134 7.46 53.01 -99.79
C LYS SA 134 8.69 52.17 -100.10
N VAL SA 135 8.63 50.87 -99.78
CA VAL SA 135 9.85 50.07 -99.81
C VAL SA 135 9.66 48.85 -100.73
N GLU SA 136 10.73 48.09 -101.00
CA GLU SA 136 10.54 46.83 -101.70
C GLU SA 136 10.69 45.64 -100.75
N VAL SA 137 9.58 45.17 -100.15
CA VAL SA 137 9.63 44.08 -99.18
C VAL SA 137 10.20 42.80 -99.81
N PHE SA 138 11.14 42.15 -99.12
CA PHE SA 138 11.73 40.91 -99.61
C PHE SA 138 11.82 39.86 -98.50
N ARG SA 139 10.83 38.96 -98.43
CA ARG SA 139 10.91 37.81 -97.51
C ARG SA 139 12.19 37.06 -97.81
N GLN SA 140 13.25 37.44 -97.10
CA GLN SA 140 14.48 36.66 -97.09
C GLN SA 140 15.13 36.86 -95.74
N THR SA 141 15.69 35.77 -95.24
CA THR SA 141 16.40 35.82 -93.97
C THR SA 141 17.66 34.99 -94.17
N VAL SA 142 18.64 35.19 -93.30
CA VAL SA 142 19.89 34.48 -93.49
C VAL SA 142 19.66 32.98 -93.17
N ALA SA 143 20.71 32.15 -93.38
CA ALA SA 143 20.66 30.75 -92.98
C ALA SA 143 20.19 30.62 -91.53
N ASP SA 144 19.00 30.02 -91.34
CA ASP SA 144 18.45 29.70 -90.03
C ASP SA 144 17.72 30.88 -89.39
N GLN SA 145 18.48 31.94 -89.00
CA GLN SA 145 17.96 33.11 -88.30
C GLN SA 145 16.79 33.74 -89.05
N VAL SA 146 15.64 33.89 -88.37
CA VAL SA 146 14.47 34.40 -89.03
C VAL SA 146 14.16 35.77 -88.47
N LEU SA 147 14.77 36.09 -87.34
CA LEU SA 147 14.60 37.42 -86.78
C LEU SA 147 15.61 38.35 -87.44
N VAL SA 148 15.35 38.71 -88.70
CA VAL SA 148 16.28 39.51 -89.48
C VAL SA 148 16.58 40.79 -88.72
N GLY SA 149 15.49 41.39 -88.28
CA GLY SA 149 15.52 42.71 -87.72
C GLY SA 149 16.59 42.86 -86.64
N SER SA 150 17.00 41.76 -86.03
CA SER SA 150 17.74 41.90 -84.79
C SER SA 150 19.16 41.42 -85.00
N TYR SA 151 19.36 40.71 -86.10
CA TYR SA 151 20.66 40.10 -86.29
C TYR SA 151 21.38 40.78 -87.44
N CYS SA 152 20.73 41.80 -88.01
CA CYS SA 152 21.28 42.48 -89.16
C CYS SA 152 20.72 43.90 -89.23
N VAL SA 153 21.58 44.89 -88.96
CA VAL SA 153 21.29 46.31 -89.08
C VAL SA 153 21.76 46.81 -90.44
N PHE SA 154 20.94 47.64 -91.14
CA PHE SA 154 21.39 48.20 -92.42
C PHE SA 154 20.87 49.63 -92.65
N SER SA 155 21.74 50.47 -93.24
CA SER SA 155 21.36 51.83 -93.66
C SER SA 155 21.25 51.87 -95.19
N ASN SA 156 21.50 53.06 -95.78
CA ASN SA 156 21.51 53.19 -97.22
C ASN SA 156 22.94 53.39 -97.71
N GLN SA 157 23.93 52.99 -96.90
CA GLN SA 157 25.32 53.19 -97.28
C GLN SA 157 26.13 51.92 -97.04
N GLY SA 158 25.64 51.06 -96.15
CA GLY SA 158 26.27 49.78 -95.89
C GLY SA 158 25.35 48.94 -95.02
N GLY SA 159 25.94 47.93 -94.37
CA GLY SA 159 25.18 47.17 -93.38
C GLY SA 159 26.05 46.17 -92.67
N LEU SA 160 25.76 45.93 -91.39
CA LEU SA 160 26.45 44.89 -90.63
C LEU SA 160 25.60 43.61 -90.70
N VAL SA 161 26.12 42.48 -90.20
CA VAL SA 161 25.39 41.20 -90.17
C VAL SA 161 25.99 40.27 -89.11
N HIS SA 162 25.24 39.21 -88.76
CA HIS SA 162 25.71 38.34 -87.71
C HIS SA 162 27.05 37.79 -88.14
N PRO SA 163 28.01 37.70 -87.20
CA PRO SA 163 29.35 37.23 -87.57
C PRO SA 163 29.33 35.86 -88.24
N LYS SA 164 28.29 35.08 -87.96
CA LYS SA 164 28.26 33.70 -88.42
C LYS SA 164 27.50 33.61 -89.73
N THR SA 165 27.36 34.72 -90.47
CA THR SA 165 26.78 34.62 -91.81
C THR SA 165 27.83 34.05 -92.76
N SER SA 166 27.35 33.29 -93.76
CA SER SA 166 28.21 32.71 -94.77
C SER SA 166 28.64 33.82 -95.71
N ILE SA 167 29.73 33.56 -96.42
CA ILE SA 167 30.20 34.48 -97.46
C ILE SA 167 29.18 34.45 -98.59
N GLU SA 168 28.33 33.41 -98.61
CA GLU SA 168 27.43 33.24 -99.74
C GLU SA 168 26.11 33.94 -99.44
N ASP SA 169 25.67 33.86 -98.19
CA ASP SA 169 24.45 34.54 -97.78
C ASP SA 169 24.75 36.03 -97.75
N GLN SA 170 25.92 36.38 -97.18
CA GLN SA 170 26.40 37.75 -97.32
C GLN SA 170 26.11 38.19 -98.76
N ASP SA 171 26.66 37.40 -99.70
CA ASP SA 171 26.64 37.72 -101.11
C ASP SA 171 25.24 38.15 -101.50
N GLU SA 172 24.33 37.16 -101.45
CA GLU SA 172 22.95 37.37 -101.83
C GLU SA 172 22.38 38.57 -101.09
N LEU SA 173 22.61 38.64 -99.77
CA LEU SA 173 22.00 39.74 -99.06
C LEU SA 173 22.39 41.05 -99.74
N SER SA 174 23.71 41.21 -99.93
CA SER SA 174 24.26 42.46 -100.45
C SER SA 174 23.72 42.78 -101.84
N SER SA 175 23.27 41.74 -102.59
CA SER SA 175 22.42 41.98 -103.74
C SER SA 175 21.17 42.74 -103.31
N LEU SA 176 20.26 42.07 -102.57
CA LEU SA 176 18.92 42.61 -102.40
C LEU SA 176 18.96 44.08 -102.00
N LEU SA 177 19.87 44.39 -101.08
CA LEU SA 177 19.88 45.74 -100.54
C LEU SA 177 20.85 46.59 -101.34
N GLN SA 178 21.62 45.94 -102.23
CA GLN SA 178 22.58 46.63 -103.07
C GLN SA 178 23.36 47.60 -102.17
N VAL SA 179 23.91 47.02 -101.11
CA VAL SA 179 24.73 47.76 -100.19
C VAL SA 179 25.81 46.81 -99.65
N PRO SA 180 27.02 47.32 -99.30
CA PRO SA 180 28.08 46.42 -98.88
C PRO SA 180 27.88 45.98 -97.42
N LEU SA 181 27.60 44.69 -97.25
CA LEU SA 181 27.35 44.10 -95.95
C LEU SA 181 28.62 43.49 -95.40
N VAL SA 182 29.02 43.91 -94.21
CA VAL SA 182 30.15 43.28 -93.57
C VAL SA 182 29.69 42.50 -92.35
N ALA SA 183 30.20 41.28 -92.17
CA ALA SA 183 29.96 40.54 -90.92
C ALA SA 183 30.80 41.16 -89.81
N GLY SA 184 30.24 41.20 -88.60
CA GLY SA 184 30.80 42.05 -87.56
C GLY SA 184 30.22 41.73 -86.20
N THR SA 185 30.56 42.55 -85.20
CA THR SA 185 29.89 42.44 -83.92
C THR SA 185 29.72 43.83 -83.32
N VAL SA 186 29.11 43.87 -82.13
CA VAL SA 186 29.04 45.09 -81.34
C VAL SA 186 29.09 44.65 -79.89
N ASN SA 187 29.08 45.63 -78.97
CA ASN SA 187 29.08 45.35 -77.52
C ASN SA 187 29.99 44.15 -77.23
N ARG SA 188 31.17 44.13 -77.88
CA ARG SA 188 32.26 43.20 -77.57
C ARG SA 188 31.82 41.74 -77.67
N GLY SA 189 31.33 41.37 -78.86
CA GLY SA 189 31.21 39.96 -79.22
C GLY SA 189 29.76 39.60 -79.49
N SER SA 190 28.88 40.61 -79.47
CA SER SA 190 27.48 40.25 -79.53
C SER SA 190 27.06 40.01 -80.97
N GLU SA 191 26.39 38.89 -81.22
CA GLU SA 191 25.81 38.62 -82.52
C GLU SA 191 24.63 39.57 -82.78
N VAL SA 192 23.73 39.77 -81.79
CA VAL SA 192 22.51 40.56 -81.98
C VAL SA 192 22.91 42.01 -82.27
N ILE SA 193 23.27 42.29 -83.51
CA ILE SA 193 23.78 43.59 -83.94
C ILE SA 193 22.77 44.67 -83.61
N ALA SA 194 21.52 44.40 -83.96
CA ALA SA 194 20.50 45.44 -83.94
C ALA SA 194 20.20 45.84 -82.50
N ALA SA 195 20.57 44.95 -81.58
CA ALA SA 195 20.23 45.14 -80.20
C ALA SA 195 21.20 46.14 -79.61
N GLY SA 196 22.32 46.31 -80.33
CA GLY SA 196 23.51 46.90 -79.77
C GLY SA 196 23.80 48.28 -80.35
N MET SA 197 23.05 48.65 -81.41
CA MET SA 197 23.45 49.71 -82.32
C MET SA 197 22.25 50.39 -82.98
N VAL SA 198 22.40 51.66 -83.33
CA VAL SA 198 21.41 52.37 -84.11
C VAL SA 198 22.18 53.27 -85.08
N VAL SA 199 21.78 53.27 -86.35
CA VAL SA 199 22.53 53.88 -87.44
C VAL SA 199 21.61 54.76 -88.25
N ASN SA 200 22.18 55.76 -88.92
CA ASN SA 200 21.34 56.72 -89.63
C ASN SA 200 21.73 56.69 -91.08
N ASP SA 201 22.88 57.33 -91.34
CA ASP SA 201 23.41 57.73 -92.64
C ASP SA 201 24.41 58.83 -92.36
N TRP SA 202 24.22 59.47 -91.19
CA TRP SA 202 25.12 60.50 -90.72
C TRP SA 202 25.58 60.27 -89.28
N CYS SA 203 24.94 59.36 -88.51
CA CYS SA 203 25.34 59.13 -87.11
C CYS SA 203 25.28 57.63 -86.75
N ALA SA 204 26.03 57.22 -85.73
CA ALA SA 204 25.82 55.87 -85.23
C ALA SA 204 26.00 55.83 -83.72
N PHE SA 205 25.03 55.24 -83.02
CA PHE SA 205 25.20 55.11 -81.58
C PHE SA 205 25.42 53.63 -81.27
N CYS SA 206 26.49 53.30 -80.54
CA CYS SA 206 26.72 51.93 -80.12
C CYS SA 206 26.77 51.87 -78.61
N GLY SA 207 26.81 50.66 -78.04
CA GLY SA 207 26.74 50.58 -76.59
C GLY SA 207 28.08 50.88 -75.93
N LEU SA 208 28.04 51.30 -74.66
CA LEU SA 208 29.24 51.61 -73.91
C LEU SA 208 30.30 50.52 -73.89
N ASP SA 209 29.97 49.32 -74.36
CA ASP SA 209 30.95 48.26 -74.24
C ASP SA 209 31.50 47.82 -75.59
N THR SA 210 31.35 48.69 -76.59
CA THR SA 210 31.78 48.36 -77.94
C THR SA 210 33.30 48.56 -78.02
N THR SA 211 34.03 47.48 -78.38
CA THR SA 211 35.48 47.58 -78.49
C THR SA 211 35.83 48.57 -79.61
N SER SA 212 36.93 49.33 -79.46
CA SER SA 212 37.41 50.29 -80.43
C SER SA 212 37.45 49.69 -81.85
N THR SA 213 38.08 48.51 -81.94
CA THR SA 213 38.18 47.76 -83.18
C THR SA 213 36.81 47.59 -83.87
N GLU SA 214 35.76 47.33 -83.08
CA GLU SA 214 34.40 47.25 -83.61
C GLU SA 214 33.97 48.66 -84.01
N LEU SA 215 34.11 49.60 -83.07
CA LEU SA 215 33.70 50.97 -83.34
C LEU SA 215 34.15 51.38 -84.73
N SER SA 216 35.39 51.01 -85.05
CA SER SA 216 36.00 51.26 -86.34
C SER SA 216 35.13 50.61 -87.41
N VAL SA 217 35.02 49.28 -87.37
CA VAL SA 217 34.30 48.66 -88.47
C VAL SA 217 32.96 49.37 -88.70
N VAL SA 218 32.31 49.82 -87.61
CA VAL SA 218 31.03 50.48 -87.75
C VAL SA 218 31.18 51.72 -88.65
N GLU SA 219 32.00 52.67 -88.18
CA GLU SA 219 32.43 53.81 -88.98
C GLU SA 219 32.61 53.42 -90.46
N SER SA 220 33.53 52.48 -90.72
CA SER SA 220 33.87 52.03 -92.06
C SER SA 220 32.66 51.57 -92.90
N VAL SA 221 32.02 50.46 -92.50
CA VAL SA 221 30.88 49.88 -93.22
C VAL SA 221 29.77 50.90 -93.42
N PHE SA 222 29.54 51.78 -92.44
CA PHE SA 222 28.44 52.73 -92.53
C PHE SA 222 28.87 53.97 -93.29
N LYS SA 223 30.16 54.01 -93.67
CA LYS SA 223 30.65 55.09 -94.51
C LYS SA 223 30.25 56.41 -93.82
N LEU SA 224 30.73 56.59 -92.58
CA LEU SA 224 30.38 57.73 -91.77
C LEU SA 224 31.44 58.82 -91.90
N ASN SA 225 31.85 59.40 -90.76
CA ASN SA 225 32.77 60.53 -90.70
C ASN SA 225 33.79 60.50 -91.86
MG MG TA . 9.18 -17.44 -27.60
MG MG UA . -2.77 7.06 15.42
MG MG VA . 0.16 10.79 -25.08
MG MG WA . 26.31 1.00 10.64
MG MG XA . -37.85 -67.79 -4.29
MG MG YA . 12.01 -21.70 1.09
MG MG ZA . 2.54 18.29 -21.36
MG MG AB . 19.43 9.08 -2.44
MG MG BB . 15.49 15.29 32.13
MG MG CB . -17.46 -78.51 25.25
MG MG DB . 7.14 -38.23 15.72
MG MG EB . 10.85 -33.69 37.49
MG MG FB . 6.99 -1.02 -5.19
MG MG GB . 10.06 19.75 -2.50
MG MG HB . 5.21 15.06 8.16
MG MG IB . -18.99 -12.79 13.73
MG MG JB . -39.57 6.78 14.51
MG MG KB . 10.93 -7.99 -30.10
MG MG LB . -2.03 -12.86 11.69
MG MG MB . 1.24 10.41 -13.60
MG MG NB . 3.05 15.32 -15.76
MG MG OB . -21.98 -49.01 5.04
MG MG PB . -15.80 -55.48 21.65
MG MG QB . -25.59 -11.06 11.94
MG MG RB . 8.61 -20.20 -31.85
MG MG SB . 12.06 14.45 13.20
MG MG TB . 12.36 -17.73 7.05
MG MG UB . -52.31 -19.49 42.91
MG MG VB . -44.15 -8.57 35.35
MG MG WB . 17.47 -0.80 10.92
MG MG XB . 4.35 -4.46 -8.19
MG MG YB . -9.23 -38.04 7.38
MG MG ZB . 16.13 9.61 1.92
MG MG AC . 9.49 16.79 31.80
MG MG BC . 7.05 8.33 24.37
MG MG CC . 8.68 -26.47 -2.50
MG MG DC . 14.99 -29.99 -12.95
MG MG EC . 11.59 -34.37 4.83
MG MG FC . 7.49 -41.17 49.27
MG MG GC . 23.37 -58.11 26.44
MG MG HC . -2.37 -15.00 4.25
MG MG IC . -10.89 -58.84 21.27
MG MG JC . -25.02 -14.74 -16.93
MG MG KC . 12.67 17.28 -22.96
MG MG LC . 4.73 10.04 -6.58
MG MG MC . 15.23 8.81 13.96
MG MG NC . 12.77 0.61 5.97
MG MG OC . 20.11 14.78 24.69
MG MG PC . 13.08 -23.06 6.35
MG MG QC . -44.76 -11.92 39.51
MG MG RC . -35.76 2.27 -51.67
MG MG SC . 6.04 3.72 0.66
MG MG TC . 33.98 45.47 -8.60
MG MG UC . -25.62 19.21 -21.47
MG MG VC . -3.48 -10.22 -32.23
MG MG WC . -21.12 -6.29 -20.76
MG MG XC . -20.65 21.87 -22.18
MG MG YC . 26.51 28.34 21.90
MG MG ZC . -14.67 -84.19 19.50
MG MG AD . 54.41 7.15 14.55
MG MG BD . -17.81 26.53 -60.83
MG MG CD . -35.14 -37.98 -39.52
MG MG DD . 1.58 -5.56 -39.31
MG MG ED . 47.32 10.73 19.62
MG MG FD . -3.48 -7.81 -36.49
MG MG GD . 20.86 -11.37 3.74
MG MG HD . -31.96 -46.44 -28.90
MG MG ID . 14.85 32.72 15.44
MG MG JD . 58.23 17.97 9.23
MG MG KD . -8.75 -20.26 -56.33
MG MG LD . -5.20 9.76 -2.15
MG MG MD . -43.99 11.32 22.98
MG MG ND . 17.84 50.88 31.48
MG MG OD . -33.84 -42.49 -27.37
MG MG PD . -31.39 -12.24 -21.40
MG MG QD . -50.57 -19.47 -34.70
MG MG RD . -8.66 -15.04 -56.02
MG MG SD . 33.74 -15.82 9.66
MG MG TD . -39.76 5.96 -52.51
MG MG UD . 4.66 -17.27 -48.46
MG MG VD . 7.97 -30.09 -41.58
MG MG WD . -3.43 9.14 -34.82
MG MG XD . 27.39 -23.48 -31.83
MG MG YD . -38.91 7.43 -18.66
MG MG ZD . -2.73 4.26 -49.86
MG MG AE . -10.83 -4.85 21.03
MG MG BE . -10.27 -17.55 -23.07
MG MG CE . -15.29 3.42 17.71
MG MG DE . 9.84 39.53 31.88
MG MG EE . -46.58 -22.89 -33.65
MG MG FE . -30.35 2.43 -49.87
MG MG GE . -48.79 -8.92 -26.34
MG MG HE . -31.52 10.03 -38.38
MG MG IE . 49.33 6.44 19.08
MG MG JE . 20.81 35.96 5.54
MG MG KE . -37.86 9.27 -33.35
MG MG LE . -46.50 -10.05 -15.87
MG MG ME . -51.04 -35.23 -28.09
MG MG NE . -10.84 25.37 32.91
MG MG OE . -13.38 6.44 12.26
MG MG PE . -4.84 22.66 -56.92
MG MG QE . 15.47 -28.79 -53.26
MG MG RE . -2.33 37.61 53.37
MG MG SE . 14.62 -12.69 30.77
MG MG TE . -6.76 3.65 -33.76
MG MG UE . 28.31 42.31 -25.67
MG MG VE . 33.78 -11.34 60.46
MG MG WE . 16.34 44.50 12.37
MG MG XE . 10.39 52.76 15.92
MG MG YE . 48.03 54.13 76.46
MG MG ZE . -18.27 -28.06 -29.04
MG MG AF . 14.48 9.40 -51.64
MG MG BF . 71.38 13.35 4.77
MG MG CF . 13.48 -31.06 -22.07
MG MG DF . -26.29 14.82 -27.50
MG MG EF . 1.82 53.57 -22.36
MG MG FF . 31.49 -9.09 -47.17
MG MG GF . 28.49 -33.44 -13.46
MG MG HF . 82.82 -18.92 28.31
MG MG IF . 35.52 -11.08 -59.61
MG MG JF . -2.57 39.70 -49.44
MG MG KF . 26.33 9.28 1.74
MG MG LF . -46.64 10.01 -8.93
MG MG MF . 62.00 -18.17 21.80
MG MG NF . 18.61 31.73 -32.52
MG MG OF . -20.66 41.54 -56.61
MG MG PF . -11.02 -49.72 43.58
MG MG QF . 28.55 -31.30 -45.89
MG MG RF . 22.83 67.17 -26.66
MG MG SF . -45.12 -30.39 41.99
MG MG TF . 60.38 40.01 -35.74
MG MG UF . 39.40 -20.23 50.75
MG MG VF . -36.64 -13.60 -41.37
MG MG WF . 61.08 -27.76 34.66
MG MG XF . 11.36 14.95 -49.30
MG MG YF . 32.77 -56.74 -18.34
MG MG ZF . 35.91 -17.93 -50.24
MG MG AG . 25.63 -3.47 -53.37
MG MG BG . 8.17 43.33 -30.41
MG MG CG . 11.64 18.21 -45.39
MG MG DG . 6.97 30.77 -7.57
MG MG EG . 39.55 23.96 -19.18
MG MG FG . -18.83 24.19 -15.41
MG MG GG . 32.22 62.29 -23.85
MG MG HG . 35.96 65.98 45.97
MG MG IG . -33.30 -1.13 -29.23
MG MG JG . 36.69 50.74 -47.55
MG MG KG . -4.70 22.54 -61.48
MG MG LG . 4.46 -6.52 -65.58
MG MG MG . 79.81 -18.10 22.15
MG MG NG . 8.45 1.29 -34.62
MG MG OG . 12.66 -23.01 -6.92
MG MG PG . -28.41 -6.45 -30.35
MG MG QG . 28.83 -19.50 8.87
MG MG RG . 18.04 23.69 20.82
MG MG SG . 22.84 -4.24 -44.65
MG MG TG . -60.06 -31.04 -61.29
MG MG UG . 14.44 25.82 35.38
N1 SPM VG . 66.23 4.79 15.04
C2 SPM VG . 64.93 5.35 15.36
C3 SPM VG . 65.00 6.05 16.72
C4 SPM VG . 63.81 6.99 16.85
N5 SPM VG . 63.92 8.05 15.87
C6 SPM VG . 62.62 8.22 15.27
C7 SPM VG . 62.59 9.46 14.39
C8 SPM VG . 61.30 9.43 13.58
C9 SPM VG . 60.79 10.85 13.39
N10 SPM VG . 59.61 10.83 12.55
C11 SPM VG . 59.29 12.20 12.18
C12 SPM VG . 58.10 12.20 11.24
C13 SPM VG . 58.56 12.10 9.80
N14 SPM VG . 57.42 11.78 8.97
MG MG WG . 31.35 12.73 5.25
N1 SPD XG . 21.41 -23.89 8.68
C2 SPD XG . 22.52 -24.82 8.73
C3 SPD XG . 22.60 -25.41 10.13
C4 SPD XG . 23.74 -26.42 10.19
C5 SPD XG . 23.91 -26.84 11.65
N6 SPD XG . 24.79 -27.98 11.73
C7 SPD XG . 24.58 -28.61 13.03
C8 SPD XG . 25.78 -29.49 13.36
C9 SPD XG . 25.56 -30.12 14.71
N10 SPD XG . 26.73 -30.93 15.03
MG MG YG . -39.84 41.41 -56.32
N1 SPM ZG . 24.28 -5.42 10.42
C2 SPM ZG . 25.39 -4.78 9.73
C3 SPM ZG . 26.67 -5.58 9.97
C4 SPM ZG . 27.46 -5.67 8.68
N5 SPM ZG . 28.84 -6.04 8.97
C6 SPM ZG . 29.72 -4.99 8.48
C7 SPM ZG . 30.93 -5.63 7.79
C8 SPM ZG . 31.54 -4.65 6.79
C9 SPM ZG . 32.27 -5.43 5.71
N10 SPM ZG . 33.24 -4.57 5.04
C11 SPM ZG . 32.54 -3.56 4.27
C12 SPM ZG . 33.57 -2.73 3.52
C13 SPM ZG . 34.80 -2.50 4.40
N14 SPM ZG . 35.85 -3.44 4.04
N1 SPM AH . 16.48 -45.14 15.02
C2 SPM AH . 16.87 -44.72 13.69
C3 SPM AH . 16.56 -43.24 13.53
C4 SPM AH . 15.08 -43.05 13.27
N5 SPM AH . 14.89 -41.99 12.31
C6 SPM AH . 13.49 -41.90 11.97
C7 SPM AH . 13.33 -41.10 10.68
C8 SPM AH . 12.01 -40.35 10.71
C9 SPM AH . 10.87 -41.30 10.45
N10 SPM AH . 9.61 -40.64 10.74
C11 SPM AH . 9.20 -39.85 9.60
C12 SPM AH . 7.69 -39.69 9.63
C13 SPM AH . 7.21 -39.43 11.06
N14 SPM AH . 5.76 -39.37 11.06
MG MG BH . -52.53 -31.43 -60.69
MG MG CH . 9.20 -33.32 -44.91
N1 SPM DH . -1.50 -35.76 -8.61
C2 SPM DH . -0.80 -34.61 -8.09
C3 SPM DH . -0.38 -33.71 -9.25
C4 SPM DH . 0.34 -32.48 -8.71
N5 SPM DH . 1.16 -31.96 -9.78
C6 SPM DH . 1.63 -30.62 -9.46
C7 SPM DH . 2.75 -30.26 -10.41
C8 SPM DH . 3.59 -29.16 -9.79
C9 SPM DH . 5.05 -29.33 -10.22
N10 SPM DH . 5.64 -28.01 -10.29
C11 SPM DH . 7.09 -28.10 -10.24
C12 SPM DH . 7.65 -28.51 -11.60
C13 SPM DH . 9.06 -27.98 -11.71
N14 SPM DH . 9.48 -27.92 -13.09
MG MG EH . -6.99 -17.07 -37.17
MG MG FH . -25.69 -67.68 -29.51
MG MG GH . -34.41 9.86 -65.87
MG MG HH . -24.15 6.83 -83.36
MG MG IH . 5.75 5.96 5.45
MG MG JH . 44.04 76.66 -23.67
MG MG KH . -10.19 5.67 3.35
MG MG LH . -19.90 -31.49 -24.72
MG MG MH . 33.59 -40.11 -43.78
MG MG NH . -41.37 14.21 -69.54
MG MG OH . -14.31 -29.96 46.36
MG MG PH . -30.68 -51.37 -83.66
MG MG QH . 12.49 -22.24 -53.46
MG MG RH . -69.30 -21.26 -57.51
MG MG SH . -3.79 -68.73 28.99
N1 SPD TH . -9.98 -15.10 -34.05
C2 SPD TH . -11.10 -14.21 -34.32
C3 SPD TH . -10.61 -12.77 -34.32
C4 SPD TH . -11.61 -11.86 -35.02
C5 SPD TH . -10.87 -10.69 -35.67
N6 SPD TH . -11.73 -9.53 -35.76
C7 SPD TH . -11.06 -8.50 -36.52
C8 SPD TH . -12.08 -7.46 -36.98
C9 SPD TH . -11.36 -6.30 -37.65
N10 SPD TH . -12.30 -5.49 -38.38
N1 SPD UH . -3.40 -69.67 22.01
C2 SPD UH . -3.56 -68.92 23.24
C3 SPD UH . -3.94 -67.47 22.90
C4 SPD UH . -5.36 -67.44 22.35
C5 SPD UH . -5.61 -66.09 21.70
N6 SPD UH . -6.14 -65.16 22.69
C7 SPD UH . -6.54 -63.94 22.02
C8 SPD UH . -7.70 -64.20 21.07
C9 SPD UH . -7.75 -63.09 20.03
N10 SPD UH . -8.80 -62.14 20.34
N1 SPD VH . -16.52 -11.00 -48.76
C2 SPD VH . -15.93 -10.15 -49.77
C3 SPD VH . -14.98 -9.16 -49.10
C4 SPD VH . -14.41 -8.21 -50.13
C5 SPD VH . -12.89 -8.29 -50.11
N6 SPD VH . -12.40 -8.34 -51.47
C7 SPD VH . -11.64 -7.13 -51.71
C8 SPD VH . -11.55 -6.88 -53.22
C9 SPD VH . -12.10 -5.50 -53.52
N10 SPD VH . -11.38 -4.92 -54.65
N1 SPD WH . 23.00 23.92 2.72
C2 SPD WH . 23.62 25.09 2.13
C3 SPD WH . 22.87 25.47 0.85
C4 SPD WH . 23.19 26.90 0.45
C5 SPD WH . 22.51 27.21 -0.89
N6 SPD WH . 21.10 26.88 -0.83
C7 SPD WH . 20.53 27.05 -2.15
C8 SPD WH . 19.10 26.50 -2.18
C9 SPD WH . 18.38 27.12 -3.38
N10 SPD WH . 17.09 26.48 -3.59
N1 SPD XH . -22.62 -66.69 -9.80
C2 SPD XH . -23.67 -67.34 -10.56
C3 SPD XH . -25.02 -66.83 -10.08
C4 SPD XH . -26.11 -67.31 -11.05
C5 SPD XH . -26.63 -66.12 -11.86
N6 SPD XH . -27.94 -65.74 -11.35
C7 SPD XH . -28.53 -64.77 -12.26
C8 SPD XH . -30.05 -64.81 -12.13
C9 SPD XH . -30.68 -64.55 -13.49
N10 SPD XH . -32.09 -64.87 -13.44
N1 SPD YH . -16.69 28.82 14.46
C2 SPD YH . -15.46 29.15 15.14
C3 SPD YH . -15.15 30.63 14.95
C4 SPD YH . -15.10 30.95 13.47
C5 SPD YH . -14.41 32.31 13.29
N6 SPD YH . -14.12 32.54 11.90
C7 SPD YH . -13.18 33.66 11.81
C8 SPD YH . -13.92 34.90 11.28
C9 SPD YH . -13.99 34.84 9.76
N10 SPD YH . -15.03 35.73 9.29
N1 SPM ZH . 7.98 43.95 -27.17
C2 SPM ZH . 8.61 45.25 -27.01
C3 SPM ZH . 7.74 46.14 -26.10
C4 SPM ZH . 8.31 46.12 -24.68
N5 SPM ZH . 8.74 44.77 -24.37
C6 SPM ZH . 9.47 44.75 -23.12
C7 SPM ZH . 10.49 43.61 -23.19
C8 SPM ZH . 11.33 43.79 -24.45
C9 SPM ZH . 12.08 42.50 -24.75
N10 SPM ZH . 12.85 42.10 -23.59
C11 SPM ZH . 14.18 41.74 -24.01
C12 SPM ZH . 15.19 42.70 -23.37
C13 SPM ZH . 16.59 42.38 -23.88
N14 SPM ZH . 17.57 43.20 -23.18
N1 SPD AI . 13.79 52.47 -36.06
C2 SPD AI . 13.03 53.33 -35.17
C3 SPD AI . 12.49 52.51 -34.00
C4 SPD AI . 11.31 51.66 -34.46
C5 SPD AI . 11.35 50.31 -33.74
N6 SPD AI . 11.00 50.50 -32.33
C7 SPD AI . 11.34 49.30 -31.60
C8 SPD AI . 10.87 49.42 -30.15
C9 SPD AI . 10.69 48.03 -29.56
N10 SPD AI . 9.96 48.12 -28.30
N1 SPD BI . -7.93 -19.72 4.20
C2 SPD BI . -8.89 -20.48 3.44
C3 SPD BI . -9.75 -21.32 4.37
C4 SPD BI . -10.94 -20.49 4.80
C5 SPD BI . -12.07 -21.39 5.28
N6 SPD BI . -11.55 -22.33 6.25
C7 SPD BI . -12.29 -23.58 6.09
C8 SPD BI . -13.10 -23.88 7.34
C9 SPD BI . -12.20 -24.50 8.40
N10 SPD BI . -11.41 -23.46 9.04
N1 SPM CI . 21.76 -8.97 -55.91
C2 SPM CI . 22.73 -9.60 -56.78
C3 SPM CI . 22.73 -11.10 -56.54
C4 SPM CI . 22.92 -11.37 -55.05
N5 SPM CI . 22.94 -12.80 -54.80
C6 SPM CI . 23.08 -13.04 -53.38
C7 SPM CI . 21.76 -12.74 -52.69
C8 SPM CI . 20.95 -14.03 -52.58
C9 SPM CI . 21.75 -15.04 -51.78
N10 SPM CI . 20.95 -15.48 -50.65
C11 SPM CI . 20.02 -16.51 -51.07
C12 SPM CI . 19.27 -17.05 -49.86
C13 SPM CI . 20.11 -16.86 -48.59
N14 SPM CI . 19.46 -17.51 -47.47
N1 SPM DI . -4.97 37.48 -8.38
C2 SPM DI . -5.31 36.79 -7.15
C3 SPM DI . -4.32 37.19 -6.05
C4 SPM DI . -4.80 36.67 -4.70
N5 SPM DI . -3.75 36.82 -3.72
C6 SPM DI . -3.47 38.22 -3.53
C7 SPM DI . -2.03 38.44 -3.08
C8 SPM DI . -1.83 37.96 -1.65
C9 SPM DI . -0.87 38.91 -0.94
N10 SPM DI . -0.64 38.45 0.42
C11 SPM DI . -1.13 39.43 1.36
C12 SPM DI . -0.98 38.90 2.79
C13 SPM DI . -1.82 39.76 3.73
N14 SPM DI . -1.27 39.66 5.07
MG MG EI . -29.41 25.39 9.60
MG MG FI . 31.73 30.12 20.29
MG MG GI . 88.24 19.49 20.34
MG MG HI . 50.76 32.13 21.59
MG MG II . -29.45 -0.85 16.84
MG MG JI . -32.87 17.09 11.78
MG MG KI . -26.36 0.77 29.83
MG MG LI . -18.62 -91.26 -14.83
MG MG MI . -59.33 -38.05 15.96
MG MG NI . 17.13 -26.04 -29.99
MG MG OI . 44.88 14.66 0.36
N1 SPD PI . 6.11 -54.50 -10.45
C2 SPD PI . 5.01 -54.28 -9.53
C3 SPD PI . 4.56 -55.62 -8.94
C4 SPD PI . 3.56 -55.37 -7.82
C5 SPD PI . 3.03 -56.72 -7.34
N6 SPD PI . 2.12 -56.50 -6.24
C7 SPD PI . 0.80 -56.99 -6.58
C8 SPD PI . 0.00 -57.24 -5.31
C9 SPD PI . 0.01 -55.98 -4.45
N10 SPD PI . -0.62 -54.89 -5.17
MG MG QI . -23.94 3.52 -21.56
MG MG RI . 9.49 22.88 -42.79
MG MG SI . -13.93 18.65 15.80
ZN ZN TI . -27.31 -60.48 -65.27
ZN ZN UI . -27.16 -35.92 -8.61
ZN ZN VI . 41.41 53.03 -23.67
ZN ZN WI . 59.10 -47.61 27.64
ZN ZN XI . -13.89 -56.09 -71.55
#